data_2R5J
#
_entry.id   2R5J
#
_cell.length_a   150.410
_cell.length_b   176.606
_cell.length_c   197.073
_cell.angle_alpha   90.00
_cell.angle_beta   92.11
_cell.angle_gamma   90.00
#
_symmetry.space_group_name_H-M   'P 1 21 1'
#
_entity_poly.entity_id   1
_entity_poly.type   'polypeptide(L)'
_entity_poly.pdbx_seq_one_letter_code
;AVVSTDEYVTRTNIYYHAGSSRLLAVGHPYYAIKKQDSNKIAVPKVSGLQYRVFRVKLPDPNKFGFPDTSFYDPASQRLV
WACTGVEVGRGQPLGVGISGHPLLNKLDDTENSNKYVGNSGTDNRECISMDYKQTQLCLIGCRPPIGEHWGKGTPSNANQ
VKAGECPPLELLNTVLQDGDMVDTGFGAMDFTTLQANKSDVPLDICSSICKYPDYLKMVSEPYGDMLFFYLRREQMFVRH
LFNRAGTVGETVPADLYIKGTTGTLPSTSYFPTPSGSMVTSDAQIFNKPYWLQRAQGHNNGICWSNQLFVTVVDTTRSTN
MSVCSAVSSSDSTYKNDNFKEYLRHGEEYDLQFIFQLCKITLTADVMTYIHSMNPSILEDWNGGSGGDPLKNYTFWEVDL
KEKFSADLDQFPLGRKFLLQAGL
;
_entity_poly.pdbx_strand_id   A,B,C,D,E,F,G,H,I,J,K,L,M,N,O
#
# COMPACT_ATOMS: atom_id res chain seq x y z
N ALA A 1 -4.81 10.25 -0.53
CA ALA A 1 -4.71 8.80 0.05
C ALA A 1 -3.24 8.36 -0.19
N VAL A 2 -2.61 8.00 0.92
CA VAL A 2 -1.21 7.41 0.94
C VAL A 2 -1.27 6.04 0.39
N VAL A 3 -0.17 5.60 -0.22
CA VAL A 3 -0.15 4.37 -0.98
C VAL A 3 1.22 3.79 -0.86
N SER A 4 1.25 2.41 -0.66
CA SER A 4 2.43 1.59 -0.48
C SER A 4 3.52 1.81 -1.63
N THR A 5 4.81 1.96 -1.27
CA THR A 5 5.78 2.28 -2.23
C THR A 5 5.78 1.18 -3.32
N ASP A 6 5.24 0.02 -3.00
CA ASP A 6 5.25 -1.10 -3.93
C ASP A 6 4.52 -0.62 -5.17
N GLU A 7 3.74 0.43 -5.01
CA GLU A 7 2.91 0.91 -6.08
C GLU A 7 3.69 1.80 -7.09
N TYR A 8 4.83 2.35 -6.66
CA TYR A 8 5.64 3.28 -7.49
C TYR A 8 7.19 3.19 -7.55
N VAL A 9 7.78 2.06 -6.97
CA VAL A 9 9.19 1.87 -6.84
C VAL A 9 9.47 0.46 -7.34
N THR A 10 10.09 0.32 -8.48
CA THR A 10 10.44 -1.00 -8.94
C THR A 10 11.65 -1.48 -8.27
N ARG A 11 11.65 -2.79 -8.07
CA ARG A 11 12.76 -3.57 -7.43
C ARG A 11 13.55 -4.23 -8.48
N THR A 12 14.84 -4.26 -8.26
CA THR A 12 15.78 -5.08 -9.09
C THR A 12 16.53 -6.16 -8.25
N ASN A 13 17.13 -7.16 -8.95
CA ASN A 13 18.00 -8.28 -8.34
C ASN A 13 19.36 -7.84 -7.90
N ILE A 14 19.43 -6.63 -7.38
CA ILE A 14 20.72 -6.04 -7.15
C ILE A 14 20.87 -5.76 -5.68
N TYR A 15 21.82 -6.47 -5.06
CA TYR A 15 21.95 -6.35 -3.55
C TYR A 15 23.44 -6.09 -3.13
N TYR A 16 23.62 -5.20 -2.21
CA TYR A 16 24.95 -4.72 -1.87
C TYR A 16 25.01 -4.98 -0.42
N HIS A 17 26.21 -5.01 0.10
CA HIS A 17 26.26 -5.22 1.60
C HIS A 17 26.82 -3.92 2.08
N ALA A 18 26.78 -3.65 3.36
CA ALA A 18 27.42 -2.42 3.72
C ALA A 18 27.66 -2.59 5.15
N GLY A 19 28.67 -1.99 5.76
CA GLY A 19 28.49 -2.01 7.21
C GLY A 19 29.52 -1.17 7.92
N SER A 20 29.25 -0.87 9.19
CA SER A 20 30.06 0.09 9.79
C SER A 20 31.24 -0.45 10.41
N SER A 21 32.38 0.22 10.40
CA SER A 21 33.53 -0.42 11.07
C SER A 21 33.06 -0.59 12.64
N ARG A 22 33.80 -1.45 13.46
CA ARG A 22 33.68 -1.23 14.97
C ARG A 22 33.36 0.23 15.43
N LEU A 23 32.32 0.39 16.21
CA LEU A 23 31.92 1.69 16.67
C LEU A 23 32.09 1.67 18.16
N LEU A 24 33.13 2.29 18.72
CA LEU A 24 33.26 2.36 20.17
C LEU A 24 32.78 3.64 20.82
N ALA A 25 32.73 3.75 22.12
CA ALA A 25 32.35 4.97 22.72
C ALA A 25 32.72 4.84 24.14
N VAL A 26 33.46 5.73 24.74
CA VAL A 26 33.81 5.54 26.16
C VAL A 26 33.73 6.83 26.87
N GLY A 27 33.01 6.84 27.98
CA GLY A 27 33.04 8.02 28.85
C GLY A 27 32.63 7.77 30.28
N HIS A 28 32.20 8.78 31.05
CA HIS A 28 31.70 8.64 32.38
C HIS A 28 30.24 8.25 32.21
N PRO A 29 29.69 7.32 33.07
CA PRO A 29 28.30 6.97 32.83
C PRO A 29 27.33 8.01 33.35
N TYR A 30 27.76 8.93 34.26
CA TYR A 30 26.84 9.74 35.01
C TYR A 30 26.85 11.10 34.35
N TYR A 31 28.03 11.67 34.12
CA TYR A 31 28.01 13.00 33.62
C TYR A 31 29.25 13.17 32.80
N ALA A 32 29.21 14.19 31.94
CA ALA A 32 30.35 14.52 31.13
C ALA A 32 31.43 15.27 31.95
N ILE A 33 32.68 14.88 31.76
CA ILE A 33 33.82 15.58 32.37
C ILE A 33 34.53 16.46 31.36
N LYS A 34 34.24 17.75 31.51
CA LYS A 34 34.76 18.75 30.63
C LYS A 34 35.99 19.29 31.26
N LYS A 35 36.90 19.93 30.46
CA LYS A 35 38.13 20.60 31.01
C LYS A 35 37.81 21.36 32.35
N GLN A 36 38.80 21.46 33.26
CA GLN A 36 38.65 22.18 34.61
C GLN A 36 38.24 23.71 34.50
N ASP A 37 38.72 24.29 33.41
CA ASP A 37 38.43 25.67 33.14
C ASP A 37 37.60 25.79 31.94
N SER A 38 38.00 25.19 30.81
CA SER A 38 37.12 25.24 29.64
C SER A 38 35.80 24.49 29.81
N ASN A 39 34.87 24.78 28.93
CA ASN A 39 33.55 24.16 28.99
C ASN A 39 33.44 23.13 27.87
N LYS A 40 34.63 22.76 27.35
CA LYS A 40 34.79 21.85 26.23
C LYS A 40 34.89 20.37 26.72
N ILE A 41 34.02 19.53 26.15
CA ILE A 41 33.86 18.17 26.65
C ILE A 41 35.25 17.50 26.53
N ALA A 42 35.74 16.94 27.64
CA ALA A 42 37.05 16.23 27.68
C ALA A 42 36.69 14.82 27.58
N VAL A 43 35.86 14.33 28.51
CA VAL A 43 35.41 12.95 28.44
C VAL A 43 33.92 12.93 28.24
N PRO A 44 33.38 12.28 27.19
CA PRO A 44 31.94 12.26 27.08
C PRO A 44 31.30 11.41 28.20
N LYS A 45 29.94 11.33 28.25
CA LYS A 45 29.01 10.54 29.07
C LYS A 45 28.42 9.54 28.13
N VAL A 46 29.14 8.44 28.12
CA VAL A 46 28.67 7.23 27.54
C VAL A 46 28.03 6.37 28.65
N SER A 47 26.71 6.14 28.58
CA SER A 47 26.00 5.37 29.52
C SER A 47 25.11 4.30 28.91
N GLY A 48 24.94 3.18 29.60
CA GLY A 48 24.15 2.16 29.04
C GLY A 48 22.65 2.40 28.94
N LEU A 49 22.33 3.57 29.50
CA LEU A 49 20.96 4.14 29.60
C LEU A 49 20.69 5.24 28.67
N GLN A 50 21.18 5.09 27.46
CA GLN A 50 21.18 6.19 26.54
C GLN A 50 20.68 5.73 25.20
N TYR A 51 20.32 6.76 24.28
CA TYR A 51 19.66 6.36 23.07
C TYR A 51 20.78 6.27 22.07
N ARG A 52 20.65 5.40 21.06
CA ARG A 52 21.64 5.34 20.01
C ARG A 52 20.92 5.60 18.71
N VAL A 53 21.01 6.87 18.29
CA VAL A 53 20.36 7.23 17.08
C VAL A 53 21.46 7.38 16.11
N PHE A 54 21.62 6.41 15.23
CA PHE A 54 22.61 6.44 14.21
C PHE A 54 22.10 6.99 12.91
N ARG A 55 22.75 7.94 12.34
CA ARG A 55 22.35 8.36 11.02
C ARG A 55 23.25 7.71 10.07
N VAL A 56 22.68 6.85 9.24
CA VAL A 56 23.49 6.09 8.28
C VAL A 56 23.48 6.85 6.95
N LYS A 57 24.62 7.30 6.48
CA LYS A 57 24.60 7.99 5.22
C LYS A 57 24.93 6.98 4.18
N LEU A 58 24.06 6.86 3.22
CA LEU A 58 24.31 5.94 2.06
C LEU A 58 24.80 6.58 0.72
N PRO A 59 25.59 5.81 -0.07
CA PRO A 59 26.10 6.34 -1.26
C PRO A 59 24.80 6.73 -2.12
N ASP A 60 24.83 7.86 -2.85
CA ASP A 60 23.68 8.13 -3.69
C ASP A 60 23.74 7.19 -4.92
N PRO A 61 22.86 6.25 -5.05
CA PRO A 61 22.98 5.41 -6.26
C PRO A 61 22.91 6.03 -7.65
N ASN A 62 22.71 7.37 -7.74
CA ASN A 62 22.64 8.07 -9.06
C ASN A 62 24.02 8.52 -9.52
N LYS A 63 24.90 8.92 -8.61
CA LYS A 63 26.25 9.10 -8.99
C LYS A 63 26.87 7.77 -9.30
N PHE A 64 26.80 6.76 -8.44
CA PHE A 64 27.36 5.42 -8.79
C PHE A 64 26.93 5.02 -10.26
N GLY A 65 27.73 4.17 -10.88
CA GLY A 65 27.35 3.68 -12.22
C GLY A 65 27.14 2.19 -12.03
N PHE A 66 26.07 1.68 -12.66
CA PHE A 66 25.82 0.17 -12.59
C PHE A 66 25.71 -0.55 -13.94
N PRO A 67 25.99 -1.87 -13.92
CA PRO A 67 26.02 -2.68 -15.18
C PRO A 67 24.61 -3.26 -15.61
N ASP A 68 23.83 -3.67 -14.58
CA ASP A 68 22.44 -4.15 -14.77
C ASP A 68 21.36 -3.06 -15.08
N THR A 69 21.87 -1.84 -14.95
CA THR A 69 21.15 -0.65 -15.28
C THR A 69 21.47 -0.26 -16.79
N SER A 70 21.11 -1.15 -17.72
CA SER A 70 21.10 -0.85 -19.17
C SER A 70 19.63 -0.67 -19.79
N PHE A 71 18.60 -1.35 -19.21
CA PHE A 71 17.07 -1.16 -19.40
C PHE A 71 16.50 -0.13 -18.33
N TYR A 72 17.27 0.98 -18.19
CA TYR A 72 16.99 2.04 -17.22
C TYR A 72 17.41 3.32 -17.87
N ASP A 73 16.53 4.31 -17.79
CA ASP A 73 16.77 5.58 -18.42
C ASP A 73 16.98 6.65 -17.36
N PRO A 74 18.17 7.16 -17.20
CA PRO A 74 18.48 8.04 -16.06
C PRO A 74 17.88 9.39 -16.30
N ALA A 75 17.63 9.70 -17.58
CA ALA A 75 16.82 10.83 -17.98
C ALA A 75 15.47 10.88 -17.26
N SER A 76 14.57 9.90 -17.48
CA SER A 76 13.27 9.83 -16.77
C SER A 76 13.20 9.08 -15.45
N GLN A 77 14.12 8.10 -15.21
CA GLN A 77 14.07 7.41 -13.92
C GLN A 77 15.12 7.87 -12.84
N ARG A 78 14.89 7.50 -11.56
CA ARG A 78 15.92 7.57 -10.50
C ARG A 78 16.04 6.34 -9.56
N LEU A 79 16.97 6.46 -8.65
CA LEU A 79 17.38 5.35 -7.84
C LEU A 79 17.25 5.73 -6.30
N VAL A 80 16.79 4.72 -5.53
CA VAL A 80 16.82 4.69 -4.06
C VAL A 80 17.28 3.31 -3.62
N TRP A 81 17.80 3.37 -2.42
CA TRP A 81 18.23 2.15 -1.81
C TRP A 81 17.14 1.58 -0.89
N ALA A 82 16.82 0.27 -1.00
CA ALA A 82 15.72 -0.26 -0.14
C ALA A 82 16.32 -1.16 0.83
N CYS A 83 16.21 -0.81 2.09
CA CYS A 83 16.75 -1.74 3.14
C CYS A 83 16.19 -3.13 3.13
N THR A 84 17.05 -4.13 3.28
CA THR A 84 16.60 -5.56 3.25
C THR A 84 16.89 -6.33 4.45
N GLY A 85 18.04 -6.14 5.04
CA GLY A 85 18.24 -6.65 6.33
C GLY A 85 19.25 -5.91 7.21
N VAL A 86 18.84 -5.61 8.45
CA VAL A 86 19.77 -5.03 9.31
C VAL A 86 20.39 -6.08 10.26
N GLU A 87 21.47 -5.71 10.97
CA GLU A 87 22.07 -6.62 11.91
C GLU A 87 22.83 -5.77 12.90
N VAL A 88 22.40 -5.69 14.17
CA VAL A 88 23.09 -4.71 15.05
C VAL A 88 24.01 -5.52 16.11
N GLY A 89 25.24 -5.81 15.69
CA GLY A 89 26.25 -6.36 16.42
C GLY A 89 26.46 -5.56 17.70
N ARG A 90 26.49 -6.31 18.80
CA ARG A 90 26.80 -5.75 20.19
C ARG A 90 28.04 -6.41 20.73
N GLY A 91 29.04 -5.65 21.13
CA GLY A 91 30.16 -6.09 21.77
C GLY A 91 30.08 -5.77 23.24
N GLN A 92 31.17 -6.20 23.95
CA GLN A 92 31.30 -6.19 25.46
C GLN A 92 30.59 -7.38 26.10
N PRO A 93 30.92 -7.65 27.34
CA PRO A 93 30.24 -8.66 28.06
C PRO A 93 28.96 -8.21 28.67
N LEU A 94 27.78 -8.82 28.45
CA LEU A 94 26.55 -8.57 29.29
C LEU A 94 26.86 -8.05 30.71
N GLY A 95 26.05 -7.18 31.32
CA GLY A 95 26.56 -6.67 32.59
C GLY A 95 25.57 -5.67 33.18
N VAL A 96 25.69 -5.20 34.45
CA VAL A 96 24.65 -4.25 34.77
C VAL A 96 25.12 -3.11 35.51
N GLY A 97 24.47 -1.96 35.19
CA GLY A 97 24.87 -0.67 35.67
C GLY A 97 24.34 -0.37 37.07
N ILE A 98 24.65 0.74 37.68
CA ILE A 98 24.15 1.08 38.95
C ILE A 98 24.25 2.68 38.98
N SER A 99 23.11 3.34 39.35
CA SER A 99 23.11 4.74 39.41
C SER A 99 22.61 5.21 40.79
N GLY A 100 23.44 5.99 41.48
CA GLY A 100 22.95 6.70 42.63
C GLY A 100 22.99 8.21 42.55
N HIS A 101 22.91 8.81 43.73
CA HIS A 101 22.99 10.19 44.04
C HIS A 101 23.38 10.43 45.51
N PRO A 102 24.51 11.10 45.76
CA PRO A 102 25.07 11.42 47.09
C PRO A 102 23.98 12.01 47.95
N LEU A 103 23.07 12.78 47.35
CA LEU A 103 22.06 13.47 48.21
C LEU A 103 20.71 13.15 47.72
N LEU A 104 20.44 11.83 47.73
CA LEU A 104 19.09 11.39 47.21
C LEU A 104 17.99 11.85 48.16
N ASN A 105 16.78 12.09 47.64
CA ASN A 105 15.83 12.64 48.57
C ASN A 105 15.03 11.41 49.07
N LYS A 106 15.43 10.76 50.19
CA LYS A 106 14.89 9.54 50.56
C LYS A 106 14.69 9.73 52.01
N LEU A 107 13.42 9.97 52.42
CA LEU A 107 12.99 10.04 53.83
C LEU A 107 13.35 8.77 54.54
N ASP A 108 12.43 7.81 54.56
CA ASP A 108 12.66 6.56 55.29
C ASP A 108 12.14 5.43 54.49
N ASP A 109 12.50 4.20 54.89
CA ASP A 109 12.10 2.97 54.22
C ASP A 109 10.73 2.49 54.74
N THR A 110 9.68 2.70 53.98
CA THR A 110 8.36 2.45 54.41
C THR A 110 7.87 0.99 54.15
N GLU A 111 8.78 0.16 53.70
CA GLU A 111 8.38 -1.23 53.39
C GLU A 111 8.02 -2.06 54.64
N ASN A 112 8.72 -1.85 55.73
CA ASN A 112 8.38 -2.47 56.90
C ASN A 112 9.08 -1.57 57.97
N SER A 113 8.56 -0.35 58.16
CA SER A 113 9.14 0.68 59.12
C SER A 113 9.21 0.01 60.43
N ASN A 114 10.20 0.46 61.17
CA ASN A 114 10.40 0.03 62.57
C ASN A 114 9.26 0.63 63.43
N LYS A 115 9.21 1.97 63.52
CA LYS A 115 8.25 2.70 64.35
C LYS A 115 7.80 3.97 63.64
N TYR A 116 7.43 4.94 64.48
CA TYR A 116 7.13 6.28 64.04
C TYR A 116 7.94 7.27 64.91
N VAL A 117 8.88 7.99 64.26
CA VAL A 117 9.70 9.06 64.90
C VAL A 117 9.03 10.41 64.57
N GLY A 118 9.00 11.33 65.54
CA GLY A 118 8.44 12.66 65.30
C GLY A 118 8.90 13.27 63.97
N ASN A 119 8.41 14.49 63.70
CA ASN A 119 8.75 15.31 62.51
C ASN A 119 10.27 15.59 62.36
N SER A 120 10.84 15.24 61.19
CA SER A 120 12.32 15.23 61.08
C SER A 120 12.78 16.68 61.06
N GLY A 121 14.02 16.90 60.63
CA GLY A 121 14.44 18.32 60.36
C GLY A 121 14.63 18.82 58.95
N THR A 122 15.78 19.32 58.62
CA THR A 122 15.96 19.90 57.30
C THR A 122 17.01 19.06 56.66
N ASP A 123 17.07 18.92 55.33
CA ASP A 123 18.12 17.96 54.74
C ASP A 123 18.30 16.58 55.43
N ASN A 124 17.51 15.61 54.97
CA ASN A 124 17.61 14.25 55.45
C ASN A 124 18.00 13.34 54.28
N ARG A 125 18.52 13.92 53.21
CA ARG A 125 18.85 13.23 51.98
C ARG A 125 20.03 12.36 52.31
N GLU A 126 20.29 11.27 51.54
CA GLU A 126 21.40 10.35 51.79
C GLU A 126 21.78 9.61 50.50
N CYS A 127 23.05 9.14 50.44
CA CYS A 127 23.65 8.55 49.31
C CYS A 127 22.99 7.26 49.02
N ILE A 128 22.64 7.04 47.76
CA ILE A 128 21.87 5.75 47.44
C ILE A 128 22.04 5.32 46.03
N SER A 129 22.17 4.03 45.70
CA SER A 129 22.40 3.65 44.29
C SER A 129 21.32 2.72 43.87
N MET A 130 21.37 2.10 42.71
CA MET A 130 20.30 1.27 42.32
C MET A 130 20.50 0.90 40.87
N ASP A 131 19.68 0.01 40.28
CA ASP A 131 20.03 -0.69 38.95
C ASP A 131 18.77 -0.30 38.18
N TYR A 132 18.91 0.35 37.08
CA TYR A 132 17.66 0.83 36.53
C TYR A 132 16.82 -0.29 35.88
N LYS A 133 15.61 0.13 35.42
CA LYS A 133 14.69 -0.71 34.62
C LYS A 133 15.47 -1.30 33.45
N GLN A 134 15.10 -2.47 32.93
CA GLN A 134 15.99 -3.03 31.93
C GLN A 134 15.35 -2.95 30.58
N THR A 135 16.05 -2.41 29.64
CA THR A 135 15.40 -2.21 28.37
C THR A 135 16.22 -2.78 27.18
N GLN A 136 15.56 -3.12 26.07
CA GLN A 136 16.24 -3.44 24.83
C GLN A 136 15.49 -2.91 23.59
N LEU A 137 15.87 -1.82 22.94
CA LEU A 137 15.05 -1.56 21.75
C LEU A 137 15.74 -1.33 20.40
N CYS A 138 15.02 -1.30 19.26
CA CYS A 138 15.78 -0.98 18.08
C CYS A 138 14.74 -0.75 17.12
N LEU A 139 14.67 0.56 16.66
CA LEU A 139 13.69 1.19 15.64
C LEU A 139 14.57 1.33 14.41
N ILE A 140 14.03 0.89 13.27
CA ILE A 140 14.67 1.17 12.01
C ILE A 140 13.78 2.06 11.11
N GLY A 141 14.20 3.30 10.79
CA GLY A 141 13.41 4.09 9.95
C GLY A 141 14.23 4.88 9.03
N CYS A 142 13.57 5.56 8.08
CA CYS A 142 14.33 6.55 7.24
C CYS A 142 14.08 7.93 7.62
N ARG A 143 13.41 8.10 8.71
CA ARG A 143 13.47 9.37 9.32
C ARG A 143 13.72 9.22 10.77
N PRO A 144 14.26 10.22 11.51
CA PRO A 144 14.53 10.03 12.95
C PRO A 144 13.23 9.88 13.73
N PRO A 145 13.17 8.85 14.54
CA PRO A 145 12.03 8.55 15.31
C PRO A 145 11.70 9.55 16.41
N ILE A 146 10.51 9.51 16.93
CA ILE A 146 10.08 10.51 17.96
C ILE A 146 9.88 9.93 19.41
N GLY A 147 9.95 10.86 20.40
CA GLY A 147 9.86 10.47 21.77
C GLY A 147 8.80 11.09 22.52
N GLU A 148 8.32 10.48 23.55
CA GLU A 148 7.29 11.19 24.27
C GLU A 148 7.65 11.31 25.71
N HIS A 149 7.37 12.43 26.39
CA HIS A 149 7.66 12.64 27.78
C HIS A 149 6.80 13.66 28.47
N TRP A 150 6.77 13.63 29.79
CA TRP A 150 5.98 14.54 30.52
C TRP A 150 6.82 15.79 30.86
N GLY A 151 6.34 16.96 30.34
CA GLY A 151 6.90 18.23 30.58
C GLY A 151 5.96 19.08 31.35
N LYS A 152 6.46 20.28 31.70
CA LYS A 152 5.70 21.41 32.27
C LYS A 152 4.90 22.09 31.24
N GLY A 153 3.64 22.25 31.59
CA GLY A 153 2.63 22.80 30.71
C GLY A 153 2.32 24.26 31.08
N THR A 154 2.00 25.09 30.05
CA THR A 154 1.52 26.48 30.28
C THR A 154 0.05 26.52 30.84
N PRO A 155 -0.17 27.15 32.02
CA PRO A 155 -1.57 27.16 32.52
C PRO A 155 -2.51 28.08 31.60
N SER A 156 -3.80 28.01 31.95
CA SER A 156 -4.84 28.73 31.24
C SER A 156 -5.03 30.21 31.73
N ASN A 157 -5.98 30.90 31.07
CA ASN A 157 -6.36 32.31 31.36
C ASN A 157 -7.02 32.32 32.69
N ALA A 158 -6.22 32.34 33.75
CA ALA A 158 -6.79 32.29 35.10
C ALA A 158 -5.78 32.87 36.06
N ASN A 159 -5.66 32.20 37.22
CA ASN A 159 -4.71 32.50 38.31
C ASN A 159 -3.24 32.30 37.84
N GLN A 160 -2.32 32.82 38.69
CA GLN A 160 -0.88 32.77 38.36
C GLN A 160 -0.38 31.60 39.23
N VAL A 161 0.07 30.52 38.57
CA VAL A 161 0.60 29.33 39.30
C VAL A 161 1.87 29.81 40.06
N LYS A 162 1.71 30.62 41.14
CA LYS A 162 2.88 31.00 41.95
C LYS A 162 3.73 29.76 42.49
N ALA A 163 4.96 30.05 42.91
CA ALA A 163 5.92 29.02 43.27
C ALA A 163 5.28 28.22 44.33
N GLY A 164 5.68 26.97 44.41
CA GLY A 164 5.10 26.13 45.41
C GLY A 164 4.22 25.13 44.72
N GLU A 165 3.39 25.62 43.76
CA GLU A 165 2.24 24.92 43.18
C GLU A 165 2.66 23.89 42.24
N CYS A 166 1.73 23.02 41.87
CA CYS A 166 2.14 21.90 41.03
C CYS A 166 1.79 22.20 39.60
N PRO A 167 2.78 22.36 38.78
CA PRO A 167 2.54 22.75 37.43
C PRO A 167 1.70 21.81 36.59
N PRO A 168 0.77 22.31 35.73
CA PRO A 168 0.13 21.32 34.86
C PRO A 168 1.15 20.65 33.92
N LEU A 169 0.95 19.39 33.66
CA LEU A 169 1.91 18.59 32.85
C LEU A 169 1.44 18.60 31.40
N GLU A 170 2.30 18.25 30.52
CA GLU A 170 1.80 18.15 29.23
C GLU A 170 2.72 17.21 28.54
N LEU A 171 2.07 16.36 27.78
CA LEU A 171 2.84 15.31 27.10
C LEU A 171 3.50 15.82 25.85
N LEU A 172 4.84 15.94 25.82
CA LEU A 172 5.52 16.45 24.61
C LEU A 172 6.16 15.51 23.55
N ASN A 173 6.13 15.80 22.25
CA ASN A 173 6.77 14.91 21.32
C ASN A 173 8.10 15.59 21.05
N THR A 174 9.05 14.86 20.55
CA THR A 174 10.38 15.38 20.57
C THR A 174 11.15 14.40 19.70
N VAL A 175 12.29 14.82 19.18
CA VAL A 175 13.14 13.95 18.30
C VAL A 175 14.13 13.11 19.05
N LEU A 176 14.03 11.77 18.95
CA LEU A 176 15.07 11.08 19.63
C LEU A 176 16.49 11.38 19.08
N GLN A 177 17.43 11.74 19.98
CA GLN A 177 18.82 12.13 19.58
C GLN A 177 19.77 11.29 20.41
N ASP A 178 20.82 10.86 19.73
CA ASP A 178 21.86 10.14 20.32
C ASP A 178 22.29 10.83 21.56
N GLY A 179 22.25 10.09 22.64
CA GLY A 179 22.59 10.59 23.95
C GLY A 179 21.38 10.83 24.83
N ASP A 180 20.18 10.40 24.41
CA ASP A 180 19.16 10.82 25.28
C ASP A 180 19.00 9.70 26.29
N MET A 181 18.36 9.96 27.39
CA MET A 181 18.14 8.88 28.35
C MET A 181 16.75 8.30 28.16
N VAL A 182 16.63 6.94 28.18
CA VAL A 182 15.34 6.21 28.16
C VAL A 182 14.82 6.42 29.54
N ASP A 183 13.58 5.99 29.75
CA ASP A 183 13.03 5.97 31.04
C ASP A 183 13.79 4.91 31.90
N THR A 184 14.01 5.31 33.14
CA THR A 184 14.72 4.37 33.98
C THR A 184 13.86 3.66 35.04
N GLY A 185 12.60 4.07 35.10
CA GLY A 185 11.67 3.49 35.95
C GLY A 185 11.04 4.45 36.85
N PHE A 186 11.48 5.66 36.63
CA PHE A 186 10.87 6.85 37.20
C PHE A 186 9.95 7.59 36.24
N GLY A 187 9.53 6.87 35.18
CA GLY A 187 8.67 7.34 34.20
C GLY A 187 9.37 8.14 33.16
N ALA A 188 8.63 8.66 32.14
CA ALA A 188 9.29 9.39 30.98
C ALA A 188 9.04 10.88 31.05
N MET A 189 10.00 11.63 31.58
CA MET A 189 9.63 12.93 31.96
C MET A 189 10.87 13.91 31.97
N ASP A 190 10.76 15.19 32.44
CA ASP A 190 11.78 16.25 32.32
C ASP A 190 12.09 16.56 33.73
N PHE A 191 13.15 15.94 34.21
CA PHE A 191 13.42 16.12 35.58
C PHE A 191 13.92 17.48 36.05
N THR A 192 14.50 18.24 35.10
CA THR A 192 15.12 19.59 35.38
C THR A 192 14.07 20.59 35.67
N THR A 193 13.09 20.64 34.80
CA THR A 193 11.92 21.51 34.99
C THR A 193 10.85 20.99 36.01
N LEU A 194 10.63 19.62 36.21
CA LEU A 194 9.52 19.06 37.05
C LEU A 194 9.92 18.75 38.44
N GLN A 195 11.25 18.59 38.61
CA GLN A 195 11.87 18.48 39.95
C GLN A 195 12.98 19.47 40.30
N ALA A 196 12.64 20.38 41.18
CA ALA A 196 13.40 21.53 41.56
C ALA A 196 14.61 21.14 42.37
N ASN A 197 14.39 20.38 43.44
CA ASN A 197 15.44 19.98 44.44
C ASN A 197 16.54 19.31 43.71
N LYS A 198 16.29 18.86 42.49
CA LYS A 198 17.26 18.10 41.77
C LYS A 198 18.07 17.12 42.66
N SER A 199 17.34 16.53 43.64
CA SER A 199 17.96 15.57 44.52
C SER A 199 17.24 14.19 44.57
N ASP A 200 16.07 13.97 43.85
CA ASP A 200 15.38 12.74 44.03
C ASP A 200 15.41 11.77 42.93
N VAL A 201 16.51 11.76 42.21
CA VAL A 201 16.77 10.71 41.20
C VAL A 201 18.30 10.69 40.87
N PRO A 202 18.87 9.51 40.48
CA PRO A 202 20.39 9.60 40.23
C PRO A 202 20.83 10.78 39.34
N LEU A 203 22.07 11.13 39.54
CA LEU A 203 22.62 12.12 38.77
C LEU A 203 22.50 11.87 37.26
N ASP A 204 22.71 10.65 36.75
CA ASP A 204 22.52 10.36 35.33
C ASP A 204 21.20 10.66 34.77
N ILE A 205 20.25 11.01 35.59
CA ILE A 205 19.03 11.49 34.97
C ILE A 205 18.30 12.76 35.59
N CYS A 206 18.65 13.08 36.87
CA CYS A 206 18.07 14.19 37.60
C CYS A 206 18.16 15.40 36.81
N SER A 207 19.03 15.51 35.80
CA SER A 207 19.00 16.84 35.20
C SER A 207 18.78 16.74 33.72
N SER A 208 18.20 15.65 33.32
CA SER A 208 17.95 15.38 31.90
C SER A 208 16.47 15.05 31.58
N ILE A 209 16.14 14.55 30.38
CA ILE A 209 14.78 14.20 30.02
C ILE A 209 14.88 12.73 29.72
N CYS A 210 14.15 11.86 30.37
CA CYS A 210 14.13 10.50 29.94
C CYS A 210 12.95 10.37 28.93
N LYS A 211 13.27 9.99 27.69
CA LYS A 211 12.24 9.86 26.66
C LYS A 211 11.75 8.42 26.45
N TYR A 212 10.56 8.26 25.92
CA TYR A 212 9.94 6.92 25.69
C TYR A 212 9.31 7.03 24.29
N PRO A 213 9.83 6.29 23.31
CA PRO A 213 9.38 6.30 21.88
C PRO A 213 7.91 6.29 21.88
N ASP A 214 7.32 7.17 21.07
CA ASP A 214 5.87 7.25 20.94
C ASP A 214 5.42 6.27 19.87
N TYR A 215 5.52 4.98 20.17
CA TYR A 215 5.13 3.92 19.24
C TYR A 215 3.79 4.23 18.64
N LEU A 216 2.94 4.70 19.48
CA LEU A 216 1.60 4.90 19.10
C LEU A 216 1.46 5.94 17.99
N LYS A 217 2.12 7.13 18.14
CA LYS A 217 2.19 8.15 17.07
C LYS A 217 2.86 7.63 15.84
N MET A 218 4.15 7.25 15.90
CA MET A 218 4.90 6.74 14.72
C MET A 218 4.17 5.68 13.92
N VAL A 219 3.39 4.85 14.58
CA VAL A 219 2.91 3.63 13.96
C VAL A 219 1.86 4.04 13.11
N SER A 220 1.10 4.98 13.67
CA SER A 220 0.01 5.65 13.00
C SER A 220 0.39 6.71 11.90
N GLU A 221 1.65 7.13 11.71
CA GLU A 221 1.93 8.15 10.76
C GLU A 221 1.53 7.61 9.35
N PRO A 222 0.94 8.53 8.49
CA PRO A 222 0.42 8.13 7.20
C PRO A 222 1.40 7.48 6.19
N TYR A 223 2.60 8.02 6.07
CA TYR A 223 3.59 7.46 5.10
C TYR A 223 4.37 6.27 5.80
N GLY A 224 4.62 6.35 7.14
CA GLY A 224 5.38 5.36 7.86
C GLY A 224 6.86 5.43 7.43
N ASP A 225 7.53 6.51 7.79
CA ASP A 225 8.91 6.72 7.47
C ASP A 225 9.63 6.58 8.80
N MET A 226 8.96 6.91 9.88
CA MET A 226 9.58 7.21 11.06
C MET A 226 9.99 5.82 11.38
N LEU A 227 9.19 4.72 11.26
CA LEU A 227 9.81 3.38 11.47
C LEU A 227 9.02 2.41 10.65
N PHE A 228 9.78 1.59 9.97
CA PHE A 228 9.18 0.43 9.38
C PHE A 228 9.60 -0.92 10.10
N PHE A 229 10.05 -0.87 11.34
CA PHE A 229 10.52 -2.02 11.98
C PHE A 229 10.82 -1.58 13.37
N TYR A 230 10.72 -2.58 14.30
CA TYR A 230 10.99 -2.23 15.74
C TYR A 230 10.81 -3.40 16.68
N LEU A 231 11.53 -3.40 17.80
CA LEU A 231 11.54 -4.48 18.73
C LEU A 231 11.77 -3.78 20.07
N ARG A 232 10.90 -4.00 21.06
CA ARG A 232 11.15 -3.49 22.37
C ARG A 232 11.28 -4.72 23.31
N ARG A 233 12.05 -4.57 24.38
CA ARG A 233 11.88 -5.55 25.45
C ARG A 233 12.17 -4.89 26.75
N GLU A 234 11.16 -4.59 27.51
CA GLU A 234 11.47 -3.77 28.67
C GLU A 234 10.93 -4.55 29.81
N GLN A 235 11.53 -4.44 30.97
CA GLN A 235 11.06 -5.39 32.08
C GLN A 235 11.51 -4.75 33.38
N MET A 236 10.78 -4.80 34.50
CA MET A 236 11.35 -4.10 35.68
C MET A 236 10.62 -4.42 36.98
N PHE A 237 11.13 -4.20 38.17
CA PHE A 237 10.29 -4.59 39.23
C PHE A 237 10.64 -3.64 40.37
N VAL A 238 10.00 -3.85 41.57
CA VAL A 238 10.12 -2.87 42.70
C VAL A 238 11.13 -3.38 43.79
N ARG A 239 12.40 -2.99 43.72
CA ARG A 239 13.39 -3.45 44.52
C ARG A 239 13.00 -2.77 45.80
N HIS A 240 12.86 -1.47 45.87
CA HIS A 240 12.38 -0.96 47.23
C HIS A 240 11.12 -0.09 47.40
N LEU A 241 10.71 0.17 48.64
CA LEU A 241 9.68 1.11 48.80
C LEU A 241 9.99 2.29 49.73
N PHE A 242 10.17 3.56 49.15
CA PHE A 242 10.53 4.72 49.93
C PHE A 242 9.51 5.86 50.15
N ASN A 243 9.84 6.73 51.12
CA ASN A 243 9.11 7.94 51.46
C ASN A 243 9.79 9.26 51.01
N ARG A 244 9.18 10.25 50.33
CA ARG A 244 10.02 11.43 50.06
C ARG A 244 10.16 12.41 51.26
N ALA A 245 11.06 13.43 51.22
CA ALA A 245 11.11 14.40 52.33
C ALA A 245 10.63 15.77 51.82
N GLY A 246 10.25 16.66 52.73
CA GLY A 246 9.75 17.94 52.30
C GLY A 246 8.29 17.99 52.45
N THR A 247 7.68 19.13 52.60
CA THR A 247 6.23 19.25 52.66
C THR A 247 5.44 18.64 51.52
N VAL A 248 4.22 18.24 51.87
CA VAL A 248 3.36 17.61 50.90
C VAL A 248 2.50 18.71 50.28
N GLY A 249 2.47 18.86 48.95
CA GLY A 249 1.63 19.88 48.33
C GLY A 249 0.16 19.59 48.41
N GLU A 250 -0.33 18.52 47.79
CA GLU A 250 -1.73 18.05 48.01
C GLU A 250 -1.95 17.18 49.28
N THR A 251 -2.38 17.88 50.35
CA THR A 251 -2.50 17.33 51.72
C THR A 251 -3.57 16.28 51.72
N VAL A 252 -3.42 15.30 52.58
CA VAL A 252 -4.34 14.13 52.64
C VAL A 252 -5.74 14.52 53.08
N PRO A 253 -6.77 14.18 52.32
CA PRO A 253 -8.19 14.44 52.82
C PRO A 253 -8.44 13.85 54.22
N ALA A 254 -8.68 14.75 55.13
CA ALA A 254 -8.93 14.22 56.49
C ALA A 254 -10.07 13.16 56.70
N ASP A 255 -10.96 13.07 55.74
CA ASP A 255 -12.08 12.13 55.79
C ASP A 255 -11.63 10.71 55.25
N LEU A 256 -10.33 10.53 55.05
CA LEU A 256 -9.81 9.26 54.55
C LEU A 256 -9.03 8.58 55.63
N TYR A 257 -8.84 9.18 56.78
CA TYR A 257 -8.14 8.53 57.79
C TYR A 257 -8.67 9.14 59.06
N ILE A 258 -8.37 8.41 60.18
CA ILE A 258 -8.78 8.74 61.55
C ILE A 258 -7.63 9.42 62.37
N LYS A 259 -7.90 10.72 62.67
CA LYS A 259 -7.02 11.65 63.43
C LYS A 259 -6.31 10.84 64.45
N GLY A 260 -5.09 10.54 64.18
CA GLY A 260 -4.35 9.86 65.15
C GLY A 260 -3.66 10.96 65.91
N THR A 261 -3.80 10.88 67.23
CA THR A 261 -3.18 11.82 68.14
C THR A 261 -1.69 11.72 67.94
N THR A 262 -1.02 12.84 68.21
CA THR A 262 0.45 12.84 68.08
C THR A 262 0.89 12.67 66.64
N GLY A 263 0.64 13.81 65.88
CA GLY A 263 1.35 13.82 64.60
C GLY A 263 1.01 14.91 63.65
N THR A 264 1.89 15.19 62.72
CA THR A 264 1.58 16.08 61.68
C THR A 264 1.60 15.23 60.45
N LEU A 265 0.95 14.04 60.57
CA LEU A 265 0.81 13.07 59.45
C LEU A 265 1.98 12.84 58.53
N PRO A 266 2.63 11.66 58.72
CA PRO A 266 3.87 11.23 57.99
C PRO A 266 3.78 11.38 56.42
N SER A 267 4.95 11.47 55.78
CA SER A 267 4.93 11.59 54.41
C SER A 267 4.13 10.58 53.64
N THR A 268 3.44 11.05 52.61
CA THR A 268 2.68 10.10 51.77
C THR A 268 3.13 10.12 50.34
N SER A 269 4.33 10.65 50.24
CA SER A 269 4.87 10.82 48.93
C SER A 269 5.82 9.71 48.70
N TYR A 270 5.22 8.66 48.12
CA TYR A 270 5.91 7.36 48.07
C TYR A 270 6.57 7.26 46.71
N PHE A 271 7.66 6.51 46.59
CA PHE A 271 8.41 6.25 45.39
C PHE A 271 9.15 4.95 45.60
N PRO A 272 9.25 4.26 44.49
CA PRO A 272 9.85 2.99 44.49
C PRO A 272 11.18 2.87 43.70
N THR A 273 12.04 1.90 44.09
CA THR A 273 13.35 1.71 43.45
C THR A 273 13.18 0.72 42.46
N PRO A 274 13.51 1.06 41.22
CA PRO A 274 13.29 -0.02 40.27
C PRO A 274 14.32 -1.10 40.45
N SER A 275 14.28 -2.08 39.57
CA SER A 275 15.37 -3.00 39.35
C SER A 275 15.08 -3.77 38.08
N GLY A 276 16.15 -3.97 37.34
CA GLY A 276 15.89 -4.38 36.02
C GLY A 276 16.10 -5.85 35.95
N SER A 277 16.16 -6.42 37.14
CA SER A 277 16.35 -7.88 37.38
C SER A 277 17.48 -8.57 36.75
N MET A 278 17.26 -9.27 35.65
CA MET A 278 18.37 -10.02 35.19
C MET A 278 18.57 -10.21 33.76
N VAL A 279 19.83 -10.01 33.35
CA VAL A 279 20.15 -9.99 31.90
C VAL A 279 20.72 -11.47 31.62
N THR A 280 20.31 -12.11 30.47
CA THR A 280 20.59 -13.49 29.99
C THR A 280 20.69 -13.48 28.49
N SER A 281 21.81 -13.94 27.93
CA SER A 281 21.99 -14.05 26.48
C SER A 281 20.70 -14.52 25.92
N ASP A 282 19.83 -15.12 26.70
CA ASP A 282 18.59 -15.58 26.02
C ASP A 282 17.73 -14.53 25.60
N ALA A 283 17.57 -13.56 26.49
CA ALA A 283 16.89 -12.24 26.41
C ALA A 283 17.39 -11.51 25.15
N GLN A 284 18.66 -11.56 24.84
CA GLN A 284 19.06 -10.79 23.70
C GLN A 284 18.19 -10.73 22.51
N ILE A 285 17.85 -9.43 22.21
CA ILE A 285 17.08 -8.88 21.00
C ILE A 285 18.08 -8.67 19.87
N PHE A 286 19.29 -8.23 20.27
CA PHE A 286 20.47 -8.01 19.39
C PHE A 286 21.28 -9.17 18.70
N ASN A 287 22.43 -8.87 18.10
CA ASN A 287 23.27 -9.81 17.42
C ASN A 287 22.65 -10.79 16.48
N LYS A 288 21.45 -10.52 15.99
CA LYS A 288 20.81 -11.40 15.04
C LYS A 288 20.58 -10.68 13.71
N PRO A 289 20.19 -11.37 12.70
CA PRO A 289 19.86 -10.71 11.54
C PRO A 289 18.36 -10.42 11.40
N TYR A 290 17.98 -9.13 11.13
CA TYR A 290 16.60 -8.73 10.90
C TYR A 290 16.27 -8.61 9.43
N TRP A 291 15.14 -9.03 8.85
CA TRP A 291 14.91 -8.99 7.48
C TRP A 291 13.58 -8.33 7.42
N LEU A 292 13.57 -7.08 6.98
CA LEU A 292 12.31 -6.33 6.84
C LEU A 292 11.66 -6.65 5.49
N GLN A 293 11.27 -7.89 5.30
CA GLN A 293 10.63 -8.27 4.08
C GLN A 293 9.34 -7.41 3.78
N ARG A 294 8.53 -7.18 4.79
CA ARG A 294 7.30 -6.43 4.65
C ARG A 294 7.17 -5.43 5.77
N ALA A 295 7.00 -4.16 5.40
CA ALA A 295 7.03 -3.02 6.33
C ALA A 295 5.77 -2.90 7.04
N GLN A 296 5.83 -2.26 8.17
CA GLN A 296 4.67 -2.18 9.02
C GLN A 296 3.75 -1.12 8.44
N GLY A 297 4.38 -0.03 7.89
CA GLY A 297 3.63 1.11 7.34
C GLY A 297 3.65 1.02 5.83
N HIS A 298 3.35 2.17 5.22
CA HIS A 298 3.32 2.23 3.81
C HIS A 298 4.70 2.14 3.13
N ASN A 299 5.81 2.53 3.83
CA ASN A 299 7.12 2.67 3.15
C ASN A 299 7.78 1.38 3.27
N ASN A 300 7.92 0.58 2.25
CA ASN A 300 8.73 -0.61 2.43
C ASN A 300 10.33 -0.43 2.43
N GLY A 301 10.86 0.16 3.53
CA GLY A 301 12.28 0.47 3.77
C GLY A 301 12.99 1.06 2.59
N ILE A 302 12.29 2.05 2.06
CA ILE A 302 12.80 3.11 1.18
C ILE A 302 13.52 4.22 1.99
N CYS A 303 14.82 4.13 1.86
CA CYS A 303 15.74 4.99 2.54
C CYS A 303 15.88 6.22 1.68
N TRP A 304 14.76 6.91 1.48
CA TRP A 304 14.68 8.20 0.79
C TRP A 304 15.85 9.01 1.27
N SER A 305 16.36 9.79 0.32
CA SER A 305 17.45 10.73 0.57
C SER A 305 18.63 9.92 1.04
N ASN A 306 18.82 8.71 0.48
CA ASN A 306 19.98 7.90 0.79
C ASN A 306 20.41 7.92 2.26
N GLN A 307 19.42 7.86 3.21
CA GLN A 307 19.69 7.91 4.64
C GLN A 307 19.08 6.72 5.31
N LEU A 308 19.45 6.52 6.58
CA LEU A 308 18.89 5.44 7.50
C LEU A 308 19.08 5.86 8.89
N PHE A 309 18.05 5.61 9.70
CA PHE A 309 18.30 5.71 11.12
C PHE A 309 18.17 4.47 12.04
N VAL A 310 19.24 4.01 12.69
CA VAL A 310 18.99 2.92 13.55
C VAL A 310 18.96 3.42 14.99
N THR A 311 17.79 3.56 15.57
CA THR A 311 17.70 3.92 17.00
C THR A 311 17.77 2.68 17.87
N VAL A 312 18.67 2.73 18.87
CA VAL A 312 18.87 1.57 19.79
C VAL A 312 19.10 1.90 21.25
N VAL A 313 18.35 1.20 22.09
CA VAL A 313 18.69 1.25 23.56
C VAL A 313 19.15 -0.13 24.09
N ASP A 314 20.14 -0.14 24.98
CA ASP A 314 20.50 -1.40 25.49
C ASP A 314 21.12 -1.50 26.86
N THR A 315 20.30 -1.96 27.80
CA THR A 315 20.76 -1.96 29.15
C THR A 315 21.36 -3.32 29.62
N THR A 316 21.47 -4.31 28.74
CA THR A 316 21.82 -5.57 29.22
C THR A 316 23.42 -5.63 29.40
N ARG A 317 24.16 -4.82 28.56
CA ARG A 317 25.71 -4.71 28.61
C ARG A 317 26.14 -3.51 29.45
N SER A 318 25.18 -2.92 30.21
CA SER A 318 25.43 -1.79 31.00
C SER A 318 26.42 -1.65 32.09
N THR A 319 27.60 -2.23 31.92
CA THR A 319 28.52 -2.14 33.08
C THR A 319 29.37 -0.98 33.03
N ASN A 320 29.57 -0.45 34.25
CA ASN A 320 30.56 0.65 34.44
C ASN A 320 31.83 0.16 35.16
N MET A 321 33.02 0.10 34.50
CA MET A 321 34.11 -0.45 35.22
C MET A 321 34.78 0.62 36.00
N SER A 322 35.23 0.31 37.23
CA SER A 322 35.89 1.33 37.95
C SER A 322 37.50 1.26 37.98
N VAL A 323 38.17 2.45 37.66
CA VAL A 323 39.61 2.55 37.61
C VAL A 323 40.16 3.31 38.78
N CYS A 324 41.17 2.68 39.37
CA CYS A 324 41.77 3.16 40.57
C CYS A 324 43.21 3.55 40.22
N SER A 325 43.59 4.84 40.32
CA SER A 325 44.97 5.22 40.07
C SER A 325 45.57 5.77 41.34
N ALA A 326 46.83 5.39 41.65
CA ALA A 326 47.53 5.94 42.84
C ALA A 326 48.23 7.27 42.71
N VAL A 327 48.34 8.02 43.83
CA VAL A 327 49.04 9.30 43.85
C VAL A 327 50.52 9.07 43.99
N SER A 328 50.90 8.02 44.72
CA SER A 328 52.29 7.61 44.73
C SER A 328 52.27 6.19 45.16
N SER A 329 52.98 5.34 44.42
CA SER A 329 53.03 3.86 44.79
C SER A 329 54.15 3.52 45.82
N SER A 330 54.80 4.68 46.21
CA SER A 330 55.91 4.70 47.21
C SER A 330 55.44 4.30 48.62
N ASP A 331 54.11 4.16 48.83
CA ASP A 331 53.64 3.76 50.15
C ASP A 331 53.62 2.28 50.20
N SER A 332 53.73 1.74 51.44
CA SER A 332 53.62 0.31 51.81
C SER A 332 52.44 0.00 52.76
N THR A 333 51.57 1.00 53.00
CA THR A 333 50.38 0.87 53.77
C THR A 333 49.24 1.52 53.03
N TYR A 334 48.09 0.87 53.04
CA TYR A 334 46.92 1.47 52.41
C TYR A 334 46.41 2.65 53.16
N LYS A 335 46.24 3.69 52.38
CA LYS A 335 45.54 4.91 52.78
C LYS A 335 44.64 5.39 51.58
N ASN A 336 43.34 5.55 51.86
CA ASN A 336 42.45 6.15 50.87
C ASN A 336 42.88 7.41 50.17
N ASP A 337 43.62 8.26 50.86
CA ASP A 337 44.13 9.47 50.29
C ASP A 337 44.92 9.29 49.08
N ASN A 338 45.65 8.23 49.07
CA ASN A 338 46.61 8.01 48.04
C ASN A 338 45.97 7.35 46.81
N PHE A 339 44.65 7.10 46.81
CA PHE A 339 44.08 6.41 45.61
C PHE A 339 42.91 7.16 45.05
N LYS A 340 42.78 7.25 43.73
CA LYS A 340 41.72 8.00 43.16
C LYS A 340 40.85 7.07 42.32
N GLU A 341 39.56 7.03 42.66
CA GLU A 341 38.71 6.13 41.95
C GLU A 341 37.98 6.85 40.82
N TYR A 342 37.75 6.17 39.71
CA TYR A 342 37.09 6.85 38.57
C TYR A 342 36.06 5.78 38.17
N LEU A 343 35.13 6.16 37.30
CA LEU A 343 34.18 5.20 36.74
C LEU A 343 34.25 5.30 35.20
N ARG A 344 34.19 4.26 34.45
CA ARG A 344 34.25 4.53 33.07
C ARG A 344 33.40 3.54 32.34
N HIS A 345 32.66 3.93 31.33
CA HIS A 345 31.76 2.94 30.64
C HIS A 345 32.13 2.90 29.12
N GLY A 346 32.10 1.80 28.32
CA GLY A 346 32.45 1.82 26.89
C GLY A 346 31.44 0.90 26.16
N GLU A 347 31.03 1.43 25.05
CA GLU A 347 29.95 0.77 24.34
C GLU A 347 30.68 0.22 23.08
N GLU A 348 30.14 -0.89 22.50
CA GLU A 348 30.69 -1.30 21.16
C GLU A 348 29.62 -1.79 20.24
N TYR A 349 29.47 -1.02 19.15
CA TYR A 349 28.46 -1.32 18.13
C TYR A 349 29.13 -1.85 16.89
N ASP A 350 28.33 -2.51 16.04
CA ASP A 350 28.67 -2.91 14.70
C ASP A 350 27.36 -2.90 13.93
N LEU A 351 27.40 -2.29 12.76
CA LEU A 351 26.14 -2.01 12.01
C LEU A 351 26.27 -2.73 10.68
N GLN A 352 25.34 -3.64 10.47
CA GLN A 352 25.38 -4.38 9.23
C GLN A 352 24.10 -4.15 8.48
N PHE A 353 24.15 -4.15 7.13
CA PHE A 353 22.96 -3.79 6.30
C PHE A 353 23.10 -4.52 5.09
N ILE A 354 21.97 -4.61 4.38
CA ILE A 354 21.95 -5.19 2.98
C ILE A 354 20.86 -4.51 2.15
N PHE A 355 21.30 -3.85 1.09
CA PHE A 355 20.37 -2.95 0.35
C PHE A 355 20.03 -3.49 -1.02
N GLN A 356 18.73 -3.29 -1.35
CA GLN A 356 18.37 -3.58 -2.71
C GLN A 356 18.23 -2.24 -3.60
N LEU A 357 18.85 -2.20 -4.82
CA LEU A 357 18.65 -1.21 -5.83
C LEU A 357 17.17 -1.07 -6.31
N CYS A 358 16.74 0.21 -6.30
CA CYS A 358 15.35 0.38 -6.76
C CYS A 358 15.29 1.54 -7.62
N LYS A 359 14.41 1.48 -8.62
CA LYS A 359 14.26 2.42 -9.68
C LYS A 359 12.88 3.02 -9.71
N ILE A 360 12.85 4.37 -9.67
CA ILE A 360 11.57 5.15 -9.80
C ILE A 360 11.30 5.88 -11.06
N THR A 361 10.13 5.65 -11.69
CA THR A 361 9.92 6.33 -13.00
C THR A 361 9.18 7.67 -12.77
N LEU A 362 9.86 8.82 -12.96
CA LEU A 362 9.29 10.11 -12.74
C LEU A 362 8.23 10.48 -13.80
N THR A 363 7.00 10.18 -13.44
CA THR A 363 5.96 10.51 -14.32
C THR A 363 5.16 11.65 -13.68
N ALA A 364 4.24 12.17 -14.52
CA ALA A 364 3.12 13.01 -14.00
C ALA A 364 2.57 12.79 -12.52
N ASP A 365 1.96 11.61 -12.33
CA ASP A 365 1.36 11.25 -11.07
C ASP A 365 2.39 10.87 -10.03
N VAL A 366 3.36 10.04 -10.43
CA VAL A 366 4.31 9.73 -9.51
C VAL A 366 4.94 11.02 -8.93
N MET A 367 5.27 11.98 -9.77
CA MET A 367 5.97 13.17 -9.23
C MET A 367 5.20 14.07 -8.20
N THR A 368 3.93 14.25 -8.54
CA THR A 368 3.12 15.08 -7.71
C THR A 368 3.02 14.32 -6.35
N TYR A 369 2.78 12.95 -6.38
CA TYR A 369 2.71 12.23 -5.11
C TYR A 369 4.00 12.30 -4.26
N ILE A 370 5.16 12.14 -4.89
CA ILE A 370 6.40 12.25 -4.16
C ILE A 370 6.49 13.59 -3.53
N HIS A 371 6.07 14.65 -4.29
CA HIS A 371 6.11 16.06 -3.91
C HIS A 371 5.30 16.36 -2.65
N SER A 372 4.04 15.94 -2.60
CA SER A 372 3.32 16.28 -1.43
C SER A 372 3.77 15.38 -0.30
N MET A 373 4.27 14.14 -0.58
CA MET A 373 4.97 13.40 0.44
C MET A 373 6.19 14.11 0.98
N ASN A 374 7.30 14.17 0.25
CA ASN A 374 8.43 14.99 0.66
C ASN A 374 9.06 15.70 -0.55
N PRO A 375 9.02 17.06 -0.60
CA PRO A 375 9.63 17.73 -1.79
C PRO A 375 11.17 17.46 -1.96
N SER A 376 11.90 17.44 -0.85
CA SER A 376 13.32 17.21 -0.90
C SER A 376 13.67 16.00 -1.79
N ILE A 377 12.71 15.07 -2.00
CA ILE A 377 13.12 13.77 -2.61
C ILE A 377 13.44 14.11 -4.06
N LEU A 378 12.63 15.05 -4.64
CA LEU A 378 12.65 15.51 -6.07
C LEU A 378 13.62 16.61 -6.35
N GLU A 379 13.61 17.56 -5.46
CA GLU A 379 14.59 18.54 -5.47
C GLU A 379 15.96 18.01 -5.48
N ASP A 380 16.24 17.01 -4.65
CA ASP A 380 17.59 16.47 -4.52
C ASP A 380 18.01 15.64 -5.69
N TRP A 381 17.10 15.26 -6.57
CA TRP A 381 17.55 14.47 -7.69
C TRP A 381 17.88 15.29 -8.93
N ASN A 382 18.51 16.45 -8.74
CA ASN A 382 19.05 17.40 -9.80
C ASN A 382 19.79 18.65 -9.29
N PRO A 389 19.27 20.55 7.33
CA PRO A 389 17.87 20.05 7.41
C PRO A 389 17.58 19.49 8.78
N LEU A 390 18.59 18.80 9.37
CA LEU A 390 18.63 18.23 10.77
C LEU A 390 19.81 18.92 11.50
N LYS A 391 20.03 20.17 11.19
CA LYS A 391 21.18 20.89 11.72
C LYS A 391 21.07 21.01 13.25
N ASN A 392 19.86 20.88 13.80
CA ASN A 392 19.71 21.11 15.23
C ASN A 392 19.75 19.85 16.03
N TYR A 393 19.96 18.73 15.33
CA TYR A 393 19.92 17.44 15.95
C TYR A 393 21.28 16.82 15.84
N THR A 394 21.59 16.21 16.99
CA THR A 394 22.83 15.42 17.28
C THR A 394 22.62 13.88 17.23
N PHE A 395 23.31 13.22 16.26
CA PHE A 395 23.19 11.85 15.91
C PHE A 395 24.63 11.34 15.65
N TRP A 396 24.87 10.07 16.02
CA TRP A 396 26.13 9.37 15.76
C TRP A 396 26.21 9.11 14.34
N GLU A 397 27.03 9.91 13.72
CA GLU A 397 27.05 9.88 12.26
C GLU A 397 27.63 8.55 11.82
N VAL A 398 27.09 7.93 10.79
CA VAL A 398 27.74 6.73 10.30
C VAL A 398 27.71 6.82 8.80
N ASP A 399 28.89 7.06 8.23
CA ASP A 399 28.96 7.17 6.81
C ASP A 399 29.38 5.86 6.14
N LEU A 400 28.55 5.35 5.24
CA LEU A 400 28.91 4.02 4.61
C LEU A 400 29.14 4.13 3.13
N LYS A 401 29.40 5.33 2.65
CA LYS A 401 29.44 5.55 1.24
C LYS A 401 30.61 4.69 0.74
N GLU A 402 31.70 4.71 1.46
CA GLU A 402 32.76 3.88 0.95
C GLU A 402 32.76 2.43 1.43
N LYS A 403 31.63 1.91 2.00
CA LYS A 403 31.64 0.65 2.65
C LYS A 403 30.66 -0.23 1.88
N PHE A 404 30.47 0.00 0.62
CA PHE A 404 29.43 -0.88 -0.08
C PHE A 404 30.06 -1.96 -0.83
N SER A 405 29.48 -3.14 -0.72
CA SER A 405 30.05 -4.29 -1.39
C SER A 405 29.12 -5.09 -2.25
N ALA A 406 29.51 -5.53 -3.42
CA ALA A 406 28.57 -6.34 -4.14
C ALA A 406 28.76 -7.80 -3.86
N ASP A 407 29.82 -8.16 -3.11
CA ASP A 407 30.07 -9.60 -3.00
C ASP A 407 29.56 -9.92 -1.66
N LEU A 408 28.34 -10.35 -1.68
CA LEU A 408 27.65 -10.62 -0.43
C LEU A 408 28.25 -11.88 0.39
N ASP A 409 28.87 -12.79 -0.36
CA ASP A 409 29.43 -13.95 0.14
C ASP A 409 30.50 -13.56 1.11
N GLN A 410 31.23 -12.52 0.95
CA GLN A 410 32.26 -12.21 1.94
C GLN A 410 31.88 -11.78 3.39
N PHE A 411 30.60 -11.76 3.72
CA PHE A 411 30.19 -11.21 5.02
C PHE A 411 29.16 -12.21 5.62
N PRO A 412 29.26 -12.50 6.90
CA PRO A 412 28.21 -13.29 7.48
C PRO A 412 26.77 -12.99 7.11
N LEU A 413 26.43 -11.73 7.35
CA LEU A 413 25.07 -11.22 6.93
C LEU A 413 24.83 -11.48 5.47
N GLY A 414 25.91 -11.20 4.70
CA GLY A 414 25.88 -11.38 3.28
C GLY A 414 25.44 -12.71 2.85
N ARG A 415 26.05 -13.63 3.61
CA ARG A 415 26.15 -15.09 3.48
C ARG A 415 24.84 -15.66 3.93
N LYS A 416 24.37 -15.17 5.08
CA LYS A 416 23.07 -15.55 5.54
C LYS A 416 21.99 -15.17 4.53
N PHE A 417 21.99 -13.86 4.12
CA PHE A 417 20.99 -13.25 3.29
C PHE A 417 20.73 -14.15 2.09
N LEU A 418 21.82 -14.48 1.38
CA LEU A 418 21.76 -15.39 0.19
C LEU A 418 21.13 -16.71 0.51
N LEU A 419 21.48 -17.25 1.69
CA LEU A 419 20.88 -18.48 2.16
C LEU A 419 19.39 -18.26 2.42
N GLN A 420 19.18 -17.51 3.44
CA GLN A 420 17.82 -17.17 3.75
C GLN A 420 16.93 -16.80 2.53
N ALA A 421 17.35 -15.87 1.67
CA ALA A 421 16.50 -15.53 0.51
C ALA A 421 16.29 -16.79 -0.31
N GLY A 422 17.23 -17.75 -0.18
CA GLY A 422 17.22 -18.99 -0.95
C GLY A 422 18.15 -18.71 -2.19
N LEU A 423 17.54 -18.46 -3.36
CA LEU A 423 18.36 -18.37 -4.57
C LEU A 423 18.87 -16.95 -4.66
N ALA B 1 39.78 -12.54 -3.61
CA ALA B 1 38.47 -12.92 -2.94
C ALA B 1 38.51 -14.32 -2.21
N VAL B 2 38.10 -14.32 -0.96
CA VAL B 2 38.06 -15.51 -0.20
C VAL B 2 36.97 -16.39 -0.76
N VAL B 3 37.09 -17.69 -0.55
CA VAL B 3 36.04 -18.65 -1.00
C VAL B 3 35.98 -19.87 -0.06
N SER B 4 34.77 -20.43 -0.01
CA SER B 4 34.43 -21.68 0.73
C SER B 4 35.34 -22.74 0.33
N THR B 5 35.67 -23.51 1.37
CA THR B 5 36.55 -24.72 1.29
C THR B 5 35.88 -25.83 0.49
N ASP B 6 34.62 -25.61 0.25
CA ASP B 6 33.92 -26.48 -0.59
C ASP B 6 34.40 -26.36 -1.97
N GLU B 7 35.18 -25.34 -2.14
CA GLU B 7 35.55 -25.00 -3.51
C GLU B 7 36.85 -25.64 -3.82
N TYR B 8 37.61 -26.01 -2.81
CA TYR B 8 38.84 -26.67 -3.12
C TYR B 8 39.20 -27.93 -2.30
N VAL B 9 38.18 -28.48 -1.56
CA VAL B 9 38.34 -29.53 -0.65
C VAL B 9 37.36 -30.57 -0.87
N THR B 10 37.90 -31.71 -1.28
CA THR B 10 37.02 -32.76 -1.64
C THR B 10 36.80 -33.60 -0.38
N ARG B 11 35.59 -34.17 -0.27
CA ARG B 11 35.27 -34.99 0.85
C ARG B 11 35.40 -36.47 0.40
N THR B 12 35.41 -37.40 1.37
CA THR B 12 35.47 -38.82 1.12
C THR B 12 34.53 -39.30 2.12
N ASN B 13 34.04 -40.52 1.86
CA ASN B 13 33.26 -41.39 2.89
C ASN B 13 34.11 -42.04 4.05
N ILE B 14 35.12 -41.32 4.51
CA ILE B 14 35.86 -41.80 5.53
C ILE B 14 35.75 -41.07 6.85
N TYR B 15 35.22 -41.75 7.88
CA TYR B 15 35.11 -41.09 9.25
C TYR B 15 35.95 -41.86 10.30
N TYR B 16 36.35 -41.14 11.29
CA TYR B 16 37.14 -41.63 12.29
C TYR B 16 36.83 -40.98 13.54
N HIS B 17 36.77 -41.78 14.57
CA HIS B 17 36.43 -41.28 15.89
C HIS B 17 37.72 -40.93 16.62
N ALA B 18 37.61 -40.02 17.60
CA ALA B 18 38.73 -39.77 18.40
C ALA B 18 38.31 -39.37 19.77
N GLY B 19 39.10 -39.51 20.82
CA GLY B 19 38.60 -39.03 22.10
C GLY B 19 39.83 -38.96 22.91
N SER B 20 39.95 -37.89 23.74
CA SER B 20 40.98 -37.74 24.77
C SER B 20 40.50 -38.50 25.93
N SER B 21 41.49 -38.99 26.70
CA SER B 21 41.19 -39.79 27.91
C SER B 21 40.56 -38.76 28.89
N ARG B 22 40.10 -39.20 30.09
CA ARG B 22 39.54 -38.24 31.06
C ARG B 22 40.61 -37.12 31.36
N LEU B 23 40.22 -35.82 31.21
CA LEU B 23 41.07 -34.70 31.51
C LEU B 23 40.71 -34.12 32.86
N LEU B 24 41.69 -34.03 33.77
CA LEU B 24 41.35 -33.55 35.12
C LEU B 24 42.12 -32.30 35.45
N ALA B 25 41.66 -31.54 36.43
CA ALA B 25 42.54 -30.64 36.97
C ALA B 25 42.21 -30.35 38.38
N VAL B 26 43.23 -30.26 39.29
CA VAL B 26 42.89 -29.94 40.68
C VAL B 26 43.76 -28.82 41.25
N GLY B 27 43.17 -27.75 41.84
CA GLY B 27 44.07 -26.91 42.66
C GLY B 27 43.38 -25.87 43.51
N HIS B 28 44.04 -24.71 43.61
CA HIS B 28 43.45 -23.63 44.35
C HIS B 28 42.70 -22.74 43.33
N PRO B 29 41.52 -22.23 43.75
CA PRO B 29 40.63 -21.52 42.99
C PRO B 29 40.87 -19.97 42.84
N TYR B 30 41.71 -19.46 43.72
CA TYR B 30 41.98 -18.05 43.74
C TYR B 30 43.38 -17.71 43.30
N TYR B 31 44.36 -18.42 43.82
CA TYR B 31 45.73 -18.22 43.48
C TYR B 31 46.58 -19.49 43.49
N ALA B 32 47.70 -19.51 42.76
CA ALA B 32 48.67 -20.62 42.54
C ALA B 32 49.39 -20.81 43.86
N ILE B 33 49.65 -22.06 44.27
CA ILE B 33 50.38 -22.22 45.52
C ILE B 33 51.71 -22.77 45.20
N LYS B 34 52.71 -21.87 45.01
CA LYS B 34 54.14 -22.23 44.78
C LYS B 34 54.94 -22.90 46.02
N LYS B 35 56.10 -23.53 45.78
CA LYS B 35 57.00 -23.94 46.92
C LYS B 35 57.25 -22.68 47.81
N GLN B 36 57.39 -22.92 49.14
CA GLN B 36 57.71 -21.81 50.16
C GLN B 36 58.87 -20.79 49.74
N ASP B 37 59.88 -21.41 49.15
CA ASP B 37 61.00 -20.62 48.78
C ASP B 37 61.05 -20.53 47.30
N SER B 38 61.15 -21.72 46.63
CA SER B 38 61.18 -21.77 45.14
C SER B 38 60.06 -20.93 44.57
N ASN B 39 60.13 -20.59 43.27
CA ASN B 39 59.04 -19.95 42.51
C ASN B 39 58.48 -20.94 41.44
N LYS B 40 58.61 -22.25 41.70
CA LYS B 40 57.97 -23.33 40.92
C LYS B 40 56.49 -23.58 41.39
N ILE B 41 55.53 -23.78 40.50
CA ILE B 41 54.18 -23.98 41.00
C ILE B 41 54.07 -25.39 41.63
N ALA B 42 53.60 -25.46 42.86
CA ALA B 42 53.36 -26.72 43.52
C ALA B 42 51.93 -27.18 43.26
N VAL B 43 50.93 -26.36 43.58
CA VAL B 43 49.52 -26.59 43.24
C VAL B 43 49.08 -25.49 42.28
N PRO B 44 48.69 -25.87 41.07
CA PRO B 44 48.32 -24.84 40.16
C PRO B 44 46.99 -24.13 40.53
N LYS B 45 46.51 -23.32 39.61
CA LYS B 45 45.28 -22.45 39.83
C LYS B 45 44.16 -23.07 38.93
N VAL B 46 43.23 -23.80 39.56
CA VAL B 46 42.15 -24.35 38.82
C VAL B 46 40.82 -23.82 39.33
N SER B 47 40.33 -22.81 38.52
CA SER B 47 38.99 -22.18 38.78
C SER B 47 37.89 -22.43 37.80
N GLY B 48 36.68 -22.34 38.31
CA GLY B 48 35.60 -22.49 37.40
C GLY B 48 35.43 -21.24 36.44
N LEU B 49 35.90 -20.10 36.92
CA LEU B 49 36.07 -18.92 36.15
C LEU B 49 37.22 -18.91 35.20
N GLN B 50 37.60 -19.94 34.50
CA GLN B 50 38.80 -19.81 33.63
C GLN B 50 38.47 -20.37 32.30
N TYR B 51 39.24 -20.02 31.30
CA TYR B 51 38.94 -20.43 29.92
C TYR B 51 39.70 -21.82 29.81
N ARG B 52 39.16 -22.63 28.97
CA ARG B 52 39.74 -23.88 28.76
C ARG B 52 40.10 -23.98 27.28
N VAL B 53 41.32 -23.58 26.97
CA VAL B 53 41.74 -23.60 25.56
C VAL B 53 42.54 -24.88 25.34
N PHE B 54 41.95 -25.84 24.69
CA PHE B 54 42.65 -27.03 24.33
C PHE B 54 43.28 -27.07 22.95
N ARG B 55 44.50 -27.57 22.84
CA ARG B 55 45.00 -27.64 21.47
C ARG B 55 45.10 -29.07 21.18
N VAL B 56 44.15 -29.44 20.43
CA VAL B 56 43.97 -30.75 20.06
C VAL B 56 44.88 -31.15 18.93
N LYS B 57 46.02 -31.82 19.19
CA LYS B 57 46.85 -32.40 18.06
C LYS B 57 46.22 -33.47 17.23
N LEU B 58 46.65 -33.52 15.97
CA LEU B 58 45.99 -34.54 15.21
C LEU B 58 46.94 -35.30 14.35
N PRO B 59 46.68 -36.59 14.16
CA PRO B 59 47.55 -37.34 13.29
C PRO B 59 47.69 -36.71 11.91
N ASP B 60 48.89 -36.54 11.30
CA ASP B 60 48.86 -36.15 9.89
C ASP B 60 48.37 -37.24 8.98
N PRO B 61 47.26 -37.08 8.34
CA PRO B 61 46.77 -38.09 7.45
C PRO B 61 47.67 -38.49 6.34
N ASN B 62 48.79 -37.86 6.30
CA ASN B 62 49.58 -38.11 5.13
C ASN B 62 50.58 -39.11 5.45
N LYS B 63 50.88 -39.27 6.71
CA LYS B 63 51.81 -40.24 7.10
C LYS B 63 51.00 -41.53 7.37
N PHE B 64 49.80 -41.42 7.94
CA PHE B 64 48.88 -42.53 8.00
C PHE B 64 48.74 -43.17 6.57
N GLY B 65 48.34 -44.45 6.48
CA GLY B 65 48.15 -45.05 5.13
C GLY B 65 46.70 -45.48 5.09
N PHE B 66 46.03 -45.26 3.94
CA PHE B 66 44.60 -45.59 3.80
C PHE B 66 44.29 -46.56 2.64
N PRO B 67 43.23 -47.38 2.83
CA PRO B 67 42.74 -48.34 1.80
C PRO B 67 41.76 -47.81 0.72
N ASP B 68 40.88 -46.88 1.12
CA ASP B 68 39.99 -46.20 0.21
C ASP B 68 40.68 -45.03 -0.57
N THR B 69 41.97 -44.80 -0.22
CA THR B 69 42.91 -43.84 -0.92
C THR B 69 43.74 -44.53 -2.13
N SER B 70 42.96 -45.19 -3.01
CA SER B 70 43.43 -45.96 -4.18
C SER B 70 43.23 -45.14 -5.49
N PHE B 71 42.16 -44.29 -5.54
CA PHE B 71 41.86 -43.24 -6.63
C PHE B 71 42.32 -41.89 -6.07
N TYR B 72 43.51 -41.83 -5.43
CA TYR B 72 43.97 -40.58 -4.82
C TYR B 72 45.45 -40.60 -5.10
N ASP B 73 46.10 -39.48 -5.53
CA ASP B 73 47.47 -39.43 -5.95
C ASP B 73 48.31 -38.63 -5.01
N PRO B 74 49.13 -39.38 -4.23
CA PRO B 74 49.92 -38.75 -3.16
C PRO B 74 50.98 -37.84 -3.76
N ALA B 75 51.13 -37.83 -5.08
CA ALA B 75 52.14 -36.98 -5.69
C ALA B 75 51.62 -35.60 -5.88
N SER B 76 50.32 -35.53 -6.20
CA SER B 76 49.73 -34.23 -6.49
C SER B 76 48.59 -33.90 -5.53
N GLN B 77 48.09 -34.92 -4.76
CA GLN B 77 47.03 -34.58 -3.81
C GLN B 77 47.52 -34.50 -2.37
N ARG B 78 46.68 -34.03 -1.47
CA ARG B 78 47.02 -34.11 -0.09
C ARG B 78 45.81 -34.22 0.82
N LEU B 79 46.07 -34.44 2.13
CA LEU B 79 44.99 -34.76 3.09
C LEU B 79 44.88 -33.84 4.33
N VAL B 80 43.62 -33.59 4.74
CA VAL B 80 43.33 -32.69 5.85
C VAL B 80 42.23 -33.44 6.67
N TRP B 81 42.05 -33.10 7.97
CA TRP B 81 40.96 -33.75 8.64
C TRP B 81 39.94 -32.68 8.76
N ALA B 82 38.75 -32.97 8.27
CA ALA B 82 37.56 -32.04 8.52
C ALA B 82 36.75 -32.44 9.73
N CYS B 83 36.74 -31.61 10.74
CA CYS B 83 35.93 -31.95 11.88
C CYS B 83 34.44 -32.04 11.58
N THR B 84 33.65 -32.97 12.17
CA THR B 84 32.26 -33.15 11.79
C THR B 84 31.35 -33.14 12.98
N GLY B 85 31.83 -33.63 14.12
CA GLY B 85 31.00 -33.73 15.38
C GLY B 85 31.93 -33.49 16.60
N VAL B 86 31.56 -32.63 17.56
CA VAL B 86 32.38 -32.36 18.75
C VAL B 86 31.53 -32.61 19.98
N GLU B 87 32.07 -33.33 20.98
CA GLU B 87 31.21 -33.69 22.14
C GLU B 87 31.99 -33.27 23.33
N VAL B 88 31.57 -32.25 24.12
CA VAL B 88 32.45 -31.72 25.20
C VAL B 88 31.97 -32.21 26.54
N GLY B 89 32.40 -33.47 26.90
CA GLY B 89 31.88 -34.15 28.05
C GLY B 89 32.28 -33.37 29.27
N ARG B 90 31.40 -33.20 30.24
CA ARG B 90 31.86 -32.52 31.47
C ARG B 90 31.52 -33.46 32.69
N GLY B 91 32.52 -33.65 33.58
CA GLY B 91 32.22 -34.31 34.77
C GLY B 91 32.08 -33.41 35.95
N GLN B 92 31.76 -33.96 37.10
CA GLN B 92 31.53 -33.42 38.48
C GLN B 92 30.14 -32.99 38.61
N PRO B 93 29.70 -32.75 39.85
CA PRO B 93 28.33 -32.19 40.04
C PRO B 93 28.22 -30.54 39.69
N LEU B 94 27.02 -30.18 39.18
CA LEU B 94 26.72 -28.71 38.97
C LEU B 94 26.93 -28.15 40.43
N GLY B 95 26.98 -26.80 40.59
CA GLY B 95 27.45 -26.35 41.93
C GLY B 95 28.03 -25.01 41.53
N VAL B 96 28.32 -24.13 42.53
CA VAL B 96 28.68 -22.73 42.22
C VAL B 96 29.74 -22.26 43.22
N GLY B 97 30.63 -21.44 42.65
CA GLY B 97 31.69 -20.82 43.46
C GLY B 97 31.40 -19.53 44.22
N ILE B 98 32.43 -18.96 44.78
CA ILE B 98 32.27 -17.80 45.61
C ILE B 98 33.72 -17.31 45.81
N SER B 99 34.01 -16.07 45.20
CA SER B 99 35.35 -15.47 45.30
C SER B 99 35.19 -14.33 46.25
N GLY B 100 36.31 -13.85 46.74
CA GLY B 100 36.27 -12.97 47.95
C GLY B 100 37.58 -12.12 47.89
N HIS B 101 37.74 -11.19 48.85
CA HIS B 101 39.05 -10.44 49.03
C HIS B 101 38.98 -9.94 50.44
N PRO B 102 39.95 -10.35 51.30
CA PRO B 102 39.95 -10.03 52.80
C PRO B 102 39.95 -8.51 53.03
N LEU B 103 40.38 -7.74 52.06
CA LEU B 103 40.46 -6.28 52.27
C LEU B 103 39.90 -5.60 51.02
N LEU B 104 38.71 -6.10 50.63
CA LEU B 104 37.99 -5.48 49.60
C LEU B 104 37.57 -4.09 49.92
N ASN B 105 37.66 -3.26 48.90
CA ASN B 105 37.36 -1.87 49.08
C ASN B 105 35.89 -1.58 49.04
N LYS B 106 35.28 -1.59 50.21
CA LYS B 106 33.85 -1.48 50.34
C LYS B 106 33.51 -0.44 51.39
N LEU B 107 33.22 0.77 50.94
CA LEU B 107 32.88 1.80 51.86
C LEU B 107 31.58 1.43 52.63
N ASP B 108 30.40 1.67 52.04
CA ASP B 108 29.18 1.27 52.73
C ASP B 108 28.18 0.86 51.70
N ASP B 109 26.97 0.35 52.09
CA ASP B 109 25.91 -0.38 51.32
C ASP B 109 24.84 0.63 51.03
N THR B 110 24.81 1.06 49.78
CA THR B 110 24.04 2.24 49.44
C THR B 110 22.79 1.88 48.85
N GLU B 111 22.35 0.68 49.14
CA GLU B 111 21.11 0.14 48.59
C GLU B 111 20.01 0.74 49.39
N ASN B 112 20.21 0.89 50.68
CA ASN B 112 19.22 1.30 51.61
C ASN B 112 19.90 1.80 52.92
N SER B 113 20.90 2.65 52.73
CA SER B 113 21.72 3.28 53.81
C SER B 113 20.89 3.58 55.04
N ASN B 114 21.57 3.37 56.18
CA ASN B 114 21.04 3.67 57.52
C ASN B 114 20.83 5.22 57.65
N LYS B 115 21.97 5.91 57.97
CA LYS B 115 21.96 7.38 57.89
C LYS B 115 23.08 7.97 56.95
N TYR B 116 23.79 8.93 57.53
CA TYR B 116 24.90 9.65 56.90
C TYR B 116 25.87 9.87 58.07
N VAL B 117 26.89 8.99 58.15
CA VAL B 117 28.00 9.17 59.10
C VAL B 117 29.00 10.22 58.49
N GLY B 118 29.73 11.00 59.28
CA GLY B 118 30.59 12.00 58.61
C GLY B 118 31.82 11.31 57.94
N ASN B 119 32.79 12.15 57.49
CA ASN B 119 34.01 11.71 56.76
C ASN B 119 34.81 10.57 57.43
N SER B 120 34.85 9.40 56.79
CA SER B 120 35.44 8.15 57.39
C SER B 120 36.94 8.28 57.62
N GLY B 121 37.58 7.27 58.24
CA GLY B 121 39.00 7.32 58.44
C GLY B 121 39.81 6.90 57.24
N THR B 122 40.68 5.92 57.50
CA THR B 122 41.62 5.50 56.49
C THR B 122 41.54 3.99 56.43
N ASP B 123 41.55 3.33 55.29
CA ASP B 123 41.40 1.87 55.26
C ASP B 123 40.11 1.36 55.91
N ASN B 124 39.00 1.41 55.18
CA ASN B 124 37.75 0.97 55.75
C ASN B 124 37.38 -0.23 54.97
N ARG B 125 38.36 -0.83 54.31
CA ARG B 125 38.12 -2.11 53.59
C ARG B 125 37.64 -3.23 54.57
N GLU B 126 36.95 -4.23 53.98
CA GLU B 126 36.50 -5.36 54.70
C GLU B 126 36.47 -6.64 53.84
N CYS B 127 36.64 -7.81 54.52
CA CYS B 127 36.42 -9.11 53.93
C CYS B 127 34.98 -9.31 53.26
N ILE B 128 34.87 -9.52 51.96
CA ILE B 128 33.58 -9.77 51.31
C ILE B 128 33.79 -10.86 50.26
N SER B 129 32.81 -11.73 50.09
CA SER B 129 32.95 -12.83 49.16
C SER B 129 31.72 -12.79 48.27
N MET B 130 31.59 -13.60 47.22
CA MET B 130 30.38 -13.41 46.36
C MET B 130 30.47 -14.40 45.25
N ASP B 131 29.29 -14.81 44.74
CA ASP B 131 29.25 -15.58 43.44
C ASP B 131 29.20 -14.77 42.07
N TYR B 132 30.10 -15.18 41.16
CA TYR B 132 30.25 -14.45 39.91
C TYR B 132 29.22 -14.81 38.78
N LYS B 133 29.11 -13.92 37.79
CA LYS B 133 28.22 -13.98 36.66
C LYS B 133 28.32 -15.36 36.09
N GLN B 134 27.20 -15.89 35.78
CA GLN B 134 27.26 -17.30 35.25
C GLN B 134 27.53 -17.33 33.74
N THR B 135 28.62 -17.95 33.30
CA THR B 135 28.82 -18.06 31.82
C THR B 135 29.14 -19.47 31.37
N GLN B 136 28.67 -19.83 30.18
CA GLN B 136 28.83 -21.13 29.56
C GLN B 136 29.24 -21.06 28.04
N LEU B 137 30.55 -21.21 27.68
CA LEU B 137 30.81 -21.00 26.25
C LEU B 137 31.58 -22.16 25.66
N CYS B 138 31.64 -22.21 24.35
CA CYS B 138 32.37 -23.22 23.67
C CYS B 138 32.54 -22.71 22.22
N LEU B 139 33.79 -22.45 21.82
CA LEU B 139 34.08 -22.02 20.44
C LEU B 139 34.99 -23.14 19.90
N ILE B 140 34.79 -23.52 18.61
CA ILE B 140 35.60 -24.52 17.97
C ILE B 140 36.17 -23.79 16.70
N GLY B 141 37.47 -23.43 16.71
CA GLY B 141 38.26 -22.92 15.63
C GLY B 141 39.47 -23.80 15.26
N CYS B 142 39.98 -23.75 14.00
CA CYS B 142 41.20 -24.48 13.75
C CYS B 142 42.37 -23.58 14.11
N ARG B 143 42.12 -22.37 14.66
CA ARG B 143 43.12 -21.41 15.21
C ARG B 143 42.67 -20.94 16.55
N PRO B 144 43.55 -20.49 17.40
CA PRO B 144 42.99 -20.08 18.69
C PRO B 144 42.14 -18.85 18.61
N PRO B 145 41.05 -18.82 19.34
CA PRO B 145 40.17 -17.68 19.22
C PRO B 145 40.66 -16.40 19.94
N ILE B 146 40.04 -15.26 19.64
CA ILE B 146 40.56 -14.04 20.26
C ILE B 146 39.69 -13.46 21.32
N GLY B 147 40.29 -12.67 22.18
CA GLY B 147 39.48 -12.10 23.14
C GLY B 147 39.77 -10.64 23.27
N GLU B 148 38.91 -9.87 23.97
CA GLU B 148 38.94 -8.40 24.13
C GLU B 148 38.70 -7.88 25.54
N HIS B 149 39.64 -7.04 25.94
CA HIS B 149 39.60 -6.40 27.25
C HIS B 149 40.06 -4.91 27.25
N TRP B 150 39.62 -4.21 28.30
CA TRP B 150 39.85 -2.85 28.42
C TRP B 150 41.18 -2.69 29.10
N GLY B 151 42.18 -2.32 28.26
CA GLY B 151 43.50 -1.92 28.75
C GLY B 151 43.77 -0.45 28.89
N LYS B 152 44.97 -0.25 29.45
CA LYS B 152 45.66 1.06 29.71
C LYS B 152 46.38 1.57 28.40
N GLY B 153 45.80 2.66 27.84
CA GLY B 153 46.23 3.29 26.61
C GLY B 153 47.37 4.29 26.83
N THR B 154 48.08 4.63 25.77
CA THR B 154 49.12 5.67 25.81
C THR B 154 48.46 6.98 25.38
N PRO B 155 48.68 8.05 26.20
CA PRO B 155 48.19 9.40 25.86
C PRO B 155 48.84 10.00 24.53
N SER B 156 48.10 10.95 23.91
CA SER B 156 48.56 11.60 22.67
C SER B 156 49.60 12.65 23.00
N ASN B 157 49.97 13.39 21.94
CA ASN B 157 50.94 14.46 22.08
C ASN B 157 50.34 15.72 22.81
N ALA B 158 50.53 15.82 24.14
CA ALA B 158 50.20 17.04 24.92
C ALA B 158 50.69 16.86 26.35
N ASN B 159 49.79 16.86 27.32
CA ASN B 159 50.23 16.79 28.71
C ASN B 159 50.67 15.37 29.17
N GLN B 160 51.40 15.40 30.29
CA GLN B 160 51.86 14.21 31.03
C GLN B 160 50.81 13.79 32.13
N VAL B 161 50.10 12.64 31.83
CA VAL B 161 49.11 11.98 32.77
C VAL B 161 49.80 11.61 34.13
N LYS B 162 50.07 12.62 34.95
CA LYS B 162 50.74 12.45 36.18
C LYS B 162 49.99 11.48 37.07
N ALA B 163 50.67 10.95 38.06
CA ALA B 163 50.03 10.06 38.96
C ALA B 163 48.83 10.68 39.64
N GLY B 164 47.75 9.92 39.59
CA GLY B 164 46.50 10.33 40.17
C GLY B 164 45.36 10.30 39.16
N GLU B 165 45.71 10.69 37.94
CA GLU B 165 44.79 10.84 36.85
C GLU B 165 44.19 9.56 36.43
N CYS B 166 43.16 9.59 35.67
CA CYS B 166 42.65 8.33 35.16
C CYS B 166 43.17 8.08 33.75
N PRO B 167 43.82 6.92 33.51
CA PRO B 167 44.44 6.63 32.25
C PRO B 167 43.44 6.43 31.18
N PRO B 168 43.76 6.86 29.95
CA PRO B 168 42.74 6.65 28.91
C PRO B 168 42.66 5.16 28.52
N LEU B 169 41.43 4.66 28.42
CA LEU B 169 41.35 3.28 28.17
C LEU B 169 41.63 2.92 26.73
N GLU B 170 41.76 1.65 26.51
CA GLU B 170 41.96 1.27 25.15
C GLU B 170 41.50 -0.25 24.99
N LEU B 171 40.64 -0.54 23.99
CA LEU B 171 40.16 -1.87 23.69
C LEU B 171 41.35 -2.65 23.02
N LEU B 172 41.80 -3.77 23.66
CA LEU B 172 42.90 -4.68 23.20
C LEU B 172 42.53 -6.05 22.79
N ASN B 173 43.10 -6.47 21.74
CA ASN B 173 42.88 -7.75 21.34
C ASN B 173 44.09 -8.69 21.83
N THR B 174 43.73 -9.88 22.32
CA THR B 174 44.70 -10.78 22.98
C THR B 174 44.32 -12.19 22.57
N VAL B 175 45.25 -13.11 22.56
CA VAL B 175 44.82 -14.43 22.32
C VAL B 175 44.42 -15.12 23.65
N LEU B 176 43.34 -15.87 23.52
CA LEU B 176 42.68 -16.49 24.63
C LEU B 176 43.56 -17.72 24.90
N GLN B 177 44.09 -17.89 26.13
CA GLN B 177 45.04 -18.97 26.41
C GLN B 177 44.50 -19.71 27.61
N ASP B 178 44.70 -21.05 27.79
CA ASP B 178 44.12 -21.81 28.96
C ASP B 178 44.54 -21.17 30.22
N GLY B 179 43.58 -20.90 31.06
CA GLY B 179 44.00 -20.32 32.33
C GLY B 179 43.63 -18.88 32.73
N ASP B 180 43.26 -18.14 31.64
CA ASP B 180 42.61 -16.80 31.63
C ASP B 180 41.29 -16.65 32.39
N MET B 181 40.96 -15.41 32.65
CA MET B 181 39.77 -15.20 33.39
C MET B 181 38.64 -14.67 32.53
N VAL B 182 37.43 -15.14 32.81
CA VAL B 182 36.25 -14.74 32.02
C VAL B 182 35.77 -13.56 32.79
N ASP B 183 34.98 -12.66 32.14
CA ASP B 183 34.51 -11.52 32.85
C ASP B 183 33.68 -12.08 34.05
N THR B 184 33.74 -11.42 35.22
CA THR B 184 32.93 -11.97 36.28
C THR B 184 31.83 -11.10 36.77
N GLY B 185 31.64 -9.99 36.06
CA GLY B 185 30.52 -9.09 36.35
C GLY B 185 31.25 -7.84 36.77
N PHE B 186 32.57 -7.72 36.49
CA PHE B 186 33.18 -6.44 36.74
C PHE B 186 33.78 -5.99 35.43
N GLY B 187 33.27 -6.58 34.37
CA GLY B 187 33.71 -6.35 33.07
C GLY B 187 35.04 -6.81 32.53
N ALA B 188 35.15 -6.86 31.17
CA ALA B 188 36.46 -7.30 30.64
C ALA B 188 37.65 -6.39 30.69
N MET B 189 38.38 -6.40 31.77
CA MET B 189 39.46 -5.44 31.83
C MET B 189 40.83 -6.08 32.29
N ASP B 190 41.78 -5.34 32.84
CA ASP B 190 43.09 -5.74 33.28
C ASP B 190 43.18 -4.97 34.59
N PHE B 191 42.80 -5.73 35.62
CA PHE B 191 42.79 -5.28 37.02
C PHE B 191 44.11 -4.81 37.61
N THR B 192 45.23 -5.41 37.15
CA THR B 192 46.56 -4.98 37.57
C THR B 192 46.91 -3.62 37.24
N THR B 193 46.75 -3.22 35.97
CA THR B 193 47.21 -1.87 35.51
C THR B 193 46.15 -0.79 35.66
N LEU B 194 44.88 -1.16 35.65
CA LEU B 194 43.80 -0.17 35.79
C LEU B 194 43.33 0.09 37.28
N GLN B 195 43.67 -0.86 38.22
CA GLN B 195 43.23 -0.73 39.65
C GLN B 195 44.46 -0.71 40.49
N ALA B 196 45.03 0.43 40.85
CA ALA B 196 46.26 0.50 41.62
C ALA B 196 46.06 -0.19 43.03
N ASN B 197 44.94 0.04 43.73
CA ASN B 197 44.83 -0.43 45.15
C ASN B 197 44.77 -1.96 45.18
N LYS B 198 44.64 -2.56 43.97
CA LYS B 198 44.52 -4.02 43.96
C LYS B 198 43.73 -4.50 45.26
N SER B 199 42.55 -3.92 45.54
CA SER B 199 41.71 -4.19 46.64
C SER B 199 40.29 -4.08 46.32
N ASP B 200 39.93 -4.05 45.02
CA ASP B 200 38.51 -3.88 44.90
C ASP B 200 37.91 -4.88 43.93
N VAL B 201 38.25 -6.12 44.13
CA VAL B 201 37.91 -7.32 43.35
C VAL B 201 38.39 -8.56 44.09
N PRO B 202 37.64 -9.61 44.04
CA PRO B 202 38.19 -10.72 44.69
C PRO B 202 39.60 -11.04 44.11
N LEU B 203 40.44 -11.80 44.87
CA LEU B 203 41.91 -12.14 44.41
C LEU B 203 42.03 -12.88 43.04
N ASP B 204 41.14 -13.88 42.80
CA ASP B 204 41.16 -14.60 41.57
C ASP B 204 41.18 -13.68 40.44
N ILE B 205 40.79 -12.41 40.56
CA ILE B 205 40.86 -11.51 39.34
C ILE B 205 41.53 -10.23 39.54
N CYS B 206 41.66 -9.85 40.75
CA CYS B 206 42.29 -8.67 41.15
C CYS B 206 43.68 -8.38 40.60
N SER B 207 44.48 -9.40 40.27
CA SER B 207 45.78 -9.11 39.64
C SER B 207 45.92 -9.77 38.30
N SER B 208 44.77 -10.04 37.66
CA SER B 208 44.75 -10.53 36.29
C SER B 208 43.84 -9.78 35.32
N ILE B 209 43.83 -10.35 34.09
CA ILE B 209 42.96 -9.92 33.01
C ILE B 209 41.66 -10.74 32.82
N CYS B 210 40.50 -10.12 32.90
CA CYS B 210 39.37 -10.92 32.55
C CYS B 210 39.10 -10.61 31.08
N LYS B 211 39.06 -11.55 30.12
CA LYS B 211 38.80 -11.29 28.71
C LYS B 211 37.45 -11.79 28.28
N TYR B 212 36.96 -11.30 27.11
CA TYR B 212 35.61 -11.66 26.58
C TYR B 212 35.82 -11.93 25.16
N PRO B 213 35.44 -13.12 24.67
CA PRO B 213 35.69 -13.46 23.25
C PRO B 213 35.26 -12.29 22.28
N ASP B 214 36.22 -11.72 21.51
CA ASP B 214 35.83 -10.77 20.44
C ASP B 214 34.99 -11.48 19.38
N TYR B 215 33.79 -11.83 19.77
CA TYR B 215 32.92 -12.46 18.88
C TYR B 215 32.76 -11.66 17.57
N LEU B 216 32.50 -10.31 17.66
CA LEU B 216 32.41 -9.39 16.55
C LEU B 216 33.58 -9.45 15.55
N LYS B 217 34.83 -9.43 16.02
CA LYS B 217 35.96 -9.61 15.11
C LYS B 217 35.98 -11.00 14.58
N MET B 218 36.12 -12.01 15.42
CA MET B 218 36.13 -13.38 14.91
C MET B 218 35.15 -13.85 13.84
N VAL B 219 33.97 -13.32 13.94
CA VAL B 219 32.97 -13.75 13.14
C VAL B 219 33.32 -13.12 11.79
N SER B 220 33.63 -11.80 11.79
CA SER B 220 33.97 -11.06 10.61
C SER B 220 35.23 -11.34 9.86
N GLU B 221 35.99 -12.44 10.19
CA GLU B 221 37.36 -12.62 9.62
C GLU B 221 37.17 -13.34 8.36
N PRO B 222 37.72 -12.79 7.27
CA PRO B 222 37.49 -13.22 5.95
C PRO B 222 37.52 -14.68 5.79
N TYR B 223 38.47 -15.39 6.51
CA TYR B 223 38.75 -16.85 6.28
C TYR B 223 37.81 -17.58 7.17
N GLY B 224 37.74 -17.04 8.40
CA GLY B 224 37.14 -17.63 9.54
C GLY B 224 37.68 -19.03 9.93
N ASP B 225 38.86 -19.04 10.49
CA ASP B 225 39.46 -20.22 10.95
C ASP B 225 39.32 -20.08 12.48
N MET B 226 39.50 -18.88 12.97
CA MET B 226 39.31 -18.53 14.37
C MET B 226 38.19 -19.27 14.99
N LEU B 227 37.06 -19.40 14.33
CA LEU B 227 35.97 -20.04 14.91
C LEU B 227 35.00 -20.43 13.88
N PHE B 228 34.44 -21.66 13.97
CA PHE B 228 33.42 -22.07 13.09
C PHE B 228 32.23 -22.62 13.74
N PHE B 229 32.10 -22.38 15.01
CA PHE B 229 30.93 -22.90 15.70
C PHE B 229 31.10 -22.38 17.09
N TYR B 230 30.01 -21.96 17.76
CA TYR B 230 30.12 -21.39 19.13
C TYR B 230 28.78 -21.47 19.83
N LEU B 231 28.75 -21.33 21.17
CA LEU B 231 27.48 -21.21 21.84
C LEU B 231 27.82 -20.45 23.12
N ARG B 232 26.97 -19.53 23.55
CA ARG B 232 27.40 -18.69 24.68
C ARG B 232 26.18 -18.78 25.58
N ARG B 233 26.35 -18.77 26.90
CA ARG B 233 25.10 -18.74 27.73
C ARG B 233 25.47 -18.05 28.96
N GLU B 234 25.49 -16.73 28.86
CA GLU B 234 25.86 -15.88 29.99
C GLU B 234 24.66 -15.19 30.70
N GLN B 235 24.63 -15.11 32.05
CA GLN B 235 23.49 -14.50 32.83
C GLN B 235 24.01 -13.86 34.11
N MET B 236 23.29 -13.03 34.82
CA MET B 236 23.83 -12.42 36.05
C MET B 236 22.89 -11.35 36.51
N PHE B 237 22.89 -10.97 37.78
CA PHE B 237 22.08 -9.82 38.20
C PHE B 237 22.81 -9.07 39.29
N VAL B 238 22.13 -8.17 39.97
CA VAL B 238 22.87 -7.38 40.96
C VAL B 238 22.62 -7.84 42.42
N ARG B 239 23.48 -8.66 43.09
CA ARG B 239 23.09 -9.16 44.40
C ARG B 239 23.13 -8.02 45.30
N HIS B 240 24.15 -7.17 45.33
CA HIS B 240 24.01 -5.83 46.20
C HIS B 240 24.46 -4.55 45.48
N LEU B 241 24.50 -3.42 46.19
CA LEU B 241 24.95 -2.11 45.54
C LEU B 241 25.89 -1.49 46.57
N PHE B 242 27.09 -1.22 46.17
CA PHE B 242 28.00 -0.59 47.16
C PHE B 242 28.63 0.75 46.78
N ASN B 243 29.45 1.18 47.71
CA ASN B 243 30.11 2.38 47.57
C ASN B 243 31.56 2.08 47.73
N ARG B 244 32.41 2.81 46.97
CA ARG B 244 33.83 2.63 47.10
C ARG B 244 34.35 3.64 48.09
N ALA B 245 35.66 3.48 48.46
CA ALA B 245 36.43 4.33 49.46
C ALA B 245 37.48 4.90 48.61
N GLY B 246 37.98 6.06 49.06
CA GLY B 246 39.14 6.78 48.42
C GLY B 246 38.52 7.94 47.73
N THR B 247 39.33 8.98 47.54
CA THR B 247 38.93 10.26 46.93
C THR B 247 38.38 10.03 45.54
N VAL B 248 37.31 10.74 45.19
CA VAL B 248 36.72 10.71 43.82
C VAL B 248 37.46 11.56 42.74
N GLY B 249 38.00 10.92 41.73
CA GLY B 249 38.79 11.75 40.88
C GLY B 249 37.99 12.88 40.20
N GLU B 250 36.98 12.45 39.45
CA GLU B 250 36.20 13.36 38.67
C GLU B 250 35.03 13.76 39.57
N THR B 251 35.21 14.74 40.45
CA THR B 251 34.18 15.29 41.36
C THR B 251 32.91 15.70 40.67
N VAL B 252 31.81 15.69 41.42
CA VAL B 252 30.47 15.96 40.85
C VAL B 252 30.29 17.45 40.50
N PRO B 253 29.82 17.77 39.31
CA PRO B 253 29.54 19.09 38.88
C PRO B 253 28.49 19.68 39.81
N ALA B 254 28.77 20.89 40.39
CA ALA B 254 27.96 21.37 41.56
C ALA B 254 26.54 21.77 41.24
N ASP B 255 26.33 22.00 39.98
CA ASP B 255 25.10 22.39 39.44
C ASP B 255 24.19 21.18 39.21
N LEU B 256 24.61 19.97 39.70
CA LEU B 256 23.82 18.71 39.62
C LEU B 256 23.15 18.33 40.86
N TYR B 257 23.38 19.11 41.88
CA TYR B 257 22.79 18.92 43.18
C TYR B 257 22.78 20.27 43.98
N ILE B 258 21.83 20.47 44.90
CA ILE B 258 21.88 21.56 45.89
C ILE B 258 22.84 21.33 47.11
N LYS B 259 23.52 22.44 47.43
CA LYS B 259 24.52 22.50 48.48
C LYS B 259 23.84 22.18 49.75
N GLY B 260 24.24 20.99 50.11
CA GLY B 260 23.85 20.40 51.38
C GLY B 260 24.81 20.89 52.41
N THR B 261 24.31 21.76 53.27
CA THR B 261 25.15 22.02 54.41
C THR B 261 25.70 20.68 55.02
N THR B 262 26.82 20.74 55.74
CA THR B 262 27.24 19.53 56.49
C THR B 262 27.66 18.37 55.53
N GLY B 263 28.83 18.49 54.89
CA GLY B 263 29.25 17.43 54.00
C GLY B 263 30.40 17.85 53.08
N THR B 264 31.24 16.86 52.78
CA THR B 264 32.27 16.96 51.73
C THR B 264 31.66 16.02 50.69
N LEU B 265 30.35 15.72 50.73
CA LEU B 265 29.67 15.02 49.63
C LEU B 265 30.10 13.65 49.52
N PRO B 266 29.32 12.66 50.02
CA PRO B 266 29.69 11.21 50.16
C PRO B 266 30.16 10.67 48.83
N SER B 267 30.64 9.40 48.84
CA SER B 267 31.18 8.79 47.60
C SER B 267 30.17 8.54 46.54
N THR B 268 30.58 8.49 45.29
CA THR B 268 29.57 8.48 44.28
C THR B 268 30.12 7.44 43.30
N SER B 269 31.26 6.81 43.66
CA SER B 269 31.89 5.69 42.91
C SER B 269 31.23 4.41 43.39
N TYR B 270 30.20 4.02 42.64
CA TYR B 270 29.39 2.88 42.94
C TYR B 270 29.78 1.72 42.06
N PHE B 271 29.55 0.55 42.67
CA PHE B 271 29.90 -0.76 42.05
C PHE B 271 28.97 -1.80 42.63
N PRO B 272 28.37 -2.60 41.79
CA PRO B 272 27.47 -3.69 42.16
C PRO B 272 28.15 -5.10 42.29
N THR B 273 27.57 -5.99 43.07
CA THR B 273 28.12 -7.37 43.28
C THR B 273 27.30 -8.29 42.45
N PRO B 274 27.90 -8.96 41.53
CA PRO B 274 27.00 -9.82 40.69
C PRO B 274 26.52 -11.11 41.36
N SER B 275 25.66 -11.76 40.59
CA SER B 275 24.95 -12.95 41.06
C SER B 275 24.42 -13.68 39.87
N GLY B 276 25.04 -14.85 39.62
CA GLY B 276 24.85 -15.67 38.48
C GLY B 276 23.55 -16.31 38.63
N SER B 277 22.94 -16.19 39.79
CA SER B 277 21.62 -16.77 40.03
C SER B 277 21.73 -18.39 40.22
N MET B 278 21.09 -19.14 39.32
CA MET B 278 20.95 -20.46 39.40
C MET B 278 21.51 -21.22 38.21
N VAL B 279 22.10 -22.40 38.55
CA VAL B 279 22.73 -23.50 37.56
C VAL B 279 21.67 -24.54 37.64
N THR B 280 21.28 -25.06 36.48
CA THR B 280 20.29 -26.03 36.30
C THR B 280 20.55 -27.01 35.18
N SER B 281 20.16 -28.28 35.29
CA SER B 281 20.55 -29.27 34.27
C SER B 281 20.19 -28.80 32.90
N ASP B 282 19.05 -28.18 32.83
CA ASP B 282 18.43 -27.79 31.55
C ASP B 282 19.17 -26.60 30.82
N ALA B 283 19.54 -25.57 31.56
CA ALA B 283 20.41 -24.63 31.08
C ALA B 283 21.62 -25.16 30.25
N GLN B 284 22.10 -26.36 30.56
CA GLN B 284 23.37 -26.95 30.02
C GLN B 284 23.56 -26.93 28.56
N ILE B 285 24.64 -26.27 28.19
CA ILE B 285 25.15 -26.25 26.84
C ILE B 285 26.11 -27.41 26.51
N PHE B 286 26.71 -28.13 27.50
CA PHE B 286 27.65 -29.27 27.30
C PHE B 286 27.08 -30.61 27.35
N ASN B 287 27.93 -31.61 27.22
CA ASN B 287 27.43 -33.07 27.30
C ASN B 287 26.52 -33.47 26.18
N LYS B 288 26.29 -32.55 25.18
CA LYS B 288 25.64 -32.91 23.92
C LYS B 288 26.54 -32.82 22.73
N PRO B 289 26.11 -33.56 21.71
CA PRO B 289 26.88 -33.62 20.52
C PRO B 289 26.50 -32.45 19.56
N TYR B 290 27.51 -31.84 19.00
CA TYR B 290 27.40 -30.69 18.09
C TYR B 290 27.80 -31.19 16.64
N TRP B 291 27.05 -30.83 15.63
CA TRP B 291 27.40 -31.31 14.33
C TRP B 291 27.62 -30.10 13.45
N LEU B 292 28.82 -29.59 13.39
CA LEU B 292 29.09 -28.52 12.41
C LEU B 292 29.00 -28.93 11.00
N GLN B 293 27.80 -29.31 10.58
CA GLN B 293 27.47 -29.66 9.21
C GLN B 293 27.70 -28.45 8.31
N ARG B 294 27.26 -27.25 8.68
CA ARG B 294 27.68 -26.15 7.85
C ARG B 294 28.36 -25.15 8.74
N ALA B 295 29.47 -24.60 8.31
CA ALA B 295 30.24 -23.66 9.17
C ALA B 295 29.66 -22.25 9.04
N GLN B 296 30.00 -21.37 9.97
CA GLN B 296 29.51 -19.99 9.88
C GLN B 296 30.27 -19.16 8.80
N GLY B 297 31.57 -19.34 8.81
CA GLY B 297 32.40 -18.69 7.87
C GLY B 297 32.67 -19.54 6.65
N HIS B 298 33.88 -19.31 6.10
CA HIS B 298 34.23 -19.89 4.90
C HIS B 298 34.87 -21.17 5.19
N ASN B 299 35.67 -21.21 6.23
CA ASN B 299 36.17 -22.52 6.59
C ASN B 299 35.22 -23.53 7.20
N ASN B 300 35.13 -24.72 6.62
CA ASN B 300 34.09 -25.59 6.99
C ASN B 300 34.62 -26.80 7.83
N GLY B 301 35.01 -26.45 9.06
CA GLY B 301 35.62 -27.36 9.99
C GLY B 301 36.80 -28.05 9.32
N ILE B 302 37.76 -27.38 8.79
CA ILE B 302 38.79 -28.08 8.15
C ILE B 302 39.85 -27.65 9.09
N CYS B 303 40.49 -28.68 9.55
CA CYS B 303 41.60 -28.63 10.59
C CYS B 303 42.99 -28.32 9.98
N TRP B 304 43.13 -27.37 9.08
CA TRP B 304 44.53 -27.04 8.66
C TRP B 304 45.60 -27.41 9.72
N SER B 305 46.79 -27.88 9.25
CA SER B 305 47.95 -28.13 10.08
C SER B 305 47.59 -29.22 11.22
N ASN B 306 46.59 -30.10 10.97
CA ASN B 306 46.22 -31.16 11.80
C ASN B 306 45.90 -30.68 13.20
N GLN B 307 45.34 -29.49 13.30
CA GLN B 307 45.10 -28.89 14.60
C GLN B 307 43.66 -28.48 14.99
N LEU B 308 43.33 -28.34 16.29
CA LEU B 308 41.98 -28.05 16.68
C LEU B 308 41.91 -27.35 17.97
N PHE B 309 40.95 -26.43 18.04
CA PHE B 309 40.93 -25.64 19.26
C PHE B 309 39.51 -25.61 19.90
N VAL B 310 39.43 -26.12 21.13
CA VAL B 310 38.13 -26.18 21.75
C VAL B 310 38.29 -25.21 22.91
N THR B 311 37.62 -24.06 22.79
CA THR B 311 37.66 -23.07 23.90
C THR B 311 36.39 -23.22 24.69
N VAL B 312 36.49 -23.54 26.03
CA VAL B 312 35.30 -23.79 26.85
C VAL B 312 35.35 -22.93 28.17
N VAL B 313 34.23 -22.31 28.59
CA VAL B 313 34.27 -21.72 29.91
C VAL B 313 33.02 -22.28 30.57
N ASP B 314 33.07 -22.76 31.85
CA ASP B 314 31.85 -23.28 32.38
C ASP B 314 31.81 -22.96 33.86
N THR B 315 30.80 -22.26 34.36
CA THR B 315 30.78 -21.92 35.75
C THR B 315 29.69 -22.67 36.44
N THR B 316 29.03 -23.53 35.67
CA THR B 316 27.98 -24.34 36.23
C THR B 316 28.41 -25.45 37.27
N ARG B 317 29.67 -25.80 37.15
CA ARG B 317 30.13 -26.70 38.06
C ARG B 317 31.13 -26.04 38.94
N SER B 318 31.07 -24.76 39.13
CA SER B 318 32.12 -24.10 39.91
C SER B 318 32.29 -24.30 41.47
N THR B 319 31.86 -25.44 42.06
CA THR B 319 32.09 -25.73 43.45
C THR B 319 33.58 -25.92 43.83
N ASN B 320 33.97 -25.13 44.84
CA ASN B 320 35.27 -25.28 45.55
C ASN B 320 35.14 -26.13 46.88
N MET B 321 35.68 -27.37 46.88
CA MET B 321 35.48 -28.13 48.12
C MET B 321 36.49 -27.57 49.11
N SER B 322 36.15 -27.49 50.40
CA SER B 322 37.16 -27.16 51.36
C SER B 322 37.65 -28.42 52.20
N VAL B 323 39.00 -28.55 52.36
CA VAL B 323 39.52 -29.62 53.17
C VAL B 323 40.25 -29.13 54.41
N CYS B 324 39.82 -29.73 55.51
CA CYS B 324 40.27 -29.39 56.87
C CYS B 324 41.23 -30.42 57.42
N SER B 325 42.38 -29.97 57.85
CA SER B 325 43.29 -30.95 58.21
C SER B 325 43.80 -30.57 59.59
N ALA B 326 43.97 -31.60 60.48
CA ALA B 326 44.19 -31.26 61.91
C ALA B 326 45.62 -31.15 62.18
N VAL B 327 46.02 -30.45 63.26
CA VAL B 327 47.46 -30.50 63.59
C VAL B 327 47.84 -31.63 64.50
N SER B 328 46.82 -32.19 65.11
CA SER B 328 46.99 -33.23 66.08
C SER B 328 45.60 -33.68 66.60
N SER B 329 45.21 -34.82 66.04
CA SER B 329 44.05 -35.60 66.61
C SER B 329 44.08 -36.16 68.12
N SER B 330 45.07 -35.68 68.83
CA SER B 330 45.19 -36.02 70.20
C SER B 330 44.32 -35.20 71.12
N ASP B 331 43.66 -34.09 70.63
CA ASP B 331 42.77 -33.19 71.52
C ASP B 331 41.31 -33.73 71.66
N SER B 332 40.63 -33.30 72.73
CA SER B 332 39.31 -33.76 72.88
C SER B 332 38.41 -32.49 72.89
N THR B 333 39.01 -31.33 72.61
CA THR B 333 38.22 -30.14 72.59
C THR B 333 38.59 -29.52 71.31
N TYR B 334 37.63 -28.81 70.73
CA TYR B 334 37.72 -28.12 69.49
C TYR B 334 38.51 -26.90 69.78
N LYS B 335 39.57 -26.74 69.02
CA LYS B 335 40.36 -25.50 69.09
C LYS B 335 40.81 -24.99 67.71
N ASN B 336 40.40 -23.81 67.22
CA ASN B 336 40.79 -23.43 65.82
C ASN B 336 42.25 -23.58 65.54
N ASP B 337 43.09 -23.17 66.47
CA ASP B 337 44.50 -23.46 66.24
C ASP B 337 44.91 -24.89 65.68
N ASN B 338 44.15 -25.89 66.11
CA ASN B 338 44.42 -27.24 65.77
C ASN B 338 44.02 -27.71 64.40
N PHE B 339 43.58 -26.79 63.55
CA PHE B 339 43.05 -27.19 62.24
C PHE B 339 43.42 -26.18 61.17
N LYS B 340 43.53 -26.67 59.91
CA LYS B 340 43.98 -25.86 58.75
C LYS B 340 43.01 -26.13 57.64
N GLU B 341 42.18 -25.11 57.38
CA GLU B 341 41.24 -25.09 56.24
C GLU B 341 41.98 -24.67 54.93
N TYR B 342 41.61 -25.36 53.85
CA TYR B 342 42.33 -25.29 52.58
C TYR B 342 41.15 -25.33 51.55
N LEU B 343 41.46 -24.94 50.30
CA LEU B 343 40.49 -24.86 49.30
C LEU B 343 40.86 -25.53 48.03
N ARG B 344 39.95 -26.25 47.47
CA ARG B 344 40.38 -26.94 46.25
C ARG B 344 39.26 -27.08 45.19
N HIS B 345 39.65 -27.07 43.92
CA HIS B 345 38.66 -27.25 42.98
C HIS B 345 39.19 -28.16 41.95
N GLY B 346 38.28 -28.94 41.37
CA GLY B 346 38.87 -29.73 40.36
C GLY B 346 37.90 -29.87 39.24
N GLU B 347 38.50 -30.14 38.03
CA GLU B 347 37.76 -29.83 36.78
C GLU B 347 37.90 -31.17 36.06
N GLU B 348 36.84 -31.63 35.40
CA GLU B 348 36.87 -32.88 34.66
C GLU B 348 36.26 -32.71 33.34
N TYR B 349 37.10 -32.75 32.32
CA TYR B 349 36.64 -32.70 30.92
C TYR B 349 36.88 -33.92 30.16
N ASP B 350 36.13 -34.09 29.09
CA ASP B 350 36.26 -35.19 28.16
C ASP B 350 36.00 -34.69 26.76
N LEU B 351 37.02 -34.76 25.89
CA LEU B 351 36.78 -34.37 24.49
C LEU B 351 36.65 -35.44 23.40
N GLN B 352 35.47 -35.51 22.82
CA GLN B 352 35.29 -36.45 21.74
C GLN B 352 35.11 -35.79 20.38
N PHE B 353 35.43 -36.48 19.26
CA PHE B 353 35.30 -35.90 17.99
C PHE B 353 34.96 -36.94 17.00
N ILE B 354 34.86 -36.44 15.77
CA ILE B 354 34.52 -37.23 14.58
C ILE B 354 35.04 -36.45 13.39
N PHE B 355 36.07 -37.00 12.70
CA PHE B 355 36.64 -36.27 11.63
C PHE B 355 36.50 -36.98 10.35
N GLN B 356 36.45 -36.12 9.30
CA GLN B 356 36.19 -36.63 7.95
C GLN B 356 37.46 -36.45 7.18
N LEU B 357 37.82 -37.34 6.23
CA LEU B 357 39.15 -37.36 5.63
C LEU B 357 38.82 -36.69 4.27
N CYS B 358 39.52 -35.57 3.97
CA CYS B 358 39.25 -34.83 2.80
C CYS B 358 40.60 -34.82 2.08
N LYS B 359 40.60 -34.68 0.72
CA LYS B 359 41.79 -34.60 -0.20
C LYS B 359 41.71 -33.25 -0.89
N ILE B 360 42.91 -32.78 -1.23
CA ILE B 360 43.06 -31.54 -1.95
C ILE B 360 44.08 -31.69 -3.05
N THR B 361 43.64 -31.61 -4.25
CA THR B 361 44.60 -31.64 -5.36
C THR B 361 45.28 -30.28 -5.50
N LEU B 362 46.61 -30.37 -5.56
CA LEU B 362 47.40 -29.13 -5.44
C LEU B 362 47.62 -28.62 -6.86
N THR B 363 46.83 -27.66 -7.33
CA THR B 363 46.88 -27.13 -8.64
C THR B 363 47.40 -25.80 -8.44
N ALA B 364 47.69 -25.26 -9.62
CA ALA B 364 48.18 -23.91 -9.88
C ALA B 364 47.37 -22.88 -9.17
N ASP B 365 46.05 -22.83 -9.45
CA ASP B 365 45.11 -21.95 -8.73
C ASP B 365 44.99 -22.08 -7.24
N VAL B 366 44.90 -23.37 -6.75
CA VAL B 366 44.66 -23.74 -5.37
C VAL B 366 45.95 -23.46 -4.61
N MET B 367 47.12 -23.79 -5.16
CA MET B 367 48.29 -23.39 -4.49
C MET B 367 48.43 -21.99 -4.11
N THR B 368 48.22 -21.11 -5.09
CA THR B 368 48.43 -19.65 -4.93
C THR B 368 47.39 -19.19 -3.83
N TYR B 369 46.16 -19.83 -3.82
CA TYR B 369 45.11 -19.55 -2.87
C TYR B 369 45.61 -19.88 -1.53
N ILE B 370 46.05 -21.14 -1.34
CA ILE B 370 46.39 -21.63 -0.03
C ILE B 370 47.52 -20.77 0.38
N HIS B 371 48.48 -20.43 -0.48
CA HIS B 371 49.58 -19.65 0.00
C HIS B 371 49.17 -18.29 0.66
N SER B 372 48.12 -17.67 0.09
CA SER B 372 47.76 -16.35 0.50
C SER B 372 47.03 -16.52 1.74
N MET B 373 46.28 -17.57 1.79
CA MET B 373 45.72 -17.96 3.10
C MET B 373 46.78 -18.21 4.18
N ASN B 374 47.60 -19.24 3.98
CA ASN B 374 48.57 -19.66 5.04
C ASN B 374 49.72 -20.49 4.44
N PRO B 375 50.92 -19.87 4.43
CA PRO B 375 52.02 -20.53 3.74
C PRO B 375 52.34 -21.82 4.39
N SER B 376 52.10 -21.94 5.72
CA SER B 376 52.55 -23.09 6.44
C SER B 376 51.79 -24.21 5.89
N ILE B 377 50.50 -24.07 5.64
CA ILE B 377 49.73 -25.18 5.03
C ILE B 377 50.54 -26.00 3.93
N LEU B 378 51.30 -25.25 3.07
CA LEU B 378 51.95 -25.78 1.88
C LEU B 378 53.31 -26.21 2.23
N GLU B 379 54.04 -25.40 2.99
CA GLU B 379 55.36 -25.75 3.42
C GLU B 379 55.36 -26.96 4.29
N ASP B 380 54.45 -27.12 5.24
CA ASP B 380 54.32 -28.36 6.01
C ASP B 380 53.96 -29.52 5.17
N TRP B 381 53.43 -29.36 3.95
CA TRP B 381 53.21 -30.59 3.21
C TRP B 381 54.38 -31.17 2.38
N ASN B 382 55.63 -30.96 2.84
CA ASN B 382 56.81 -31.62 2.22
C ASN B 382 58.04 -31.25 3.09
N PRO B 389 55.69 -22.01 16.86
CA PRO B 389 54.85 -21.09 16.05
C PRO B 389 53.91 -20.36 17.00
N LEU B 390 53.38 -21.09 17.96
CA LEU B 390 52.60 -20.50 19.08
C LEU B 390 53.38 -20.82 20.43
N LYS B 391 54.73 -20.77 20.34
CA LYS B 391 55.69 -21.03 21.43
C LYS B 391 55.56 -20.07 22.55
N ASN B 392 54.75 -19.02 22.42
CA ASN B 392 54.55 -18.09 23.52
C ASN B 392 53.19 -18.27 24.25
N TYR B 393 52.24 -18.92 23.59
CA TYR B 393 50.93 -19.16 24.16
C TYR B 393 50.87 -20.50 24.97
N THR B 394 50.02 -20.47 25.99
CA THR B 394 49.84 -21.61 26.81
C THR B 394 48.49 -22.30 26.74
N PHE B 395 48.46 -23.46 26.07
CA PHE B 395 47.32 -24.30 25.94
C PHE B 395 47.32 -25.57 26.72
N TRP B 396 46.16 -26.12 26.98
CA TRP B 396 46.06 -27.40 27.65
C TRP B 396 46.31 -28.33 26.54
N GLU B 397 47.54 -28.87 26.43
CA GLU B 397 47.86 -29.73 25.27
C GLU B 397 47.06 -31.04 25.21
N VAL B 398 46.51 -31.43 24.08
CA VAL B 398 45.82 -32.63 24.03
C VAL B 398 46.21 -33.44 22.85
N ASP B 399 46.93 -34.59 23.03
CA ASP B 399 47.43 -35.35 21.86
C ASP B 399 46.45 -36.42 21.46
N LEU B 400 45.94 -36.48 20.24
CA LEU B 400 45.00 -37.58 19.83
C LEU B 400 45.55 -38.42 18.69
N LYS B 401 46.84 -38.23 18.50
CA LYS B 401 47.55 -38.87 17.46
C LYS B 401 47.37 -40.38 17.44
N GLU B 402 47.40 -40.94 18.64
CA GLU B 402 47.07 -42.32 18.87
C GLU B 402 45.62 -42.59 19.33
N LYS B 403 44.77 -41.58 19.31
CA LYS B 403 43.43 -41.82 19.70
C LYS B 403 42.43 -41.91 18.56
N PHE B 404 42.90 -42.33 17.38
CA PHE B 404 41.91 -42.41 16.30
C PHE B 404 41.40 -43.83 16.05
N SER B 405 40.09 -44.02 15.85
CA SER B 405 39.54 -45.28 15.49
C SER B 405 38.53 -45.08 14.38
N ALA B 406 38.38 -46.00 13.47
CA ALA B 406 37.43 -45.99 12.44
C ALA B 406 36.25 -46.86 12.75
N ASP B 407 36.22 -47.40 13.95
CA ASP B 407 35.06 -48.24 14.41
C ASP B 407 34.14 -47.46 15.22
N LEU B 408 33.48 -46.56 14.51
CA LEU B 408 32.65 -45.61 15.11
C LEU B 408 31.65 -46.19 16.09
N ASP B 409 31.03 -47.33 15.67
CA ASP B 409 30.19 -48.18 16.60
C ASP B 409 30.59 -48.36 18.14
N GLN B 410 31.89 -48.67 18.39
CA GLN B 410 32.40 -48.67 19.75
C GLN B 410 32.26 -47.45 20.72
N PHE B 411 31.78 -46.30 20.22
CA PHE B 411 31.62 -45.00 21.01
C PHE B 411 30.33 -44.32 20.84
N PRO B 412 29.84 -43.81 21.95
CA PRO B 412 28.54 -43.24 21.95
C PRO B 412 28.42 -42.21 20.83
N LEU B 413 29.31 -41.16 20.85
CA LEU B 413 29.40 -40.16 19.83
C LEU B 413 29.31 -40.81 18.52
N GLY B 414 30.23 -41.67 18.25
CA GLY B 414 30.18 -42.27 16.99
C GLY B 414 28.95 -43.03 16.70
N ARG B 415 28.35 -43.67 17.72
CA ARG B 415 27.06 -44.40 17.51
C ARG B 415 26.01 -43.37 16.96
N LYS B 416 25.98 -42.25 17.68
CA LYS B 416 25.12 -41.15 17.49
C LYS B 416 25.32 -40.67 15.99
N PHE B 417 26.59 -40.42 15.61
CA PHE B 417 26.82 -39.97 14.32
C PHE B 417 26.21 -40.86 13.31
N LEU B 418 26.55 -42.11 13.32
CA LEU B 418 25.99 -43.03 12.35
C LEU B 418 24.51 -42.80 12.24
N LEU B 419 23.86 -42.89 13.41
CA LEU B 419 22.50 -42.83 13.54
C LEU B 419 22.03 -41.48 12.94
N GLN B 420 22.50 -40.35 13.50
CA GLN B 420 22.11 -38.97 13.01
C GLN B 420 22.42 -38.69 11.57
N ALA B 421 23.56 -39.07 11.11
CA ALA B 421 23.78 -38.77 9.75
C ALA B 421 22.93 -39.72 8.89
N GLY B 422 22.22 -40.67 9.55
CA GLY B 422 21.34 -41.63 8.83
C GLY B 422 22.11 -42.90 8.39
N LEU B 423 22.41 -43.00 7.07
CA LEU B 423 23.26 -44.15 6.49
C LEU B 423 24.76 -44.12 6.92
N ALA C 1 35.54 -57.50 19.57
CA ALA C 1 34.93 -56.10 19.26
C ALA C 1 33.49 -56.16 19.76
N VAL C 2 33.11 -55.35 20.74
CA VAL C 2 31.72 -55.37 21.26
C VAL C 2 30.52 -55.22 20.22
N VAL C 3 29.43 -55.90 20.46
CA VAL C 3 28.39 -55.76 19.47
C VAL C 3 26.97 -55.59 20.00
N SER C 4 25.94 -55.16 19.27
CA SER C 4 24.64 -54.96 19.91
C SER C 4 23.97 -56.34 20.19
N THR C 5 23.29 -56.46 21.33
CA THR C 5 22.62 -57.65 21.65
C THR C 5 21.56 -57.84 20.61
N ASP C 6 21.17 -56.80 19.88
CA ASP C 6 20.29 -57.05 18.76
C ASP C 6 21.00 -58.14 17.89
N GLU C 7 22.32 -58.25 17.94
CA GLU C 7 22.93 -59.14 17.02
C GLU C 7 22.98 -60.63 17.39
N TYR C 8 22.46 -61.01 18.61
CA TYR C 8 22.51 -62.41 19.13
C TYR C 8 21.43 -62.69 20.11
N VAL C 9 20.48 -61.78 20.14
CA VAL C 9 19.31 -62.02 20.99
C VAL C 9 17.97 -61.80 20.27
N THR C 10 17.18 -62.87 20.09
CA THR C 10 15.87 -62.79 19.47
C THR C 10 14.79 -62.28 20.30
N ARG C 11 13.86 -61.58 19.69
CA ARG C 11 12.79 -60.93 20.50
C ARG C 11 11.57 -61.75 20.13
N THR C 12 10.51 -61.67 20.95
CA THR C 12 9.32 -62.54 20.90
C THR C 12 8.21 -61.55 21.25
N ASN C 13 7.04 -61.86 20.74
CA ASN C 13 5.87 -61.20 21.09
C ASN C 13 5.34 -61.31 22.45
N ILE C 14 6.19 -61.60 23.44
CA ILE C 14 5.68 -62.00 24.78
C ILE C 14 5.96 -60.90 25.81
N TYR C 15 4.91 -60.39 26.39
CA TYR C 15 5.25 -59.37 27.35
C TYR C 15 4.71 -59.67 28.79
N TYR C 16 5.43 -59.23 29.81
CA TYR C 16 4.90 -59.43 31.14
C TYR C 16 5.11 -58.19 31.94
N HIS C 17 4.06 -57.78 32.67
CA HIS C 17 4.07 -56.69 33.65
C HIS C 17 4.72 -57.24 34.93
N ALA C 18 5.26 -56.43 35.76
CA ALA C 18 5.95 -56.94 36.91
C ALA C 18 5.78 -55.71 37.79
N GLY C 19 5.31 -55.85 39.04
CA GLY C 19 5.41 -54.64 39.94
C GLY C 19 5.60 -54.90 41.44
N SER C 20 6.56 -54.20 42.08
CA SER C 20 6.75 -54.30 43.50
C SER C 20 5.54 -53.69 44.24
N SER C 21 5.17 -54.24 45.34
CA SER C 21 4.09 -53.68 46.10
C SER C 21 4.64 -52.33 46.54
N ARG C 22 3.92 -51.73 47.50
CA ARG C 22 4.37 -50.37 47.96
C ARG C 22 5.67 -50.48 48.81
N LEU C 23 6.68 -49.63 48.54
CA LEU C 23 7.92 -49.68 49.30
C LEU C 23 7.99 -48.40 50.10
N LEU C 24 7.98 -48.59 51.39
CA LEU C 24 8.01 -47.46 52.27
C LEU C 24 9.34 -47.52 52.98
N ALA C 25 9.68 -46.49 53.73
CA ALA C 25 10.95 -46.36 54.38
C ALA C 25 10.69 -45.28 55.36
N VAL C 26 10.96 -45.38 56.64
CA VAL C 26 10.73 -44.21 57.49
C VAL C 26 11.85 -44.03 58.43
N GLY C 27 12.26 -42.88 58.86
CA GLY C 27 13.55 -43.01 59.55
C GLY C 27 13.91 -41.68 60.16
N HIS C 28 15.12 -41.57 60.70
CA HIS C 28 15.69 -40.24 61.01
C HIS C 28 16.42 -39.69 59.77
N PRO C 29 16.29 -38.32 59.44
CA PRO C 29 16.96 -37.72 58.26
C PRO C 29 18.41 -37.45 58.39
N TYR C 30 18.91 -37.24 59.59
CA TYR C 30 20.28 -36.96 59.77
C TYR C 30 21.21 -38.10 59.97
N TYR C 31 20.88 -38.95 60.97
CA TYR C 31 21.68 -40.12 61.46
C TYR C 31 20.80 -41.17 61.97
N ALA C 32 21.38 -42.32 62.17
CA ALA C 32 20.72 -43.55 62.68
C ALA C 32 20.60 -43.56 64.17
N ILE C 33 19.45 -43.98 64.61
CA ILE C 33 19.09 -44.12 66.02
C ILE C 33 19.19 -45.60 66.48
N LYS C 34 20.36 -46.01 66.94
CA LYS C 34 20.58 -47.37 67.33
C LYS C 34 20.20 -47.45 68.78
N LYS C 35 19.93 -48.70 69.24
CA LYS C 35 19.75 -48.98 70.70
C LYS C 35 20.78 -48.18 71.53
N GLN C 36 20.34 -47.76 72.73
CA GLN C 36 21.09 -46.91 73.65
C GLN C 36 22.39 -47.61 74.10
N ASP C 37 22.31 -48.97 74.14
CA ASP C 37 23.42 -49.86 74.60
C ASP C 37 24.02 -50.68 73.49
N SER C 38 23.10 -51.38 72.79
CA SER C 38 23.45 -52.13 71.64
C SER C 38 23.86 -51.22 70.46
N ASN C 39 24.47 -51.80 69.45
CA ASN C 39 24.84 -51.03 68.32
C ASN C 39 24.04 -51.59 67.16
N LYS C 40 22.90 -52.19 67.45
CA LYS C 40 21.98 -52.63 66.42
C LYS C 40 21.00 -51.45 65.97
N ILE C 41 20.67 -51.34 64.66
CA ILE C 41 19.88 -50.12 64.22
C ILE C 41 18.42 -50.26 64.70
N ALA C 42 17.83 -49.26 65.40
CA ALA C 42 16.37 -49.34 65.79
C ALA C 42 15.56 -48.68 64.76
N VAL C 43 16.03 -47.46 64.40
CA VAL C 43 15.39 -46.56 63.49
C VAL C 43 16.44 -46.20 62.49
N PRO C 44 16.35 -46.64 61.21
CA PRO C 44 17.45 -46.27 60.25
C PRO C 44 17.29 -44.80 59.84
N LYS C 45 18.13 -44.50 58.86
CA LYS C 45 18.31 -43.16 58.29
C LYS C 45 17.74 -43.17 56.96
N VAL C 46 16.60 -42.60 56.86
CA VAL C 46 15.94 -42.45 55.61
C VAL C 46 15.84 -40.91 55.54
N SER C 47 16.84 -40.42 54.74
CA SER C 47 16.88 -38.98 54.20
C SER C 47 16.41 -38.79 52.71
N GLY C 48 15.97 -37.55 52.27
CA GLY C 48 15.60 -37.27 50.86
C GLY C 48 16.82 -37.16 49.96
N LEU C 49 17.93 -36.96 50.63
CA LEU C 49 19.19 -36.83 50.02
C LEU C 49 20.03 -38.11 49.86
N GLN C 50 19.31 -39.21 49.74
CA GLN C 50 19.92 -40.56 49.65
C GLN C 50 19.68 -41.28 48.33
N TYR C 51 20.65 -42.13 47.89
CA TYR C 51 20.42 -42.89 46.64
C TYR C 51 19.38 -44.06 46.90
N ARG C 52 18.74 -44.49 45.83
CA ARG C 52 17.97 -45.65 45.95
C ARG C 52 18.46 -46.66 44.96
N VAL C 53 19.42 -47.45 45.39
CA VAL C 53 19.80 -48.51 44.44
C VAL C 53 18.92 -49.74 44.73
N PHE C 54 18.00 -50.10 43.87
CA PHE C 54 17.11 -51.16 44.03
C PHE C 54 17.66 -52.26 43.12
N ARG C 55 17.68 -53.49 43.74
CA ARG C 55 18.07 -54.63 43.07
C ARG C 55 16.84 -55.38 42.80
N VAL C 56 16.39 -55.37 41.57
CA VAL C 56 15.12 -55.96 41.25
C VAL C 56 15.50 -57.37 40.89
N LYS C 57 14.85 -58.40 41.47
CA LYS C 57 15.23 -59.78 41.11
C LYS C 57 14.13 -60.30 40.24
N LEU C 58 14.51 -60.92 39.16
CA LEU C 58 13.45 -61.44 38.29
C LEU C 58 13.31 -63.01 38.19
N PRO C 59 12.08 -63.56 38.04
CA PRO C 59 11.98 -64.97 37.87
C PRO C 59 12.88 -65.41 36.68
N ASP C 60 13.48 -66.62 36.77
CA ASP C 60 14.31 -67.08 35.70
C ASP C 60 13.48 -67.68 34.63
N PRO C 61 13.34 -67.02 33.51
CA PRO C 61 12.39 -67.52 32.50
C PRO C 61 12.62 -68.99 32.07
N ASN C 62 13.75 -69.57 32.45
CA ASN C 62 14.08 -70.92 32.02
C ASN C 62 13.47 -72.01 33.00
N LYS C 63 13.29 -71.64 34.25
CA LYS C 63 12.48 -72.45 35.12
C LYS C 63 11.02 -72.31 34.80
N PHE C 64 10.50 -71.11 34.53
CA PHE C 64 9.12 -70.80 34.06
C PHE C 64 8.85 -71.61 32.78
N GLY C 65 7.58 -71.84 32.41
CA GLY C 65 7.34 -72.79 31.32
C GLY C 65 6.54 -71.86 30.49
N PHE C 66 6.71 -71.90 29.17
CA PHE C 66 5.88 -71.02 28.29
C PHE C 66 5.12 -71.75 27.18
N PRO C 67 3.99 -71.12 26.67
CA PRO C 67 3.15 -71.71 25.56
C PRO C 67 3.60 -71.38 24.11
N ASP C 68 4.09 -70.14 23.94
CA ASP C 68 4.46 -69.72 22.64
C ASP C 68 5.87 -70.09 22.44
N THR C 69 6.40 -70.78 23.45
CA THR C 69 7.71 -71.52 23.40
C THR C 69 7.54 -73.02 22.92
N SER C 70 7.06 -73.12 21.67
CA SER C 70 6.88 -74.36 20.94
C SER C 70 8.02 -74.58 19.81
N PHE C 71 8.30 -73.45 19.02
CA PHE C 71 9.47 -73.31 18.01
C PHE C 71 10.73 -72.75 18.72
N TYR C 72 10.97 -73.27 19.95
CA TYR C 72 12.17 -73.09 20.86
C TYR C 72 12.75 -74.40 21.37
N ASP C 73 14.04 -74.47 21.44
CA ASP C 73 14.64 -75.71 21.79
C ASP C 73 15.50 -75.43 23.03
N PRO C 74 15.01 -75.96 24.23
CA PRO C 74 15.67 -75.75 25.55
C PRO C 74 17.10 -76.35 25.63
N ALA C 75 17.31 -77.31 24.77
CA ALA C 75 18.63 -77.90 24.65
C ALA C 75 19.82 -77.02 24.24
N SER C 76 19.60 -76.18 23.19
CA SER C 76 20.64 -75.21 22.55
C SER C 76 20.29 -73.71 22.80
N GLN C 77 19.01 -73.50 23.09
CA GLN C 77 18.58 -72.16 23.44
C GLN C 77 18.38 -71.76 24.92
N ARG C 78 18.46 -70.47 25.24
CA ARG C 78 18.05 -70.06 26.56
C ARG C 78 17.13 -68.75 26.47
N LEU C 79 16.64 -68.28 27.62
CA LEU C 79 15.97 -67.17 27.86
C LEU C 79 16.47 -66.01 28.86
N VAL C 80 16.35 -64.73 28.29
CA VAL C 80 16.64 -63.44 29.01
C VAL C 80 15.41 -62.67 29.14
N TRP C 81 15.34 -61.79 30.15
CA TRP C 81 14.24 -60.83 30.25
C TRP C 81 14.80 -59.43 29.81
N ALA C 82 14.13 -58.95 28.82
CA ALA C 82 14.54 -57.73 28.22
C ALA C 82 13.49 -56.71 28.77
N CYS C 83 14.00 -55.56 29.18
CA CYS C 83 13.23 -54.48 29.71
C CYS C 83 12.61 -53.57 28.61
N THR C 84 11.33 -53.21 28.78
CA THR C 84 10.60 -52.52 27.82
C THR C 84 10.13 -51.13 28.34
N GLY C 85 9.63 -51.08 29.57
CA GLY C 85 9.19 -49.84 30.14
C GLY C 85 9.32 -49.91 31.66
N VAL C 86 9.88 -48.86 32.22
CA VAL C 86 9.98 -48.73 33.66
C VAL C 86 9.12 -47.56 34.12
N GLU C 87 8.48 -47.70 35.25
CA GLU C 87 7.66 -46.60 35.69
C GLU C 87 7.97 -46.47 37.17
N VAL C 88 8.42 -45.33 37.67
CA VAL C 88 8.83 -45.26 39.08
C VAL C 88 7.85 -44.37 39.77
N GLY C 89 6.78 -44.93 40.23
CA GLY C 89 5.82 -44.19 41.00
C GLY C 89 6.41 -43.68 42.33
N ARG C 90 6.07 -42.42 42.75
CA ARG C 90 6.54 -41.91 44.10
C ARG C 90 5.31 -41.42 44.72
N GLY C 91 5.31 -41.19 46.02
CA GLY C 91 4.01 -40.77 46.61
C GLY C 91 4.64 -39.90 47.65
N GLN C 92 3.82 -39.46 48.55
CA GLN C 92 4.16 -38.36 49.44
C GLN C 92 4.10 -37.02 48.74
N PRO C 93 3.63 -36.00 49.51
CA PRO C 93 3.54 -34.67 48.94
C PRO C 93 4.96 -34.25 48.79
N LEU C 94 5.14 -33.43 47.73
CA LEU C 94 6.43 -32.80 47.37
C LEU C 94 6.73 -31.82 48.53
N GLY C 95 8.03 -31.58 48.88
CA GLY C 95 8.32 -30.70 50.04
C GLY C 95 9.82 -30.73 50.10
N VAL C 96 10.30 -30.14 51.15
CA VAL C 96 11.75 -29.90 51.01
C VAL C 96 12.31 -30.14 52.34
N GLY C 97 13.59 -30.52 52.40
CA GLY C 97 14.16 -30.87 53.68
C GLY C 97 15.13 -29.79 54.11
N ILE C 98 15.84 -29.95 55.24
CA ILE C 98 16.65 -28.92 55.83
C ILE C 98 17.72 -29.58 56.72
N SER C 99 18.97 -29.22 56.52
CA SER C 99 20.09 -29.84 57.22
C SER C 99 20.93 -28.85 57.95
N GLY C 100 21.31 -29.29 59.14
CA GLY C 100 22.06 -28.40 59.98
C GLY C 100 23.17 -29.11 60.79
N HIS C 101 23.78 -28.30 61.68
CA HIS C 101 24.87 -28.72 62.47
C HIS C 101 24.86 -27.73 63.62
N PRO C 102 24.81 -28.29 64.90
CA PRO C 102 24.70 -27.37 66.10
C PRO C 102 26.02 -26.66 66.21
N LEU C 103 27.06 -27.15 65.58
CA LEU C 103 28.34 -26.44 65.78
C LEU C 103 29.10 -26.44 64.39
N LEU C 104 28.40 -25.83 63.43
CA LEU C 104 28.89 -25.52 62.02
C LEU C 104 30.01 -24.48 62.02
N ASN C 105 31.06 -24.78 61.32
CA ASN C 105 32.16 -23.88 61.44
C ASN C 105 31.78 -22.74 60.54
N LYS C 106 31.29 -21.63 61.10
CA LYS C 106 30.86 -20.50 60.31
C LYS C 106 31.45 -19.38 61.07
N LEU C 107 32.45 -18.77 60.46
CA LEU C 107 33.12 -17.57 61.10
C LEU C 107 32.11 -16.42 61.14
N ASP C 108 31.92 -15.70 60.00
CA ASP C 108 31.11 -14.45 59.90
C ASP C 108 30.63 -14.33 58.48
N ASP C 109 29.63 -13.48 58.21
CA ASP C 109 28.89 -13.52 56.99
C ASP C 109 29.55 -12.49 56.11
N THR C 110 30.24 -12.97 55.08
CA THR C 110 30.99 -12.07 54.24
C THR C 110 30.29 -11.48 53.03
N GLU C 111 28.98 -11.66 53.00
CA GLU C 111 28.18 -11.13 51.89
C GLU C 111 27.98 -9.58 51.96
N ASN C 112 27.82 -9.09 53.18
CA ASN C 112 27.78 -7.68 53.41
C ASN C 112 28.13 -7.38 54.90
N SER C 113 29.33 -7.82 55.29
CA SER C 113 29.93 -7.64 56.66
C SER C 113 29.56 -6.28 57.05
N ASN C 114 29.54 -6.19 58.34
CA ASN C 114 29.26 -4.95 59.03
C ASN C 114 30.55 -4.09 59.00
N LYS C 115 31.63 -4.63 59.65
CA LYS C 115 32.96 -3.96 59.81
C LYS C 115 34.13 -5.04 59.67
N TYR C 116 35.13 -4.89 60.57
CA TYR C 116 36.29 -5.73 60.75
C TYR C 116 36.56 -5.72 62.21
N VAL C 117 36.28 -6.85 62.83
CA VAL C 117 36.57 -7.00 64.22
C VAL C 117 37.78 -7.88 64.37
N GLY C 118 38.54 -7.58 65.43
CA GLY C 118 39.87 -8.14 65.68
C GLY C 118 39.86 -9.63 65.59
N ASN C 119 41.06 -10.24 65.43
CA ASN C 119 41.20 -11.68 65.51
C ASN C 119 40.20 -12.35 66.59
N SER C 120 39.34 -13.31 66.18
CA SER C 120 38.41 -13.89 67.15
C SER C 120 39.25 -14.74 68.12
N GLY C 121 38.56 -15.67 68.79
CA GLY C 121 39.20 -16.62 69.72
C GLY C 121 39.07 -18.04 69.33
N THR C 122 38.65 -18.87 70.24
CA THR C 122 38.56 -20.31 69.91
C THR C 122 37.15 -20.78 69.81
N ASP C 123 36.82 -21.66 68.88
CA ASP C 123 35.44 -22.18 68.69
C ASP C 123 34.35 -21.13 68.49
N ASN C 124 34.30 -20.58 67.31
CA ASN C 124 33.22 -19.58 67.05
C ASN C 124 32.17 -20.29 66.21
N ARG C 125 32.11 -21.60 66.38
CA ARG C 125 31.19 -22.40 65.58
C ARG C 125 29.68 -21.92 65.86
N GLU C 126 28.65 -22.37 65.12
CA GLU C 126 27.22 -22.03 65.36
C GLU C 126 26.13 -22.91 64.67
N CYS C 127 24.97 -22.93 65.32
CA CYS C 127 23.94 -23.79 64.86
C CYS C 127 23.49 -23.18 63.62
N ILE C 128 23.53 -23.97 62.55
CA ILE C 128 23.10 -23.51 61.22
C ILE C 128 22.52 -24.58 60.29
N SER C 129 21.23 -24.37 60.05
CA SER C 129 20.62 -25.21 58.95
C SER C 129 20.50 -24.58 57.54
N MET C 130 19.97 -25.34 56.61
CA MET C 130 20.14 -24.93 55.28
C MET C 130 19.50 -25.91 54.33
N ASP C 131 18.83 -25.54 53.21
CA ASP C 131 18.25 -26.52 52.20
C ASP C 131 19.21 -26.79 51.03
N TYR C 132 19.44 -28.04 50.77
CA TYR C 132 20.50 -28.47 49.86
C TYR C 132 20.15 -28.30 48.39
N LYS C 133 21.16 -28.44 47.51
CA LYS C 133 20.97 -28.55 46.02
C LYS C 133 19.80 -29.47 45.59
N GLN C 134 19.07 -29.12 44.52
CA GLN C 134 17.98 -30.01 44.13
C GLN C 134 18.27 -30.98 42.99
N THR C 135 18.19 -32.29 43.34
CA THR C 135 18.40 -33.32 42.31
C THR C 135 17.39 -34.38 42.12
N GLN C 136 17.44 -34.98 40.93
CA GLN C 136 16.47 -35.90 40.57
C GLN C 136 17.15 -36.76 39.53
N LEU C 137 17.50 -37.98 39.92
CA LEU C 137 18.05 -38.91 38.88
C LEU C 137 17.32 -40.24 38.86
N CYS C 138 17.76 -41.12 37.95
CA CYS C 138 17.01 -42.21 37.75
C CYS C 138 17.80 -42.93 36.75
N LEU C 139 18.68 -43.85 37.26
CA LEU C 139 19.57 -44.71 36.33
C LEU C 139 18.93 -46.02 36.18
N ILE C 140 19.12 -46.70 35.06
CA ILE C 140 18.55 -47.98 34.90
C ILE C 140 19.59 -48.83 34.20
N GLY C 141 19.95 -49.95 34.85
CA GLY C 141 20.95 -50.84 34.29
C GLY C 141 20.82 -52.22 34.79
N CYS C 142 21.53 -53.15 34.18
CA CYS C 142 21.41 -54.52 34.67
C CYS C 142 22.70 -54.82 35.42
N ARG C 143 23.34 -53.76 35.80
CA ARG C 143 24.47 -53.80 36.67
C ARG C 143 24.44 -52.57 37.63
N PRO C 144 24.98 -52.69 38.89
CA PRO C 144 24.99 -51.50 39.75
C PRO C 144 25.83 -50.37 39.17
N PRO C 145 25.30 -49.19 39.24
CA PRO C 145 26.06 -48.07 38.67
C PRO C 145 27.26 -47.68 39.52
N ILE C 146 28.23 -47.00 38.89
CA ILE C 146 29.33 -46.40 39.65
C ILE C 146 29.14 -44.84 39.93
N GLY C 147 29.88 -44.26 40.91
CA GLY C 147 29.68 -42.92 41.44
C GLY C 147 31.16 -42.40 41.50
N GLU C 148 31.40 -41.09 41.36
CA GLU C 148 32.78 -40.54 41.48
C GLU C 148 32.77 -39.62 42.67
N HIS C 149 33.84 -39.54 43.48
CA HIS C 149 33.95 -38.65 44.72
C HIS C 149 35.42 -38.43 44.99
N TRP C 150 35.68 -37.32 45.68
CA TRP C 150 37.03 -36.92 45.77
C TRP C 150 37.53 -37.50 47.11
N GLY C 151 38.55 -38.36 47.08
CA GLY C 151 39.06 -38.90 48.25
C GLY C 151 40.45 -38.47 48.57
N LYS C 152 41.00 -38.88 49.70
CA LYS C 152 42.33 -38.50 50.13
C LYS C 152 43.38 -39.34 49.38
N GLY C 153 44.35 -38.81 48.69
CA GLY C 153 45.13 -39.66 47.88
C GLY C 153 46.38 -39.76 48.61
N THR C 154 47.07 -40.86 48.24
CA THR C 154 48.47 -41.32 48.70
C THR C 154 49.59 -40.47 48.05
N PRO C 155 50.48 -39.84 48.89
CA PRO C 155 51.64 -39.04 48.37
C PRO C 155 52.68 -39.83 47.50
N SER C 156 53.54 -39.12 46.73
CA SER C 156 54.58 -39.77 45.93
C SER C 156 55.82 -40.04 46.78
N ASN C 157 56.76 -40.81 46.21
CA ASN C 157 58.09 -40.93 46.79
C ASN C 157 58.84 -39.54 47.03
N ALA C 158 58.65 -38.95 48.22
CA ALA C 158 59.35 -37.70 48.59
C ALA C 158 59.21 -37.52 50.10
N ASN C 159 58.64 -36.37 50.45
CA ASN C 159 58.50 -35.90 51.86
C ASN C 159 57.26 -36.53 52.53
N GLN C 160 57.34 -36.65 53.87
CA GLN C 160 56.16 -37.08 54.68
C GLN C 160 55.05 -36.00 54.92
N VAL C 161 53.81 -36.29 54.50
CA VAL C 161 52.75 -35.31 54.64
C VAL C 161 52.24 -35.29 56.09
N LYS C 162 53.05 -34.67 56.95
CA LYS C 162 52.83 -34.59 58.39
C LYS C 162 51.49 -34.00 58.60
N ALA C 163 51.07 -33.89 59.86
CA ALA C 163 49.72 -33.41 60.15
C ALA C 163 49.61 -31.87 59.99
N GLY C 164 48.49 -31.46 59.35
CA GLY C 164 48.13 -30.05 59.14
C GLY C 164 48.04 -29.74 57.69
N GLU C 165 48.99 -30.18 56.93
CA GLU C 165 49.03 -30.12 55.56
C GLU C 165 47.81 -30.63 54.86
N CYS C 166 47.79 -30.43 53.56
CA CYS C 166 46.65 -30.69 52.71
C CYS C 166 46.93 -31.89 51.89
N PRO C 167 46.25 -32.92 52.20
CA PRO C 167 46.46 -34.14 51.45
C PRO C 167 46.16 -34.01 50.00
N PRO C 168 46.93 -34.63 49.06
CA PRO C 168 46.47 -34.56 47.63
C PRO C 168 45.11 -35.35 47.41
N LEU C 169 44.27 -34.85 46.52
CA LEU C 169 43.02 -35.45 46.36
C LEU C 169 43.15 -36.49 45.28
N GLU C 170 42.18 -37.40 45.24
CA GLU C 170 42.10 -38.36 44.15
C GLU C 170 40.67 -38.66 43.76
N LEU C 171 40.46 -38.90 42.51
CA LEU C 171 39.07 -39.04 42.13
C LEU C 171 38.89 -40.46 42.11
N LEU C 172 37.94 -40.91 42.91
CA LEU C 172 37.75 -42.45 43.11
C LEU C 172 36.38 -43.00 42.60
N ASN C 173 36.42 -44.14 41.90
CA ASN C 173 35.22 -44.84 41.54
C ASN C 173 34.67 -45.72 42.64
N THR C 174 33.36 -45.79 42.71
CA THR C 174 32.64 -46.47 43.71
C THR C 174 31.27 -46.99 43.30
N VAL C 175 30.88 -48.14 43.88
CA VAL C 175 29.60 -48.70 43.52
C VAL C 175 28.44 -47.91 44.21
N LEU C 176 27.59 -47.08 43.52
CA LEU C 176 26.38 -46.57 44.26
C LEU C 176 25.55 -47.65 45.03
N GLN C 177 25.33 -47.49 46.34
CA GLN C 177 24.57 -48.56 47.14
C GLN C 177 23.51 -47.85 47.93
N ASP C 178 22.35 -48.47 48.00
CA ASP C 178 21.23 -47.83 48.68
C ASP C 178 21.69 -47.14 49.96
N GLY C 179 21.34 -45.86 50.03
CA GLY C 179 21.54 -45.12 51.25
C GLY C 179 22.84 -44.34 51.24
N ASP C 180 23.59 -44.28 50.12
CA ASP C 180 24.59 -43.20 49.90
C ASP C 180 24.07 -41.70 49.85
N MET C 181 25.00 -40.81 49.94
CA MET C 181 24.58 -39.52 49.85
C MET C 181 24.89 -38.83 48.51
N VAL C 182 23.89 -38.09 47.91
CA VAL C 182 24.18 -37.25 46.68
C VAL C 182 24.96 -36.11 47.13
N ASP C 183 25.61 -35.45 46.15
CA ASP C 183 26.31 -34.19 46.41
C ASP C 183 25.20 -33.17 46.85
N THR C 184 25.46 -32.43 47.93
CA THR C 184 24.41 -31.49 48.41
C THR C 184 24.60 -29.93 48.10
N GLY C 185 25.74 -29.60 47.43
CA GLY C 185 26.02 -28.31 47.15
C GLY C 185 27.35 -28.08 47.68
N PHE C 186 27.89 -29.10 48.32
CA PHE C 186 29.27 -29.01 48.79
C PHE C 186 30.28 -29.87 48.03
N GLY C 187 29.93 -30.27 46.81
CA GLY C 187 30.90 -31.13 46.08
C GLY C 187 30.73 -32.60 46.45
N ALA C 188 31.36 -33.40 45.64
CA ALA C 188 31.18 -34.82 45.77
C ALA C 188 32.45 -35.38 46.45
N MET C 189 32.54 -35.36 47.78
CA MET C 189 33.80 -35.85 48.38
C MET C 189 33.58 -36.84 49.55
N ASP C 190 34.65 -37.02 50.35
CA ASP C 190 34.69 -37.90 51.53
C ASP C 190 34.95 -36.97 52.66
N PHE C 191 33.86 -36.67 53.34
CA PHE C 191 33.84 -35.66 54.33
C PHE C 191 34.59 -36.03 55.65
N THR C 192 34.62 -37.36 55.90
CA THR C 192 35.22 -37.97 57.09
C THR C 192 36.72 -37.93 57.00
N THR C 193 37.28 -38.37 55.85
CA THR C 193 38.75 -38.24 55.69
C THR C 193 39.33 -36.81 55.22
N LEU C 194 38.54 -36.05 54.45
CA LEU C 194 38.95 -34.70 54.04
C LEU C 194 38.67 -33.53 54.97
N GLN C 195 37.77 -33.73 55.91
CA GLN C 195 37.42 -32.73 56.83
C GLN C 195 37.64 -33.18 58.30
N ALA C 196 38.97 -33.26 58.74
CA ALA C 196 39.32 -33.25 60.14
C ALA C 196 38.20 -32.73 61.12
N ASN C 197 38.09 -31.48 61.42
CA ASN C 197 37.09 -30.93 62.40
C ASN C 197 35.62 -31.48 62.41
N LYS C 198 35.23 -32.22 61.40
CA LYS C 198 33.85 -32.77 61.39
C LYS C 198 32.82 -31.72 61.89
N SER C 199 32.95 -30.51 61.32
CA SER C 199 32.18 -29.36 61.87
C SER C 199 31.75 -28.36 60.84
N ASP C 200 32.26 -28.57 59.61
CA ASP C 200 31.83 -27.59 58.57
C ASP C 200 30.83 -28.12 57.47
N VAL C 201 29.87 -28.98 57.87
CA VAL C 201 28.82 -29.42 56.98
C VAL C 201 27.77 -30.09 57.77
N PRO C 202 26.50 -29.97 57.38
CA PRO C 202 25.49 -30.60 58.29
C PRO C 202 25.72 -32.09 58.57
N LEU C 203 25.11 -32.59 59.63
CA LEU C 203 25.33 -34.02 60.25
C LEU C 203 25.11 -35.10 59.27
N ASP C 204 24.09 -34.87 58.40
CA ASP C 204 23.80 -35.86 57.38
C ASP C 204 24.89 -36.18 56.31
N ILE C 205 25.95 -35.37 56.25
CA ILE C 205 26.94 -35.70 55.36
C ILE C 205 28.30 -35.52 55.98
N CYS C 206 28.39 -34.97 57.19
CA CYS C 206 29.73 -34.63 57.75
C CYS C 206 30.64 -35.80 58.05
N SER C 207 30.10 -37.03 58.16
CA SER C 207 30.99 -38.20 58.33
C SER C 207 30.66 -39.18 57.27
N SER C 208 30.43 -38.75 56.04
CA SER C 208 30.07 -39.70 54.98
C SER C 208 30.60 -39.32 53.63
N ILE C 209 30.11 -40.04 52.66
CA ILE C 209 30.53 -39.70 51.34
C ILE C 209 29.40 -39.24 50.45
N CYS C 210 29.50 -38.03 49.83
CA CYS C 210 28.48 -37.56 48.84
C CYS C 210 29.08 -38.05 47.57
N LYS C 211 28.29 -38.79 46.79
CA LYS C 211 28.80 -39.38 45.53
C LYS C 211 28.09 -38.75 44.36
N TYR C 212 28.58 -38.87 43.11
CA TYR C 212 27.91 -38.18 41.96
C TYR C 212 28.08 -39.11 40.80
N PRO C 213 27.00 -39.48 40.16
CA PRO C 213 27.08 -40.56 39.10
C PRO C 213 28.18 -40.43 38.16
N ASP C 214 28.99 -41.40 37.93
CA ASP C 214 30.13 -41.11 37.05
C ASP C 214 29.68 -41.46 35.61
N TYR C 215 28.83 -40.52 35.05
CA TYR C 215 28.10 -40.67 33.83
C TYR C 215 29.13 -40.75 32.73
N LEU C 216 30.31 -40.16 32.98
CA LEU C 216 31.23 -40.16 31.90
C LEU C 216 31.77 -41.56 31.54
N LYS C 217 32.05 -42.29 32.64
CA LYS C 217 32.48 -43.68 32.58
C LYS C 217 31.42 -44.65 32.17
N MET C 218 30.35 -44.76 32.98
CA MET C 218 29.15 -45.52 32.56
C MET C 218 28.73 -45.46 31.15
N VAL C 219 28.96 -44.31 30.48
CA VAL C 219 28.43 -44.09 29.18
C VAL C 219 29.42 -44.76 28.34
N SER C 220 30.69 -44.60 28.72
CA SER C 220 31.78 -45.15 27.88
C SER C 220 32.05 -46.61 27.92
N GLU C 221 31.62 -47.29 29.00
CA GLU C 221 31.90 -48.70 29.16
C GLU C 221 31.44 -49.44 27.84
N PRO C 222 32.27 -50.33 27.33
CA PRO C 222 32.07 -51.01 26.02
C PRO C 222 30.74 -51.78 25.92
N TYR C 223 30.38 -52.60 26.90
CA TYR C 223 29.15 -53.41 26.80
C TYR C 223 27.89 -52.58 27.18
N GLY C 224 28.16 -51.61 28.05
CA GLY C 224 27.13 -50.79 28.63
C GLY C 224 25.95 -51.52 29.25
N ASP C 225 26.22 -51.94 30.50
CA ASP C 225 25.23 -52.76 31.23
C ASP C 225 24.95 -51.92 32.41
N MET C 226 25.91 -51.05 32.61
CA MET C 226 25.94 -50.36 33.76
C MET C 226 24.73 -49.44 33.74
N LEU C 227 24.35 -48.94 32.60
CA LEU C 227 23.15 -48.09 32.54
C LEU C 227 22.75 -48.03 31.07
N PHE C 228 21.46 -48.24 30.77
CA PHE C 228 20.98 -48.08 29.40
C PHE C 228 19.88 -47.16 29.32
N PHE C 229 19.80 -46.33 30.32
CA PHE C 229 18.84 -45.28 30.36
C PHE C 229 19.22 -44.33 31.54
N TYR C 230 19.02 -43.00 31.44
CA TYR C 230 19.21 -42.23 32.64
C TYR C 230 18.57 -40.88 32.49
N LEU C 231 18.40 -40.18 33.61
CA LEU C 231 17.70 -38.99 33.65
C LEU C 231 18.05 -38.16 34.82
N ARG C 232 18.85 -37.10 34.56
CA ARG C 232 19.23 -36.21 35.66
C ARG C 232 18.52 -34.88 35.64
N ARG C 233 18.31 -34.27 36.82
CA ARG C 233 17.68 -33.01 36.96
C ARG C 233 18.19 -32.26 38.22
N GLU C 234 19.31 -31.58 38.10
CA GLU C 234 19.78 -30.83 39.23
C GLU C 234 19.75 -29.25 39.06
N GLN C 235 19.92 -28.54 40.21
CA GLN C 235 19.69 -27.24 40.19
C GLN C 235 19.84 -26.51 41.48
N MET C 236 20.87 -25.64 41.58
CA MET C 236 20.98 -24.88 42.86
C MET C 236 21.54 -23.48 42.65
N PHE C 237 21.57 -22.75 43.77
CA PHE C 237 22.06 -21.42 43.88
C PHE C 237 22.68 -20.94 45.27
N VAL C 238 23.31 -19.80 45.27
CA VAL C 238 24.01 -19.46 46.46
C VAL C 238 23.15 -18.69 47.41
N ARG C 239 22.67 -19.40 48.40
CA ARG C 239 21.81 -18.74 49.39
C ARG C 239 22.62 -17.73 50.18
N HIS C 240 23.72 -18.19 50.80
CA HIS C 240 24.56 -17.28 51.57
C HIS C 240 26.00 -17.41 51.23
N LEU C 241 26.85 -16.62 51.90
CA LEU C 241 28.23 -16.61 51.53
C LEU C 241 28.99 -16.47 52.89
N PHE C 242 29.74 -17.57 53.37
CA PHE C 242 30.37 -17.53 54.61
C PHE C 242 31.87 -17.53 54.59
N ASN C 243 32.46 -17.12 55.74
CA ASN C 243 33.85 -17.33 56.02
C ASN C 243 34.11 -18.64 56.92
N ARG C 244 35.17 -19.46 56.71
CA ARG C 244 35.41 -20.61 57.60
C ARG C 244 36.24 -19.94 58.74
N ALA C 245 36.34 -20.62 59.94
CA ALA C 245 37.12 -20.20 61.14
C ALA C 245 38.23 -21.21 61.21
N GLY C 246 39.33 -20.84 61.85
CA GLY C 246 40.57 -21.61 62.02
C GLY C 246 41.68 -21.32 61.01
N THR C 247 42.91 -21.71 61.29
CA THR C 247 44.04 -21.16 60.51
C THR C 247 44.02 -21.52 59.00
N VAL C 248 44.43 -20.53 58.20
CA VAL C 248 44.51 -20.75 56.81
C VAL C 248 45.77 -21.46 56.28
N GLY C 249 45.63 -22.70 55.84
CA GLY C 249 46.84 -23.45 55.35
C GLY C 249 47.63 -22.72 54.31
N GLU C 250 47.09 -22.60 53.14
CA GLU C 250 47.84 -21.92 52.14
C GLU C 250 47.63 -20.44 52.35
N THR C 251 48.57 -19.74 52.97
CA THR C 251 48.47 -18.27 53.09
C THR C 251 48.46 -17.41 51.85
N VAL C 252 47.80 -16.26 51.90
CA VAL C 252 47.68 -15.36 50.72
C VAL C 252 49.01 -14.76 50.33
N PRO C 253 49.22 -14.66 49.00
CA PRO C 253 50.48 -14.05 48.47
C PRO C 253 50.45 -12.66 48.72
N ALA C 254 51.33 -12.21 49.50
CA ALA C 254 51.33 -10.85 49.84
C ALA C 254 51.45 -9.86 48.63
N ASP C 255 51.71 -10.33 47.41
CA ASP C 255 51.87 -9.34 46.35
C ASP C 255 50.52 -9.23 45.72
N LEU C 256 49.48 -9.64 46.40
CA LEU C 256 48.19 -9.60 45.78
C LEU C 256 47.32 -8.62 46.40
N TYR C 257 47.79 -8.01 47.43
CA TYR C 257 46.96 -7.13 48.24
C TYR C 257 47.89 -6.14 48.94
N ILE C 258 47.40 -4.92 49.19
CA ILE C 258 48.34 -3.97 49.80
C ILE C 258 48.37 -4.10 51.36
N LYS C 259 49.56 -4.31 52.00
CA LYS C 259 49.67 -4.27 53.51
C LYS C 259 48.79 -3.27 54.28
N GLY C 260 47.65 -3.82 54.70
CA GLY C 260 46.70 -3.07 55.49
C GLY C 260 47.20 -3.09 56.91
N THR C 261 47.50 -1.88 57.43
CA THR C 261 47.89 -1.71 58.85
C THR C 261 46.88 -2.37 59.77
N THR C 262 47.33 -2.92 60.90
CA THR C 262 46.34 -3.49 61.82
C THR C 262 45.73 -4.74 61.25
N GLY C 263 46.28 -5.94 61.49
CA GLY C 263 45.55 -7.11 61.03
C GLY C 263 46.42 -8.29 60.76
N THR C 264 45.81 -9.45 60.96
CA THR C 264 46.52 -10.68 60.60
C THR C 264 45.83 -11.18 59.35
N LEU C 265 45.09 -10.33 58.68
CA LEU C 265 44.51 -10.74 57.42
C LEU C 265 43.35 -11.66 57.72
N PRO C 266 42.10 -11.19 57.43
CA PRO C 266 40.92 -12.01 57.75
C PRO C 266 40.87 -13.34 56.93
N SER C 267 40.00 -14.21 57.34
CA SER C 267 39.84 -15.54 56.76
C SER C 267 39.45 -15.43 55.33
N THR C 268 40.10 -16.16 54.47
CA THR C 268 39.83 -16.10 53.05
C THR C 268 39.31 -17.43 52.62
N SER C 269 38.90 -18.21 53.61
CA SER C 269 38.38 -19.59 53.27
C SER C 269 36.85 -19.42 53.21
N TYR C 270 36.38 -19.09 52.03
CA TYR C 270 35.00 -18.70 51.90
C TYR C 270 34.28 -20.00 51.44
N PHE C 271 32.94 -20.02 51.64
CA PHE C 271 32.09 -21.16 51.27
C PHE C 271 30.64 -20.62 51.21
N PRO C 272 29.85 -21.23 50.38
CA PRO C 272 28.47 -20.88 50.28
C PRO C 272 27.44 -21.87 50.85
N THR C 273 26.18 -21.48 51.06
CA THR C 273 24.99 -22.28 51.55
C THR C 273 24.21 -22.46 50.27
N PRO C 274 24.09 -23.66 49.82
CA PRO C 274 23.30 -23.83 48.57
C PRO C 274 21.81 -23.60 48.82
N SER C 275 20.95 -23.91 47.84
CA SER C 275 19.51 -23.70 47.94
C SER C 275 19.09 -24.24 46.65
N GLY C 276 18.10 -25.12 46.79
CA GLY C 276 17.52 -25.86 45.69
C GLY C 276 16.37 -25.08 45.19
N SER C 277 16.18 -24.00 45.87
CA SER C 277 15.13 -23.19 45.50
C SER C 277 13.81 -23.96 45.45
N MET C 278 13.26 -24.29 44.31
CA MET C 278 11.86 -24.53 44.46
C MET C 278 11.45 -25.78 43.75
N VAL C 279 10.51 -26.50 44.35
CA VAL C 279 10.13 -27.87 43.77
C VAL C 279 8.78 -27.53 43.12
N THR C 280 8.48 -28.27 41.99
CA THR C 280 7.21 -28.09 41.30
C THR C 280 6.84 -29.38 40.57
N SER C 281 5.54 -29.66 40.63
CA SER C 281 5.04 -30.86 39.97
C SER C 281 5.55 -30.83 38.56
N ASP C 282 5.78 -29.62 38.01
CA ASP C 282 6.17 -29.55 36.58
C ASP C 282 7.53 -29.95 36.25
N ALA C 283 8.38 -29.94 37.27
CA ALA C 283 9.79 -30.23 37.07
C ALA C 283 9.87 -31.75 37.13
N GLN C 284 8.84 -32.38 37.76
CA GLN C 284 8.81 -33.79 37.97
C GLN C 284 9.26 -34.68 36.89
N ILE C 285 10.17 -35.58 37.36
CA ILE C 285 10.90 -36.51 36.46
C ILE C 285 10.21 -37.76 36.61
N PHE C 286 9.53 -37.99 37.73
CA PHE C 286 9.00 -39.40 38.08
C PHE C 286 7.50 -39.61 37.71
N ASN C 287 6.94 -40.76 38.09
CA ASN C 287 5.57 -41.05 37.82
C ASN C 287 5.13 -41.00 36.37
N LYS C 288 6.07 -41.12 35.42
CA LYS C 288 5.72 -41.18 34.04
C LYS C 288 6.28 -42.48 33.59
N PRO C 289 5.74 -43.02 32.61
CA PRO C 289 6.37 -44.15 32.08
C PRO C 289 7.63 -43.93 31.25
N TYR C 290 8.72 -44.67 31.39
CA TYR C 290 9.77 -44.59 30.38
C TYR C 290 9.90 -45.78 29.41
N TRP C 291 9.80 -45.54 28.09
CA TRP C 291 9.99 -46.68 27.19
C TRP C 291 11.36 -46.82 26.62
N LEU C 292 12.25 -47.63 27.16
CA LEU C 292 13.69 -47.72 26.59
C LEU C 292 13.64 -48.54 25.34
N GLN C 293 13.31 -47.86 24.24
CA GLN C 293 13.04 -48.55 23.07
C GLN C 293 14.36 -48.83 22.48
N ARG C 294 15.27 -47.85 22.33
CA ARG C 294 16.67 -48.12 21.95
C ARG C 294 17.60 -47.72 23.04
N ALA C 295 18.47 -48.63 23.40
CA ALA C 295 19.35 -48.38 24.53
C ALA C 295 20.44 -47.42 24.04
N GLN C 296 21.11 -46.74 24.95
CA GLN C 296 22.21 -45.82 24.63
C GLN C 296 23.46 -46.56 24.25
N GLY C 297 23.69 -47.66 25.00
CA GLY C 297 24.87 -48.60 24.91
C GLY C 297 24.54 -49.80 24.03
N HIS C 298 25.43 -50.77 23.98
CA HIS C 298 25.15 -51.91 23.14
C HIS C 298 24.19 -52.92 23.77
N ASN C 299 24.22 -53.09 25.11
CA ASN C 299 23.16 -53.87 25.67
C ASN C 299 21.70 -53.21 25.53
N ASN C 300 20.75 -53.83 24.79
CA ASN C 300 19.42 -53.24 24.75
C ASN C 300 18.50 -53.59 25.74
N GLY C 301 18.73 -53.00 26.87
CA GLY C 301 17.99 -53.41 28.07
C GLY C 301 17.82 -54.95 28.30
N ILE C 302 18.94 -55.69 28.22
CA ILE C 302 18.91 -57.09 28.41
C ILE C 302 19.33 -57.27 29.86
N CYS C 303 18.39 -57.81 30.66
CA CYS C 303 18.65 -58.03 32.09
C CYS C 303 19.36 -59.38 32.37
N TRP C 304 20.61 -59.46 31.97
CA TRP C 304 21.47 -60.56 32.21
C TRP C 304 21.38 -60.88 33.63
N SER C 305 21.41 -62.23 33.90
CA SER C 305 21.32 -62.86 35.16
C SER C 305 19.98 -62.52 35.71
N ASN C 306 18.91 -62.58 34.92
CA ASN C 306 17.67 -62.16 35.52
C ASN C 306 17.58 -61.03 36.67
N GLN C 307 18.33 -59.92 36.53
CA GLN C 307 18.39 -58.83 37.49
C GLN C 307 18.15 -57.41 36.78
N LEU C 308 18.06 -56.33 37.59
CA LEU C 308 17.92 -54.94 37.14
C LEU C 308 18.31 -54.01 38.27
N PHE C 309 18.92 -52.93 37.90
CA PHE C 309 19.12 -51.95 38.94
C PHE C 309 18.53 -50.53 38.61
N VAL C 310 17.52 -50.22 39.40
CA VAL C 310 16.98 -48.92 39.47
C VAL C 310 17.56 -48.02 40.54
N THR C 311 18.53 -47.27 40.09
CA THR C 311 19.03 -46.10 40.91
C THR C 311 18.11 -44.83 40.79
N VAL C 312 17.95 -44.11 41.89
CA VAL C 312 17.00 -43.15 42.07
C VAL C 312 17.37 -42.21 43.20
N VAL C 313 17.49 -40.87 42.83
CA VAL C 313 17.66 -39.77 43.87
C VAL C 313 16.52 -38.86 43.72
N ASP C 314 15.87 -38.43 44.80
CA ASP C 314 14.71 -37.54 44.67
C ASP C 314 14.54 -36.59 45.87
N THR C 315 14.92 -35.29 45.76
CA THR C 315 14.85 -34.32 46.89
C THR C 315 13.62 -33.46 46.79
N THR C 316 12.67 -33.75 45.87
CA THR C 316 11.56 -32.77 45.62
C THR C 316 10.54 -32.97 46.79
N ARG C 317 10.64 -34.27 47.30
CA ARG C 317 9.72 -34.95 48.42
C ARG C 317 10.35 -34.95 49.85
N SER C 318 11.62 -34.63 49.93
CA SER C 318 12.31 -34.43 51.16
C SER C 318 11.81 -33.73 52.37
N THR C 319 10.53 -33.65 52.60
CA THR C 319 10.16 -33.12 53.92
C THR C 319 10.30 -34.10 55.13
N ASN C 320 10.81 -33.54 56.23
CA ASN C 320 11.13 -34.23 57.47
C ASN C 320 10.15 -33.80 58.50
N MET C 321 9.03 -34.49 58.58
CA MET C 321 8.11 -34.10 59.65
C MET C 321 8.63 -34.24 61.08
N SER C 322 8.20 -33.32 61.98
CA SER C 322 8.54 -33.28 63.39
C SER C 322 7.46 -33.81 64.31
N VAL C 323 7.79 -34.87 65.03
CA VAL C 323 6.85 -35.39 66.00
C VAL C 323 7.10 -34.80 67.42
N CYS C 324 6.07 -34.36 68.19
CA CYS C 324 6.35 -33.91 69.56
C CYS C 324 5.54 -34.69 70.53
N SER C 325 6.25 -35.25 71.51
CA SER C 325 5.67 -36.14 72.52
C SER C 325 5.80 -35.45 73.91
N ALA C 326 4.75 -35.64 74.78
CA ALA C 326 4.74 -35.02 76.16
C ALA C 326 5.16 -36.08 77.19
N VAL C 327 5.93 -35.60 78.20
CA VAL C 327 6.48 -36.31 79.39
C VAL C 327 5.28 -36.58 80.33
N SER C 328 4.45 -35.53 80.57
CA SER C 328 3.17 -35.73 81.24
C SER C 328 2.11 -34.71 80.83
N SER C 329 1.03 -35.14 80.22
CA SER C 329 -0.05 -34.24 79.87
C SER C 329 -0.91 -33.81 81.10
N SER C 330 -0.32 -33.89 82.26
CA SER C 330 -0.98 -33.43 83.47
C SER C 330 -0.85 -31.85 83.63
N ASP C 331 0.05 -31.18 82.84
CA ASP C 331 0.42 -29.75 83.08
C ASP C 331 -0.53 -28.88 82.37
N SER C 332 -0.67 -27.67 82.87
CA SER C 332 -1.65 -26.76 82.29
C SER C 332 -0.95 -25.49 81.68
N THR C 333 0.32 -25.36 82.02
CA THR C 333 1.17 -24.31 81.43
C THR C 333 2.21 -25.00 80.54
N TYR C 334 2.60 -24.29 79.47
CA TYR C 334 3.67 -24.70 78.56
C TYR C 334 5.10 -24.73 79.10
N LYS C 335 5.75 -25.90 79.10
CA LYS C 335 7.04 -25.99 79.64
C LYS C 335 7.84 -26.84 78.70
N ASN C 336 9.01 -26.36 78.27
CA ASN C 336 9.81 -27.11 77.29
C ASN C 336 10.25 -28.44 77.78
N ASP C 337 10.61 -28.53 79.06
CA ASP C 337 11.03 -29.73 79.65
C ASP C 337 10.05 -30.85 79.55
N ASN C 338 8.77 -30.52 79.49
CA ASN C 338 7.73 -31.49 79.35
C ASN C 338 7.36 -31.99 77.94
N PHE C 339 8.24 -31.70 76.99
CA PHE C 339 7.98 -32.05 75.55
C PHE C 339 9.31 -32.53 74.86
N LYS C 340 9.21 -33.55 74.01
CA LYS C 340 10.42 -34.00 73.21
C LYS C 340 10.17 -33.83 71.69
N GLU C 341 11.11 -33.21 70.98
CA GLU C 341 10.89 -33.02 69.58
C GLU C 341 11.75 -34.08 68.95
N TYR C 342 11.18 -34.77 67.97
CA TYR C 342 11.94 -35.81 67.18
C TYR C 342 11.73 -35.49 65.68
N LEU C 343 12.69 -35.80 64.79
CA LEU C 343 12.45 -35.50 63.42
C LEU C 343 12.23 -36.80 62.58
N ARG C 344 11.29 -36.90 61.64
CA ARG C 344 11.11 -38.16 60.98
C ARG C 344 10.80 -37.99 59.54
N HIS C 345 11.43 -38.74 58.66
CA HIS C 345 11.13 -38.64 57.28
C HIS C 345 10.80 -40.00 56.59
N GLY C 346 9.63 -40.21 55.98
CA GLY C 346 9.49 -41.41 55.19
C GLY C 346 9.42 -41.35 53.72
N GLU C 347 10.08 -42.29 53.08
CA GLU C 347 10.07 -42.37 51.63
C GLU C 347 8.89 -43.32 51.17
N GLU C 348 8.21 -43.10 50.00
CA GLU C 348 7.27 -44.00 49.39
C GLU C 348 7.54 -44.21 47.88
N TYR C 349 8.01 -45.40 47.49
CA TYR C 349 8.14 -45.80 46.07
C TYR C 349 7.20 -46.89 45.62
N ASP C 350 7.28 -47.04 44.30
CA ASP C 350 6.56 -48.10 43.58
C ASP C 350 7.26 -48.44 42.25
N LEU C 351 7.67 -49.70 42.04
CA LEU C 351 8.38 -49.92 40.81
C LEU C 351 7.65 -50.73 39.87
N GLN C 352 7.28 -50.15 38.72
CA GLN C 352 6.61 -51.11 37.76
C GLN C 352 7.49 -51.41 36.57
N PHE C 353 7.13 -52.52 35.86
CA PHE C 353 7.98 -52.87 34.70
C PHE C 353 7.25 -53.56 33.72
N ILE C 354 7.90 -53.65 32.56
CA ILE C 354 7.38 -54.45 31.53
C ILE C 354 8.49 -55.09 30.72
N PHE C 355 8.55 -56.43 30.67
CA PHE C 355 9.73 -57.15 30.14
C PHE C 355 9.37 -57.93 28.92
N GLN C 356 10.40 -58.22 28.13
CA GLN C 356 10.11 -58.98 26.94
C GLN C 356 10.88 -60.25 26.92
N LEU C 357 10.21 -61.36 26.56
CA LEU C 357 10.91 -62.57 26.60
C LEU C 357 11.82 -62.64 25.38
N CYS C 358 13.09 -62.96 25.67
CA CYS C 358 14.06 -63.15 24.52
C CYS C 358 14.85 -64.46 24.64
N LYS C 359 15.18 -64.96 23.44
CA LYS C 359 15.74 -66.09 23.24
C LYS C 359 17.14 -66.02 22.65
N ILE C 360 18.06 -66.76 23.24
CA ILE C 360 19.49 -66.73 22.70
C ILE C 360 19.75 -68.19 22.48
N THR C 361 20.35 -68.51 21.32
CA THR C 361 20.73 -69.77 20.80
C THR C 361 22.25 -69.90 20.88
N LEU C 362 22.65 -70.97 21.62
CA LEU C 362 24.02 -71.17 22.15
C LEU C 362 24.86 -71.74 21.05
N THR C 363 25.58 -70.89 20.29
CA THR C 363 26.36 -71.42 19.19
C THR C 363 27.82 -71.22 19.47
N ALA C 364 28.61 -71.78 18.59
CA ALA C 364 30.00 -71.71 18.77
C ALA C 364 30.50 -70.28 19.09
N ASP C 365 30.37 -69.30 18.12
CA ASP C 365 30.61 -67.90 18.23
C ASP C 365 29.89 -67.23 19.36
N VAL C 366 28.55 -67.25 19.35
CA VAL C 366 27.86 -66.58 20.40
C VAL C 366 28.38 -66.80 21.82
N MET C 367 28.40 -68.12 22.26
CA MET C 367 28.95 -68.58 23.55
C MET C 367 30.34 -67.99 23.86
N THR C 368 31.30 -67.98 22.90
CA THR C 368 32.58 -67.46 23.26
C THR C 368 32.35 -66.01 23.57
N TYR C 369 31.50 -65.34 22.76
CA TYR C 369 31.27 -63.88 22.97
C TYR C 369 30.61 -63.70 24.29
N ILE C 370 29.66 -64.59 24.67
CA ILE C 370 29.01 -64.30 25.93
C ILE C 370 30.00 -64.52 27.09
N HIS C 371 30.94 -65.45 26.87
CA HIS C 371 31.98 -65.79 27.86
C HIS C 371 32.88 -64.61 28.24
N SER C 372 33.51 -64.04 27.22
CA SER C 372 34.37 -62.86 27.34
C SER C 372 33.58 -61.71 27.89
N MET C 373 32.35 -61.53 27.45
CA MET C 373 31.56 -60.56 28.14
C MET C 373 31.45 -60.77 29.63
N ASN C 374 30.82 -61.87 29.99
CA ASN C 374 30.52 -62.19 31.43
C ASN C 374 30.24 -63.69 31.50
N PRO C 375 31.20 -64.52 32.11
CA PRO C 375 31.12 -65.90 32.29
C PRO C 375 29.90 -66.31 33.03
N SER C 376 29.53 -65.61 34.06
CA SER C 376 28.38 -66.05 34.82
C SER C 376 27.14 -66.31 34.01
N ILE C 377 26.91 -65.59 32.99
CA ILE C 377 25.69 -65.68 32.27
C ILE C 377 25.62 -67.07 31.74
N LEU C 378 26.72 -67.64 31.19
CA LEU C 378 26.72 -68.97 30.59
C LEU C 378 26.67 -70.07 31.65
N GLU C 379 27.39 -69.87 32.80
CA GLU C 379 27.53 -70.74 33.98
C GLU C 379 26.24 -70.95 34.65
N ASP C 380 25.61 -69.88 35.01
CA ASP C 380 24.35 -70.07 35.65
C ASP C 380 23.27 -70.67 34.74
N TRP C 381 23.64 -71.05 33.53
CA TRP C 381 22.54 -71.49 32.68
C TRP C 381 22.63 -72.96 32.66
N ASN C 382 23.12 -73.60 33.77
CA ASN C 382 23.08 -75.08 33.98
C ASN C 382 23.57 -75.41 35.38
N PRO C 389 28.25 -62.91 45.03
CA PRO C 389 28.82 -62.09 43.93
C PRO C 389 28.78 -60.53 44.17
N LEU C 390 27.84 -60.06 44.99
CA LEU C 390 27.71 -58.68 45.30
C LEU C 390 27.35 -58.64 46.81
N LYS C 391 28.06 -59.52 47.51
CA LYS C 391 27.82 -59.76 48.95
C LYS C 391 28.11 -58.49 49.77
N ASN C 392 28.98 -57.63 49.23
CA ASN C 392 29.55 -56.63 50.05
C ASN C 392 28.84 -55.38 49.84
N TYR C 393 27.92 -55.42 48.90
CA TYR C 393 27.14 -54.19 48.56
C TYR C 393 25.74 -54.34 49.14
N THR C 394 25.26 -53.23 49.71
CA THR C 394 23.90 -53.12 50.26
C THR C 394 22.87 -52.42 49.42
N PHE C 395 21.98 -53.14 48.76
CA PHE C 395 20.87 -52.59 48.01
C PHE C 395 19.48 -52.88 48.57
N TRP C 396 18.45 -52.29 48.08
CA TRP C 396 17.15 -52.47 48.67
C TRP C 396 16.58 -53.50 47.80
N GLU C 397 16.41 -54.63 48.47
CA GLU C 397 16.04 -55.88 47.76
C GLU C 397 14.55 -55.86 47.29
N VAL C 398 14.34 -56.16 46.01
CA VAL C 398 13.02 -56.13 45.44
C VAL C 398 12.78 -57.31 44.63
N ASP C 399 12.00 -58.21 45.19
CA ASP C 399 11.89 -59.53 44.62
C ASP C 399 10.59 -59.60 43.74
N LEU C 400 10.75 -59.47 42.41
CA LEU C 400 9.57 -59.54 41.59
C LEU C 400 9.21 -60.88 41.01
N LYS C 401 9.62 -61.98 41.66
CA LYS C 401 9.59 -63.36 41.05
C LYS C 401 8.17 -63.80 40.92
N GLU C 402 7.46 -63.69 42.04
CA GLU C 402 6.07 -63.90 42.03
C GLU C 402 5.23 -62.69 41.56
N LYS C 403 5.81 -61.57 41.08
CA LYS C 403 5.01 -60.37 40.72
C LYS C 403 4.81 -60.16 39.22
N PHE C 404 5.31 -61.09 38.43
CA PHE C 404 5.01 -61.08 37.04
C PHE C 404 3.64 -61.56 36.53
N SER C 405 2.95 -60.69 35.72
CA SER C 405 1.69 -61.03 35.07
C SER C 405 1.76 -61.01 33.57
N ALA C 406 0.73 -61.46 32.89
CA ALA C 406 0.90 -61.42 31.47
C ALA C 406 -0.36 -60.83 30.98
N ASP C 407 -1.21 -60.41 31.88
CA ASP C 407 -2.40 -59.74 31.45
C ASP C 407 -2.17 -58.30 31.59
N LEU C 408 -1.56 -57.69 30.58
CA LEU C 408 -1.06 -56.34 30.77
C LEU C 408 -2.20 -55.35 31.07
N ASP C 409 -3.38 -55.58 30.46
CA ASP C 409 -4.59 -54.86 30.65
C ASP C 409 -4.89 -54.51 32.13
N GLN C 410 -4.25 -55.26 33.08
CA GLN C 410 -4.68 -55.04 34.53
C GLN C 410 -3.96 -54.02 35.33
N PHE C 411 -3.08 -53.29 34.67
CA PHE C 411 -2.22 -52.33 35.30
C PHE C 411 -2.12 -51.11 34.36
N PRO C 412 -2.11 -49.90 35.01
CA PRO C 412 -2.05 -48.66 34.27
C PRO C 412 -0.86 -48.74 33.35
N LEU C 413 0.33 -49.18 33.84
CA LEU C 413 1.47 -49.22 32.96
C LEU C 413 1.14 -50.14 31.79
N GLY C 414 0.89 -51.41 32.12
CA GLY C 414 0.54 -52.37 31.09
C GLY C 414 -0.51 -51.88 30.16
N ARG C 415 -1.52 -51.19 30.68
CA ARG C 415 -2.56 -50.53 29.75
C ARG C 415 -1.91 -49.51 28.69
N LYS C 416 -1.05 -48.68 29.26
CA LYS C 416 -0.34 -47.71 28.46
C LYS C 416 0.52 -48.45 27.42
N PHE C 417 1.30 -49.42 27.87
CA PHE C 417 2.21 -50.09 26.95
C PHE C 417 1.43 -50.43 25.62
N LEU C 418 0.24 -51.05 25.83
CA LEU C 418 -0.47 -51.74 24.77
C LEU C 418 -0.85 -50.70 23.86
N LEU C 419 -1.27 -49.62 24.44
CA LEU C 419 -1.65 -48.45 23.67
C LEU C 419 -0.52 -47.75 22.95
N GLN C 420 0.39 -47.06 23.71
CA GLN C 420 1.61 -46.59 23.18
C GLN C 420 2.18 -47.63 22.22
N ALA C 421 2.46 -48.89 22.59
CA ALA C 421 3.06 -49.88 21.59
C ALA C 421 2.26 -49.97 20.20
N GLY C 422 1.11 -49.16 20.14
CA GLY C 422 0.14 -49.40 19.05
C GLY C 422 -0.61 -50.77 19.29
N LEU C 423 -0.34 -51.77 18.43
CA LEU C 423 -1.04 -53.08 18.43
C LEU C 423 -0.43 -54.09 19.48
N ALA D 1 -11.30 -61.59 36.57
CA ALA D 1 -10.56 -60.55 35.71
C ALA D 1 -11.50 -59.47 35.36
N VAL D 2 -11.02 -58.25 35.75
CA VAL D 2 -11.71 -56.92 35.55
C VAL D 2 -11.76 -56.60 34.09
N VAL D 3 -12.85 -56.00 33.62
CA VAL D 3 -13.01 -55.68 32.20
C VAL D 3 -13.49 -54.22 32.06
N SER D 4 -13.08 -53.60 30.96
CA SER D 4 -13.48 -52.25 30.62
C SER D 4 -14.99 -52.10 30.42
N THR D 5 -15.53 -50.94 30.86
CA THR D 5 -16.89 -50.80 30.87
C THR D 5 -17.30 -50.77 29.33
N ASP D 6 -16.33 -50.57 28.35
CA ASP D 6 -16.74 -50.56 26.93
C ASP D 6 -17.24 -51.94 26.64
N GLU D 7 -16.96 -52.94 27.48
CA GLU D 7 -17.31 -54.34 27.17
C GLU D 7 -18.69 -54.70 27.50
N TYR D 8 -19.29 -53.90 28.40
CA TYR D 8 -20.67 -54.12 28.89
C TYR D 8 -21.65 -52.94 29.04
N VAL D 9 -21.25 -51.77 28.53
CA VAL D 9 -22.13 -50.65 28.54
C VAL D 9 -22.29 -50.09 27.14
N THR D 10 -23.49 -50.02 26.63
CA THR D 10 -23.77 -49.39 25.33
C THR D 10 -24.01 -47.96 25.40
N ARG D 11 -23.40 -47.21 24.43
CA ARG D 11 -23.42 -45.74 24.49
C ARG D 11 -24.43 -45.37 23.45
N THR D 12 -24.98 -44.21 23.57
CA THR D 12 -26.08 -43.71 22.69
C THR D 12 -25.70 -42.34 22.41
N ASN D 13 -26.30 -41.77 21.37
CA ASN D 13 -26.16 -40.28 20.98
C ASN D 13 -26.92 -39.31 21.84
N ILE D 14 -27.06 -39.59 23.14
CA ILE D 14 -27.81 -38.69 23.98
C ILE D 14 -26.94 -37.98 24.99
N TYR D 15 -26.86 -36.67 24.87
CA TYR D 15 -26.02 -35.95 25.80
C TYR D 15 -26.85 -34.78 26.43
N TYR D 16 -26.67 -34.72 27.75
CA TYR D 16 -27.31 -33.73 28.55
C TYR D 16 -26.31 -32.90 29.27
N HIS D 17 -26.80 -31.70 29.57
CA HIS D 17 -25.92 -30.68 30.16
C HIS D 17 -26.33 -30.75 31.65
N ALA D 18 -25.37 -30.58 32.56
CA ALA D 18 -25.87 -30.41 33.89
C ALA D 18 -25.17 -29.31 34.52
N GLY D 19 -25.82 -28.35 35.23
CA GLY D 19 -24.95 -27.45 36.03
C GLY D 19 -25.40 -27.09 37.39
N SER D 20 -24.45 -26.83 38.29
CA SER D 20 -24.87 -26.40 39.60
C SER D 20 -24.89 -24.91 39.56
N SER D 21 -25.77 -24.41 40.33
CA SER D 21 -25.74 -23.02 40.60
C SER D 21 -24.50 -22.56 41.31
N ARG D 22 -24.48 -21.26 41.61
CA ARG D 22 -23.24 -20.66 42.17
C ARG D 22 -23.08 -21.36 43.55
N LEU D 23 -21.94 -21.94 43.83
CA LEU D 23 -21.88 -22.31 45.18
C LEU D 23 -21.03 -21.28 45.89
N LEU D 24 -21.39 -20.94 47.10
CA LEU D 24 -20.58 -19.99 47.81
C LEU D 24 -20.24 -20.54 49.20
N ALA D 25 -19.14 -20.13 49.86
CA ALA D 25 -18.92 -20.55 51.21
C ALA D 25 -18.11 -19.50 51.89
N VAL D 26 -18.57 -19.09 53.08
CA VAL D 26 -17.83 -17.93 53.72
C VAL D 26 -17.60 -18.25 55.20
N GLY D 27 -16.37 -18.28 55.68
CA GLY D 27 -16.16 -18.68 57.06
C GLY D 27 -14.82 -18.16 57.60
N HIS D 28 -14.41 -18.47 58.82
CA HIS D 28 -13.17 -17.96 59.30
C HIS D 28 -12.22 -18.94 58.64
N PRO D 29 -11.03 -18.47 58.30
CA PRO D 29 -9.95 -19.29 57.70
C PRO D 29 -9.15 -20.24 58.52
N TYR D 30 -9.13 -20.00 59.83
CA TYR D 30 -8.37 -20.82 60.67
C TYR D 30 -9.19 -21.85 61.48
N TYR D 31 -10.22 -21.38 62.16
CA TYR D 31 -10.98 -22.28 63.01
C TYR D 31 -12.43 -21.90 62.96
N ALA D 32 -13.39 -22.76 63.38
CA ALA D 32 -14.82 -22.39 63.25
C ALA D 32 -15.25 -21.51 64.41
N ILE D 33 -16.25 -20.69 64.22
CA ILE D 33 -16.67 -19.76 65.27
C ILE D 33 -18.07 -20.22 65.71
N LYS D 34 -18.12 -21.06 66.73
CA LYS D 34 -19.37 -21.54 67.24
C LYS D 34 -20.01 -20.54 68.21
N LYS D 35 -21.30 -20.71 68.53
CA LYS D 35 -21.97 -19.76 69.43
C LYS D 35 -21.12 -19.74 70.68
N GLN D 36 -21.17 -18.60 71.40
CA GLN D 36 -20.42 -18.41 72.71
C GLN D 36 -20.65 -19.53 73.83
N ASP D 37 -21.87 -20.12 73.87
CA ASP D 37 -22.27 -21.12 74.87
C ASP D 37 -22.46 -22.33 74.15
N SER D 38 -23.56 -22.31 73.36
CA SER D 38 -23.68 -23.45 72.47
C SER D 38 -22.39 -24.03 71.80
N ASN D 39 -22.50 -25.21 71.21
CA ASN D 39 -21.37 -25.87 70.55
C ASN D 39 -21.83 -26.13 69.11
N LYS D 40 -22.93 -25.48 68.70
CA LYS D 40 -23.36 -25.46 67.28
C LYS D 40 -22.57 -24.43 66.42
N ILE D 41 -22.08 -24.81 65.22
CA ILE D 41 -21.33 -23.80 64.37
C ILE D 41 -22.18 -22.52 63.91
N ALA D 42 -21.62 -21.31 64.07
CA ALA D 42 -22.34 -20.02 63.76
C ALA D 42 -21.72 -19.60 62.51
N VAL D 43 -20.37 -19.56 62.52
CA VAL D 43 -19.60 -19.36 61.31
C VAL D 43 -18.65 -20.47 60.98
N PRO D 44 -18.78 -21.07 59.81
CA PRO D 44 -17.86 -22.13 59.39
C PRO D 44 -16.41 -21.88 59.20
N LYS D 45 -15.64 -22.90 58.93
CA LYS D 45 -14.23 -22.76 58.70
C LYS D 45 -13.98 -23.02 57.19
N VAL D 46 -14.22 -21.94 56.40
CA VAL D 46 -13.85 -21.98 55.01
C VAL D 46 -12.47 -21.46 54.87
N SER D 47 -11.55 -22.27 54.32
CA SER D 47 -10.12 -21.86 54.09
C SER D 47 -9.70 -22.30 52.72
N GLY D 48 -8.64 -21.73 52.28
CA GLY D 48 -8.20 -21.97 50.89
C GLY D 48 -7.51 -23.30 50.80
N LEU D 49 -6.94 -23.66 51.97
CA LEU D 49 -6.29 -24.98 52.20
C LEU D 49 -7.13 -26.24 52.52
N GLN D 50 -8.35 -26.33 52.07
CA GLN D 50 -9.27 -27.34 52.30
C GLN D 50 -9.68 -28.16 51.10
N TYR D 51 -10.27 -29.32 51.27
CA TYR D 51 -10.52 -30.10 50.06
C TYR D 51 -12.01 -29.74 49.71
N ARG D 52 -12.39 -30.09 48.54
CA ARG D 52 -13.76 -29.78 48.23
C ARG D 52 -14.30 -31.04 47.65
N VAL D 53 -15.09 -31.74 48.45
CA VAL D 53 -15.48 -33.10 47.92
C VAL D 53 -16.91 -32.89 47.57
N PHE D 54 -17.16 -32.71 46.30
CA PHE D 54 -18.51 -32.56 45.92
C PHE D 54 -19.16 -33.89 45.67
N ARG D 55 -20.38 -34.07 46.20
CA ARG D 55 -21.10 -35.33 45.90
C ARG D 55 -22.20 -34.78 45.01
N VAL D 56 -22.07 -35.27 43.79
CA VAL D 56 -22.89 -34.78 42.76
C VAL D 56 -24.00 -35.83 42.59
N LYS D 57 -25.24 -35.46 42.95
CA LYS D 57 -26.38 -36.32 42.73
C LYS D 57 -26.94 -36.15 41.33
N LEU D 58 -27.18 -37.24 40.67
CA LEU D 58 -27.75 -37.24 39.35
C LEU D 58 -29.12 -37.89 39.28
N PRO D 59 -29.98 -37.38 38.41
CA PRO D 59 -31.34 -37.94 38.28
C PRO D 59 -31.19 -39.36 37.77
N ASP D 60 -32.15 -40.23 38.10
CA ASP D 60 -32.03 -41.66 37.73
C ASP D 60 -32.71 -41.78 36.37
N PRO D 61 -31.89 -41.83 35.29
CA PRO D 61 -32.38 -42.05 33.95
C PRO D 61 -33.46 -43.11 33.87
N ASN D 62 -33.72 -43.87 34.94
CA ASN D 62 -34.60 -45.02 34.68
C ASN D 62 -35.92 -44.46 34.95
N LYS D 63 -35.97 -43.56 35.95
CA LYS D 63 -37.26 -42.85 36.26
C LYS D 63 -37.60 -41.89 35.05
N PHE D 64 -36.60 -41.11 34.54
CA PHE D 64 -36.70 -40.14 33.51
C PHE D 64 -37.25 -40.92 32.33
N GLY D 65 -37.97 -40.28 31.39
CA GLY D 65 -38.63 -40.92 30.22
C GLY D 65 -38.03 -40.32 28.94
N PHE D 66 -37.65 -41.21 28.01
CA PHE D 66 -36.85 -40.76 26.84
C PHE D 66 -37.39 -41.26 25.56
N PRO D 67 -37.22 -40.40 24.49
CA PRO D 67 -37.70 -40.64 23.06
C PRO D 67 -36.82 -41.55 22.15
N ASP D 68 -35.51 -41.60 22.47
CA ASP D 68 -34.65 -42.31 21.56
C ASP D 68 -34.51 -43.62 22.18
N THR D 69 -35.11 -43.64 23.38
CA THR D 69 -35.29 -44.94 24.01
C THR D 69 -36.54 -45.87 23.51
N SER D 70 -36.69 -46.05 22.15
CA SER D 70 -37.75 -46.90 21.44
C SER D 70 -37.29 -48.40 21.16
N PHE D 71 -36.05 -48.51 20.59
CA PHE D 71 -35.12 -49.80 20.48
C PHE D 71 -34.29 -50.05 21.84
N TYR D 72 -35.08 -50.05 22.95
CA TYR D 72 -34.60 -50.18 24.33
C TYR D 72 -35.69 -50.91 25.11
N ASP D 73 -35.33 -52.02 25.79
CA ASP D 73 -36.28 -52.76 26.49
C ASP D 73 -36.00 -52.47 27.92
N PRO D 74 -36.98 -51.92 28.68
CA PRO D 74 -36.79 -51.52 30.10
C PRO D 74 -37.02 -52.74 30.99
N ALA D 75 -37.59 -53.76 30.41
CA ALA D 75 -37.66 -55.00 31.05
C ALA D 75 -36.28 -55.61 31.25
N SER D 76 -35.48 -55.69 30.18
CA SER D 76 -34.20 -56.28 30.32
C SER D 76 -32.99 -55.43 30.48
N GLN D 77 -33.21 -54.13 30.27
CA GLN D 77 -32.09 -53.20 30.21
C GLN D 77 -32.15 -52.20 31.31
N ARG D 78 -31.02 -51.58 31.59
CA ARG D 78 -31.11 -50.41 32.47
C ARG D 78 -30.42 -49.05 32.00
N LEU D 79 -30.32 -47.99 32.84
CA LEU D 79 -29.54 -46.84 32.31
C LEU D 79 -28.56 -46.19 33.25
N VAL D 80 -27.37 -45.79 32.77
CA VAL D 80 -26.40 -45.17 33.65
C VAL D 80 -26.01 -43.92 32.87
N TRP D 81 -25.75 -42.85 33.61
CA TRP D 81 -25.15 -41.68 33.10
C TRP D 81 -23.62 -41.83 32.96
N ALA D 82 -23.09 -41.79 31.72
CA ALA D 82 -21.62 -41.67 31.52
C ALA D 82 -21.18 -40.12 31.45
N CYS D 83 -20.14 -39.72 32.17
CA CYS D 83 -19.68 -38.37 32.21
C CYS D 83 -18.66 -38.20 31.07
N THR D 84 -18.95 -37.15 30.34
CA THR D 84 -18.22 -36.82 29.17
C THR D 84 -17.49 -35.50 29.32
N GLY D 85 -18.08 -34.55 30.10
CA GLY D 85 -17.20 -33.52 30.39
C GLY D 85 -17.47 -32.75 31.63
N VAL D 86 -16.38 -32.21 32.17
CA VAL D 86 -16.46 -31.44 33.38
C VAL D 86 -15.84 -30.07 33.21
N GLU D 87 -16.23 -29.10 34.03
CA GLU D 87 -15.73 -27.79 33.91
C GLU D 87 -15.86 -27.30 35.35
N VAL D 88 -14.80 -26.99 36.02
CA VAL D 88 -14.92 -26.46 37.31
C VAL D 88 -14.68 -24.99 37.38
N GLY D 89 -15.75 -24.21 37.24
CA GLY D 89 -15.56 -22.81 37.23
C GLY D 89 -15.28 -22.23 38.61
N ARG D 90 -14.29 -21.34 38.66
CA ARG D 90 -13.78 -20.80 40.00
C ARG D 90 -13.91 -19.28 40.09
N GLY D 91 -14.81 -18.80 40.92
CA GLY D 91 -15.00 -17.44 41.23
C GLY D 91 -13.90 -16.82 42.04
N GLN D 92 -13.87 -15.45 42.14
CA GLN D 92 -12.94 -14.61 42.93
C GLN D 92 -11.62 -14.44 42.44
N PRO D 93 -10.94 -13.39 42.93
CA PRO D 93 -9.55 -13.10 42.48
C PRO D 93 -8.55 -14.04 43.13
N LEU D 94 -7.50 -14.38 42.36
CA LEU D 94 -6.41 -15.12 42.77
C LEU D 94 -5.76 -14.23 43.80
N GLY D 95 -5.44 -14.82 44.88
CA GLY D 95 -4.78 -14.08 45.96
C GLY D 95 -4.04 -15.16 46.85
N VAL D 96 -3.40 -14.80 48.00
CA VAL D 96 -2.73 -15.77 48.74
C VAL D 96 -3.09 -15.59 50.19
N GLY D 97 -3.06 -16.79 50.84
CA GLY D 97 -3.42 -16.88 52.20
C GLY D 97 -2.22 -16.70 53.17
N ILE D 98 -2.39 -16.53 54.49
CA ILE D 98 -1.23 -16.45 55.33
C ILE D 98 -1.76 -17.10 56.70
N SER D 99 -1.09 -18.15 57.18
CA SER D 99 -1.51 -18.78 58.44
C SER D 99 -0.38 -18.57 59.48
N GLY D 100 -0.79 -18.70 60.79
CA GLY D 100 0.09 -18.26 61.90
C GLY D 100 -0.36 -18.85 63.17
N HIS D 101 0.40 -18.67 64.25
CA HIS D 101 0.17 -19.24 65.54
C HIS D 101 0.74 -18.30 66.58
N PRO D 102 -0.11 -17.77 67.40
CA PRO D 102 0.33 -16.77 68.39
C PRO D 102 1.59 -17.15 69.14
N LEU D 103 1.52 -18.42 69.71
CA LEU D 103 2.54 -19.29 70.45
C LEU D 103 3.11 -20.38 69.56
N LEU D 104 3.78 -20.07 68.44
CA LEU D 104 4.40 -20.99 67.49
C LEU D 104 5.71 -21.45 68.14
N ASN D 105 6.22 -22.60 67.75
CA ASN D 105 7.30 -23.04 68.51
C ASN D 105 8.49 -22.80 67.61
N LYS D 106 9.22 -21.77 67.94
CA LYS D 106 10.33 -21.30 67.12
C LYS D 106 11.45 -20.87 68.11
N LEU D 107 12.42 -21.73 68.30
CA LEU D 107 13.50 -21.23 69.09
C LEU D 107 14.18 -20.02 68.43
N ASP D 108 15.11 -20.23 67.51
CA ASP D 108 15.84 -19.13 66.83
C ASP D 108 16.19 -19.44 65.35
N ASP D 109 16.43 -18.34 64.61
CA ASP D 109 16.46 -18.42 63.18
C ASP D 109 17.83 -18.83 62.80
N THR D 110 18.02 -20.11 62.54
CA THR D 110 19.34 -20.78 62.12
C THR D 110 19.88 -20.75 60.67
N GLU D 111 19.29 -19.87 59.86
CA GLU D 111 19.72 -19.62 58.55
C GLU D 111 21.03 -18.86 58.60
N ASN D 112 21.08 -17.84 59.44
CA ASN D 112 22.31 -17.11 59.59
C ASN D 112 22.56 -16.51 61.02
N SER D 113 22.57 -17.38 62.00
CA SER D 113 22.56 -17.04 63.47
C SER D 113 23.53 -16.00 63.63
N ASN D 114 23.18 -15.15 64.57
CA ASN D 114 24.05 -14.06 65.02
C ASN D 114 25.27 -14.54 65.86
N LYS D 115 25.01 -15.34 66.94
CA LYS D 115 26.06 -15.97 67.83
C LYS D 115 25.52 -17.31 68.37
N TYR D 116 25.89 -17.54 69.63
CA TYR D 116 25.40 -18.68 70.38
C TYR D 116 25.20 -18.13 71.79
N VAL D 117 23.94 -17.94 72.19
CA VAL D 117 23.55 -17.47 73.54
C VAL D 117 23.19 -18.75 74.35
N GLY D 118 23.63 -18.79 75.62
CA GLY D 118 23.44 -19.98 76.46
C GLY D 118 21.95 -20.45 76.52
N ASN D 119 21.88 -21.72 77.05
CA ASN D 119 20.60 -22.41 77.33
C ASN D 119 19.46 -21.40 77.66
N SER D 120 18.56 -21.17 76.69
CA SER D 120 17.31 -20.43 76.95
C SER D 120 16.48 -20.99 78.23
N GLY D 121 15.28 -20.41 78.51
CA GLY D 121 14.46 -20.72 79.71
C GLY D 121 13.26 -21.55 79.31
N THR D 122 12.10 -21.27 79.88
CA THR D 122 10.92 -22.00 79.40
C THR D 122 10.00 -21.18 78.49
N ASP D 123 9.27 -21.80 77.55
CA ASP D 123 8.36 -20.97 76.69
C ASP D 123 9.03 -19.77 75.96
N ASN D 124 9.59 -20.07 74.77
CA ASN D 124 10.26 -19.07 73.96
C ASN D 124 9.52 -19.06 72.66
N ARG D 125 8.28 -19.45 72.80
CA ARG D 125 7.43 -19.46 71.64
C ARG D 125 7.06 -18.03 71.14
N GLU D 126 6.52 -17.92 69.90
CA GLU D 126 6.20 -16.64 69.27
C GLU D 126 5.22 -16.72 68.17
N CYS D 127 4.65 -15.52 67.99
CA CYS D 127 3.72 -15.07 66.80
C CYS D 127 4.40 -15.05 65.46
N ILE D 128 4.01 -15.97 64.60
CA ILE D 128 4.67 -16.06 63.36
C ILE D 128 3.73 -16.64 62.36
N SER D 129 3.67 -16.04 61.19
CA SER D 129 2.71 -16.43 60.21
C SER D 129 3.54 -16.75 58.97
N MET D 130 2.85 -17.21 57.97
CA MET D 130 3.54 -17.64 56.76
C MET D 130 2.59 -18.22 55.69
N ASP D 131 3.07 -18.30 54.43
CA ASP D 131 2.26 -18.68 53.27
C ASP D 131 2.53 -20.18 53.00
N TYR D 132 1.44 -20.98 52.95
CA TYR D 132 1.60 -22.46 52.67
C TYR D 132 1.96 -22.82 51.25
N LYS D 133 2.50 -24.02 51.10
CA LYS D 133 2.82 -24.59 49.77
C LYS D 133 1.65 -24.33 48.82
N GLN D 134 1.80 -24.03 47.50
CA GLN D 134 0.62 -23.84 46.61
C GLN D 134 0.23 -25.08 45.88
N THR D 135 -1.06 -25.37 45.84
CA THR D 135 -1.57 -26.68 45.28
C THR D 135 -2.91 -26.45 44.52
N GLN D 136 -3.04 -27.19 43.43
CA GLN D 136 -4.23 -27.12 42.75
C GLN D 136 -4.55 -28.40 42.18
N LEU D 137 -5.74 -28.99 42.53
CA LEU D 137 -5.93 -30.43 42.20
C LEU D 137 -7.38 -30.62 41.91
N CYS D 138 -7.65 -31.70 41.18
CA CYS D 138 -9.04 -31.86 40.87
C CYS D 138 -9.12 -33.33 40.61
N LEU D 139 -9.98 -34.08 41.32
CA LEU D 139 -10.13 -35.52 40.95
C LEU D 139 -11.57 -35.84 40.62
N ILE D 140 -11.87 -36.53 39.52
CA ILE D 140 -13.24 -36.83 39.23
C ILE D 140 -13.28 -38.33 39.34
N GLY D 141 -14.26 -38.90 40.00
CA GLY D 141 -14.36 -40.38 40.04
C GLY D 141 -15.80 -40.66 40.58
N CYS D 142 -16.32 -41.93 40.50
CA CYS D 142 -17.72 -42.08 40.92
C CYS D 142 -17.83 -42.65 42.28
N ARG D 143 -16.73 -42.71 42.97
CA ARG D 143 -16.57 -43.21 44.37
C ARG D 143 -15.71 -42.16 45.16
N PRO D 144 -15.87 -41.92 46.46
CA PRO D 144 -14.95 -40.90 47.00
C PRO D 144 -13.51 -41.22 47.00
N PRO D 145 -12.58 -40.29 46.59
CA PRO D 145 -11.14 -40.63 46.53
C PRO D 145 -10.52 -40.88 47.86
N ILE D 146 -9.47 -41.69 47.92
CA ILE D 146 -8.85 -41.86 49.24
C ILE D 146 -7.58 -41.13 49.54
N GLY D 147 -7.37 -40.65 50.75
CA GLY D 147 -6.05 -40.10 50.97
C GLY D 147 -5.04 -40.83 51.91
N GLU D 148 -3.77 -40.38 52.00
CA GLU D 148 -2.80 -40.96 52.81
C GLU D 148 -2.20 -39.99 53.74
N HIS D 149 -2.08 -40.26 55.01
CA HIS D 149 -1.31 -39.31 55.90
C HIS D 149 -0.49 -40.11 56.99
N TRP D 150 0.48 -39.52 57.67
CA TRP D 150 1.17 -40.23 58.59
C TRP D 150 0.53 -40.02 59.92
N GLY D 151 0.12 -41.16 60.55
CA GLY D 151 -0.54 -41.21 61.84
C GLY D 151 0.30 -42.04 62.79
N LYS D 152 -0.22 -42.13 64.04
CA LYS D 152 0.35 -42.85 65.18
C LYS D 152 0.14 -44.35 65.10
N GLY D 153 1.17 -45.17 65.16
CA GLY D 153 0.90 -46.59 64.91
C GLY D 153 0.79 -47.22 66.26
N THR D 154 0.43 -48.52 66.34
CA THR D 154 0.41 -49.30 67.65
C THR D 154 1.68 -50.14 67.79
N PRO D 155 2.37 -50.07 68.97
CA PRO D 155 3.63 -50.84 69.14
C PRO D 155 3.45 -52.40 69.19
N SER D 156 4.55 -53.10 68.87
CA SER D 156 4.60 -54.57 68.89
C SER D 156 4.56 -55.14 70.31
N ASN D 157 4.36 -56.46 70.41
CA ASN D 157 4.53 -57.22 71.65
C ASN D 157 5.97 -57.09 72.15
N ALA D 158 6.19 -56.06 72.98
CA ALA D 158 7.51 -55.69 73.61
C ALA D 158 7.26 -54.63 74.76
N ASN D 159 8.28 -53.73 74.93
CA ASN D 159 8.21 -52.67 75.94
C ASN D 159 7.00 -51.75 75.77
N GLN D 160 6.61 -51.13 76.90
CA GLN D 160 5.59 -50.02 76.89
C GLN D 160 6.26 -48.65 76.39
N VAL D 161 5.69 -48.06 75.30
CA VAL D 161 6.08 -46.71 74.82
C VAL D 161 5.56 -45.70 75.88
N LYS D 162 6.36 -45.47 76.92
CA LYS D 162 5.94 -44.59 77.98
C LYS D 162 5.95 -43.16 77.41
N ALA D 163 5.37 -42.26 78.19
CA ALA D 163 5.26 -40.85 77.77
C ALA D 163 6.65 -40.33 77.48
N GLY D 164 6.74 -39.59 76.35
CA GLY D 164 7.97 -38.87 76.00
C GLY D 164 8.62 -39.42 74.76
N GLU D 165 8.51 -40.74 74.64
CA GLU D 165 9.15 -41.51 73.58
C GLU D 165 8.52 -41.22 72.27
N CYS D 166 9.20 -41.49 71.19
CA CYS D 166 8.60 -41.25 69.93
C CYS D 166 7.72 -42.34 69.42
N PRO D 167 6.44 -42.11 69.24
CA PRO D 167 5.64 -43.25 68.78
C PRO D 167 6.01 -43.78 67.33
N PRO D 168 5.92 -45.07 67.02
CA PRO D 168 6.26 -45.40 65.60
C PRO D 168 5.16 -44.85 64.64
N LEU D 169 5.54 -44.36 63.45
CA LEU D 169 4.50 -43.87 62.57
C LEU D 169 3.87 -44.91 61.68
N GLU D 170 2.65 -44.63 61.21
CA GLU D 170 2.03 -45.55 60.24
C GLU D 170 1.19 -44.74 59.13
N LEU D 171 1.39 -45.23 57.89
CA LEU D 171 0.82 -44.66 56.72
C LEU D 171 -0.56 -45.05 56.79
N LEU D 172 -1.44 -44.08 56.94
CA LEU D 172 -2.88 -44.48 56.94
C LEU D 172 -3.66 -44.11 55.68
N ASN D 173 -4.63 -44.91 55.31
CA ASN D 173 -5.59 -44.55 54.30
C ASN D 173 -6.90 -44.10 54.99
N THR D 174 -7.55 -43.13 54.33
CA THR D 174 -8.68 -42.46 54.83
C THR D 174 -9.40 -41.82 53.67
N VAL D 175 -10.69 -41.72 53.75
CA VAL D 175 -11.43 -41.04 52.63
C VAL D 175 -11.35 -39.61 52.84
N LEU D 176 -11.19 -38.87 51.73
CA LEU D 176 -11.30 -37.37 51.61
C LEU D 176 -12.69 -36.81 51.77
N GLN D 177 -12.84 -36.02 52.83
CA GLN D 177 -14.15 -35.45 53.09
C GLN D 177 -14.20 -33.86 52.84
N ASP D 178 -15.29 -33.21 52.40
CA ASP D 178 -15.14 -31.86 52.28
C ASP D 178 -14.72 -31.12 53.54
N GLY D 179 -13.67 -30.31 53.49
CA GLY D 179 -13.15 -29.55 54.66
C GLY D 179 -11.76 -29.93 55.21
N ASP D 180 -11.29 -31.16 54.81
CA ASP D 180 -9.96 -31.68 55.33
C ASP D 180 -8.83 -30.72 54.88
N MET D 181 -7.67 -30.72 55.47
CA MET D 181 -6.51 -29.92 55.04
C MET D 181 -5.58 -30.63 54.12
N VAL D 182 -4.95 -29.93 53.19
CA VAL D 182 -4.01 -30.46 52.18
C VAL D 182 -2.77 -30.29 52.96
N ASP D 183 -1.71 -30.95 52.49
CA ASP D 183 -0.42 -30.87 53.19
C ASP D 183 0.06 -29.42 52.85
N THR D 184 0.61 -28.69 53.84
CA THR D 184 0.84 -27.24 53.68
C THR D 184 2.29 -26.92 53.61
N GLY D 185 3.10 -27.94 53.54
CA GLY D 185 4.54 -27.73 53.59
C GLY D 185 5.09 -28.35 54.81
N PHE D 186 4.18 -28.90 55.59
CA PHE D 186 4.59 -29.63 56.76
C PHE D 186 4.45 -31.20 56.70
N GLY D 187 4.27 -31.67 55.49
CA GLY D 187 3.99 -32.99 55.38
C GLY D 187 2.56 -33.33 55.60
N ALA D 188 2.22 -34.52 55.24
CA ALA D 188 0.89 -34.93 55.47
C ALA D 188 0.86 -35.89 56.62
N MET D 189 0.28 -35.37 57.73
CA MET D 189 0.17 -36.12 59.00
C MET D 189 -1.04 -35.85 59.86
N ASP D 190 -0.95 -36.25 61.13
CA ASP D 190 -2.02 -35.92 62.06
C ASP D 190 -1.41 -35.21 63.23
N PHE D 191 -1.48 -33.94 63.16
CA PHE D 191 -0.86 -32.99 64.06
C PHE D 191 -1.37 -33.14 65.46
N THR D 192 -2.70 -33.41 65.66
CA THR D 192 -3.25 -33.59 66.98
C THR D 192 -2.56 -34.81 67.66
N THR D 193 -2.49 -35.96 67.01
CA THR D 193 -1.85 -37.04 67.69
C THR D 193 -0.40 -37.13 67.73
N LEU D 194 0.24 -36.53 66.76
CA LEU D 194 1.74 -36.66 66.63
C LEU D 194 2.52 -35.43 67.22
N GLN D 195 1.80 -34.30 67.44
CA GLN D 195 2.48 -33.18 68.10
C GLN D 195 1.78 -32.81 69.51
N ALA D 196 2.35 -33.19 70.65
CA ALA D 196 1.60 -32.90 71.88
C ALA D 196 1.44 -31.39 72.11
N ASN D 197 2.56 -30.66 72.02
CA ASN D 197 2.63 -29.16 72.37
C ASN D 197 1.70 -28.38 71.61
N LYS D 198 1.06 -28.96 70.62
CA LYS D 198 0.15 -28.08 69.83
C LYS D 198 0.59 -26.55 69.63
N SER D 199 1.84 -26.36 69.33
CA SER D 199 2.29 -25.02 69.22
C SER D 199 3.33 -24.96 68.08
N ASP D 200 3.46 -26.01 67.17
CA ASP D 200 4.52 -25.82 66.07
C ASP D 200 4.08 -25.88 64.63
N VAL D 201 2.89 -25.36 64.39
CA VAL D 201 2.16 -25.33 63.10
C VAL D 201 1.02 -24.36 63.25
N PRO D 202 0.80 -23.53 62.28
CA PRO D 202 -0.35 -22.60 62.55
C PRO D 202 -1.70 -23.31 62.93
N LEU D 203 -2.52 -22.65 63.69
CA LEU D 203 -3.79 -23.24 64.09
C LEU D 203 -4.68 -23.84 63.09
N ASP D 204 -4.76 -23.25 61.92
CA ASP D 204 -5.59 -23.96 60.95
C ASP D 204 -5.15 -25.49 60.74
N ILE D 205 -3.95 -25.92 61.09
CA ILE D 205 -3.73 -27.29 60.93
C ILE D 205 -3.29 -28.05 62.24
N CYS D 206 -2.74 -27.28 63.19
CA CYS D 206 -2.07 -27.82 64.32
C CYS D 206 -3.02 -28.79 65.01
N SER D 207 -4.37 -28.58 64.92
CA SER D 207 -5.24 -29.64 65.52
C SER D 207 -6.02 -30.41 64.50
N SER D 208 -5.34 -30.90 63.43
CA SER D 208 -5.99 -31.47 62.26
C SER D 208 -5.12 -32.47 61.50
N ILE D 209 -5.81 -33.26 60.62
CA ILE D 209 -5.02 -34.07 59.74
C ILE D 209 -4.88 -33.44 58.35
N CYS D 210 -3.61 -33.38 57.86
CA CYS D 210 -3.27 -32.86 56.53
C CYS D 210 -3.16 -34.05 55.60
N LYS D 211 -4.18 -34.35 54.80
CA LYS D 211 -4.17 -35.51 53.90
C LYS D 211 -3.47 -35.20 52.56
N TYR D 212 -3.00 -36.24 51.83
CA TYR D 212 -2.47 -36.10 50.50
C TYR D 212 -3.04 -37.25 49.73
N PRO D 213 -3.65 -36.99 48.54
CA PRO D 213 -4.30 -38.06 47.68
C PRO D 213 -3.44 -39.30 47.54
N ASP D 214 -4.05 -40.46 47.61
CA ASP D 214 -3.11 -41.57 47.52
C ASP D 214 -3.16 -41.89 46.06
N TYR D 215 -2.22 -41.33 45.32
CA TYR D 215 -2.46 -41.42 43.90
C TYR D 215 -2.07 -42.80 43.44
N LEU D 216 -1.03 -43.30 44.09
CA LEU D 216 -0.50 -44.66 43.83
C LEU D 216 -1.54 -45.77 44.08
N LYS D 217 -2.10 -45.75 45.35
CA LYS D 217 -3.23 -46.54 45.58
C LYS D 217 -4.36 -46.43 44.54
N MET D 218 -5.07 -45.28 44.50
CA MET D 218 -6.24 -45.08 43.62
C MET D 218 -6.09 -45.37 42.17
N VAL D 219 -4.86 -45.17 41.74
CA VAL D 219 -4.49 -45.44 40.34
C VAL D 219 -4.61 -46.98 40.05
N SER D 220 -3.97 -47.72 40.99
CA SER D 220 -3.92 -49.20 41.05
C SER D 220 -5.18 -49.95 41.36
N GLU D 221 -6.33 -49.33 41.67
CA GLU D 221 -7.58 -50.08 41.99
C GLU D 221 -8.02 -50.82 40.71
N PRO D 222 -8.37 -52.08 40.83
CA PRO D 222 -8.74 -52.93 39.77
C PRO D 222 -9.90 -52.41 38.99
N TYR D 223 -10.92 -51.85 39.65
CA TYR D 223 -12.08 -51.31 38.86
C TYR D 223 -11.89 -49.90 38.33
N GLY D 224 -11.12 -49.14 39.14
CA GLY D 224 -10.93 -47.69 38.98
C GLY D 224 -12.15 -46.81 38.87
N ASP D 225 -12.87 -46.66 39.99
CA ASP D 225 -14.11 -45.93 40.08
C ASP D 225 -13.71 -44.78 40.94
N MET D 226 -12.73 -45.04 41.77
CA MET D 226 -12.21 -44.04 42.61
C MET D 226 -11.94 -42.66 41.84
N LEU D 227 -11.14 -42.75 40.79
CA LEU D 227 -10.81 -41.58 39.96
C LEU D 227 -10.53 -42.09 38.53
N PHE D 228 -11.21 -41.45 37.58
CA PHE D 228 -10.90 -41.68 36.19
C PHE D 228 -10.30 -40.42 35.45
N PHE D 229 -9.77 -39.49 36.23
CA PHE D 229 -9.19 -38.26 35.68
C PHE D 229 -8.60 -37.52 36.84
N TYR D 230 -7.55 -36.74 36.63
CA TYR D 230 -7.03 -35.97 37.81
C TYR D 230 -5.97 -34.98 37.30
N LEU D 231 -5.77 -33.88 38.00
CA LEU D 231 -4.62 -33.07 37.63
C LEU D 231 -4.10 -32.48 38.86
N ARG D 232 -2.76 -32.46 38.92
CA ARG D 232 -2.17 -31.96 40.17
C ARG D 232 -1.23 -30.83 39.75
N ARG D 233 -1.07 -29.80 40.59
CA ARG D 233 -0.08 -28.81 40.26
C ARG D 233 0.38 -28.28 41.59
N GLU D 234 1.36 -28.90 42.24
CA GLU D 234 1.74 -28.47 43.57
C GLU D 234 3.17 -27.86 43.50
N GLN D 235 3.51 -26.83 44.33
CA GLN D 235 4.87 -26.29 44.30
C GLN D 235 5.15 -25.48 45.54
N MET D 236 6.40 -25.36 46.00
CA MET D 236 6.67 -24.62 47.31
C MET D 236 8.16 -24.43 47.42
N PHE D 237 8.64 -23.64 48.37
CA PHE D 237 10.08 -23.62 48.57
C PHE D 237 10.49 -23.12 49.98
N VAL D 238 11.76 -23.12 50.36
CA VAL D 238 12.02 -22.72 51.72
C VAL D 238 12.07 -21.14 51.97
N ARG D 239 11.02 -20.58 52.60
CA ARG D 239 10.84 -19.12 53.01
C ARG D 239 11.88 -18.98 54.11
N HIS D 240 11.64 -19.59 55.31
CA HIS D 240 12.81 -19.67 56.32
C HIS D 240 13.20 -21.08 56.85
N LEU D 241 14.28 -20.98 57.63
CA LEU D 241 14.86 -22.04 58.32
C LEU D 241 14.85 -21.83 59.84
N PHE D 242 14.05 -22.57 60.58
CA PHE D 242 14.15 -22.49 62.08
C PHE D 242 14.59 -23.78 62.88
N ASN D 243 14.70 -23.52 64.18
CA ASN D 243 15.14 -24.44 65.17
C ASN D 243 13.97 -24.60 66.09
N ARG D 244 13.83 -25.77 66.67
CA ARG D 244 12.68 -25.98 67.53
C ARG D 244 13.09 -25.90 68.97
N ALA D 245 12.19 -25.44 69.80
CA ALA D 245 12.61 -25.48 71.17
C ALA D 245 12.10 -26.84 71.93
N GLY D 246 12.71 -27.21 73.05
CA GLY D 246 12.19 -28.40 73.79
C GLY D 246 13.32 -29.36 73.67
N THR D 247 13.44 -30.25 74.65
CA THR D 247 14.57 -31.17 74.66
C THR D 247 14.45 -32.07 73.43
N VAL D 248 15.60 -32.52 72.96
CA VAL D 248 15.67 -33.40 71.82
C VAL D 248 15.55 -34.89 72.25
N GLY D 249 14.63 -35.60 71.60
CA GLY D 249 14.37 -37.01 71.92
C GLY D 249 15.62 -37.77 71.64
N GLU D 250 15.78 -38.00 70.38
CA GLU D 250 16.96 -38.61 69.87
C GLU D 250 18.23 -37.74 69.87
N THR D 251 18.95 -37.72 71.00
CA THR D 251 20.27 -37.06 71.03
C THR D 251 21.31 -37.39 69.89
N VAL D 252 22.08 -36.38 69.54
CA VAL D 252 23.12 -36.44 68.51
C VAL D 252 24.28 -37.34 68.92
N PRO D 253 24.55 -38.47 68.18
CA PRO D 253 25.74 -39.40 68.37
C PRO D 253 27.07 -38.53 68.49
N ALA D 254 27.72 -38.42 69.68
CA ALA D 254 28.97 -37.62 69.92
C ALA D 254 30.18 -37.90 68.98
N ASP D 255 30.04 -38.83 68.10
CA ASP D 255 31.16 -39.22 67.31
C ASP D 255 30.93 -38.57 65.99
N LEU D 256 29.86 -37.80 65.93
CA LEU D 256 29.52 -36.91 64.75
C LEU D 256 30.05 -35.50 64.90
N TYR D 257 30.61 -35.07 66.01
CA TYR D 257 31.07 -33.69 66.13
C TYR D 257 32.12 -33.70 67.20
N ILE D 258 32.97 -32.70 67.24
CA ILE D 258 33.91 -32.54 68.30
C ILE D 258 33.47 -31.69 69.54
N LYS D 259 33.76 -32.19 70.74
CA LYS D 259 33.14 -31.71 72.02
C LYS D 259 33.51 -30.32 72.10
N GLY D 260 32.50 -29.50 71.97
CA GLY D 260 32.78 -28.09 72.04
C GLY D 260 32.58 -27.60 73.44
N THR D 261 33.58 -26.89 73.88
CA THR D 261 33.54 -26.49 75.26
C THR D 261 32.37 -25.55 75.40
N THR D 262 31.69 -25.56 76.56
CA THR D 262 30.66 -24.50 76.76
C THR D 262 29.47 -24.95 75.93
N GLY D 263 28.72 -25.89 76.51
CA GLY D 263 27.35 -25.98 75.89
C GLY D 263 26.66 -27.37 76.00
N THR D 264 25.35 -27.37 75.78
CA THR D 264 24.52 -28.51 76.03
C THR D 264 24.11 -28.79 74.66
N LEU D 265 24.94 -28.38 73.74
CA LEU D 265 24.64 -28.68 72.36
C LEU D 265 23.25 -28.11 71.96
N PRO D 266 23.23 -26.98 71.16
CA PRO D 266 22.00 -26.35 70.69
C PRO D 266 21.04 -27.28 69.93
N SER D 267 19.77 -26.84 69.82
CA SER D 267 18.72 -27.73 69.25
C SER D 267 19.11 -28.10 67.84
N THR D 268 18.74 -29.25 67.28
CA THR D 268 19.15 -29.67 65.92
C THR D 268 17.87 -30.13 65.33
N SER D 269 16.80 -29.84 66.08
CA SER D 269 15.40 -30.13 65.62
C SER D 269 15.08 -28.87 64.75
N TYR D 270 15.31 -29.07 63.45
CA TYR D 270 15.01 -28.10 62.48
C TYR D 270 13.68 -28.23 61.65
N PHE D 271 13.27 -27.05 61.24
CA PHE D 271 12.00 -26.95 60.45
C PHE D 271 11.98 -25.80 59.60
N PRO D 272 11.45 -26.01 58.45
CA PRO D 272 11.51 -24.97 57.56
C PRO D 272 10.11 -24.22 57.39
N THR D 273 10.08 -23.04 56.79
CA THR D 273 8.77 -22.45 56.59
C THR D 273 8.51 -22.63 55.12
N PRO D 274 7.34 -23.05 54.66
CA PRO D 274 7.31 -23.06 53.18
C PRO D 274 6.73 -21.67 52.68
N SER D 275 6.56 -21.61 51.36
CA SER D 275 6.25 -20.49 50.52
C SER D 275 5.90 -21.15 49.13
N GLY D 276 4.67 -20.88 48.66
CA GLY D 276 4.16 -21.43 47.42
C GLY D 276 4.37 -20.41 46.35
N SER D 277 5.21 -19.49 46.69
CA SER D 277 5.73 -18.52 45.78
C SER D 277 4.64 -17.75 45.04
N MET D 278 4.45 -17.96 43.75
CA MET D 278 3.56 -17.04 43.16
C MET D 278 2.33 -17.68 42.55
N VAL D 279 1.15 -17.04 42.56
CA VAL D 279 -0.01 -17.56 41.81
C VAL D 279 -0.19 -16.60 40.62
N THR D 280 -0.63 -17.22 39.54
CA THR D 280 -0.79 -16.65 38.30
C THR D 280 -1.79 -17.28 37.35
N SER D 281 -2.47 -16.53 36.50
CA SER D 281 -3.54 -16.99 35.52
C SER D 281 -3.04 -18.13 34.70
N ASP D 282 -1.75 -18.07 34.35
CA ASP D 282 -1.36 -19.04 33.44
C ASP D 282 -1.21 -20.36 34.12
N ALA D 283 -0.79 -20.44 35.43
CA ALA D 283 -0.62 -21.68 36.26
C ALA D 283 -1.96 -22.36 36.27
N GLN D 284 -3.02 -21.70 36.74
CA GLN D 284 -4.41 -22.23 36.59
C GLN D 284 -4.80 -23.46 35.86
N ILE D 285 -5.42 -24.36 36.61
CA ILE D 285 -5.75 -25.70 36.20
C ILE D 285 -7.22 -25.76 35.99
N PHE D 286 -8.00 -24.85 36.61
CA PHE D 286 -9.48 -24.66 36.45
C PHE D 286 -10.09 -23.65 35.47
N ASN D 287 -11.42 -23.54 35.48
CA ASN D 287 -12.11 -22.70 34.41
C ASN D 287 -11.85 -23.21 32.96
N LYS D 288 -11.44 -24.47 32.74
CA LYS D 288 -11.31 -24.98 31.38
C LYS D 288 -12.05 -26.32 31.31
N PRO D 289 -12.54 -26.57 30.15
CA PRO D 289 -13.37 -27.71 30.02
C PRO D 289 -12.53 -28.96 30.04
N TYR D 290 -12.80 -29.95 30.87
CA TYR D 290 -12.11 -31.28 30.68
C TYR D 290 -12.91 -32.29 29.82
N TRP D 291 -12.35 -33.12 28.91
CA TRP D 291 -13.19 -34.07 28.24
C TRP D 291 -12.58 -35.40 28.55
N LEU D 292 -13.27 -36.27 29.31
CA LEU D 292 -12.63 -37.44 29.67
C LEU D 292 -13.07 -38.42 28.70
N GLN D 293 -12.54 -38.24 27.55
CA GLN D 293 -12.82 -39.12 26.46
C GLN D 293 -12.49 -40.62 26.80
N ARG D 294 -11.25 -40.86 27.22
CA ARG D 294 -10.86 -42.21 27.61
C ARG D 294 -10.38 -42.12 29.03
N ALA D 295 -10.72 -43.14 29.84
CA ALA D 295 -10.58 -43.00 31.29
C ALA D 295 -9.31 -43.65 31.56
N GLN D 296 -8.70 -43.42 32.71
CA GLN D 296 -7.33 -43.99 33.02
C GLN D 296 -7.45 -45.46 33.38
N GLY D 297 -8.37 -45.76 34.32
CA GLY D 297 -8.73 -47.16 34.60
C GLY D 297 -9.84 -47.81 33.72
N HIS D 298 -10.38 -48.96 34.14
CA HIS D 298 -11.45 -49.66 33.43
C HIS D 298 -12.77 -48.87 33.30
N ASN D 299 -13.18 -48.20 34.36
CA ASN D 299 -14.44 -47.51 34.33
C ASN D 299 -14.29 -46.26 33.54
N ASN D 300 -14.92 -46.22 32.36
CA ASN D 300 -14.83 -44.98 31.49
C ASN D 300 -15.90 -43.91 31.84
N GLY D 301 -15.68 -43.19 32.91
CA GLY D 301 -16.63 -42.24 33.45
C GLY D 301 -18.07 -42.66 33.46
N ILE D 302 -18.34 -43.91 33.90
CA ILE D 302 -19.73 -44.39 34.28
C ILE D 302 -20.10 -44.13 35.73
N CYS D 303 -21.05 -43.29 35.90
CA CYS D 303 -21.36 -42.95 37.24
C CYS D 303 -22.39 -43.85 37.84
N TRP D 304 -21.87 -44.93 38.28
CA TRP D 304 -22.66 -45.94 39.07
C TRP D 304 -23.43 -45.33 40.24
N SER D 305 -24.67 -45.77 40.33
CA SER D 305 -25.49 -45.35 41.39
C SER D 305 -25.80 -43.89 41.11
N ASN D 306 -25.89 -43.46 39.83
CA ASN D 306 -26.21 -42.03 39.45
C ASN D 306 -25.40 -41.01 40.27
N GLN D 307 -24.07 -41.07 40.30
CA GLN D 307 -23.36 -40.28 41.36
C GLN D 307 -21.91 -39.87 40.92
N LEU D 308 -21.35 -38.80 41.51
CA LEU D 308 -20.06 -38.33 41.00
C LEU D 308 -19.44 -37.49 42.09
N PHE D 309 -18.11 -37.51 42.05
CA PHE D 309 -17.35 -36.94 43.16
C PHE D 309 -16.33 -36.05 42.50
N VAL D 310 -16.27 -34.83 42.97
CA VAL D 310 -15.34 -33.93 42.24
C VAL D 310 -14.43 -33.39 43.34
N THR D 311 -13.23 -33.97 43.54
CA THR D 311 -12.48 -33.60 44.72
C THR D 311 -11.65 -32.45 44.22
N VAL D 312 -11.56 -31.27 44.89
CA VAL D 312 -10.84 -29.98 44.37
C VAL D 312 -10.15 -29.19 45.48
N VAL D 313 -8.84 -28.99 45.29
CA VAL D 313 -8.02 -28.16 46.26
C VAL D 313 -7.50 -26.90 45.49
N ASP D 314 -7.64 -25.68 46.06
CA ASP D 314 -7.11 -24.57 45.30
C ASP D 314 -6.45 -23.37 46.08
N THR D 315 -5.14 -23.39 46.25
CA THR D 315 -4.51 -22.36 47.06
C THR D 315 -4.16 -20.98 46.31
N THR D 316 -4.56 -20.88 45.04
CA THR D 316 -4.41 -19.68 44.19
C THR D 316 -5.24 -18.48 44.58
N ARG D 317 -6.48 -18.79 45.01
CA ARG D 317 -7.34 -17.84 45.48
C ARG D 317 -7.58 -17.82 46.97
N SER D 318 -6.49 -18.00 47.70
CA SER D 318 -6.71 -18.22 49.17
C SER D 318 -6.76 -16.99 50.07
N THR D 319 -6.95 -15.81 49.51
CA THR D 319 -6.94 -14.48 50.25
C THR D 319 -8.03 -14.38 51.33
N ASN D 320 -7.63 -13.94 52.51
CA ASN D 320 -8.59 -13.86 53.62
C ASN D 320 -8.81 -12.41 53.85
N MET D 321 -10.00 -11.86 53.63
CA MET D 321 -10.11 -10.37 53.75
C MET D 321 -10.45 -10.10 55.23
N SER D 322 -9.88 -9.04 55.82
CA SER D 322 -10.18 -8.76 57.20
C SER D 322 -11.14 -7.63 57.22
N VAL D 323 -12.11 -7.70 58.11
CA VAL D 323 -13.17 -6.68 58.33
C VAL D 323 -13.04 -6.06 59.72
N CYS D 324 -12.98 -4.77 59.79
CA CYS D 324 -12.72 -4.12 61.03
C CYS D 324 -13.99 -3.46 61.34
N SER D 325 -14.45 -3.50 62.56
CA SER D 325 -15.77 -2.96 63.00
C SER D 325 -15.49 -2.05 64.22
N ALA D 326 -16.37 -1.08 64.41
CA ALA D 326 -16.03 -0.14 65.45
C ALA D 326 -17.06 -0.26 66.56
N VAL D 327 -16.61 -0.07 67.79
CA VAL D 327 -17.49 -0.14 68.94
C VAL D 327 -18.31 1.09 69.05
N SER D 328 -17.75 2.26 68.73
CA SER D 328 -18.51 3.51 68.72
C SER D 328 -17.85 4.52 67.80
N SER D 329 -18.54 4.87 66.76
CA SER D 329 -18.02 5.86 65.80
C SER D 329 -18.09 7.30 66.31
N SER D 330 -18.33 7.44 67.62
CA SER D 330 -18.37 8.75 68.30
C SER D 330 -16.98 9.43 68.55
N ASP D 331 -15.88 8.62 68.56
CA ASP D 331 -14.54 9.14 68.88
C ASP D 331 -13.92 9.77 67.66
N SER D 332 -12.93 10.59 67.87
CA SER D 332 -12.39 11.31 66.74
C SER D 332 -10.91 11.16 66.78
N THR D 333 -10.36 10.37 67.73
CA THR D 333 -8.96 9.99 67.85
C THR D 333 -8.92 8.47 67.84
N TYR D 334 -8.01 7.92 67.00
CA TYR D 334 -7.84 6.48 66.81
C TYR D 334 -7.53 5.78 68.14
N LYS D 335 -8.21 4.71 68.53
CA LYS D 335 -7.78 3.99 69.66
C LYS D 335 -8.12 2.62 69.34
N ASN D 336 -7.13 1.70 69.49
CA ASN D 336 -7.31 0.26 69.21
C ASN D 336 -8.48 -0.35 69.95
N ASP D 337 -8.67 -0.11 71.26
CA ASP D 337 -9.84 -0.66 71.96
C ASP D 337 -11.16 -0.49 71.24
N ASN D 338 -11.31 0.62 70.50
CA ASN D 338 -12.53 0.91 69.81
C ASN D 338 -12.72 0.15 68.52
N PHE D 339 -11.82 -0.76 68.14
CA PHE D 339 -11.94 -1.55 66.91
C PHE D 339 -11.78 -3.04 67.10
N LYS D 340 -12.63 -3.75 66.41
CA LYS D 340 -12.55 -5.20 66.36
C LYS D 340 -12.24 -5.84 64.98
N GLU D 341 -10.99 -6.28 64.76
CA GLU D 341 -10.77 -6.97 63.52
C GLU D 341 -11.27 -8.42 63.49
N TYR D 342 -11.70 -8.89 62.29
CA TYR D 342 -12.22 -10.19 62.03
C TYR D 342 -11.70 -10.71 60.73
N LEU D 343 -11.31 -12.00 60.64
CA LEU D 343 -10.88 -12.63 59.38
C LEU D 343 -11.98 -13.36 58.57
N ARG D 344 -12.22 -13.05 57.28
CA ARG D 344 -13.09 -13.94 56.50
C ARG D 344 -12.60 -14.32 55.08
N HIS D 345 -12.97 -15.53 54.62
CA HIS D 345 -12.50 -16.10 53.40
C HIS D 345 -13.73 -16.63 52.65
N GLY D 346 -14.05 -16.01 51.49
CA GLY D 346 -15.21 -16.63 50.69
C GLY D 346 -14.79 -17.50 49.47
N GLU D 347 -15.46 -18.65 49.30
CA GLU D 347 -14.97 -19.62 48.22
C GLU D 347 -16.07 -19.46 47.19
N GLU D 348 -15.80 -19.65 45.88
CA GLU D 348 -16.92 -19.62 44.95
C GLU D 348 -16.62 -20.64 43.94
N TYR D 349 -17.65 -21.40 43.67
CA TYR D 349 -17.48 -22.59 42.80
C TYR D 349 -18.60 -22.57 41.81
N ASP D 350 -18.43 -23.35 40.76
CA ASP D 350 -19.43 -23.49 39.72
C ASP D 350 -19.25 -24.96 39.18
N LEU D 351 -20.18 -25.93 39.24
CA LEU D 351 -19.81 -27.13 38.59
C LEU D 351 -20.50 -27.41 37.29
N GLN D 352 -19.81 -27.82 36.23
CA GLN D 352 -20.60 -28.01 35.04
C GLN D 352 -20.28 -29.37 34.52
N PHE D 353 -21.19 -30.10 33.85
CA PHE D 353 -20.92 -31.52 33.42
C PHE D 353 -21.69 -31.79 32.14
N ILE D 354 -21.21 -32.85 31.43
CA ILE D 354 -21.94 -33.22 30.23
C ILE D 354 -21.94 -34.67 30.29
N PHE D 355 -23.18 -35.21 30.38
CA PHE D 355 -23.39 -36.62 30.35
C PHE D 355 -24.08 -37.27 29.13
N GLN D 356 -23.57 -38.52 28.83
CA GLN D 356 -23.96 -39.46 27.77
C GLN D 356 -24.89 -40.52 28.37
N LEU D 357 -26.00 -40.84 27.70
CA LEU D 357 -26.85 -41.86 28.17
C LEU D 357 -26.30 -43.20 27.77
N CYS D 358 -26.19 -44.17 28.68
CA CYS D 358 -25.72 -45.44 28.33
C CYS D 358 -26.62 -46.46 28.95
N LYS D 359 -26.92 -47.51 28.15
CA LYS D 359 -27.80 -48.65 28.47
C LYS D 359 -27.08 -49.92 28.77
N ILE D 360 -27.48 -50.62 29.78
CA ILE D 360 -26.89 -51.99 29.99
C ILE D 360 -27.79 -53.22 29.94
N THR D 361 -27.37 -54.16 29.13
CA THR D 361 -28.21 -55.38 29.09
C THR D 361 -27.96 -56.51 30.12
N LEU D 362 -28.76 -56.51 31.19
CA LEU D 362 -28.56 -57.39 32.32
C LEU D 362 -28.66 -58.82 31.82
N THR D 363 -27.56 -59.42 31.39
CA THR D 363 -27.64 -60.79 31.00
C THR D 363 -27.01 -61.56 32.14
N ALA D 364 -26.87 -62.92 31.93
CA ALA D 364 -26.38 -63.88 32.85
C ALA D 364 -24.99 -63.41 33.23
N ASP D 365 -24.11 -63.24 32.23
CA ASP D 365 -22.74 -62.88 32.46
C ASP D 365 -22.54 -61.49 33.14
N VAL D 366 -23.15 -60.46 32.51
CA VAL D 366 -23.06 -59.11 32.97
C VAL D 366 -23.55 -59.16 34.41
N MET D 367 -24.74 -59.61 34.67
CA MET D 367 -25.13 -59.53 36.04
C MET D 367 -24.12 -60.08 37.12
N THR D 368 -23.55 -61.26 36.84
CA THR D 368 -22.62 -61.83 37.81
C THR D 368 -21.42 -60.90 38.00
N TYR D 369 -20.92 -60.34 36.86
CA TYR D 369 -19.85 -59.32 36.82
C TYR D 369 -20.17 -58.06 37.66
N ILE D 370 -21.34 -57.52 37.41
CA ILE D 370 -21.72 -56.32 38.14
C ILE D 370 -21.90 -56.72 39.58
N HIS D 371 -22.35 -57.92 39.84
CA HIS D 371 -22.53 -58.30 41.23
C HIS D 371 -21.18 -58.26 41.98
N SER D 372 -20.21 -58.99 41.45
CA SER D 372 -18.90 -59.08 42.12
C SER D 372 -18.25 -57.72 42.29
N MET D 373 -18.42 -56.87 41.25
CA MET D 373 -17.96 -55.49 41.31
C MET D 373 -18.66 -54.67 42.44
N ASN D 374 -19.96 -54.47 42.34
CA ASN D 374 -20.69 -53.79 43.40
C ASN D 374 -22.12 -54.31 43.33
N PRO D 375 -22.64 -54.85 44.42
CA PRO D 375 -24.01 -55.38 44.39
C PRO D 375 -25.03 -54.30 44.27
N SER D 376 -24.87 -53.26 45.07
CA SER D 376 -25.73 -52.09 45.04
C SER D 376 -26.24 -51.65 43.65
N ILE D 377 -25.30 -51.51 42.74
CA ILE D 377 -25.66 -51.18 41.39
C ILE D 377 -26.91 -52.03 40.93
N LEU D 378 -26.99 -53.37 41.24
CA LEU D 378 -28.13 -54.20 40.76
C LEU D 378 -29.35 -54.00 41.56
N GLU D 379 -29.16 -53.98 42.89
CA GLU D 379 -30.27 -53.97 43.88
C GLU D 379 -30.98 -52.70 43.72
N ASP D 380 -30.21 -51.63 43.54
CA ASP D 380 -30.79 -50.31 43.37
C ASP D 380 -31.60 -50.13 42.11
N TRP D 381 -31.43 -51.03 41.17
CA TRP D 381 -32.22 -50.95 39.95
C TRP D 381 -33.59 -51.66 40.07
N ASN D 382 -34.09 -51.89 41.31
CA ASN D 382 -35.48 -52.52 41.39
C ASN D 382 -36.12 -52.24 42.74
N PRO D 389 -25.32 -45.20 53.45
CA PRO D 389 -24.14 -45.92 52.81
C PRO D 389 -22.80 -45.27 53.14
N LEU D 390 -22.86 -43.94 53.05
CA LEU D 390 -21.75 -43.05 53.24
C LEU D 390 -22.28 -42.12 54.35
N LYS D 391 -23.02 -42.70 55.29
CA LYS D 391 -23.62 -41.88 56.37
C LYS D 391 -22.61 -41.19 57.26
N ASN D 392 -21.40 -41.69 57.29
CA ASN D 392 -20.38 -41.18 58.23
C ASN D 392 -19.50 -40.12 57.55
N TYR D 393 -19.50 -40.03 56.24
CA TYR D 393 -18.59 -39.05 55.57
C TYR D 393 -19.27 -37.77 55.25
N THR D 394 -18.62 -36.64 55.43
CA THR D 394 -19.28 -35.34 55.13
C THR D 394 -18.90 -34.75 53.75
N PHE D 395 -19.87 -34.56 52.85
CA PHE D 395 -19.58 -34.01 51.56
C PHE D 395 -20.35 -32.69 51.19
N TRP D 396 -19.67 -31.70 50.54
CA TRP D 396 -20.51 -30.70 49.98
C TRP D 396 -21.51 -31.36 49.02
N GLU D 397 -22.81 -31.27 49.39
CA GLU D 397 -23.91 -31.94 48.62
C GLU D 397 -24.43 -31.17 47.46
N VAL D 398 -24.54 -31.76 46.28
CA VAL D 398 -24.86 -30.99 45.06
C VAL D 398 -25.84 -31.83 44.28
N ASP D 399 -27.03 -31.27 44.14
CA ASP D 399 -28.10 -32.09 43.52
C ASP D 399 -28.42 -31.48 42.15
N LEU D 400 -28.16 -32.23 41.10
CA LEU D 400 -28.43 -31.66 39.78
C LEU D 400 -29.55 -32.42 39.20
N LYS D 401 -30.54 -32.78 40.01
CA LYS D 401 -31.53 -33.75 39.49
C LYS D 401 -32.37 -32.94 38.63
N GLU D 402 -32.69 -31.75 39.18
CA GLU D 402 -33.44 -30.75 38.39
C GLU D 402 -32.68 -29.79 37.47
N LYS D 403 -31.33 -29.89 37.39
CA LYS D 403 -30.47 -29.07 36.57
C LYS D 403 -30.04 -29.79 35.26
N PHE D 404 -30.67 -30.85 34.82
CA PHE D 404 -30.30 -31.48 33.53
C PHE D 404 -30.99 -30.75 32.37
N SER D 405 -30.31 -30.64 31.23
CA SER D 405 -30.92 -30.09 30.03
C SER D 405 -30.45 -30.78 28.72
N ALA D 406 -31.29 -30.93 27.77
CA ALA D 406 -30.79 -31.58 26.60
C ALA D 406 -30.43 -30.51 25.56
N ASP D 407 -30.57 -29.24 25.92
CA ASP D 407 -30.24 -28.16 24.94
C ASP D 407 -28.79 -27.77 25.13
N LEU D 408 -27.84 -28.44 24.49
CA LEU D 408 -26.49 -28.16 24.87
C LEU D 408 -26.13 -26.76 24.47
N ASP D 409 -26.61 -26.36 23.29
CA ASP D 409 -26.51 -25.00 22.85
C ASP D 409 -26.54 -23.83 23.81
N GLN D 410 -27.46 -23.86 24.75
CA GLN D 410 -27.69 -22.78 25.81
C GLN D 410 -26.60 -22.42 26.83
N PHE D 411 -25.49 -23.16 26.69
CA PHE D 411 -24.34 -23.21 27.68
C PHE D 411 -22.86 -23.23 27.13
N PRO D 412 -22.00 -22.49 27.80
CA PRO D 412 -20.71 -22.46 27.28
C PRO D 412 -20.07 -23.86 27.18
N LEU D 413 -20.06 -24.74 28.29
CA LEU D 413 -19.49 -26.11 28.36
C LEU D 413 -20.25 -26.92 27.34
N GLY D 414 -21.55 -26.88 27.33
CA GLY D 414 -22.20 -27.54 26.13
C GLY D 414 -21.87 -27.07 24.71
N ARG D 415 -21.76 -25.75 24.56
CA ARG D 415 -21.56 -25.18 23.25
C ARG D 415 -20.24 -25.62 22.70
N LYS D 416 -19.16 -25.38 23.54
CA LYS D 416 -17.83 -26.14 23.44
C LYS D 416 -17.93 -27.64 23.08
N PHE D 417 -18.74 -28.40 23.89
CA PHE D 417 -18.90 -29.78 23.68
C PHE D 417 -19.11 -30.11 22.20
N LEU D 418 -20.30 -29.68 21.76
CA LEU D 418 -20.79 -29.73 20.41
C LEU D 418 -19.74 -29.44 19.34
N LEU D 419 -19.05 -28.29 19.55
CA LEU D 419 -17.97 -27.84 18.67
C LEU D 419 -16.87 -28.91 18.68
N GLN D 420 -16.16 -29.05 19.82
CA GLN D 420 -15.10 -29.94 20.01
C GLN D 420 -15.45 -31.35 19.55
N ALA D 421 -16.51 -31.93 20.08
CA ALA D 421 -16.91 -33.24 19.57
C ALA D 421 -16.88 -33.29 18.05
N GLY D 422 -16.85 -32.12 17.37
CA GLY D 422 -17.10 -32.11 15.89
C GLY D 422 -18.62 -31.99 15.63
N LEU D 423 -19.22 -33.07 15.06
CA LEU D 423 -20.70 -33.16 14.72
C LEU D 423 -21.67 -33.46 15.91
N ALA E 1 -36.23 -20.45 23.60
CA ALA E 1 -34.73 -20.71 23.53
C ALA E 1 -34.00 -19.54 22.79
N VAL E 2 -32.87 -19.09 23.38
CA VAL E 2 -32.03 -18.06 22.94
C VAL E 2 -31.31 -18.67 21.76
N VAL E 3 -30.91 -17.93 20.76
CA VAL E 3 -30.25 -18.52 19.56
C VAL E 3 -29.23 -17.48 19.06
N SER E 4 -28.18 -18.00 18.34
CA SER E 4 -27.08 -17.20 17.72
C SER E 4 -27.45 -16.11 16.71
N THR E 5 -26.80 -14.97 16.84
CA THR E 5 -27.15 -13.82 15.98
C THR E 5 -26.97 -14.27 14.50
N ASP E 6 -26.16 -15.30 14.22
CA ASP E 6 -25.97 -15.83 12.91
C ASP E 6 -27.28 -16.37 12.47
N GLU E 7 -28.22 -16.70 13.33
CA GLU E 7 -29.51 -17.12 12.78
C GLU E 7 -30.45 -15.92 12.31
N TYR E 8 -30.09 -14.65 12.59
CA TYR E 8 -31.04 -13.55 12.25
C TYR E 8 -30.47 -12.17 11.82
N VAL E 9 -29.16 -12.28 11.63
CA VAL E 9 -28.41 -11.17 11.24
C VAL E 9 -27.52 -11.47 10.07
N THR E 10 -27.81 -10.87 8.91
CA THR E 10 -27.01 -11.14 7.72
C THR E 10 -25.76 -10.29 7.63
N ARG E 11 -24.62 -10.92 7.25
CA ARG E 11 -23.38 -10.05 7.13
C ARG E 11 -23.23 -9.53 5.74
N THR E 12 -22.27 -8.65 5.50
CA THR E 12 -22.12 -7.91 4.15
C THR E 12 -20.61 -7.62 3.99
N ASN E 13 -20.15 -7.77 2.76
CA ASN E 13 -18.81 -7.40 2.52
C ASN E 13 -18.37 -5.92 2.75
N ILE E 14 -18.88 -5.24 3.78
CA ILE E 14 -18.58 -3.84 3.95
C ILE E 14 -17.82 -3.64 5.26
N TYR E 15 -16.56 -3.27 5.17
CA TYR E 15 -15.92 -3.02 6.46
C TYR E 15 -15.41 -1.56 6.71
N TYR E 16 -15.43 -1.10 7.98
CA TYR E 16 -15.03 0.22 8.25
C TYR E 16 -14.07 0.24 9.41
N HIS E 17 -13.05 1.03 9.28
CA HIS E 17 -12.10 1.28 10.35
C HIS E 17 -12.67 2.32 11.29
N ALA E 18 -12.28 2.38 12.55
CA ALA E 18 -12.68 3.41 13.44
C ALA E 18 -11.71 3.41 14.52
N GLY E 19 -11.11 4.54 14.77
CA GLY E 19 -10.09 4.70 15.85
C GLY E 19 -10.38 6.00 16.68
N SER E 20 -10.21 5.87 18.01
CA SER E 20 -10.35 7.02 18.86
C SER E 20 -9.15 7.86 18.79
N SER E 21 -9.24 9.19 18.85
CA SER E 21 -7.92 9.84 18.95
C SER E 21 -7.06 9.35 20.30
N ARG E 22 -5.88 9.97 20.50
CA ARG E 22 -5.23 9.67 21.72
C ARG E 22 -5.97 10.11 22.96
N LEU E 23 -6.18 9.17 23.85
CA LEU E 23 -6.88 9.40 25.14
C LEU E 23 -5.86 9.39 26.30
N LEU E 24 -5.77 10.51 26.94
CA LEU E 24 -4.92 10.71 28.03
C LEU E 24 -5.70 10.91 29.33
N ALA E 25 -5.09 10.61 30.48
CA ALA E 25 -5.76 11.00 31.74
C ALA E 25 -4.63 11.17 32.70
N VAL E 26 -4.61 12.23 33.50
CA VAL E 26 -3.57 12.57 34.47
C VAL E 26 -4.16 13.16 35.72
N GLY E 27 -3.65 12.78 36.86
CA GLY E 27 -4.13 13.23 38.17
C GLY E 27 -3.42 12.62 39.38
N HIS E 28 -4.02 12.65 40.55
CA HIS E 28 -3.30 12.02 41.62
C HIS E 28 -3.78 10.54 41.70
N PRO E 29 -2.85 9.66 42.01
CA PRO E 29 -3.00 8.29 42.00
C PRO E 29 -3.65 7.72 43.31
N TYR E 30 -3.77 8.58 44.28
CA TYR E 30 -4.36 8.10 45.51
C TYR E 30 -5.83 8.54 45.79
N TYR E 31 -6.01 9.88 45.89
CA TYR E 31 -7.26 10.62 46.11
C TYR E 31 -7.32 11.76 45.17
N ALA E 32 -8.52 12.32 45.02
CA ALA E 32 -8.77 13.39 44.12
C ALA E 32 -8.43 14.65 44.79
N ILE E 33 -8.08 15.54 43.95
CA ILE E 33 -7.75 16.90 44.46
C ILE E 33 -8.81 17.87 44.01
N LYS E 34 -9.65 18.30 44.93
CA LYS E 34 -10.72 19.16 44.61
C LYS E 34 -10.29 20.54 44.99
N LYS E 35 -10.95 21.59 44.49
CA LYS E 35 -10.69 22.99 44.99
C LYS E 35 -10.54 23.10 46.59
N GLN E 36 -9.70 24.03 47.14
CA GLN E 36 -9.47 24.16 48.63
C GLN E 36 -10.76 24.39 49.49
N ASP E 37 -11.79 24.95 48.79
CA ASP E 37 -13.09 25.29 49.37
C ASP E 37 -14.24 24.58 48.65
N SER E 38 -14.36 24.80 47.33
CA SER E 38 -15.44 24.13 46.60
C SER E 38 -15.19 22.62 46.67
N ASN E 39 -16.18 21.82 46.30
CA ASN E 39 -16.07 20.33 46.30
C ASN E 39 -16.07 19.76 44.85
N LYS E 40 -15.77 20.70 43.92
CA LYS E 40 -15.63 20.50 42.49
C LYS E 40 -14.17 20.04 42.21
N ILE E 41 -14.09 19.01 41.37
CA ILE E 41 -12.85 18.22 41.23
C ILE E 41 -11.76 19.06 40.43
N ALA E 42 -10.57 19.27 40.94
CA ALA E 42 -9.59 20.13 40.25
C ALA E 42 -8.71 19.27 39.27
N VAL E 43 -8.21 18.16 39.87
CA VAL E 43 -7.20 17.19 39.35
C VAL E 43 -7.78 15.88 39.72
N PRO E 44 -8.30 15.14 38.80
CA PRO E 44 -8.86 13.79 39.01
C PRO E 44 -8.03 12.77 39.69
N LYS E 45 -8.60 11.60 39.94
CA LYS E 45 -7.88 10.49 40.48
C LYS E 45 -7.63 9.56 39.31
N VAL E 46 -6.42 9.62 38.77
CA VAL E 46 -6.05 8.72 37.70
C VAL E 46 -4.94 7.71 38.25
N SER E 47 -5.31 6.44 38.71
CA SER E 47 -4.34 5.41 39.14
C SER E 47 -4.29 4.36 38.13
N GLY E 48 -3.26 3.53 38.23
CA GLY E 48 -3.10 2.40 37.35
C GLY E 48 -3.93 1.20 37.82
N LEU E 49 -4.38 1.35 39.04
CA LEU E 49 -5.28 0.43 39.57
C LEU E 49 -6.81 0.72 39.45
N GLN E 50 -7.18 1.03 38.23
CA GLN E 50 -8.50 1.51 37.92
C GLN E 50 -9.00 0.92 36.59
N TYR E 51 -10.27 0.61 36.57
CA TYR E 51 -10.89 -0.01 35.46
C TYR E 51 -10.99 1.09 34.40
N ARG E 52 -11.00 0.71 33.13
CA ARG E 52 -11.33 1.67 32.11
C ARG E 52 -12.52 1.13 31.35
N VAL E 53 -13.72 1.71 31.61
CA VAL E 53 -14.92 1.32 30.83
C VAL E 53 -15.15 2.44 29.86
N PHE E 54 -14.93 2.12 28.61
CA PHE E 54 -15.03 3.03 27.53
C PHE E 54 -16.38 2.81 26.94
N ARG E 55 -17.23 3.86 26.75
CA ARG E 55 -18.52 3.55 26.11
C ARG E 55 -18.32 4.08 24.73
N VAL E 56 -18.28 3.21 23.76
CA VAL E 56 -17.89 3.59 22.48
C VAL E 56 -19.14 3.73 21.68
N LYS E 57 -19.45 5.03 21.40
CA LYS E 57 -20.59 5.45 20.56
C LYS E 57 -20.32 5.34 19.09
N LEU E 58 -21.15 4.62 18.38
CA LEU E 58 -20.96 4.39 16.96
C LEU E 58 -22.07 5.10 16.19
N PRO E 59 -21.80 5.60 14.96
CA PRO E 59 -22.76 6.23 14.13
C PRO E 59 -23.89 5.24 13.80
N ASP E 60 -25.12 5.76 13.72
CA ASP E 60 -26.25 4.84 13.43
C ASP E 60 -26.28 4.37 11.93
N PRO E 61 -25.90 3.13 11.58
CA PRO E 61 -25.81 2.83 10.10
C PRO E 61 -27.06 3.14 9.29
N ASN E 62 -28.18 3.41 9.96
CA ASN E 62 -29.44 3.67 9.29
C ASN E 62 -29.52 5.10 8.78
N LYS E 63 -29.14 6.12 9.55
CA LYS E 63 -28.87 7.45 9.09
C LYS E 63 -27.91 7.41 7.94
N PHE E 64 -26.72 6.89 8.11
CA PHE E 64 -25.66 6.89 7.07
C PHE E 64 -26.38 6.34 5.82
N GLY E 65 -25.84 6.75 4.64
CA GLY E 65 -26.22 6.22 3.26
C GLY E 65 -25.22 5.20 2.67
N PHE E 66 -25.67 4.12 2.04
CA PHE E 66 -24.61 3.20 1.51
C PHE E 66 -24.85 2.81 0.06
N PRO E 67 -23.76 2.54 -0.69
CA PRO E 67 -23.91 2.19 -2.11
C PRO E 67 -24.22 0.69 -2.33
N ASP E 68 -23.55 -0.18 -1.55
CA ASP E 68 -23.70 -1.68 -1.64
C ASP E 68 -25.06 -2.13 -1.01
N THR E 69 -25.66 -1.13 -0.30
CA THR E 69 -27.07 -1.25 0.15
C THR E 69 -28.19 -0.84 -0.99
N SER E 70 -28.17 -1.59 -2.13
CA SER E 70 -29.13 -1.40 -3.26
C SER E 70 -30.08 -2.67 -3.36
N PHE E 71 -29.57 -3.87 -2.87
CA PHE E 71 -30.40 -5.17 -2.60
C PHE E 71 -30.81 -5.31 -1.18
N TYR E 72 -31.36 -4.23 -0.60
CA TYR E 72 -31.68 -3.98 0.79
C TYR E 72 -32.86 -3.02 0.86
N ASP E 73 -33.86 -3.30 1.67
CA ASP E 73 -35.01 -2.50 1.72
C ASP E 73 -35.18 -1.89 3.07
N PRO E 74 -35.06 -0.57 3.18
CA PRO E 74 -35.10 0.13 4.46
C PRO E 74 -36.50 0.18 5.03
N ALA E 75 -37.44 -0.33 4.27
CA ALA E 75 -38.83 -0.47 4.74
C ALA E 75 -38.93 -1.55 5.75
N SER E 76 -38.33 -2.73 5.55
CA SER E 76 -38.61 -3.86 6.38
C SER E 76 -37.28 -4.41 6.95
N GLN E 77 -36.17 -3.81 6.55
CA GLN E 77 -34.91 -4.30 6.98
C GLN E 77 -34.16 -3.23 7.89
N ARG E 78 -33.22 -3.58 8.73
CA ARG E 78 -32.55 -2.62 9.59
C ARG E 78 -31.01 -2.83 9.57
N LEU E 79 -30.13 -2.03 10.21
CA LEU E 79 -28.65 -2.21 10.13
C LEU E 79 -27.97 -2.15 11.52
N VAL E 80 -26.96 -3.05 11.76
CA VAL E 80 -26.20 -3.02 13.01
C VAL E 80 -24.70 -3.00 12.65
N TRP E 81 -23.86 -2.41 13.50
CA TRP E 81 -22.45 -2.65 13.30
C TRP E 81 -21.99 -3.89 14.11
N ALA E 82 -21.36 -4.87 13.49
CA ALA E 82 -20.90 -6.17 14.16
C ALA E 82 -19.41 -5.89 14.32
N CYS E 83 -18.88 -6.06 15.53
CA CYS E 83 -17.50 -5.74 15.71
C CYS E 83 -16.57 -6.83 15.22
N THR E 84 -15.59 -6.48 14.46
CA THR E 84 -14.69 -7.46 13.89
C THR E 84 -13.27 -7.54 14.40
N GLY E 85 -12.72 -6.42 14.86
CA GLY E 85 -11.37 -6.46 15.33
C GLY E 85 -11.15 -5.27 16.25
N VAL E 86 -10.43 -5.58 17.35
CA VAL E 86 -10.17 -4.55 18.35
C VAL E 86 -8.69 -4.45 18.70
N GLU E 87 -8.19 -3.24 18.90
CA GLU E 87 -6.75 -3.01 19.12
C GLU E 87 -6.83 -2.00 20.23
N VAL E 88 -6.26 -2.23 21.40
CA VAL E 88 -6.35 -1.31 22.53
C VAL E 88 -4.90 -0.79 22.78
N GLY E 89 -4.56 0.26 22.09
CA GLY E 89 -3.28 0.83 22.22
C GLY E 89 -2.92 1.40 23.59
N ARG E 90 -1.70 1.07 24.04
CA ARG E 90 -1.30 1.60 25.36
C ARG E 90 -0.01 2.30 25.15
N GLY E 91 0.15 3.48 25.73
CA GLY E 91 1.41 4.14 25.60
C GLY E 91 1.79 4.48 26.95
N GLN E 92 2.94 5.12 27.06
CA GLN E 92 3.66 5.31 28.36
C GLN E 92 4.62 4.07 28.59
N PRO E 93 5.73 4.24 29.27
CA PRO E 93 6.60 3.18 29.58
C PRO E 93 6.05 2.14 30.66
N LEU E 94 6.63 0.91 30.64
CA LEU E 94 6.08 -0.04 31.54
C LEU E 94 6.63 0.51 32.89
N GLY E 95 6.03 0.14 34.07
CA GLY E 95 6.69 0.43 35.41
C GLY E 95 5.65 0.15 36.50
N VAL E 96 5.97 0.39 37.79
CA VAL E 96 5.05 -0.17 38.75
C VAL E 96 4.73 0.93 39.64
N GLY E 97 3.45 1.02 40.08
CA GLY E 97 3.20 2.00 41.13
C GLY E 97 3.43 1.53 42.58
N ILE E 98 2.80 2.06 43.61
CA ILE E 98 3.18 1.68 44.96
C ILE E 98 2.27 2.60 45.80
N SER E 99 1.41 2.05 46.64
CA SER E 99 0.38 2.78 47.38
C SER E 99 0.78 2.52 48.80
N GLY E 100 0.40 3.46 49.66
CA GLY E 100 0.72 3.32 51.10
C GLY E 100 -0.30 3.99 51.99
N HIS E 101 0.03 4.19 53.27
CA HIS E 101 -0.96 4.85 54.17
C HIS E 101 -0.25 5.37 55.37
N PRO E 102 -0.22 6.65 55.56
CA PRO E 102 0.47 7.20 56.70
C PRO E 102 0.23 6.41 58.03
N LEU E 103 -1.00 5.93 58.22
CA LEU E 103 -1.29 5.23 59.49
C LEU E 103 -1.84 3.87 59.18
N LEU E 104 -1.04 3.08 58.52
CA LEU E 104 -1.47 1.70 58.36
C LEU E 104 -1.56 0.90 59.69
N ASN E 105 -2.56 0.07 59.82
CA ASN E 105 -2.67 -0.69 60.96
C ASN E 105 -1.81 -1.95 60.81
N LYS E 106 -0.63 -1.90 61.35
CA LYS E 106 0.28 -2.98 61.29
C LYS E 106 0.89 -2.97 62.63
N LEU E 107 0.78 -4.14 63.23
CA LEU E 107 1.25 -4.35 64.57
C LEU E 107 2.71 -4.69 64.50
N ASP E 108 3.05 -5.96 64.22
CA ASP E 108 4.45 -6.22 64.04
C ASP E 108 4.62 -7.12 62.91
N ASP E 109 5.87 -7.39 62.59
CA ASP E 109 6.24 -8.27 61.43
C ASP E 109 6.32 -9.78 61.89
N THR E 110 5.32 -10.58 61.58
CA THR E 110 5.28 -11.85 62.11
C THR E 110 5.85 -12.87 61.20
N GLU E 111 6.94 -12.53 60.48
CA GLU E 111 7.62 -13.42 59.51
C GLU E 111 8.72 -14.12 60.22
N ASN E 112 9.41 -13.33 60.98
CA ASN E 112 10.48 -13.82 61.72
C ASN E 112 10.75 -12.94 62.95
N SER E 113 9.66 -12.59 63.63
CA SER E 113 9.67 -11.70 64.84
C SER E 113 10.97 -11.88 65.62
N ASN E 114 11.40 -10.84 66.36
CA ASN E 114 12.56 -10.89 67.25
C ASN E 114 12.20 -11.71 68.53
N LYS E 115 11.26 -11.17 69.34
CA LYS E 115 10.79 -11.92 70.55
C LYS E 115 9.30 -11.81 70.78
N TYR E 116 8.93 -11.60 72.03
CA TYR E 116 7.58 -11.33 72.47
C TYR E 116 7.63 -10.14 73.45
N VAL E 117 7.08 -9.00 73.05
CA VAL E 117 7.06 -7.76 73.89
C VAL E 117 5.63 -7.58 74.47
N GLY E 118 5.52 -7.07 75.72
CA GLY E 118 4.27 -7.09 76.49
C GLY E 118 3.12 -6.47 75.70
N ASN E 119 1.93 -6.52 76.22
CA ASN E 119 0.81 -5.86 75.57
C ASN E 119 1.11 -4.41 75.12
N SER E 120 0.85 -4.13 73.86
CA SER E 120 1.17 -2.80 73.35
C SER E 120 0.31 -1.67 73.87
N GLY E 121 0.38 -0.54 73.16
CA GLY E 121 -0.27 0.64 73.59
C GLY E 121 -1.53 0.80 72.74
N THR E 122 -2.04 2.10 72.69
CA THR E 122 -3.05 2.56 71.73
C THR E 122 -2.32 3.17 70.52
N ASP E 123 -2.92 3.09 69.28
CA ASP E 123 -2.27 3.64 68.03
C ASP E 123 -0.83 3.18 67.73
N ASN E 124 -0.66 1.93 67.19
CA ASN E 124 0.70 1.42 66.82
C ASN E 124 0.89 1.49 65.35
N ARG E 125 0.07 2.36 64.73
CA ARG E 125 -0.10 2.44 63.24
C ARG E 125 1.11 3.04 62.74
N GLU E 126 1.55 2.58 61.57
CA GLU E 126 2.74 3.14 60.96
C GLU E 126 2.67 3.43 59.43
N CYS E 127 3.63 4.25 58.95
CA CYS E 127 3.55 4.62 57.52
C CYS E 127 4.15 3.48 56.72
N ILE E 128 3.38 2.92 55.79
CA ILE E 128 3.90 1.82 55.04
C ILE E 128 3.29 1.90 53.62
N SER E 129 4.14 1.63 52.61
CA SER E 129 3.73 1.68 51.22
C SER E 129 3.98 0.24 50.74
N MET E 130 3.48 -0.07 49.55
CA MET E 130 3.58 -1.44 48.94
C MET E 130 3.06 -1.44 47.49
N ASP E 131 3.37 -2.52 46.76
CA ASP E 131 3.03 -2.64 45.33
C ASP E 131 2.06 -3.84 45.20
N TYR E 132 0.88 -3.48 44.74
CA TYR E 132 -0.22 -4.34 44.52
C TYR E 132 -0.05 -5.41 43.44
N LYS E 133 -1.09 -6.26 43.33
CA LYS E 133 -1.05 -7.47 42.48
C LYS E 133 -1.09 -6.95 41.02
N GLN E 134 -0.38 -7.59 40.14
CA GLN E 134 -0.52 -7.12 38.83
C GLN E 134 -1.65 -7.78 38.08
N THR E 135 -2.48 -6.93 37.46
CA THR E 135 -3.60 -7.42 36.61
C THR E 135 -3.55 -6.74 35.26
N GLN E 136 -4.05 -7.48 34.31
CA GLN E 136 -4.15 -7.05 33.00
C GLN E 136 -5.42 -7.61 32.34
N LEU E 137 -6.58 -6.96 32.35
CA LEU E 137 -7.70 -7.52 31.58
C LEU E 137 -8.18 -6.57 30.38
N CYS E 138 -9.13 -7.14 29.59
CA CYS E 138 -9.71 -6.50 28.51
C CYS E 138 -11.02 -7.22 28.24
N LEU E 139 -12.17 -6.77 28.79
CA LEU E 139 -13.45 -7.37 28.34
C LEU E 139 -14.18 -6.46 27.27
N ILE E 140 -14.59 -7.12 26.14
CA ILE E 140 -15.33 -6.51 25.10
C ILE E 140 -16.72 -7.05 25.06
N GLY E 141 -17.70 -6.25 25.42
CA GLY E 141 -19.14 -6.53 25.08
C GLY E 141 -19.91 -5.27 24.60
N CYS E 142 -21.19 -5.46 24.24
CA CYS E 142 -22.00 -4.41 23.72
C CYS E 142 -23.00 -3.89 24.84
N ARG E 143 -22.83 -4.60 26.04
CA ARG E 143 -23.39 -4.13 27.38
C ARG E 143 -22.29 -3.93 28.36
N PRO E 144 -22.36 -3.07 29.35
CA PRO E 144 -21.21 -2.98 30.19
C PRO E 144 -21.23 -4.27 31.09
N PRO E 145 -20.04 -4.81 31.32
CA PRO E 145 -19.90 -6.06 32.07
C PRO E 145 -20.11 -5.79 33.60
N ILE E 146 -20.40 -6.84 34.34
CA ILE E 146 -20.61 -6.62 35.78
C ILE E 146 -19.41 -7.02 36.59
N GLY E 147 -19.44 -6.68 37.90
CA GLY E 147 -18.38 -7.06 38.85
C GLY E 147 -18.95 -7.74 40.12
N GLU E 148 -18.13 -8.51 40.86
CA GLU E 148 -18.60 -9.04 42.13
C GLU E 148 -17.75 -8.50 43.23
N HIS E 149 -18.33 -8.21 44.41
CA HIS E 149 -17.46 -7.80 45.54
C HIS E 149 -18.03 -8.13 46.92
N TRP E 150 -17.23 -8.30 47.96
CA TRP E 150 -17.84 -8.68 49.12
C TRP E 150 -18.37 -7.50 49.86
N GLY E 151 -19.66 -7.43 50.13
CA GLY E 151 -20.16 -6.35 50.94
C GLY E 151 -21.03 -6.74 52.07
N LYS E 152 -21.23 -5.74 52.93
CA LYS E 152 -21.98 -5.89 54.19
C LYS E 152 -23.42 -6.37 53.96
N GLY E 153 -23.80 -7.53 54.51
CA GLY E 153 -25.16 -7.96 54.25
C GLY E 153 -26.03 -7.65 55.45
N THR E 154 -27.39 -7.59 55.21
CA THR E 154 -28.47 -7.48 56.27
C THR E 154 -28.77 -8.78 57.09
N PRO E 155 -28.68 -8.73 58.45
CA PRO E 155 -28.84 -9.95 59.32
C PRO E 155 -30.29 -10.48 59.25
N SER E 156 -30.54 -11.71 59.80
CA SER E 156 -31.89 -12.39 59.69
C SER E 156 -32.85 -12.03 60.83
N ASN E 157 -34.04 -12.60 60.77
CA ASN E 157 -34.97 -12.35 61.83
C ASN E 157 -34.54 -12.93 63.20
N ALA E 158 -33.55 -12.25 63.81
CA ALA E 158 -32.98 -12.69 65.09
C ALA E 158 -32.44 -11.54 66.01
N ASN E 159 -31.21 -11.70 66.55
CA ASN E 159 -30.56 -10.71 67.44
C ASN E 159 -30.26 -9.41 66.68
N GLN E 160 -29.94 -8.35 67.42
CA GLN E 160 -29.44 -7.14 66.79
C GLN E 160 -27.89 -7.17 66.81
N VAL E 161 -27.30 -7.11 65.58
CA VAL E 161 -25.85 -7.13 65.41
C VAL E 161 -25.41 -5.76 65.94
N LYS E 162 -25.38 -5.60 67.27
CA LYS E 162 -24.88 -4.38 67.91
C LYS E 162 -23.41 -4.00 67.40
N ALA E 163 -22.88 -2.78 67.71
CA ALA E 163 -21.48 -2.33 67.29
C ALA E 163 -20.30 -3.23 67.70
N GLY E 164 -19.39 -3.40 66.78
CA GLY E 164 -18.20 -4.20 67.14
C GLY E 164 -18.28 -5.62 66.61
N GLU E 165 -19.47 -6.24 66.72
CA GLU E 165 -19.77 -7.52 66.07
C GLU E 165 -19.34 -7.57 64.59
N CYS E 166 -19.29 -8.83 64.04
CA CYS E 166 -18.86 -9.06 62.63
C CYS E 166 -20.03 -9.19 61.72
N PRO E 167 -20.25 -8.18 60.83
CA PRO E 167 -21.44 -8.12 60.00
C PRO E 167 -21.33 -9.25 58.93
N PRO E 168 -22.43 -9.96 58.56
CA PRO E 168 -22.36 -11.02 57.53
C PRO E 168 -22.13 -10.44 56.16
N LEU E 169 -21.15 -11.00 55.49
CA LEU E 169 -20.83 -10.50 54.21
C LEU E 169 -21.77 -11.10 53.24
N GLU E 170 -21.86 -10.37 52.12
CA GLU E 170 -22.79 -10.67 50.96
C GLU E 170 -22.21 -10.40 49.65
N LEU E 171 -22.31 -11.35 48.70
CA LEU E 171 -21.56 -11.21 47.52
C LEU E 171 -22.36 -10.37 46.55
N LEU E 172 -21.97 -9.11 46.29
CA LEU E 172 -22.85 -8.27 45.54
C LEU E 172 -22.39 -8.08 44.10
N ASN E 173 -23.37 -8.18 43.23
CA ASN E 173 -23.20 -7.70 41.84
C ASN E 173 -23.28 -6.16 41.68
N THR E 174 -22.50 -5.67 40.72
CA THR E 174 -22.39 -4.26 40.42
C THR E 174 -21.92 -4.02 38.94
N VAL E 175 -22.25 -2.86 38.38
CA VAL E 175 -21.84 -2.58 37.02
C VAL E 175 -20.44 -1.98 37.13
N LEU E 176 -19.42 -2.44 36.35
CA LEU E 176 -18.08 -1.85 36.30
C LEU E 176 -18.14 -0.51 35.56
N GLN E 177 -17.65 0.52 36.21
CA GLN E 177 -17.80 1.92 35.69
C GLN E 177 -16.41 2.47 35.76
N ASP E 178 -16.10 3.40 34.84
CA ASP E 178 -14.76 3.91 34.79
C ASP E 178 -14.28 4.36 36.21
N GLY E 179 -13.03 4.05 36.60
CA GLY E 179 -12.39 4.66 37.77
C GLY E 179 -12.63 3.79 39.00
N ASP E 180 -13.38 2.65 38.96
CA ASP E 180 -13.55 1.74 40.07
C ASP E 180 -12.26 1.15 40.37
N MET E 181 -12.05 0.53 41.53
CA MET E 181 -10.75 -0.21 41.86
C MET E 181 -10.82 -1.66 41.60
N VAL E 182 -9.74 -2.25 41.05
CA VAL E 182 -9.61 -3.74 40.93
C VAL E 182 -9.10 -4.21 42.23
N ASP E 183 -9.19 -5.49 42.48
CA ASP E 183 -8.61 -6.12 43.71
C ASP E 183 -7.06 -5.89 43.69
N THR E 184 -6.46 -5.51 44.81
CA THR E 184 -5.06 -5.20 44.83
C THR E 184 -4.23 -6.24 45.59
N GLY E 185 -4.95 -7.19 46.22
CA GLY E 185 -4.26 -8.09 47.02
C GLY E 185 -4.93 -8.33 48.32
N PHE E 186 -5.77 -7.34 48.61
CA PHE E 186 -6.65 -7.47 49.78
C PHE E 186 -8.01 -8.08 49.48
N GLY E 187 -8.15 -8.81 48.34
CA GLY E 187 -9.48 -9.17 47.90
C GLY E 187 -10.46 -8.03 47.41
N ALA E 188 -11.62 -8.51 46.96
CA ALA E 188 -12.64 -7.74 46.38
C ALA E 188 -13.72 -7.49 47.33
N MET E 189 -13.59 -6.44 48.12
CA MET E 189 -14.68 -6.13 49.02
C MET E 189 -15.01 -4.62 48.91
N ASP E 190 -15.66 -4.12 49.93
CA ASP E 190 -16.01 -2.77 50.10
C ASP E 190 -15.41 -2.32 51.44
N PHE E 191 -14.21 -1.72 51.32
CA PHE E 191 -13.48 -1.19 52.46
C PHE E 191 -14.04 -0.20 53.39
N THR E 192 -15.02 0.56 52.88
CA THR E 192 -15.56 1.74 53.59
C THR E 192 -16.48 1.17 54.59
N THR E 193 -17.25 0.17 54.19
CA THR E 193 -18.25 -0.40 55.11
C THR E 193 -17.80 -1.66 55.95
N LEU E 194 -16.77 -2.36 55.50
CA LEU E 194 -16.30 -3.52 56.24
C LEU E 194 -15.06 -3.21 57.07
N GLN E 195 -14.53 -2.00 56.97
CA GLN E 195 -13.40 -1.78 57.80
C GLN E 195 -13.56 -0.46 58.48
N ALA E 196 -13.95 -0.39 59.78
CA ALA E 196 -14.26 0.92 60.37
C ALA E 196 -13.01 1.75 60.56
N ASN E 197 -11.87 1.11 60.84
CA ASN E 197 -10.74 1.96 61.31
C ASN E 197 -10.14 2.78 60.19
N LYS E 198 -10.66 2.50 59.05
CA LYS E 198 -10.15 3.13 57.82
C LYS E 198 -8.64 3.32 57.84
N SER E 199 -7.90 2.24 58.28
CA SER E 199 -6.44 2.39 58.42
C SER E 199 -5.53 1.30 57.95
N ASP E 200 -6.18 0.18 57.63
CA ASP E 200 -5.41 -0.96 57.25
C ASP E 200 -5.48 -1.36 55.80
N VAL E 201 -5.31 -0.34 54.93
CA VAL E 201 -5.15 -0.46 53.41
C VAL E 201 -4.86 0.85 52.82
N PRO E 202 -3.92 0.86 51.98
CA PRO E 202 -3.49 2.15 51.56
C PRO E 202 -4.67 3.16 51.19
N LEU E 203 -4.46 4.48 51.15
CA LEU E 203 -5.49 5.39 50.72
C LEU E 203 -6.20 5.14 49.42
N ASP E 204 -5.47 4.79 48.35
CA ASP E 204 -6.23 4.52 47.13
C ASP E 204 -7.36 3.55 47.13
N ILE E 205 -7.38 2.55 48.09
CA ILE E 205 -8.51 1.57 48.20
C ILE E 205 -9.32 1.65 49.47
N CYS E 206 -8.69 2.20 50.52
CA CYS E 206 -9.28 2.21 51.89
C CYS E 206 -10.76 2.69 51.98
N SER E 207 -11.16 3.70 51.21
CA SER E 207 -12.55 4.14 51.34
C SER E 207 -13.34 3.80 50.05
N SER E 208 -13.12 2.64 49.45
CA SER E 208 -13.72 2.37 48.16
C SER E 208 -13.98 0.92 48.01
N ILE E 209 -14.15 0.47 46.76
CA ILE E 209 -14.61 -0.82 46.50
C ILE E 209 -13.69 -1.45 45.41
N CYS E 210 -13.01 -2.53 45.88
CA CYS E 210 -12.24 -3.30 44.89
C CYS E 210 -13.16 -4.35 44.38
N LYS E 211 -13.48 -4.16 43.08
CA LYS E 211 -14.32 -5.11 42.28
C LYS E 211 -13.57 -6.13 41.41
N TYR E 212 -14.13 -7.31 41.27
CA TYR E 212 -13.47 -8.25 40.42
C TYR E 212 -14.55 -8.60 39.38
N PRO E 213 -14.19 -8.68 38.12
CA PRO E 213 -15.17 -8.93 37.10
C PRO E 213 -15.98 -10.21 37.31
N ASP E 214 -17.32 -10.18 37.35
CA ASP E 214 -18.04 -11.45 37.41
C ASP E 214 -18.00 -12.40 36.17
N TYR E 215 -16.80 -12.83 35.93
CA TYR E 215 -16.70 -13.74 34.82
C TYR E 215 -17.75 -14.92 34.78
N LEU E 216 -17.91 -15.60 35.89
CA LEU E 216 -18.78 -16.76 35.92
C LEU E 216 -20.24 -16.46 35.56
N LYS E 217 -20.74 -15.36 36.15
CA LYS E 217 -22.04 -14.72 35.62
C LYS E 217 -22.08 -14.17 34.17
N MET E 218 -21.21 -13.23 33.85
CA MET E 218 -21.20 -12.79 32.54
C MET E 218 -21.15 -13.86 31.44
N VAL E 219 -20.29 -14.82 31.65
CA VAL E 219 -20.16 -15.97 30.76
C VAL E 219 -21.52 -16.74 30.71
N SER E 220 -22.20 -16.91 31.85
CA SER E 220 -23.40 -17.74 31.86
C SER E 220 -24.74 -17.11 31.40
N GLU E 221 -24.73 -15.82 31.06
CA GLU E 221 -25.86 -15.10 30.54
C GLU E 221 -26.35 -15.70 29.24
N PRO E 222 -27.63 -15.83 29.15
CA PRO E 222 -28.22 -16.47 28.03
C PRO E 222 -27.78 -15.93 26.74
N TYR E 223 -27.99 -14.59 26.57
CA TYR E 223 -27.74 -13.84 25.31
C TYR E 223 -26.27 -13.50 25.15
N GLY E 224 -25.65 -13.12 26.23
CA GLY E 224 -24.23 -12.98 26.21
C GLY E 224 -23.74 -11.76 25.49
N ASP E 225 -24.36 -10.66 25.85
CA ASP E 225 -24.07 -9.39 25.27
C ASP E 225 -23.02 -8.81 26.25
N MET E 226 -22.95 -9.29 27.51
CA MET E 226 -22.21 -8.51 28.45
C MET E 226 -20.77 -8.65 28.02
N LEU E 227 -20.39 -9.70 27.33
CA LEU E 227 -18.97 -9.85 26.96
C LEU E 227 -18.93 -11.04 25.98
N PHE E 228 -18.17 -10.84 24.92
CA PHE E 228 -18.13 -11.80 23.90
C PHE E 228 -16.75 -11.87 23.53
N PHE E 229 -15.89 -11.26 24.38
CA PHE E 229 -14.43 -11.47 24.33
C PHE E 229 -13.69 -11.08 25.69
N TYR E 230 -12.79 -11.98 26.15
CA TYR E 230 -11.96 -11.41 27.25
C TYR E 230 -10.54 -11.91 27.38
N LEU E 231 -9.77 -11.24 28.22
CA LEU E 231 -8.45 -11.72 28.47
C LEU E 231 -8.04 -11.29 29.87
N ARG E 232 -7.56 -12.33 30.68
CA ARG E 232 -7.22 -12.00 32.03
C ARG E 232 -5.75 -12.18 32.28
N ARG E 233 -5.09 -11.48 33.20
CA ARG E 233 -3.76 -11.81 33.42
C ARG E 233 -3.44 -11.21 34.69
N GLU E 234 -3.58 -11.98 35.70
CA GLU E 234 -3.33 -11.53 37.09
C GLU E 234 -2.29 -12.57 37.64
N GLN E 235 -1.53 -12.05 38.62
CA GLN E 235 -0.43 -12.66 39.19
C GLN E 235 0.04 -11.79 40.35
N MET E 236 0.33 -12.48 41.46
CA MET E 236 0.81 -11.81 42.70
C MET E 236 1.49 -12.77 43.64
N PHE E 237 2.26 -12.23 44.63
CA PHE E 237 2.84 -12.99 45.69
C PHE E 237 2.95 -12.38 47.13
N VAL E 238 3.46 -13.12 48.11
CA VAL E 238 3.57 -12.52 49.44
C VAL E 238 4.88 -11.76 49.77
N ARG E 239 4.90 -10.46 49.65
CA ARG E 239 6.19 -9.69 49.97
C ARG E 239 6.37 -9.86 51.51
N HIS E 240 5.28 -9.50 52.23
CA HIS E 240 5.31 -9.51 53.68
C HIS E 240 4.15 -10.16 54.45
N LEU E 241 4.48 -10.51 55.70
CA LEU E 241 3.56 -11.08 56.63
C LEU E 241 3.37 -10.22 57.92
N PHE E 242 2.15 -9.81 58.23
CA PHE E 242 2.13 -8.88 59.35
C PHE E 242 1.00 -9.26 60.31
N ASN E 243 0.98 -8.52 61.43
CA ASN E 243 -0.05 -8.60 62.47
C ASN E 243 -0.86 -7.38 62.48
N ARG E 244 -2.16 -7.50 62.65
CA ARG E 244 -3.00 -6.35 62.87
C ARG E 244 -3.07 -5.97 64.33
N ALA E 245 -3.40 -4.69 64.57
CA ALA E 245 -3.58 -4.26 65.99
C ALA E 245 -5.03 -4.12 66.37
N GLY E 246 -5.36 -3.76 67.63
CA GLY E 246 -6.75 -3.83 68.08
C GLY E 246 -7.30 -5.22 68.48
N THR E 247 -8.38 -5.25 69.31
CA THR E 247 -8.82 -6.48 70.02
C THR E 247 -9.46 -7.44 68.99
N VAL E 248 -9.05 -8.71 69.12
CA VAL E 248 -9.53 -9.74 68.24
C VAL E 248 -10.98 -10.01 68.55
N GLY E 249 -11.82 -9.96 67.52
CA GLY E 249 -13.27 -10.31 67.68
C GLY E 249 -13.61 -11.77 67.92
N GLU E 250 -13.23 -12.68 67.03
CA GLU E 250 -13.48 -14.04 67.35
C GLU E 250 -12.24 -14.57 68.05
N THR E 251 -12.33 -14.75 69.36
CA THR E 251 -11.14 -15.17 70.13
C THR E 251 -10.77 -16.64 69.80
N VAL E 252 -9.46 -16.99 70.01
CA VAL E 252 -8.89 -18.31 69.71
C VAL E 252 -9.37 -19.31 70.68
N PRO E 253 -9.86 -20.50 70.21
CA PRO E 253 -10.40 -21.55 71.09
C PRO E 253 -9.18 -22.15 71.82
N ALA E 254 -9.24 -21.93 73.10
CA ALA E 254 -8.28 -22.40 74.04
C ALA E 254 -7.80 -23.89 73.97
N ASP E 255 -8.58 -24.69 73.27
CA ASP E 255 -8.21 -26.10 73.13
C ASP E 255 -7.42 -26.32 71.79
N LEU E 256 -6.91 -25.20 71.28
CA LEU E 256 -6.02 -25.24 70.15
C LEU E 256 -4.62 -24.86 70.51
N TYR E 257 -4.43 -24.31 71.71
CA TYR E 257 -3.07 -24.06 72.13
C TYR E 257 -2.91 -24.42 73.63
N ILE E 258 -1.67 -24.66 74.00
CA ILE E 258 -1.39 -24.69 75.38
C ILE E 258 -1.04 -23.28 76.08
N LYS E 259 -1.90 -22.88 77.07
CA LYS E 259 -1.80 -21.69 77.97
C LYS E 259 -0.44 -21.44 78.28
N GLY E 260 -0.07 -20.35 77.71
CA GLY E 260 1.25 -19.96 77.84
C GLY E 260 1.28 -18.94 78.95
N THR E 261 1.99 -19.26 80.04
CA THR E 261 2.21 -18.31 81.14
C THR E 261 2.69 -16.93 80.62
N THR E 262 2.20 -15.89 81.27
CA THR E 262 2.59 -14.59 80.77
C THR E 262 2.02 -14.19 79.32
N GLY E 263 0.89 -13.44 79.26
CA GLY E 263 0.44 -13.06 77.99
C GLY E 263 -1.07 -13.10 77.90
N THR E 264 -1.57 -12.17 77.04
CA THR E 264 -2.99 -12.01 76.69
C THR E 264 -3.19 -12.48 75.26
N LEU E 265 -2.39 -13.51 74.87
CA LEU E 265 -2.40 -14.08 73.52
C LEU E 265 -2.20 -13.09 72.39
N PRO E 266 -0.98 -13.01 71.82
CA PRO E 266 -0.66 -12.11 70.75
C PRO E 266 -1.75 -11.99 69.62
N SER E 267 -1.79 -10.89 68.83
CA SER E 267 -2.65 -10.88 67.65
C SER E 267 -2.62 -12.04 66.67
N THR E 268 -3.78 -12.30 66.07
CA THR E 268 -3.76 -13.54 65.22
C THR E 268 -4.35 -13.06 63.98
N SER E 269 -4.79 -11.80 64.01
CA SER E 269 -5.27 -11.14 62.80
C SER E 269 -4.21 -10.83 61.78
N TYR E 270 -3.86 -11.85 61.02
CA TYR E 270 -2.61 -11.76 60.23
C TYR E 270 -3.06 -11.26 58.88
N PHE E 271 -2.16 -10.68 58.09
CA PHE E 271 -2.57 -10.16 56.75
C PHE E 271 -1.25 -9.97 55.90
N PRO E 272 -1.26 -10.43 54.63
CA PRO E 272 -0.04 -10.30 53.89
C PRO E 272 0.02 -9.01 52.93
N THR E 273 1.22 -8.70 52.36
CA THR E 273 1.45 -7.56 51.51
C THR E 273 1.67 -8.26 50.19
N PRO E 274 0.92 -7.86 49.20
CA PRO E 274 1.18 -8.47 47.88
C PRO E 274 2.41 -7.94 47.17
N SER E 275 2.59 -8.42 46.01
CA SER E 275 3.63 -7.98 45.18
C SER E 275 3.38 -8.62 43.81
N GLY E 276 3.32 -7.66 42.78
CA GLY E 276 3.00 -7.84 41.39
C GLY E 276 4.23 -8.44 40.83
N SER E 277 5.28 -8.58 41.64
CA SER E 277 6.58 -8.97 41.07
C SER E 277 6.91 -7.96 39.78
N MET E 278 7.07 -8.55 38.60
CA MET E 278 7.70 -7.92 37.45
C MET E 278 6.79 -7.83 36.26
N VAL E 279 6.95 -6.74 35.55
CA VAL E 279 6.15 -6.34 34.32
C VAL E 279 7.11 -6.52 33.15
N THR E 280 6.72 -7.26 32.10
CA THR E 280 7.69 -7.46 31.04
C THR E 280 7.01 -7.35 29.73
N SER E 281 7.64 -6.66 28.76
CA SER E 281 7.08 -6.51 27.43
C SER E 281 6.39 -7.79 26.99
N ASP E 282 7.00 -8.96 27.29
CA ASP E 282 6.47 -10.25 26.83
C ASP E 282 5.19 -10.65 27.55
N ALA E 283 5.03 -10.36 28.85
CA ALA E 283 3.79 -10.68 29.50
C ALA E 283 2.58 -9.98 28.78
N GLN E 284 2.76 -8.72 28.27
CA GLN E 284 1.72 -7.85 27.64
C GLN E 284 0.63 -8.54 26.76
N ILE E 285 -0.55 -8.22 27.19
CA ILE E 285 -1.85 -8.59 26.61
C ILE E 285 -2.41 -7.51 25.61
N PHE E 286 -1.93 -6.28 25.76
CA PHE E 286 -2.41 -5.12 24.95
C PHE E 286 -1.53 -4.85 23.75
N ASN E 287 -1.91 -3.88 22.88
CA ASN E 287 -1.19 -3.47 21.70
C ASN E 287 -1.21 -4.52 20.61
N LYS E 288 -2.19 -5.37 20.49
CA LYS E 288 -2.03 -6.39 19.47
C LYS E 288 -3.41 -6.34 18.94
N PRO E 289 -3.65 -6.87 17.80
CA PRO E 289 -5.06 -6.79 17.31
C PRO E 289 -5.76 -8.07 17.74
N TYR E 290 -7.05 -8.08 18.17
CA TYR E 290 -7.88 -9.27 18.57
C TYR E 290 -8.96 -9.40 17.48
N TRP E 291 -9.09 -10.57 16.91
CA TRP E 291 -10.12 -10.69 15.98
C TRP E 291 -11.27 -11.43 16.55
N LEU E 292 -12.31 -10.83 17.05
CA LEU E 292 -13.35 -11.72 17.56
C LEU E 292 -14.12 -12.40 16.45
N GLN E 293 -13.55 -13.42 15.80
CA GLN E 293 -14.16 -14.13 14.68
C GLN E 293 -15.36 -14.90 15.07
N ARG E 294 -15.27 -15.73 16.13
CA ARG E 294 -16.47 -16.42 16.73
C ARG E 294 -16.58 -16.06 18.21
N ALA E 295 -17.78 -15.81 18.69
CA ALA E 295 -17.83 -15.20 20.00
C ALA E 295 -18.03 -16.24 21.01
N GLN E 296 -17.70 -15.88 22.23
CA GLN E 296 -17.93 -16.94 23.27
C GLN E 296 -19.40 -17.26 23.46
N GLY E 297 -20.24 -16.23 23.52
CA GLY E 297 -21.68 -16.50 23.72
C GLY E 297 -22.47 -16.47 22.40
N HIS E 298 -23.81 -16.65 22.53
CA HIS E 298 -24.65 -16.31 21.34
C HIS E 298 -24.51 -14.97 20.60
N ASN E 299 -24.24 -13.89 21.31
CA ASN E 299 -24.17 -12.71 20.50
C ASN E 299 -22.78 -12.66 19.84
N ASN E 300 -22.73 -12.51 18.52
CA ASN E 300 -21.42 -12.67 17.85
C ASN E 300 -20.83 -11.24 17.37
N GLY E 301 -20.52 -10.42 18.40
CA GLY E 301 -20.01 -9.00 18.25
C GLY E 301 -21.01 -8.18 17.44
N ILE E 302 -22.27 -8.33 17.77
CA ILE E 302 -23.32 -7.45 17.34
C ILE E 302 -23.52 -6.35 18.41
N CYS E 303 -23.15 -5.12 17.98
CA CYS E 303 -23.24 -3.95 18.81
C CYS E 303 -24.57 -3.32 18.78
N TRP E 304 -25.55 -3.93 19.35
CA TRP E 304 -26.89 -3.41 19.42
C TRP E 304 -26.74 -2.10 20.02
N SER E 305 -27.65 -1.31 19.43
CA SER E 305 -27.81 0.03 19.74
C SER E 305 -26.65 0.86 19.31
N ASN E 306 -26.02 0.50 18.20
CA ASN E 306 -24.83 1.17 17.85
C ASN E 306 -23.78 1.49 19.06
N GLN E 307 -23.54 0.59 20.07
CA GLN E 307 -22.61 0.76 21.29
C GLN E 307 -21.69 -0.47 21.56
N LEU E 308 -20.68 -0.20 22.36
CA LEU E 308 -19.62 -0.99 22.60
C LEU E 308 -19.01 -0.55 23.87
N PHE E 309 -18.80 -1.53 24.75
CA PHE E 309 -18.02 -1.24 25.94
C PHE E 309 -16.70 -1.98 25.94
N VAL E 310 -15.57 -1.27 26.00
CA VAL E 310 -14.26 -1.86 26.06
C VAL E 310 -13.69 -1.61 27.49
N THR E 311 -13.65 -2.67 28.27
CA THR E 311 -13.29 -2.57 29.63
C THR E 311 -11.85 -3.04 29.71
N VAL E 312 -11.06 -2.49 30.61
CA VAL E 312 -9.59 -2.67 30.58
C VAL E 312 -8.99 -2.28 31.97
N VAL E 313 -8.12 -3.18 32.49
CA VAL E 313 -7.38 -2.86 33.69
C VAL E 313 -5.96 -3.12 33.32
N ASP E 314 -5.09 -2.39 33.91
CA ASP E 314 -3.75 -2.61 33.48
C ASP E 314 -2.72 -2.01 34.48
N THR E 315 -2.00 -2.82 35.24
CA THR E 315 -1.14 -2.30 36.24
C THR E 315 0.33 -2.34 35.80
N THR E 316 0.59 -2.75 34.56
CA THR E 316 1.99 -2.79 34.13
C THR E 316 2.75 -1.44 33.90
N ARG E 317 1.92 -0.37 33.75
CA ARG E 317 2.32 0.99 33.34
C ARG E 317 2.00 1.82 34.50
N SER E 318 1.54 1.26 35.55
CA SER E 318 1.26 2.01 36.66
C SER E 318 2.30 3.01 37.32
N THR E 319 3.41 3.43 36.72
CA THR E 319 4.29 4.30 37.52
C THR E 319 3.84 5.71 37.91
N ASN E 320 4.03 6.11 39.19
CA ASN E 320 3.69 7.50 39.57
C ASN E 320 4.94 8.36 39.63
N MET E 321 5.09 9.21 38.60
CA MET E 321 6.05 10.34 38.65
C MET E 321 5.71 11.38 39.72
N SER E 322 6.73 11.85 40.44
CA SER E 322 6.57 12.89 41.39
C SER E 322 7.21 14.11 40.93
N VAL E 323 6.52 15.19 41.26
CA VAL E 323 6.99 16.51 40.74
C VAL E 323 7.41 17.43 41.93
N CYS E 324 8.63 17.97 41.96
CA CYS E 324 8.88 18.67 43.14
C CYS E 324 8.83 20.16 42.76
N SER E 325 8.12 20.98 43.54
CA SER E 325 8.18 22.37 43.17
C SER E 325 8.72 23.29 44.30
N ALA E 326 9.68 24.23 44.02
CA ALA E 326 10.23 25.07 45.13
C ALA E 326 9.42 26.32 45.40
N VAL E 327 9.40 26.65 46.70
CA VAL E 327 8.80 27.87 47.22
C VAL E 327 9.53 29.14 46.81
N SER E 328 10.78 28.98 46.40
CA SER E 328 11.63 30.10 46.11
C SER E 328 13.04 29.64 45.73
N SER E 329 13.41 29.63 44.46
CA SER E 329 14.75 29.26 44.11
C SER E 329 15.79 30.34 44.47
N SER E 330 15.55 31.11 45.54
CA SER E 330 16.50 32.18 45.95
C SER E 330 17.53 31.66 47.00
N ASP E 331 17.40 30.40 47.47
CA ASP E 331 18.29 29.78 48.45
C ASP E 331 19.47 29.00 47.85
N SER E 332 20.47 28.91 48.66
CA SER E 332 21.62 28.25 48.22
C SER E 332 21.92 26.96 49.07
N THR E 333 21.02 26.61 49.98
CA THR E 333 21.23 25.43 50.74
C THR E 333 19.93 24.66 50.66
N TYR E 334 20.02 23.35 50.70
CA TYR E 334 18.84 22.49 50.72
C TYR E 334 18.11 22.55 52.03
N LYS E 335 16.85 22.90 51.96
CA LYS E 335 15.95 22.87 53.13
C LYS E 335 14.55 22.35 52.65
N ASN E 336 14.07 21.37 53.33
CA ASN E 336 12.87 20.68 52.96
C ASN E 336 11.68 21.60 52.89
N ASP E 337 11.54 22.47 53.87
CA ASP E 337 10.53 23.54 53.82
C ASP E 337 10.47 24.27 52.56
N ASN E 338 11.58 24.42 51.84
CA ASN E 338 11.51 25.16 50.60
C ASN E 338 10.90 24.43 49.34
N PHE E 339 10.71 23.08 49.46
CA PHE E 339 10.08 22.34 48.33
C PHE E 339 8.76 21.62 48.61
N LYS E 340 7.88 21.46 47.61
CA LYS E 340 6.60 20.76 47.74
C LYS E 340 6.55 19.59 46.70
N GLU E 341 6.27 18.35 47.24
CA GLU E 341 6.32 17.21 46.34
C GLU E 341 4.89 16.96 46.06
N TYR E 342 4.61 16.54 44.85
CA TYR E 342 3.26 16.22 44.42
C TYR E 342 3.46 14.80 43.75
N LEU E 343 2.38 14.10 43.45
CA LEU E 343 2.41 12.83 42.85
C LEU E 343 1.51 12.77 41.58
N ARG E 344 2.02 12.35 40.47
CA ARG E 344 1.25 12.43 39.30
C ARG E 344 1.25 11.19 38.43
N HIS E 345 0.06 10.75 38.03
CA HIS E 345 0.13 9.64 37.14
C HIS E 345 -0.67 9.80 35.92
N GLY E 346 -0.07 9.55 34.74
CA GLY E 346 -0.82 9.66 33.62
C GLY E 346 -1.01 8.53 32.65
N GLU E 347 -2.28 8.18 32.41
CA GLU E 347 -2.77 7.05 31.58
C GLU E 347 -2.86 7.49 30.14
N GLU E 348 -2.54 6.62 29.18
CA GLU E 348 -2.57 6.88 27.72
C GLU E 348 -3.20 5.70 26.86
N TYR E 349 -4.33 5.99 26.20
CA TYR E 349 -4.96 4.86 25.47
C TYR E 349 -5.17 5.29 24.04
N ASP E 350 -5.52 4.37 23.16
CA ASP E 350 -5.74 4.59 21.84
C ASP E 350 -6.69 3.45 21.40
N LEU E 351 -7.99 3.65 21.22
CA LEU E 351 -8.74 2.55 20.69
C LEU E 351 -9.08 2.38 19.23
N GLN E 352 -8.62 1.30 18.62
CA GLN E 352 -9.07 1.01 17.27
C GLN E 352 -10.09 -0.14 17.05
N PHE E 353 -10.86 -0.04 15.97
CA PHE E 353 -11.88 -1.00 15.67
C PHE E 353 -12.03 -1.21 14.22
N ILE E 354 -12.72 -2.26 13.87
CA ILE E 354 -13.10 -2.54 12.51
C ILE E 354 -14.40 -3.26 12.59
N PHE E 355 -15.47 -2.67 12.09
CA PHE E 355 -16.74 -3.25 12.15
C PHE E 355 -17.26 -3.61 10.74
N GLN E 356 -18.22 -4.55 10.78
CA GLN E 356 -18.78 -5.14 9.58
C GLN E 356 -20.24 -4.71 9.48
N LEU E 357 -20.77 -4.19 8.31
CA LEU E 357 -22.15 -3.76 8.31
C LEU E 357 -23.11 -4.89 8.20
N CYS E 358 -23.99 -5.06 9.14
CA CYS E 358 -24.88 -6.21 8.93
C CYS E 358 -26.35 -5.76 8.78
N LYS E 359 -27.19 -6.66 8.23
CA LYS E 359 -28.59 -6.26 7.95
C LYS E 359 -29.53 -7.26 8.69
N ILE E 360 -30.63 -6.77 9.24
CA ILE E 360 -31.61 -7.55 9.89
C ILE E 360 -33.04 -7.36 9.34
N THR E 361 -33.62 -8.40 8.78
CA THR E 361 -34.88 -8.29 8.19
C THR E 361 -36.02 -8.50 9.20
N LEU E 362 -36.77 -7.45 9.42
CA LEU E 362 -37.75 -7.56 10.53
C LEU E 362 -39.05 -8.26 10.13
N THR E 363 -39.11 -9.54 10.47
CA THR E 363 -40.24 -10.40 10.11
C THR E 363 -41.01 -10.61 11.43
N ALA E 364 -42.23 -11.18 11.30
CA ALA E 364 -42.99 -11.66 12.50
C ALA E 364 -42.03 -12.26 13.61
N ASP E 365 -41.30 -13.37 13.31
CA ASP E 365 -40.54 -14.08 14.34
C ASP E 365 -39.40 -13.31 14.91
N VAL E 366 -38.45 -12.95 14.03
CA VAL E 366 -37.34 -12.11 14.47
C VAL E 366 -37.72 -10.90 15.42
N MET E 367 -38.85 -10.18 15.11
CA MET E 367 -39.33 -9.03 15.88
C MET E 367 -39.69 -9.33 17.29
N THR E 368 -40.55 -10.39 17.40
CA THR E 368 -40.78 -11.12 18.71
C THR E 368 -39.54 -11.43 19.46
N TYR E 369 -38.58 -12.03 18.76
CA TYR E 369 -37.34 -12.47 19.44
C TYR E 369 -36.48 -11.35 19.92
N ILE E 370 -36.56 -10.27 19.13
CA ILE E 370 -35.64 -9.24 19.43
C ILE E 370 -36.28 -8.61 20.55
N HIS E 371 -37.62 -8.81 20.58
CA HIS E 371 -38.39 -7.95 21.47
C HIS E 371 -38.07 -8.39 22.94
N SER E 372 -38.29 -9.76 23.23
CA SER E 372 -38.03 -10.45 24.51
C SER E 372 -36.62 -10.24 24.82
N MET E 373 -35.73 -10.19 23.83
CA MET E 373 -34.34 -9.88 24.16
C MET E 373 -34.21 -8.50 24.84
N ASN E 374 -34.53 -7.48 24.06
CA ASN E 374 -34.40 -6.07 24.40
C ASN E 374 -35.26 -5.27 23.47
N PRO E 375 -36.28 -4.69 24.03
CA PRO E 375 -37.21 -3.83 23.28
C PRO E 375 -36.60 -2.58 22.63
N SER E 376 -35.65 -1.92 23.31
CA SER E 376 -35.06 -0.72 22.81
C SER E 376 -34.61 -0.96 21.43
N ILE E 377 -33.97 -2.07 21.15
CA ILE E 377 -33.54 -2.38 19.76
C ILE E 377 -34.59 -2.00 18.69
N LEU E 378 -35.80 -2.41 18.95
CA LEU E 378 -36.81 -2.21 17.98
C LEU E 378 -37.32 -0.78 17.98
N GLU E 379 -37.48 -0.33 19.21
CA GLU E 379 -37.95 0.98 19.51
C GLU E 379 -37.07 2.09 19.05
N ASP E 380 -35.78 1.91 19.17
CA ASP E 380 -34.96 2.94 18.69
C ASP E 380 -34.87 2.97 17.16
N TRP E 381 -35.44 1.95 16.52
CA TRP E 381 -35.36 1.84 15.06
C TRP E 381 -36.53 2.59 14.33
N ASN E 382 -37.04 3.66 14.94
CA ASN E 382 -38.16 4.51 14.43
C ASN E 382 -38.46 5.63 15.45
N PRO E 389 -31.00 6.04 29.87
CA PRO E 389 -30.79 4.59 30.07
C PRO E 389 -29.61 4.06 31.04
N LEU E 390 -28.52 4.81 31.15
CA LEU E 390 -27.40 4.41 31.98
C LEU E 390 -26.91 5.73 32.52
N LYS E 391 -27.89 6.56 32.76
CA LYS E 391 -27.67 7.94 33.17
C LYS E 391 -27.05 7.92 34.54
N ASN E 392 -27.11 6.75 35.23
CA ASN E 392 -26.60 6.59 36.59
C ASN E 392 -25.15 6.14 36.60
N TYR E 393 -24.73 5.46 35.56
CA TYR E 393 -23.35 5.02 35.48
C TYR E 393 -22.42 6.02 34.79
N THR E 394 -21.18 6.09 35.28
CA THR E 394 -20.13 6.92 34.71
C THR E 394 -19.03 6.15 33.93
N PHE E 395 -19.01 6.36 32.61
CA PHE E 395 -18.05 5.80 31.68
C PHE E 395 -17.12 6.80 30.96
N TRP E 396 -15.96 6.38 30.45
CA TRP E 396 -15.10 7.27 29.68
C TRP E 396 -15.77 7.23 28.33
N GLU E 397 -16.24 8.41 27.88
CA GLU E 397 -17.14 8.50 26.73
C GLU E 397 -16.28 8.56 25.51
N VAL E 398 -16.54 7.70 24.54
CA VAL E 398 -15.83 7.68 23.32
C VAL E 398 -16.82 7.69 22.17
N ASP E 399 -16.84 8.86 21.52
CA ASP E 399 -17.61 9.13 20.28
C ASP E 399 -16.80 8.95 18.97
N LEU E 400 -17.14 7.94 18.18
CA LEU E 400 -16.43 7.64 16.97
C LEU E 400 -17.40 7.82 15.86
N LYS E 401 -18.45 8.64 16.02
CA LYS E 401 -19.50 8.85 14.99
C LYS E 401 -18.84 9.51 13.82
N GLU E 402 -17.88 10.41 14.07
CA GLU E 402 -17.13 10.92 13.00
C GLU E 402 -15.74 10.24 12.70
N LYS E 403 -15.47 9.09 13.28
CA LYS E 403 -14.13 8.52 13.03
C LYS E 403 -14.17 7.24 12.18
N PHE E 404 -15.30 7.06 11.50
CA PHE E 404 -15.38 5.91 10.66
C PHE E 404 -14.75 6.10 9.33
N SER E 405 -14.03 5.09 8.84
CA SER E 405 -13.45 5.12 7.45
C SER E 405 -13.73 3.88 6.73
N ALA E 406 -13.54 3.85 5.44
CA ALA E 406 -13.83 2.66 4.75
C ALA E 406 -12.51 2.42 4.10
N ASP E 407 -11.52 3.29 4.26
CA ASP E 407 -10.27 3.00 3.59
C ASP E 407 -9.40 2.22 4.52
N LEU E 408 -9.65 0.90 4.75
CA LEU E 408 -8.94 0.06 5.73
C LEU E 408 -7.43 0.19 5.59
N ASP E 409 -6.94 0.14 4.36
CA ASP E 409 -5.56 0.51 4.03
C ASP E 409 -4.85 1.65 4.80
N GLN E 410 -5.56 2.68 5.14
CA GLN E 410 -4.94 3.86 5.86
C GLN E 410 -4.54 3.67 7.33
N PHE E 411 -4.68 2.46 7.80
CA PHE E 411 -4.46 2.31 9.19
C PHE E 411 -3.89 0.93 9.48
N PRO E 412 -2.97 0.89 10.46
CA PRO E 412 -2.28 -0.36 10.82
C PRO E 412 -3.24 -1.44 11.07
N LEU E 413 -4.22 -1.19 11.89
CA LEU E 413 -5.13 -2.31 12.15
C LEU E 413 -5.86 -2.73 10.87
N GLY E 414 -6.29 -1.76 10.02
CA GLY E 414 -6.96 -2.14 8.74
C GLY E 414 -6.12 -2.99 7.82
N ARG E 415 -4.84 -2.62 7.85
CA ARG E 415 -3.86 -3.13 6.93
C ARG E 415 -3.72 -4.57 7.27
N LYS E 416 -3.50 -4.86 8.60
CA LYS E 416 -3.53 -6.22 9.26
C LYS E 416 -4.72 -6.98 8.89
N PHE E 417 -5.90 -6.44 9.20
CA PHE E 417 -7.14 -7.05 8.87
C PHE E 417 -7.30 -7.58 7.47
N LEU E 418 -7.22 -6.72 6.51
CA LEU E 418 -7.10 -7.13 5.12
C LEU E 418 -6.22 -8.40 4.90
N LEU E 419 -4.95 -8.25 5.29
CA LEU E 419 -3.99 -9.29 5.27
C LEU E 419 -4.46 -10.57 6.00
N GLN E 420 -4.71 -10.45 7.33
CA GLN E 420 -5.15 -11.55 8.17
C GLN E 420 -6.44 -12.13 7.64
N ALA E 421 -7.39 -11.30 7.21
CA ALA E 421 -8.63 -11.92 6.66
C ALA E 421 -8.39 -12.57 5.30
N GLY E 422 -7.20 -12.33 4.73
CA GLY E 422 -6.82 -12.98 3.45
C GLY E 422 -7.10 -12.01 2.31
N LEU E 423 -8.22 -12.27 1.61
CA LEU E 423 -8.86 -11.36 0.52
C LEU E 423 -9.71 -10.12 1.08
N ALA F 1 19.08 -7.95 -27.46
CA ALA F 1 18.39 -9.13 -26.78
C ALA F 1 16.86 -9.09 -26.56
N VAL F 2 16.09 -10.17 -26.89
CA VAL F 2 14.59 -10.11 -26.64
C VAL F 2 14.28 -10.16 -25.14
N VAL F 3 13.17 -9.68 -24.55
CA VAL F 3 12.97 -9.70 -23.08
C VAL F 3 11.48 -10.09 -22.83
N SER F 4 11.07 -10.36 -21.59
CA SER F 4 9.66 -10.84 -21.41
C SER F 4 8.89 -9.59 -21.12
N THR F 5 7.75 -9.53 -21.68
CA THR F 5 6.92 -8.46 -21.34
C THR F 5 6.69 -8.16 -19.83
N ASP F 6 7.13 -9.08 -19.00
CA ASP F 6 6.99 -8.89 -17.62
C ASP F 6 8.02 -7.86 -17.29
N GLU F 7 9.01 -7.59 -18.12
CA GLU F 7 9.91 -6.63 -17.67
C GLU F 7 9.56 -5.23 -18.12
N TYR F 8 8.42 -4.99 -18.82
CA TYR F 8 8.05 -3.60 -19.29
C TYR F 8 6.58 -3.40 -19.53
N VAL F 9 5.76 -4.38 -19.07
CA VAL F 9 4.36 -4.11 -19.05
C VAL F 9 3.84 -4.30 -17.63
N THR F 10 3.15 -3.38 -17.04
CA THR F 10 2.69 -3.56 -15.71
C THR F 10 1.29 -4.03 -15.84
N ARG F 11 0.86 -4.68 -14.76
CA ARG F 11 -0.45 -5.35 -14.67
C ARG F 11 -1.38 -4.60 -13.72
N THR F 12 -2.69 -4.74 -13.83
CA THR F 12 -3.54 -3.92 -12.97
C THR F 12 -4.54 -4.92 -12.53
N ASN F 13 -5.32 -4.58 -11.49
CA ASN F 13 -6.37 -5.41 -11.05
C ASN F 13 -7.65 -5.30 -11.81
N ILE F 14 -7.56 -5.16 -13.14
CA ILE F 14 -8.74 -4.80 -13.98
C ILE F 14 -9.01 -5.88 -14.99
N TYR F 15 -10.17 -6.47 -14.90
CA TYR F 15 -10.47 -7.50 -15.87
C TYR F 15 -11.79 -7.20 -16.63
N TYR F 16 -11.85 -7.68 -17.85
CA TYR F 16 -13.06 -7.37 -18.59
C TYR F 16 -13.37 -8.60 -19.31
N HIS F 17 -14.69 -8.85 -19.51
CA HIS F 17 -15.18 -10.02 -20.24
C HIS F 17 -15.59 -9.65 -21.61
N ALA F 18 -15.28 -10.47 -22.58
CA ALA F 18 -15.42 -10.19 -23.92
C ALA F 18 -16.04 -11.38 -24.57
N GLY F 19 -17.09 -11.16 -25.33
CA GLY F 19 -17.70 -12.40 -26.00
C GLY F 19 -18.39 -12.02 -27.34
N SER F 20 -18.01 -12.69 -28.42
CA SER F 20 -18.64 -12.63 -29.68
C SER F 20 -19.98 -13.30 -29.60
N SER F 21 -20.82 -12.84 -30.49
CA SER F 21 -22.08 -13.45 -30.54
C SER F 21 -21.90 -14.91 -31.11
N ARG F 22 -23.06 -15.59 -31.26
CA ARG F 22 -22.98 -16.93 -31.94
C ARG F 22 -22.39 -16.77 -33.37
N LEU F 23 -21.40 -17.59 -33.79
CA LEU F 23 -20.78 -17.44 -35.09
C LEU F 23 -21.15 -18.62 -35.92
N LEU F 24 -21.92 -18.48 -36.98
CA LEU F 24 -22.39 -19.65 -37.79
C LEU F 24 -21.79 -19.62 -39.16
N ALA F 25 -21.92 -20.66 -39.97
CA ALA F 25 -21.37 -20.71 -41.28
C ALA F 25 -22.06 -21.81 -41.88
N VAL F 26 -22.49 -21.69 -43.08
CA VAL F 26 -23.07 -22.84 -43.81
C VAL F 26 -22.78 -22.80 -45.26
N GLY F 27 -22.62 -23.93 -45.88
CA GLY F 27 -22.18 -23.90 -47.24
C GLY F 27 -22.02 -25.35 -47.75
N HIS F 28 -21.23 -25.53 -48.84
CA HIS F 28 -20.97 -26.85 -49.44
C HIS F 28 -19.66 -27.25 -48.88
N PRO F 29 -19.63 -28.52 -48.40
CA PRO F 29 -18.39 -29.03 -47.84
C PRO F 29 -17.29 -29.18 -48.91
N TYR F 30 -17.50 -28.93 -50.29
CA TYR F 30 -16.52 -29.43 -51.18
C TYR F 30 -15.94 -28.32 -51.90
N TYR F 31 -16.86 -27.51 -52.46
CA TYR F 31 -16.47 -26.30 -53.37
C TYR F 31 -17.50 -25.28 -53.32
N ALA F 32 -17.16 -24.09 -53.72
CA ALA F 32 -18.13 -22.90 -53.64
C ALA F 32 -19.04 -22.92 -54.80
N ILE F 33 -20.26 -22.61 -54.54
CA ILE F 33 -21.25 -22.68 -55.54
C ILE F 33 -21.54 -21.27 -55.81
N LYS F 34 -21.04 -20.79 -56.96
CA LYS F 34 -21.20 -19.36 -57.24
C LYS F 34 -22.43 -19.29 -58.05
N LYS F 35 -22.90 -18.05 -58.33
CA LYS F 35 -23.93 -17.83 -59.32
C LYS F 35 -23.58 -18.55 -60.72
N GLN F 36 -24.63 -19.07 -61.41
CA GLN F 36 -24.47 -19.86 -62.69
C GLN F 36 -23.70 -19.12 -63.83
N ASP F 37 -23.90 -17.78 -63.93
CA ASP F 37 -23.17 -16.91 -64.89
C ASP F 37 -22.11 -16.12 -64.19
N SER F 38 -22.56 -15.20 -63.29
CA SER F 38 -21.56 -14.56 -62.37
C SER F 38 -20.41 -15.47 -61.68
N ASN F 39 -19.37 -14.82 -61.17
CA ASN F 39 -18.32 -15.58 -60.54
C ASN F 39 -18.33 -15.12 -59.09
N LYS F 40 -19.41 -14.41 -58.69
CA LYS F 40 -19.65 -14.03 -57.27
C LYS F 40 -20.22 -15.21 -56.35
N ILE F 41 -19.68 -15.35 -55.11
CA ILE F 41 -20.00 -16.55 -54.25
C ILE F 41 -21.44 -16.48 -53.85
N ALA F 42 -22.22 -17.42 -54.30
CA ALA F 42 -23.60 -17.50 -53.85
C ALA F 42 -23.74 -18.34 -52.52
N VAL F 43 -23.09 -19.50 -52.52
CA VAL F 43 -22.97 -20.27 -51.29
C VAL F 43 -21.54 -20.46 -51.07
N PRO F 44 -20.98 -20.16 -49.88
CA PRO F 44 -19.56 -20.46 -49.69
C PRO F 44 -19.26 -21.97 -49.45
N LYS F 45 -17.95 -22.21 -49.42
CA LYS F 45 -17.39 -23.49 -48.95
C LYS F 45 -17.14 -23.44 -47.49
N VAL F 46 -17.93 -24.24 -46.84
CA VAL F 46 -17.71 -24.49 -45.41
C VAL F 46 -17.51 -25.96 -45.16
N SER F 47 -16.27 -26.30 -44.79
CA SER F 47 -15.94 -27.67 -44.52
C SER F 47 -15.31 -27.79 -43.11
N GLY F 48 -15.50 -28.97 -42.47
CA GLY F 48 -14.90 -29.14 -41.16
C GLY F 48 -13.39 -29.34 -41.16
N LEU F 49 -12.91 -29.62 -42.36
CA LEU F 49 -11.51 -29.69 -42.61
C LEU F 49 -10.91 -28.33 -42.91
N GLN F 50 -11.56 -27.24 -42.44
CA GLN F 50 -10.89 -25.91 -42.64
C GLN F 50 -10.34 -25.19 -41.44
N TYR F 51 -9.60 -24.07 -41.66
CA TYR F 51 -8.98 -23.40 -40.44
C TYR F 51 -10.00 -22.23 -40.08
N ARG F 52 -9.93 -21.80 -38.85
CA ARG F 52 -10.66 -20.70 -38.47
C ARG F 52 -9.67 -19.86 -37.76
N VAL F 53 -9.19 -18.93 -38.58
CA VAL F 53 -8.31 -17.80 -38.18
C VAL F 53 -9.36 -16.64 -38.00
N PHE F 54 -9.53 -16.20 -36.77
CA PHE F 54 -10.37 -15.30 -36.36
C PHE F 54 -9.44 -14.19 -35.91
N ARG F 55 -9.66 -13.05 -36.55
CA ARG F 55 -9.07 -11.75 -36.12
C ARG F 55 -10.07 -11.07 -35.23
N VAL F 56 -9.68 -10.92 -33.96
CA VAL F 56 -10.58 -10.45 -32.93
C VAL F 56 -10.11 -9.10 -32.70
N LYS F 57 -10.91 -8.08 -32.94
CA LYS F 57 -10.47 -6.74 -32.76
C LYS F 57 -10.92 -6.38 -31.35
N LEU F 58 -10.01 -5.76 -30.65
CA LEU F 58 -10.35 -5.20 -29.36
C LEU F 58 -10.43 -3.71 -29.17
N PRO F 59 -11.33 -3.26 -28.34
CA PRO F 59 -11.39 -1.83 -28.19
C PRO F 59 -10.11 -1.26 -27.75
N ASP F 60 -9.81 -0.03 -28.21
CA ASP F 60 -8.46 0.49 -27.81
C ASP F 60 -8.47 1.13 -26.37
N PRO F 61 -7.80 0.45 -25.34
CA PRO F 61 -7.84 0.93 -23.92
C PRO F 61 -7.53 2.39 -23.73
N ASN F 62 -7.18 3.09 -24.76
CA ASN F 62 -6.73 4.43 -24.58
C ASN F 62 -7.82 5.43 -24.93
N LYS F 63 -8.63 5.16 -25.95
CA LYS F 63 -9.82 5.90 -26.16
C LYS F 63 -10.83 5.70 -25.02
N PHE F 64 -11.14 4.49 -24.53
CA PHE F 64 -11.95 4.21 -23.32
C PHE F 64 -11.49 5.07 -22.13
N GLY F 65 -12.38 5.57 -21.31
CA GLY F 65 -11.73 6.10 -20.06
C GLY F 65 -11.91 5.08 -18.88
N PHE F 66 -10.94 5.15 -17.91
CA PHE F 66 -11.02 4.28 -16.71
C PHE F 66 -10.99 4.97 -15.35
N PRO F 67 -11.79 4.39 -14.41
CA PRO F 67 -11.79 4.84 -12.98
C PRO F 67 -10.40 4.60 -12.22
N ASP F 68 -10.00 3.31 -12.18
CA ASP F 68 -8.79 2.85 -11.50
C ASP F 68 -7.51 3.29 -12.18
N THR F 69 -7.74 4.04 -13.27
CA THR F 69 -6.68 4.84 -13.95
C THR F 69 -6.66 6.34 -13.45
N SER F 70 -6.24 6.47 -12.16
CA SER F 70 -6.09 7.74 -11.43
C SER F 70 -4.58 7.96 -11.05
N PHE F 71 -3.88 6.85 -10.70
CA PHE F 71 -2.32 6.78 -10.54
C PHE F 71 -1.60 6.37 -11.85
N TYR F 72 -2.10 6.88 -13.02
CA TYR F 72 -1.68 6.57 -14.37
C TYR F 72 -1.57 7.86 -15.02
N ASP F 73 -0.57 8.00 -15.90
CA ASP F 73 -0.31 9.27 -16.72
C ASP F 73 -0.35 9.05 -18.25
N PRO F 74 -1.49 9.53 -18.88
CA PRO F 74 -1.68 9.39 -20.36
C PRO F 74 -0.64 10.14 -21.23
N ALA F 75 0.04 11.06 -20.58
CA ALA F 75 1.10 11.78 -21.14
C ALA F 75 2.29 10.89 -21.51
N SER F 76 2.72 10.11 -20.53
CA SER F 76 3.92 9.13 -20.67
C SER F 76 3.66 7.54 -20.66
N GLN F 77 2.46 7.22 -20.23
CA GLN F 77 2.04 5.88 -20.26
C GLN F 77 0.98 5.43 -21.30
N ARG F 78 0.84 4.13 -21.58
CA ARG F 78 -0.20 3.69 -22.51
C ARG F 78 -0.86 2.37 -22.07
N LEU F 79 -1.75 1.80 -22.87
CA LEU F 79 -2.52 0.67 -22.44
C LEU F 79 -2.72 -0.44 -23.47
N VAL F 80 -2.55 -1.71 -22.98
CA VAL F 80 -2.57 -2.89 -23.84
C VAL F 80 -3.53 -3.77 -23.14
N TRP F 81 -4.16 -4.61 -23.91
CA TRP F 81 -5.01 -5.47 -23.27
C TRP F 81 -4.36 -6.83 -23.19
N ALA F 82 -4.20 -7.33 -21.99
CA ALA F 82 -3.58 -8.77 -21.93
C ALA F 82 -4.49 -9.91 -21.75
N CYS F 83 -4.24 -10.97 -22.48
CA CYS F 83 -5.12 -11.99 -22.58
C CYS F 83 -5.06 -12.90 -21.35
N THR F 84 -6.18 -13.04 -20.68
CA THR F 84 -6.09 -13.98 -19.48
C THR F 84 -6.73 -15.37 -19.60
N GLY F 85 -7.89 -15.48 -20.23
CA GLY F 85 -8.37 -16.69 -20.59
C GLY F 85 -9.24 -16.82 -21.80
N VAL F 86 -8.95 -17.75 -22.64
CA VAL F 86 -9.83 -17.92 -23.73
C VAL F 86 -10.77 -19.05 -23.46
N GLU F 87 -11.86 -19.23 -24.26
CA GLU F 87 -12.85 -20.28 -24.08
C GLU F 87 -13.60 -20.34 -25.45
N VAL F 88 -13.30 -21.30 -26.29
CA VAL F 88 -13.77 -21.37 -27.62
C VAL F 88 -14.98 -22.29 -27.67
N GLY F 89 -16.19 -21.83 -27.60
CA GLY F 89 -17.31 -22.68 -27.67
C GLY F 89 -17.84 -23.31 -28.91
N ARG F 90 -17.74 -24.62 -29.14
CA ARG F 90 -18.21 -25.16 -30.42
C ARG F 90 -19.56 -25.72 -30.22
N GLY F 91 -20.54 -25.35 -31.12
CA GLY F 91 -21.89 -26.05 -31.01
C GLY F 91 -21.92 -26.99 -32.15
N GLN F 92 -23.11 -27.51 -32.35
CA GLN F 92 -23.41 -28.70 -33.23
C GLN F 92 -23.09 -30.17 -32.64
N PRO F 93 -23.76 -31.20 -33.14
CA PRO F 93 -23.31 -32.45 -32.75
C PRO F 93 -21.98 -32.86 -33.36
N LEU F 94 -21.26 -33.79 -32.69
CA LEU F 94 -19.98 -34.37 -33.15
C LEU F 94 -20.39 -35.35 -34.22
N GLY F 95 -19.64 -35.54 -35.31
CA GLY F 95 -20.28 -36.25 -36.50
C GLY F 95 -19.07 -36.36 -37.38
N VAL F 96 -19.14 -37.04 -38.53
CA VAL F 96 -17.82 -37.09 -39.25
C VAL F 96 -18.23 -36.88 -40.64
N GLY F 97 -17.29 -36.34 -41.48
CA GLY F 97 -17.54 -36.10 -42.86
C GLY F 97 -17.15 -37.22 -43.77
N ILE F 98 -17.11 -36.94 -45.04
CA ILE F 98 -16.73 -37.95 -46.01
C ILE F 98 -16.42 -37.25 -47.33
N SER F 99 -15.21 -37.45 -47.85
CA SER F 99 -14.70 -36.76 -48.98
C SER F 99 -14.35 -37.81 -50.04
N GLY F 100 -14.74 -37.44 -51.26
CA GLY F 100 -14.60 -38.31 -52.42
C GLY F 100 -14.23 -37.57 -53.71
N HIS F 101 -14.08 -38.35 -54.76
CA HIS F 101 -13.81 -37.84 -56.04
C HIS F 101 -14.50 -38.71 -57.10
N PRO F 102 -15.31 -38.13 -58.04
CA PRO F 102 -15.98 -38.97 -59.01
C PRO F 102 -15.00 -39.76 -59.84
N LEU F 103 -13.82 -39.19 -60.09
CA LEU F 103 -12.81 -39.90 -60.95
C LEU F 103 -11.52 -39.89 -60.23
N LEU F 104 -11.56 -40.37 -59.00
CA LEU F 104 -10.35 -40.66 -58.23
C LEU F 104 -9.41 -41.66 -58.95
N ASN F 105 -8.11 -41.36 -58.94
CA ASN F 105 -7.17 -42.16 -59.69
C ASN F 105 -6.87 -43.35 -58.76
N LYS F 106 -7.52 -44.51 -58.88
CA LYS F 106 -7.20 -45.63 -58.01
C LYS F 106 -7.13 -46.78 -58.98
N LEU F 107 -5.97 -47.36 -59.17
CA LEU F 107 -5.92 -48.36 -60.18
C LEU F 107 -6.75 -49.52 -59.59
N ASP F 108 -6.23 -50.20 -58.52
CA ASP F 108 -6.77 -51.48 -57.96
C ASP F 108 -6.37 -51.52 -56.56
N ASP F 109 -7.07 -52.38 -55.84
CA ASP F 109 -6.85 -52.56 -54.38
C ASP F 109 -5.68 -53.53 -54.03
N THR F 110 -4.54 -52.99 -53.64
CA THR F 110 -3.40 -53.80 -53.42
C THR F 110 -3.21 -54.48 -52.02
N GLU F 111 -4.27 -54.45 -51.22
CA GLU F 111 -4.17 -54.94 -49.85
C GLU F 111 -4.14 -56.49 -49.83
N ASN F 112 -4.97 -57.04 -50.71
CA ASN F 112 -5.13 -58.45 -50.84
C ASN F 112 -5.71 -58.75 -52.27
N SER F 113 -5.02 -58.31 -53.30
CA SER F 113 -5.38 -58.45 -54.75
C SER F 113 -5.75 -59.84 -54.98
N ASN F 114 -6.65 -59.98 -55.97
CA ASN F 114 -7.24 -61.26 -56.42
C ASN F 114 -6.20 -62.05 -57.25
N LYS F 115 -5.78 -61.42 -58.37
CA LYS F 115 -4.71 -61.95 -59.24
C LYS F 115 -3.89 -60.83 -59.84
N TYR F 116 -3.43 -61.13 -61.06
CA TYR F 116 -2.61 -60.25 -61.90
C TYR F 116 -3.17 -60.19 -63.36
N VAL F 117 -4.02 -59.15 -63.62
CA VAL F 117 -4.61 -58.80 -64.96
C VAL F 117 -3.51 -58.13 -65.76
N GLY F 118 -3.57 -58.33 -67.06
CA GLY F 118 -2.60 -57.74 -67.93
C GLY F 118 -2.65 -56.23 -67.82
N ASN F 119 -1.77 -55.54 -68.59
CA ASN F 119 -1.76 -54.02 -68.68
C ASN F 119 -3.18 -53.38 -68.94
N SER F 120 -3.60 -52.49 -68.03
CA SER F 120 -4.93 -51.87 -68.17
C SER F 120 -5.08 -50.97 -69.38
N GLY F 121 -6.14 -50.20 -69.27
CA GLY F 121 -6.47 -49.29 -70.34
C GLY F 121 -6.02 -47.82 -70.19
N THR F 122 -6.87 -46.95 -70.71
CA THR F 122 -6.75 -45.51 -70.44
C THR F 122 -7.90 -45.16 -69.45
N ASP F 123 -7.77 -44.12 -68.61
CA ASP F 123 -8.88 -43.92 -67.63
C ASP F 123 -9.43 -45.14 -66.83
N ASN F 124 -8.76 -45.45 -65.73
CA ASN F 124 -9.26 -46.48 -64.82
C ASN F 124 -9.69 -45.82 -63.51
N ARG F 125 -9.91 -44.50 -63.56
CA ARG F 125 -10.48 -43.79 -62.41
C ARG F 125 -11.85 -44.30 -61.93
N GLU F 126 -12.19 -43.97 -60.70
CA GLU F 126 -13.51 -44.33 -60.14
C GLU F 126 -13.89 -43.71 -58.85
N CYS F 127 -15.18 -43.72 -58.58
CA CYS F 127 -15.70 -42.73 -57.63
C CYS F 127 -15.36 -43.25 -56.33
N ILE F 128 -14.73 -42.51 -55.45
CA ILE F 128 -14.38 -43.14 -54.16
C ILE F 128 -14.40 -42.17 -53.00
N SER F 129 -15.20 -42.39 -51.94
CA SER F 129 -15.27 -41.37 -50.83
C SER F 129 -14.38 -41.87 -49.71
N MET F 130 -14.22 -41.09 -48.64
CA MET F 130 -13.31 -41.56 -47.55
C MET F 130 -13.32 -40.62 -46.39
N ASP F 131 -12.80 -40.94 -45.25
CA ASP F 131 -12.96 -40.01 -44.16
C ASP F 131 -11.56 -39.56 -43.75
N TYR F 132 -11.38 -38.28 -43.71
CA TYR F 132 -10.05 -37.82 -43.46
C TYR F 132 -9.53 -38.06 -42.00
N LYS F 133 -8.18 -37.96 -41.89
CA LYS F 133 -7.39 -37.88 -40.65
C LYS F 133 -8.11 -36.96 -39.66
N GLN F 134 -8.05 -37.21 -38.34
CA GLN F 134 -8.85 -36.37 -37.34
C GLN F 134 -7.92 -35.47 -36.58
N THR F 135 -8.28 -34.19 -36.71
CA THR F 135 -7.58 -33.03 -36.10
C THR F 135 -8.34 -32.08 -35.15
N GLN F 136 -7.64 -31.35 -34.26
CA GLN F 136 -8.25 -30.51 -33.31
C GLN F 136 -7.09 -29.68 -32.78
N LEU F 137 -7.11 -28.42 -33.20
CA LEU F 137 -6.12 -27.51 -32.72
C LEU F 137 -6.75 -26.19 -32.39
N CYS F 138 -5.89 -25.41 -31.83
CA CYS F 138 -6.21 -24.24 -31.44
C CYS F 138 -4.96 -23.54 -30.93
N LEU F 139 -4.67 -22.50 -31.77
CA LEU F 139 -3.52 -21.56 -31.55
C LEU F 139 -4.00 -20.18 -31.14
N ILE F 140 -3.48 -19.58 -30.06
CA ILE F 140 -3.80 -18.32 -29.69
C ILE F 140 -2.48 -17.53 -29.75
N GLY F 141 -2.46 -16.49 -30.63
CA GLY F 141 -1.35 -15.49 -30.78
C GLY F 141 -1.91 -14.14 -30.91
N CYS F 142 -1.11 -13.09 -30.66
CA CYS F 142 -1.49 -11.68 -31.17
C CYS F 142 -1.00 -11.32 -32.58
N ARG F 143 -0.60 -12.23 -33.43
CA ARG F 143 -0.22 -12.08 -34.81
C ARG F 143 -0.60 -13.41 -35.57
N PRO F 144 -1.02 -13.31 -36.84
CA PRO F 144 -1.46 -14.61 -37.45
C PRO F 144 -0.42 -15.71 -37.33
N PRO F 145 -0.82 -16.98 -37.08
CA PRO F 145 0.19 -18.04 -37.07
C PRO F 145 0.76 -18.47 -38.48
N ILE F 146 1.98 -18.97 -38.57
CA ILE F 146 2.30 -19.54 -39.93
C ILE F 146 2.15 -21.10 -40.16
N GLY F 147 2.29 -21.56 -41.41
CA GLY F 147 1.89 -22.86 -41.83
C GLY F 147 3.03 -23.31 -42.84
N GLU F 148 3.24 -24.65 -42.97
CA GLU F 148 4.31 -25.24 -43.84
C GLU F 148 3.60 -26.13 -44.76
N HIS F 149 3.88 -26.18 -46.06
CA HIS F 149 3.34 -27.21 -46.97
C HIS F 149 4.34 -27.38 -48.04
N TRP F 150 4.21 -28.49 -48.76
CA TRP F 150 5.26 -28.75 -49.67
C TRP F 150 4.83 -28.13 -50.98
N GLY F 151 5.77 -27.43 -51.63
CA GLY F 151 5.44 -26.81 -52.84
C GLY F 151 6.41 -27.12 -53.94
N LYS F 152 6.28 -26.37 -55.08
CA LYS F 152 7.09 -26.68 -56.21
C LYS F 152 8.17 -25.72 -56.12
N GLY F 153 9.40 -26.23 -56.24
CA GLY F 153 10.59 -25.38 -56.09
C GLY F 153 11.14 -25.21 -57.48
N THR F 154 11.94 -24.12 -57.60
CA THR F 154 12.66 -23.66 -58.89
C THR F 154 14.01 -24.46 -59.08
N PRO F 155 14.20 -25.25 -60.24
CA PRO F 155 15.48 -26.04 -60.36
C PRO F 155 16.74 -25.08 -60.30
N SER F 156 17.97 -25.63 -60.23
CA SER F 156 19.22 -24.80 -60.20
C SER F 156 19.75 -24.56 -61.60
N ASN F 157 20.95 -24.01 -61.62
CA ASN F 157 21.61 -23.68 -62.90
C ASN F 157 22.10 -24.99 -63.59
N ALA F 158 21.21 -25.59 -64.39
CA ALA F 158 21.51 -26.89 -65.03
C ALA F 158 20.62 -27.15 -66.28
N ASN F 159 19.99 -28.33 -66.28
CA ASN F 159 19.04 -28.73 -67.31
C ASN F 159 17.65 -28.17 -67.01
N GLN F 160 16.88 -28.11 -68.10
CA GLN F 160 15.45 -27.72 -68.10
C GLN F 160 14.56 -28.96 -67.77
N VAL F 161 13.89 -28.80 -66.61
CA VAL F 161 12.91 -29.76 -66.06
C VAL F 161 11.66 -29.83 -67.03
N LYS F 162 11.85 -30.55 -68.16
CA LYS F 162 10.78 -30.72 -69.11
C LYS F 162 9.53 -31.37 -68.58
N ALA F 163 8.51 -31.35 -69.39
CA ALA F 163 7.26 -31.84 -68.88
C ALA F 163 7.38 -33.28 -68.52
N GLY F 164 6.81 -33.70 -67.39
CA GLY F 164 6.68 -35.14 -67.22
C GLY F 164 7.60 -35.41 -66.10
N GLU F 165 8.70 -34.69 -66.01
CA GLU F 165 9.64 -34.93 -64.91
C GLU F 165 9.04 -34.69 -63.49
N CYS F 166 9.77 -34.95 -62.41
CA CYS F 166 9.28 -34.68 -61.07
C CYS F 166 9.96 -33.42 -60.60
N PRO F 167 9.22 -32.40 -60.37
CA PRO F 167 9.78 -31.11 -59.98
C PRO F 167 10.41 -31.21 -58.60
N PRO F 168 11.32 -30.31 -58.23
CA PRO F 168 11.91 -30.40 -56.93
C PRO F 168 11.06 -29.72 -55.87
N LEU F 169 10.88 -30.36 -54.72
CA LEU F 169 9.90 -29.87 -53.68
C LEU F 169 10.67 -28.80 -52.89
N GLU F 170 9.86 -27.94 -52.28
CA GLU F 170 10.35 -26.97 -51.38
C GLU F 170 9.41 -26.72 -50.26
N LEU F 171 10.00 -26.59 -49.14
CA LEU F 171 9.09 -26.51 -48.01
C LEU F 171 8.76 -25.07 -47.78
N LEU F 172 7.47 -24.70 -47.95
CA LEU F 172 7.18 -23.23 -47.90
C LEU F 172 6.40 -22.76 -46.72
N ASN F 173 6.84 -21.66 -46.15
CA ASN F 173 6.04 -21.00 -45.11
C ASN F 173 4.85 -20.11 -45.67
N THR F 174 3.76 -19.83 -44.92
CA THR F 174 2.62 -19.21 -45.40
C THR F 174 1.81 -18.81 -44.25
N VAL F 175 1.08 -17.72 -44.33
CA VAL F 175 0.14 -17.28 -43.28
C VAL F 175 -1.16 -18.15 -43.22
N LEU F 176 -1.61 -18.62 -42.06
CA LEU F 176 -2.82 -19.42 -42.14
C LEU F 176 -4.02 -18.51 -42.24
N GLN F 177 -4.81 -18.63 -43.29
CA GLN F 177 -5.99 -17.76 -43.40
C GLN F 177 -7.30 -18.47 -43.31
N ASP F 178 -8.33 -17.80 -42.91
CA ASP F 178 -9.55 -18.54 -42.67
C ASP F 178 -10.02 -19.18 -43.98
N GLY F 179 -10.21 -20.53 -43.94
CA GLY F 179 -10.74 -21.28 -45.15
C GLY F 179 -9.73 -22.22 -45.82
N ASP F 180 -8.56 -22.20 -45.22
CA ASP F 180 -7.48 -23.02 -45.69
C ASP F 180 -7.72 -24.56 -45.31
N MET F 181 -7.12 -25.48 -46.06
CA MET F 181 -7.23 -26.77 -45.69
C MET F 181 -6.14 -27.28 -44.78
N VAL F 182 -6.46 -28.21 -43.79
CA VAL F 182 -5.42 -28.97 -42.96
C VAL F 182 -5.20 -30.10 -43.76
N ASP F 183 -4.10 -30.71 -43.37
CA ASP F 183 -3.72 -32.03 -43.93
C ASP F 183 -4.86 -33.08 -43.59
N THR F 184 -5.27 -33.80 -44.65
CA THR F 184 -6.27 -34.86 -44.49
C THR F 184 -5.77 -36.41 -44.34
N GLY F 185 -4.43 -36.57 -44.39
CA GLY F 185 -3.90 -37.80 -44.61
C GLY F 185 -2.96 -37.97 -45.79
N PHE F 186 -2.81 -36.89 -46.52
CA PHE F 186 -2.21 -36.96 -47.83
C PHE F 186 -0.96 -36.09 -47.76
N GLY F 187 -0.50 -35.77 -46.55
CA GLY F 187 0.50 -34.68 -46.45
C GLY F 187 0.11 -33.23 -46.66
N ALA F 188 1.00 -32.37 -46.20
CA ALA F 188 0.78 -30.97 -46.27
C ALA F 188 1.58 -30.43 -47.47
N MET F 189 0.92 -30.41 -48.64
CA MET F 189 1.45 -29.97 -49.91
C MET F 189 0.51 -29.01 -50.71
N ASP F 190 0.75 -28.87 -52.02
CA ASP F 190 -0.05 -28.06 -52.87
C ASP F 190 -0.42 -29.00 -53.96
N PHE F 191 -1.67 -29.33 -53.87
CA PHE F 191 -2.20 -30.25 -54.82
C PHE F 191 -2.27 -29.92 -56.33
N THR F 192 -2.46 -28.63 -56.60
CA THR F 192 -2.84 -28.06 -57.92
C THR F 192 -1.55 -28.00 -58.70
N THR F 193 -0.51 -27.46 -58.06
CA THR F 193 0.74 -27.37 -58.79
C THR F 193 1.45 -28.68 -58.94
N LEU F 194 1.44 -29.49 -57.86
CA LEU F 194 2.10 -30.81 -57.72
C LEU F 194 1.40 -32.00 -58.28
N GLN F 195 0.09 -32.03 -58.20
CA GLN F 195 -0.54 -33.08 -58.97
C GLN F 195 -1.32 -32.56 -60.20
N ALA F 196 -0.75 -32.82 -61.38
CA ALA F 196 -1.36 -32.58 -62.63
C ALA F 196 -2.74 -33.12 -62.89
N ASN F 197 -2.87 -34.38 -63.15
CA ASN F 197 -4.19 -35.01 -63.31
C ASN F 197 -5.40 -34.49 -62.51
N LYS F 198 -5.15 -33.64 -61.53
CA LYS F 198 -6.19 -33.26 -60.57
C LYS F 198 -7.21 -34.42 -60.39
N SER F 199 -6.70 -35.61 -59.98
CA SER F 199 -7.65 -36.68 -59.88
C SER F 199 -7.37 -37.71 -58.89
N ASP F 200 -6.34 -37.45 -58.08
CA ASP F 200 -6.10 -38.47 -57.08
C ASP F 200 -6.18 -38.08 -55.58
N VAL F 201 -7.14 -37.22 -55.28
CA VAL F 201 -7.45 -36.70 -53.95
C VAL F 201 -8.79 -36.15 -54.06
N PRO F 202 -9.67 -36.41 -53.06
CA PRO F 202 -11.06 -35.90 -53.20
C PRO F 202 -11.13 -34.39 -53.64
N LEU F 203 -12.32 -33.95 -54.08
CA LEU F 203 -12.43 -32.58 -54.56
C LEU F 203 -12.07 -31.53 -53.54
N ASP F 204 -12.50 -31.60 -52.26
CA ASP F 204 -12.16 -30.59 -51.30
C ASP F 204 -10.72 -30.31 -51.13
N ILE F 205 -9.77 -31.02 -51.72
CA ILE F 205 -8.41 -30.62 -51.49
C ILE F 205 -7.60 -30.69 -52.80
N CYS F 206 -8.14 -31.37 -53.81
CA CYS F 206 -7.32 -31.68 -54.96
C CYS F 206 -6.84 -30.58 -55.85
N SER F 207 -7.31 -29.31 -55.62
CA SER F 207 -6.83 -28.05 -56.28
C SER F 207 -6.69 -26.94 -55.25
N SER F 208 -6.22 -27.35 -54.13
CA SER F 208 -6.00 -26.50 -53.03
C SER F 208 -4.63 -26.82 -52.33
N ILE F 209 -4.44 -26.17 -51.18
CA ILE F 209 -3.32 -26.33 -50.30
C ILE F 209 -3.74 -26.86 -48.94
N CYS F 210 -3.22 -28.07 -48.61
CA CYS F 210 -3.32 -28.50 -47.23
C CYS F 210 -2.17 -27.94 -46.46
N LYS F 211 -2.41 -27.20 -45.39
CA LYS F 211 -1.33 -26.63 -44.60
C LYS F 211 -1.19 -27.32 -43.26
N TYR F 212 -0.20 -27.01 -42.48
CA TYR F 212 -0.04 -27.70 -41.14
C TYR F 212 0.86 -26.76 -40.39
N PRO F 213 0.43 -26.40 -39.26
CA PRO F 213 1.18 -25.42 -38.54
C PRO F 213 2.55 -25.60 -38.48
N ASP F 214 3.35 -24.57 -38.57
CA ASP F 214 4.79 -24.76 -38.47
C ASP F 214 5.10 -24.36 -37.03
N TYR F 215 4.89 -25.36 -36.14
CA TYR F 215 5.00 -25.33 -34.64
C TYR F 215 6.47 -25.05 -34.33
N LEU F 216 7.30 -25.67 -35.16
CA LEU F 216 8.72 -25.53 -34.95
C LEU F 216 9.20 -24.19 -35.04
N LYS F 217 8.83 -23.51 -36.13
CA LYS F 217 9.17 -22.11 -36.33
C LYS F 217 8.51 -21.23 -35.32
N MET F 218 7.18 -21.17 -35.29
CA MET F 218 6.53 -20.25 -34.42
C MET F 218 7.05 -20.29 -33.04
N VAL F 219 7.28 -21.48 -32.55
CA VAL F 219 7.74 -21.70 -31.15
C VAL F 219 9.10 -21.04 -31.04
N SER F 220 9.90 -21.05 -32.12
CA SER F 220 11.16 -20.51 -31.95
C SER F 220 11.25 -19.10 -32.23
N GLU F 221 10.17 -18.38 -32.48
CA GLU F 221 10.40 -16.96 -32.93
C GLU F 221 10.77 -16.19 -31.62
N PRO F 222 11.77 -15.33 -31.69
CA PRO F 222 12.31 -14.62 -30.57
C PRO F 222 11.36 -13.82 -29.71
N TYR F 223 10.33 -13.23 -30.29
CA TYR F 223 9.43 -12.30 -29.52
C TYR F 223 8.23 -13.20 -28.99
N GLY F 224 7.92 -14.21 -29.79
CA GLY F 224 6.82 -15.03 -29.54
C GLY F 224 5.50 -14.40 -29.51
N ASP F 225 5.05 -13.90 -30.66
CA ASP F 225 3.74 -13.25 -30.81
C ASP F 225 2.86 -14.22 -31.55
N MET F 226 3.48 -14.87 -32.45
CA MET F 226 2.80 -15.64 -33.33
C MET F 226 1.75 -16.52 -32.60
N LEU F 227 2.29 -17.44 -31.67
CA LEU F 227 1.40 -18.21 -30.64
C LEU F 227 2.03 -18.11 -29.29
N PHE F 228 1.16 -17.95 -28.27
CA PHE F 228 1.54 -18.07 -26.86
C PHE F 228 0.71 -19.11 -26.18
N PHE F 229 0.16 -20.10 -26.88
CA PHE F 229 -0.67 -21.09 -26.33
C PHE F 229 -1.13 -21.87 -27.50
N TYR F 230 -1.23 -23.19 -27.45
CA TYR F 230 -1.81 -24.01 -28.51
C TYR F 230 -2.12 -25.45 -28.00
N LEU F 231 -3.00 -26.13 -28.74
CA LEU F 231 -3.36 -27.47 -28.38
C LEU F 231 -3.61 -28.23 -29.57
N ARG F 232 -2.75 -29.23 -29.78
CA ARG F 232 -2.99 -30.17 -30.90
C ARG F 232 -3.52 -31.58 -30.39
N ARG F 233 -4.30 -32.28 -31.28
CA ARG F 233 -4.86 -33.59 -31.15
C ARG F 233 -5.11 -34.18 -32.55
N GLU F 234 -4.12 -34.75 -33.15
CA GLU F 234 -4.39 -35.35 -34.42
C GLU F 234 -4.14 -36.93 -34.29
N GLN F 235 -4.87 -37.77 -35.07
CA GLN F 235 -4.91 -39.23 -34.95
C GLN F 235 -5.44 -39.79 -36.31
N MET F 236 -4.64 -40.64 -37.03
CA MET F 236 -5.25 -41.26 -38.25
C MET F 236 -4.79 -42.70 -38.46
N PHE F 237 -5.44 -43.48 -39.33
CA PHE F 237 -4.95 -44.79 -39.66
C PHE F 237 -5.27 -45.28 -41.07
N VAL F 238 -4.59 -46.37 -41.47
CA VAL F 238 -4.67 -46.79 -42.87
C VAL F 238 -5.95 -47.55 -43.09
N ARG F 239 -6.95 -46.88 -43.65
CA ARG F 239 -8.26 -47.61 -43.94
C ARG F 239 -7.95 -48.48 -45.13
N HIS F 240 -7.77 -47.86 -46.35
CA HIS F 240 -7.40 -48.82 -47.38
C HIS F 240 -5.93 -48.82 -47.83
N LEU F 241 -5.57 -49.69 -48.81
CA LEU F 241 -4.29 -49.53 -49.47
C LEU F 241 -4.45 -49.79 -50.98
N PHE F 242 -4.07 -48.71 -51.78
CA PHE F 242 -4.22 -48.68 -53.17
C PHE F 242 -3.00 -48.41 -54.12
N ASN F 243 -3.23 -48.68 -55.39
CA ASN F 243 -2.25 -48.56 -56.39
C ASN F 243 -2.69 -47.37 -57.21
N ARG F 244 -1.80 -46.43 -57.64
CA ARG F 244 -2.23 -45.32 -58.59
C ARG F 244 -2.11 -45.80 -60.02
N ALA F 245 -2.80 -45.13 -60.97
CA ALA F 245 -2.69 -45.48 -62.37
C ALA F 245 -1.83 -44.51 -63.03
N GLY F 246 -1.29 -44.90 -64.19
CA GLY F 246 -0.50 -44.00 -65.02
C GLY F 246 0.93 -44.40 -64.89
N THR F 247 1.75 -43.98 -65.84
CA THR F 247 3.11 -44.46 -65.87
C THR F 247 3.93 -43.98 -64.69
N VAL F 248 4.84 -44.89 -64.29
CA VAL F 248 5.79 -44.63 -63.20
C VAL F 248 7.00 -43.75 -63.65
N GLY F 249 7.17 -42.59 -63.05
CA GLY F 249 8.37 -41.72 -63.38
C GLY F 249 9.69 -42.36 -63.10
N GLU F 250 9.94 -42.61 -61.83
CA GLU F 250 11.12 -43.32 -61.37
C GLU F 250 10.88 -44.79 -61.38
N THR F 251 11.29 -45.52 -62.43
CA THR F 251 11.07 -46.95 -62.54
C THR F 251 11.94 -47.61 -61.56
N VAL F 252 11.46 -48.78 -61.23
CA VAL F 252 12.09 -49.63 -60.15
C VAL F 252 13.45 -50.17 -60.62
N PRO F 253 14.49 -50.19 -59.78
CA PRO F 253 15.82 -50.68 -60.26
C PRO F 253 15.77 -52.19 -60.43
N ALA F 254 16.16 -52.75 -61.56
CA ALA F 254 15.83 -54.17 -61.86
C ALA F 254 16.63 -55.19 -60.92
N ASP F 255 17.51 -54.61 -60.05
CA ASP F 255 18.37 -55.47 -59.22
C ASP F 255 17.67 -55.56 -57.92
N LEU F 256 16.45 -55.11 -57.90
CA LEU F 256 15.58 -55.18 -56.77
C LEU F 256 14.60 -56.30 -56.85
N TYR F 257 14.43 -56.93 -58.00
CA TYR F 257 13.38 -57.97 -58.16
C TYR F 257 13.79 -58.97 -59.16
N ILE F 258 13.10 -60.12 -59.23
CA ILE F 258 13.59 -61.08 -60.17
C ILE F 258 12.68 -61.06 -61.36
N LYS F 259 13.29 -60.94 -62.56
CA LYS F 259 12.59 -60.79 -63.84
C LYS F 259 11.43 -61.77 -63.95
N GLY F 260 10.25 -61.23 -63.92
CA GLY F 260 9.18 -62.15 -63.91
C GLY F 260 8.54 -62.22 -65.26
N THR F 261 8.47 -63.43 -65.83
CA THR F 261 7.99 -63.66 -67.20
C THR F 261 6.66 -63.00 -67.31
N THR F 262 6.32 -62.45 -68.48
CA THR F 262 4.96 -61.92 -68.65
C THR F 262 4.78 -60.63 -67.81
N GLY F 263 5.10 -59.49 -68.41
CA GLY F 263 4.69 -58.32 -67.67
C GLY F 263 5.56 -57.11 -67.94
N THR F 264 4.86 -55.94 -67.80
CA THR F 264 5.48 -54.55 -67.78
C THR F 264 5.70 -54.10 -66.26
N LEU F 265 5.61 -55.04 -65.30
CA LEU F 265 5.75 -54.71 -63.93
C LEU F 265 4.66 -53.77 -63.44
N PRO F 266 3.80 -54.21 -62.52
CA PRO F 266 2.61 -53.50 -62.08
C PRO F 266 2.91 -52.23 -61.35
N SER F 267 1.92 -51.32 -61.36
CA SER F 267 2.10 -50.04 -60.61
C SER F 267 2.63 -50.22 -59.14
N THR F 268 3.62 -49.42 -58.73
CA THR F 268 4.31 -49.46 -57.48
C THR F 268 4.02 -48.17 -56.79
N SER F 269 3.06 -47.40 -57.33
CA SER F 269 2.86 -46.01 -56.80
C SER F 269 1.68 -46.25 -55.90
N TYR F 270 1.98 -46.70 -54.67
CA TYR F 270 0.93 -47.10 -53.76
C TYR F 270 0.57 -45.86 -52.94
N PHE F 271 -0.59 -45.89 -52.24
CA PHE F 271 -1.15 -44.72 -51.52
C PHE F 271 -2.28 -45.34 -50.62
N PRO F 272 -2.36 -44.91 -49.40
CA PRO F 272 -3.44 -45.25 -48.51
C PRO F 272 -4.56 -44.18 -48.27
N THR F 273 -5.74 -44.68 -47.95
CA THR F 273 -6.94 -43.86 -47.60
C THR F 273 -6.85 -43.78 -46.08
N PRO F 274 -6.75 -42.59 -45.62
CA PRO F 274 -6.66 -42.53 -44.13
C PRO F 274 -7.98 -42.90 -43.61
N SER F 275 -8.18 -42.78 -42.25
CA SER F 275 -9.49 -42.89 -41.46
C SER F 275 -9.28 -42.32 -40.14
N GLY F 276 -10.11 -41.39 -39.74
CA GLY F 276 -9.77 -40.72 -38.53
C GLY F 276 -10.48 -41.42 -37.41
N SER F 277 -10.86 -42.62 -37.72
CA SER F 277 -11.30 -43.47 -36.68
C SER F 277 -12.45 -42.96 -35.85
N MET F 278 -12.34 -42.75 -34.53
CA MET F 278 -13.58 -42.34 -33.84
C MET F 278 -13.63 -41.00 -33.06
N VAL F 279 -14.72 -40.28 -33.16
CA VAL F 279 -14.79 -38.94 -32.46
C VAL F 279 -15.46 -39.24 -31.12
N THR F 280 -15.15 -38.45 -30.07
CA THR F 280 -15.66 -38.69 -28.75
C THR F 280 -15.58 -37.49 -27.84
N SER F 281 -16.66 -37.34 -27.07
CA SER F 281 -16.78 -36.25 -26.13
C SER F 281 -15.52 -36.23 -25.33
N ASP F 282 -14.81 -37.34 -25.16
CA ASP F 282 -13.74 -37.38 -24.13
C ASP F 282 -12.54 -36.83 -24.69
N ALA F 283 -12.39 -36.94 -26.01
CA ALA F 283 -11.23 -36.45 -26.77
C ALA F 283 -11.25 -34.91 -26.81
N GLN F 284 -12.48 -34.38 -26.80
CA GLN F 284 -12.74 -32.95 -26.99
C GLN F 284 -11.69 -32.11 -26.30
N ILE F 285 -11.31 -31.16 -27.15
CA ILE F 285 -10.27 -30.17 -26.82
C ILE F 285 -10.93 -28.86 -26.49
N PHE F 286 -12.18 -28.70 -26.95
CA PHE F 286 -12.84 -27.43 -26.87
C PHE F 286 -13.86 -27.29 -25.81
N ASN F 287 -14.60 -26.18 -25.85
CA ASN F 287 -15.62 -25.95 -24.87
C ASN F 287 -15.07 -25.99 -23.40
N LYS F 288 -13.83 -25.66 -23.17
CA LYS F 288 -13.37 -25.63 -21.79
C LYS F 288 -12.62 -24.32 -21.70
N PRO F 289 -12.37 -23.88 -20.55
CA PRO F 289 -11.61 -22.74 -20.48
C PRO F 289 -10.13 -22.93 -20.52
N TYR F 290 -9.35 -22.14 -21.23
CA TYR F 290 -7.88 -22.13 -21.12
C TYR F 290 -7.43 -20.88 -20.38
N TRP F 291 -6.34 -20.88 -19.62
CA TRP F 291 -5.98 -19.80 -18.78
C TRP F 291 -4.57 -19.72 -19.05
N LEU F 292 -4.26 -18.76 -19.86
CA LEU F 292 -2.91 -18.55 -20.22
C LEU F 292 -2.14 -17.74 -19.21
N GLN F 293 -2.04 -18.24 -17.99
CA GLN F 293 -1.25 -17.60 -16.95
C GLN F 293 0.20 -17.33 -17.36
N ARG F 294 0.92 -18.28 -17.91
CA ARG F 294 2.31 -17.96 -18.29
C ARG F 294 2.51 -18.38 -19.71
N ALA F 295 2.94 -17.41 -20.52
CA ALA F 295 3.14 -17.60 -21.95
C ALA F 295 4.30 -18.53 -22.33
N GLN F 296 4.25 -19.15 -23.48
CA GLN F 296 5.21 -20.18 -23.87
C GLN F 296 6.43 -19.45 -24.18
N GLY F 297 6.19 -18.42 -25.01
CA GLY F 297 7.21 -17.46 -25.45
C GLY F 297 7.39 -16.24 -24.53
N HIS F 298 8.09 -15.24 -25.04
CA HIS F 298 8.32 -14.12 -24.20
C HIS F 298 7.13 -13.27 -24.09
N ASN F 299 6.16 -13.36 -25.07
CA ASN F 299 5.10 -12.29 -25.03
C ASN F 299 3.99 -12.91 -24.25
N ASN F 300 3.81 -12.51 -22.98
CA ASN F 300 2.72 -12.97 -22.17
C ASN F 300 1.30 -12.59 -22.45
N GLY F 301 0.81 -13.08 -23.59
CA GLY F 301 -0.49 -12.92 -24.13
C GLY F 301 -0.86 -11.41 -24.01
N ILE F 302 0.01 -10.57 -24.60
CA ILE F 302 -0.15 -9.21 -24.59
C ILE F 302 -0.75 -9.04 -26.02
N CYS F 303 -1.96 -8.48 -26.15
CA CYS F 303 -2.50 -8.22 -27.53
C CYS F 303 -2.13 -6.89 -28.13
N TRP F 304 -0.87 -6.70 -28.49
CA TRP F 304 -0.39 -5.54 -29.19
C TRP F 304 -1.32 -5.34 -30.30
N SER F 305 -1.62 -4.01 -30.49
CA SER F 305 -2.48 -3.41 -31.48
C SER F 305 -3.90 -3.87 -31.29
N ASN F 306 -4.31 -4.00 -30.01
CA ASN F 306 -5.63 -4.38 -29.70
C ASN F 306 -6.14 -5.41 -30.65
N GLN F 307 -5.35 -6.48 -30.86
CA GLN F 307 -5.74 -7.57 -31.72
C GLN F 307 -5.48 -8.94 -31.07
N LEU F 308 -6.19 -9.97 -31.62
CA LEU F 308 -6.05 -11.42 -31.30
C LEU F 308 -6.26 -12.41 -32.41
N PHE F 309 -5.48 -13.49 -32.31
CA PHE F 309 -5.71 -14.50 -33.28
C PHE F 309 -6.05 -15.90 -32.67
N VAL F 310 -7.31 -16.33 -32.87
CA VAL F 310 -7.71 -17.63 -32.60
C VAL F 310 -7.89 -18.49 -33.83
N THR F 311 -6.85 -19.24 -34.10
CA THR F 311 -6.89 -20.33 -35.07
C THR F 311 -7.37 -21.68 -34.40
N VAL F 312 -8.16 -22.42 -35.18
CA VAL F 312 -8.94 -23.42 -34.78
C VAL F 312 -9.30 -24.44 -35.89
N VAL F 313 -8.94 -25.75 -35.68
CA VAL F 313 -9.31 -26.80 -36.67
C VAL F 313 -9.95 -27.84 -35.89
N ASP F 314 -10.99 -28.45 -36.44
CA ASP F 314 -11.93 -29.30 -35.75
C ASP F 314 -12.79 -30.26 -36.62
N THR F 315 -12.30 -31.46 -36.89
CA THR F 315 -13.04 -32.46 -37.69
C THR F 315 -14.02 -33.24 -36.88
N THR F 316 -14.25 -32.96 -35.59
CA THR F 316 -15.09 -33.91 -34.75
C THR F 316 -16.64 -33.76 -35.02
N ARG F 317 -16.95 -32.51 -35.54
CA ARG F 317 -18.36 -32.05 -35.93
C ARG F 317 -18.54 -31.99 -37.42
N SER F 318 -17.55 -32.41 -38.16
CA SER F 318 -17.67 -32.45 -39.55
C SER F 318 -18.73 -33.12 -40.27
N THR F 319 -19.95 -33.13 -39.75
CA THR F 319 -21.01 -33.72 -40.48
C THR F 319 -21.65 -32.84 -41.59
N ASN F 320 -21.83 -33.47 -42.75
CA ASN F 320 -22.35 -32.76 -43.90
C ASN F 320 -23.71 -33.28 -44.03
N MET F 321 -24.80 -32.59 -43.71
CA MET F 321 -26.17 -33.18 -43.88
C MET F 321 -26.54 -32.96 -45.35
N SER F 322 -27.23 -33.93 -45.96
CA SER F 322 -27.76 -33.81 -47.36
C SER F 322 -29.25 -33.40 -47.39
N VAL F 323 -29.56 -32.31 -48.11
CA VAL F 323 -30.96 -31.91 -48.30
C VAL F 323 -31.45 -32.51 -49.56
N CYS F 324 -32.73 -33.04 -49.57
CA CYS F 324 -33.37 -33.65 -50.78
C CYS F 324 -34.60 -32.80 -51.20
N SER F 325 -34.57 -32.13 -52.38
CA SER F 325 -35.68 -31.37 -52.71
C SER F 325 -36.35 -31.91 -53.96
N ALA F 326 -37.69 -31.81 -54.12
CA ALA F 326 -38.41 -32.43 -55.27
C ALA F 326 -38.68 -31.46 -56.37
N VAL F 327 -38.95 -31.98 -57.57
CA VAL F 327 -39.13 -31.12 -58.72
C VAL F 327 -40.62 -31.00 -58.87
N SER F 328 -41.36 -32.07 -58.57
CA SER F 328 -42.81 -31.92 -58.40
C SER F 328 -43.36 -33.01 -57.40
N SER F 329 -44.02 -32.67 -56.28
CA SER F 329 -44.49 -33.76 -55.38
C SER F 329 -45.90 -34.23 -55.83
N SER F 330 -46.04 -34.26 -57.15
CA SER F 330 -47.29 -34.55 -57.82
C SER F 330 -47.20 -36.03 -58.14
N ASP F 331 -46.01 -36.64 -57.98
CA ASP F 331 -45.87 -38.02 -58.46
C ASP F 331 -46.25 -38.97 -57.39
N SER F 332 -46.50 -40.23 -57.77
CA SER F 332 -46.90 -41.13 -56.72
C SER F 332 -46.01 -42.32 -56.63
N THR F 333 -45.13 -42.41 -57.59
CA THR F 333 -44.06 -43.41 -57.66
C THR F 333 -42.66 -42.71 -57.62
N TYR F 334 -41.70 -43.38 -56.98
CA TYR F 334 -40.37 -42.79 -56.82
C TYR F 334 -39.58 -42.84 -58.13
N LYS F 335 -39.14 -41.64 -58.63
CA LYS F 335 -38.27 -41.50 -59.80
C LYS F 335 -37.10 -40.64 -59.41
N ASN F 336 -35.89 -41.03 -59.86
CA ASN F 336 -34.77 -40.32 -59.32
C ASN F 336 -34.77 -38.93 -59.86
N ASP F 337 -35.27 -38.86 -61.10
CA ASP F 337 -35.32 -37.59 -61.87
C ASP F 337 -36.02 -36.54 -61.16
N ASN F 338 -36.91 -36.85 -60.22
CA ASN F 338 -37.71 -35.83 -59.59
C ASN F 338 -37.18 -35.25 -58.28
N PHE F 339 -35.94 -35.60 -58.02
CA PHE F 339 -35.25 -35.31 -56.70
C PHE F 339 -33.83 -34.86 -56.93
N LYS F 340 -33.47 -33.77 -56.29
CA LYS F 340 -32.15 -33.23 -56.48
C LYS F 340 -31.55 -33.22 -55.10
N GLU F 341 -30.39 -33.81 -54.96
CA GLU F 341 -29.85 -33.96 -53.65
C GLU F 341 -28.84 -32.90 -53.57
N TYR F 342 -28.70 -32.27 -52.42
CA TYR F 342 -27.65 -31.27 -52.22
C TYR F 342 -26.86 -31.55 -50.92
N LEU F 343 -25.58 -31.12 -50.80
CA LEU F 343 -24.79 -31.34 -49.58
C LEU F 343 -24.64 -30.04 -48.79
N ARG F 344 -24.82 -30.02 -47.49
CA ARG F 344 -24.75 -28.76 -46.82
C ARG F 344 -24.02 -28.88 -45.54
N HIS F 345 -23.05 -28.07 -45.17
CA HIS F 345 -22.50 -28.23 -43.82
C HIS F 345 -22.47 -26.91 -43.06
N GLY F 346 -22.71 -26.85 -41.77
CA GLY F 346 -22.76 -25.59 -41.14
C GLY F 346 -21.93 -25.55 -39.85
N GLU F 347 -21.01 -24.60 -39.68
CA GLU F 347 -20.14 -24.48 -38.54
C GLU F 347 -20.87 -23.60 -37.48
N GLU F 348 -20.57 -23.70 -36.17
CA GLU F 348 -21.13 -22.86 -35.16
C GLU F 348 -20.10 -22.69 -34.05
N TYR F 349 -19.52 -21.51 -33.91
CA TYR F 349 -18.59 -21.24 -32.80
C TYR F 349 -19.02 -20.27 -31.80
N ASP F 350 -18.19 -19.98 -30.82
CA ASP F 350 -18.47 -19.08 -29.82
C ASP F 350 -17.09 -18.66 -29.21
N LEU F 351 -16.76 -17.42 -28.97
CA LEU F 351 -15.45 -17.10 -28.54
C LEU F 351 -15.53 -16.27 -27.28
N GLN F 352 -14.84 -16.80 -26.27
CA GLN F 352 -14.89 -16.03 -24.99
C GLN F 352 -13.52 -15.72 -24.53
N PHE F 353 -13.45 -14.64 -23.76
CA PHE F 353 -12.14 -14.08 -23.41
C PHE F 353 -12.33 -13.37 -22.15
N ILE F 354 -11.18 -13.01 -21.54
CA ILE F 354 -11.07 -12.23 -20.33
C ILE F 354 -9.72 -11.54 -20.46
N PHE F 355 -9.71 -10.17 -20.46
CA PHE F 355 -8.49 -9.39 -20.73
C PHE F 355 -8.22 -8.60 -19.52
N GLN F 356 -6.97 -8.18 -19.42
CA GLN F 356 -6.57 -7.48 -18.18
C GLN F 356 -5.94 -6.21 -18.56
N LEU F 357 -6.34 -5.13 -17.93
CA LEU F 357 -5.74 -3.91 -18.33
C LEU F 357 -4.23 -3.82 -17.98
N CYS F 358 -3.36 -3.40 -18.93
CA CYS F 358 -1.95 -3.26 -18.60
C CYS F 358 -1.36 -1.97 -19.09
N LYS F 359 -0.42 -1.40 -18.32
CA LYS F 359 0.07 -0.16 -18.54
C LYS F 359 1.53 -0.20 -18.86
N ILE F 360 1.93 0.42 -20.00
CA ILE F 360 3.44 0.59 -20.32
C ILE F 360 3.96 2.04 -20.23
N THR F 361 4.98 2.30 -19.45
CA THR F 361 5.47 3.59 -19.27
C THR F 361 6.58 3.76 -20.37
N LEU F 362 6.35 4.76 -21.26
CA LEU F 362 7.14 5.06 -22.43
C LEU F 362 8.40 5.72 -22.07
N THR F 363 9.46 5.00 -21.84
CA THR F 363 10.68 5.67 -21.43
C THR F 363 11.60 5.58 -22.59
N ALA F 364 12.84 6.00 -22.35
CA ALA F 364 13.79 6.07 -23.41
C ALA F 364 13.97 4.68 -23.94
N ASP F 365 14.34 3.75 -23.00
CA ASP F 365 14.68 2.25 -23.16
C ASP F 365 13.51 1.45 -23.69
N VAL F 366 12.42 1.44 -22.95
CA VAL F 366 11.24 0.82 -23.43
C VAL F 366 10.93 1.16 -24.90
N MET F 367 10.73 2.48 -25.18
CA MET F 367 10.48 2.94 -26.60
C MET F 367 11.39 2.47 -27.74
N THR F 368 12.71 2.52 -27.50
CA THR F 368 13.62 1.85 -28.48
C THR F 368 13.40 0.31 -28.56
N TYR F 369 13.20 -0.34 -27.39
CA TYR F 369 12.94 -1.74 -27.40
C TYR F 369 11.69 -2.03 -28.23
N ILE F 370 10.65 -1.22 -27.94
CA ILE F 370 9.35 -1.47 -28.62
C ILE F 370 9.50 -1.23 -30.10
N HIS F 371 10.33 -0.20 -30.42
CA HIS F 371 10.56 0.15 -31.80
C HIS F 371 11.12 -0.95 -32.60
N SER F 372 12.04 -1.69 -32.02
CA SER F 372 12.78 -2.62 -32.88
C SER F 372 11.91 -3.74 -33.00
N MET F 373 11.21 -4.06 -31.90
CA MET F 373 10.25 -5.13 -31.95
C MET F 373 9.22 -4.84 -33.08
N ASN F 374 8.27 -3.92 -32.85
CA ASN F 374 7.23 -3.59 -33.81
C ASN F 374 7.02 -2.12 -33.72
N PRO F 375 7.39 -1.27 -34.77
CA PRO F 375 7.21 0.18 -34.73
C PRO F 375 5.78 0.52 -34.73
N SER F 376 4.96 -0.17 -35.48
CA SER F 376 3.53 0.18 -35.25
C SER F 376 2.98 0.41 -33.79
N ILE F 377 3.39 -0.41 -32.89
CA ILE F 377 2.89 -0.35 -31.57
C ILE F 377 2.99 1.02 -31.13
N LEU F 378 4.13 1.64 -31.32
CA LEU F 378 4.34 3.06 -30.96
C LEU F 378 3.68 4.16 -31.86
N GLU F 379 3.81 3.97 -33.19
CA GLU F 379 3.16 4.83 -34.20
C GLU F 379 1.69 4.94 -33.94
N ASP F 380 0.98 3.84 -33.81
CA ASP F 380 -0.36 3.93 -33.56
C ASP F 380 -0.62 4.53 -32.20
N TRP F 381 0.35 4.76 -31.32
CA TRP F 381 -0.06 5.33 -30.05
C TRP F 381 -0.12 6.86 -30.08
N ASN F 382 -0.45 7.44 -31.22
CA ASN F 382 -0.66 8.90 -31.30
C ASN F 382 -1.41 9.27 -32.61
N PRO F 389 -2.48 -3.10 -43.47
CA PRO F 389 -1.33 -3.96 -42.90
C PRO F 389 -1.43 -5.46 -43.28
N LEU F 390 -2.64 -5.99 -43.16
CA LEU F 390 -2.96 -7.40 -43.45
C LEU F 390 -4.09 -7.48 -44.50
N LYS F 391 -4.00 -6.53 -45.43
CA LYS F 391 -5.02 -6.33 -46.44
C LYS F 391 -5.04 -7.59 -47.35
N ASN F 392 -3.98 -8.37 -47.42
CA ASN F 392 -4.00 -9.42 -48.42
C ASN F 392 -4.50 -10.78 -47.92
N TYR F 393 -4.88 -10.79 -46.62
CA TYR F 393 -5.18 -11.99 -45.88
C TYR F 393 -6.62 -12.01 -45.43
N THR F 394 -7.26 -13.09 -45.77
CA THR F 394 -8.63 -13.15 -45.33
C THR F 394 -8.88 -13.91 -44.03
N PHE F 395 -9.27 -13.23 -42.99
CA PHE F 395 -9.77 -13.84 -41.72
C PHE F 395 -11.27 -13.69 -41.33
N TRP F 396 -11.76 -14.46 -40.40
CA TRP F 396 -13.10 -14.31 -39.98
C TRP F 396 -12.98 -13.14 -39.02
N GLU F 397 -13.66 -12.06 -39.34
CA GLU F 397 -13.45 -10.90 -38.54
C GLU F 397 -14.31 -11.05 -37.36
N VAL F 398 -13.77 -10.83 -36.23
CA VAL F 398 -14.66 -10.82 -35.17
C VAL F 398 -14.39 -9.45 -34.46
N ASP F 399 -15.38 -8.57 -34.31
CA ASP F 399 -15.22 -7.26 -33.65
C ASP F 399 -15.85 -7.23 -32.21
N LEU F 400 -15.02 -7.27 -31.15
CA LEU F 400 -15.58 -7.31 -29.86
C LEU F 400 -15.53 -5.98 -29.25
N LYS F 401 -15.59 -4.86 -29.99
CA LYS F 401 -15.24 -3.57 -29.35
C LYS F 401 -16.40 -3.22 -28.42
N GLU F 402 -17.64 -3.38 -28.91
CA GLU F 402 -18.78 -3.26 -28.06
C GLU F 402 -19.14 -4.48 -27.16
N LYS F 403 -18.27 -5.44 -27.07
CA LYS F 403 -18.57 -6.61 -26.34
C LYS F 403 -17.78 -6.83 -25.05
N PHE F 404 -17.28 -5.77 -24.45
CA PHE F 404 -16.50 -5.96 -23.25
C PHE F 404 -17.29 -5.53 -22.02
N SER F 405 -17.26 -6.39 -20.98
CA SER F 405 -18.05 -6.07 -19.73
C SER F 405 -17.20 -6.21 -18.53
N ALA F 406 -17.52 -5.55 -17.42
CA ALA F 406 -16.63 -5.50 -16.26
C ALA F 406 -17.30 -6.37 -15.22
N ASP F 407 -18.54 -6.71 -15.48
CA ASP F 407 -19.21 -7.61 -14.56
C ASP F 407 -19.02 -9.00 -14.92
N LEU F 408 -17.89 -9.55 -14.46
CA LEU F 408 -17.46 -10.92 -14.78
C LEU F 408 -18.48 -11.96 -14.33
N ASP F 409 -19.13 -11.63 -13.24
CA ASP F 409 -20.09 -12.49 -12.68
C ASP F 409 -21.17 -12.88 -13.70
N GLN F 410 -21.47 -12.02 -14.66
CA GLN F 410 -22.62 -12.35 -15.55
C GLN F 410 -22.36 -13.39 -16.64
N PHE F 411 -21.21 -14.02 -16.62
CA PHE F 411 -20.93 -14.89 -17.71
C PHE F 411 -20.21 -16.19 -17.20
N PRO F 412 -20.63 -17.29 -17.76
CA PRO F 412 -20.02 -18.50 -17.33
C PRO F 412 -18.49 -18.46 -17.17
N LEU F 413 -17.79 -17.83 -18.15
CA LEU F 413 -16.32 -17.82 -18.14
C LEU F 413 -15.94 -16.86 -17.08
N GLY F 414 -16.67 -15.78 -16.93
CA GLY F 414 -16.19 -14.77 -15.99
C GLY F 414 -16.37 -15.26 -14.60
N ARG F 415 -17.46 -16.05 -14.38
CA ARG F 415 -17.73 -16.74 -13.11
C ARG F 415 -16.65 -17.85 -12.78
N LYS F 416 -16.29 -18.71 -13.73
CA LYS F 416 -15.12 -19.55 -13.62
C LYS F 416 -13.85 -18.82 -13.29
N PHE F 417 -13.57 -17.72 -13.99
CA PHE F 417 -12.33 -16.92 -13.77
C PHE F 417 -12.12 -16.52 -12.30
N LEU F 418 -13.18 -15.91 -11.80
CA LEU F 418 -13.12 -15.29 -10.50
C LEU F 418 -12.88 -16.30 -9.43
N LEU F 419 -13.49 -17.45 -9.68
CA LEU F 419 -13.31 -18.67 -8.88
C LEU F 419 -11.98 -19.23 -8.93
N GLN F 420 -11.73 -19.88 -10.06
CA GLN F 420 -10.33 -20.18 -10.46
C GLN F 420 -9.22 -19.21 -10.04
N ALA F 421 -9.32 -17.91 -10.36
CA ALA F 421 -8.26 -16.94 -9.93
C ALA F 421 -8.21 -16.85 -8.35
N GLY F 422 -9.29 -17.31 -7.69
CA GLY F 422 -9.33 -17.36 -6.22
C GLY F 422 -10.13 -16.13 -5.87
N LEU F 423 -9.41 -15.11 -5.34
CA LEU F 423 -9.96 -13.74 -5.01
C LEU F 423 -10.15 -12.83 -6.27
N ALA G 1 -29.28 -6.05 -13.22
CA ALA G 1 -28.22 -7.20 -13.07
C ALA G 1 -28.79 -8.43 -12.37
N VAL G 2 -28.79 -9.60 -13.04
CA VAL G 2 -28.98 -10.94 -12.43
C VAL G 2 -28.15 -11.23 -11.24
N VAL G 3 -28.56 -11.99 -10.28
CA VAL G 3 -27.66 -12.33 -9.16
C VAL G 3 -27.82 -13.75 -8.70
N SER G 4 -26.84 -14.26 -7.98
CA SER G 4 -27.02 -15.71 -7.47
C SER G 4 -28.17 -15.85 -6.51
N THR G 5 -28.85 -17.01 -6.52
CA THR G 5 -30.01 -17.23 -5.65
C THR G 5 -29.58 -17.16 -4.19
N ASP G 6 -28.28 -17.35 -4.03
CA ASP G 6 -27.70 -17.46 -2.73
C ASP G 6 -27.95 -16.15 -2.01
N GLU G 7 -28.42 -15.12 -2.80
CA GLU G 7 -28.47 -13.71 -2.39
C GLU G 7 -29.89 -13.43 -1.86
N TYR G 8 -30.89 -14.29 -2.13
CA TYR G 8 -32.21 -13.98 -1.68
C TYR G 8 -32.95 -15.26 -1.38
N VAL G 9 -32.22 -16.35 -1.23
CA VAL G 9 -32.94 -17.45 -0.70
C VAL G 9 -32.21 -18.13 0.41
N THR G 10 -32.92 -18.37 1.51
CA THR G 10 -32.22 -19.02 2.64
C THR G 10 -32.28 -20.49 2.66
N ARG G 11 -31.25 -21.06 3.15
CA ARG G 11 -31.33 -22.51 3.30
C ARG G 11 -31.71 -22.99 4.75
N THR G 12 -32.08 -24.24 4.89
CA THR G 12 -32.52 -24.72 6.15
C THR G 12 -31.96 -26.01 6.17
N ASN G 13 -31.95 -26.61 7.37
CA ASN G 13 -31.46 -27.93 7.57
C ASN G 13 -32.44 -28.97 7.39
N ILE G 14 -33.39 -28.70 6.50
CA ILE G 14 -34.44 -29.70 6.12
C ILE G 14 -34.40 -30.44 4.77
N TYR G 15 -34.07 -31.74 4.81
CA TYR G 15 -33.96 -32.45 3.50
C TYR G 15 -34.90 -33.61 3.41
N TYR G 16 -35.30 -33.90 2.21
CA TYR G 16 -36.34 -34.82 1.96
C TYR G 16 -35.92 -35.61 0.72
N HIS G 17 -36.43 -36.88 0.82
CA HIS G 17 -36.13 -37.85 -0.24
C HIS G 17 -37.38 -37.78 -1.15
N ALA G 18 -37.19 -38.16 -2.43
CA ALA G 18 -38.28 -38.31 -3.26
C ALA G 18 -37.93 -39.25 -4.31
N GLY G 19 -38.88 -40.12 -4.60
CA GLY G 19 -38.71 -40.90 -5.82
C GLY G 19 -39.92 -41.39 -6.56
N SER G 20 -39.78 -41.46 -7.88
CA SER G 20 -40.82 -42.01 -8.73
C SER G 20 -40.80 -43.53 -8.60
N SER G 21 -41.90 -44.10 -9.08
CA SER G 21 -41.99 -45.52 -8.98
C SER G 21 -41.28 -45.99 -10.24
N ARG G 22 -41.13 -47.30 -10.47
CA ARG G 22 -40.37 -47.68 -11.70
C ARG G 22 -41.13 -47.10 -12.89
N LEU G 23 -40.42 -46.51 -13.87
CA LEU G 23 -41.06 -45.88 -15.06
C LEU G 23 -40.81 -46.78 -16.23
N LEU G 24 -41.81 -47.51 -16.72
CA LEU G 24 -41.64 -48.48 -17.84
C LEU G 24 -42.20 -47.90 -19.13
N ALA G 25 -41.66 -48.29 -20.29
CA ALA G 25 -42.26 -47.87 -21.58
C ALA G 25 -41.98 -48.94 -22.63
N VAL G 26 -43.04 -49.41 -23.29
CA VAL G 26 -42.79 -50.38 -24.35
C VAL G 26 -43.44 -49.98 -25.70
N GLY G 27 -42.74 -50.04 -26.85
CA GLY G 27 -43.47 -49.78 -28.02
C GLY G 27 -42.71 -50.33 -29.18
N HIS G 28 -42.93 -49.72 -30.30
CA HIS G 28 -42.20 -50.03 -31.54
C HIS G 28 -41.06 -49.03 -31.59
N PRO G 29 -39.85 -49.48 -32.03
CA PRO G 29 -38.68 -48.70 -32.12
C PRO G 29 -38.59 -47.76 -33.29
N TYR G 30 -39.39 -48.01 -34.29
CA TYR G 30 -39.29 -47.10 -35.41
C TYR G 30 -40.41 -46.03 -35.69
N TYR G 31 -41.68 -46.51 -35.56
CA TYR G 31 -42.93 -45.76 -35.81
C TYR G 31 -44.01 -46.31 -34.94
N ALA G 32 -44.99 -45.47 -34.62
CA ALA G 32 -46.10 -45.90 -33.78
C ALA G 32 -47.05 -46.85 -34.48
N ILE G 33 -47.91 -47.60 -33.79
CA ILE G 33 -48.77 -48.57 -34.46
C ILE G 33 -50.06 -48.13 -33.89
N LYS G 34 -50.89 -47.49 -34.72
CA LYS G 34 -52.13 -46.95 -34.25
C LYS G 34 -53.23 -47.93 -34.64
N LYS G 35 -54.47 -47.71 -34.24
CA LYS G 35 -55.54 -48.65 -34.70
C LYS G 35 -55.55 -48.74 -36.26
N GLN G 36 -56.14 -49.80 -36.80
CA GLN G 36 -56.07 -50.03 -38.23
C GLN G 36 -56.94 -49.01 -38.92
N ASP G 37 -58.07 -48.69 -38.28
CA ASP G 37 -58.91 -47.68 -38.90
C ASP G 37 -58.65 -46.36 -38.19
N SER G 38 -59.05 -46.28 -36.91
CA SER G 38 -58.76 -45.12 -36.11
C SER G 38 -57.28 -44.62 -36.13
N ASN G 39 -57.10 -43.43 -35.62
CA ASN G 39 -55.83 -42.75 -35.68
C ASN G 39 -55.42 -42.51 -34.21
N LYS G 40 -55.86 -43.43 -33.34
CA LYS G 40 -55.51 -43.36 -31.95
C LYS G 40 -54.39 -44.37 -31.63
N ILE G 41 -53.27 -43.82 -31.05
CA ILE G 41 -52.09 -44.58 -30.69
C ILE G 41 -52.47 -45.88 -29.92
N ALA G 42 -52.02 -47.04 -30.39
CA ALA G 42 -52.40 -48.31 -29.75
C ALA G 42 -51.18 -48.80 -29.00
N VAL G 43 -50.05 -49.01 -29.73
CA VAL G 43 -48.67 -49.21 -29.20
C VAL G 43 -47.91 -47.92 -29.58
N PRO G 44 -47.22 -47.26 -28.64
CA PRO G 44 -46.48 -46.02 -28.85
C PRO G 44 -45.11 -46.32 -29.51
N LYS G 45 -44.24 -45.33 -29.71
CA LYS G 45 -42.98 -45.57 -30.35
C LYS G 45 -42.03 -45.23 -29.27
N VAL G 46 -41.51 -46.32 -28.71
CA VAL G 46 -40.52 -46.18 -27.67
C VAL G 46 -39.16 -46.64 -28.20
N SER G 47 -38.19 -45.73 -28.21
CA SER G 47 -36.88 -46.03 -28.85
C SER G 47 -35.76 -45.48 -28.01
N GLY G 48 -34.63 -46.04 -28.25
CA GLY G 48 -33.52 -45.76 -27.43
C GLY G 48 -32.89 -44.46 -27.91
N LEU G 49 -33.25 -44.06 -29.12
CA LEU G 49 -32.82 -42.76 -29.62
C LEU G 49 -33.79 -41.57 -29.44
N GLN G 50 -34.47 -41.50 -28.31
CA GLN G 50 -35.45 -40.47 -28.04
C GLN G 50 -35.20 -39.69 -26.80
N TYR G 51 -35.86 -38.53 -26.66
CA TYR G 51 -35.47 -37.73 -25.50
C TYR G 51 -36.43 -38.07 -24.32
N ARG G 52 -35.88 -38.01 -23.12
CA ARG G 52 -36.72 -38.37 -21.99
C ARG G 52 -36.93 -37.05 -21.26
N VAL G 53 -38.10 -36.45 -21.44
CA VAL G 53 -38.10 -35.08 -20.86
C VAL G 53 -38.98 -35.26 -19.69
N PHE G 54 -38.39 -35.45 -18.54
CA PHE G 54 -39.31 -35.57 -17.31
C PHE G 54 -39.89 -34.26 -16.71
N ARG G 55 -41.20 -34.20 -16.50
CA ARG G 55 -41.70 -33.05 -15.69
C ARG G 55 -42.05 -33.61 -14.38
N VAL G 56 -41.16 -33.37 -13.44
CA VAL G 56 -41.24 -33.82 -12.11
C VAL G 56 -42.06 -32.79 -11.22
N LYS G 57 -43.32 -33.09 -10.89
CA LYS G 57 -44.17 -32.21 -10.01
C LYS G 57 -43.83 -32.33 -8.56
N LEU G 58 -43.60 -31.20 -7.90
CA LEU G 58 -43.27 -31.30 -6.47
C LEU G 58 -44.41 -30.79 -5.62
N PRO G 59 -44.58 -31.38 -4.42
CA PRO G 59 -45.62 -30.73 -3.60
C PRO G 59 -45.23 -29.25 -3.42
N ASP G 60 -46.23 -28.39 -3.30
CA ASP G 60 -45.84 -27.05 -2.78
C ASP G 60 -45.58 -26.95 -1.26
N PRO G 61 -44.36 -26.60 -0.93
CA PRO G 61 -44.02 -26.51 0.52
C PRO G 61 -44.90 -25.54 1.27
N ASN G 62 -45.66 -24.72 0.61
CA ASN G 62 -46.46 -23.81 1.36
C ASN G 62 -47.63 -24.54 2.04
N LYS G 63 -48.19 -25.47 1.29
CA LYS G 63 -49.36 -26.18 1.73
C LYS G 63 -48.93 -27.24 2.73
N PHE G 64 -47.77 -27.87 2.54
CA PHE G 64 -47.24 -28.79 3.45
C PHE G 64 -47.08 -28.02 4.75
N GLY G 65 -47.09 -28.67 5.91
CA GLY G 65 -46.94 -27.95 7.17
C GLY G 65 -45.70 -28.55 7.84
N PHE G 66 -44.82 -27.70 8.47
CA PHE G 66 -43.47 -28.15 9.08
C PHE G 66 -43.18 -27.75 10.53
N PRO G 67 -42.35 -28.58 11.20
CA PRO G 67 -42.00 -28.36 12.63
C PRO G 67 -40.81 -27.35 12.87
N ASP G 68 -39.83 -27.43 11.98
CA ASP G 68 -38.65 -26.54 12.01
C ASP G 68 -38.85 -25.10 11.36
N THR G 69 -40.07 -24.85 10.85
CA THR G 69 -40.51 -23.52 10.41
C THR G 69 -41.35 -22.91 11.62
N SER G 70 -40.64 -22.46 12.66
CA SER G 70 -41.41 -22.03 13.85
C SER G 70 -40.83 -20.66 14.05
N PHE G 71 -39.62 -20.48 13.46
CA PHE G 71 -38.83 -19.13 13.25
C PHE G 71 -38.93 -18.73 11.75
N TYR G 72 -40.19 -18.92 11.25
CA TYR G 72 -40.59 -18.69 9.89
C TYR G 72 -41.97 -18.03 9.86
N ASP G 73 -42.02 -16.89 9.17
CA ASP G 73 -43.27 -16.10 9.08
C ASP G 73 -43.91 -16.25 7.74
N PRO G 74 -45.10 -16.98 7.69
CA PRO G 74 -45.76 -17.24 6.39
C PRO G 74 -46.45 -15.93 5.95
N ALA G 75 -46.39 -14.89 6.76
CA ALA G 75 -46.99 -13.62 6.42
C ALA G 75 -46.17 -12.95 5.28
N SER G 76 -44.85 -12.95 5.43
CA SER G 76 -43.85 -12.34 4.59
C SER G 76 -42.81 -13.24 3.93
N GLN G 77 -42.68 -14.54 4.34
CA GLN G 77 -41.68 -15.46 3.77
C GLN G 77 -42.42 -16.48 2.99
N ARG G 78 -41.76 -17.13 2.04
CA ARG G 78 -42.42 -18.18 1.26
C ARG G 78 -41.52 -19.38 1.10
N LEU G 79 -41.98 -20.43 0.42
CA LEU G 79 -41.08 -21.60 0.23
C LEU G 79 -40.79 -22.20 -1.16
N VAL G 80 -39.51 -22.65 -1.34
CA VAL G 80 -39.14 -23.42 -2.48
C VAL G 80 -38.32 -24.62 -2.13
N TRP G 81 -38.31 -25.62 -3.02
CA TRP G 81 -37.54 -26.81 -2.80
C TRP G 81 -36.23 -26.67 -3.61
N ALA G 82 -35.10 -26.80 -3.01
CA ALA G 82 -33.91 -26.63 -3.82
C ALA G 82 -33.40 -28.12 -3.99
N CYS G 83 -33.08 -28.58 -5.20
CA CYS G 83 -32.56 -29.88 -5.50
C CYS G 83 -31.15 -29.88 -5.05
N THR G 84 -30.82 -31.01 -4.47
CA THR G 84 -29.53 -31.29 -3.85
C THR G 84 -28.79 -32.54 -4.43
N GLY G 85 -29.53 -33.70 -4.59
CA GLY G 85 -28.86 -34.74 -5.49
C GLY G 85 -29.94 -35.48 -6.28
N VAL G 86 -29.48 -36.05 -7.42
CA VAL G 86 -30.48 -36.55 -8.40
C VAL G 86 -29.88 -37.78 -8.83
N GLU G 87 -30.63 -38.84 -8.97
CA GLU G 87 -29.99 -40.13 -9.34
C GLU G 87 -30.82 -40.76 -10.38
N VAL G 88 -30.33 -41.02 -11.57
CA VAL G 88 -31.24 -41.43 -12.64
C VAL G 88 -30.96 -43.00 -12.82
N GLY G 89 -31.68 -43.78 -12.07
CA GLY G 89 -31.48 -45.12 -12.34
C GLY G 89 -32.00 -45.77 -13.59
N ARG G 90 -31.17 -46.56 -14.23
CA ARG G 90 -31.55 -47.01 -15.60
C ARG G 90 -31.48 -48.43 -15.43
N GLY G 91 -32.46 -49.14 -15.93
CA GLY G 91 -32.70 -50.59 -15.78
C GLY G 91 -32.81 -51.23 -17.19
N GLN G 92 -32.70 -52.56 -17.23
CA GLN G 92 -32.50 -53.39 -18.45
C GLN G 92 -31.06 -53.57 -18.81
N PRO G 93 -30.80 -54.57 -19.69
CA PRO G 93 -29.39 -54.69 -20.21
C PRO G 93 -28.92 -53.64 -21.33
N LEU G 94 -27.62 -53.32 -21.27
CA LEU G 94 -26.87 -52.65 -22.22
C LEU G 94 -26.95 -53.52 -23.43
N GLY G 95 -27.17 -52.89 -24.55
CA GLY G 95 -27.11 -53.57 -25.83
C GLY G 95 -27.47 -52.41 -26.81
N VAL G 96 -27.34 -52.71 -28.11
CA VAL G 96 -27.48 -51.73 -29.14
C VAL G 96 -28.52 -52.09 -30.19
N GLY G 97 -29.12 -50.99 -30.65
CA GLY G 97 -30.27 -50.99 -31.56
C GLY G 97 -29.90 -51.07 -33.03
N ILE G 98 -30.79 -50.93 -34.00
CA ILE G 98 -30.30 -51.02 -35.34
C ILE G 98 -31.43 -50.44 -36.19
N SER G 99 -31.23 -49.32 -36.86
CA SER G 99 -32.31 -48.71 -37.67
C SER G 99 -32.04 -48.84 -39.13
N GLY G 100 -33.10 -48.90 -39.92
CA GLY G 100 -32.98 -49.41 -41.26
C GLY G 100 -34.06 -48.65 -42.11
N HIS G 101 -34.09 -48.76 -43.47
CA HIS G 101 -35.15 -48.28 -44.31
C HIS G 101 -35.28 -49.27 -45.46
N PRO G 102 -36.41 -49.75 -45.65
CA PRO G 102 -36.52 -50.71 -46.76
C PRO G 102 -36.02 -50.15 -48.05
N LEU G 103 -36.44 -48.87 -48.32
CA LEU G 103 -36.11 -48.17 -49.58
C LEU G 103 -35.18 -47.12 -49.34
N LEU G 104 -34.12 -47.32 -48.54
CA LEU G 104 -33.01 -46.36 -48.37
C LEU G 104 -32.40 -45.96 -49.74
N ASN G 105 -31.91 -44.71 -49.87
CA ASN G 105 -31.41 -44.16 -51.07
C ASN G 105 -29.90 -44.43 -50.99
N LYS G 106 -29.50 -45.36 -51.82
CA LYS G 106 -28.14 -45.92 -51.68
C LYS G 106 -27.69 -46.39 -53.09
N LEU G 107 -27.11 -45.41 -53.80
CA LEU G 107 -26.63 -45.75 -55.10
C LEU G 107 -25.63 -46.94 -55.03
N ASP G 108 -24.42 -46.67 -54.55
CA ASP G 108 -23.35 -47.71 -54.51
C ASP G 108 -22.25 -47.39 -53.48
N ASP G 109 -21.54 -48.48 -53.10
CA ASP G 109 -20.51 -48.42 -52.05
C ASP G 109 -19.17 -47.87 -52.57
N THR G 110 -18.84 -46.59 -52.24
CA THR G 110 -17.66 -45.87 -52.69
C THR G 110 -16.47 -45.80 -51.78
N GLU G 111 -16.46 -46.71 -50.84
CA GLU G 111 -15.29 -46.98 -50.05
C GLU G 111 -14.14 -47.63 -50.87
N ASN G 112 -14.50 -48.68 -51.61
CA ASN G 112 -13.61 -49.42 -52.45
C ASN G 112 -14.26 -50.04 -53.78
N SER G 113 -14.88 -49.23 -54.65
CA SER G 113 -15.77 -49.66 -55.76
C SER G 113 -15.03 -50.75 -56.45
N ASN G 114 -15.81 -51.61 -57.09
CA ASN G 114 -15.26 -52.60 -58.00
C ASN G 114 -14.83 -51.89 -59.30
N LYS G 115 -15.83 -51.30 -60.03
CA LYS G 115 -15.60 -50.55 -61.32
C LYS G 115 -16.47 -49.26 -61.45
N TYR G 116 -16.81 -48.89 -62.70
CA TYR G 116 -17.68 -47.77 -63.05
C TYR G 116 -18.63 -48.29 -64.08
N VAL G 117 -19.82 -48.58 -63.63
CA VAL G 117 -20.81 -49.12 -64.53
C VAL G 117 -21.40 -47.80 -65.09
N GLY G 118 -22.00 -47.84 -66.26
CA GLY G 118 -22.66 -46.64 -66.78
C GLY G 118 -23.93 -46.11 -66.03
N ASN G 119 -24.54 -45.01 -66.51
CA ASN G 119 -25.73 -44.40 -65.86
C ASN G 119 -26.74 -45.48 -65.40
N SER G 120 -27.00 -45.57 -64.10
CA SER G 120 -27.98 -46.54 -63.62
C SER G 120 -29.27 -46.00 -64.17
N GLY G 121 -30.37 -46.57 -63.65
CA GLY G 121 -31.74 -46.08 -64.05
C GLY G 121 -32.65 -45.40 -63.01
N THR G 122 -33.94 -45.82 -62.92
CA THR G 122 -34.86 -45.33 -61.91
C THR G 122 -35.05 -46.25 -60.66
N ASP G 123 -35.07 -45.63 -59.46
CA ASP G 123 -35.22 -46.40 -58.20
C ASP G 123 -34.06 -47.35 -58.00
N ASN G 124 -32.90 -46.92 -57.50
CA ASN G 124 -31.94 -48.01 -57.20
C ASN G 124 -31.82 -48.28 -55.69
N ARG G 125 -32.84 -47.73 -54.98
CA ARG G 125 -33.00 -47.88 -53.50
C ARG G 125 -32.87 -49.35 -53.03
N GLU G 126 -32.44 -49.51 -51.79
CA GLU G 126 -32.44 -50.84 -51.33
C GLU G 126 -32.45 -50.83 -49.84
N CYS G 127 -32.71 -52.08 -49.24
CA CYS G 127 -32.97 -52.28 -47.74
C CYS G 127 -31.63 -52.24 -47.08
N ILE G 128 -31.38 -51.34 -46.12
CA ILE G 128 -30.12 -51.24 -45.45
C ILE G 128 -30.24 -50.73 -44.05
N SER G 129 -29.57 -51.37 -43.08
CA SER G 129 -29.73 -51.04 -41.69
C SER G 129 -28.46 -50.60 -41.00
N MET G 130 -28.56 -50.13 -39.78
CA MET G 130 -27.29 -49.72 -39.21
C MET G 130 -27.42 -49.18 -37.83
N ASP G 131 -26.30 -48.79 -37.18
CA ASP G 131 -26.41 -48.58 -35.71
C ASP G 131 -26.00 -47.17 -35.59
N TYR G 132 -26.94 -46.38 -35.11
CA TYR G 132 -26.63 -44.96 -34.76
C TYR G 132 -25.52 -44.63 -33.81
N LYS G 133 -25.19 -43.40 -33.84
CA LYS G 133 -24.13 -42.76 -32.99
C LYS G 133 -24.53 -42.99 -31.54
N GLN G 134 -23.59 -43.14 -30.64
CA GLN G 134 -23.97 -43.57 -29.28
C GLN G 134 -23.95 -42.30 -28.47
N THR G 135 -24.95 -42.11 -27.64
CA THR G 135 -25.09 -40.77 -26.90
C THR G 135 -25.58 -41.06 -25.44
N GLN G 136 -25.11 -40.25 -24.49
CA GLN G 136 -25.63 -40.38 -23.12
C GLN G 136 -25.72 -39.04 -22.47
N LEU G 137 -26.90 -38.44 -22.28
CA LEU G 137 -26.84 -37.02 -21.83
C LEU G 137 -27.84 -36.99 -20.70
N CYS G 138 -27.67 -36.05 -19.80
CA CYS G 138 -28.68 -35.96 -18.83
C CYS G 138 -28.66 -34.48 -18.51
N LEU G 139 -29.77 -33.71 -18.58
CA LEU G 139 -29.54 -32.31 -18.12
C LEU G 139 -30.58 -32.04 -17.07
N ILE G 140 -30.32 -31.17 -16.08
CA ILE G 140 -31.25 -31.02 -14.99
C ILE G 140 -31.52 -29.56 -14.88
N GLY G 141 -32.77 -29.11 -14.99
CA GLY G 141 -33.09 -27.75 -14.65
C GLY G 141 -34.56 -27.63 -14.21
N CYS G 142 -34.93 -26.40 -13.83
CA CYS G 142 -36.31 -26.11 -13.40
C CYS G 142 -37.20 -25.57 -14.52
N ARG G 143 -36.66 -25.44 -15.75
CA ARG G 143 -37.45 -25.14 -16.94
C ARG G 143 -37.07 -26.17 -17.92
N PRO G 144 -37.79 -26.27 -18.98
CA PRO G 144 -37.43 -27.29 -19.93
C PRO G 144 -36.26 -26.89 -20.86
N PRO G 145 -35.26 -27.80 -21.15
CA PRO G 145 -34.07 -27.41 -21.88
C PRO G 145 -34.46 -27.00 -23.32
N ILE G 146 -33.53 -26.41 -24.09
CA ILE G 146 -33.97 -26.04 -25.44
C ILE G 146 -33.14 -26.79 -26.41
N GLY G 147 -33.55 -27.02 -27.65
CA GLY G 147 -32.60 -27.67 -28.55
C GLY G 147 -32.45 -26.85 -29.91
N GLU G 148 -31.40 -27.12 -30.71
CA GLU G 148 -31.07 -26.55 -31.95
C GLU G 148 -31.12 -27.59 -33.05
N HIS G 149 -31.65 -27.31 -34.24
CA HIS G 149 -31.60 -28.26 -35.35
C HIS G 149 -31.68 -27.48 -36.65
N TRP G 150 -31.30 -28.04 -37.77
CA TRP G 150 -31.30 -27.34 -39.01
C TRP G 150 -32.60 -27.51 -39.72
N GLY G 151 -33.30 -26.37 -39.84
CA GLY G 151 -34.64 -26.34 -40.51
C GLY G 151 -34.65 -25.65 -41.84
N LYS G 152 -35.81 -25.62 -42.51
CA LYS G 152 -35.89 -24.96 -43.84
C LYS G 152 -36.14 -23.53 -43.64
N GLY G 153 -35.36 -22.66 -44.21
CA GLY G 153 -35.55 -21.21 -43.98
C GLY G 153 -36.13 -20.40 -45.14
N THR G 154 -36.60 -19.19 -44.79
CA THR G 154 -37.39 -18.27 -45.71
C THR G 154 -36.48 -17.37 -46.56
N PRO G 155 -36.59 -17.44 -47.90
CA PRO G 155 -35.63 -16.66 -48.72
C PRO G 155 -35.96 -15.19 -48.66
N SER G 156 -35.06 -14.40 -49.21
CA SER G 156 -35.15 -12.96 -49.07
C SER G 156 -35.90 -12.36 -50.24
N ASN G 157 -36.15 -11.05 -50.14
CA ASN G 157 -36.67 -10.24 -51.27
C ASN G 157 -35.82 -10.41 -52.52
N ALA G 158 -36.06 -11.49 -53.27
CA ALA G 158 -35.40 -11.70 -54.58
C ALA G 158 -36.22 -12.70 -55.35
N ASN G 159 -35.49 -13.63 -56.01
CA ASN G 159 -36.09 -14.81 -56.75
C ASN G 159 -36.93 -15.86 -55.95
N GLN G 160 -37.76 -16.56 -56.72
CA GLN G 160 -38.66 -17.50 -56.13
C GLN G 160 -37.92 -18.82 -56.23
N VAL G 161 -37.56 -19.37 -55.05
CA VAL G 161 -36.88 -20.68 -54.91
C VAL G 161 -37.75 -21.84 -55.45
N LYS G 162 -37.89 -21.91 -56.77
CA LYS G 162 -38.75 -22.90 -57.45
C LYS G 162 -38.42 -24.28 -57.00
N ALA G 163 -39.36 -25.22 -57.20
CA ALA G 163 -39.09 -26.65 -56.91
C ALA G 163 -37.80 -27.14 -57.53
N GLY G 164 -37.14 -27.97 -56.73
CA GLY G 164 -35.87 -28.55 -57.07
C GLY G 164 -34.70 -27.84 -56.39
N GLU G 165 -34.81 -26.51 -56.28
CA GLU G 165 -33.72 -25.76 -55.67
C GLU G 165 -33.41 -26.22 -54.22
N CYS G 166 -32.17 -25.98 -53.80
CA CYS G 166 -31.82 -26.23 -52.39
C CYS G 166 -32.27 -25.08 -51.46
N PRO G 167 -33.21 -25.36 -50.62
CA PRO G 167 -33.71 -24.36 -49.68
C PRO G 167 -32.66 -23.78 -48.75
N PRO G 168 -32.63 -22.46 -48.52
CA PRO G 168 -31.64 -22.01 -47.48
C PRO G 168 -31.88 -22.57 -46.05
N LEU G 169 -30.82 -22.92 -45.33
CA LEU G 169 -31.06 -23.50 -44.00
C LEU G 169 -31.21 -22.47 -42.88
N GLU G 170 -31.87 -22.83 -41.82
CA GLU G 170 -31.84 -21.95 -40.70
C GLU G 170 -31.79 -22.84 -39.39
N LEU G 171 -30.83 -22.41 -38.54
CA LEU G 171 -30.69 -22.83 -37.18
C LEU G 171 -31.82 -22.48 -36.28
N LEU G 172 -32.69 -23.48 -36.05
CA LEU G 172 -33.94 -23.25 -35.22
C LEU G 172 -33.85 -23.76 -33.75
N ASN G 173 -34.34 -23.01 -32.81
CA ASN G 173 -34.37 -23.34 -31.48
C ASN G 173 -35.81 -23.87 -31.23
N THR G 174 -36.05 -24.64 -30.17
CA THR G 174 -37.22 -25.35 -29.99
C THR G 174 -37.02 -26.02 -28.61
N VAL G 175 -38.12 -26.26 -27.92
CA VAL G 175 -38.14 -26.94 -26.59
C VAL G 175 -38.14 -28.37 -26.86
N LEU G 176 -37.25 -29.03 -26.16
CA LEU G 176 -37.13 -30.45 -26.16
C LEU G 176 -38.30 -31.05 -25.36
N GLN G 177 -38.96 -32.01 -25.98
CA GLN G 177 -40.12 -32.67 -25.45
C GLN G 177 -39.90 -34.15 -25.52
N ASP G 178 -40.49 -34.89 -24.61
CA ASP G 178 -40.29 -36.31 -24.60
C ASP G 178 -40.66 -36.97 -25.97
N GLY G 179 -39.87 -37.94 -26.49
CA GLY G 179 -40.23 -38.60 -27.74
C GLY G 179 -39.46 -37.96 -28.88
N ASP G 180 -38.68 -36.92 -28.61
CA ASP G 180 -37.89 -36.40 -29.71
C ASP G 180 -36.76 -37.34 -30.15
N MET G 181 -36.25 -37.27 -31.37
CA MET G 181 -35.04 -37.90 -31.73
C MET G 181 -33.68 -37.12 -31.66
N VAL G 182 -32.69 -37.72 -31.01
CA VAL G 182 -31.32 -37.13 -30.94
C VAL G 182 -30.71 -37.34 -32.28
N ASP G 183 -29.60 -36.63 -32.49
CA ASP G 183 -28.94 -36.81 -33.75
C ASP G 183 -28.47 -38.25 -33.94
N THR G 184 -28.65 -38.88 -35.11
CA THR G 184 -28.08 -40.30 -35.08
C THR G 184 -26.85 -40.56 -35.83
N GLY G 185 -26.35 -39.41 -36.36
CA GLY G 185 -25.12 -39.43 -37.15
C GLY G 185 -25.41 -38.80 -38.42
N PHE G 186 -26.61 -38.24 -38.58
CA PHE G 186 -26.93 -37.62 -39.85
C PHE G 186 -27.17 -36.08 -39.67
N GLY G 187 -26.67 -35.55 -38.55
CA GLY G 187 -26.84 -34.18 -38.22
C GLY G 187 -28.12 -33.98 -37.45
N ALA G 188 -28.16 -32.86 -36.75
CA ALA G 188 -29.44 -32.52 -36.19
C ALA G 188 -30.17 -31.58 -37.11
N MET G 189 -31.19 -32.14 -37.72
CA MET G 189 -32.00 -31.47 -38.67
C MET G 189 -33.55 -31.81 -38.77
N ASP G 190 -34.24 -31.39 -39.86
CA ASP G 190 -35.63 -31.73 -40.04
C ASP G 190 -35.65 -32.51 -41.32
N PHE G 191 -35.76 -33.83 -41.14
CA PHE G 191 -35.80 -34.82 -42.21
C PHE G 191 -36.95 -34.79 -43.16
N THR G 192 -38.12 -34.48 -42.63
CA THR G 192 -39.35 -34.31 -43.42
C THR G 192 -39.29 -33.07 -44.29
N THR G 193 -38.87 -31.93 -43.76
CA THR G 193 -38.87 -30.74 -44.64
C THR G 193 -37.74 -30.54 -45.63
N LEU G 194 -36.56 -31.04 -45.21
CA LEU G 194 -35.31 -30.93 -45.94
C LEU G 194 -34.97 -32.12 -46.83
N GLN G 195 -35.57 -33.27 -46.54
CA GLN G 195 -35.50 -34.41 -47.49
C GLN G 195 -36.89 -34.90 -48.05
N ALA G 196 -37.06 -34.49 -49.32
CA ALA G 196 -38.35 -34.74 -49.96
C ALA G 196 -38.51 -36.22 -50.14
N ASN G 197 -37.60 -36.88 -50.89
CA ASN G 197 -37.57 -38.41 -51.05
C ASN G 197 -38.02 -39.21 -49.93
N LYS G 198 -37.91 -38.68 -48.76
CA LYS G 198 -38.12 -39.52 -47.58
C LYS G 198 -37.61 -41.01 -47.72
N SER G 199 -36.36 -41.18 -48.15
CA SER G 199 -35.87 -42.47 -48.36
C SER G 199 -34.42 -42.44 -48.21
N ASP G 200 -33.71 -41.48 -47.60
CA ASP G 200 -32.24 -41.81 -47.49
C ASP G 200 -31.84 -41.67 -46.05
N VAL G 201 -32.68 -42.10 -45.06
CA VAL G 201 -32.45 -42.17 -43.58
C VAL G 201 -33.47 -43.15 -43.11
N PRO G 202 -33.12 -44.01 -42.10
CA PRO G 202 -34.01 -45.10 -41.68
C PRO G 202 -35.34 -44.50 -41.13
N LEU G 203 -36.46 -45.24 -41.15
CA LEU G 203 -37.79 -44.72 -40.80
C LEU G 203 -37.87 -43.88 -39.57
N ASP G 204 -37.27 -44.39 -38.51
CA ASP G 204 -37.36 -43.71 -37.23
C ASP G 204 -36.92 -42.25 -37.24
N ILE G 205 -36.21 -41.76 -38.26
CA ILE G 205 -35.87 -40.34 -38.26
C ILE G 205 -36.26 -39.69 -39.56
N CYS G 206 -36.46 -40.48 -40.63
CA CYS G 206 -36.81 -39.94 -41.90
C CYS G 206 -37.96 -38.94 -41.92
N SER G 207 -38.85 -39.10 -40.96
CA SER G 207 -39.94 -38.16 -40.99
C SER G 207 -40.05 -37.29 -39.71
N SER G 208 -38.90 -36.88 -39.22
CA SER G 208 -38.90 -36.21 -37.97
C SER G 208 -37.77 -35.21 -37.90
N ILE G 209 -37.65 -34.62 -36.71
CA ILE G 209 -36.53 -33.77 -36.43
C ILE G 209 -35.63 -34.49 -35.43
N CYS G 210 -34.33 -34.50 -35.72
CA CYS G 210 -33.35 -34.92 -34.78
C CYS G 210 -32.80 -33.68 -34.12
N LYS G 211 -33.05 -33.41 -32.87
CA LYS G 211 -32.54 -32.15 -32.27
C LYS G 211 -31.22 -32.44 -31.47
N TYR G 212 -30.41 -31.39 -31.29
CA TYR G 212 -29.30 -31.44 -30.40
C TYR G 212 -29.43 -30.40 -29.33
N PRO G 213 -29.13 -30.77 -28.06
CA PRO G 213 -29.30 -29.72 -26.97
C PRO G 213 -28.52 -28.40 -27.36
N ASP G 214 -29.19 -27.24 -27.20
CA ASP G 214 -28.41 -26.03 -27.39
C ASP G 214 -27.58 -25.70 -26.12
N TYR G 215 -26.35 -26.29 -26.12
CA TYR G 215 -25.70 -26.17 -24.85
C TYR G 215 -25.20 -24.84 -24.68
N LEU G 216 -24.78 -24.28 -25.85
CA LEU G 216 -24.21 -22.88 -25.97
C LEU G 216 -25.16 -21.90 -25.46
N LYS G 217 -26.38 -21.97 -25.96
CA LYS G 217 -27.31 -21.01 -25.53
C LYS G 217 -27.65 -21.09 -24.06
N MET G 218 -28.10 -22.28 -23.67
CA MET G 218 -28.46 -22.57 -22.27
C MET G 218 -27.51 -22.16 -21.20
N VAL G 219 -26.25 -22.44 -21.54
CA VAL G 219 -25.22 -22.20 -20.63
C VAL G 219 -25.16 -20.70 -20.46
N SER G 220 -25.32 -19.89 -21.52
CA SER G 220 -25.34 -18.38 -21.45
C SER G 220 -26.66 -17.65 -21.06
N GLU G 221 -27.78 -18.36 -20.83
CA GLU G 221 -28.98 -17.73 -20.25
C GLU G 221 -28.66 -17.00 -18.96
N PRO G 222 -29.08 -15.75 -18.80
CA PRO G 222 -28.74 -14.99 -17.60
C PRO G 222 -29.23 -15.56 -16.29
N TYR G 223 -30.39 -16.23 -16.25
CA TYR G 223 -30.97 -16.68 -14.92
C TYR G 223 -30.50 -18.14 -14.62
N GLY G 224 -30.19 -18.88 -15.70
CA GLY G 224 -29.68 -20.25 -15.64
C GLY G 224 -30.65 -21.22 -15.00
N ASP G 225 -31.93 -21.10 -15.43
CA ASP G 225 -32.94 -22.09 -14.94
C ASP G 225 -33.02 -23.24 -15.87
N MET G 226 -32.59 -23.08 -17.11
CA MET G 226 -32.75 -24.08 -18.10
C MET G 226 -31.96 -25.34 -17.62
N LEU G 227 -30.72 -25.18 -17.19
CA LEU G 227 -30.01 -26.38 -16.75
C LEU G 227 -29.00 -25.89 -15.81
N PHE G 228 -28.80 -26.71 -14.82
CA PHE G 228 -27.92 -26.24 -13.83
C PHE G 228 -26.99 -27.31 -13.50
N PHE G 229 -27.06 -28.37 -14.33
CA PHE G 229 -26.20 -29.58 -14.17
C PHE G 229 -26.40 -30.31 -15.47
N TYR G 230 -25.29 -30.86 -15.98
CA TYR G 230 -25.42 -31.62 -17.30
C TYR G 230 -24.25 -32.55 -17.59
N LEU G 231 -24.48 -33.71 -18.21
CA LEU G 231 -23.32 -34.54 -18.61
C LEU G 231 -23.61 -35.15 -19.99
N ARG G 232 -22.62 -35.06 -20.87
CA ARG G 232 -22.87 -35.53 -22.21
C ARG G 232 -21.72 -36.53 -22.49
N ARG G 233 -21.98 -37.45 -23.42
CA ARG G 233 -21.05 -38.52 -23.75
C ARG G 233 -21.49 -39.13 -25.08
N GLU G 234 -21.04 -38.51 -26.16
CA GLU G 234 -21.42 -38.99 -27.46
C GLU G 234 -20.12 -39.42 -28.16
N GLN G 235 -20.20 -40.50 -28.92
CA GLN G 235 -19.11 -40.88 -29.74
C GLN G 235 -19.64 -41.62 -30.92
N MET G 236 -18.85 -41.77 -32.00
CA MET G 236 -19.36 -42.41 -33.31
C MET G 236 -18.28 -42.44 -34.32
N PHE G 237 -18.47 -43.15 -35.43
CA PHE G 237 -17.38 -43.17 -36.48
C PHE G 237 -17.82 -43.77 -37.79
N VAL G 238 -17.02 -43.75 -38.85
CA VAL G 238 -17.67 -44.15 -40.03
C VAL G 238 -17.77 -45.67 -40.30
N ARG G 239 -18.97 -46.22 -40.31
CA ARG G 239 -19.05 -47.70 -40.62
C ARG G 239 -18.95 -47.83 -42.10
N HIS G 240 -19.78 -47.12 -42.86
CA HIS G 240 -19.46 -47.12 -44.32
C HIS G 240 -19.63 -45.72 -44.96
N LEU G 241 -19.29 -45.76 -46.23
CA LEU G 241 -19.19 -44.66 -47.14
C LEU G 241 -20.04 -44.95 -48.39
N PHE G 242 -21.19 -44.28 -48.59
CA PHE G 242 -22.06 -44.51 -49.75
C PHE G 242 -22.29 -43.28 -50.69
N ASN G 243 -22.82 -43.62 -51.86
CA ASN G 243 -23.19 -42.65 -52.83
C ASN G 243 -24.67 -42.55 -52.81
N ARG G 244 -25.20 -41.34 -53.07
CA ARG G 244 -26.68 -41.15 -53.20
C ARG G 244 -27.16 -41.16 -54.66
N ALA G 245 -28.33 -41.76 -54.90
CA ALA G 245 -28.86 -41.63 -56.23
C ALA G 245 -29.67 -40.35 -56.47
N GLY G 246 -29.92 -40.06 -57.75
CA GLY G 246 -30.74 -38.86 -58.15
C GLY G 246 -29.83 -37.79 -58.58
N THR G 247 -30.39 -36.80 -59.27
CA THR G 247 -29.51 -35.80 -59.99
C THR G 247 -28.86 -34.93 -58.94
N VAL G 248 -27.58 -34.56 -59.16
CA VAL G 248 -26.84 -33.61 -58.24
C VAL G 248 -27.34 -32.22 -58.53
N GLY G 249 -27.79 -31.53 -57.53
CA GLY G 249 -28.26 -30.17 -57.68
C GLY G 249 -27.09 -29.23 -57.96
N GLU G 250 -26.16 -29.00 -57.01
CA GLU G 250 -24.93 -28.24 -57.40
C GLU G 250 -23.88 -29.06 -58.19
N THR G 251 -23.76 -28.82 -59.49
CA THR G 251 -22.91 -29.71 -60.33
C THR G 251 -21.40 -29.45 -60.00
N VAL G 252 -20.52 -30.42 -60.23
CA VAL G 252 -19.10 -30.25 -59.90
C VAL G 252 -18.55 -29.21 -60.87
N PRO G 253 -17.89 -28.20 -60.44
CA PRO G 253 -17.21 -27.25 -61.24
C PRO G 253 -16.14 -27.89 -62.20
N ALA G 254 -16.28 -27.82 -63.56
CA ALA G 254 -15.36 -28.45 -64.55
C ALA G 254 -13.85 -28.12 -64.50
N ASP G 255 -13.47 -27.13 -63.67
CA ASP G 255 -12.03 -26.85 -63.59
C ASP G 255 -11.50 -27.67 -62.42
N LEU G 256 -12.27 -28.52 -61.76
CA LEU G 256 -11.76 -29.26 -60.62
C LEU G 256 -11.41 -30.73 -61.00
N TYR G 257 -11.53 -31.05 -62.27
CA TYR G 257 -11.25 -32.42 -62.72
C TYR G 257 -11.01 -32.42 -64.24
N ILE G 258 -10.36 -33.46 -64.78
CA ILE G 258 -10.10 -33.53 -66.19
C ILE G 258 -11.14 -34.41 -66.88
N LYS G 259 -11.74 -33.87 -67.96
CA LYS G 259 -12.84 -34.55 -68.72
C LYS G 259 -12.47 -36.01 -68.90
N GLY G 260 -13.33 -36.86 -68.41
CA GLY G 260 -12.89 -38.25 -68.57
C GLY G 260 -13.83 -38.76 -69.60
N THR G 261 -13.29 -39.39 -70.63
CA THR G 261 -14.19 -39.77 -71.72
C THR G 261 -15.10 -40.78 -71.18
N THR G 262 -16.25 -40.97 -71.81
CA THR G 262 -17.23 -41.87 -71.29
C THR G 262 -17.79 -41.42 -69.89
N GLY G 263 -18.98 -40.87 -69.82
CA GLY G 263 -19.56 -40.62 -68.55
C GLY G 263 -20.24 -39.30 -68.40
N THR G 264 -21.26 -39.37 -67.56
CA THR G 264 -22.06 -38.25 -67.05
C THR G 264 -21.63 -37.87 -65.60
N LEU G 265 -20.35 -38.14 -65.29
CA LEU G 265 -19.78 -38.01 -63.94
C LEU G 265 -20.72 -38.54 -62.85
N PRO G 266 -20.33 -39.69 -62.25
CA PRO G 266 -20.94 -40.46 -61.24
C PRO G 266 -21.20 -39.57 -60.01
N SER G 267 -22.15 -39.99 -59.15
CA SER G 267 -22.70 -39.19 -58.06
C SER G 267 -21.61 -38.71 -57.18
N THR G 268 -21.82 -37.61 -56.47
CA THR G 268 -20.70 -37.09 -55.69
C THR G 268 -21.44 -36.66 -54.43
N SER G 269 -22.68 -37.21 -54.29
CA SER G 269 -23.49 -36.94 -53.08
C SER G 269 -23.17 -38.07 -52.11
N TYR G 270 -22.17 -37.86 -51.29
CA TYR G 270 -21.65 -38.89 -50.49
C TYR G 270 -22.35 -38.85 -49.14
N PHE G 271 -22.41 -40.03 -48.56
CA PHE G 271 -23.00 -40.11 -47.22
C PHE G 271 -22.45 -41.26 -46.45
N PRO G 272 -22.07 -41.04 -45.20
CA PRO G 272 -21.62 -42.03 -44.36
C PRO G 272 -22.67 -42.76 -43.41
N THR G 273 -22.32 -43.96 -43.02
CA THR G 273 -23.14 -44.77 -42.07
C THR G 273 -22.48 -44.74 -40.81
N PRO G 274 -23.15 -44.27 -39.81
CA PRO G 274 -22.50 -44.17 -38.56
C PRO G 274 -22.47 -45.50 -37.74
N SER G 275 -21.69 -45.50 -36.67
CA SER G 275 -21.60 -46.66 -35.77
C SER G 275 -21.11 -46.07 -34.43
N GLY G 276 -21.85 -46.39 -33.40
CA GLY G 276 -21.58 -45.83 -32.13
C GLY G 276 -20.56 -46.71 -31.48
N SER G 277 -20.31 -47.86 -32.16
CA SER G 277 -19.25 -48.77 -31.87
C SER G 277 -19.67 -49.49 -30.64
N MET G 278 -19.10 -49.12 -29.46
CA MET G 278 -19.42 -50.04 -28.39
C MET G 278 -19.97 -49.43 -27.16
N VAL G 279 -20.88 -50.20 -26.54
CA VAL G 279 -21.35 -49.84 -25.18
C VAL G 279 -20.65 -50.71 -24.09
N THR G 280 -20.27 -50.12 -22.95
CA THR G 280 -19.71 -50.76 -21.87
C THR G 280 -20.01 -50.17 -20.48
N SER G 281 -20.28 -50.97 -19.48
CA SER G 281 -20.61 -50.56 -18.08
C SER G 281 -19.79 -49.37 -17.75
N ASP G 282 -18.50 -49.49 -18.06
CA ASP G 282 -17.56 -48.43 -17.72
C ASP G 282 -17.97 -47.05 -18.25
N ALA G 283 -18.32 -46.93 -19.55
CA ALA G 283 -18.78 -45.73 -20.16
C ALA G 283 -19.85 -45.10 -19.34
N GLN G 284 -20.95 -45.80 -18.99
CA GLN G 284 -22.06 -45.27 -18.19
C GLN G 284 -22.02 -43.97 -17.46
N ILE G 285 -22.95 -43.14 -17.74
CA ILE G 285 -22.99 -41.88 -17.16
C ILE G 285 -24.06 -41.96 -16.14
N PHE G 286 -24.91 -42.98 -16.22
CA PHE G 286 -26.08 -43.20 -15.25
C PHE G 286 -25.95 -44.01 -13.97
N ASN G 287 -27.06 -44.09 -13.21
CA ASN G 287 -27.11 -45.02 -12.00
C ASN G 287 -26.09 -44.55 -10.92
N LYS G 288 -25.53 -43.29 -11.05
CA LYS G 288 -24.65 -42.74 -10.04
C LYS G 288 -25.35 -41.50 -9.46
N PRO G 289 -25.21 -41.33 -8.17
CA PRO G 289 -25.87 -40.13 -7.61
C PRO G 289 -25.08 -38.82 -7.96
N TYR G 290 -25.74 -37.75 -8.46
CA TYR G 290 -25.15 -36.40 -8.76
C TYR G 290 -25.48 -35.35 -7.62
N TRP G 291 -24.50 -34.60 -7.07
CA TRP G 291 -24.91 -33.75 -6.02
C TRP G 291 -24.66 -32.43 -6.50
N LEU G 292 -25.65 -31.67 -6.95
CA LEU G 292 -25.39 -30.34 -7.55
C LEU G 292 -25.14 -29.32 -6.46
N GLN G 293 -23.95 -29.42 -5.87
CA GLN G 293 -23.62 -28.62 -4.72
C GLN G 293 -23.58 -27.22 -5.14
N ARG G 294 -22.87 -26.93 -6.24
CA ARG G 294 -22.90 -25.57 -6.85
C ARG G 294 -23.38 -25.63 -8.27
N ALA G 295 -24.16 -24.62 -8.64
CA ALA G 295 -24.85 -24.80 -9.90
C ALA G 295 -23.94 -24.27 -10.77
N GLN G 296 -24.21 -24.43 -12.04
CA GLN G 296 -23.33 -23.72 -13.03
C GLN G 296 -23.64 -22.16 -13.18
N GLY G 297 -24.92 -21.87 -13.42
CA GLY G 297 -25.34 -20.52 -13.48
C GLY G 297 -25.67 -19.92 -12.13
N HIS G 298 -26.41 -18.77 -12.19
CA HIS G 298 -26.95 -18.08 -11.03
C HIS G 298 -27.96 -18.92 -10.11
N ASN G 299 -28.85 -19.71 -10.72
CA ASN G 299 -29.84 -20.42 -9.98
C ASN G 299 -29.15 -21.63 -9.57
N ASN G 300 -28.97 -21.79 -8.25
CA ASN G 300 -28.39 -22.92 -7.67
C ASN G 300 -29.36 -24.00 -7.32
N GLY G 301 -29.83 -24.77 -8.33
CA GLY G 301 -31.00 -25.72 -8.08
C GLY G 301 -32.29 -25.35 -7.28
N ILE G 302 -32.74 -24.09 -7.53
CA ILE G 302 -34.15 -23.65 -7.08
C ILE G 302 -35.21 -23.94 -8.05
N CYS G 303 -35.99 -24.87 -7.59
CA CYS G 303 -37.03 -25.41 -8.40
C CYS G 303 -38.25 -24.61 -8.28
N TRP G 304 -38.21 -23.42 -8.82
CA TRP G 304 -39.30 -22.39 -8.86
C TRP G 304 -40.47 -23.10 -9.40
N SER G 305 -41.63 -22.71 -8.88
CA SER G 305 -42.85 -23.23 -9.43
C SER G 305 -42.97 -24.69 -9.07
N ASN G 306 -42.41 -25.06 -7.90
CA ASN G 306 -42.29 -26.48 -7.47
C ASN G 306 -42.11 -27.43 -8.60
N GLN G 307 -41.18 -27.14 -9.55
CA GLN G 307 -41.03 -28.01 -10.76
C GLN G 307 -39.61 -28.51 -11.13
N LEU G 308 -39.41 -29.50 -12.00
CA LEU G 308 -38.05 -29.90 -12.34
C LEU G 308 -38.08 -30.70 -13.63
N PHE G 309 -37.01 -30.58 -14.39
CA PHE G 309 -36.98 -31.20 -15.66
C PHE G 309 -35.76 -31.97 -15.72
N VAL G 310 -35.98 -33.20 -16.07
CA VAL G 310 -34.86 -34.10 -16.14
C VAL G 310 -34.82 -34.59 -17.60
N THR G 311 -33.78 -34.18 -18.31
CA THR G 311 -33.79 -34.43 -19.73
C THR G 311 -32.87 -35.53 -19.87
N VAL G 312 -33.29 -36.62 -20.54
CA VAL G 312 -32.36 -37.83 -20.68
C VAL G 312 -32.27 -38.59 -22.06
N VAL G 313 -31.00 -38.73 -22.58
CA VAL G 313 -30.86 -39.58 -23.76
C VAL G 313 -29.89 -40.76 -23.47
N ASP G 314 -30.30 -41.99 -23.79
CA ASP G 314 -29.42 -43.00 -23.51
C ASP G 314 -29.41 -44.19 -24.46
N THR G 315 -28.47 -44.15 -25.43
CA THR G 315 -28.36 -45.31 -26.38
C THR G 315 -27.71 -46.66 -25.90
N THR G 316 -27.31 -46.72 -24.65
CA THR G 316 -26.52 -47.86 -24.27
C THR G 316 -27.34 -49.23 -24.11
N ARG G 317 -28.60 -49.06 -23.86
CA ARG G 317 -29.50 -50.09 -23.69
C ARG G 317 -30.50 -50.12 -24.81
N SER G 318 -30.09 -49.64 -25.94
CA SER G 318 -31.08 -49.56 -27.05
C SER G 318 -31.51 -50.87 -27.71
N THR G 319 -31.34 -52.05 -27.12
CA THR G 319 -31.76 -53.23 -27.88
C THR G 319 -33.34 -53.24 -28.04
N ASN G 320 -33.77 -53.67 -29.25
CA ASN G 320 -35.18 -53.86 -29.56
C ASN G 320 -35.31 -55.34 -29.83
N MET G 321 -36.22 -55.97 -29.05
CA MET G 321 -36.32 -57.53 -29.01
C MET G 321 -37.45 -57.84 -30.08
N SER G 322 -37.33 -59.06 -30.63
CA SER G 322 -38.26 -59.38 -31.72
C SER G 322 -39.11 -60.49 -31.20
N VAL G 323 -40.44 -60.36 -31.38
CA VAL G 323 -41.40 -61.36 -30.91
C VAL G 323 -42.01 -62.03 -32.12
N CYS G 324 -41.96 -63.37 -32.11
CA CYS G 324 -42.40 -64.05 -33.35
C CYS G 324 -43.50 -64.87 -32.91
N SER G 325 -44.68 -64.70 -33.51
CA SER G 325 -45.96 -65.28 -33.18
C SER G 325 -46.28 -66.05 -34.46
N ALA G 326 -47.01 -67.16 -34.29
CA ALA G 326 -47.44 -68.11 -35.37
C ALA G 326 -48.93 -68.06 -35.75
N VAL G 327 -49.23 -68.50 -36.97
CA VAL G 327 -50.58 -68.29 -37.43
C VAL G 327 -51.34 -69.55 -37.12
N SER G 328 -50.58 -70.62 -36.95
CA SER G 328 -51.17 -71.85 -36.40
C SER G 328 -50.02 -72.73 -36.01
N SER G 329 -50.06 -73.23 -34.78
CA SER G 329 -49.08 -74.21 -34.37
C SER G 329 -49.50 -75.67 -34.69
N SER G 330 -50.35 -75.77 -35.71
CA SER G 330 -50.72 -77.05 -36.22
C SER G 330 -49.73 -77.70 -37.25
N ASP G 331 -48.79 -76.90 -37.83
CA ASP G 331 -47.81 -77.39 -38.89
C ASP G 331 -46.56 -78.03 -38.34
N SER G 332 -45.87 -78.79 -39.18
CA SER G 332 -44.70 -79.52 -38.73
C SER G 332 -43.48 -79.10 -39.56
N THR G 333 -43.75 -78.27 -40.59
CA THR G 333 -42.73 -77.80 -41.51
C THR G 333 -42.78 -76.33 -41.41
N TYR G 334 -41.54 -75.79 -41.42
CA TYR G 334 -41.20 -74.33 -41.29
C TYR G 334 -41.66 -73.69 -42.56
N LYS G 335 -42.53 -72.67 -42.40
CA LYS G 335 -43.03 -71.90 -43.52
C LYS G 335 -43.16 -70.50 -43.05
N ASN G 336 -42.42 -69.61 -43.70
CA ASN G 336 -42.51 -68.16 -43.40
C ASN G 336 -43.88 -67.53 -43.32
N ASP G 337 -44.79 -67.94 -44.19
CA ASP G 337 -46.14 -67.42 -44.08
C ASP G 337 -46.77 -67.59 -42.67
N ASN G 338 -46.32 -68.68 -42.04
CA ASN G 338 -46.90 -69.20 -40.79
C ASN G 338 -46.49 -68.39 -39.51
N PHE G 339 -45.72 -67.27 -39.71
CA PHE G 339 -45.15 -66.53 -38.57
C PHE G 339 -45.16 -65.11 -38.92
N LYS G 340 -45.28 -64.35 -37.85
CA LYS G 340 -45.25 -62.95 -37.88
C LYS G 340 -44.29 -62.36 -36.92
N GLU G 341 -43.24 -61.77 -37.49
CA GLU G 341 -42.18 -61.06 -36.70
C GLU G 341 -42.64 -59.57 -36.33
N TYR G 342 -42.33 -59.20 -35.09
CA TYR G 342 -42.69 -57.91 -34.61
C TYR G 342 -41.48 -57.33 -33.88
N LEU G 343 -41.45 -56.01 -33.69
CA LEU G 343 -40.37 -55.32 -32.95
C LEU G 343 -40.83 -54.56 -31.74
N ARG G 344 -40.10 -54.62 -30.63
CA ARG G 344 -40.58 -53.94 -29.45
C ARG G 344 -39.39 -53.51 -28.61
N HIS G 345 -39.49 -52.30 -28.03
CA HIS G 345 -38.39 -51.79 -27.16
C HIS G 345 -38.93 -51.35 -25.82
N GLY G 346 -38.22 -51.78 -24.73
CA GLY G 346 -38.72 -51.46 -23.38
C GLY G 346 -37.76 -50.50 -22.66
N GLU G 347 -38.26 -49.33 -22.27
CA GLU G 347 -37.29 -48.42 -21.58
C GLU G 347 -37.56 -48.70 -20.06
N GLU G 348 -36.53 -48.75 -19.17
CA GLU G 348 -36.82 -48.67 -17.71
C GLU G 348 -36.11 -47.58 -16.97
N TYR G 349 -36.83 -46.79 -16.18
CA TYR G 349 -36.17 -45.63 -15.48
C TYR G 349 -36.46 -45.68 -14.03
N ASP G 350 -35.63 -45.05 -13.20
CA ASP G 350 -36.03 -44.84 -11.82
C ASP G 350 -35.62 -43.41 -11.36
N LEU G 351 -36.49 -42.50 -10.98
CA LEU G 351 -35.94 -41.19 -10.61
C LEU G 351 -35.80 -40.80 -9.12
N GLN G 352 -34.60 -40.63 -8.59
CA GLN G 352 -34.64 -40.26 -7.17
C GLN G 352 -34.10 -38.98 -6.86
N PHE G 353 -34.60 -38.31 -5.85
CA PHE G 353 -34.17 -36.88 -5.63
C PHE G 353 -33.99 -36.55 -4.23
N ILE G 354 -33.25 -35.47 -3.90
CA ILE G 354 -33.17 -35.13 -2.49
C ILE G 354 -33.09 -33.63 -2.60
N PHE G 355 -34.15 -32.95 -2.07
CA PHE G 355 -34.36 -31.54 -1.94
C PHE G 355 -34.17 -30.85 -0.57
N GLN G 356 -33.86 -29.61 -0.55
CA GLN G 356 -33.58 -28.98 0.76
C GLN G 356 -34.63 -27.95 0.86
N LEU G 357 -35.20 -27.72 2.04
CA LEU G 357 -36.27 -26.71 2.17
C LEU G 357 -35.61 -25.40 2.27
N CYS G 358 -35.93 -24.49 1.32
CA CYS G 358 -35.49 -23.11 1.49
C CYS G 358 -36.65 -22.15 1.78
N LYS G 359 -36.39 -21.04 2.46
CA LYS G 359 -37.31 -19.93 2.55
C LYS G 359 -36.87 -18.64 1.84
N ILE G 360 -37.85 -17.91 1.36
CA ILE G 360 -37.60 -16.49 0.78
C ILE G 360 -38.34 -15.27 1.43
N THR G 361 -37.64 -14.27 1.88
CA THR G 361 -38.44 -13.25 2.49
C THR G 361 -38.82 -12.18 1.46
N LEU G 362 -40.08 -12.12 1.24
CA LEU G 362 -40.66 -11.23 0.26
C LEU G 362 -40.47 -9.74 0.78
N THR G 363 -39.42 -9.07 0.36
CA THR G 363 -39.23 -7.72 0.69
C THR G 363 -39.34 -6.93 -0.53
N ALA G 364 -39.42 -5.59 -0.39
CA ALA G 364 -39.53 -4.69 -1.55
C ALA G 364 -38.59 -5.00 -2.71
N ASP G 365 -37.24 -5.04 -2.44
CA ASP G 365 -36.20 -5.36 -3.43
C ASP G 365 -36.39 -6.76 -3.95
N VAL G 366 -36.46 -7.78 -3.10
CA VAL G 366 -36.43 -9.12 -3.65
C VAL G 366 -37.63 -9.32 -4.55
N MET G 367 -38.79 -8.74 -4.22
CA MET G 367 -39.95 -9.01 -5.06
C MET G 367 -39.90 -8.41 -6.47
N THR G 368 -39.39 -7.16 -6.51
CA THR G 368 -39.17 -6.53 -7.77
C THR G 368 -38.31 -7.47 -8.59
N TYR G 369 -37.22 -7.95 -7.99
CA TYR G 369 -36.23 -8.73 -8.73
C TYR G 369 -36.87 -10.04 -9.23
N ILE G 370 -37.60 -10.72 -8.31
CA ILE G 370 -38.30 -11.98 -8.62
C ILE G 370 -39.31 -11.77 -9.79
N HIS G 371 -39.93 -10.56 -9.79
CA HIS G 371 -41.01 -10.25 -10.79
C HIS G 371 -40.45 -10.17 -12.19
N SER G 372 -39.35 -9.42 -12.26
CA SER G 372 -38.64 -9.23 -13.54
C SER G 372 -38.16 -10.57 -14.02
N MET G 373 -37.59 -11.39 -13.11
CA MET G 373 -37.18 -12.71 -13.38
C MET G 373 -38.29 -13.52 -13.86
N ASN G 374 -39.28 -13.70 -13.00
CA ASN G 374 -40.47 -14.53 -13.40
C ASN G 374 -41.73 -14.16 -12.59
N PRO G 375 -42.77 -13.60 -13.26
CA PRO G 375 -43.93 -13.17 -12.52
C PRO G 375 -44.63 -14.21 -11.84
N SER G 376 -44.79 -15.32 -12.54
CA SER G 376 -45.38 -16.55 -12.04
C SER G 376 -45.06 -16.85 -10.60
N ILE G 377 -43.76 -17.02 -10.31
CA ILE G 377 -43.25 -17.37 -8.96
C ILE G 377 -44.08 -16.60 -7.81
N LEU G 378 -44.36 -15.29 -8.04
CA LEU G 378 -44.98 -14.42 -7.06
C LEU G 378 -46.42 -14.52 -7.20
N GLU G 379 -46.95 -14.67 -8.41
CA GLU G 379 -48.40 -14.69 -8.53
C GLU G 379 -48.94 -15.94 -8.02
N ASP G 380 -48.19 -17.03 -8.23
CA ASP G 380 -48.60 -18.36 -7.76
C ASP G 380 -48.58 -18.42 -6.28
N TRP G 381 -47.84 -17.47 -5.70
CA TRP G 381 -47.70 -17.47 -4.28
C TRP G 381 -48.81 -16.83 -3.42
N ASN G 382 -50.11 -17.12 -3.74
CA ASN G 382 -51.38 -16.48 -3.17
C ASN G 382 -52.63 -16.81 -3.99
N PRO G 389 -49.71 -23.72 -19.12
CA PRO G 389 -48.60 -22.66 -19.32
C PRO G 389 -47.71 -23.21 -20.36
N LEU G 390 -47.70 -24.55 -20.32
CA LEU G 390 -46.81 -25.40 -21.13
C LEU G 390 -47.79 -26.32 -21.84
N LYS G 391 -49.08 -25.98 -21.78
CA LYS G 391 -50.07 -26.83 -22.41
C LYS G 391 -49.76 -27.44 -23.86
N ASN G 392 -48.80 -26.84 -24.56
CA ASN G 392 -48.38 -27.28 -25.96
C ASN G 392 -47.25 -28.28 -26.05
N TYR G 393 -46.60 -28.47 -24.92
CA TYR G 393 -45.52 -29.41 -24.86
C TYR G 393 -45.84 -30.72 -24.14
N THR G 394 -45.30 -31.73 -24.71
CA THR G 394 -45.55 -33.04 -24.20
C THR G 394 -44.41 -33.70 -23.43
N PHE G 395 -44.59 -33.80 -22.12
CA PHE G 395 -43.55 -34.33 -21.30
C PHE G 395 -44.00 -35.65 -20.71
N TRP G 396 -43.08 -36.53 -20.25
CA TRP G 396 -43.41 -37.69 -19.55
C TRP G 396 -43.72 -37.09 -18.20
N GLU G 397 -44.94 -37.26 -17.62
CA GLU G 397 -45.30 -36.60 -16.34
C GLU G 397 -44.91 -37.50 -15.18
N VAL G 398 -44.28 -36.90 -14.16
CA VAL G 398 -43.86 -37.65 -12.99
C VAL G 398 -44.26 -36.88 -11.78
N ASP G 399 -45.28 -37.31 -11.07
CA ASP G 399 -45.79 -36.59 -9.93
C ASP G 399 -45.20 -37.19 -8.58
N LEU G 400 -44.40 -36.38 -7.88
CA LEU G 400 -43.84 -36.82 -6.69
C LEU G 400 -44.41 -36.10 -5.51
N LYS G 401 -45.68 -35.78 -5.57
CA LYS G 401 -46.24 -34.99 -4.43
C LYS G 401 -46.37 -36.00 -3.31
N GLU G 402 -47.01 -37.11 -3.61
CA GLU G 402 -46.99 -38.08 -2.59
C GLU G 402 -45.76 -39.04 -2.29
N LYS G 403 -44.64 -38.79 -2.93
CA LYS G 403 -43.53 -39.62 -2.76
C LYS G 403 -42.41 -38.91 -1.95
N PHE G 404 -42.77 -37.95 -1.08
CA PHE G 404 -41.74 -37.24 -0.31
C PHE G 404 -41.47 -37.88 1.10
N SER G 405 -40.26 -37.98 1.53
CA SER G 405 -40.13 -38.60 2.87
C SER G 405 -39.08 -37.71 3.56
N ALA G 406 -39.12 -37.59 4.88
CA ALA G 406 -38.19 -36.89 5.58
C ALA G 406 -37.19 -37.96 6.01
N ASP G 407 -37.50 -39.23 5.75
CA ASP G 407 -36.52 -40.27 6.36
C ASP G 407 -35.50 -40.74 5.38
N LEU G 408 -34.35 -40.08 5.44
CA LEU G 408 -33.45 -40.24 4.37
C LEU G 408 -32.87 -41.58 4.45
N ASP G 409 -32.77 -42.15 5.66
CA ASP G 409 -32.20 -43.53 5.90
C ASP G 409 -32.78 -44.66 5.11
N GLN G 410 -34.11 -44.74 5.14
CA GLN G 410 -34.84 -45.63 4.17
C GLN G 410 -34.55 -45.76 2.64
N PHE G 411 -33.50 -45.09 2.20
CA PHE G 411 -33.17 -45.13 0.78
C PHE G 411 -31.63 -45.11 0.50
N PRO G 412 -31.34 -45.75 -0.56
CA PRO G 412 -30.02 -45.78 -0.94
C PRO G 412 -29.39 -44.42 -1.12
N LEU G 413 -29.97 -43.55 -2.08
CA LEU G 413 -29.64 -42.12 -2.28
C LEU G 413 -29.78 -41.36 -1.03
N GLY G 414 -30.96 -41.24 -0.43
CA GLY G 414 -30.78 -40.72 0.93
C GLY G 414 -29.71 -41.24 1.87
N ARG G 415 -29.44 -42.59 1.87
CA ARG G 415 -28.32 -43.10 2.71
C ARG G 415 -27.00 -42.46 2.33
N LYS G 416 -26.68 -42.56 1.03
CA LYS G 416 -25.51 -41.81 0.39
C LYS G 416 -25.48 -40.34 0.72
N PHE G 417 -26.58 -39.66 0.59
CA PHE G 417 -26.45 -38.25 0.89
C PHE G 417 -25.97 -37.92 2.30
N LEU G 418 -26.35 -38.79 3.25
CA LEU G 418 -26.13 -38.44 4.63
C LEU G 418 -24.61 -38.64 4.86
N LEU G 419 -24.12 -39.63 4.14
CA LEU G 419 -22.77 -40.06 4.32
C LEU G 419 -21.82 -38.99 3.68
N GLN G 420 -21.95 -38.88 2.38
CA GLN G 420 -21.28 -37.83 1.65
C GLN G 420 -21.54 -36.40 2.23
N ALA G 421 -22.74 -36.04 2.62
CA ALA G 421 -22.90 -34.70 3.12
C ALA G 421 -22.11 -34.59 4.40
N GLY G 422 -21.85 -35.77 4.96
CA GLY G 422 -20.98 -35.89 6.12
C GLY G 422 -21.91 -36.06 7.32
N LEU G 423 -22.07 -34.94 8.05
CA LEU G 423 -22.95 -34.91 9.21
C LEU G 423 -24.44 -34.76 8.80
N ALA H 1 -40.02 -49.01 11.05
CA ALA H 1 -38.78 -48.64 10.24
C ALA H 1 -37.57 -49.57 10.32
N VAL H 2 -37.10 -50.03 9.16
CA VAL H 2 -35.98 -50.88 8.99
C VAL H 2 -34.79 -50.08 9.49
N VAL H 3 -33.81 -50.73 10.04
CA VAL H 3 -32.66 -50.08 10.62
C VAL H 3 -31.41 -50.86 10.39
N SER H 4 -30.18 -50.31 10.60
CA SER H 4 -28.94 -51.07 10.31
C SER H 4 -28.73 -52.19 11.36
N THR H 5 -28.29 -53.33 10.85
CA THR H 5 -27.91 -54.40 11.69
C THR H 5 -26.86 -53.80 12.68
N ASP H 6 -26.24 -52.66 12.43
CA ASP H 6 -25.20 -52.19 13.39
C ASP H 6 -25.91 -51.80 14.69
N GLU H 7 -27.18 -51.53 14.58
CA GLU H 7 -27.94 -51.21 15.77
C GLU H 7 -28.34 -52.35 16.71
N TYR H 8 -28.29 -53.58 16.21
CA TYR H 8 -28.69 -54.69 16.98
C TYR H 8 -27.83 -55.89 16.81
N VAL H 9 -26.64 -55.74 16.28
CA VAL H 9 -25.89 -56.96 16.16
C VAL H 9 -24.52 -56.64 16.66
N THR H 10 -23.96 -57.31 17.70
CA THR H 10 -22.68 -56.85 18.24
C THR H 10 -21.60 -57.55 17.53
N ARG H 11 -20.41 -56.97 17.41
CA ARG H 11 -19.26 -57.61 16.61
C ARG H 11 -18.22 -58.08 17.57
N THR H 12 -17.47 -59.06 17.14
CA THR H 12 -16.46 -59.63 18.07
C THR H 12 -15.11 -59.78 17.29
N ASN H 13 -13.98 -59.84 18.05
CA ASN H 13 -12.72 -60.09 17.39
C ASN H 13 -12.50 -61.45 16.93
N ILE H 14 -13.49 -62.08 16.36
CA ILE H 14 -13.33 -63.47 16.12
C ILE H 14 -13.46 -63.76 14.67
N TYR H 15 -12.36 -64.07 14.02
CA TYR H 15 -12.57 -64.26 12.61
C TYR H 15 -12.32 -65.69 12.10
N TYR H 16 -12.91 -66.07 10.92
CA TYR H 16 -12.72 -67.39 10.44
C TYR H 16 -12.62 -67.35 8.96
N HIS H 17 -11.73 -68.24 8.52
CA HIS H 17 -11.52 -68.45 7.07
C HIS H 17 -12.43 -69.53 6.56
N ALA H 18 -12.77 -69.57 5.27
CA ALA H 18 -13.62 -70.58 4.78
C ALA H 18 -13.43 -70.73 3.35
N GLY H 19 -13.15 -71.96 2.97
CA GLY H 19 -12.98 -72.28 1.57
C GLY H 19 -13.53 -73.52 0.95
N SER H 20 -14.16 -73.33 -0.20
CA SER H 20 -14.74 -74.46 -0.93
C SER H 20 -13.59 -75.05 -1.68
N SER H 21 -13.54 -76.36 -1.73
CA SER H 21 -12.47 -76.94 -2.58
C SER H 21 -12.79 -76.46 -4.06
N ARG H 22 -12.02 -77.05 -4.96
CA ARG H 22 -12.20 -76.73 -6.35
C ARG H 22 -13.51 -77.17 -6.85
N LEU H 23 -14.20 -76.35 -7.56
CA LEU H 23 -15.49 -76.70 -8.05
C LEU H 23 -15.23 -76.81 -9.51
N LEU H 24 -15.54 -77.90 -10.21
CA LEU H 24 -15.48 -78.05 -11.66
C LEU H 24 -16.86 -78.35 -12.16
N ALA H 25 -16.98 -78.33 -13.49
CA ALA H 25 -18.34 -78.40 -14.12
C ALA H 25 -17.98 -78.63 -15.54
N VAL H 26 -18.44 -79.70 -16.19
CA VAL H 26 -18.06 -80.01 -17.56
C VAL H 26 -19.29 -80.52 -18.23
N GLY H 27 -19.72 -79.88 -19.36
CA GLY H 27 -20.88 -80.37 -20.18
C GLY H 27 -20.97 -79.80 -21.56
N HIS H 28 -22.11 -79.94 -22.19
CA HIS H 28 -22.20 -79.43 -23.57
C HIS H 28 -22.55 -77.99 -23.29
N PRO H 29 -22.11 -77.05 -24.21
CA PRO H 29 -22.33 -75.66 -24.10
C PRO H 29 -23.67 -75.22 -24.69
N TYR H 30 -24.36 -76.11 -25.41
CA TYR H 30 -25.65 -75.66 -25.97
C TYR H 30 -26.94 -76.15 -25.35
N TYR H 31 -26.88 -77.45 -25.16
CA TYR H 31 -27.99 -78.32 -24.60
C TYR H 31 -27.45 -79.52 -23.95
N ALA H 32 -28.33 -80.20 -23.21
CA ALA H 32 -27.86 -81.19 -22.23
C ALA H 32 -28.00 -82.48 -22.99
N ILE H 33 -27.05 -83.35 -22.78
CA ILE H 33 -27.17 -84.70 -23.44
C ILE H 33 -27.65 -85.76 -22.47
N LYS H 34 -28.89 -86.16 -22.64
CA LYS H 34 -29.59 -87.03 -21.70
C LYS H 34 -29.48 -88.41 -22.26
N LYS H 35 -29.51 -89.53 -21.47
CA LYS H 35 -29.54 -90.88 -22.08
C LYS H 35 -30.41 -90.93 -23.41
N GLN H 36 -30.18 -91.94 -24.31
CA GLN H 36 -30.77 -91.97 -25.68
C GLN H 36 -32.20 -92.42 -25.63
N ASP H 37 -32.58 -93.03 -24.51
CA ASP H 37 -33.99 -93.45 -24.29
C ASP H 37 -34.53 -92.73 -23.06
N SER H 38 -33.82 -92.98 -21.93
CA SER H 38 -34.08 -92.22 -20.66
C SER H 38 -34.10 -90.68 -20.86
N ASN H 39 -34.71 -90.05 -19.89
CA ASN H 39 -34.75 -88.61 -19.91
C ASN H 39 -33.89 -88.12 -18.75
N LYS H 40 -33.01 -89.02 -18.29
CA LYS H 40 -32.13 -88.69 -17.18
C LYS H 40 -30.89 -88.03 -17.71
N ILE H 41 -30.47 -86.93 -17.08
CA ILE H 41 -29.32 -86.19 -17.65
C ILE H 41 -27.96 -86.96 -17.69
N ALA H 42 -27.38 -87.21 -18.86
CA ALA H 42 -26.12 -87.94 -18.92
C ALA H 42 -24.86 -87.04 -18.68
N VAL H 43 -24.79 -85.95 -19.48
CA VAL H 43 -23.80 -84.88 -19.41
C VAL H 43 -24.68 -83.67 -19.34
N PRO H 44 -24.35 -82.84 -18.34
CA PRO H 44 -25.01 -81.50 -18.04
C PRO H 44 -24.81 -80.38 -19.11
N LYS H 45 -25.65 -79.31 -19.05
CA LYS H 45 -25.38 -78.10 -19.86
C LYS H 45 -24.39 -77.19 -19.13
N VAL H 46 -23.14 -77.20 -19.47
CA VAL H 46 -22.30 -76.23 -18.79
C VAL H 46 -21.69 -75.14 -19.76
N SER H 47 -22.18 -73.89 -19.56
CA SER H 47 -21.90 -72.77 -20.49
C SER H 47 -21.31 -71.63 -19.76
N GLY H 48 -20.45 -70.90 -20.42
CA GLY H 48 -19.92 -69.72 -19.82
C GLY H 48 -21.03 -68.64 -19.76
N LEU H 49 -22.07 -68.80 -20.57
CA LEU H 49 -23.12 -67.83 -20.55
C LEU H 49 -24.23 -68.17 -19.47
N GLN H 50 -23.86 -68.75 -18.33
CA GLN H 50 -24.91 -69.12 -17.37
C GLN H 50 -24.71 -68.40 -16.08
N TYR H 51 -25.74 -68.36 -15.27
CA TYR H 51 -25.57 -67.89 -13.86
C TYR H 51 -24.98 -68.98 -12.85
N ARG H 52 -24.14 -68.54 -11.94
CA ARG H 52 -23.59 -69.52 -10.94
C ARG H 52 -24.18 -69.11 -9.56
N VAL H 53 -25.41 -69.50 -9.24
CA VAL H 53 -25.90 -69.04 -8.02
C VAL H 53 -25.31 -70.12 -7.04
N PHE H 54 -24.38 -69.75 -6.16
CA PHE H 54 -23.90 -70.70 -5.18
C PHE H 54 -24.64 -70.44 -3.85
N ARG H 55 -25.14 -71.51 -3.26
CA ARG H 55 -25.75 -71.42 -1.92
C ARG H 55 -24.64 -72.00 -1.01
N VAL H 56 -24.08 -71.12 -0.19
CA VAL H 56 -23.15 -71.42 0.79
C VAL H 56 -23.77 -71.67 2.08
N LYS H 57 -23.73 -73.01 2.40
CA LYS H 57 -23.99 -73.60 3.73
C LYS H 57 -22.92 -73.32 4.67
N LEU H 58 -23.34 -72.77 5.78
CA LEU H 58 -22.42 -72.40 6.82
C LEU H 58 -22.75 -73.00 8.22
N PRO H 59 -21.68 -73.29 8.94
CA PRO H 59 -21.84 -73.91 10.28
C PRO H 59 -22.66 -72.97 11.15
N ASP H 60 -23.72 -73.42 11.89
CA ASP H 60 -24.50 -72.61 12.83
C ASP H 60 -23.59 -72.24 14.07
N PRO H 61 -23.17 -70.99 14.26
CA PRO H 61 -22.24 -70.70 15.34
C PRO H 61 -22.79 -71.05 16.69
N ASN H 62 -24.03 -71.44 16.74
CA ASN H 62 -24.57 -71.88 18.02
C ASN H 62 -24.29 -73.35 18.52
N LYS H 63 -24.12 -74.28 17.56
CA LYS H 63 -23.78 -75.69 17.79
C LYS H 63 -22.35 -75.60 18.11
N PHE H 64 -21.54 -75.07 17.20
CA PHE H 64 -20.17 -74.80 17.54
C PHE H 64 -20.06 -74.30 19.01
N GLY H 65 -18.82 -74.27 19.52
CA GLY H 65 -18.56 -73.94 20.93
C GLY H 65 -17.31 -73.06 20.84
N PHE H 66 -17.28 -71.95 21.56
CA PHE H 66 -16.23 -70.97 21.47
C PHE H 66 -15.53 -70.64 22.80
N PRO H 67 -14.25 -70.29 22.70
CA PRO H 67 -13.50 -69.90 23.91
C PRO H 67 -13.70 -68.44 24.35
N ASP H 68 -13.62 -67.52 23.34
CA ASP H 68 -13.89 -66.08 23.52
C ASP H 68 -15.37 -65.66 23.84
N THR H 69 -16.18 -66.69 23.83
CA THR H 69 -17.57 -66.61 24.27
C THR H 69 -17.79 -67.03 25.86
N SER H 70 -16.88 -66.47 26.71
CA SER H 70 -17.05 -66.57 28.16
C SER H 70 -18.04 -65.48 28.73
N PHE H 71 -18.01 -64.25 28.08
CA PHE H 71 -18.93 -62.96 28.32
C PHE H 71 -20.20 -62.85 27.39
N TYR H 72 -20.77 -64.02 27.18
CA TYR H 72 -21.79 -64.32 26.25
C TYR H 72 -22.66 -65.34 27.00
N ASP H 73 -23.95 -65.10 27.03
CA ASP H 73 -24.94 -65.88 27.64
C ASP H 73 -25.84 -66.54 26.59
N PRO H 74 -25.63 -67.86 26.43
CA PRO H 74 -26.37 -68.64 25.47
C PRO H 74 -27.85 -68.59 25.69
N ALA H 75 -28.30 -68.16 26.86
CA ALA H 75 -29.69 -68.24 27.23
C ALA H 75 -30.55 -67.30 26.51
N SER H 76 -30.08 -66.00 26.54
CA SER H 76 -30.72 -64.69 25.90
C SER H 76 -30.02 -64.21 24.67
N GLN H 77 -28.75 -64.55 24.53
CA GLN H 77 -28.04 -64.21 23.35
C GLN H 77 -28.01 -65.25 22.24
N ARG H 78 -27.69 -64.87 20.98
CA ARG H 78 -27.55 -65.80 19.90
C ARG H 78 -26.33 -65.40 18.97
N LEU H 79 -26.05 -66.14 17.89
CA LEU H 79 -24.90 -65.92 17.08
C LEU H 79 -25.22 -66.15 15.60
N VAL H 80 -24.57 -65.24 14.81
CA VAL H 80 -24.69 -65.15 13.40
C VAL H 80 -23.33 -64.95 12.79
N TRP H 81 -23.12 -65.45 11.56
CA TRP H 81 -21.85 -65.20 10.86
C TRP H 81 -21.90 -63.96 9.99
N ALA H 82 -20.99 -63.04 10.18
CA ALA H 82 -20.97 -61.77 9.32
C ALA H 82 -19.81 -61.82 8.31
N CYS H 83 -20.16 -61.78 7.03
CA CYS H 83 -19.19 -61.96 6.03
C CYS H 83 -18.25 -60.80 5.91
N THR H 84 -17.00 -61.06 5.81
CA THR H 84 -16.04 -59.98 5.77
C THR H 84 -15.19 -59.79 4.55
N GLY H 85 -15.03 -60.82 3.77
CA GLY H 85 -14.18 -60.75 2.65
C GLY H 85 -14.65 -61.89 1.71
N VAL H 86 -14.94 -61.73 0.41
CA VAL H 86 -15.26 -62.88 -0.53
C VAL H 86 -14.13 -62.93 -1.56
N GLU H 87 -13.78 -64.10 -2.07
CA GLU H 87 -12.70 -64.19 -3.09
C GLU H 87 -13.24 -65.27 -4.02
N VAL H 88 -13.52 -64.83 -5.25
CA VAL H 88 -14.10 -65.75 -6.20
C VAL H 88 -13.03 -66.21 -7.22
N GLY H 89 -12.20 -67.18 -6.81
CA GLY H 89 -11.09 -67.63 -7.68
C GLY H 89 -11.69 -68.31 -8.94
N ARG H 90 -11.03 -68.01 -10.08
CA ARG H 90 -11.46 -68.66 -11.32
C ARG H 90 -10.37 -69.31 -12.04
N GLY H 91 -10.69 -70.34 -12.88
CA GLY H 91 -9.58 -71.05 -13.46
C GLY H 91 -9.97 -71.31 -14.87
N GLN H 92 -9.04 -71.96 -15.58
CA GLN H 92 -9.02 -72.24 -17.04
C GLN H 92 -8.52 -71.00 -17.69
N PRO H 93 -8.19 -71.11 -18.94
CA PRO H 93 -7.68 -69.92 -19.61
C PRO H 93 -8.80 -68.97 -20.04
N LEU H 94 -8.47 -67.63 -20.17
CA LEU H 94 -9.46 -66.75 -20.79
C LEU H 94 -9.63 -67.22 -22.19
N GLY H 95 -10.84 -67.02 -22.67
CA GLY H 95 -11.20 -67.43 -24.05
C GLY H 95 -12.67 -67.16 -24.45
N VAL H 96 -13.07 -67.47 -25.65
CA VAL H 96 -14.41 -66.92 -25.89
C VAL H 96 -15.21 -67.99 -26.53
N GLY H 97 -16.56 -68.00 -26.23
CA GLY H 97 -17.40 -69.06 -26.77
C GLY H 97 -18.00 -68.63 -28.07
N ILE H 98 -19.02 -69.32 -28.57
CA ILE H 98 -19.62 -68.91 -29.86
C ILE H 98 -20.86 -69.78 -30.03
N SER H 99 -21.94 -69.21 -30.50
CA SER H 99 -23.21 -69.92 -30.46
C SER H 99 -23.85 -69.54 -31.77
N GLY H 100 -24.53 -70.59 -32.24
CA GLY H 100 -25.23 -70.60 -33.55
C GLY H 100 -26.45 -71.56 -33.53
N HIS H 101 -26.88 -71.84 -34.75
CA HIS H 101 -28.13 -72.48 -34.93
C HIS H 101 -28.19 -72.84 -36.37
N PRO H 102 -28.15 -74.15 -36.65
CA PRO H 102 -28.16 -74.77 -37.91
C PRO H 102 -29.19 -74.16 -38.74
N LEU H 103 -30.38 -73.84 -38.19
CA LEU H 103 -31.45 -73.13 -39.02
C LEU H 103 -31.86 -71.73 -38.51
N LEU H 104 -30.83 -70.86 -38.40
CA LEU H 104 -31.06 -69.61 -37.83
C LEU H 104 -31.80 -68.73 -38.88
N ASN H 105 -32.75 -67.95 -38.48
CA ASN H 105 -33.65 -67.25 -39.39
C ASN H 105 -32.97 -66.02 -39.79
N LYS H 106 -32.25 -66.04 -40.88
CA LYS H 106 -31.61 -64.76 -41.27
C LYS H 106 -31.95 -64.69 -42.74
N LEU H 107 -32.50 -63.54 -43.13
CA LEU H 107 -32.93 -63.44 -44.51
C LEU H 107 -31.79 -63.01 -45.33
N ASP H 108 -31.47 -61.68 -45.31
CA ASP H 108 -30.22 -61.11 -45.94
C ASP H 108 -29.50 -60.19 -44.99
N ASP H 109 -28.21 -60.05 -45.32
CA ASP H 109 -27.26 -59.07 -44.66
C ASP H 109 -27.58 -57.63 -45.22
N THR H 110 -28.30 -56.80 -44.41
CA THR H 110 -28.68 -55.50 -44.78
C THR H 110 -27.65 -54.44 -44.34
N GLU H 111 -26.36 -54.77 -44.15
CA GLU H 111 -25.28 -53.79 -43.91
C GLU H 111 -24.78 -53.00 -45.19
N ASN H 112 -24.72 -53.79 -46.24
CA ASN H 112 -24.33 -53.29 -47.52
C ASN H 112 -24.85 -54.28 -48.56
N SER H 113 -26.20 -54.32 -48.75
CA SER H 113 -26.86 -55.33 -49.60
C SER H 113 -26.31 -55.16 -50.93
N ASN H 114 -26.40 -56.24 -51.67
CA ASN H 114 -25.90 -56.28 -53.06
C ASN H 114 -26.93 -55.57 -53.99
N LYS H 115 -28.17 -56.11 -54.08
CA LYS H 115 -29.21 -55.53 -54.92
C LYS H 115 -30.52 -55.69 -54.19
N TYR H 116 -31.59 -55.84 -54.96
CA TYR H 116 -32.92 -56.18 -54.50
C TYR H 116 -33.47 -57.38 -55.33
N VAL H 117 -33.53 -58.57 -54.68
CA VAL H 117 -33.97 -59.83 -55.32
C VAL H 117 -35.42 -59.95 -54.89
N GLY H 118 -36.30 -60.37 -55.83
CA GLY H 118 -37.78 -60.35 -55.69
C GLY H 118 -38.25 -61.07 -54.42
N ASN H 119 -39.54 -61.34 -54.33
CA ASN H 119 -40.04 -62.11 -53.18
C ASN H 119 -39.40 -63.50 -53.00
N SER H 120 -38.72 -63.69 -51.87
CA SER H 120 -38.07 -64.96 -51.55
C SER H 120 -39.13 -66.12 -51.45
N GLY H 121 -38.68 -67.30 -50.96
CA GLY H 121 -39.55 -68.45 -50.85
C GLY H 121 -39.93 -68.90 -49.43
N THR H 122 -39.67 -70.20 -49.21
CA THR H 122 -40.06 -70.74 -47.96
C THR H 122 -38.84 -71.33 -47.40
N ASP H 123 -38.53 -70.97 -46.14
CA ASP H 123 -37.39 -71.59 -45.38
C ASP H 123 -36.06 -71.18 -45.95
N ASN H 124 -35.65 -69.94 -45.62
CA ASN H 124 -34.45 -69.27 -46.15
C ASN H 124 -33.47 -69.23 -45.03
N ARG H 125 -33.65 -70.24 -44.09
CA ARG H 125 -32.92 -70.26 -42.80
C ARG H 125 -31.56 -70.81 -43.10
N GLU H 126 -30.53 -70.48 -42.30
CA GLU H 126 -29.14 -70.95 -42.60
C GLU H 126 -28.37 -71.02 -41.35
N CYS H 127 -27.22 -71.73 -41.46
CA CYS H 127 -26.42 -72.01 -40.24
C CYS H 127 -25.63 -70.77 -39.99
N ILE H 128 -25.72 -70.24 -38.81
CA ILE H 128 -24.92 -69.05 -38.54
C ILE H 128 -24.52 -69.14 -37.01
N SER H 129 -23.21 -68.98 -36.63
CA SER H 129 -22.85 -68.96 -35.21
C SER H 129 -22.42 -67.44 -34.93
N MET H 130 -22.06 -67.14 -33.69
CA MET H 130 -21.81 -65.77 -33.21
C MET H 130 -21.29 -65.75 -31.75
N ASP H 131 -20.55 -64.72 -31.37
CA ASP H 131 -19.92 -64.75 -30.03
C ASP H 131 -20.75 -63.60 -29.34
N TYR H 132 -21.33 -63.89 -28.19
CA TYR H 132 -22.27 -62.97 -27.54
C TYR H 132 -21.62 -61.79 -26.84
N LYS H 133 -22.48 -61.12 -26.09
CA LYS H 133 -22.09 -59.89 -25.47
C LYS H 133 -21.22 -60.20 -24.27
N GLN H 134 -20.19 -59.43 -23.83
CA GLN H 134 -19.36 -59.95 -22.64
C GLN H 134 -19.80 -59.37 -21.31
N THR H 135 -20.06 -60.22 -20.36
CA THR H 135 -20.53 -59.70 -19.04
C THR H 135 -19.80 -60.40 -17.92
N GLN H 136 -19.73 -59.74 -16.74
CA GLN H 136 -18.93 -60.26 -15.66
C GLN H 136 -19.58 -59.74 -14.44
N LEU H 137 -20.30 -60.55 -13.69
CA LEU H 137 -20.88 -60.06 -12.47
C LEU H 137 -20.52 -60.90 -11.25
N CYS H 138 -20.83 -60.37 -10.09
CA CYS H 138 -20.58 -60.97 -8.92
C CYS H 138 -21.44 -60.35 -7.86
N LEU H 139 -22.64 -60.86 -7.60
CA LEU H 139 -23.50 -60.35 -6.41
C LEU H 139 -23.40 -61.31 -5.17
N ILE H 140 -23.23 -60.70 -3.98
CA ILE H 140 -23.19 -61.32 -2.70
C ILE H 140 -24.38 -60.90 -1.80
N GLY H 141 -25.46 -61.72 -1.64
CA GLY H 141 -26.42 -61.47 -0.55
C GLY H 141 -26.59 -62.77 0.27
N CYS H 142 -27.42 -62.65 1.30
CA CYS H 142 -27.70 -63.68 2.21
C CYS H 142 -29.05 -64.23 1.81
N ARG H 143 -29.64 -63.61 0.76
CA ARG H 143 -30.86 -64.15 0.04
C ARG H 143 -30.64 -64.31 -1.41
N PRO H 144 -31.27 -65.23 -2.17
CA PRO H 144 -30.84 -65.30 -3.56
C PRO H 144 -31.38 -64.07 -4.36
N PRO H 145 -30.51 -63.47 -5.12
CA PRO H 145 -30.95 -62.29 -5.80
C PRO H 145 -32.03 -62.61 -6.84
N ILE H 146 -32.75 -61.58 -7.25
CA ILE H 146 -33.75 -61.70 -8.35
C ILE H 146 -33.28 -61.16 -9.70
N GLY H 147 -33.92 -61.65 -10.77
CA GLY H 147 -33.65 -61.37 -12.15
C GLY H 147 -34.98 -60.74 -12.74
N GLU H 148 -34.82 -59.96 -13.84
CA GLU H 148 -36.00 -59.38 -14.61
C GLU H 148 -35.87 -59.72 -16.10
N HIS H 149 -36.98 -60.14 -16.72
CA HIS H 149 -36.98 -60.46 -18.14
C HIS H 149 -38.28 -60.17 -18.78
N TRP H 150 -38.28 -60.16 -20.07
CA TRP H 150 -39.50 -59.75 -20.69
C TRP H 150 -40.27 -60.99 -21.08
N GLY H 151 -41.59 -61.02 -20.73
CA GLY H 151 -42.43 -62.17 -20.88
C GLY H 151 -43.73 -61.89 -21.51
N LYS H 152 -44.43 -62.96 -21.85
CA LYS H 152 -45.79 -62.81 -22.39
C LYS H 152 -46.79 -62.34 -21.36
N GLY H 153 -47.44 -61.24 -21.61
CA GLY H 153 -48.46 -60.78 -20.66
C GLY H 153 -49.90 -61.20 -21.09
N THR H 154 -50.88 -61.10 -20.14
CA THR H 154 -52.32 -61.52 -20.33
C THR H 154 -53.08 -60.25 -20.77
N PRO H 155 -53.79 -60.38 -21.93
CA PRO H 155 -54.51 -59.24 -22.48
C PRO H 155 -55.56 -58.84 -21.48
N SER H 156 -56.13 -57.64 -21.69
CA SER H 156 -57.19 -57.01 -20.84
C SER H 156 -58.58 -57.41 -21.33
N ASN H 157 -59.59 -57.18 -20.46
CA ASN H 157 -61.02 -57.41 -20.85
C ASN H 157 -61.35 -56.78 -22.25
N ALA H 158 -61.11 -57.51 -23.35
CA ALA H 158 -61.41 -56.98 -24.71
C ALA H 158 -61.41 -58.15 -25.70
N ASN H 159 -60.77 -57.90 -26.84
CA ASN H 159 -60.68 -58.87 -27.92
C ASN H 159 -59.76 -60.02 -27.55
N GLN H 160 -60.00 -61.14 -28.21
CA GLN H 160 -59.15 -62.31 -28.01
C GLN H 160 -57.93 -62.23 -28.94
N VAL H 161 -56.71 -62.13 -28.35
CA VAL H 161 -55.47 -62.08 -29.15
C VAL H 161 -55.26 -63.39 -29.88
N LYS H 162 -55.92 -63.53 -31.05
CA LYS H 162 -55.87 -64.74 -31.92
C LYS H 162 -54.43 -65.00 -32.43
N ALA H 163 -54.10 -66.24 -32.82
CA ALA H 163 -52.74 -66.56 -33.25
C ALA H 163 -52.32 -65.59 -34.40
N GLY H 164 -51.02 -65.18 -34.38
CA GLY H 164 -50.50 -64.30 -35.43
C GLY H 164 -50.11 -62.98 -34.81
N GLU H 165 -51.10 -62.39 -34.18
CA GLU H 165 -50.90 -61.20 -33.38
C GLU H 165 -49.64 -61.26 -32.46
N CYS H 166 -49.24 -60.06 -32.02
CA CYS H 166 -48.13 -59.82 -31.13
C CYS H 166 -48.59 -59.73 -29.66
N PRO H 167 -48.24 -60.73 -28.78
CA PRO H 167 -48.76 -60.74 -27.35
C PRO H 167 -48.16 -59.55 -26.57
N PRO H 168 -48.93 -58.84 -25.74
CA PRO H 168 -48.33 -57.71 -25.00
C PRO H 168 -47.27 -58.31 -24.05
N LEU H 169 -46.24 -57.50 -23.77
CA LEU H 169 -45.07 -57.93 -23.07
C LEU H 169 -45.20 -57.47 -21.60
N GLU H 170 -44.71 -58.35 -20.74
CA GLU H 170 -44.81 -57.99 -19.39
C GLU H 170 -43.51 -58.15 -18.71
N LEU H 171 -43.11 -57.14 -17.90
CA LEU H 171 -41.85 -57.20 -17.16
C LEU H 171 -41.90 -58.15 -15.91
N LEU H 172 -41.13 -59.29 -15.88
CA LEU H 172 -41.38 -60.13 -14.83
C LEU H 172 -40.19 -60.28 -13.92
N ASN H 173 -40.46 -60.55 -12.65
CA ASN H 173 -39.36 -60.92 -11.76
C ASN H 173 -39.26 -62.48 -11.62
N THR H 174 -38.04 -62.89 -11.35
CA THR H 174 -37.79 -64.25 -11.03
C THR H 174 -36.55 -64.43 -10.12
N VAL H 175 -36.49 -65.58 -9.53
CA VAL H 175 -35.34 -65.83 -8.76
C VAL H 175 -34.23 -66.37 -9.63
N LEU H 176 -33.03 -65.78 -9.59
CA LEU H 176 -31.95 -66.38 -10.36
C LEU H 176 -31.43 -67.74 -9.72
N GLN H 177 -31.42 -68.82 -10.54
CA GLN H 177 -30.99 -70.17 -10.14
C GLN H 177 -29.87 -70.70 -11.00
N ASP H 178 -29.04 -71.54 -10.41
CA ASP H 178 -27.88 -71.98 -11.12
C ASP H 178 -28.19 -72.54 -12.53
N GLY H 179 -27.54 -72.03 -13.58
CA GLY H 179 -27.72 -72.63 -14.89
C GLY H 179 -28.65 -71.83 -15.76
N ASP H 180 -29.12 -70.69 -15.24
CA ASP H 180 -29.88 -69.77 -16.08
C ASP H 180 -29.01 -69.05 -17.15
N MET H 181 -29.71 -68.43 -18.08
CA MET H 181 -29.04 -67.68 -19.13
C MET H 181 -28.92 -66.21 -18.86
N VAL H 182 -27.75 -65.59 -19.11
CA VAL H 182 -27.63 -64.06 -19.01
C VAL H 182 -28.13 -63.61 -20.32
N ASP H 183 -28.26 -62.28 -20.49
CA ASP H 183 -28.65 -61.73 -21.72
C ASP H 183 -27.46 -61.88 -22.64
N THR H 184 -27.76 -62.23 -23.87
CA THR H 184 -26.62 -62.32 -24.79
C THR H 184 -26.33 -61.20 -25.83
N GLY H 185 -27.28 -60.25 -25.91
CA GLY H 185 -27.29 -59.40 -26.95
C GLY H 185 -28.57 -59.45 -27.69
N PHE H 186 -29.43 -60.35 -27.30
CA PHE H 186 -30.77 -60.30 -27.83
C PHE H 186 -31.77 -60.02 -26.74
N GLY H 187 -31.23 -59.42 -25.66
CA GLY H 187 -32.08 -58.89 -24.57
C GLY H 187 -32.58 -59.96 -23.56
N ALA H 188 -33.26 -59.49 -22.50
CA ALA H 188 -33.60 -60.30 -21.42
C ALA H 188 -35.07 -60.52 -21.63
N MET H 189 -35.36 -61.59 -22.35
CA MET H 189 -36.77 -61.95 -22.56
C MET H 189 -36.91 -63.57 -22.42
N ASP H 190 -38.07 -64.10 -22.73
CA ASP H 190 -38.33 -65.49 -22.72
C ASP H 190 -38.58 -65.86 -24.14
N PHE H 191 -37.51 -66.34 -24.75
CA PHE H 191 -37.60 -66.96 -26.08
C PHE H 191 -38.59 -68.07 -26.49
N THR H 192 -39.11 -68.86 -25.52
CA THR H 192 -39.76 -70.12 -25.99
C THR H 192 -41.10 -69.47 -26.22
N THR H 193 -41.51 -68.60 -25.28
CA THR H 193 -42.84 -68.11 -25.39
C THR H 193 -43.03 -66.98 -26.32
N LEU H 194 -42.06 -66.05 -26.55
CA LEU H 194 -42.31 -64.86 -27.45
C LEU H 194 -41.86 -65.16 -28.83
N GLN H 195 -41.10 -66.17 -29.00
CA GLN H 195 -40.63 -66.46 -30.30
C GLN H 195 -41.02 -67.82 -30.81
N ALA H 196 -42.18 -67.89 -31.40
CA ALA H 196 -42.63 -69.14 -31.97
C ALA H 196 -41.65 -69.96 -32.80
N ASN H 197 -41.17 -69.40 -33.91
CA ASN H 197 -40.37 -70.19 -34.88
C ASN H 197 -39.12 -70.94 -34.25
N LYS H 198 -38.71 -70.50 -33.10
CA LYS H 198 -37.59 -71.18 -32.38
C LYS H 198 -36.33 -71.42 -33.23
N SER H 199 -36.18 -70.42 -34.09
CA SER H 199 -35.06 -70.37 -35.06
C SER H 199 -34.23 -69.05 -35.18
N ASP H 200 -34.62 -68.02 -34.41
CA ASP H 200 -33.91 -66.80 -34.65
C ASP H 200 -33.05 -66.33 -33.48
N VAL H 201 -32.49 -67.34 -32.80
CA VAL H 201 -31.47 -67.19 -31.73
C VAL H 201 -30.71 -68.47 -31.59
N PRO H 202 -29.40 -68.45 -31.35
CA PRO H 202 -28.79 -69.85 -31.17
C PRO H 202 -29.51 -70.86 -30.24
N LEU H 203 -29.09 -72.12 -30.40
CA LEU H 203 -29.65 -73.19 -29.59
C LEU H 203 -29.51 -72.96 -28.14
N ASP H 204 -28.40 -72.50 -27.63
CA ASP H 204 -28.28 -72.19 -26.22
C ASP H 204 -29.17 -71.16 -25.56
N ILE H 205 -29.99 -70.53 -26.33
CA ILE H 205 -30.90 -69.53 -25.67
C ILE H 205 -32.27 -69.58 -26.35
N CYS H 206 -32.26 -70.27 -27.50
CA CYS H 206 -33.49 -70.37 -28.24
C CYS H 206 -34.75 -70.96 -27.60
N SER H 207 -34.58 -71.80 -26.58
CA SER H 207 -35.73 -72.38 -25.83
C SER H 207 -35.66 -71.97 -24.35
N SER H 208 -35.03 -70.83 -24.04
CA SER H 208 -34.81 -70.47 -22.66
C SER H 208 -35.17 -69.01 -22.43
N ILE H 209 -34.72 -68.50 -21.27
CA ILE H 209 -35.06 -67.27 -20.68
C ILE H 209 -33.65 -66.65 -20.34
N CYS H 210 -33.31 -65.53 -21.02
CA CYS H 210 -32.11 -64.76 -20.66
C CYS H 210 -32.64 -63.74 -19.72
N LYS H 211 -32.05 -63.78 -18.55
CA LYS H 211 -32.50 -62.96 -17.45
C LYS H 211 -31.45 -61.94 -17.11
N TYR H 212 -31.89 -60.79 -16.65
CA TYR H 212 -30.93 -59.75 -16.23
C TYR H 212 -31.15 -59.40 -14.79
N PRO H 213 -30.10 -59.30 -13.99
CA PRO H 213 -30.30 -58.96 -12.58
C PRO H 213 -31.12 -57.65 -12.45
N ASP H 214 -32.29 -57.67 -11.74
CA ASP H 214 -33.04 -56.56 -11.46
C ASP H 214 -32.31 -55.68 -10.39
N TYR H 215 -31.16 -55.02 -10.79
CA TYR H 215 -30.41 -54.31 -9.79
C TYR H 215 -31.38 -53.22 -9.20
N LEU H 216 -32.28 -52.62 -10.00
CA LEU H 216 -33.03 -51.48 -9.49
C LEU H 216 -33.83 -51.79 -8.27
N LYS H 217 -34.40 -53.02 -8.31
CA LYS H 217 -35.28 -53.56 -7.15
C LYS H 217 -34.42 -54.08 -6.01
N MET H 218 -33.49 -55.03 -6.28
CA MET H 218 -32.75 -55.55 -5.19
C MET H 218 -32.05 -54.39 -4.42
N VAL H 219 -31.67 -53.31 -5.09
CA VAL H 219 -30.97 -52.30 -4.35
C VAL H 219 -31.96 -51.55 -3.47
N SER H 220 -33.20 -51.36 -3.98
CA SER H 220 -34.24 -50.61 -3.22
C SER H 220 -35.14 -51.47 -2.24
N GLU H 221 -34.73 -52.70 -1.95
CA GLU H 221 -35.39 -53.45 -0.93
C GLU H 221 -35.01 -52.81 0.44
N PRO H 222 -36.02 -52.64 1.37
CA PRO H 222 -35.86 -52.13 2.73
C PRO H 222 -34.81 -52.79 3.54
N TYR H 223 -34.81 -54.14 3.58
CA TYR H 223 -33.84 -54.89 4.44
C TYR H 223 -32.51 -55.03 3.71
N GLY H 224 -32.61 -55.36 2.42
CA GLY H 224 -31.48 -55.51 1.53
C GLY H 224 -30.56 -56.65 1.89
N ASP H 225 -31.11 -57.86 1.77
CA ASP H 225 -30.47 -59.12 2.18
C ASP H 225 -30.22 -59.69 0.77
N MET H 226 -31.01 -59.27 -0.25
CA MET H 226 -30.85 -59.85 -1.50
C MET H 226 -29.40 -59.67 -1.91
N LEU H 227 -28.94 -58.41 -1.81
CA LEU H 227 -27.44 -58.11 -2.10
C LEU H 227 -26.87 -56.97 -1.27
N PHE H 228 -25.69 -57.18 -0.76
CA PHE H 228 -25.04 -56.12 -0.09
C PHE H 228 -23.64 -55.84 -0.72
N PHE H 229 -23.38 -56.42 -1.93
CA PHE H 229 -22.21 -56.16 -2.67
C PHE H 229 -22.51 -56.66 -4.06
N TYR H 230 -22.13 -55.87 -5.08
CA TYR H 230 -22.21 -56.35 -6.49
C TYR H 230 -21.26 -55.63 -7.45
N LEU H 231 -21.09 -56.21 -8.63
CA LEU H 231 -20.00 -55.82 -9.48
C LEU H 231 -20.44 -56.25 -10.88
N ARG H 232 -20.75 -55.29 -11.83
CA ARG H 232 -21.19 -55.64 -13.20
C ARG H 232 -20.08 -55.29 -14.15
N ARG H 233 -19.93 -55.99 -15.28
CA ARG H 233 -18.93 -55.65 -16.29
C ARG H 233 -19.44 -56.18 -17.63
N GLU H 234 -20.26 -55.29 -18.21
CA GLU H 234 -20.87 -55.58 -19.58
C GLU H 234 -20.36 -54.65 -20.72
N GLN H 235 -20.40 -55.17 -21.94
CA GLN H 235 -19.72 -54.49 -22.99
C GLN H 235 -20.04 -55.33 -24.24
N MET H 236 -20.41 -54.73 -25.37
CA MET H 236 -20.71 -55.51 -26.52
C MET H 236 -20.87 -54.51 -27.62
N PHE H 237 -20.84 -55.02 -28.91
CA PHE H 237 -21.01 -54.16 -30.08
C PHE H 237 -21.64 -54.88 -31.29
N VAL H 238 -21.99 -54.06 -32.28
CA VAL H 238 -22.66 -54.71 -33.40
C VAL H 238 -21.85 -55.48 -34.42
N ARG H 239 -21.63 -56.78 -34.18
CA ARG H 239 -20.85 -57.57 -35.19
C ARG H 239 -21.51 -57.47 -36.55
N HIS H 240 -22.78 -57.87 -36.70
CA HIS H 240 -23.46 -57.80 -37.98
C HIS H 240 -24.94 -57.07 -38.03
N LEU H 241 -25.44 -56.74 -39.25
CA LEU H 241 -26.84 -56.32 -39.30
C LEU H 241 -27.73 -57.15 -40.25
N PHE H 242 -28.81 -57.75 -39.71
CA PHE H 242 -29.53 -58.71 -40.62
C PHE H 242 -31.01 -58.41 -40.64
N ASN H 243 -31.54 -59.09 -41.62
CA ASN H 243 -32.89 -59.16 -41.91
C ASN H 243 -33.58 -60.43 -41.46
N ARG H 244 -34.82 -60.34 -40.93
CA ARG H 244 -35.47 -61.56 -40.45
C ARG H 244 -36.42 -61.96 -41.54
N ALA H 245 -36.53 -63.27 -41.79
CA ALA H 245 -37.56 -63.76 -42.79
C ALA H 245 -39.05 -63.82 -42.31
N GLY H 246 -40.03 -63.91 -43.23
CA GLY H 246 -41.37 -64.21 -42.78
C GLY H 246 -42.14 -62.95 -42.70
N THR H 247 -43.46 -63.01 -42.86
CA THR H 247 -44.36 -61.86 -42.95
C THR H 247 -44.28 -60.87 -41.83
N VAL H 248 -44.16 -59.62 -42.18
CA VAL H 248 -44.18 -58.61 -41.14
C VAL H 248 -45.52 -58.27 -40.35
N GLY H 249 -45.51 -58.58 -39.06
CA GLY H 249 -46.61 -58.22 -38.17
C GLY H 249 -47.11 -56.84 -38.43
N GLU H 250 -46.36 -55.84 -37.96
CA GLU H 250 -46.79 -54.42 -38.04
C GLU H 250 -46.27 -53.83 -39.28
N THR H 251 -47.16 -53.61 -40.25
CA THR H 251 -46.75 -53.16 -41.58
C THR H 251 -46.44 -51.72 -41.40
N VAL H 252 -45.60 -51.30 -42.35
CA VAL H 252 -44.98 -49.95 -42.44
C VAL H 252 -46.03 -49.01 -42.93
N PRO H 253 -46.23 -47.92 -42.25
CA PRO H 253 -47.23 -46.94 -42.67
C PRO H 253 -46.79 -46.27 -44.00
N ALA H 254 -47.69 -46.30 -44.97
CA ALA H 254 -47.28 -45.92 -46.29
C ALA H 254 -46.98 -44.42 -46.48
N ASP H 255 -47.19 -43.63 -45.47
CA ASP H 255 -46.90 -42.18 -45.55
C ASP H 255 -45.44 -41.97 -45.04
N LEU H 256 -44.76 -43.07 -44.77
CA LEU H 256 -43.32 -43.03 -44.38
C LEU H 256 -42.30 -43.12 -45.58
N TYR H 257 -42.84 -43.30 -46.81
CA TYR H 257 -42.00 -43.77 -47.89
C TYR H 257 -42.82 -43.59 -49.18
N ILE H 258 -42.06 -43.60 -50.27
CA ILE H 258 -42.59 -43.43 -51.63
C ILE H 258 -42.76 -44.72 -52.46
N LYS H 259 -44.02 -45.18 -52.60
CA LYS H 259 -44.30 -46.26 -53.57
C LYS H 259 -43.25 -46.46 -54.62
N GLY H 260 -42.46 -47.41 -54.32
CA GLY H 260 -41.47 -47.71 -55.25
C GLY H 260 -42.08 -48.89 -56.00
N THR H 261 -42.32 -48.64 -57.30
CA THR H 261 -42.79 -49.67 -58.24
C THR H 261 -42.01 -50.94 -58.05
N THR H 262 -42.74 -52.07 -58.17
CA THR H 262 -42.08 -53.37 -58.18
C THR H 262 -41.76 -53.75 -56.75
N GLY H 263 -42.64 -54.46 -56.11
CA GLY H 263 -42.32 -54.67 -54.75
C GLY H 263 -43.44 -54.79 -53.75
N THR H 264 -43.22 -55.88 -52.97
CA THR H 264 -44.03 -56.13 -51.75
C THR H 264 -43.32 -55.59 -50.52
N LEU H 265 -42.25 -54.73 -50.71
CA LEU H 265 -41.58 -53.98 -49.61
C LEU H 265 -40.79 -55.03 -48.84
N PRO H 266 -39.48 -55.01 -48.99
CA PRO H 266 -38.62 -55.97 -48.28
C PRO H 266 -38.84 -55.97 -46.71
N SER H 267 -38.28 -56.95 -46.02
CA SER H 267 -38.44 -57.12 -44.59
C SER H 267 -37.89 -55.95 -43.83
N THR H 268 -38.48 -55.53 -42.73
CA THR H 268 -37.98 -54.29 -42.21
C THR H 268 -37.71 -54.69 -40.84
N SER H 269 -38.02 -55.96 -40.43
CA SER H 269 -37.59 -56.57 -39.08
C SER H 269 -36.18 -56.86 -38.98
N TYR H 270 -35.40 -55.95 -38.48
CA TYR H 270 -33.91 -56.03 -38.60
C TYR H 270 -33.41 -56.46 -37.25
N PHE H 271 -32.19 -56.96 -37.13
CA PHE H 271 -31.75 -57.60 -35.79
C PHE H 271 -30.18 -57.74 -35.94
N PRO H 272 -29.41 -57.25 -34.97
CA PRO H 272 -27.96 -57.35 -35.04
C PRO H 272 -27.25 -58.62 -34.30
N THR H 273 -25.98 -58.97 -34.63
CA THR H 273 -25.23 -60.08 -34.06
C THR H 273 -24.27 -59.38 -33.12
N PRO H 274 -24.35 -59.69 -31.87
CA PRO H 274 -23.40 -58.96 -30.98
C PRO H 274 -21.96 -59.46 -31.10
N SER H 275 -21.10 -58.89 -30.29
CA SER H 275 -19.70 -59.21 -30.29
C SER H 275 -19.23 -58.54 -28.99
N GLY H 276 -18.49 -59.35 -28.14
CA GLY H 276 -18.23 -58.97 -26.78
C GLY H 276 -16.76 -58.68 -26.94
N SER H 277 -16.39 -58.51 -28.19
CA SER H 277 -15.04 -57.99 -28.50
C SER H 277 -13.87 -58.71 -27.83
N MET H 278 -13.27 -58.12 -26.82
CA MET H 278 -12.10 -58.83 -26.38
C MET H 278 -12.00 -59.09 -24.89
N VAL H 279 -11.43 -60.25 -24.49
CA VAL H 279 -11.37 -60.53 -23.08
C VAL H 279 -9.85 -60.25 -22.76
N THR H 280 -9.54 -59.77 -21.55
CA THR H 280 -8.15 -59.40 -21.11
C THR H 280 -7.99 -59.65 -19.58
N SER H 281 -6.78 -59.98 -19.10
CA SER H 281 -6.50 -60.08 -17.71
C SER H 281 -6.88 -58.93 -16.97
N ASP H 282 -6.91 -57.73 -17.63
CA ASP H 282 -7.04 -56.37 -16.95
C ASP H 282 -8.44 -56.07 -16.87
N ALA H 283 -9.24 -56.46 -17.83
CA ALA H 283 -10.62 -56.19 -17.60
C ALA H 283 -11.08 -57.03 -16.41
N GLN H 284 -10.54 -58.29 -16.15
CA GLN H 284 -10.88 -59.17 -15.06
C GLN H 284 -11.34 -58.58 -13.74
N ILE H 285 -12.46 -59.11 -13.32
CA ILE H 285 -13.21 -58.71 -12.07
C ILE H 285 -12.96 -59.62 -10.85
N PHE H 286 -12.58 -60.85 -11.17
CA PHE H 286 -12.51 -62.02 -10.22
C PHE H 286 -11.12 -62.19 -9.81
N ASN H 287 -10.87 -63.22 -9.03
CA ASN H 287 -9.54 -63.47 -8.53
C ASN H 287 -8.94 -62.43 -7.66
N LYS H 288 -9.75 -61.57 -7.06
CA LYS H 288 -9.23 -60.50 -6.22
C LYS H 288 -10.10 -60.54 -4.95
N PRO H 289 -9.51 -60.18 -3.79
CA PRO H 289 -10.39 -60.07 -2.65
C PRO H 289 -11.35 -58.87 -2.75
N TYR H 290 -12.54 -58.98 -2.16
CA TYR H 290 -13.52 -57.95 -1.96
C TYR H 290 -13.66 -57.88 -0.50
N TRP H 291 -13.56 -56.75 0.13
CA TRP H 291 -13.82 -56.67 1.54
C TRP H 291 -15.11 -55.90 1.73
N LEU H 292 -16.28 -56.53 2.06
CA LEU H 292 -17.60 -55.76 2.33
C LEU H 292 -17.65 -55.14 3.71
N GLN H 293 -16.82 -54.09 3.92
CA GLN H 293 -16.61 -53.40 5.21
C GLN H 293 -17.91 -52.75 5.48
N ARG H 294 -18.35 -51.82 4.55
CA ARG H 294 -19.71 -51.16 4.63
C ARG H 294 -20.62 -51.62 3.51
N ALA H 295 -21.81 -52.15 3.86
CA ALA H 295 -22.70 -52.79 2.88
C ALA H 295 -23.59 -51.70 2.22
N GLN H 296 -24.08 -52.01 1.03
CA GLN H 296 -24.90 -51.00 0.36
C GLN H 296 -26.21 -50.76 1.14
N GLY H 297 -26.79 -51.85 1.65
CA GLY H 297 -28.17 -51.89 2.28
C GLY H 297 -28.10 -51.68 3.79
N HIS H 298 -29.28 -51.68 4.44
CA HIS H 298 -29.22 -51.89 5.88
C HIS H 298 -28.45 -53.17 6.44
N ASN H 299 -28.57 -54.29 5.74
CA ASN H 299 -27.99 -55.45 6.32
C ASN H 299 -26.52 -55.30 6.01
N ASN H 300 -25.65 -55.41 7.05
CA ASN H 300 -24.22 -55.23 6.82
C ASN H 300 -23.50 -56.53 6.67
N GLY H 301 -23.84 -57.20 5.57
CA GLY H 301 -23.25 -58.63 5.58
C GLY H 301 -23.43 -59.72 6.78
N ILE H 302 -24.68 -59.65 7.24
CA ILE H 302 -25.13 -60.59 8.18
C ILE H 302 -25.77 -61.85 7.45
N CYS H 303 -25.13 -63.03 7.65
CA CYS H 303 -25.61 -64.19 6.99
C CYS H 303 -26.62 -65.01 7.85
N TRP H 304 -27.81 -64.42 7.95
CA TRP H 304 -29.00 -64.95 8.63
C TRP H 304 -29.22 -66.33 8.14
N SER H 305 -29.50 -67.23 9.10
CA SER H 305 -29.72 -68.66 8.83
C SER H 305 -28.47 -69.26 8.32
N ASN H 306 -27.32 -68.92 8.85
CA ASN H 306 -26.13 -69.56 8.30
C ASN H 306 -26.01 -69.85 6.75
N GLN H 307 -26.38 -68.79 5.99
CA GLN H 307 -26.65 -68.85 4.49
C GLN H 307 -26.08 -67.61 3.63
N LEU H 308 -25.46 -67.91 2.48
CA LEU H 308 -24.86 -67.04 1.62
C LEU H 308 -25.11 -67.38 0.19
N PHE H 309 -25.34 -66.33 -0.55
CA PHE H 309 -25.55 -66.54 -1.97
C PHE H 309 -24.62 -65.71 -2.83
N VAL H 310 -23.78 -66.38 -3.63
CA VAL H 310 -22.86 -65.77 -4.48
C VAL H 310 -23.26 -66.09 -5.88
N THR H 311 -23.87 -65.07 -6.49
CA THR H 311 -24.26 -65.07 -7.94
C THR H 311 -23.15 -64.67 -8.89
N VAL H 312 -22.94 -65.35 -10.02
CA VAL H 312 -21.76 -65.14 -10.76
C VAL H 312 -21.92 -65.48 -12.24
N VAL H 313 -21.65 -64.39 -13.06
CA VAL H 313 -21.49 -64.57 -14.54
C VAL H 313 -20.12 -64.22 -15.06
N ASP H 314 -19.71 -64.89 -16.07
CA ASP H 314 -18.36 -64.75 -16.50
C ASP H 314 -18.16 -65.38 -17.89
N THR H 315 -18.15 -64.57 -18.93
CA THR H 315 -18.08 -65.10 -20.21
C THR H 315 -16.61 -65.00 -20.69
N THR H 316 -15.70 -64.54 -19.84
CA THR H 316 -14.37 -64.41 -20.27
C THR H 316 -13.58 -65.69 -20.54
N ARG H 317 -14.05 -66.72 -19.87
CA ARG H 317 -13.43 -68.12 -19.92
C ARG H 317 -14.42 -68.98 -20.72
N SER H 318 -15.40 -68.43 -21.40
CA SER H 318 -16.32 -69.19 -22.19
C SER H 318 -15.76 -70.18 -23.27
N THR H 319 -14.44 -70.45 -23.38
CA THR H 319 -14.02 -71.41 -24.45
C THR H 319 -14.75 -72.80 -24.58
N ASN H 320 -15.22 -73.24 -25.76
CA ASN H 320 -15.73 -74.66 -25.83
C ASN H 320 -14.77 -75.49 -26.67
N MET H 321 -14.01 -76.34 -26.03
CA MET H 321 -13.07 -77.22 -26.71
C MET H 321 -13.83 -78.27 -27.50
N SER H 322 -13.33 -78.60 -28.71
CA SER H 322 -13.98 -79.67 -29.43
C SER H 322 -13.15 -80.97 -29.33
N VAL H 323 -13.79 -82.13 -29.10
CA VAL H 323 -13.01 -83.35 -29.02
C VAL H 323 -13.53 -84.19 -30.20
N CYS H 324 -12.60 -84.75 -30.99
CA CYS H 324 -12.93 -85.56 -32.19
C CYS H 324 -12.41 -86.94 -31.87
N SER H 325 -13.32 -87.92 -32.04
CA SER H 325 -13.03 -89.31 -31.79
C SER H 325 -13.29 -90.05 -33.08
N ALA H 326 -12.32 -90.87 -33.47
CA ALA H 326 -12.50 -91.67 -34.72
C ALA H 326 -13.32 -93.01 -34.58
N VAL H 327 -13.97 -93.50 -35.67
CA VAL H 327 -14.80 -94.72 -35.68
C VAL H 327 -13.93 -95.97 -35.78
N SER H 328 -12.73 -95.81 -36.32
CA SER H 328 -11.73 -96.90 -36.36
C SER H 328 -10.45 -96.31 -36.88
N SER H 329 -9.39 -96.30 -36.06
CA SER H 329 -8.07 -95.81 -36.47
C SER H 329 -7.27 -96.81 -37.46
N SER H 330 -8.05 -97.56 -38.27
CA SER H 330 -7.56 -98.55 -39.28
C SER H 330 -7.25 -97.97 -40.65
N ASP H 331 -8.01 -96.89 -40.97
CA ASP H 331 -7.89 -96.15 -42.22
C ASP H 331 -6.67 -95.28 -42.25
N SER H 332 -6.26 -95.08 -43.51
CA SER H 332 -5.04 -94.29 -43.81
C SER H 332 -5.33 -93.09 -44.66
N THR H 333 -6.62 -92.97 -44.94
CA THR H 333 -7.17 -91.91 -45.71
C THR H 333 -8.19 -91.22 -44.77
N TYR H 334 -8.17 -89.84 -44.82
CA TYR H 334 -9.09 -89.00 -44.04
C TYR H 334 -10.46 -89.07 -44.65
N LYS H 335 -11.40 -89.50 -43.78
CA LYS H 335 -12.78 -89.67 -44.14
C LYS H 335 -13.70 -89.10 -43.04
N ASN H 336 -14.43 -88.04 -43.41
CA ASN H 336 -15.31 -87.46 -42.47
C ASN H 336 -16.21 -88.40 -41.73
N ASP H 337 -16.77 -89.39 -42.41
CA ASP H 337 -17.50 -90.51 -41.71
C ASP H 337 -16.77 -91.27 -40.54
N ASN H 338 -15.44 -91.34 -40.63
CA ASN H 338 -14.74 -92.03 -39.65
C ASN H 338 -14.52 -91.23 -38.40
N PHE H 339 -15.21 -90.12 -38.27
CA PHE H 339 -14.92 -89.21 -37.11
C PHE H 339 -16.21 -88.50 -36.55
N LYS H 340 -16.13 -88.23 -35.22
CA LYS H 340 -17.24 -87.63 -34.46
C LYS H 340 -16.63 -86.52 -33.65
N GLU H 341 -17.20 -85.35 -33.91
CA GLU H 341 -16.92 -84.04 -33.22
C GLU H 341 -17.91 -83.88 -32.05
N TYR H 342 -17.33 -83.47 -30.93
CA TYR H 342 -18.13 -83.32 -29.70
C TYR H 342 -17.64 -81.99 -29.09
N LEU H 343 -18.54 -81.21 -28.47
CA LEU H 343 -18.21 -79.95 -27.89
C LEU H 343 -18.22 -80.08 -26.39
N ARG H 344 -17.13 -79.75 -25.75
CA ARG H 344 -17.14 -79.79 -24.29
C ARG H 344 -16.68 -78.50 -23.58
N HIS H 345 -17.23 -78.13 -22.46
CA HIS H 345 -16.73 -76.97 -21.79
C HIS H 345 -16.72 -77.19 -20.31
N GLY H 346 -15.66 -76.80 -19.68
CA GLY H 346 -15.61 -76.77 -18.29
C GLY H 346 -15.35 -75.65 -17.34
N GLU H 347 -16.34 -75.34 -16.47
CA GLU H 347 -16.17 -74.28 -15.55
C GLU H 347 -15.34 -74.64 -14.41
N GLU H 348 -14.57 -73.78 -13.73
CA GLU H 348 -13.73 -74.17 -12.56
C GLU H 348 -13.77 -73.03 -11.57
N TYR H 349 -14.57 -73.16 -10.52
CA TYR H 349 -14.51 -72.07 -9.47
C TYR H 349 -13.79 -72.45 -8.20
N ASP H 350 -13.66 -71.54 -7.26
CA ASP H 350 -13.06 -71.73 -5.99
C ASP H 350 -13.67 -70.57 -5.07
N LEU H 351 -14.37 -70.90 -4.00
CA LEU H 351 -14.87 -69.80 -3.19
C LEU H 351 -14.18 -69.61 -1.83
N GLN H 352 -13.61 -68.43 -1.61
CA GLN H 352 -13.04 -68.24 -0.30
C GLN H 352 -13.70 -67.09 0.38
N PHE H 353 -13.71 -67.21 1.69
CA PHE H 353 -14.43 -66.28 2.52
C PHE H 353 -13.70 -65.97 3.79
N ILE H 354 -14.27 -65.05 4.57
CA ILE H 354 -13.74 -64.71 5.86
C ILE H 354 -14.90 -64.16 6.72
N PHE H 355 -15.44 -64.80 7.78
CA PHE H 355 -16.58 -64.22 8.46
C PHE H 355 -16.15 -63.71 9.76
N GLN H 356 -17.10 -63.20 10.51
CA GLN H 356 -16.69 -62.59 11.78
C GLN H 356 -17.78 -62.97 12.80
N LEU H 357 -17.46 -63.53 14.02
CA LEU H 357 -18.52 -63.95 14.90
C LEU H 357 -19.32 -62.78 15.37
N CYS H 358 -20.63 -62.99 15.50
CA CYS H 358 -21.45 -61.81 15.97
C CYS H 358 -22.58 -62.15 16.86
N LYS H 359 -22.68 -61.43 17.96
CA LYS H 359 -23.71 -61.79 18.86
C LYS H 359 -24.96 -60.97 18.81
N ILE H 360 -26.13 -61.62 18.94
CA ILE H 360 -27.39 -60.82 19.14
C ILE H 360 -28.17 -61.14 20.46
N THR H 361 -28.37 -60.14 21.30
CA THR H 361 -29.14 -60.25 22.53
C THR H 361 -30.60 -60.14 22.26
N LEU H 362 -31.21 -61.25 22.45
CA LEU H 362 -32.65 -61.21 22.13
C LEU H 362 -33.50 -60.54 23.19
N THR H 363 -33.80 -59.25 22.98
CA THR H 363 -34.61 -58.50 23.98
C THR H 363 -36.04 -58.29 23.49
N ALA H 364 -36.79 -57.58 24.33
CA ALA H 364 -38.17 -57.30 23.98
C ALA H 364 -38.22 -56.75 22.59
N ASP H 365 -37.57 -55.56 22.36
CA ASP H 365 -37.59 -54.82 21.13
C ASP H 365 -36.93 -55.60 20.04
N VAL H 366 -35.69 -56.03 20.26
CA VAL H 366 -34.97 -56.65 19.14
C VAL H 366 -35.65 -57.85 18.42
N MET H 367 -36.38 -58.64 19.26
CA MET H 367 -36.99 -59.83 18.73
C MET H 367 -38.18 -59.59 17.87
N THR H 368 -38.94 -58.56 18.29
CA THR H 368 -40.10 -58.20 17.60
C THR H 368 -39.60 -57.76 16.22
N TYR H 369 -38.61 -56.79 16.18
CA TYR H 369 -38.00 -56.34 14.93
C TYR H 369 -37.54 -57.51 14.05
N ILE H 370 -36.88 -58.49 14.67
CA ILE H 370 -36.35 -59.62 13.88
C ILE H 370 -37.45 -60.50 13.37
N HIS H 371 -38.48 -60.53 14.22
CA HIS H 371 -39.66 -61.30 13.91
C HIS H 371 -40.32 -60.77 12.65
N SER H 372 -40.61 -59.42 12.54
CA SER H 372 -41.31 -58.84 11.39
C SER H 372 -40.36 -58.97 10.25
N MET H 373 -39.05 -58.91 10.49
CA MET H 373 -38.17 -58.97 9.40
C MET H 373 -38.30 -60.28 8.79
N ASN H 374 -37.84 -61.30 9.51
CA ASN H 374 -37.99 -62.69 9.05
C ASN H 374 -38.16 -63.53 10.26
N PRO H 375 -39.29 -64.26 10.36
CA PRO H 375 -39.52 -65.17 11.52
C PRO H 375 -38.54 -66.34 11.68
N SER H 376 -38.20 -66.84 10.54
CA SER H 376 -37.36 -68.02 10.49
C SER H 376 -36.18 -67.76 11.34
N ILE H 377 -35.62 -66.56 11.21
CA ILE H 377 -34.41 -66.27 11.92
C ILE H 377 -34.57 -66.70 13.37
N LEU H 378 -35.77 -66.36 13.97
CA LEU H 378 -36.09 -66.54 15.46
C LEU H 378 -36.48 -67.99 15.76
N GLU H 379 -37.30 -68.53 14.88
CA GLU H 379 -37.80 -69.88 15.07
C GLU H 379 -36.68 -70.84 14.93
N ASP H 380 -35.83 -70.64 13.96
CA ASP H 380 -34.70 -71.54 13.86
C ASP H 380 -33.78 -71.51 15.00
N TRP H 381 -33.91 -70.54 15.89
CA TRP H 381 -32.90 -70.52 16.93
C TRP H 381 -33.40 -71.23 18.20
N ASN H 382 -34.07 -72.37 17.99
CA ASN H 382 -34.54 -73.34 19.03
C ASN H 382 -35.16 -74.62 18.40
N PRO H 389 -37.84 -74.74 2.43
CA PRO H 389 -37.93 -73.22 2.28
C PRO H 389 -37.70 -72.67 0.84
N LEU H 390 -36.74 -73.30 0.11
CA LEU H 390 -36.26 -73.01 -1.23
C LEU H 390 -36.20 -74.22 -2.08
N LYS H 391 -37.13 -75.10 -1.80
CA LYS H 391 -37.25 -76.49 -2.36
C LYS H 391 -37.50 -76.51 -3.86
N ASN H 392 -38.11 -75.41 -4.32
CA ASN H 392 -38.34 -75.31 -5.69
C ASN H 392 -37.21 -74.72 -6.49
N TYR H 393 -36.20 -74.13 -5.84
CA TYR H 393 -35.07 -73.44 -6.58
C TYR H 393 -33.87 -74.35 -6.67
N THR H 394 -33.12 -74.28 -7.78
CA THR H 394 -31.94 -75.12 -7.98
C THR H 394 -30.65 -74.37 -7.97
N PHE H 395 -29.78 -74.57 -6.99
CA PHE H 395 -28.53 -73.79 -6.86
C PHE H 395 -27.31 -74.76 -6.81
N TRP H 396 -26.05 -74.29 -6.78
CA TRP H 396 -24.91 -75.14 -6.78
C TRP H 396 -24.54 -75.03 -5.37
N GLU H 397 -24.81 -76.20 -4.72
CA GLU H 397 -24.75 -76.49 -3.31
C GLU H 397 -23.37 -76.53 -2.87
N VAL H 398 -23.08 -75.63 -1.96
CA VAL H 398 -21.78 -75.48 -1.42
C VAL H 398 -21.80 -75.61 0.14
N ASP H 399 -21.20 -76.73 0.58
CA ASP H 399 -21.13 -77.00 2.04
C ASP H 399 -19.82 -76.69 2.62
N LEU H 400 -19.83 -75.70 3.49
CA LEU H 400 -18.62 -75.22 4.06
C LEU H 400 -18.52 -75.55 5.58
N LYS H 401 -19.42 -76.46 6.07
CA LYS H 401 -19.64 -76.68 7.50
C LYS H 401 -18.37 -77.19 8.05
N GLU H 402 -17.76 -78.11 7.35
CA GLU H 402 -16.46 -78.51 7.84
C GLU H 402 -15.25 -77.76 7.27
N LYS H 403 -15.54 -76.66 6.57
CA LYS H 403 -14.46 -75.87 5.87
C LYS H 403 -13.96 -74.63 6.61
N PHE H 404 -14.41 -74.43 7.82
CA PHE H 404 -14.05 -73.26 8.60
C PHE H 404 -12.77 -73.36 9.26
N SER H 405 -12.02 -72.30 9.28
CA SER H 405 -10.83 -72.32 10.05
C SER H 405 -10.64 -71.03 10.77
N ALA H 406 -9.80 -71.01 11.79
CA ALA H 406 -9.54 -69.85 12.53
C ALA H 406 -8.05 -69.48 12.47
N ASP H 407 -7.23 -70.18 11.67
CA ASP H 407 -5.79 -69.75 11.57
C ASP H 407 -5.78 -69.14 10.30
N LEU H 408 -6.13 -67.87 10.28
CA LEU H 408 -6.14 -67.11 9.03
C LEU H 408 -4.82 -67.23 8.24
N ASP H 409 -3.67 -66.95 8.89
CA ASP H 409 -2.40 -67.18 8.28
C ASP H 409 -2.26 -68.45 7.33
N GLN H 410 -3.13 -69.48 7.32
CA GLN H 410 -2.80 -70.71 6.45
C GLN H 410 -3.39 -70.64 5.07
N PHE H 411 -3.98 -69.50 4.76
CA PHE H 411 -4.60 -69.18 3.45
C PHE H 411 -4.29 -67.79 3.04
N PRO H 412 -4.13 -67.66 1.74
CA PRO H 412 -3.77 -66.34 1.05
C PRO H 412 -4.78 -65.24 1.39
N LEU H 413 -6.02 -65.58 1.16
CA LEU H 413 -7.04 -64.70 1.66
C LEU H 413 -6.75 -64.39 3.14
N GLY H 414 -6.36 -65.42 3.98
CA GLY H 414 -6.30 -65.23 5.44
C GLY H 414 -5.24 -64.18 5.64
N ARG H 415 -4.20 -64.53 4.94
CA ARG H 415 -3.08 -63.67 5.00
C ARG H 415 -3.29 -62.15 4.57
N LYS H 416 -3.85 -61.98 3.37
CA LYS H 416 -4.42 -60.65 2.95
C LYS H 416 -5.23 -59.97 4.04
N PHE H 417 -6.28 -60.61 4.51
CA PHE H 417 -7.16 -59.99 5.47
C PHE H 417 -6.38 -59.35 6.63
N LEU H 418 -5.46 -60.19 7.16
CA LEU H 418 -4.71 -59.87 8.37
C LEU H 418 -3.94 -58.65 8.17
N LEU H 419 -3.26 -58.65 7.04
CA LEU H 419 -2.61 -57.46 6.50
C LEU H 419 -3.49 -56.21 6.34
N GLN H 420 -4.34 -56.28 5.31
CA GLN H 420 -5.22 -55.29 4.92
C GLN H 420 -5.93 -54.82 6.20
N ALA H 421 -6.56 -55.65 7.01
CA ALA H 421 -7.32 -55.07 8.20
C ALA H 421 -6.36 -54.35 9.17
N GLY H 422 -5.06 -54.59 8.95
CA GLY H 422 -3.99 -53.97 9.74
C GLY H 422 -3.57 -54.95 10.84
N LEU H 423 -4.03 -54.61 12.07
CA LEU H 423 -3.78 -55.38 13.31
C LEU H 423 -4.70 -56.63 13.33
N ALA I 1 1.54 -77.37 11.55
CA ALA I 1 1.18 -75.89 11.15
C ALA I 1 2.41 -75.18 10.54
N VAL I 2 2.23 -74.85 9.25
CA VAL I 2 3.20 -74.08 8.40
C VAL I 2 3.40 -72.67 8.88
N VAL I 3 4.61 -72.17 8.77
CA VAL I 3 5.10 -70.89 9.27
C VAL I 3 6.10 -70.26 8.31
N SER I 4 6.05 -68.91 8.33
CA SER I 4 6.82 -68.05 7.46
C SER I 4 8.38 -68.11 7.64
N THR I 5 9.14 -68.39 6.58
CA THR I 5 10.55 -68.54 6.72
C THR I 5 11.17 -67.47 7.66
N ASP I 6 10.45 -66.43 8.02
CA ASP I 6 11.08 -65.24 8.65
C ASP I 6 11.26 -65.68 10.01
N GLU I 7 10.60 -66.79 10.35
CA GLU I 7 10.61 -67.31 11.71
C GLU I 7 11.77 -68.33 12.03
N TYR I 8 12.48 -68.70 11.01
CA TYR I 8 13.66 -69.53 11.20
C TYR I 8 14.88 -69.35 10.19
N VAL I 9 14.95 -68.16 9.52
CA VAL I 9 15.93 -67.91 8.53
C VAL I 9 16.32 -66.47 8.74
N THR I 10 17.51 -66.27 9.32
CA THR I 10 18.08 -64.92 9.56
C THR I 10 18.64 -64.31 8.32
N ARG I 11 18.39 -63.01 8.05
CA ARG I 11 18.96 -62.30 6.85
C ARG I 11 20.21 -61.66 7.27
N THR I 12 21.12 -61.52 6.33
CA THR I 12 22.39 -60.68 6.46
C THR I 12 22.41 -59.52 5.39
N ASN I 13 23.24 -58.53 5.71
CA ASN I 13 23.51 -57.45 4.69
C ASN I 13 24.39 -57.92 3.56
N ILE I 14 24.37 -59.23 3.22
CA ILE I 14 25.25 -59.70 2.16
C ILE I 14 24.51 -59.90 0.87
N TYR I 15 24.85 -59.03 -0.10
CA TYR I 15 24.10 -59.05 -1.43
C TYR I 15 24.95 -59.37 -2.66
N TYR I 16 24.40 -60.26 -3.48
CA TYR I 16 25.19 -60.80 -4.61
C TYR I 16 24.45 -60.53 -5.93
N HIS I 17 25.14 -60.23 -7.06
CA HIS I 17 24.37 -60.12 -8.31
C HIS I 17 24.70 -61.42 -8.94
N ALA I 18 23.83 -61.85 -9.85
CA ALA I 18 24.13 -63.01 -10.65
C ALA I 18 23.38 -62.90 -11.97
N GLY I 19 24.00 -63.26 -13.09
CA GLY I 19 23.26 -63.17 -14.33
C GLY I 19 23.69 -64.05 -15.40
N SER I 20 22.69 -64.52 -16.15
CA SER I 20 22.93 -65.55 -17.16
C SER I 20 23.55 -64.82 -18.23
N SER I 21 24.33 -65.47 -19.06
CA SER I 21 24.89 -64.73 -20.22
C SER I 21 23.68 -64.62 -21.27
N ARG I 22 23.81 -63.76 -22.35
CA ARG I 22 22.80 -63.97 -23.48
C ARG I 22 22.26 -65.39 -23.73
N LEU I 23 20.98 -65.63 -23.53
CA LEU I 23 20.46 -66.98 -23.82
C LEU I 23 19.73 -66.85 -25.18
N LEU I 24 20.19 -67.54 -26.25
CA LEU I 24 19.45 -67.54 -27.54
C LEU I 24 18.80 -68.95 -27.79
N ALA I 25 17.93 -69.07 -28.78
CA ALA I 25 17.24 -70.36 -29.13
C ALA I 25 16.78 -70.10 -30.54
N VAL I 26 16.89 -71.09 -31.42
CA VAL I 26 16.57 -70.81 -32.88
C VAL I 26 16.21 -72.12 -33.42
N GLY I 27 14.98 -72.20 -33.91
CA GLY I 27 14.47 -73.39 -34.54
C GLY I 27 13.27 -73.12 -35.42
N HIS I 28 12.51 -74.17 -35.68
CA HIS I 28 11.31 -74.12 -36.47
C HIS I 28 10.22 -73.80 -35.52
N PRO I 29 9.28 -73.00 -35.89
CA PRO I 29 8.31 -72.65 -34.89
C PRO I 29 7.12 -73.62 -34.78
N TYR I 30 7.04 -74.61 -35.69
CA TYR I 30 5.90 -75.52 -35.73
C TYR I 30 6.32 -76.88 -35.26
N TYR I 31 7.40 -77.40 -35.85
CA TYR I 31 7.85 -78.68 -35.52
C TYR I 31 9.29 -78.85 -35.73
N ALA I 32 9.88 -79.81 -35.00
CA ALA I 32 11.31 -80.06 -34.91
C ALA I 32 11.83 -80.74 -36.21
N ILE I 33 13.01 -80.39 -36.72
CA ILE I 33 13.49 -80.92 -37.96
C ILE I 33 14.62 -81.76 -37.50
N LYS I 34 14.44 -83.08 -37.62
CA LYS I 34 15.49 -84.02 -37.23
C LYS I 34 16.14 -84.49 -38.48
N LYS I 35 17.15 -85.35 -38.30
CA LYS I 35 17.98 -85.71 -39.45
C LYS I 35 17.08 -86.54 -40.39
N GLN I 36 17.27 -86.47 -41.71
CA GLN I 36 16.38 -87.21 -42.65
C GLN I 36 16.11 -88.72 -42.30
N ASP I 37 17.17 -89.38 -41.85
CA ASP I 37 17.10 -90.78 -41.49
C ASP I 37 16.98 -90.92 -39.99
N SER I 38 18.07 -90.52 -39.29
CA SER I 38 18.15 -90.57 -37.84
C SER I 38 16.98 -89.86 -37.15
N ASN I 39 16.72 -90.13 -35.88
CA ASN I 39 15.59 -89.55 -35.19
C ASN I 39 16.11 -88.53 -34.21
N LYS I 40 17.45 -88.27 -34.24
CA LYS I 40 18.05 -87.15 -33.47
C LYS I 40 17.62 -85.73 -33.98
N ILE I 41 17.52 -84.80 -33.04
CA ILE I 41 17.10 -83.43 -33.40
C ILE I 41 18.25 -82.71 -34.12
N ALA I 42 17.92 -82.03 -35.23
CA ALA I 42 18.91 -81.20 -35.99
C ALA I 42 18.68 -79.72 -35.69
N VAL I 43 17.39 -79.40 -35.76
CA VAL I 43 16.92 -78.05 -35.57
C VAL I 43 15.79 -78.23 -34.58
N PRO I 44 15.80 -77.57 -33.43
CA PRO I 44 14.83 -77.69 -32.43
C PRO I 44 13.61 -76.94 -32.72
N LYS I 45 12.68 -76.89 -31.81
CA LYS I 45 11.46 -76.23 -31.99
C LYS I 45 11.55 -75.08 -31.01
N VAL I 46 11.86 -73.93 -31.65
CA VAL I 46 11.77 -72.65 -30.92
C VAL I 46 10.52 -71.89 -31.31
N SER I 47 9.58 -71.48 -30.44
CA SER I 47 8.36 -70.87 -30.83
C SER I 47 7.95 -70.00 -29.70
N GLY I 48 7.37 -68.82 -30.07
CA GLY I 48 6.83 -67.75 -29.18
C GLY I 48 5.76 -68.27 -28.21
N LEU I 49 5.14 -69.38 -28.60
CA LEU I 49 4.02 -70.06 -27.86
C LEU I 49 4.41 -71.18 -26.94
N GLN I 50 5.59 -71.00 -26.33
CA GLN I 50 6.23 -72.02 -25.58
C GLN I 50 6.55 -71.56 -24.18
N TYR I 51 6.73 -72.52 -23.24
CA TYR I 51 7.19 -72.16 -21.89
C TYR I 51 8.74 -72.20 -21.78
N ARG I 52 9.29 -71.44 -20.86
CA ARG I 52 10.70 -71.33 -20.70
C ARG I 52 10.86 -71.59 -19.28
N VAL I 53 10.97 -72.84 -18.96
CA VAL I 53 11.09 -73.14 -17.55
C VAL I 53 12.57 -73.23 -17.37
N PHE I 54 13.10 -72.25 -16.66
CA PHE I 54 14.50 -72.08 -16.42
C PHE I 54 14.89 -72.60 -15.05
N ARG I 55 15.89 -73.50 -15.03
CA ARG I 55 16.29 -74.04 -13.78
C ARG I 55 17.57 -73.30 -13.58
N VAL I 56 17.54 -72.44 -12.56
CA VAL I 56 18.71 -71.69 -12.20
C VAL I 56 19.48 -72.35 -11.09
N LYS I 57 20.70 -72.80 -11.39
CA LYS I 57 21.57 -73.33 -10.34
C LYS I 57 22.42 -72.21 -9.72
N LEU I 58 22.27 -72.08 -8.41
CA LEU I 58 23.16 -71.23 -7.58
C LEU I 58 24.33 -71.98 -6.89
N PRO I 59 25.39 -71.18 -6.65
CA PRO I 59 26.59 -71.76 -5.98
C PRO I 59 26.09 -72.21 -4.51
N ASP I 60 26.54 -73.32 -3.99
CA ASP I 60 26.10 -73.53 -2.64
C ASP I 60 26.87 -72.58 -1.68
N PRO I 61 26.18 -71.68 -1.03
CA PRO I 61 26.88 -70.77 -0.13
C PRO I 61 27.73 -71.41 0.95
N ASN I 62 27.78 -72.75 0.97
CA ASN I 62 28.52 -73.38 2.12
C ASN I 62 29.93 -73.65 1.67
N LYS I 63 30.02 -74.03 0.41
CA LYS I 63 31.31 -74.25 -0.13
C LYS I 63 32.09 -72.95 -0.24
N PHE I 64 31.46 -71.89 -0.78
CA PHE I 64 31.95 -70.50 -0.71
C PHE I 64 32.37 -70.14 0.77
N GLY I 65 33.43 -69.34 0.93
CA GLY I 65 33.75 -68.82 2.26
C GLY I 65 33.47 -67.31 2.26
N PHE I 66 33.07 -66.78 3.43
CA PHE I 66 32.71 -65.33 3.51
C PHE I 66 33.40 -64.54 4.61
N PRO I 67 33.52 -63.25 4.40
CA PRO I 67 34.23 -62.45 5.37
C PRO I 67 33.27 -61.92 6.49
N ASP I 68 32.01 -61.67 6.12
CA ASP I 68 31.06 -61.19 7.12
C ASP I 68 30.50 -62.30 8.04
N THR I 69 30.79 -63.51 7.55
CA THR I 69 30.47 -64.69 8.34
C THR I 69 31.65 -65.04 9.35
N SER I 70 31.79 -64.14 10.36
CA SER I 70 32.68 -64.26 11.59
C SER I 70 31.84 -64.55 12.92
N PHE I 71 30.57 -64.10 13.01
CA PHE I 71 29.66 -64.33 14.18
C PHE I 71 28.63 -65.26 13.67
N TYR I 72 29.21 -66.33 13.06
CA TYR I 72 28.59 -67.47 12.36
C TYR I 72 29.35 -68.82 12.70
N ASP I 73 28.60 -69.85 13.18
CA ASP I 73 29.24 -71.14 13.35
C ASP I 73 28.69 -72.07 12.27
N PRO I 74 29.59 -72.57 11.38
CA PRO I 74 29.30 -73.62 10.32
C PRO I 74 28.87 -75.00 10.91
N ALA I 75 29.29 -75.20 12.16
CA ALA I 75 28.99 -76.43 12.84
C ALA I 75 27.47 -76.51 13.12
N SER I 76 26.84 -75.42 13.51
CA SER I 76 25.39 -75.54 13.84
C SER I 76 24.46 -74.75 12.85
N GLN I 77 25.15 -73.90 12.00
CA GLN I 77 24.37 -72.93 11.13
C GLN I 77 24.57 -73.28 9.64
N ARG I 78 23.69 -72.99 8.70
CA ARG I 78 24.05 -73.24 7.28
C ARG I 78 23.51 -72.03 6.53
N LEU I 79 23.60 -72.09 5.19
CA LEU I 79 23.28 -70.86 4.37
C LEU I 79 22.32 -71.29 3.26
N VAL I 80 21.43 -70.37 2.93
CA VAL I 80 20.60 -70.47 1.76
C VAL I 80 20.76 -69.07 1.14
N TRP I 81 20.48 -68.98 -0.15
CA TRP I 81 20.40 -67.78 -0.94
C TRP I 81 18.93 -67.42 -0.87
N ALA I 82 18.74 -66.15 -0.49
CA ALA I 82 17.40 -65.50 -0.66
C ALA I 82 17.28 -64.52 -1.83
N CYS I 83 16.47 -64.92 -2.76
CA CYS I 83 16.23 -64.13 -3.91
C CYS I 83 15.57 -62.80 -3.56
N THR I 84 16.20 -61.72 -4.03
CA THR I 84 15.68 -60.37 -3.69
C THR I 84 15.09 -59.65 -4.85
N GLY I 85 15.82 -59.78 -5.98
CA GLY I 85 15.32 -59.30 -7.19
C GLY I 85 15.56 -59.95 -8.53
N VAL I 86 14.51 -59.97 -9.40
CA VAL I 86 14.62 -60.57 -10.77
C VAL I 86 14.35 -59.58 -11.90
N GLU I 87 15.07 -59.86 -12.92
CA GLU I 87 14.92 -59.15 -14.07
C GLU I 87 14.89 -59.99 -15.34
N VAL I 88 13.75 -60.13 -16.02
CA VAL I 88 13.84 -60.91 -17.23
C VAL I 88 14.16 -60.09 -18.58
N GLY I 89 15.41 -59.95 -18.96
CA GLY I 89 15.75 -59.22 -20.19
C GLY I 89 15.16 -59.95 -21.41
N ARG I 90 14.34 -59.27 -22.19
CA ARG I 90 13.90 -59.86 -23.50
C ARG I 90 14.49 -59.02 -24.62
N GLY I 91 14.89 -59.78 -25.58
CA GLY I 91 15.63 -59.45 -26.75
C GLY I 91 14.73 -59.71 -27.94
N GLN I 92 15.20 -59.15 -29.12
CA GLN I 92 14.45 -59.24 -30.41
C GLN I 92 13.37 -58.18 -30.52
N PRO I 93 12.91 -57.96 -31.71
CA PRO I 93 11.76 -57.06 -31.88
C PRO I 93 10.33 -57.58 -31.48
N LEU I 94 9.41 -56.78 -31.00
CA LEU I 94 8.07 -57.23 -30.78
C LEU I 94 7.51 -57.64 -32.15
N GLY I 95 6.88 -58.82 -32.35
CA GLY I 95 6.44 -59.27 -33.69
C GLY I 95 5.25 -60.16 -33.42
N VAL I 96 4.68 -60.85 -34.39
CA VAL I 96 3.52 -61.63 -33.94
C VAL I 96 3.50 -62.76 -34.85
N GLY I 97 3.06 -63.95 -34.33
CA GLY I 97 3.31 -65.16 -35.06
C GLY I 97 2.10 -65.54 -35.85
N ILE I 98 2.13 -66.70 -36.41
CA ILE I 98 1.04 -67.09 -37.20
C ILE I 98 1.21 -68.64 -37.44
N SER I 99 0.17 -69.43 -37.19
CA SER I 99 0.32 -70.90 -37.24
C SER I 99 -0.95 -71.36 -38.02
N GLY I 100 -0.76 -72.22 -38.98
CA GLY I 100 -1.92 -72.77 -39.62
C GLY I 100 -1.74 -74.30 -39.76
N HIS I 101 -2.63 -74.93 -40.54
CA HIS I 101 -2.49 -76.28 -40.96
C HIS I 101 -2.99 -76.52 -42.34
N PRO I 102 -2.23 -77.19 -43.10
CA PRO I 102 -2.55 -77.44 -44.50
C PRO I 102 -3.91 -78.04 -44.66
N LEU I 103 -4.18 -79.05 -43.80
CA LEU I 103 -5.53 -79.74 -43.85
C LEU I 103 -6.44 -79.45 -42.68
N LEU I 104 -6.52 -78.18 -42.32
CA LEU I 104 -7.30 -77.81 -41.20
C LEU I 104 -8.77 -78.21 -41.40
N ASN I 105 -9.41 -78.66 -40.32
CA ASN I 105 -10.78 -79.05 -40.40
C ASN I 105 -11.74 -77.85 -40.30
N LYS I 106 -12.03 -77.26 -41.46
CA LYS I 106 -12.83 -76.00 -41.49
C LYS I 106 -13.92 -76.29 -42.48
N LEU I 107 -15.16 -76.52 -42.04
CA LEU I 107 -16.24 -76.78 -43.00
C LEU I 107 -16.54 -75.48 -43.78
N ASP I 108 -17.47 -74.65 -43.25
CA ASP I 108 -17.70 -73.31 -43.77
C ASP I 108 -17.63 -72.09 -42.74
N ASP I 109 -17.66 -70.91 -43.36
CA ASP I 109 -17.59 -69.65 -42.60
C ASP I 109 -18.98 -69.17 -42.10
N THR I 110 -19.37 -69.66 -40.92
CA THR I 110 -20.71 -69.35 -40.32
C THR I 110 -20.93 -68.00 -39.73
N GLU I 111 -19.94 -67.11 -39.93
CA GLU I 111 -20.10 -65.65 -39.59
C GLU I 111 -21.27 -64.95 -40.32
N ASN I 112 -21.35 -65.16 -41.64
CA ASN I 112 -22.32 -64.57 -42.55
C ASN I 112 -22.33 -65.41 -43.83
N SER I 113 -22.61 -66.70 -43.67
CA SER I 113 -22.77 -67.65 -44.77
C SER I 113 -23.55 -67.01 -45.89
N ASN I 114 -23.27 -67.47 -47.10
CA ASN I 114 -24.00 -66.93 -48.28
C ASN I 114 -25.38 -67.58 -48.30
N LYS I 115 -25.38 -68.92 -48.47
CA LYS I 115 -26.58 -69.74 -48.47
C LYS I 115 -26.48 -71.01 -47.58
N TYR I 116 -27.01 -72.07 -48.20
CA TYR I 116 -27.11 -73.45 -47.66
C TYR I 116 -26.96 -74.40 -48.88
N VAL I 117 -25.79 -75.08 -48.92
CA VAL I 117 -25.44 -76.01 -49.98
C VAL I 117 -25.76 -77.36 -49.40
N GLY I 118 -25.83 -78.37 -50.32
CA GLY I 118 -26.21 -79.72 -49.90
C GLY I 118 -25.20 -80.36 -48.92
N ASN I 119 -25.52 -81.54 -48.33
CA ASN I 119 -24.50 -82.28 -47.57
C ASN I 119 -23.19 -82.31 -48.40
N SER I 120 -22.10 -81.91 -47.77
CA SER I 120 -20.82 -81.90 -48.47
C SER I 120 -20.29 -83.36 -48.85
N GLY I 121 -18.98 -83.45 -49.11
CA GLY I 121 -18.36 -84.70 -49.55
C GLY I 121 -17.48 -85.31 -48.45
N THR I 122 -16.39 -85.91 -48.87
CA THR I 122 -15.36 -86.33 -47.87
C THR I 122 -14.14 -85.39 -47.90
N ASP I 123 -13.31 -85.39 -46.81
CA ASP I 123 -12.21 -84.40 -46.73
C ASP I 123 -12.47 -82.98 -47.31
N ASN I 124 -13.19 -82.16 -46.56
CA ASN I 124 -13.39 -80.74 -46.99
C ASN I 124 -12.45 -79.81 -46.25
N ARG I 125 -11.29 -80.36 -45.89
CA ARG I 125 -10.29 -79.63 -45.07
C ARG I 125 -9.61 -78.58 -45.90
N GLU I 126 -9.06 -77.54 -45.28
CA GLU I 126 -8.27 -76.57 -46.08
C GLU I 126 -7.23 -75.86 -45.28
N CYS I 127 -6.20 -75.35 -45.97
CA CYS I 127 -5.04 -74.66 -45.44
C CYS I 127 -5.52 -73.39 -44.85
N ILE I 128 -5.18 -73.19 -43.57
CA ILE I 128 -5.74 -72.04 -42.79
C ILE I 128 -4.79 -71.70 -41.73
N SER I 129 -4.43 -70.45 -41.57
CA SER I 129 -3.37 -70.06 -40.59
C SER I 129 -4.13 -69.15 -39.62
N MET I 130 -3.47 -68.46 -38.72
CA MET I 130 -4.24 -67.65 -37.76
C MET I 130 -3.26 -67.23 -36.69
N ASP I 131 -3.57 -66.24 -35.89
CA ASP I 131 -2.55 -65.67 -34.92
C ASP I 131 -3.17 -66.07 -33.56
N TYR I 132 -2.32 -66.61 -32.76
CA TYR I 132 -2.88 -67.06 -31.47
C TYR I 132 -3.23 -66.03 -30.41
N LYS I 133 -4.07 -66.37 -29.43
CA LYS I 133 -4.29 -65.47 -28.32
C LYS I 133 -2.92 -65.00 -27.77
N GLN I 134 -2.87 -63.83 -27.10
CA GLN I 134 -1.55 -63.33 -26.76
C GLN I 134 -1.36 -63.26 -25.28
N THR I 135 -0.11 -63.58 -24.85
CA THR I 135 0.09 -63.84 -23.42
C THR I 135 1.51 -63.41 -22.99
N GLN I 136 1.69 -63.18 -21.68
CA GLN I 136 3.01 -62.81 -21.12
C GLN I 136 3.03 -63.25 -19.69
N LEU I 137 3.62 -64.40 -19.37
CA LEU I 137 3.63 -64.66 -17.92
C LEU I 137 4.92 -64.78 -17.29
N CYS I 138 4.98 -64.71 -15.97
CA CYS I 138 6.28 -64.92 -15.43
C CYS I 138 6.04 -65.28 -14.04
N LEU I 139 6.48 -66.57 -13.72
CA LEU I 139 6.44 -67.21 -12.38
C LEU I 139 7.85 -67.41 -11.81
N ILE I 140 7.98 -67.01 -10.54
CA ILE I 140 9.22 -67.11 -9.81
C ILE I 140 9.04 -68.05 -8.62
N GLY I 141 9.86 -69.11 -8.56
CA GLY I 141 9.67 -70.06 -7.49
C GLY I 141 10.82 -70.88 -7.24
N CYS I 142 10.83 -71.57 -6.10
CA CYS I 142 11.98 -72.57 -5.81
C CYS I 142 11.65 -73.97 -6.15
N ARG I 143 10.48 -74.17 -6.63
CA ARG I 143 10.21 -75.44 -7.21
C ARG I 143 9.58 -75.24 -8.57
N PRO I 144 9.64 -76.21 -9.43
CA PRO I 144 9.01 -76.09 -10.76
C PRO I 144 7.51 -75.98 -10.70
N PRO I 145 6.96 -74.91 -11.33
CA PRO I 145 5.50 -74.68 -11.22
C PRO I 145 4.65 -75.81 -11.90
N ILE I 146 3.35 -75.84 -11.58
CA ILE I 146 2.40 -76.83 -12.18
C ILE I 146 1.33 -76.23 -13.09
N GLY I 147 0.92 -76.97 -14.10
CA GLY I 147 -0.05 -76.59 -15.08
C GLY I 147 -1.30 -77.51 -15.00
N GLU I 148 -2.35 -77.11 -15.66
CA GLU I 148 -3.54 -77.94 -15.59
C GLU I 148 -4.05 -77.99 -17.00
N HIS I 149 -4.47 -79.13 -17.54
CA HIS I 149 -5.00 -79.17 -18.97
C HIS I 149 -6.00 -80.30 -19.03
N TRP I 150 -7.00 -80.24 -19.90
CA TRP I 150 -8.02 -81.24 -19.99
C TRP I 150 -7.49 -82.47 -20.67
N GLY I 151 -7.57 -83.63 -19.98
CA GLY I 151 -7.17 -84.87 -20.54
C GLY I 151 -8.34 -85.80 -20.71
N LYS I 152 -7.99 -86.95 -21.26
CA LYS I 152 -8.83 -88.12 -21.44
C LYS I 152 -8.81 -88.93 -20.06
N GLY I 153 -9.99 -88.98 -19.43
CA GLY I 153 -10.15 -89.70 -18.21
C GLY I 153 -10.83 -91.04 -18.51
N THR I 154 -10.38 -92.02 -17.63
CA THR I 154 -10.85 -93.49 -17.52
C THR I 154 -12.39 -93.61 -17.12
N PRO I 155 -13.18 -94.42 -17.91
CA PRO I 155 -14.61 -94.59 -17.56
C PRO I 155 -14.84 -95.47 -16.27
N SER I 156 -16.05 -95.36 -15.73
CA SER I 156 -16.41 -96.02 -14.49
C SER I 156 -16.90 -97.44 -14.78
N ASN I 157 -17.07 -98.20 -13.66
CA ASN I 157 -17.57 -99.59 -13.63
C ASN I 157 -18.93 -99.60 -14.33
N ALA I 158 -18.96 -99.65 -15.68
CA ALA I 158 -20.21 -99.74 -16.44
C ALA I 158 -19.91 -100.22 -17.85
N ASN I 159 -20.45 -99.46 -18.84
CA ASN I 159 -20.32 -99.65 -20.35
C ASN I 159 -18.98 -99.19 -20.95
N GLN I 160 -18.56 -99.95 -21.99
CA GLN I 160 -17.26 -99.81 -22.69
C GLN I 160 -17.39 -98.67 -23.71
N VAL I 161 -16.58 -97.61 -23.51
CA VAL I 161 -16.71 -96.38 -24.33
C VAL I 161 -16.10 -96.78 -25.65
N LYS I 162 -16.98 -97.29 -26.56
CA LYS I 162 -16.51 -97.86 -27.83
C LYS I 162 -16.04 -96.66 -28.65
N ALA I 163 -15.28 -96.92 -29.72
CA ALA I 163 -14.73 -95.91 -30.58
C ALA I 163 -15.93 -95.15 -31.14
N GLY I 164 -15.75 -93.85 -31.30
CA GLY I 164 -16.84 -93.01 -31.78
C GLY I 164 -17.09 -92.02 -30.66
N GLU I 165 -17.74 -92.59 -29.62
CA GLU I 165 -18.06 -91.87 -28.39
C GLU I 165 -17.09 -90.79 -27.91
N CYS I 166 -17.62 -89.98 -27.05
CA CYS I 166 -16.88 -88.92 -26.50
C CYS I 166 -16.41 -89.25 -25.13
N PRO I 167 -15.10 -89.41 -25.01
CA PRO I 167 -14.42 -89.83 -23.74
C PRO I 167 -14.59 -88.83 -22.61
N PRO I 168 -14.81 -89.24 -21.35
CA PRO I 168 -15.05 -88.22 -20.35
C PRO I 168 -13.75 -87.46 -20.09
N LEU I 169 -13.84 -86.18 -19.91
CA LEU I 169 -12.65 -85.43 -19.81
C LEU I 169 -12.28 -85.37 -18.35
N GLU I 170 -11.04 -84.91 -18.08
CA GLU I 170 -10.53 -84.97 -16.67
C GLU I 170 -9.38 -83.93 -16.50
N LEU I 171 -9.52 -83.16 -15.41
CA LEU I 171 -8.62 -82.09 -15.24
C LEU I 171 -7.35 -82.60 -14.74
N LEU I 172 -6.23 -82.62 -15.48
CA LEU I 172 -4.91 -83.09 -14.98
C LEU I 172 -3.79 -82.12 -14.57
N ASN I 173 -3.12 -82.32 -13.48
CA ASN I 173 -1.98 -81.50 -13.13
C ASN I 173 -0.68 -82.03 -13.65
N THR I 174 0.24 -81.14 -13.92
CA THR I 174 1.42 -81.64 -14.62
C THR I 174 2.52 -80.66 -14.31
N VAL I 175 3.79 -81.04 -14.46
CA VAL I 175 4.87 -80.09 -14.23
C VAL I 175 5.15 -79.14 -15.48
N LEU I 176 5.43 -77.86 -15.27
CA LEU I 176 5.63 -77.14 -16.52
C LEU I 176 7.12 -77.35 -16.92
N GLN I 177 7.37 -77.79 -18.16
CA GLN I 177 8.74 -78.02 -18.65
C GLN I 177 8.99 -77.17 -19.87
N ASP I 178 10.26 -76.83 -20.00
CA ASP I 178 10.66 -76.06 -21.05
C ASP I 178 10.24 -76.68 -22.37
N GLY I 179 9.55 -75.92 -23.22
CA GLY I 179 9.14 -76.33 -24.54
C GLY I 179 7.67 -76.68 -24.59
N ASP I 180 6.94 -76.36 -23.54
CA ASP I 180 5.53 -76.71 -23.55
C ASP I 180 4.80 -75.58 -24.28
N MET I 181 3.66 -75.88 -24.75
CA MET I 181 2.79 -74.89 -25.29
C MET I 181 1.71 -74.29 -24.30
N VAL I 182 1.33 -73.00 -24.45
CA VAL I 182 0.44 -72.33 -23.53
C VAL I 182 -0.84 -72.66 -24.22
N ASP I 183 -1.91 -72.14 -23.69
CA ASP I 183 -3.12 -72.34 -24.41
C ASP I 183 -3.10 -71.28 -25.54
N THR I 184 -3.63 -71.63 -26.71
CA THR I 184 -3.52 -70.62 -27.72
C THR I 184 -4.83 -70.01 -28.15
N GLY I 185 -5.93 -70.15 -27.39
CA GLY I 185 -7.13 -69.73 -28.05
C GLY I 185 -8.02 -70.93 -28.11
N PHE I 186 -7.51 -72.18 -28.10
CA PHE I 186 -8.37 -73.35 -28.26
C PHE I 186 -8.57 -74.17 -26.98
N GLY I 187 -8.08 -73.57 -25.90
CA GLY I 187 -8.27 -74.10 -24.58
C GLY I 187 -7.08 -74.85 -24.05
N ALA I 188 -7.10 -75.27 -22.79
CA ALA I 188 -5.96 -76.05 -22.38
C ALA I 188 -6.26 -77.48 -22.24
N MET I 189 -5.80 -78.20 -23.24
CA MET I 189 -6.01 -79.63 -23.38
C MET I 189 -4.82 -80.47 -24.09
N ASP I 190 -5.14 -81.67 -24.58
CA ASP I 190 -4.02 -82.56 -25.08
C ASP I 190 -4.63 -82.92 -26.34
N PHE I 191 -4.04 -82.42 -27.42
CA PHE I 191 -4.76 -82.47 -28.68
C PHE I 191 -4.67 -83.79 -29.39
N THR I 192 -3.62 -84.50 -28.92
CA THR I 192 -3.19 -85.83 -29.45
C THR I 192 -4.15 -86.92 -29.15
N THR I 193 -4.48 -87.05 -27.89
CA THR I 193 -5.57 -87.88 -27.37
C THR I 193 -7.11 -87.58 -27.47
N LEU I 194 -7.44 -86.30 -27.31
CA LEU I 194 -8.77 -85.63 -27.47
C LEU I 194 -9.13 -85.31 -28.90
N GLN I 195 -8.16 -85.16 -29.79
CA GLN I 195 -8.52 -85.01 -31.22
C GLN I 195 -7.95 -85.99 -32.19
N ALA I 196 -8.77 -86.97 -32.51
CA ALA I 196 -8.34 -88.10 -33.34
C ALA I 196 -7.84 -87.64 -34.68
N ASN I 197 -8.73 -87.02 -35.51
CA ASN I 197 -8.33 -86.47 -36.88
C ASN I 197 -7.04 -85.70 -36.97
N LYS I 198 -6.59 -85.12 -35.90
CA LYS I 198 -5.36 -84.35 -35.91
C LYS I 198 -5.18 -83.30 -36.98
N SER I 199 -6.34 -82.64 -37.27
CA SER I 199 -6.45 -81.71 -38.36
C SER I 199 -7.19 -80.52 -38.03
N ASP I 200 -7.70 -80.39 -36.81
CA ASP I 200 -8.43 -79.13 -36.43
C ASP I 200 -7.77 -78.15 -35.38
N VAL I 201 -6.47 -77.98 -35.57
CA VAL I 201 -5.67 -77.09 -34.80
C VAL I 201 -4.33 -77.04 -35.45
N PRO I 202 -3.72 -75.78 -35.58
CA PRO I 202 -2.38 -75.79 -36.32
C PRO I 202 -1.37 -76.85 -35.88
N LEU I 203 -0.47 -77.19 -36.79
CA LEU I 203 0.51 -78.16 -36.49
C LEU I 203 1.28 -77.95 -35.13
N ASP I 204 1.81 -76.74 -34.85
CA ASP I 204 2.41 -76.47 -33.52
C ASP I 204 1.63 -76.85 -32.27
N ILE I 205 0.36 -77.17 -32.33
CA ILE I 205 -0.23 -77.53 -31.13
C ILE I 205 -1.00 -78.89 -31.22
N CYS I 206 -1.47 -79.17 -32.50
CA CYS I 206 -2.28 -80.41 -32.84
C CYS I 206 -1.76 -81.77 -32.26
N SER I 207 -0.44 -81.97 -32.17
CA SER I 207 0.01 -83.23 -31.60
C SER I 207 0.61 -82.95 -30.20
N SER I 208 -0.10 -82.13 -29.36
CA SER I 208 0.58 -81.62 -28.18
C SER I 208 -0.42 -81.35 -27.06
N ILE I 209 0.07 -80.78 -25.97
CA ILE I 209 -0.71 -80.44 -24.78
C ILE I 209 -0.51 -78.93 -24.56
N CYS I 210 -1.62 -78.24 -24.54
CA CYS I 210 -1.54 -76.85 -24.22
C CYS I 210 -1.80 -76.70 -22.77
N LYS I 211 -0.74 -76.33 -22.08
CA LYS I 211 -0.90 -76.19 -20.64
C LYS I 211 -1.33 -74.80 -20.12
N TYR I 212 -2.15 -74.73 -19.02
CA TYR I 212 -2.48 -73.43 -18.34
C TYR I 212 -2.08 -73.54 -16.90
N PRO I 213 -1.23 -72.63 -16.43
CA PRO I 213 -0.76 -72.65 -14.97
C PRO I 213 -1.91 -72.73 -14.04
N ASP I 214 -1.77 -73.65 -13.07
CA ASP I 214 -2.83 -73.86 -12.13
C ASP I 214 -2.54 -72.80 -11.03
N TYR I 215 -2.92 -71.52 -11.32
CA TYR I 215 -2.65 -70.43 -10.39
C TYR I 215 -3.37 -70.83 -9.08
N LEU I 216 -4.51 -71.40 -9.24
CA LEU I 216 -5.29 -71.66 -8.05
C LEU I 216 -4.64 -72.69 -7.07
N LYS I 217 -3.99 -73.73 -7.63
CA LYS I 217 -3.34 -74.78 -6.83
C LYS I 217 -2.08 -74.20 -6.25
N MET I 218 -1.26 -73.65 -7.12
CA MET I 218 0.02 -73.21 -6.72
C MET I 218 -0.14 -72.26 -5.56
N VAL I 219 -1.15 -71.42 -5.69
CA VAL I 219 -1.20 -70.28 -4.79
C VAL I 219 -1.51 -70.74 -3.40
N SER I 220 -2.20 -71.91 -3.35
CA SER I 220 -2.82 -72.48 -2.15
C SER I 220 -1.94 -73.51 -1.49
N GLU I 221 -0.82 -73.87 -2.09
CA GLU I 221 0.00 -74.88 -1.46
C GLU I 221 0.51 -74.24 -0.16
N PRO I 222 0.50 -75.06 0.89
CA PRO I 222 0.78 -74.61 2.22
C PRO I 222 2.18 -73.90 2.32
N TYR I 223 3.29 -74.54 1.82
CA TYR I 223 4.63 -73.92 1.94
C TYR I 223 4.74 -72.64 0.98
N GLY I 224 4.12 -72.69 -0.23
CA GLY I 224 4.43 -71.68 -1.24
C GLY I 224 5.88 -71.75 -1.79
N ASP I 225 6.25 -72.83 -2.41
CA ASP I 225 7.63 -72.90 -2.87
C ASP I 225 7.40 -72.67 -4.34
N MET I 226 6.24 -73.20 -4.68
CA MET I 226 5.93 -73.40 -6.00
C MET I 226 6.25 -72.13 -6.72
N LEU I 227 5.59 -71.01 -6.31
CA LEU I 227 5.79 -69.63 -6.96
C LEU I 227 5.71 -68.63 -5.85
N PHE I 228 6.60 -67.65 -5.87
CA PHE I 228 6.46 -66.77 -4.80
C PHE I 228 6.37 -65.39 -5.33
N PHE I 229 5.85 -65.27 -6.56
CA PHE I 229 5.76 -64.05 -7.30
C PHE I 229 5.22 -64.55 -8.65
N TYR I 230 4.42 -63.74 -9.34
CA TYR I 230 3.97 -64.02 -10.75
C TYR I 230 3.28 -62.79 -11.35
N LEU I 231 3.11 -62.78 -12.67
CA LEU I 231 2.45 -61.68 -13.41
C LEU I 231 1.83 -62.45 -14.59
N ARG I 232 0.54 -62.36 -14.85
CA ARG I 232 0.11 -62.94 -16.07
C ARG I 232 -0.42 -61.67 -16.83
N ARG I 233 -0.40 -61.80 -18.15
CA ARG I 233 -1.16 -60.85 -18.94
C ARG I 233 -1.63 -61.50 -20.27
N GLU I 234 -2.92 -61.99 -20.31
CA GLU I 234 -3.44 -62.73 -21.51
C GLU I 234 -4.60 -62.01 -22.06
N GLN I 235 -4.78 -62.03 -23.38
CA GLN I 235 -5.86 -61.21 -23.93
C GLN I 235 -6.08 -61.68 -25.38
N MET I 236 -7.36 -61.87 -25.79
CA MET I 236 -7.57 -62.30 -27.22
C MET I 236 -8.98 -62.20 -27.74
N PHE I 237 -9.27 -62.53 -29.01
CA PHE I 237 -10.60 -62.10 -29.36
C PHE I 237 -10.97 -62.91 -30.55
N VAL I 238 -12.24 -62.89 -30.95
CA VAL I 238 -12.71 -63.75 -32.04
C VAL I 238 -12.49 -63.26 -33.53
N ARG I 239 -11.36 -63.65 -34.10
CA ARG I 239 -11.05 -63.29 -35.45
C ARG I 239 -12.11 -63.88 -36.28
N HIS I 240 -12.46 -65.16 -36.19
CA HIS I 240 -13.44 -65.75 -37.16
C HIS I 240 -14.37 -66.80 -36.53
N LEU I 241 -15.52 -67.03 -37.15
CA LEU I 241 -16.37 -68.00 -36.68
C LEU I 241 -16.59 -69.09 -37.72
N PHE I 242 -16.31 -70.40 -37.39
CA PHE I 242 -16.39 -71.50 -38.35
C PHE I 242 -17.23 -72.62 -37.84
N ASN I 243 -17.41 -73.53 -38.76
CA ASN I 243 -18.08 -74.78 -38.65
C ASN I 243 -17.10 -75.94 -38.81
N ARG I 244 -17.16 -76.90 -37.91
CA ARG I 244 -16.34 -78.15 -38.14
C ARG I 244 -16.99 -79.14 -39.14
N ALA I 245 -16.19 -80.05 -39.72
CA ALA I 245 -16.65 -81.01 -40.69
C ALA I 245 -16.65 -82.38 -39.93
N GLY I 246 -17.37 -83.38 -40.44
CA GLY I 246 -17.40 -84.68 -39.69
C GLY I 246 -18.70 -84.91 -38.93
N THR I 247 -19.09 -86.18 -38.72
CA THR I 247 -20.43 -86.46 -38.09
C THR I 247 -20.49 -85.85 -36.68
N VAL I 248 -21.69 -85.29 -36.30
CA VAL I 248 -21.90 -84.64 -35.05
C VAL I 248 -22.27 -85.69 -34.08
N GLY I 249 -21.52 -85.86 -33.01
CA GLY I 249 -21.80 -86.99 -32.12
C GLY I 249 -23.10 -86.85 -31.38
N GLU I 250 -23.13 -85.89 -30.45
CA GLU I 250 -24.37 -85.58 -29.71
C GLU I 250 -25.22 -84.72 -30.66
N THR I 251 -26.12 -85.38 -31.43
CA THR I 251 -27.10 -84.71 -32.29
C THR I 251 -28.10 -83.82 -31.51
N VAL I 252 -28.59 -82.82 -32.24
CA VAL I 252 -29.39 -81.73 -31.71
C VAL I 252 -30.84 -82.20 -31.31
N PRO I 253 -31.24 -81.99 -30.08
CA PRO I 253 -32.58 -82.31 -29.71
C PRO I 253 -33.64 -81.71 -30.64
N ALA I 254 -34.40 -82.56 -31.29
CA ALA I 254 -35.37 -82.07 -32.22
C ALA I 254 -36.43 -81.06 -31.71
N ASP I 255 -36.54 -80.96 -30.39
CA ASP I 255 -37.49 -79.98 -29.81
C ASP I 255 -36.94 -78.56 -29.65
N LEU I 256 -35.71 -78.41 -30.14
CA LEU I 256 -35.01 -77.14 -30.10
C LEU I 256 -35.11 -76.29 -31.39
N TYR I 257 -35.65 -76.82 -32.48
CA TYR I 257 -35.83 -76.07 -33.75
C TYR I 257 -37.04 -76.68 -34.49
N ILE I 258 -37.44 -76.07 -35.61
CA ILE I 258 -38.55 -76.63 -36.37
C ILE I 258 -38.05 -77.27 -37.67
N LYS I 259 -38.47 -78.51 -37.82
CA LYS I 259 -38.13 -79.42 -38.93
C LYS I 259 -38.11 -78.65 -40.17
N GLY I 260 -36.95 -78.49 -40.67
CA GLY I 260 -37.00 -77.74 -41.77
C GLY I 260 -36.93 -78.77 -42.80
N THR I 261 -37.84 -78.74 -43.77
CA THR I 261 -37.77 -79.55 -45.01
C THR I 261 -36.43 -79.41 -45.72
N THR I 262 -35.98 -80.51 -46.38
CA THR I 262 -34.75 -80.44 -47.20
C THR I 262 -33.59 -80.27 -46.24
N GLY I 263 -33.16 -81.40 -45.67
CA GLY I 263 -31.96 -81.21 -44.87
C GLY I 263 -31.61 -82.33 -43.89
N THR I 264 -30.30 -82.50 -43.64
CA THR I 264 -29.85 -83.44 -42.62
C THR I 264 -29.29 -82.58 -41.52
N LEU I 265 -29.69 -81.30 -41.46
CA LEU I 265 -29.27 -80.38 -40.37
C LEU I 265 -27.75 -80.11 -40.44
N PRO I 266 -27.46 -78.93 -40.83
CA PRO I 266 -26.01 -78.60 -40.97
C PRO I 266 -25.20 -78.70 -39.70
N SER I 267 -23.91 -78.90 -39.86
CA SER I 267 -23.02 -78.91 -38.67
C SER I 267 -23.33 -77.90 -37.62
N THR I 268 -23.21 -78.29 -36.36
CA THR I 268 -23.37 -77.32 -35.28
C THR I 268 -22.13 -77.24 -34.42
N SER I 269 -21.04 -77.73 -35.02
CA SER I 269 -19.88 -77.93 -34.19
C SER I 269 -19.05 -76.77 -34.59
N TYR I 270 -19.18 -75.75 -33.73
CA TYR I 270 -18.63 -74.47 -34.19
C TYR I 270 -17.29 -74.37 -33.45
N PHE I 271 -16.45 -73.44 -33.96
CA PHE I 271 -15.16 -73.13 -33.37
C PHE I 271 -14.78 -71.75 -33.92
N PRO I 272 -14.11 -70.95 -33.13
CA PRO I 272 -13.68 -69.67 -33.54
C PRO I 272 -12.25 -69.48 -33.74
N THR I 273 -11.86 -68.46 -34.48
CA THR I 273 -10.38 -68.20 -34.68
C THR I 273 -9.86 -67.18 -33.71
N PRO I 274 -8.89 -67.46 -32.88
CA PRO I 274 -8.60 -66.35 -31.95
C PRO I 274 -7.81 -65.17 -32.57
N SER I 275 -7.33 -64.19 -31.78
CA SER I 275 -6.46 -63.12 -32.27
C SER I 275 -5.97 -62.39 -31.03
N GLY I 276 -4.61 -62.13 -31.01
CA GLY I 276 -3.97 -61.76 -29.81
C GLY I 276 -4.06 -60.29 -29.92
N SER I 277 -4.78 -59.76 -30.95
CA SER I 277 -4.85 -58.37 -31.29
C SER I 277 -3.54 -57.71 -31.40
N MET I 278 -3.16 -56.87 -30.44
CA MET I 278 -1.98 -56.13 -30.69
C MET I 278 -0.97 -55.95 -29.60
N VAL I 279 0.28 -56.04 -30.01
CA VAL I 279 1.39 -56.06 -29.06
C VAL I 279 1.97 -54.71 -29.00
N THR I 280 2.30 -54.28 -27.78
CA THR I 280 2.78 -52.92 -27.64
C THR I 280 3.76 -52.69 -26.54
N SER I 281 4.87 -52.01 -26.78
CA SER I 281 5.78 -51.76 -25.72
C SER I 281 5.04 -51.36 -24.48
N ASP I 282 3.79 -50.95 -24.57
CA ASP I 282 3.27 -50.42 -23.33
C ASP I 282 2.90 -51.50 -22.42
N ALA I 283 2.27 -52.51 -23.00
CA ALA I 283 1.88 -53.82 -22.37
C ALA I 283 3.02 -54.59 -21.67
N GLN I 284 4.19 -54.62 -22.31
CA GLN I 284 5.32 -55.19 -21.73
C GLN I 284 5.36 -55.29 -20.26
N ILE I 285 5.36 -56.59 -19.94
CA ILE I 285 5.51 -57.25 -18.57
C ILE I 285 6.96 -57.37 -18.13
N PHE I 286 7.90 -57.39 -19.11
CA PHE I 286 9.32 -57.71 -18.96
C PHE I 286 10.26 -56.56 -19.02
N ASN I 287 11.55 -56.84 -18.97
CA ASN I 287 12.59 -55.80 -19.08
C ASN I 287 12.47 -54.75 -17.96
N LYS I 288 11.92 -55.17 -16.84
CA LYS I 288 11.78 -54.26 -15.76
C LYS I 288 12.18 -55.08 -14.57
N PRO I 289 12.64 -54.46 -13.53
CA PRO I 289 12.87 -55.18 -12.31
C PRO I 289 11.72 -55.37 -11.41
N TYR I 290 11.80 -56.61 -10.88
CA TYR I 290 10.87 -57.27 -9.86
C TYR I 290 11.48 -57.41 -8.51
N TRP I 291 10.81 -56.91 -7.48
CA TRP I 291 11.50 -56.87 -6.29
C TRP I 291 10.63 -57.67 -5.34
N LEU I 292 10.95 -58.94 -5.09
CA LEU I 292 10.05 -59.73 -4.31
C LEU I 292 10.24 -59.52 -2.79
N GLN I 293 10.05 -58.26 -2.40
CA GLN I 293 10.22 -57.85 -1.06
C GLN I 293 9.42 -58.80 -0.10
N ARG I 294 8.12 -58.94 -0.28
CA ARG I 294 7.39 -59.86 0.57
C ARG I 294 6.73 -60.80 -0.32
N ALA I 295 6.87 -62.04 -0.01
CA ALA I 295 6.35 -63.07 -0.84
C ALA I 295 4.80 -63.26 -0.71
N GLN I 296 4.20 -63.99 -1.60
CA GLN I 296 2.76 -64.18 -1.49
C GLN I 296 2.47 -65.20 -0.46
N GLY I 297 3.18 -66.34 -0.59
CA GLY I 297 3.02 -67.43 0.33
C GLY I 297 4.10 -67.35 1.49
N HIS I 298 4.24 -68.43 2.30
CA HIS I 298 5.07 -68.41 3.41
C HIS I 298 6.54 -68.34 3.11
N ASN I 299 7.02 -68.93 2.05
CA ASN I 299 8.45 -68.90 1.66
C ASN I 299 8.76 -67.52 1.11
N ASN I 300 9.42 -66.66 1.92
CA ASN I 300 9.91 -65.46 1.38
C ASN I 300 11.13 -65.60 0.41
N GLY I 301 10.94 -66.08 -0.84
CA GLY I 301 12.01 -66.27 -1.82
C GLY I 301 13.38 -66.80 -1.19
N ILE I 302 13.24 -68.02 -0.58
CA ILE I 302 14.34 -68.91 -0.04
C ILE I 302 14.50 -70.05 -1.04
N CYS I 303 15.61 -69.88 -1.79
CA CYS I 303 16.09 -70.80 -2.84
C CYS I 303 16.68 -72.15 -2.35
N TRP I 304 15.88 -72.80 -1.51
CA TRP I 304 16.18 -74.19 -0.96
C TRP I 304 16.81 -75.08 -2.04
N SER I 305 17.86 -75.71 -1.52
CA SER I 305 18.66 -76.53 -2.41
C SER I 305 19.46 -75.60 -3.38
N ASN I 306 19.71 -74.31 -3.05
CA ASN I 306 20.33 -73.39 -3.98
C ASN I 306 19.78 -73.53 -5.39
N GLN I 307 18.42 -73.66 -5.56
CA GLN I 307 17.77 -73.57 -6.92
C GLN I 307 16.74 -72.54 -7.02
N LEU I 308 16.50 -72.21 -8.29
CA LEU I 308 15.42 -71.20 -8.78
C LEU I 308 14.74 -71.49 -10.14
N PHE I 309 13.42 -71.38 -10.19
CA PHE I 309 12.80 -71.65 -11.47
C PHE I 309 12.15 -70.40 -11.94
N VAL I 310 12.53 -70.00 -13.14
CA VAL I 310 12.00 -68.70 -13.71
C VAL I 310 11.18 -69.12 -14.98
N THR I 311 9.87 -69.34 -14.80
CA THR I 311 9.03 -69.86 -15.81
C THR I 311 8.39 -68.58 -16.48
N VAL I 312 8.53 -68.50 -17.85
CA VAL I 312 8.11 -67.47 -18.69
C VAL I 312 7.37 -67.93 -19.99
N VAL I 313 6.28 -67.27 -20.23
CA VAL I 313 5.71 -67.36 -21.57
C VAL I 313 5.70 -65.97 -22.31
N ASP I 314 5.94 -65.96 -23.60
CA ASP I 314 5.86 -64.64 -24.22
C ASP I 314 5.69 -64.43 -25.75
N THR I 315 4.45 -64.07 -26.14
CA THR I 315 4.05 -64.08 -27.46
C THR I 315 4.09 -62.68 -28.13
N THR I 316 4.63 -61.72 -27.40
CA THR I 316 4.69 -60.37 -27.90
C THR I 316 5.85 -60.28 -28.99
N ARG I 317 6.84 -61.22 -28.99
CA ARG I 317 7.89 -61.21 -30.01
C ARG I 317 7.78 -62.47 -30.79
N SER I 318 6.59 -63.02 -30.86
CA SER I 318 6.46 -64.07 -31.71
C SER I 318 6.79 -64.22 -33.17
N THR I 319 7.91 -63.71 -33.58
CA THR I 319 8.04 -63.56 -35.05
C THR I 319 8.92 -64.61 -35.54
N ASN I 320 8.36 -65.19 -36.59
CA ASN I 320 9.07 -66.26 -37.38
C ASN I 320 9.65 -65.62 -38.66
N MET I 321 10.97 -65.45 -38.80
CA MET I 321 11.38 -64.85 -40.02
C MET I 321 11.49 -66.04 -41.08
N SER I 322 11.16 -65.86 -42.36
CA SER I 322 11.31 -66.88 -43.36
C SER I 322 12.54 -66.73 -44.28
N VAL I 323 13.32 -67.76 -44.36
CA VAL I 323 14.47 -67.68 -45.19
C VAL I 323 14.25 -68.37 -46.53
N CYS I 324 14.79 -67.75 -47.59
CA CYS I 324 14.66 -68.32 -48.97
C CYS I 324 16.05 -68.58 -49.58
N SER I 325 16.29 -69.80 -50.08
CA SER I 325 17.58 -70.14 -50.61
C SER I 325 17.27 -70.60 -51.95
N ALA I 326 18.22 -70.31 -52.88
CA ALA I 326 18.06 -70.69 -54.35
C ALA I 326 18.81 -72.00 -54.68
N VAL I 327 18.21 -72.89 -55.55
CA VAL I 327 18.80 -74.20 -56.00
C VAL I 327 19.94 -73.97 -56.98
N SER I 328 19.89 -72.78 -57.60
CA SER I 328 20.88 -72.28 -58.61
C SER I 328 20.45 -70.89 -59.15
N SER I 329 21.26 -69.92 -58.77
CA SER I 329 21.15 -68.49 -59.15
C SER I 329 21.76 -68.27 -60.55
N SER I 330 21.72 -69.35 -61.32
CA SER I 330 22.04 -69.28 -62.76
C SER I 330 20.85 -68.75 -63.64
N ASP I 331 19.63 -68.73 -63.08
CA ASP I 331 18.50 -68.38 -63.87
C ASP I 331 18.30 -66.94 -63.87
N SER I 332 17.55 -66.48 -64.86
CA SER I 332 17.36 -65.05 -65.00
C SER I 332 15.85 -64.81 -65.05
N THR I 333 15.03 -65.85 -64.92
CA THR I 333 13.61 -65.65 -64.79
C THR I 333 13.12 -66.30 -63.45
N TYR I 334 12.12 -65.66 -62.79
CA TYR I 334 11.59 -66.21 -61.56
C TYR I 334 10.91 -67.57 -61.79
N LYS I 335 11.37 -68.64 -61.10
CA LYS I 335 10.65 -69.94 -61.08
C LYS I 335 10.54 -70.54 -59.71
N ASN I 336 9.34 -70.60 -59.16
CA ASN I 336 9.17 -71.33 -57.93
C ASN I 336 10.01 -72.61 -57.57
N ASP I 337 10.14 -73.53 -58.48
CA ASP I 337 11.03 -74.63 -58.27
C ASP I 337 12.46 -74.29 -57.89
N ASN I 338 12.88 -73.14 -58.35
CA ASN I 338 14.23 -72.72 -57.99
C ASN I 338 14.50 -72.12 -56.52
N PHE I 339 13.48 -72.07 -55.69
CA PHE I 339 13.66 -71.46 -54.37
C PHE I 339 13.16 -72.38 -53.25
N LYS I 340 13.78 -72.30 -52.05
CA LYS I 340 13.19 -73.03 -50.95
C LYS I 340 12.94 -72.12 -49.77
N GLU I 341 11.64 -72.17 -49.32
CA GLU I 341 11.13 -71.29 -48.26
C GLU I 341 11.16 -71.98 -46.91
N TYR I 342 11.76 -71.33 -45.92
CA TYR I 342 11.94 -72.11 -44.59
C TYR I 342 11.49 -71.06 -43.60
N LEU I 343 11.19 -71.53 -42.40
CA LEU I 343 10.67 -70.73 -41.31
C LEU I 343 11.66 -70.90 -40.13
N ARG I 344 11.92 -69.90 -39.35
CA ARG I 344 12.79 -70.05 -38.27
C ARG I 344 12.47 -69.08 -37.22
N HIS I 345 12.47 -69.52 -35.97
CA HIS I 345 12.16 -68.60 -34.79
C HIS I 345 13.36 -68.53 -33.89
N GLY I 346 13.52 -67.50 -33.10
CA GLY I 346 14.84 -67.28 -32.40
C GLY I 346 14.41 -66.33 -31.20
N GLU I 347 14.54 -66.88 -29.96
CA GLU I 347 14.12 -66.26 -28.72
C GLU I 347 15.46 -65.66 -28.24
N GLU I 348 15.41 -64.54 -27.49
CA GLU I 348 16.64 -64.08 -26.76
C GLU I 348 16.29 -63.61 -25.37
N TYR I 349 16.96 -64.29 -24.42
CA TYR I 349 16.67 -64.07 -22.96
C TYR I 349 17.88 -63.66 -22.23
N ASP I 350 17.67 -62.93 -21.13
CA ASP I 350 18.71 -62.47 -20.21
C ASP I 350 18.08 -62.51 -18.81
N LEU I 351 18.78 -63.23 -17.91
CA LEU I 351 18.18 -63.54 -16.56
C LEU I 351 19.08 -62.86 -15.52
N GLN I 352 18.54 -61.98 -14.68
CA GLN I 352 19.51 -61.44 -13.79
C GLN I 352 18.82 -61.51 -12.54
N PHE I 353 19.66 -61.47 -11.50
CA PHE I 353 19.16 -61.69 -10.14
C PHE I 353 19.87 -60.95 -9.13
N ILE I 354 19.37 -60.90 -7.92
CA ILE I 354 20.10 -60.28 -6.81
C ILE I 354 19.73 -61.00 -5.55
N PHE I 355 20.68 -61.79 -4.99
CA PHE I 355 20.37 -62.67 -3.77
C PHE I 355 20.93 -62.13 -2.52
N GLN I 356 20.35 -62.57 -1.44
CA GLN I 356 20.85 -62.23 -0.16
C GLN I 356 21.30 -63.63 0.67
N LEU I 357 22.56 -63.60 1.24
CA LEU I 357 22.97 -64.51 2.20
C LEU I 357 22.06 -64.52 3.30
N CYS I 358 21.80 -65.76 3.67
CA CYS I 358 20.90 -66.08 4.87
C CYS I 358 21.38 -67.23 5.65
N LYS I 359 21.13 -67.17 6.99
CA LYS I 359 21.60 -68.27 7.88
C LYS I 359 20.47 -68.87 8.66
N ILE I 360 20.53 -70.20 8.67
CA ILE I 360 19.67 -71.02 9.54
C ILE I 360 20.41 -71.77 10.52
N THR I 361 19.95 -71.61 11.75
CA THR I 361 20.56 -72.36 12.89
C THR I 361 19.78 -73.56 13.18
N LEU I 362 20.51 -74.68 12.93
CA LEU I 362 19.86 -75.98 13.01
C LEU I 362 19.59 -76.39 14.44
N THR I 363 18.39 -76.09 14.92
CA THR I 363 18.04 -76.40 16.25
C THR I 363 17.05 -77.64 16.22
N ALA I 364 16.84 -78.25 17.41
CA ALA I 364 15.85 -79.21 17.54
C ALA I 364 14.55 -79.04 16.70
N ASP I 365 13.85 -77.91 17.02
CA ASP I 365 12.56 -77.51 16.49
C ASP I 365 12.75 -77.17 15.00
N VAL I 366 13.76 -76.36 14.71
CA VAL I 366 13.90 -76.05 13.33
C VAL I 366 14.08 -77.27 12.40
N MET I 367 14.92 -78.18 12.82
CA MET I 367 15.15 -79.48 12.05
C MET I 367 13.92 -80.37 11.72
N THR I 368 13.20 -80.63 12.79
CA THR I 368 11.97 -81.33 12.57
C THR I 368 11.03 -80.67 11.45
N TYR I 369 10.78 -79.34 11.61
CA TYR I 369 10.03 -78.60 10.68
C TYR I 369 10.63 -78.57 9.22
N ILE I 370 11.90 -78.21 9.03
CA ILE I 370 12.51 -78.41 7.72
C ILE I 370 12.31 -79.76 7.07
N HIS I 371 12.57 -80.87 7.88
CA HIS I 371 12.50 -82.31 7.53
C HIS I 371 11.18 -82.69 6.86
N SER I 372 10.17 -82.40 7.67
CA SER I 372 8.71 -82.49 7.32
C SER I 372 8.41 -81.71 6.10
N MET I 373 9.04 -80.53 6.02
CA MET I 373 8.90 -79.76 4.84
C MET I 373 9.56 -80.50 3.72
N ASN I 374 10.86 -80.22 3.55
CA ASN I 374 11.55 -81.07 2.64
C ASN I 374 12.89 -81.68 3.20
N PRO I 375 12.96 -83.05 3.41
CA PRO I 375 14.15 -83.58 4.03
C PRO I 375 15.44 -83.36 3.14
N SER I 376 15.27 -83.25 1.81
CA SER I 376 16.40 -83.04 0.94
C SER I 376 17.23 -81.92 1.46
N ILE I 377 16.56 -80.80 1.76
CA ILE I 377 17.22 -79.53 2.32
C ILE I 377 18.37 -79.80 3.37
N LEU I 378 18.14 -80.83 4.27
CA LEU I 378 18.93 -81.16 5.48
C LEU I 378 20.00 -82.22 5.17
N GLU I 379 19.52 -83.25 4.46
CA GLU I 379 20.34 -84.30 3.96
C GLU I 379 21.46 -83.79 3.18
N ASP I 380 21.17 -82.85 2.25
CA ASP I 380 22.19 -82.21 1.34
C ASP I 380 23.17 -81.36 2.06
N TRP I 381 22.92 -81.19 3.38
CA TRP I 381 23.63 -80.23 4.19
C TRP I 381 24.70 -80.92 4.94
N ASN I 382 25.42 -81.83 4.24
CA ASN I 382 26.42 -82.76 4.90
C ASN I 382 26.63 -83.99 3.95
N PRO I 389 16.79 -86.29 -8.94
CA PRO I 389 15.53 -85.77 -8.29
C PRO I 389 14.42 -85.36 -9.30
N LEU I 390 14.85 -84.60 -10.36
CA LEU I 390 13.96 -84.08 -11.54
C LEU I 390 14.45 -84.57 -12.93
N LYS I 391 14.88 -85.83 -12.94
CA LYS I 391 15.63 -86.43 -14.03
C LYS I 391 14.67 -86.73 -15.14
N ASN I 392 13.35 -86.63 -14.85
CA ASN I 392 12.43 -86.97 -15.93
C ASN I 392 11.86 -85.69 -16.51
N TYR I 393 12.22 -84.60 -15.90
CA TYR I 393 11.86 -83.33 -16.46
C TYR I 393 12.97 -82.54 -17.25
N THR I 394 12.48 -81.91 -18.33
CA THR I 394 13.31 -81.11 -19.32
C THR I 394 13.14 -79.59 -19.14
N PHE I 395 14.13 -78.96 -18.55
CA PHE I 395 14.10 -77.56 -18.25
C PHE I 395 15.25 -76.82 -19.00
N TRP I 396 15.20 -75.53 -19.23
CA TRP I 396 16.42 -74.89 -19.76
C TRP I 396 17.44 -74.81 -18.62
N GLU I 397 18.74 -75.17 -18.91
CA GLU I 397 19.60 -75.23 -17.72
C GLU I 397 20.35 -73.92 -17.63
N VAL I 398 20.38 -73.32 -16.44
CA VAL I 398 21.11 -72.07 -16.28
C VAL I 398 22.02 -72.15 -15.07
N ASP I 399 23.31 -72.41 -15.31
CA ASP I 399 24.27 -72.47 -14.24
C ASP I 399 24.84 -71.12 -13.90
N LEU I 400 24.57 -70.70 -12.69
CA LEU I 400 25.10 -69.41 -12.30
C LEU I 400 26.14 -69.50 -11.26
N LYS I 401 26.78 -70.63 -11.21
CA LYS I 401 27.85 -70.84 -10.11
C LYS I 401 28.96 -69.80 -10.28
N GLU I 402 29.28 -69.57 -11.52
CA GLU I 402 30.32 -68.71 -11.69
C GLU I 402 29.93 -67.26 -12.14
N LYS I 403 28.67 -66.94 -12.03
CA LYS I 403 28.29 -65.63 -12.41
C LYS I 403 27.96 -64.78 -11.18
N PHE I 404 28.44 -65.08 -10.00
CA PHE I 404 28.05 -64.23 -8.82
C PHE I 404 28.96 -63.04 -8.67
N SER I 405 28.50 -61.94 -8.10
CA SER I 405 29.48 -60.92 -7.90
C SER I 405 29.00 -60.13 -6.71
N ALA I 406 29.95 -59.73 -5.90
CA ALA I 406 29.51 -59.01 -4.76
C ALA I 406 29.50 -57.50 -4.99
N ASP I 407 30.07 -57.06 -6.12
CA ASP I 407 29.98 -55.63 -6.62
C ASP I 407 28.72 -55.42 -7.38
N LEU I 408 27.76 -54.99 -6.62
CA LEU I 408 26.50 -54.74 -7.22
C LEU I 408 26.54 -53.50 -8.21
N ASP I 409 27.42 -52.53 -7.89
CA ASP I 409 27.54 -51.33 -8.67
C ASP I 409 27.79 -51.61 -10.16
N GLN I 410 28.49 -52.67 -10.43
CA GLN I 410 28.76 -52.93 -11.82
C GLN I 410 27.57 -53.37 -12.67
N PHE I 411 26.36 -53.36 -12.17
CA PHE I 411 25.29 -53.86 -13.04
C PHE I 411 24.06 -52.96 -13.02
N PRO I 412 23.33 -52.94 -14.12
CA PRO I 412 22.12 -52.11 -14.05
C PRO I 412 21.08 -52.55 -12.93
N LEU I 413 20.71 -53.83 -12.89
CA LEU I 413 19.95 -54.36 -11.69
C LEU I 413 20.63 -53.93 -10.40
N GLY I 414 21.87 -54.37 -10.35
CA GLY I 414 22.71 -54.11 -9.14
C GLY I 414 22.57 -52.67 -8.62
N ARG I 415 22.72 -51.71 -9.66
CA ARG I 415 22.72 -50.21 -9.56
C ARG I 415 21.39 -49.78 -9.04
N LYS I 416 20.34 -50.51 -9.53
CA LYS I 416 18.98 -50.19 -9.24
C LYS I 416 18.66 -50.53 -7.79
N PHE I 417 19.06 -51.80 -7.45
CA PHE I 417 18.89 -52.51 -6.24
C PHE I 417 19.27 -51.59 -5.14
N LEU I 418 20.56 -51.29 -5.18
CA LEU I 418 21.10 -50.26 -4.27
C LEU I 418 20.28 -48.96 -4.15
N LEU I 419 19.89 -48.40 -5.28
CA LEU I 419 19.17 -47.16 -5.27
C LEU I 419 17.84 -47.43 -4.68
N GLN I 420 17.11 -48.31 -5.30
CA GLN I 420 15.76 -48.52 -4.82
C GLN I 420 15.73 -49.02 -3.36
N ALA I 421 16.63 -49.90 -2.94
CA ALA I 421 16.60 -50.32 -1.54
C ALA I 421 16.90 -49.17 -0.59
N GLY I 422 17.33 -48.06 -1.17
CA GLY I 422 17.84 -46.92 -0.36
C GLY I 422 19.38 -47.07 -0.12
N LEU I 423 19.75 -47.42 1.14
CA LEU I 423 21.17 -47.51 1.64
C LEU I 423 21.85 -48.83 1.34
N ALA J 1 38.32 -51.87 -11.85
CA ALA J 1 36.78 -51.61 -11.83
C ALA J 1 36.20 -50.23 -12.31
N VAL J 2 35.04 -50.27 -13.00
CA VAL J 2 34.35 -49.09 -13.54
C VAL J 2 33.66 -48.24 -12.46
N VAL J 3 33.77 -46.93 -12.57
CA VAL J 3 33.16 -46.01 -11.60
C VAL J 3 32.50 -44.85 -12.32
N SER J 4 31.36 -44.44 -11.70
CA SER J 4 30.59 -43.26 -12.11
C SER J 4 31.43 -42.09 -12.38
N THR J 5 31.07 -41.38 -13.42
CA THR J 5 31.83 -40.13 -13.83
C THR J 5 31.64 -39.15 -12.65
N ASP J 6 30.60 -39.24 -11.77
CA ASP J 6 30.59 -38.42 -10.57
C ASP J 6 31.81 -38.55 -9.69
N GLU J 7 32.76 -39.41 -10.06
CA GLU J 7 33.87 -39.69 -9.15
C GLU J 7 35.09 -38.98 -9.65
N TYR J 8 35.07 -38.58 -10.90
CA TYR J 8 36.25 -37.92 -11.41
C TYR J 8 36.04 -36.62 -12.31
N VAL J 9 34.75 -36.25 -12.40
CA VAL J 9 34.26 -35.13 -13.17
C VAL J 9 33.60 -34.18 -12.22
N THR J 10 34.09 -32.90 -12.23
CA THR J 10 33.52 -31.89 -11.45
C THR J 10 32.49 -31.19 -12.30
N ARG J 11 31.55 -30.67 -11.56
CA ARG J 11 30.37 -29.98 -12.03
C ARG J 11 30.41 -28.39 -11.77
N THR J 12 29.87 -27.63 -12.73
CA THR J 12 30.02 -26.14 -12.64
C THR J 12 28.67 -25.60 -12.89
N ASN J 13 28.51 -24.32 -12.46
CA ASN J 13 27.28 -23.69 -12.54
C ASN J 13 27.24 -23.01 -13.90
N ILE J 14 27.55 -23.69 -15.00
CA ILE J 14 27.64 -22.99 -16.29
C ILE J 14 26.80 -23.85 -17.25
N TYR J 15 25.78 -23.20 -17.89
CA TYR J 15 24.88 -23.88 -18.79
C TYR J 15 24.89 -23.05 -20.11
N TYR J 16 25.03 -23.68 -21.26
CA TYR J 16 24.93 -23.18 -22.53
C TYR J 16 23.87 -23.93 -23.20
N HIS J 17 23.10 -23.26 -24.09
CA HIS J 17 22.06 -23.98 -24.87
C HIS J 17 22.60 -24.21 -26.23
N ALA J 18 22.06 -25.13 -27.05
CA ALA J 18 22.62 -25.37 -28.40
C ALA J 18 21.47 -25.83 -29.31
N GLY J 19 21.31 -25.32 -30.54
CA GLY J 19 20.11 -25.69 -31.40
C GLY J 19 20.66 -26.05 -32.77
N SER J 20 20.33 -27.18 -33.38
CA SER J 20 20.60 -27.37 -34.83
C SER J 20 19.56 -26.57 -35.46
N SER J 21 19.84 -26.08 -36.64
CA SER J 21 18.82 -25.34 -37.38
C SER J 21 17.85 -26.42 -37.94
N ARG J 22 16.79 -26.04 -38.68
CA ARG J 22 15.80 -27.02 -38.98
C ARG J 22 16.53 -27.97 -39.91
N LEU J 23 16.25 -29.24 -39.73
CA LEU J 23 17.00 -30.26 -40.52
C LEU J 23 15.95 -30.88 -41.47
N LEU J 24 16.18 -30.83 -42.79
CA LEU J 24 15.18 -31.43 -43.69
C LEU J 24 15.88 -32.48 -44.55
N ALA J 25 15.08 -33.31 -45.29
CA ALA J 25 15.51 -34.48 -46.06
C ALA J 25 14.33 -34.87 -46.84
N VAL J 26 14.51 -35.04 -48.12
CA VAL J 26 13.33 -35.41 -48.94
C VAL J 26 13.84 -36.44 -49.90
N GLY J 27 13.09 -37.50 -50.24
CA GLY J 27 13.65 -38.38 -51.29
C GLY J 27 12.55 -39.38 -51.58
N HIS J 28 12.92 -40.50 -52.10
CA HIS J 28 11.96 -41.48 -52.42
C HIS J 28 11.97 -42.47 -51.22
N PRO J 29 10.79 -43.06 -51.02
CA PRO J 29 10.59 -43.82 -49.89
C PRO J 29 11.00 -45.33 -49.92
N TYR J 30 11.35 -45.83 -51.09
CA TYR J 30 11.58 -47.23 -51.25
C TYR J 30 12.94 -47.50 -51.71
N TYR J 31 13.45 -46.66 -52.61
CA TYR J 31 14.80 -46.84 -53.21
C TYR J 31 15.32 -45.56 -53.70
N ALA J 32 16.69 -45.40 -53.74
CA ALA J 32 17.44 -44.16 -54.20
C ALA J 32 17.24 -44.02 -55.70
N ILE J 33 17.03 -42.79 -56.19
CA ILE J 33 16.98 -42.51 -57.62
C ILE J 33 18.26 -41.81 -57.96
N LYS J 34 19.10 -42.47 -58.74
CA LYS J 34 20.39 -41.98 -59.15
C LYS J 34 20.23 -41.59 -60.61
N LYS J 35 21.10 -40.65 -61.03
CA LYS J 35 21.17 -40.36 -62.48
C LYS J 35 20.96 -41.64 -63.32
N GLN J 36 20.31 -41.48 -64.46
CA GLN J 36 20.02 -42.58 -65.42
C GLN J 36 21.23 -43.47 -65.91
N ASP J 37 22.42 -42.82 -65.97
CA ASP J 37 23.69 -43.44 -66.44
C ASP J 37 24.77 -43.56 -65.32
N SER J 38 25.04 -42.43 -64.64
CA SER J 38 26.02 -42.36 -63.55
C SER J 38 25.48 -43.19 -62.44
N ASN J 39 26.28 -43.43 -61.43
CA ASN J 39 25.79 -44.24 -60.34
C ASN J 39 25.82 -43.33 -59.11
N LYS J 40 25.87 -42.00 -59.36
CA LYS J 40 25.71 -40.95 -58.31
C LYS J 40 24.22 -40.63 -57.91
N ILE J 41 24.01 -40.55 -56.60
CA ILE J 41 22.67 -40.28 -56.07
C ILE J 41 22.08 -38.91 -56.55
N ALA J 42 20.99 -38.97 -57.29
CA ALA J 42 20.27 -37.79 -57.72
C ALA J 42 19.29 -37.38 -56.59
N VAL J 43 18.32 -38.21 -56.26
CA VAL J 43 17.48 -38.08 -55.07
C VAL J 43 17.75 -39.27 -54.09
N PRO J 44 17.93 -38.91 -52.83
CA PRO J 44 18.22 -39.88 -51.77
C PRO J 44 17.06 -40.74 -51.34
N LYS J 45 17.27 -41.58 -50.33
CA LYS J 45 16.17 -42.46 -49.89
C LYS J 45 15.72 -42.03 -48.52
N VAL J 46 14.57 -41.34 -48.51
CA VAL J 46 14.15 -40.78 -47.29
C VAL J 46 12.78 -41.36 -46.88
N SER J 47 12.85 -42.24 -45.83
CA SER J 47 11.70 -42.98 -45.35
C SER J 47 11.47 -42.85 -43.90
N GLY J 48 10.20 -43.03 -43.61
CA GLY J 48 9.98 -42.97 -42.24
C GLY J 48 10.50 -44.23 -41.45
N LEU J 49 10.61 -45.36 -42.17
CA LEU J 49 11.15 -46.55 -41.56
C LEU J 49 12.64 -46.46 -41.48
N GLN J 50 13.23 -45.30 -41.33
CA GLN J 50 14.73 -45.31 -41.28
C GLN J 50 15.31 -44.86 -39.95
N TYR J 51 16.64 -44.99 -39.78
CA TYR J 51 17.12 -44.67 -38.47
C TYR J 51 17.66 -43.21 -38.58
N ARG J 52 17.65 -42.45 -37.52
CA ARG J 52 18.46 -41.34 -37.66
C ARG J 52 19.60 -41.29 -36.73
N VAL J 53 20.76 -41.56 -37.25
CA VAL J 53 21.86 -41.37 -36.35
C VAL J 53 22.51 -39.99 -36.55
N PHE J 54 22.38 -39.10 -35.60
CA PHE J 54 22.93 -37.82 -35.62
C PHE J 54 24.18 -37.75 -34.82
N ARG J 55 25.27 -37.52 -35.47
CA ARG J 55 26.59 -37.26 -34.73
C ARG J 55 26.60 -35.71 -34.54
N VAL J 56 26.65 -35.30 -33.28
CA VAL J 56 26.45 -33.93 -32.98
C VAL J 56 27.71 -33.37 -32.49
N LYS J 57 28.40 -32.59 -33.38
CA LYS J 57 29.71 -32.02 -33.10
C LYS J 57 29.66 -30.89 -32.11
N LEU J 58 30.51 -30.87 -31.12
CA LEU J 58 30.33 -29.83 -30.13
C LEU J 58 31.68 -29.16 -30.00
N PRO J 59 31.66 -27.86 -29.82
CA PRO J 59 32.92 -27.05 -29.80
C PRO J 59 33.79 -27.50 -28.59
N ASP J 60 35.10 -27.59 -28.76
CA ASP J 60 35.93 -27.96 -27.66
C ASP J 60 35.95 -26.92 -26.56
N PRO J 61 35.40 -27.20 -25.41
CA PRO J 61 35.54 -26.21 -24.33
C PRO J 61 36.92 -25.78 -23.92
N ASN J 62 37.88 -26.19 -24.64
CA ASN J 62 39.15 -25.99 -24.12
C ASN J 62 39.69 -24.94 -24.98
N LYS J 63 39.20 -24.73 -26.21
CA LYS J 63 39.70 -23.60 -27.06
C LYS J 63 38.95 -22.42 -26.58
N PHE J 64 37.62 -22.63 -26.59
CA PHE J 64 36.74 -21.76 -25.79
C PHE J 64 37.60 -21.10 -24.54
N GLY J 65 37.22 -19.85 -24.25
CA GLY J 65 37.76 -19.23 -23.03
C GLY J 65 36.53 -18.93 -22.16
N PHE J 66 36.67 -19.17 -20.82
CA PHE J 66 35.55 -18.88 -19.87
C PHE J 66 35.84 -17.86 -18.82
N PRO J 67 34.79 -17.02 -18.45
CA PRO J 67 34.98 -16.06 -17.33
C PRO J 67 34.90 -16.81 -15.93
N ASP J 68 33.97 -17.79 -15.75
CA ASP J 68 33.84 -18.40 -14.45
C ASP J 68 34.92 -19.50 -14.25
N THR J 69 35.78 -19.55 -15.32
CA THR J 69 37.04 -20.36 -15.32
C THR J 69 38.39 -19.62 -14.69
N SER J 70 38.20 -18.77 -13.63
CA SER J 70 39.34 -18.20 -12.98
C SER J 70 39.93 -19.10 -11.86
N PHE J 71 39.10 -19.99 -11.25
CA PHE J 71 39.53 -21.00 -10.20
C PHE J 71 39.86 -22.48 -10.74
N TYR J 72 40.45 -22.52 -11.96
CA TYR J 72 40.67 -23.64 -12.82
C TYR J 72 41.99 -23.44 -13.49
N ASP J 73 42.66 -24.55 -13.76
CA ASP J 73 44.09 -24.52 -14.09
C ASP J 73 44.24 -25.28 -15.36
N PRO J 74 44.33 -24.49 -16.45
CA PRO J 74 44.36 -25.08 -17.77
C PRO J 74 45.52 -25.97 -17.84
N ALA J 75 46.52 -25.67 -17.04
CA ALA J 75 47.65 -26.67 -16.98
C ALA J 75 47.46 -28.18 -16.66
N SER J 76 46.63 -28.38 -15.64
CA SER J 76 46.36 -29.68 -15.09
C SER J 76 44.96 -30.17 -15.26
N GLN J 77 44.02 -29.23 -15.51
CA GLN J 77 42.57 -29.58 -15.67
C GLN J 77 42.15 -29.68 -17.08
N ARG J 78 40.98 -30.21 -17.31
CA ARG J 78 40.43 -30.16 -18.64
C ARG J 78 38.89 -30.03 -18.62
N LEU J 79 38.24 -29.93 -19.78
CA LEU J 79 36.83 -29.53 -19.97
C LEU J 79 36.01 -30.54 -20.77
N VAL J 80 34.87 -30.94 -20.24
CA VAL J 80 34.03 -31.76 -21.14
C VAL J 80 32.68 -31.16 -21.11
N TRP J 81 31.87 -31.39 -22.10
CA TRP J 81 30.52 -30.94 -21.92
C TRP J 81 29.79 -32.20 -21.42
N ALA J 82 28.87 -31.94 -20.52
CA ALA J 82 28.06 -33.00 -19.87
C ALA J 82 26.62 -32.78 -20.20
N CYS J 83 26.11 -33.58 -21.11
CA CYS J 83 24.77 -33.31 -21.51
C CYS J 83 23.60 -33.11 -20.42
N THR J 84 22.74 -32.06 -20.47
CA THR J 84 21.64 -31.90 -19.41
C THR J 84 20.20 -32.10 -19.84
N GLY J 85 19.83 -31.37 -20.91
CA GLY J 85 18.50 -31.59 -21.48
C GLY J 85 18.47 -31.88 -22.97
N VAL J 86 17.40 -32.51 -23.48
CA VAL J 86 17.55 -32.86 -24.87
C VAL J 86 16.19 -32.71 -25.48
N GLU J 87 16.08 -32.06 -26.67
CA GLU J 87 14.73 -31.82 -27.23
C GLU J 87 14.80 -32.26 -28.63
N VAL J 88 14.00 -33.18 -29.08
CA VAL J 88 14.18 -33.60 -30.41
C VAL J 88 12.90 -33.14 -31.13
N GLY J 89 12.66 -31.82 -31.54
CA GLY J 89 11.43 -31.31 -32.14
C GLY J 89 11.14 -32.05 -33.42
N ARG J 90 9.89 -32.33 -33.72
CA ARG J 90 9.63 -33.05 -34.96
C ARG J 90 8.57 -32.26 -35.66
N GLY J 91 8.71 -32.08 -36.99
CA GLY J 91 7.74 -31.30 -37.79
C GLY J 91 7.12 -32.29 -38.81
N GLN J 92 6.13 -31.83 -39.53
CA GLN J 92 5.32 -32.47 -40.54
C GLN J 92 4.23 -32.99 -39.86
N PRO J 93 3.10 -33.24 -40.58
CA PRO J 93 1.90 -33.88 -39.91
C PRO J 93 2.00 -35.45 -39.68
N LEU J 94 1.28 -35.88 -38.64
CA LEU J 94 1.36 -37.29 -38.31
C LEU J 94 0.68 -37.88 -39.50
N GLY J 95 0.89 -39.17 -39.76
CA GLY J 95 0.36 -39.73 -41.00
C GLY J 95 1.18 -41.00 -41.10
N VAL J 96 0.84 -41.87 -42.08
CA VAL J 96 1.53 -43.08 -42.14
C VAL J 96 1.81 -43.53 -43.53
N GLY J 97 2.91 -44.25 -43.68
CA GLY J 97 3.26 -44.75 -44.99
C GLY J 97 2.64 -46.05 -45.44
N ILE J 98 3.13 -46.69 -46.51
CA ILE J 98 2.63 -47.89 -47.03
C ILE J 98 3.73 -48.39 -48.07
N SER J 99 4.33 -49.64 -47.78
CA SER J 99 5.39 -50.31 -48.62
C SER J 99 4.72 -51.53 -49.25
N GLY J 100 5.19 -51.83 -50.44
CA GLY J 100 4.52 -52.78 -51.31
C GLY J 100 5.67 -53.40 -52.14
N HIS J 101 5.33 -54.32 -53.04
CA HIS J 101 6.26 -54.98 -53.97
C HIS J 101 5.44 -55.57 -55.12
N PRO J 102 5.64 -55.03 -56.35
CA PRO J 102 4.93 -55.38 -57.61
C PRO J 102 4.91 -56.88 -57.75
N LEU J 103 6.06 -57.52 -57.44
CA LEU J 103 6.12 -58.96 -57.51
C LEU J 103 6.18 -59.67 -56.15
N LEU J 104 5.38 -59.22 -55.18
CA LEU J 104 5.33 -59.94 -53.86
C LEU J 104 5.12 -61.39 -53.93
N ASN J 105 5.84 -62.17 -53.15
CA ASN J 105 5.57 -63.57 -53.04
C ASN J 105 4.38 -63.89 -52.13
N LYS J 106 3.18 -64.10 -52.72
CA LYS J 106 1.99 -64.32 -51.90
C LYS J 106 1.15 -65.29 -52.68
N LEU J 107 1.10 -66.52 -52.12
CA LEU J 107 0.35 -67.60 -52.74
C LEU J 107 -1.13 -67.35 -52.64
N ASP J 108 -1.68 -67.69 -51.48
CA ASP J 108 -3.04 -67.42 -51.25
C ASP J 108 -3.36 -66.93 -49.87
N ASP J 109 -4.60 -66.47 -49.69
CA ASP J 109 -4.99 -65.78 -48.42
C ASP J 109 -5.57 -66.89 -47.54
N THR J 110 -4.72 -67.45 -46.68
CA THR J 110 -5.13 -68.57 -45.85
C THR J 110 -5.84 -68.24 -44.53
N GLU J 111 -6.47 -67.06 -44.43
CA GLU J 111 -7.14 -66.64 -43.22
C GLU J 111 -8.53 -67.26 -43.25
N ASN J 112 -9.15 -67.31 -44.42
CA ASN J 112 -10.49 -67.88 -44.52
C ASN J 112 -10.69 -68.34 -46.01
N SER J 113 -9.77 -69.22 -46.49
CA SER J 113 -9.64 -69.72 -47.92
C SER J 113 -10.98 -70.10 -48.44
N ASN J 114 -11.13 -69.97 -49.72
CA ASN J 114 -12.42 -70.29 -50.30
C ASN J 114 -12.60 -71.84 -50.27
N LYS J 115 -11.53 -72.55 -50.76
CA LYS J 115 -11.45 -74.02 -50.98
C LYS J 115 -9.98 -74.43 -51.07
N TYR J 116 -9.73 -75.35 -52.01
CA TYR J 116 -8.41 -75.99 -52.29
C TYR J 116 -8.31 -76.17 -53.85
N VAL J 117 -7.50 -75.36 -54.55
CA VAL J 117 -7.31 -75.45 -55.98
C VAL J 117 -6.01 -76.17 -56.17
N GLY J 118 -6.04 -77.19 -57.05
CA GLY J 118 -4.82 -77.96 -57.28
C GLY J 118 -3.48 -77.15 -57.40
N ASN J 119 -2.36 -77.92 -57.43
CA ASN J 119 -0.92 -77.48 -57.58
C ASN J 119 -0.75 -76.30 -58.57
N SER J 120 -0.45 -75.13 -58.04
CA SER J 120 -0.41 -73.92 -58.85
C SER J 120 0.69 -74.13 -59.88
N GLY J 121 0.98 -73.04 -60.67
CA GLY J 121 2.06 -73.01 -61.68
C GLY J 121 3.31 -72.28 -61.23
N THR J 122 3.94 -71.61 -62.15
CA THR J 122 5.14 -70.89 -61.87
C THR J 122 4.83 -69.41 -61.76
N ASP J 123 5.46 -68.67 -60.80
CA ASP J 123 5.31 -67.16 -60.66
C ASP J 123 3.87 -66.89 -60.42
N ASN J 124 3.48 -66.94 -59.19
CA ASN J 124 2.12 -66.65 -58.82
C ASN J 124 2.26 -65.38 -57.97
N ARG J 125 3.32 -64.63 -58.21
CA ARG J 125 3.59 -63.38 -57.50
C ARG J 125 2.56 -62.30 -57.84
N GLU J 126 2.23 -61.45 -56.84
CA GLU J 126 1.25 -60.42 -57.08
C GLU J 126 1.54 -59.12 -56.27
N CYS J 127 1.24 -57.91 -56.88
CA CYS J 127 1.49 -56.69 -56.28
C CYS J 127 0.68 -56.57 -54.98
N ILE J 128 1.39 -56.38 -53.91
CA ILE J 128 0.67 -56.11 -52.63
C ILE J 128 1.41 -55.02 -51.84
N SER J 129 0.67 -54.18 -51.09
CA SER J 129 1.32 -52.98 -50.43
C SER J 129 0.94 -53.25 -48.90
N MET J 130 1.59 -52.60 -47.92
CA MET J 130 1.16 -52.76 -46.53
C MET J 130 1.63 -51.60 -45.63
N ASP J 131 0.92 -51.23 -44.49
CA ASP J 131 1.56 -50.34 -43.54
C ASP J 131 2.40 -51.11 -42.47
N TYR J 132 3.61 -50.61 -42.15
CA TYR J 132 4.51 -51.40 -41.27
C TYR J 132 4.23 -51.10 -39.78
N LYS J 133 5.05 -51.74 -38.97
CA LYS J 133 4.78 -51.87 -37.60
C LYS J 133 5.21 -50.55 -37.06
N GLN J 134 4.38 -49.87 -36.30
CA GLN J 134 4.65 -48.48 -35.76
C GLN J 134 5.74 -48.41 -34.65
N THR J 135 6.92 -47.80 -34.91
CA THR J 135 7.91 -47.67 -33.87
C THR J 135 8.28 -46.15 -33.71
N GLN J 136 8.49 -45.79 -32.43
CA GLN J 136 9.03 -44.53 -32.02
C GLN J 136 10.29 -44.61 -31.01
N LEU J 137 11.53 -44.30 -31.43
CA LEU J 137 12.60 -44.51 -30.47
C LEU J 137 13.48 -43.31 -30.49
N CYS J 138 14.48 -43.22 -29.59
CA CYS J 138 15.31 -42.11 -29.40
C CYS J 138 16.35 -42.52 -28.36
N LEU J 139 17.56 -42.82 -28.84
CA LEU J 139 18.59 -43.28 -27.89
C LEU J 139 19.63 -42.18 -27.83
N ILE J 140 20.12 -41.83 -26.63
CA ILE J 140 21.14 -40.78 -26.50
C ILE J 140 22.39 -41.34 -25.86
N GLY J 141 23.46 -41.52 -26.64
CA GLY J 141 24.81 -41.71 -26.19
C GLY J 141 25.98 -40.87 -26.61
N CYS J 142 27.17 -41.12 -26.04
CA CYS J 142 28.28 -40.36 -26.50
C CYS J 142 29.09 -41.19 -27.41
N ARG J 143 28.45 -42.28 -27.79
CA ARG J 143 28.98 -43.23 -28.79
C ARG J 143 27.83 -43.80 -29.64
N PRO J 144 28.13 -44.19 -30.85
CA PRO J 144 26.99 -44.62 -31.66
C PRO J 144 26.49 -45.91 -31.11
N PRO J 145 25.19 -46.06 -30.94
CA PRO J 145 24.67 -47.33 -30.44
C PRO J 145 24.86 -48.45 -31.41
N ILE J 146 24.57 -49.67 -30.91
CA ILE J 146 24.66 -51.00 -31.71
C ILE J 146 23.34 -51.62 -31.99
N GLY J 147 23.21 -52.28 -33.09
CA GLY J 147 21.95 -52.93 -33.22
C GLY J 147 22.14 -54.38 -33.52
N GLU J 148 21.07 -55.17 -33.62
CA GLU J 148 21.25 -56.61 -33.79
C GLU J 148 20.28 -57.11 -34.85
N HIS J 149 20.79 -58.04 -35.66
CA HIS J 149 19.94 -58.68 -36.67
C HIS J 149 20.47 -60.11 -37.01
N TRP J 150 19.51 -60.90 -37.46
CA TRP J 150 19.74 -62.20 -37.89
C TRP J 150 20.37 -62.26 -39.22
N GLY J 151 21.68 -62.49 -39.33
CA GLY J 151 22.19 -62.75 -40.69
C GLY J 151 22.58 -64.16 -40.93
N LYS J 152 23.37 -64.44 -41.97
CA LYS J 152 23.72 -65.74 -42.42
C LYS J 152 25.06 -66.09 -41.76
N GLY J 153 25.16 -67.31 -41.17
CA GLY J 153 26.31 -67.68 -40.41
C GLY J 153 26.97 -68.65 -41.29
N THR J 154 28.23 -68.85 -40.93
CA THR J 154 29.17 -69.98 -41.39
C THR J 154 29.08 -71.39 -40.73
N PRO J 155 28.84 -72.42 -41.54
CA PRO J 155 28.74 -73.77 -41.00
C PRO J 155 30.01 -74.37 -40.35
N SER J 156 29.78 -75.41 -39.53
CA SER J 156 30.81 -76.06 -38.79
C SER J 156 31.42 -77.17 -39.60
N ASN J 157 32.58 -77.61 -39.14
CA ASN J 157 33.37 -78.68 -39.76
C ASN J 157 32.48 -79.97 -39.96
N ALA J 158 31.77 -80.00 -41.11
CA ALA J 158 31.02 -81.19 -41.52
C ALA J 158 30.74 -81.29 -43.06
N ASN J 159 29.43 -81.13 -43.40
CA ASN J 159 28.91 -81.17 -44.78
C ASN J 159 28.72 -79.80 -45.45
N GLN J 160 29.10 -79.78 -46.75
CA GLN J 160 28.86 -78.56 -47.52
C GLN J 160 27.34 -78.27 -47.60
N VAL J 161 27.02 -77.01 -47.25
CA VAL J 161 25.64 -76.50 -47.34
C VAL J 161 25.38 -76.03 -48.81
N LYS J 162 25.16 -77.06 -49.66
CA LYS J 162 24.74 -76.93 -51.06
C LYS J 162 23.57 -75.90 -51.27
N ALA J 163 23.48 -75.34 -52.46
CA ALA J 163 22.39 -74.51 -52.78
C ALA J 163 21.08 -75.14 -52.49
N GLY J 164 20.19 -74.34 -51.92
CA GLY J 164 18.89 -74.89 -51.62
C GLY J 164 18.59 -75.05 -50.14
N GLU J 165 19.58 -75.53 -49.42
CA GLU J 165 19.52 -75.67 -47.98
C GLU J 165 19.31 -74.33 -47.22
N CYS J 166 18.81 -74.44 -45.98
CA CYS J 166 18.59 -73.34 -45.07
C CYS J 166 19.84 -73.07 -44.34
N PRO J 167 20.49 -71.92 -44.61
CA PRO J 167 21.77 -71.53 -43.94
C PRO J 167 21.59 -71.33 -42.40
N PRO J 168 22.58 -71.75 -41.54
CA PRO J 168 22.35 -71.49 -40.11
C PRO J 168 22.41 -69.94 -39.83
N LEU J 169 21.48 -69.51 -39.01
CA LEU J 169 21.47 -68.18 -38.67
C LEU J 169 22.50 -67.76 -37.65
N GLU J 170 22.86 -66.50 -37.63
CA GLU J 170 23.68 -65.92 -36.55
C GLU J 170 23.25 -64.45 -36.18
N LEU J 171 22.99 -64.20 -34.92
CA LEU J 171 22.71 -62.90 -34.48
C LEU J 171 23.98 -62.15 -34.50
N LEU J 172 24.01 -61.16 -35.41
CA LEU J 172 25.11 -60.21 -35.62
C LEU J 172 24.93 -58.83 -34.98
N ASN J 173 26.06 -58.29 -34.48
CA ASN J 173 26.07 -56.94 -33.94
C ASN J 173 26.59 -56.02 -34.99
N THR J 174 26.01 -54.87 -35.10
CA THR J 174 26.46 -53.88 -36.08
C THR J 174 26.13 -52.51 -35.51
N VAL J 175 26.83 -51.53 -35.96
CA VAL J 175 26.67 -50.14 -35.49
C VAL J 175 25.59 -49.52 -36.33
N LEU J 176 24.69 -48.83 -35.64
CA LEU J 176 23.49 -48.29 -36.26
C LEU J 176 23.90 -46.98 -36.99
N GLN J 177 23.50 -46.81 -38.22
CA GLN J 177 24.03 -45.68 -38.94
C GLN J 177 22.86 -44.94 -39.61
N ASP J 178 22.98 -43.66 -39.89
CA ASP J 178 21.83 -42.94 -40.49
C ASP J 178 21.46 -43.68 -41.77
N GLY J 179 20.21 -43.96 -42.00
CA GLY J 179 19.76 -44.61 -43.26
C GLY J 179 19.29 -46.06 -43.04
N ASP J 180 19.60 -46.65 -41.86
CA ASP J 180 19.22 -47.99 -41.63
C ASP J 180 17.71 -48.17 -41.52
N MET J 181 17.24 -49.37 -41.81
CA MET J 181 15.87 -49.82 -41.63
C MET J 181 15.62 -50.41 -40.23
N VAL J 182 14.54 -49.99 -39.56
CA VAL J 182 13.99 -50.61 -38.40
C VAL J 182 13.21 -51.77 -38.86
N ASP J 183 13.05 -52.79 -37.95
CA ASP J 183 12.27 -54.01 -38.19
C ASP J 183 10.82 -53.45 -38.50
N THR J 184 10.09 -54.18 -39.40
CA THR J 184 8.86 -53.62 -39.94
C THR J 184 7.82 -54.61 -39.72
N GLY J 185 8.25 -55.74 -39.11
CA GLY J 185 7.22 -56.82 -38.76
C GLY J 185 7.54 -58.12 -39.34
N PHE J 186 8.67 -58.13 -40.06
CA PHE J 186 9.22 -59.29 -40.70
C PHE J 186 10.54 -59.46 -39.93
N GLY J 187 10.61 -58.83 -38.73
CA GLY J 187 11.75 -59.02 -37.81
C GLY J 187 13.14 -58.43 -38.15
N ALA J 188 14.14 -58.51 -37.29
CA ALA J 188 15.38 -57.91 -37.66
C ALA J 188 16.37 -58.75 -38.36
N MET J 189 16.29 -58.76 -39.67
CA MET J 189 17.17 -59.61 -40.37
C MET J 189 17.97 -59.01 -41.62
N ASP J 190 18.62 -59.83 -42.44
CA ASP J 190 19.29 -59.53 -43.59
C ASP J 190 18.59 -60.24 -44.70
N PHE J 191 17.73 -59.42 -45.43
CA PHE J 191 16.85 -59.83 -46.58
C PHE J 191 17.57 -60.19 -47.83
N THR J 192 18.75 -59.56 -48.03
CA THR J 192 19.57 -59.76 -49.24
C THR J 192 20.22 -61.14 -49.23
N THR J 193 20.91 -61.47 -48.15
CA THR J 193 21.49 -62.83 -47.98
C THR J 193 20.56 -63.93 -47.59
N LEU J 194 19.51 -63.62 -46.82
CA LEU J 194 18.63 -64.72 -46.32
C LEU J 194 17.45 -65.05 -47.21
N GLN J 195 17.03 -64.09 -48.01
CA GLN J 195 15.91 -64.41 -48.94
C GLN J 195 16.30 -64.31 -50.36
N ALA J 196 16.51 -65.43 -51.03
CA ALA J 196 17.07 -65.42 -52.36
C ALA J 196 16.12 -64.58 -53.37
N ASN J 197 14.88 -65.04 -53.56
CA ASN J 197 13.92 -64.56 -54.52
C ASN J 197 13.79 -63.06 -54.44
N LYS J 198 14.22 -62.50 -53.32
CA LYS J 198 14.11 -60.96 -53.14
C LYS J 198 12.65 -60.59 -53.63
N SER J 199 11.58 -61.28 -53.21
CA SER J 199 10.27 -60.90 -53.64
C SER J 199 9.31 -61.08 -52.54
N ASP J 200 9.76 -61.24 -51.27
CA ASP J 200 8.64 -61.51 -50.28
C ASP J 200 8.57 -60.53 -49.17
N VAL J 201 8.85 -59.31 -49.53
CA VAL J 201 8.92 -58.14 -48.67
C VAL J 201 8.91 -56.96 -49.55
N PRO J 202 8.26 -55.95 -49.14
CA PRO J 202 8.30 -54.76 -49.97
C PRO J 202 9.77 -54.35 -50.39
N LEU J 203 9.92 -53.49 -51.39
CA LEU J 203 11.24 -53.05 -51.86
C LEU J 203 12.12 -52.30 -50.90
N ASP J 204 11.49 -51.61 -49.96
CA ASP J 204 12.28 -50.79 -49.03
C ASP J 204 13.13 -51.57 -48.16
N ILE J 205 12.90 -52.86 -47.93
CA ILE J 205 13.72 -53.70 -46.92
C ILE J 205 14.16 -54.89 -47.65
N CYS J 206 13.48 -55.26 -48.73
CA CYS J 206 13.76 -56.42 -49.52
C CYS J 206 15.22 -56.63 -49.84
N SER J 207 16.02 -55.57 -49.86
CA SER J 207 17.45 -55.77 -50.25
C SER J 207 18.38 -55.10 -49.27
N SER J 208 17.85 -55.04 -48.05
CA SER J 208 18.55 -54.42 -46.92
C SER J 208 18.56 -55.27 -45.65
N ILE J 209 18.97 -54.61 -44.57
CA ILE J 209 18.95 -55.19 -43.29
C ILE J 209 17.96 -54.36 -42.36
N CYS J 210 17.13 -55.04 -41.54
CA CYS J 210 16.26 -54.28 -40.66
C CYS J 210 16.95 -54.50 -39.39
N LYS J 211 17.42 -53.51 -38.68
CA LYS J 211 18.18 -53.70 -37.50
C LYS J 211 17.35 -53.43 -36.28
N TYR J 212 17.64 -54.07 -35.13
CA TYR J 212 16.97 -53.76 -33.88
C TYR J 212 17.94 -53.34 -32.87
N PRO J 213 17.72 -52.25 -32.13
CA PRO J 213 18.76 -51.89 -31.15
C PRO J 213 19.00 -53.00 -30.15
N ASP J 214 20.29 -53.29 -29.90
CA ASP J 214 20.66 -54.31 -28.93
C ASP J 214 20.60 -53.62 -27.55
N TYR J 215 19.38 -53.35 -27.12
CA TYR J 215 19.21 -52.75 -25.86
C TYR J 215 19.88 -53.53 -24.73
N LEU J 216 19.70 -54.88 -24.66
CA LEU J 216 20.37 -55.81 -23.67
C LEU J 216 21.88 -55.62 -23.68
N LYS J 217 22.52 -55.46 -24.87
CA LYS J 217 23.98 -55.18 -24.90
C LYS J 217 24.36 -53.78 -24.41
N MET J 218 23.70 -52.80 -24.95
CA MET J 218 24.20 -51.49 -24.69
C MET J 218 24.09 -51.18 -23.23
N VAL J 219 23.08 -51.82 -22.63
CA VAL J 219 22.67 -51.53 -21.25
C VAL J 219 23.73 -52.20 -20.39
N SER J 220 24.14 -53.37 -20.87
CA SER J 220 25.17 -54.11 -20.23
C SER J 220 26.62 -53.73 -20.37
N GLU J 221 26.94 -52.61 -21.04
CA GLU J 221 28.34 -52.40 -21.25
C GLU J 221 28.71 -51.63 -20.01
N PRO J 222 29.89 -51.89 -19.53
CA PRO J 222 30.39 -51.49 -18.25
C PRO J 222 30.51 -50.03 -18.12
N TYR J 223 30.93 -49.28 -19.16
CA TYR J 223 31.18 -47.76 -19.12
C TYR J 223 29.87 -47.04 -19.31
N GLY J 224 29.21 -47.56 -20.37
CA GLY J 224 27.88 -47.28 -20.76
C GLY J 224 27.81 -45.88 -21.29
N ASP J 225 28.46 -45.72 -22.44
CA ASP J 225 28.68 -44.53 -23.21
C ASP J 225 27.78 -44.68 -24.38
N MET J 226 27.70 -45.87 -24.89
CA MET J 226 26.75 -46.20 -25.92
C MET J 226 25.42 -45.58 -25.68
N LEU J 227 24.81 -45.73 -24.54
CA LEU J 227 23.55 -45.02 -24.35
C LEU J 227 23.26 -44.58 -22.93
N PHE J 228 22.61 -43.40 -22.74
CA PHE J 228 22.47 -42.97 -21.35
C PHE J 228 21.10 -42.36 -21.18
N PHE J 229 20.23 -42.83 -22.11
CA PHE J 229 18.83 -42.36 -22.04
C PHE J 229 18.17 -43.05 -23.17
N TYR J 230 16.92 -43.53 -23.04
CA TYR J 230 16.24 -44.02 -24.27
C TYR J 230 14.81 -44.10 -24.05
N LEU J 231 14.04 -44.21 -25.15
CA LEU J 231 12.56 -44.34 -25.04
C LEU J 231 12.12 -45.12 -26.24
N ARG J 232 11.43 -46.27 -26.08
CA ARG J 232 11.03 -47.15 -27.26
C ARG J 232 9.51 -47.22 -27.22
N ARG J 233 8.83 -47.24 -28.36
CA ARG J 233 7.33 -47.29 -28.35
C ARG J 233 6.97 -47.93 -29.62
N GLU J 234 6.95 -49.23 -29.57
CA GLU J 234 6.72 -50.01 -30.82
C GLU J 234 5.37 -50.78 -30.70
N GLN J 235 4.68 -51.14 -31.79
CA GLN J 235 3.26 -51.59 -31.55
C GLN J 235 2.89 -52.12 -32.87
N MET J 236 2.10 -53.19 -32.95
CA MET J 236 1.67 -53.67 -34.28
C MET J 236 0.73 -54.90 -34.19
N PHE J 237 0.09 -55.34 -35.28
CA PHE J 237 -0.82 -56.41 -35.28
C PHE J 237 -0.98 -57.07 -36.69
N VAL J 238 -1.84 -58.09 -36.68
CA VAL J 238 -1.87 -58.94 -37.85
C VAL J 238 -2.91 -58.54 -38.87
N ARG J 239 -2.57 -57.64 -39.77
CA ARG J 239 -3.57 -57.14 -40.71
C ARG J 239 -4.01 -58.30 -41.51
N HIS J 240 -3.11 -59.12 -42.09
CA HIS J 240 -3.59 -60.38 -42.82
C HIS J 240 -2.76 -61.70 -42.56
N LEU J 241 -3.25 -62.81 -43.13
CA LEU J 241 -2.52 -64.03 -42.99
C LEU J 241 -2.30 -64.73 -44.33
N PHE J 242 -1.07 -64.84 -44.77
CA PHE J 242 -0.83 -65.33 -46.11
C PHE J 242 0.01 -66.56 -46.17
N ASN J 243 0.05 -67.15 -47.35
CA ASN J 243 0.87 -68.26 -47.72
C ASN J 243 1.99 -67.97 -48.69
N ARG J 244 3.25 -68.46 -48.52
CA ARG J 244 4.23 -68.18 -49.56
C ARG J 244 4.13 -69.14 -50.66
N ALA J 245 4.61 -68.80 -51.85
CA ALA J 245 4.78 -69.74 -52.94
C ALA J 245 6.24 -70.34 -53.00
N GLY J 246 6.44 -71.31 -53.92
CA GLY J 246 7.72 -72.10 -53.88
C GLY J 246 7.72 -73.38 -53.09
N THR J 247 8.52 -74.37 -53.47
CA THR J 247 8.72 -75.60 -52.65
C THR J 247 9.12 -75.40 -51.16
N VAL J 248 8.62 -76.27 -50.28
CA VAL J 248 8.87 -76.12 -48.88
C VAL J 248 10.07 -76.91 -48.37
N GLY J 249 11.11 -76.17 -47.94
CA GLY J 249 12.39 -76.77 -47.54
C GLY J 249 12.22 -77.92 -46.54
N GLU J 250 11.67 -77.59 -45.40
CA GLU J 250 11.51 -78.56 -44.37
C GLU J 250 10.08 -79.13 -44.55
N THR J 251 9.95 -80.25 -45.25
CA THR J 251 8.69 -80.92 -45.43
C THR J 251 8.07 -81.37 -44.09
N VAL J 252 6.72 -81.29 -44.03
CA VAL J 252 5.93 -81.71 -42.89
C VAL J 252 5.97 -83.27 -42.44
N PRO J 253 6.34 -83.59 -41.18
CA PRO J 253 6.37 -84.93 -40.64
C PRO J 253 4.99 -85.54 -40.75
N ALA J 254 5.00 -86.72 -41.44
CA ALA J 254 3.74 -87.35 -41.95
C ALA J 254 2.74 -87.83 -40.86
N ASP J 255 3.35 -87.88 -39.67
CA ASP J 255 2.75 -88.35 -38.44
C ASP J 255 2.08 -87.21 -37.69
N LEU J 256 1.90 -86.05 -38.42
CA LEU J 256 1.31 -84.86 -37.83
C LEU J 256 -0.04 -84.59 -38.38
N TYR J 257 -0.32 -85.27 -39.46
CA TYR J 257 -1.64 -85.15 -40.15
C TYR J 257 -1.98 -86.57 -40.70
N ILE J 258 -3.20 -86.75 -41.09
CA ILE J 258 -3.70 -87.89 -41.75
C ILE J 258 -3.78 -87.66 -43.29
N LYS J 259 -3.22 -88.65 -44.04
CA LYS J 259 -3.04 -88.59 -45.51
C LYS J 259 -4.31 -88.34 -46.15
N GLY J 260 -4.43 -87.12 -46.61
CA GLY J 260 -5.66 -86.68 -47.25
C GLY J 260 -5.43 -87.01 -48.71
N THR J 261 -6.40 -87.79 -49.23
CA THR J 261 -6.40 -88.22 -50.64
C THR J 261 -6.35 -86.90 -51.53
N THR J 262 -5.79 -86.94 -52.77
CA THR J 262 -5.84 -85.65 -53.54
C THR J 262 -5.02 -84.44 -52.92
N GLY J 263 -3.70 -84.44 -53.19
CA GLY J 263 -2.89 -83.25 -52.86
C GLY J 263 -1.45 -83.56 -52.60
N THR J 264 -0.65 -82.55 -53.02
CA THR J 264 0.77 -82.53 -52.69
C THR J 264 0.96 -81.64 -51.43
N LEU J 265 -0.12 -81.51 -50.65
CA LEU J 265 0.00 -80.88 -49.32
C LEU J 265 0.31 -79.49 -49.46
N PRO J 266 -0.69 -78.59 -49.44
CA PRO J 266 -0.65 -77.12 -49.68
C PRO J 266 0.42 -76.46 -48.89
N SER J 267 0.60 -75.14 -49.08
CA SER J 267 1.80 -74.53 -48.47
C SER J 267 1.71 -74.38 -46.94
N THR J 268 2.82 -74.39 -46.18
CA THR J 268 2.67 -74.38 -44.70
C THR J 268 3.68 -73.30 -44.34
N SER J 269 4.24 -72.64 -45.38
CA SER J 269 5.07 -71.34 -45.24
C SER J 269 4.14 -70.11 -45.25
N TYR J 270 3.75 -69.75 -44.04
CA TYR J 270 2.90 -68.71 -43.73
C TYR J 270 3.71 -67.59 -43.17
N PHE J 271 3.18 -66.47 -43.62
CA PHE J 271 3.61 -65.14 -43.20
C PHE J 271 2.46 -64.21 -43.08
N PRO J 272 2.52 -63.27 -42.13
CA PRO J 272 1.53 -62.25 -41.87
C PRO J 272 1.82 -60.85 -42.37
N THR J 273 0.78 -60.03 -42.44
CA THR J 273 1.02 -58.62 -42.81
C THR J 273 0.90 -57.74 -41.60
N PRO J 274 1.91 -57.01 -41.28
CA PRO J 274 1.70 -56.17 -40.08
C PRO J 274 0.82 -54.87 -40.30
N SER J 275 0.61 -54.11 -39.21
CA SER J 275 -0.28 -53.06 -39.22
C SER J 275 -0.03 -52.35 -37.92
N GLY J 276 0.54 -51.16 -38.06
CA GLY J 276 0.91 -50.38 -36.94
C GLY J 276 -0.26 -49.71 -36.33
N SER J 277 -1.45 -49.99 -36.85
CA SER J 277 -2.70 -49.50 -36.20
C SER J 277 -2.83 -47.96 -36.39
N MET J 278 -2.56 -47.18 -35.36
CA MET J 278 -2.90 -45.80 -35.41
C MET J 278 -1.88 -44.94 -34.77
N VAL J 279 -1.60 -43.85 -35.50
CA VAL J 279 -0.70 -42.74 -34.94
C VAL J 279 -1.60 -41.79 -34.11
N THR J 280 -1.17 -41.22 -32.96
CA THR J 280 -1.97 -40.37 -32.25
C THR J 280 -1.18 -39.43 -31.39
N SER J 281 -1.60 -38.16 -31.30
CA SER J 281 -0.81 -37.09 -30.75
C SER J 281 -0.50 -37.51 -29.35
N ASP J 282 -1.37 -38.30 -28.78
CA ASP J 282 -1.15 -38.79 -27.38
C ASP J 282 -0.08 -39.78 -27.23
N ALA J 283 0.17 -40.54 -28.26
CA ALA J 283 1.19 -41.53 -28.25
C ALA J 283 2.64 -40.93 -28.30
N GLN J 284 2.83 -39.85 -29.02
CA GLN J 284 4.11 -39.06 -29.18
C GLN J 284 5.10 -39.06 -28.10
N ILE J 285 6.31 -39.38 -28.50
CA ILE J 285 7.52 -39.43 -27.59
C ILE J 285 8.38 -38.21 -27.77
N PHE J 286 8.26 -37.73 -28.98
CA PHE J 286 8.89 -36.46 -29.45
C PHE J 286 8.41 -35.09 -29.10
N ASN J 287 9.12 -34.08 -29.45
CA ASN J 287 8.64 -32.73 -29.11
C ASN J 287 8.52 -32.36 -27.60
N LYS J 288 9.26 -33.11 -26.71
CA LYS J 288 9.31 -32.81 -25.29
C LYS J 288 10.73 -32.74 -24.76
N PRO J 289 10.92 -31.98 -23.71
CA PRO J 289 12.23 -31.94 -23.08
C PRO J 289 12.51 -33.07 -22.30
N TYR J 290 13.65 -33.64 -22.45
CA TYR J 290 14.13 -34.91 -21.58
C TYR J 290 15.27 -34.45 -20.73
N TRP J 291 15.16 -34.65 -19.44
CA TRP J 291 16.23 -34.16 -18.60
C TRP J 291 17.03 -35.36 -18.05
N LEU J 292 18.22 -35.66 -18.59
CA LEU J 292 18.89 -36.82 -18.17
C LEU J 292 19.71 -36.38 -17.01
N GLN J 293 19.02 -36.06 -15.89
CA GLN J 293 19.55 -35.84 -14.52
C GLN J 293 20.42 -36.98 -14.04
N ARG J 294 19.83 -38.15 -13.91
CA ARG J 294 20.71 -39.30 -13.61
C ARG J 294 20.85 -40.14 -14.86
N ALA J 295 21.97 -40.85 -15.00
CA ALA J 295 22.01 -41.63 -16.20
C ALA J 295 21.86 -43.06 -15.82
N GLN J 296 21.68 -43.81 -16.89
CA GLN J 296 21.42 -45.24 -16.67
C GLN J 296 22.64 -45.99 -16.19
N GLY J 297 23.73 -45.82 -16.88
CA GLY J 297 24.87 -46.58 -16.51
C GLY J 297 25.86 -45.68 -15.84
N HIS J 298 27.14 -45.86 -16.12
CA HIS J 298 28.08 -45.16 -15.31
C HIS J 298 28.43 -43.80 -15.80
N ASN J 299 28.37 -43.65 -17.12
CA ASN J 299 28.50 -42.32 -17.67
C ASN J 299 27.30 -41.36 -17.54
N ASN J 300 27.55 -40.15 -16.93
CA ASN J 300 26.46 -39.30 -16.63
C ASN J 300 26.23 -38.18 -17.66
N GLY J 301 25.93 -38.62 -18.87
CA GLY J 301 25.89 -37.80 -20.04
C GLY J 301 27.18 -36.94 -20.11
N ILE J 302 28.31 -37.58 -20.27
CA ILE J 302 29.47 -36.83 -20.39
C ILE J 302 29.76 -37.14 -21.83
N CYS J 303 29.95 -36.05 -22.62
CA CYS J 303 30.13 -36.10 -24.07
C CYS J 303 31.64 -36.10 -24.38
N TRP J 304 32.39 -37.16 -24.02
CA TRP J 304 33.83 -37.27 -24.29
C TRP J 304 34.02 -37.00 -25.74
N SER J 305 35.14 -36.38 -26.01
CA SER J 305 35.45 -36.04 -27.36
C SER J 305 34.43 -35.00 -27.96
N ASN J 306 33.75 -34.24 -27.09
CA ASN J 306 32.85 -33.28 -27.52
C ASN J 306 31.88 -33.90 -28.56
N GLN J 307 31.42 -35.10 -28.37
CA GLN J 307 30.49 -35.63 -29.37
C GLN J 307 29.24 -36.26 -28.70
N LEU J 308 28.22 -36.48 -29.52
CA LEU J 308 26.97 -36.94 -29.08
C LEU J 308 26.21 -37.59 -30.17
N PHE J 309 25.51 -38.67 -29.75
CA PHE J 309 24.74 -39.35 -30.79
C PHE J 309 23.28 -39.48 -30.43
N VAL J 310 22.40 -39.04 -31.36
CA VAL J 310 21.02 -38.96 -31.08
C VAL J 310 20.40 -39.88 -32.13
N THR J 311 20.07 -41.11 -31.74
CA THR J 311 19.43 -42.13 -32.66
C THR J 311 17.94 -41.87 -32.55
N VAL J 312 17.26 -41.70 -33.69
CA VAL J 312 15.81 -41.67 -33.71
C VAL J 312 15.13 -42.45 -34.79
N VAL J 313 13.97 -43.03 -34.44
CA VAL J 313 13.13 -43.73 -35.44
C VAL J 313 11.74 -43.20 -35.22
N ASP J 314 11.02 -42.94 -36.32
CA ASP J 314 9.66 -42.48 -36.06
C ASP J 314 8.70 -42.65 -37.22
N THR J 315 7.82 -43.61 -37.17
CA THR J 315 6.90 -43.90 -38.20
C THR J 315 5.63 -43.23 -38.03
N THR J 316 5.53 -42.32 -37.10
CA THR J 316 4.22 -41.63 -36.92
C THR J 316 3.84 -40.41 -37.96
N ARG J 317 4.86 -39.88 -38.61
CA ARG J 317 4.78 -38.88 -39.56
C ARG J 317 5.21 -39.50 -40.87
N SER J 318 5.11 -40.77 -40.98
CA SER J 318 5.57 -41.48 -42.20
C SER J 318 4.78 -41.34 -43.56
N THR J 319 4.17 -40.15 -43.91
CA THR J 319 3.26 -40.05 -45.10
C THR J 319 4.10 -39.89 -46.32
N ASN J 320 3.80 -40.66 -47.38
CA ASN J 320 4.50 -40.46 -48.66
C ASN J 320 3.71 -39.67 -49.66
N MET J 321 4.08 -38.37 -49.95
CA MET J 321 3.06 -37.59 -50.75
C MET J 321 3.39 -37.86 -52.21
N SER J 322 2.41 -38.17 -53.06
CA SER J 322 2.66 -38.38 -54.52
C SER J 322 2.56 -37.12 -55.40
N VAL J 323 3.42 -37.01 -56.41
CA VAL J 323 3.30 -35.85 -57.24
C VAL J 323 3.12 -36.36 -58.61
N CYS J 324 2.04 -35.86 -59.14
CA CYS J 324 1.67 -36.17 -60.57
C CYS J 324 2.03 -34.98 -61.51
N SER J 325 2.69 -35.25 -62.63
CA SER J 325 3.17 -34.23 -63.52
C SER J 325 2.68 -34.66 -64.90
N ALA J 326 2.31 -33.73 -65.76
CA ALA J 326 1.71 -34.08 -67.04
C ALA J 326 2.79 -34.12 -68.06
N VAL J 327 2.53 -34.71 -69.23
CA VAL J 327 3.55 -34.70 -70.33
C VAL J 327 3.30 -33.53 -71.28
N SER J 328 2.04 -33.20 -71.38
CA SER J 328 1.58 -32.01 -72.08
C SER J 328 0.14 -31.65 -71.59
N SER J 329 -0.06 -30.43 -71.07
CA SER J 329 -1.39 -29.98 -70.59
C SER J 329 -2.29 -29.51 -71.72
N SER J 330 -1.81 -29.81 -72.95
CA SER J 330 -2.60 -29.60 -74.22
C SER J 330 -3.89 -30.48 -74.42
N ASP J 331 -4.08 -31.53 -73.55
CA ASP J 331 -5.13 -32.50 -73.77
C ASP J 331 -6.26 -32.11 -72.89
N SER J 332 -7.43 -32.61 -73.29
CA SER J 332 -8.72 -32.11 -72.78
C SER J 332 -9.50 -33.33 -72.30
N THR J 333 -8.88 -34.51 -72.53
CA THR J 333 -9.31 -35.87 -72.05
C THR J 333 -8.23 -36.55 -71.29
N TYR J 334 -8.67 -37.17 -70.18
CA TYR J 334 -7.78 -37.93 -69.27
C TYR J 334 -7.22 -39.20 -69.85
N LYS J 335 -5.90 -39.26 -69.99
CA LYS J 335 -5.19 -40.43 -70.51
C LYS J 335 -3.98 -40.65 -69.61
N ASN J 336 -3.79 -41.92 -69.15
CA ASN J 336 -2.72 -42.36 -68.26
C ASN J 336 -1.34 -42.21 -68.77
N ASP J 337 -1.09 -42.72 -69.97
CA ASP J 337 0.12 -42.16 -70.61
C ASP J 337 0.50 -40.73 -70.50
N ASN J 338 -0.40 -39.72 -70.56
CA ASN J 338 -0.05 -38.30 -70.43
C ASN J 338 0.31 -37.77 -69.01
N PHE J 339 0.35 -38.62 -67.98
CA PHE J 339 0.83 -38.21 -66.63
C PHE J 339 1.85 -39.21 -66.03
N LYS J 340 2.66 -38.67 -65.13
CA LYS J 340 3.61 -39.47 -64.48
C LYS J 340 3.56 -39.30 -62.98
N GLU J 341 3.17 -40.38 -62.30
CA GLU J 341 3.16 -40.34 -60.81
C GLU J 341 4.57 -40.63 -60.21
N TYR J 342 4.92 -39.90 -59.15
CA TYR J 342 6.16 -39.96 -58.48
C TYR J 342 5.73 -40.01 -56.93
N LEU J 343 6.60 -40.70 -56.09
CA LEU J 343 6.54 -40.73 -54.64
C LEU J 343 7.68 -39.92 -53.93
N ARG J 344 7.30 -39.16 -52.92
CA ARG J 344 8.26 -38.34 -52.20
C ARG J 344 7.98 -38.24 -50.72
N HIS J 345 9.03 -38.18 -49.95
CA HIS J 345 8.80 -38.03 -48.57
C HIS J 345 9.77 -37.08 -47.99
N GLY J 346 9.21 -36.21 -47.12
CA GLY J 346 10.24 -35.41 -46.43
C GLY J 346 10.19 -35.35 -44.98
N GLU J 347 11.36 -35.10 -44.40
CA GLU J 347 11.42 -35.48 -42.97
C GLU J 347 11.86 -34.19 -42.40
N GLU J 348 11.35 -33.74 -41.22
CA GLU J 348 11.91 -32.50 -40.58
C GLU J 348 12.22 -32.62 -39.13
N TYR J 349 13.53 -32.47 -38.83
CA TYR J 349 13.91 -32.51 -37.44
C TYR J 349 14.45 -31.24 -36.95
N ASP J 350 14.43 -31.10 -35.62
CA ASP J 350 15.06 -29.97 -34.96
C ASP J 350 15.76 -30.47 -33.66
N LEU J 351 17.10 -30.37 -33.56
CA LEU J 351 17.77 -30.83 -32.33
C LEU J 351 18.22 -29.75 -31.31
N GLN J 352 17.54 -29.67 -30.17
CA GLN J 352 18.01 -28.74 -29.16
C GLN J 352 18.70 -29.39 -28.03
N PHE J 353 19.44 -28.63 -27.23
CA PHE J 353 20.41 -29.16 -26.18
C PHE J 353 20.71 -28.18 -25.01
N ILE J 354 21.15 -28.66 -23.88
CA ILE J 354 21.62 -27.76 -22.81
C ILE J 354 22.67 -28.60 -22.14
N PHE J 355 23.88 -27.99 -22.17
CA PHE J 355 24.95 -28.75 -21.57
C PHE J 355 25.54 -27.92 -20.44
N GLN J 356 26.44 -28.62 -19.74
CA GLN J 356 26.99 -28.11 -18.47
C GLN J 356 28.48 -28.34 -18.57
N LEU J 357 29.20 -27.32 -18.09
CA LEU J 357 30.63 -27.29 -18.26
C LEU J 357 31.22 -28.12 -17.09
N CYS J 358 32.01 -29.09 -17.37
CA CYS J 358 32.54 -29.83 -16.28
C CYS J 358 34.01 -29.73 -16.41
N LYS J 359 34.74 -29.65 -15.29
CA LYS J 359 36.17 -29.82 -15.24
C LYS J 359 36.58 -31.25 -14.57
N ILE J 360 37.72 -31.75 -15.03
CA ILE J 360 38.38 -32.95 -14.68
C ILE J 360 39.88 -32.67 -14.52
N THR J 361 40.39 -32.67 -13.27
CA THR J 361 41.79 -32.56 -12.96
C THR J 361 42.61 -33.82 -13.22
N LEU J 362 43.64 -33.63 -14.02
CA LEU J 362 44.34 -34.84 -14.51
C LEU J 362 45.37 -35.26 -13.46
N THR J 363 45.02 -36.24 -12.59
CA THR J 363 45.96 -36.73 -11.55
C THR J 363 46.46 -37.99 -12.06
N ALA J 364 47.42 -38.55 -11.36
CA ALA J 364 47.89 -39.94 -11.65
C ALA J 364 46.86 -41.07 -11.82
N ASP J 365 46.10 -41.40 -10.73
CA ASP J 365 44.89 -42.26 -10.84
C ASP J 365 43.86 -42.01 -11.96
N VAL J 366 43.34 -40.78 -11.98
CA VAL J 366 42.38 -40.36 -13.02
C VAL J 366 42.83 -40.61 -14.44
N MET J 367 44.10 -40.26 -14.73
CA MET J 367 44.59 -40.46 -16.04
C MET J 367 44.69 -41.83 -16.53
N THR J 368 45.06 -42.69 -15.60
CA THR J 368 45.14 -44.09 -15.97
C THR J 368 43.79 -44.67 -16.18
N TYR J 369 42.92 -44.40 -15.23
CA TYR J 369 41.63 -44.82 -15.41
C TYR J 369 41.01 -44.48 -16.78
N ILE J 370 41.00 -43.13 -17.17
CA ILE J 370 40.53 -42.55 -18.53
C ILE J 370 41.25 -43.25 -19.63
N HIS J 371 42.56 -43.47 -19.41
CA HIS J 371 43.37 -44.25 -20.37
C HIS J 371 42.74 -45.60 -20.72
N SER J 372 42.44 -46.45 -19.72
CA SER J 372 41.97 -47.80 -19.92
C SER J 372 40.63 -47.75 -20.46
N MET J 373 39.94 -46.64 -20.16
CA MET J 373 38.63 -46.29 -20.74
C MET J 373 38.74 -46.03 -22.24
N ASN J 374 39.41 -44.94 -22.54
CA ASN J 374 39.49 -44.50 -23.91
C ASN J 374 40.61 -43.62 -24.08
N PRO J 375 41.60 -44.14 -24.73
CA PRO J 375 42.84 -43.38 -24.76
C PRO J 375 42.64 -42.05 -25.54
N SER J 376 41.89 -42.00 -26.62
CA SER J 376 41.64 -40.85 -27.31
C SER J 376 41.32 -39.68 -26.39
N ILE J 377 40.33 -39.74 -25.50
CA ILE J 377 40.08 -38.61 -24.58
C ILE J 377 41.40 -37.87 -24.14
N LEU J 378 42.40 -38.61 -23.75
CA LEU J 378 43.58 -37.98 -23.11
C LEU J 378 44.52 -37.50 -24.13
N GLU J 379 44.68 -38.22 -25.26
CA GLU J 379 45.64 -37.88 -26.33
C GLU J 379 45.10 -36.71 -27.13
N ASP J 380 43.78 -36.64 -27.42
CA ASP J 380 43.11 -35.43 -27.91
C ASP J 380 43.23 -34.27 -27.04
N TRP J 381 43.60 -34.42 -25.79
CA TRP J 381 43.79 -33.27 -24.94
C TRP J 381 45.20 -32.70 -24.95
N ASN J 382 45.92 -32.98 -26.08
CA ASN J 382 47.18 -32.24 -26.44
C ASN J 382 47.69 -32.42 -27.87
N PRO J 389 38.29 -41.90 -37.45
CA PRO J 389 37.97 -42.82 -36.32
C PRO J 389 36.73 -43.57 -36.62
N LEU J 390 35.74 -42.90 -37.20
CA LEU J 390 34.49 -43.59 -37.59
C LEU J 390 34.30 -43.37 -39.09
N LYS J 391 35.47 -43.16 -39.75
CA LYS J 391 35.58 -43.05 -41.22
C LYS J 391 34.66 -43.97 -42.05
N ASN J 392 34.31 -45.12 -41.55
CA ASN J 392 33.58 -46.04 -42.37
C ASN J 392 32.11 -45.93 -42.10
N TYR J 393 31.69 -45.19 -41.05
CA TYR J 393 30.26 -45.10 -40.71
C TYR J 393 29.67 -43.89 -41.28
N THR J 394 28.45 -43.96 -41.74
CA THR J 394 27.85 -42.77 -42.26
C THR J 394 26.72 -42.12 -41.35
N PHE J 395 26.97 -40.93 -40.78
CA PHE J 395 25.97 -40.26 -39.88
C PHE J 395 25.37 -38.96 -40.43
N TRP J 396 24.24 -38.46 -39.97
CA TRP J 396 23.71 -37.16 -40.48
C TRP J 396 24.47 -36.27 -39.69
N GLU J 397 25.58 -35.79 -40.20
CA GLU J 397 26.40 -34.79 -39.40
C GLU J 397 25.76 -33.44 -38.89
N VAL J 398 25.92 -33.14 -37.60
CA VAL J 398 25.32 -31.98 -37.06
C VAL J 398 26.38 -31.19 -36.30
N ASP J 399 26.86 -30.06 -36.90
CA ASP J 399 27.89 -29.16 -36.29
C ASP J 399 27.19 -28.12 -35.48
N LEU J 400 27.33 -28.14 -34.18
CA LEU J 400 26.74 -27.11 -33.40
C LEU J 400 27.86 -26.33 -32.72
N LYS J 401 29.14 -26.38 -33.21
CA LYS J 401 30.19 -25.56 -32.57
C LYS J 401 29.86 -24.07 -32.50
N GLU J 402 28.96 -23.62 -33.41
CA GLU J 402 28.67 -22.22 -33.55
C GLU J 402 27.30 -21.96 -33.07
N LYS J 403 26.67 -22.98 -32.62
CA LYS J 403 25.31 -22.80 -32.21
C LYS J 403 25.03 -22.71 -30.69
N PHE J 404 26.13 -22.56 -29.94
CA PHE J 404 26.03 -22.49 -28.50
C PHE J 404 25.72 -21.12 -28.00
N SER J 405 24.90 -21.00 -26.96
CA SER J 405 24.62 -19.67 -26.37
C SER J 405 24.53 -19.82 -24.87
N ALA J 406 24.95 -18.87 -24.04
CA ALA J 406 24.74 -18.96 -22.60
C ALA J 406 23.50 -18.24 -22.07
N ASP J 407 22.63 -17.84 -22.99
CA ASP J 407 21.41 -16.97 -22.62
C ASP J 407 20.30 -17.91 -22.80
N LEU J 408 20.17 -18.78 -21.82
CA LEU J 408 19.21 -19.86 -21.89
C LEU J 408 17.85 -19.30 -22.17
N ASP J 409 17.60 -18.15 -21.52
CA ASP J 409 16.39 -17.31 -21.71
C ASP J 409 15.80 -17.30 -23.14
N GLN J 410 16.67 -16.93 -24.11
CA GLN J 410 16.22 -16.86 -25.47
C GLN J 410 15.66 -18.10 -26.12
N PHE J 411 15.82 -19.29 -25.53
CA PHE J 411 15.16 -20.43 -26.17
C PHE J 411 14.13 -21.20 -25.32
N PRO J 412 13.08 -21.77 -25.99
CA PRO J 412 12.03 -22.36 -25.24
C PRO J 412 12.53 -23.54 -24.29
N LEU J 413 13.36 -24.52 -24.84
CA LEU J 413 14.07 -25.54 -24.05
C LEU J 413 14.77 -24.82 -22.97
N GLY J 414 15.59 -23.87 -23.33
CA GLY J 414 16.32 -23.16 -22.25
C GLY J 414 15.42 -22.48 -21.21
N ARG J 415 14.31 -21.92 -21.70
CA ARG J 415 13.36 -21.26 -20.80
C ARG J 415 12.88 -22.21 -19.75
N LYS J 416 12.58 -23.42 -20.21
CA LYS J 416 12.16 -24.59 -19.39
C LYS J 416 13.20 -25.02 -18.40
N PHE J 417 14.44 -25.11 -18.90
CA PHE J 417 15.43 -25.65 -18.08
C PHE J 417 15.53 -24.84 -16.83
N LEU J 418 15.61 -23.58 -16.93
CA LEU J 418 15.74 -22.68 -15.76
C LEU J 418 14.70 -22.97 -14.76
N LEU J 419 13.48 -23.26 -15.26
CA LEU J 419 12.27 -23.20 -14.46
C LEU J 419 12.23 -24.50 -13.85
N GLN J 420 12.19 -25.55 -14.67
CA GLN J 420 12.31 -26.92 -14.18
C GLN J 420 13.49 -27.06 -13.16
N ALA J 421 14.70 -26.66 -13.52
CA ALA J 421 15.78 -26.80 -12.57
C ALA J 421 15.50 -25.86 -11.42
N GLY J 422 14.47 -25.05 -11.50
CA GLY J 422 14.18 -24.27 -10.30
C GLY J 422 15.05 -23.01 -10.37
N LEU J 423 16.17 -22.97 -9.60
CA LEU J 423 17.06 -21.74 -9.56
C LEU J 423 18.09 -21.62 -10.69
N ALA K 1 -7.60 17.63 -14.07
CA ALA K 1 -7.04 19.03 -14.35
C ALA K 1 -8.34 19.92 -14.41
N VAL K 2 -8.22 21.15 -13.87
CA VAL K 2 -9.36 22.13 -13.87
C VAL K 2 -9.74 22.68 -15.26
N VAL K 3 -11.04 22.92 -15.41
CA VAL K 3 -11.61 23.38 -16.62
C VAL K 3 -12.68 24.42 -16.44
N SER K 4 -12.70 25.40 -17.40
CA SER K 4 -13.57 26.49 -17.38
C SER K 4 -15.06 26.00 -17.52
N THR K 5 -15.92 26.58 -16.70
CA THR K 5 -17.30 26.08 -16.56
C THR K 5 -17.98 26.06 -17.90
N ASP K 6 -17.42 26.82 -18.83
CA ASP K 6 -18.01 26.95 -20.10
C ASP K 6 -18.05 25.57 -20.67
N GLU K 7 -17.19 24.69 -20.08
CA GLU K 7 -17.08 23.35 -20.58
C GLU K 7 -18.15 22.42 -20.12
N TYR K 8 -18.93 22.72 -19.07
CA TYR K 8 -20.01 21.86 -18.57
C TYR K 8 -21.27 22.52 -18.17
N VAL K 9 -21.32 23.81 -18.51
CA VAL K 9 -22.43 24.60 -18.09
C VAL K 9 -22.99 25.41 -19.30
N THR K 10 -24.20 25.03 -19.71
CA THR K 10 -24.98 25.65 -20.77
C THR K 10 -25.71 26.82 -20.26
N ARG K 11 -25.63 27.89 -21.06
CA ARG K 11 -26.40 29.19 -20.94
C ARG K 11 -27.75 29.26 -21.66
N THR K 12 -28.61 30.04 -21.07
CA THR K 12 -29.95 30.28 -21.63
C THR K 12 -30.21 31.80 -21.89
N ASN K 13 -31.32 32.06 -22.56
CA ASN K 13 -31.64 33.42 -22.80
C ASN K 13 -32.50 33.97 -21.73
N ILE K 14 -32.38 33.40 -20.51
CA ILE K 14 -33.10 33.78 -19.32
C ILE K 14 -32.36 34.69 -18.26
N TYR K 15 -32.80 35.96 -18.27
CA TYR K 15 -32.20 36.95 -17.37
C TYR K 15 -33.14 37.57 -16.29
N TYR K 16 -32.64 37.62 -15.08
CA TYR K 16 -33.39 38.06 -13.94
C TYR K 16 -32.63 39.19 -13.29
N HIS K 17 -33.44 40.01 -12.65
CA HIS K 17 -32.91 41.21 -12.00
C HIS K 17 -32.87 40.75 -10.57
N ALA K 18 -32.12 41.37 -9.73
CA ALA K 18 -32.42 41.05 -8.38
C ALA K 18 -31.87 42.18 -7.63
N GLY K 19 -32.53 42.62 -6.54
CA GLY K 19 -31.73 43.48 -5.66
C GLY K 19 -32.12 43.75 -4.30
N SER K 20 -31.09 44.17 -3.56
CA SER K 20 -31.31 44.46 -2.15
C SER K 20 -32.07 45.65 -1.80
N SER K 21 -32.84 45.68 -0.75
CA SER K 21 -33.48 46.98 -0.40
C SER K 21 -32.30 47.81 0.07
N ARG K 22 -32.49 49.15 0.29
CA ARG K 22 -31.47 49.91 1.01
C ARG K 22 -30.93 49.20 2.35
N LEU K 23 -29.58 49.16 2.44
CA LEU K 23 -28.79 48.57 3.48
C LEU K 23 -28.16 49.74 4.25
N LEU K 24 -28.76 50.06 5.39
CA LEU K 24 -28.14 51.01 6.28
C LEU K 24 -27.49 50.42 7.53
N ALA K 25 -26.62 51.21 8.19
CA ALA K 25 -25.85 50.70 9.35
C ALA K 25 -25.34 51.92 10.05
N VAL K 26 -25.66 51.95 11.33
CA VAL K 26 -25.23 53.12 12.16
C VAL K 26 -24.59 52.59 13.49
N GLY K 27 -23.54 53.27 13.92
CA GLY K 27 -22.84 52.85 15.10
C GLY K 27 -21.77 53.90 15.42
N HIS K 28 -20.91 53.54 16.33
CA HIS K 28 -19.83 54.43 16.74
C HIS K 28 -18.72 53.94 15.88
N PRO K 29 -17.83 54.83 15.47
CA PRO K 29 -16.79 54.44 14.54
C PRO K 29 -15.56 53.76 15.14
N TYR K 30 -15.31 53.92 16.47
CA TYR K 30 -14.05 53.34 17.07
C TYR K 30 -14.23 52.03 17.82
N TYR K 31 -15.37 51.86 18.53
CA TYR K 31 -15.65 50.71 19.30
C TYR K 31 -17.08 50.52 19.57
N ALA K 32 -17.48 49.34 19.94
CA ALA K 32 -18.92 49.12 20.03
C ALA K 32 -19.46 49.49 21.47
N ILE K 33 -20.65 50.02 21.54
CA ILE K 33 -21.11 50.46 22.82
C ILE K 33 -22.12 49.45 23.26
N LYS K 34 -21.66 48.63 24.21
CA LYS K 34 -22.55 47.57 24.76
C LYS K 34 -23.28 48.19 25.95
N LYS K 35 -24.43 47.62 26.33
CA LYS K 35 -25.10 48.03 27.60
C LYS K 35 -24.09 48.18 28.81
N GLN K 36 -24.40 49.13 29.70
CA GLN K 36 -23.53 49.41 30.86
C GLN K 36 -23.12 48.17 31.71
N ASP K 37 -24.03 47.17 31.86
CA ASP K 37 -23.74 46.00 32.69
C ASP K 37 -23.68 44.80 31.88
N SER K 38 -24.71 44.64 31.04
CA SER K 38 -24.78 43.53 30.11
C SER K 38 -23.53 43.59 29.17
N ASN K 39 -23.27 42.51 28.41
CA ASN K 39 -22.18 42.48 27.40
C ASN K 39 -22.75 42.38 25.92
N LYS K 40 -24.08 42.47 25.89
CA LYS K 40 -24.77 42.49 24.64
C LYS K 40 -24.67 43.89 23.88
N ILE K 41 -24.35 43.79 22.58
CA ILE K 41 -24.15 44.98 21.72
C ILE K 41 -25.41 45.81 21.71
N ALA K 42 -25.22 47.11 22.07
CA ALA K 42 -26.30 48.13 22.08
C ALA K 42 -26.14 49.03 20.82
N VAL K 43 -24.94 49.57 20.61
CA VAL K 43 -24.77 50.36 19.39
C VAL K 43 -23.58 49.72 18.76
N PRO K 44 -23.72 49.25 17.48
CA PRO K 44 -22.60 48.59 16.80
C PRO K 44 -21.38 49.47 16.46
N LYS K 45 -20.44 48.85 15.79
CA LYS K 45 -19.24 49.49 15.37
C LYS K 45 -19.27 49.42 13.82
N VAL K 46 -19.86 50.53 13.27
CA VAL K 46 -20.02 50.93 11.83
C VAL K 46 -18.84 51.95 11.55
N SER K 47 -17.79 51.53 10.83
CA SER K 47 -16.67 52.36 10.58
C SER K 47 -16.53 52.42 9.07
N GLY K 48 -15.89 53.46 8.46
CA GLY K 48 -15.68 53.43 7.00
C GLY K 48 -14.55 52.51 6.54
N LEU K 49 -13.66 52.36 7.50
CA LEU K 49 -12.52 51.42 7.39
C LEU K 49 -12.82 49.91 7.80
N GLN K 50 -13.96 49.41 7.34
CA GLN K 50 -14.31 48.10 7.64
C GLN K 50 -14.62 47.30 6.38
N TYR K 51 -14.65 45.93 6.53
CA TYR K 51 -14.98 45.12 5.39
C TYR K 51 -16.52 44.89 5.32
N ARG K 52 -17.05 44.60 4.14
CA ARG K 52 -18.52 44.53 4.04
C ARG K 52 -18.57 43.31 3.16
N VAL K 53 -18.70 42.17 3.85
CA VAL K 53 -18.77 40.85 3.26
C VAL K 53 -20.25 40.51 3.17
N PHE K 54 -20.80 40.74 2.03
CA PHE K 54 -22.19 40.51 1.92
C PHE K 54 -22.31 39.06 1.49
N ARG K 55 -23.28 38.35 2.06
CA ARG K 55 -23.58 36.93 1.60
C ARG K 55 -24.95 37.09 0.94
N VAL K 56 -24.92 37.09 -0.40
CA VAL K 56 -26.14 37.25 -1.15
C VAL K 56 -26.79 35.85 -1.38
N LYS K 57 -27.87 35.47 -0.60
CA LYS K 57 -28.66 34.24 -0.81
C LYS K 57 -29.62 34.46 -2.04
N LEU K 58 -29.49 33.50 -2.98
CA LEU K 58 -30.31 33.47 -4.23
C LEU K 58 -31.35 32.32 -4.18
N PRO K 59 -32.52 32.56 -4.78
CA PRO K 59 -33.52 31.59 -4.76
C PRO K 59 -32.95 30.34 -5.52
N ASP K 60 -33.21 29.12 -5.03
CA ASP K 60 -32.73 27.90 -5.79
C ASP K 60 -33.56 27.84 -7.11
N PRO K 61 -32.97 28.15 -8.26
CA PRO K 61 -33.74 27.99 -9.50
C PRO K 61 -34.41 26.59 -9.78
N ASN K 62 -34.11 25.57 -8.92
CA ASN K 62 -34.73 24.25 -9.11
C ASN K 62 -36.15 24.21 -8.56
N LYS K 63 -36.37 24.92 -7.43
CA LYS K 63 -37.68 24.95 -6.74
C LYS K 63 -38.53 25.80 -7.66
N PHE K 64 -37.94 26.94 -8.08
CA PHE K 64 -38.54 27.87 -9.05
C PHE K 64 -39.02 27.07 -10.34
N GLY K 65 -40.16 27.57 -10.88
CA GLY K 65 -40.76 26.98 -12.09
C GLY K 65 -40.47 27.88 -13.28
N PHE K 66 -40.22 27.24 -14.43
CA PHE K 66 -39.80 28.01 -15.58
C PHE K 66 -40.50 27.60 -16.85
N PRO K 67 -40.83 28.63 -17.71
CA PRO K 67 -41.56 28.38 -18.99
C PRO K 67 -40.59 27.96 -20.15
N ASP K 68 -39.40 28.56 -20.19
CA ASP K 68 -38.52 28.34 -21.27
C ASP K 68 -37.77 27.10 -20.95
N THR K 69 -38.12 26.51 -19.81
CA THR K 69 -37.54 25.19 -19.42
C THR K 69 -38.55 24.01 -19.73
N SER K 70 -38.65 23.78 -21.04
CA SER K 70 -39.53 22.78 -21.67
C SER K 70 -38.70 21.70 -22.44
N PHE K 71 -37.62 22.16 -23.15
CA PHE K 71 -36.49 21.28 -23.75
C PHE K 71 -35.32 21.03 -22.70
N TYR K 72 -35.71 20.75 -21.42
CA TYR K 72 -34.85 20.58 -20.21
C TYR K 72 -35.50 19.45 -19.40
N ASP K 73 -34.59 18.57 -18.97
CA ASP K 73 -34.87 17.37 -18.15
C ASP K 73 -34.43 17.47 -16.66
N PRO K 74 -35.47 17.69 -15.74
CA PRO K 74 -35.13 17.91 -14.28
C PRO K 74 -34.68 16.60 -13.76
N ALA K 75 -35.13 15.46 -14.38
CA ALA K 75 -34.53 14.16 -14.12
C ALA K 75 -33.01 14.18 -14.18
N SER K 76 -32.48 14.65 -15.30
CA SER K 76 -30.98 14.64 -15.47
C SER K 76 -30.16 15.92 -15.43
N GLN K 77 -30.94 17.01 -15.51
CA GLN K 77 -30.32 18.40 -15.42
C GLN K 77 -30.72 19.20 -14.21
N ARG K 78 -29.70 19.96 -13.77
CA ARG K 78 -29.91 20.93 -12.69
C ARG K 78 -29.83 22.49 -13.05
N LEU K 79 -29.97 23.37 -12.09
CA LEU K 79 -29.88 24.80 -12.46
C LEU K 79 -28.99 25.77 -11.57
N VAL K 80 -27.92 26.44 -12.15
CA VAL K 80 -27.23 27.34 -11.30
C VAL K 80 -27.64 28.72 -11.73
N TRP K 81 -27.49 29.75 -10.84
CA TRP K 81 -27.58 31.13 -11.30
C TRP K 81 -26.24 31.55 -11.74
N ALA K 82 -26.15 32.06 -12.97
CA ALA K 82 -24.86 32.75 -13.48
C ALA K 82 -24.90 34.30 -13.32
N CYS K 83 -23.94 34.88 -12.61
CA CYS K 83 -23.92 36.24 -12.37
C CYS K 83 -23.48 36.97 -13.61
N THR K 84 -24.19 38.05 -13.99
CA THR K 84 -23.85 38.79 -15.27
C THR K 84 -23.39 40.23 -15.09
N GLY K 85 -24.03 40.90 -14.12
CA GLY K 85 -23.48 42.12 -13.70
C GLY K 85 -23.90 42.65 -12.31
N VAL K 86 -22.90 43.14 -11.58
CA VAL K 86 -23.22 43.80 -10.33
C VAL K 86 -23.18 45.34 -10.30
N GLU K 87 -24.05 45.91 -9.44
CA GLU K 87 -24.05 47.35 -9.18
C GLU K 87 -23.89 47.64 -7.70
N VAL K 88 -22.91 48.40 -7.28
CA VAL K 88 -22.78 48.54 -5.80
C VAL K 88 -23.09 50.02 -5.41
N GLY K 89 -24.40 50.24 -5.33
CA GLY K 89 -24.96 51.48 -5.00
C GLY K 89 -24.30 51.97 -3.75
N ARG K 90 -23.72 53.17 -3.71
CA ARG K 90 -23.38 53.81 -2.37
C ARG K 90 -24.10 55.16 -2.20
N GLY K 91 -24.65 55.31 -1.03
CA GLY K 91 -25.35 56.41 -0.61
C GLY K 91 -24.56 57.14 0.48
N GLN K 92 -25.15 58.34 0.93
CA GLN K 92 -24.36 59.36 1.70
C GLN K 92 -23.33 60.24 0.95
N PRO K 93 -23.04 61.44 1.50
CA PRO K 93 -21.94 62.26 0.90
C PRO K 93 -20.45 61.69 1.09
N LEU K 94 -19.56 61.87 0.08
CA LEU K 94 -18.19 61.60 0.23
C LEU K 94 -17.75 62.46 1.39
N GLY K 95 -16.95 61.85 2.23
CA GLY K 95 -16.44 62.51 3.46
C GLY K 95 -15.17 61.83 4.01
N VAL K 96 -14.51 62.33 5.03
CA VAL K 96 -13.43 61.48 5.46
C VAL K 96 -13.31 61.39 6.94
N GLY K 97 -12.75 60.25 7.44
CA GLY K 97 -12.87 60.06 8.87
C GLY K 97 -11.62 60.54 9.58
N ILE K 98 -11.48 60.12 10.81
CA ILE K 98 -10.37 60.57 11.55
C ILE K 98 -10.29 59.60 12.79
N SER K 99 -9.13 59.00 12.98
CA SER K 99 -8.98 58.02 14.09
C SER K 99 -7.79 58.53 14.98
N GLY K 100 -7.93 58.33 16.30
CA GLY K 100 -6.87 58.68 17.21
C GLY K 100 -6.98 57.86 18.49
N HIS K 101 -6.09 58.23 19.40
CA HIS K 101 -5.86 57.52 20.63
C HIS K 101 -5.49 58.48 21.78
N PRO K 102 -6.31 58.58 22.81
CA PRO K 102 -5.93 59.44 23.96
C PRO K 102 -4.52 59.39 24.47
N LEU K 103 -4.05 58.13 24.50
CA LEU K 103 -2.69 57.75 25.08
C LEU K 103 -1.79 57.17 23.98
N LEU K 104 -1.85 57.77 22.77
CA LEU K 104 -1.07 57.31 21.67
C LEU K 104 0.40 57.29 22.10
N ASN K 105 1.13 56.45 21.43
CA ASN K 105 2.46 56.37 21.89
C ASN K 105 3.31 57.18 20.95
N LYS K 106 3.48 58.44 21.30
CA LYS K 106 4.26 59.33 20.44
C LYS K 106 5.31 60.07 21.23
N LEU K 107 6.55 59.81 20.92
CA LEU K 107 7.59 60.41 21.72
C LEU K 107 7.73 61.89 21.26
N ASP K 108 8.40 62.17 20.17
CA ASP K 108 8.49 63.48 19.68
C ASP K 108 8.56 63.58 18.13
N ASP K 109 8.16 64.74 17.61
CA ASP K 109 8.15 64.94 16.14
C ASP K 109 9.53 65.10 15.56
N THR K 110 9.93 64.00 14.94
CA THR K 110 11.27 63.92 14.44
C THR K 110 11.42 64.50 13.05
N GLU K 111 10.47 65.25 12.57
CA GLU K 111 10.53 65.70 11.17
C GLU K 111 11.45 66.96 11.00
N ASN K 112 11.44 67.77 12.04
CA ASN K 112 12.22 68.96 12.17
C ASN K 112 12.15 69.37 13.68
N SER K 113 12.59 68.40 14.52
CA SER K 113 12.83 68.53 16.03
C SER K 113 13.47 69.83 16.32
N ASN K 114 13.24 70.28 17.52
CA ASN K 114 13.78 71.54 17.93
C ASN K 114 15.27 71.45 18.27
N LYS K 115 15.52 70.62 19.30
CA LYS K 115 16.86 70.31 19.87
C LYS K 115 16.94 68.79 20.26
N TYR K 116 17.73 68.58 21.32
CA TYR K 116 17.84 67.32 21.99
C TYR K 116 17.69 67.53 23.50
N VAL K 117 16.60 67.04 24.08
CA VAL K 117 16.38 67.14 25.52
C VAL K 117 16.78 65.75 26.04
N GLY K 118 17.24 65.73 27.29
CA GLY K 118 17.65 64.47 27.85
C GLY K 118 16.59 63.36 27.75
N ASN K 119 16.99 62.16 28.22
CA ASN K 119 16.09 61.02 28.47
C ASN K 119 14.82 61.47 29.17
N SER K 120 13.70 61.36 28.48
CA SER K 120 12.43 61.68 29.15
C SER K 120 12.15 60.89 30.48
N GLY K 121 10.85 60.78 30.81
CA GLY K 121 10.36 60.01 31.95
C GLY K 121 9.47 58.81 31.59
N THR K 122 8.40 58.70 32.29
CA THR K 122 7.62 57.50 32.06
C THR K 122 6.28 58.03 31.60
N ASP K 123 5.67 57.29 30.67
CA ASP K 123 4.36 57.63 30.07
C ASP K 123 4.28 59.00 29.31
N ASN K 124 5.00 59.15 28.15
CA ASN K 124 4.99 60.42 27.43
C ASN K 124 3.96 60.35 26.34
N ARG K 125 2.87 59.54 26.57
CA ARG K 125 1.74 59.21 25.63
C ARG K 125 0.90 60.43 25.55
N GLU K 126 0.27 60.68 24.39
CA GLU K 126 -0.57 61.82 24.22
C GLU K 126 -1.63 61.51 23.16
N CYS K 127 -2.76 62.24 23.28
CA CYS K 127 -3.96 62.27 22.37
C CYS K 127 -3.54 62.68 20.99
N ILE K 128 -4.03 61.94 19.99
CA ILE K 128 -3.46 62.14 18.60
C ILE K 128 -4.37 61.41 17.64
N SER K 129 -4.87 62.15 16.63
CA SER K 129 -5.90 61.57 15.72
C SER K 129 -5.23 61.64 14.41
N MET K 130 -5.92 61.27 13.34
CA MET K 130 -5.25 61.23 12.02
C MET K 130 -6.14 60.65 10.97
N ASP K 131 -5.78 60.71 9.67
CA ASP K 131 -6.86 60.30 8.70
C ASP K 131 -6.15 59.13 8.02
N TYR K 132 -6.85 58.00 7.90
CA TYR K 132 -6.12 56.81 7.37
C TYR K 132 -5.85 56.76 5.86
N LYS K 133 -5.06 55.81 5.48
CA LYS K 133 -4.81 55.57 4.09
C LYS K 133 -6.21 55.40 3.34
N GLN K 134 -6.33 55.92 2.11
CA GLN K 134 -7.57 55.77 1.36
C GLN K 134 -7.63 54.61 0.39
N THR K 135 -8.71 53.89 0.54
CA THR K 135 -8.87 52.59 -0.12
C THR K 135 -10.32 52.33 -0.62
N GLN K 136 -10.45 51.65 -1.76
CA GLN K 136 -11.75 51.40 -2.33
C GLN K 136 -11.61 50.09 -3.03
N LEU K 137 -12.14 49.02 -2.42
CA LEU K 137 -12.16 47.76 -3.10
C LEU K 137 -13.59 47.21 -3.36
N CYS K 138 -13.61 46.11 -4.16
CA CYS K 138 -14.79 45.31 -4.38
C CYS K 138 -14.35 44.04 -5.09
N LEU K 139 -14.63 42.93 -4.37
CA LEU K 139 -14.35 41.45 -4.78
C LEU K 139 -15.68 40.83 -4.94
N ILE K 140 -15.86 40.13 -6.05
CA ILE K 140 -17.08 39.37 -6.30
C ILE K 140 -16.70 37.88 -6.47
N GLY K 141 -16.93 37.05 -5.44
CA GLY K 141 -16.60 35.63 -5.57
C GLY K 141 -17.88 34.89 -5.21
N CYS K 142 -17.88 33.54 -5.46
CA CYS K 142 -18.99 32.61 -5.10
C CYS K 142 -18.60 31.94 -3.79
N ARG K 143 -17.43 32.24 -3.34
CA ARG K 143 -17.01 31.81 -2.10
C ARG K 143 -16.42 32.99 -1.35
N PRO K 144 -16.52 33.05 -0.08
CA PRO K 144 -15.92 34.23 0.56
C PRO K 144 -14.40 34.35 0.41
N PRO K 145 -13.95 35.57 0.07
CA PRO K 145 -12.52 35.74 -0.21
C PRO K 145 -11.68 35.42 1.06
N ILE K 146 -10.37 35.37 0.87
CA ILE K 146 -9.48 35.28 2.00
C ILE K 146 -8.59 36.52 2.24
N GLY K 147 -7.99 36.72 3.44
CA GLY K 147 -6.98 37.80 3.57
C GLY K 147 -5.67 37.41 4.16
N GLU K 148 -4.72 38.32 4.23
CA GLU K 148 -3.41 37.94 4.74
C GLU K 148 -2.98 39.01 5.66
N HIS K 149 -2.57 38.65 6.84
CA HIS K 149 -2.08 39.66 7.77
C HIS K 149 -0.95 39.12 8.64
N TRP K 150 -0.10 39.98 9.24
CA TRP K 150 1.05 39.42 9.94
C TRP K 150 0.60 39.26 11.42
N GLY K 151 0.78 37.99 11.90
CA GLY K 151 0.53 37.53 13.22
C GLY K 151 1.87 37.12 13.80
N LYS K 152 1.66 36.69 15.05
CA LYS K 152 2.65 35.98 15.95
C LYS K 152 2.82 34.51 15.57
N GLY K 153 4.09 34.14 15.29
CA GLY K 153 4.47 32.75 14.91
C GLY K 153 5.03 32.02 16.12
N THR K 154 4.77 30.69 16.11
CA THR K 154 5.47 29.78 17.11
C THR K 154 6.98 29.54 16.89
N PRO K 155 7.86 29.84 17.93
CA PRO K 155 9.35 29.76 17.65
C PRO K 155 9.76 28.28 17.21
N SER K 156 11.00 28.09 16.74
CA SER K 156 11.48 26.68 16.55
C SER K 156 11.95 25.79 17.86
N ASN K 157 12.38 24.54 17.62
CA ASN K 157 13.00 23.71 18.67
C ASN K 157 14.33 24.40 19.12
N ALA K 158 14.29 25.45 19.97
CA ALA K 158 15.56 26.10 20.43
C ALA K 158 15.32 26.71 21.80
N ASN K 159 15.75 27.98 21.92
CA ASN K 159 15.41 28.91 23.09
C ASN K 159 13.84 29.37 23.36
N GLN K 160 13.50 29.64 24.63
CA GLN K 160 12.14 30.02 24.99
C GLN K 160 12.10 31.56 24.94
N VAL K 161 11.40 32.07 23.88
CA VAL K 161 11.24 33.56 23.68
C VAL K 161 10.56 34.10 24.96
N LYS K 162 11.41 34.48 25.94
CA LYS K 162 10.96 35.00 27.24
C LYS K 162 10.35 36.39 26.99
N ALA K 163 9.61 36.94 27.96
CA ALA K 163 8.93 38.22 27.74
C ALA K 163 10.00 39.38 27.36
N GLY K 164 9.58 40.36 26.57
CA GLY K 164 10.52 41.40 26.12
C GLY K 164 10.95 41.22 24.70
N GLU K 165 11.51 40.04 24.39
CA GLU K 165 11.97 39.71 23.04
C GLU K 165 10.86 39.96 21.95
N CYS K 166 11.24 39.92 20.64
CA CYS K 166 10.40 40.15 19.49
C CYS K 166 9.98 38.84 18.89
N PRO K 167 8.71 38.49 19.00
CA PRO K 167 8.12 37.30 18.35
C PRO K 167 8.43 37.13 16.92
N PRO K 168 8.79 35.92 16.43
CA PRO K 168 8.92 35.84 14.94
C PRO K 168 7.45 36.01 14.40
N LEU K 169 7.35 36.71 13.22
CA LEU K 169 6.01 37.01 12.55
C LEU K 169 5.70 35.84 11.64
N GLU K 170 4.47 35.76 11.23
CA GLU K 170 4.31 34.79 10.21
C GLU K 170 3.06 35.07 9.49
N LEU K 171 3.14 34.77 8.18
CA LEU K 171 2.09 35.42 7.34
C LEU K 171 0.81 34.58 7.39
N LEU K 172 -0.35 35.07 7.87
CA LEU K 172 -1.52 34.14 7.96
C LEU K 172 -2.60 34.36 7.02
N ASN K 173 -3.19 33.33 6.51
CA ASN K 173 -4.46 33.49 5.82
C ASN K 173 -5.66 33.44 6.69
N THR K 174 -6.78 33.96 6.23
CA THR K 174 -7.96 34.04 7.11
C THR K 174 -9.18 34.35 6.32
N VAL K 175 -10.35 34.10 6.82
CA VAL K 175 -11.47 34.49 5.95
C VAL K 175 -11.97 36.00 6.09
N LEU K 176 -12.25 36.72 4.99
CA LEU K 176 -12.77 38.14 5.29
C LEU K 176 -14.17 38.10 5.76
N GLN K 177 -14.39 38.77 6.89
CA GLN K 177 -15.75 38.71 7.45
C GLN K 177 -16.29 40.16 7.60
N ASP K 178 -17.58 40.32 7.41
CA ASP K 178 -18.09 41.59 7.67
C ASP K 178 -17.67 42.17 8.96
N GLY K 179 -16.99 43.31 8.95
CA GLY K 179 -16.69 44.00 10.16
C GLY K 179 -15.17 44.02 10.45
N ASP K 180 -14.34 43.44 9.55
CA ASP K 180 -12.86 43.47 9.81
C ASP K 180 -12.30 44.84 9.30
N MET K 181 -11.16 45.25 9.83
CA MET K 181 -10.57 46.53 9.41
C MET K 181 -9.54 46.26 8.30
N VAL K 182 -9.48 47.22 7.36
CA VAL K 182 -8.54 47.19 6.26
C VAL K 182 -7.30 47.73 6.83
N ASP K 183 -6.22 47.58 6.13
CA ASP K 183 -4.95 48.10 6.65
C ASP K 183 -5.16 49.67 6.56
N THR K 184 -4.65 50.43 7.56
CA THR K 184 -4.96 51.89 7.53
C THR K 184 -3.75 52.71 7.37
N GLY K 185 -2.60 52.02 7.14
CA GLY K 185 -1.32 52.72 7.01
C GLY K 185 -0.26 52.13 7.90
N PHE K 186 -0.67 51.16 8.67
CA PHE K 186 0.20 50.69 9.75
C PHE K 186 0.45 49.27 9.45
N GLY K 187 0.07 48.91 8.20
CA GLY K 187 0.29 47.53 7.71
C GLY K 187 -0.79 46.50 8.05
N ALA K 188 -0.64 45.28 7.49
CA ALA K 188 -1.71 44.30 7.82
C ALA K 188 -1.20 43.36 8.79
N MET K 189 -1.57 43.73 10.00
CA MET K 189 -1.23 42.98 11.11
C MET K 189 -2.38 42.79 12.17
N ASP K 190 -1.96 42.06 13.23
CA ASP K 190 -2.75 41.78 14.41
C ASP K 190 -2.11 42.63 15.53
N PHE K 191 -2.84 43.66 15.99
CA PHE K 191 -2.26 44.62 16.92
C PHE K 191 -2.20 44.27 18.39
N THR K 192 -3.19 43.43 18.73
CA THR K 192 -3.50 42.96 20.08
C THR K 192 -2.43 42.00 20.50
N THR K 193 -2.17 40.90 19.78
CA THR K 193 -0.98 40.09 19.97
C THR K 193 0.46 40.63 19.74
N LEU K 194 0.67 41.38 18.66
CA LEU K 194 1.97 41.98 18.28
C LEU K 194 2.23 43.29 18.95
N GLN K 195 1.20 43.97 19.50
CA GLN K 195 1.60 45.20 20.27
C GLN K 195 0.89 45.17 21.66
N ALA K 196 1.73 45.01 22.70
CA ALA K 196 1.32 44.84 24.14
C ALA K 196 0.81 46.14 24.72
N ASN K 197 1.71 47.15 24.68
CA ASN K 197 1.37 48.52 25.07
C ASN K 197 -0.02 48.95 24.57
N LYS K 198 -0.54 48.41 23.48
CA LYS K 198 -1.92 48.83 23.06
C LYS K 198 -2.23 50.41 23.13
N SER K 199 -1.18 51.17 22.81
CA SER K 199 -1.23 52.64 22.87
C SER K 199 -0.58 53.26 21.63
N ASP K 200 -0.08 52.47 20.68
CA ASP K 200 0.54 53.07 19.44
C ASP K 200 -0.13 52.95 18.05
N VAL K 201 -1.48 53.03 18.19
CA VAL K 201 -2.43 53.11 17.07
C VAL K 201 -3.86 53.40 17.46
N PRO K 202 -4.56 54.24 16.66
CA PRO K 202 -5.92 54.56 17.14
C PRO K 202 -6.80 53.36 17.57
N LEU K 203 -7.64 53.70 18.52
CA LEU K 203 -8.54 52.73 19.09
C LEU K 203 -9.17 51.79 18.09
N ASP K 204 -9.79 52.35 17.08
CA ASP K 204 -10.37 51.48 16.06
C ASP K 204 -9.49 50.29 15.49
N ILE K 205 -8.17 50.39 15.71
CA ILE K 205 -7.45 49.20 15.32
C ILE K 205 -6.55 48.49 16.34
N CYS K 206 -6.19 49.32 17.34
CA CYS K 206 -5.24 48.93 18.36
C CYS K 206 -5.57 47.52 18.95
N SER K 207 -6.82 47.05 18.90
CA SER K 207 -7.02 45.76 19.52
C SER K 207 -7.64 44.86 18.50
N SER K 208 -7.24 45.06 17.27
CA SER K 208 -7.85 44.27 16.17
C SER K 208 -6.83 43.73 15.14
N ILE K 209 -7.38 43.07 14.11
CA ILE K 209 -6.53 42.73 13.03
C ILE K 209 -6.87 43.53 11.71
N CYS K 210 -5.91 44.26 11.11
CA CYS K 210 -6.16 44.89 9.80
C CYS K 210 -5.80 43.84 8.78
N LYS K 211 -6.74 43.56 7.92
CA LYS K 211 -6.41 42.47 6.98
C LYS K 211 -6.21 43.03 5.60
N TYR K 212 -5.54 42.27 4.69
CA TYR K 212 -5.46 42.72 3.27
C TYR K 212 -5.65 41.54 2.41
N PRO K 213 -6.46 41.73 1.38
CA PRO K 213 -6.88 40.58 0.53
C PRO K 213 -5.71 39.93 -0.05
N ASP K 214 -5.70 38.62 0.09
CA ASP K 214 -4.60 37.94 -0.53
C ASP K 214 -4.88 37.91 -2.06
N TYR K 215 -4.50 39.02 -2.74
CA TYR K 215 -4.90 39.05 -4.13
C TYR K 215 -4.25 37.83 -4.90
N LEU K 216 -2.97 37.67 -4.53
CA LEU K 216 -2.07 36.74 -5.11
C LEU K 216 -2.54 35.32 -4.87
N LYS K 217 -2.97 34.92 -3.65
CA LYS K 217 -3.43 33.55 -3.49
C LYS K 217 -4.71 33.33 -4.29
N MET K 218 -5.67 34.18 -3.99
CA MET K 218 -7.05 34.00 -4.55
C MET K 218 -7.02 34.00 -6.12
N VAL K 219 -5.99 34.63 -6.74
CA VAL K 219 -6.01 34.78 -8.18
C VAL K 219 -5.56 33.46 -8.75
N SER K 220 -4.64 32.83 -7.97
CA SER K 220 -4.01 31.51 -8.30
C SER K 220 -4.69 30.24 -7.79
N GLU K 221 -5.84 30.32 -7.11
CA GLU K 221 -6.68 29.15 -6.88
C GLU K 221 -6.97 28.51 -8.23
N PRO K 222 -6.83 27.16 -8.31
CA PRO K 222 -7.06 26.46 -9.58
C PRO K 222 -8.54 26.66 -10.06
N TYR K 223 -9.53 26.47 -9.14
CA TYR K 223 -10.92 26.71 -9.56
C TYR K 223 -11.30 28.16 -9.79
N GLY K 224 -10.76 29.07 -8.96
CA GLY K 224 -11.12 30.53 -8.93
C GLY K 224 -12.63 30.73 -8.67
N ASP K 225 -13.03 30.66 -7.39
CA ASP K 225 -14.48 30.81 -7.06
C ASP K 225 -14.33 31.94 -6.04
N MET K 226 -13.20 31.95 -5.39
CA MET K 226 -12.98 32.90 -4.44
C MET K 226 -13.28 34.35 -4.95
N LEU K 227 -12.84 34.66 -6.19
CA LEU K 227 -13.24 35.92 -6.79
C LEU K 227 -13.16 35.69 -8.27
N PHE K 228 -14.17 36.11 -8.94
CA PHE K 228 -13.98 36.13 -10.37
C PHE K 228 -14.23 37.57 -10.90
N PHE K 229 -13.90 38.53 -10.05
CA PHE K 229 -13.92 39.94 -10.43
C PHE K 229 -13.34 40.77 -9.26
N TYR K 230 -12.51 41.83 -9.44
CA TYR K 230 -12.09 42.68 -8.32
C TYR K 230 -11.59 44.10 -8.79
N LEU K 231 -11.73 45.10 -7.91
CA LEU K 231 -11.27 46.42 -8.31
C LEU K 231 -10.64 46.98 -7.05
N ARG K 232 -9.34 47.29 -7.04
CA ARG K 232 -8.74 48.04 -5.89
C ARG K 232 -8.32 49.43 -6.39
N ARG K 233 -8.39 50.30 -5.41
CA ARG K 233 -7.98 51.65 -5.50
C ARG K 233 -7.49 52.21 -4.09
N GLU K 234 -6.17 52.16 -3.87
CA GLU K 234 -5.67 52.48 -2.54
C GLU K 234 -4.58 53.48 -2.66
N GLN K 235 -4.58 54.40 -1.72
CA GLN K 235 -3.65 55.53 -1.83
C GLN K 235 -3.44 56.21 -0.51
N MET K 236 -2.25 56.88 -0.38
CA MET K 236 -1.86 57.39 1.02
C MET K 236 -0.47 57.97 1.05
N PHE K 237 -0.12 58.74 2.06
CA PHE K 237 1.18 59.42 1.98
C PHE K 237 1.53 59.83 3.39
N VAL K 238 2.76 60.26 3.58
CA VAL K 238 3.13 60.55 4.97
C VAL K 238 2.72 61.95 5.53
N ARG K 239 1.69 62.03 6.35
CA ARG K 239 1.25 63.29 6.90
C ARG K 239 2.36 63.70 7.87
N HIS K 240 2.70 62.80 8.87
CA HIS K 240 3.88 63.09 9.76
C HIS K 240 4.84 61.96 9.97
N LEU K 241 5.96 62.37 10.60
CA LEU K 241 7.02 61.49 10.99
C LEU K 241 7.42 61.47 12.53
N PHE K 242 6.98 60.40 13.21
CA PHE K 242 7.24 60.18 14.65
C PHE K 242 8.31 59.16 15.19
N ASN K 243 8.54 59.38 16.48
CA ASN K 243 9.40 58.64 17.35
C ASN K 243 8.54 57.86 18.34
N ARG K 244 8.82 56.56 18.56
CA ARG K 244 8.13 55.76 19.62
C ARG K 244 8.82 55.87 21.02
N ALA K 245 8.07 55.79 22.10
CA ALA K 245 8.76 55.91 23.36
C ALA K 245 8.89 54.47 23.86
N GLY K 246 9.72 54.29 24.90
CA GLY K 246 9.94 52.95 25.47
C GLY K 246 11.23 52.40 24.92
N THR K 247 11.78 51.36 25.56
CA THR K 247 13.12 50.87 25.19
C THR K 247 13.19 50.22 23.84
N VAL K 248 14.38 50.41 23.26
CA VAL K 248 14.57 49.93 21.92
C VAL K 248 15.20 48.55 22.03
N GLY K 249 14.38 47.57 21.66
CA GLY K 249 14.69 46.12 21.81
C GLY K 249 15.92 45.76 21.01
N GLU K 250 15.96 46.09 19.70
CA GLU K 250 17.22 45.87 18.94
C GLU K 250 18.00 47.18 18.86
N THR K 251 19.00 47.26 19.71
CA THR K 251 19.79 48.46 19.88
C THR K 251 20.63 48.72 18.63
N VAL K 252 20.90 50.00 18.33
CA VAL K 252 21.70 50.48 17.10
C VAL K 252 23.17 49.92 17.15
N PRO K 253 23.69 49.34 16.09
CA PRO K 253 25.08 48.94 15.98
C PRO K 253 25.94 50.11 16.12
N ALA K 254 26.76 50.13 17.17
CA ALA K 254 27.70 51.26 17.48
C ALA K 254 28.60 51.65 16.22
N ASP K 255 28.85 50.67 15.36
CA ASP K 255 29.72 50.93 14.23
C ASP K 255 29.02 51.65 13.15
N LEU K 256 27.72 51.91 13.39
CA LEU K 256 26.85 52.76 12.47
C LEU K 256 26.91 54.32 12.69
N TYR K 257 27.42 54.72 13.86
CA TYR K 257 27.45 56.18 14.23
C TYR K 257 28.67 56.56 15.07
N ILE K 258 28.91 57.86 15.19
CA ILE K 258 30.06 58.18 15.97
C ILE K 258 29.57 58.47 17.39
N LYS K 259 30.05 57.69 18.41
CA LYS K 259 29.80 57.95 19.87
C LYS K 259 29.63 59.51 20.02
N GLY K 260 28.47 59.86 20.65
CA GLY K 260 28.26 61.29 20.68
C GLY K 260 28.21 61.50 22.11
N THR K 261 29.14 62.26 22.61
CA THR K 261 29.14 62.59 24.00
C THR K 261 27.72 63.03 24.43
N THR K 262 27.34 62.70 25.67
CA THR K 262 26.04 63.14 26.24
C THR K 262 24.85 62.43 25.58
N GLY K 263 24.44 61.33 26.24
CA GLY K 263 23.24 60.69 25.74
C GLY K 263 23.35 59.20 25.67
N THR K 264 22.14 58.65 25.70
CA THR K 264 21.95 57.20 25.74
C THR K 264 21.38 56.87 24.38
N LEU K 265 21.60 57.77 23.40
CA LEU K 265 21.07 57.60 22.02
C LEU K 265 19.53 57.58 21.85
N PRO K 266 18.94 58.69 21.31
CA PRO K 266 17.44 58.85 21.26
C PRO K 266 16.80 57.74 20.49
N SER K 267 15.48 57.67 20.69
CA SER K 267 14.69 56.56 20.16
C SER K 267 14.99 56.44 18.70
N THR K 268 14.73 55.35 18.02
CA THR K 268 15.01 55.27 16.61
C THR K 268 13.89 54.51 16.15
N SER K 269 12.81 54.54 16.92
CA SER K 269 11.82 53.61 16.47
C SER K 269 10.75 54.52 16.00
N TYR K 270 10.87 54.62 14.66
CA TYR K 270 10.17 55.63 13.85
C TYR K 270 8.83 55.04 13.24
N PHE K 271 7.79 55.83 13.16
CA PHE K 271 6.53 55.42 12.54
C PHE K 271 5.94 56.81 11.95
N PRO K 272 5.32 56.65 10.77
CA PRO K 272 4.68 57.66 10.08
C PRO K 272 3.14 57.64 10.20
N THR K 273 2.56 58.89 9.99
CA THR K 273 1.08 59.22 10.13
C THR K 273 0.66 59.13 8.74
N PRO K 274 -0.27 58.27 8.40
CA PRO K 274 -0.55 58.23 6.98
C PRO K 274 -1.60 59.29 6.69
N SER K 275 -1.94 59.51 5.46
CA SER K 275 -3.01 60.51 5.20
C SER K 275 -3.64 60.06 3.83
N GLY K 276 -5.00 60.04 3.73
CA GLY K 276 -5.54 59.37 2.58
C GLY K 276 -5.63 60.44 1.49
N SER K 277 -5.12 61.63 1.82
CA SER K 277 -5.18 62.78 0.88
C SER K 277 -6.55 63.16 0.60
N MET K 278 -7.02 62.93 -0.64
CA MET K 278 -8.31 63.47 -0.94
C MET K 278 -9.23 62.55 -1.63
N VAL K 279 -10.55 62.63 -1.31
CA VAL K 279 -11.60 61.81 -1.99
C VAL K 279 -12.34 62.74 -3.00
N THR K 280 -12.65 62.19 -4.17
CA THR K 280 -13.20 62.85 -5.27
C THR K 280 -14.15 62.03 -6.15
N SER K 281 -15.35 62.52 -6.42
CA SER K 281 -16.35 61.88 -7.29
C SER K 281 -15.73 61.23 -8.52
N ASP K 282 -14.59 61.76 -8.98
CA ASP K 282 -13.91 61.11 -10.09
C ASP K 282 -13.15 59.79 -9.72
N ALA K 283 -12.49 59.73 -8.55
CA ALA K 283 -11.88 58.45 -8.05
C ALA K 283 -12.86 57.32 -7.90
N GLN K 284 -14.11 57.66 -7.61
CA GLN K 284 -15.10 56.63 -7.39
C GLN K 284 -15.08 55.38 -8.23
N ILE K 285 -15.07 54.21 -7.54
CA ILE K 285 -15.04 52.88 -8.14
C ILE K 285 -16.48 52.45 -8.17
N PHE K 286 -17.30 52.86 -7.22
CA PHE K 286 -18.66 52.39 -7.11
C PHE K 286 -19.78 53.03 -7.98
N ASN K 287 -21.05 52.65 -7.78
CA ASN K 287 -22.25 53.22 -8.36
C ASN K 287 -22.19 53.07 -9.90
N LYS K 288 -21.38 52.14 -10.44
CA LYS K 288 -21.42 51.93 -11.86
C LYS K 288 -21.60 50.48 -12.12
N PRO K 289 -22.18 50.11 -13.24
CA PRO K 289 -22.43 48.74 -13.44
C PRO K 289 -21.14 48.00 -13.89
N TYR K 290 -20.87 46.84 -13.27
CA TYR K 290 -19.77 45.90 -13.65
C TYR K 290 -20.38 44.74 -14.46
N TRP K 291 -19.84 44.45 -15.65
CA TRP K 291 -20.29 43.30 -16.44
C TRP K 291 -19.25 42.24 -16.56
N LEU K 292 -19.29 41.34 -15.55
CA LEU K 292 -18.38 40.15 -15.53
C LEU K 292 -18.55 39.10 -16.68
N GLN K 293 -18.60 39.66 -17.92
CA GLN K 293 -18.62 38.94 -19.20
C GLN K 293 -17.62 37.78 -19.24
N ARG K 294 -16.33 38.01 -18.98
CA ARG K 294 -15.33 36.94 -18.88
C ARG K 294 -14.65 36.92 -17.53
N ALA K 295 -14.86 35.86 -16.77
CA ALA K 295 -14.31 35.72 -15.46
C ALA K 295 -12.83 35.69 -15.60
N GLN K 296 -12.10 36.05 -14.56
CA GLN K 296 -10.61 35.92 -14.49
C GLN K 296 -10.06 34.43 -14.34
N GLY K 297 -10.68 33.65 -13.48
CA GLY K 297 -10.29 32.26 -13.37
C GLY K 297 -11.24 31.37 -14.18
N HIS K 298 -11.26 30.09 -13.79
CA HIS K 298 -12.11 29.05 -14.45
C HIS K 298 -13.63 29.16 -14.28
N ASN K 299 -14.03 29.80 -13.18
CA ASN K 299 -15.44 29.83 -12.92
C ASN K 299 -15.95 31.05 -13.52
N ASN K 300 -16.85 30.94 -14.48
CA ASN K 300 -17.35 32.17 -15.11
C ASN K 300 -18.65 32.70 -14.37
N GLY K 301 -18.49 33.50 -13.27
CA GLY K 301 -19.68 33.85 -12.29
C GLY K 301 -20.85 32.83 -12.12
N ILE K 302 -20.44 31.56 -11.86
CA ILE K 302 -21.32 30.48 -11.46
C ILE K 302 -21.44 30.43 -9.97
N CYS K 303 -22.55 30.90 -9.48
CA CYS K 303 -22.80 31.08 -8.06
C CYS K 303 -23.34 29.73 -7.50
N TRP K 304 -22.41 28.80 -7.30
CA TRP K 304 -22.74 27.41 -6.80
C TRP K 304 -23.31 27.53 -5.45
N SER K 305 -24.37 26.77 -5.28
CA SER K 305 -25.03 26.68 -3.94
C SER K 305 -25.93 27.81 -3.78
N ASN K 306 -26.33 28.38 -4.93
CA ASN K 306 -27.09 29.68 -4.99
C ASN K 306 -26.65 30.82 -4.04
N GLN K 307 -25.33 30.93 -3.98
CA GLN K 307 -24.70 31.90 -3.12
C GLN K 307 -23.87 32.96 -3.89
N LEU K 308 -23.69 34.17 -3.27
CA LEU K 308 -22.74 35.16 -3.79
C LEU K 308 -22.05 35.96 -2.69
N PHE K 309 -20.75 36.26 -2.90
CA PHE K 309 -20.04 37.16 -1.95
C PHE K 309 -19.52 38.53 -2.48
N VAL K 310 -20.09 39.57 -1.91
CA VAL K 310 -19.68 40.80 -2.42
C VAL K 310 -18.96 41.46 -1.26
N THR K 311 -17.64 41.62 -1.43
CA THR K 311 -16.72 42.18 -0.40
C THR K 311 -16.41 43.57 -0.92
N VAL K 312 -16.47 44.51 0.02
CA VAL K 312 -16.39 45.95 -0.27
C VAL K 312 -15.64 46.70 0.85
N VAL K 313 -14.53 47.41 0.52
CA VAL K 313 -13.99 48.39 1.49
C VAL K 313 -14.24 49.79 0.92
N ASP K 314 -14.72 50.70 1.79
CA ASP K 314 -14.78 52.07 1.26
C ASP K 314 -14.54 53.42 2.03
N THR K 315 -13.37 53.96 1.96
CA THR K 315 -13.18 55.08 2.86
C THR K 315 -13.51 56.52 2.33
N THR K 316 -14.10 56.60 1.13
CA THR K 316 -14.42 57.78 0.48
C THR K 316 -15.58 58.44 1.18
N ARG K 317 -16.44 57.70 1.84
CA ARG K 317 -17.62 58.29 2.51
C ARG K 317 -17.45 58.20 4.06
N SER K 318 -16.17 58.09 4.44
CA SER K 318 -15.89 57.86 5.81
C SER K 318 -16.13 58.93 6.90
N THR K 319 -17.22 59.67 6.81
CA THR K 319 -17.38 60.78 7.81
C THR K 319 -18.12 60.32 9.02
N ASN K 320 -17.58 60.84 10.12
CA ASN K 320 -18.17 60.44 11.40
C ASN K 320 -18.86 61.67 11.89
N MET K 321 -20.22 61.67 12.00
CA MET K 321 -20.88 62.85 12.51
C MET K 321 -20.86 62.86 14.04
N SER K 322 -20.64 64.01 14.66
CA SER K 322 -20.71 64.16 16.17
C SER K 322 -22.06 64.83 16.66
N VAL K 323 -22.81 64.00 17.42
CA VAL K 323 -24.11 64.47 17.94
C VAL K 323 -23.87 65.05 19.39
N CYS K 324 -24.34 66.30 19.69
CA CYS K 324 -24.12 66.85 21.03
C CYS K 324 -25.44 67.08 21.65
N SER K 325 -25.68 66.29 22.73
CA SER K 325 -26.92 66.43 23.50
C SER K 325 -26.73 67.16 24.88
N ALA K 326 -27.77 67.90 25.35
CA ALA K 326 -27.70 68.71 26.63
C ALA K 326 -28.26 67.91 27.79
N VAL K 327 -27.61 68.01 28.99
CA VAL K 327 -28.07 67.54 30.29
C VAL K 327 -29.28 68.44 30.78
N SER K 328 -29.23 69.76 30.58
CA SER K 328 -30.40 70.59 30.90
C SER K 328 -30.31 71.90 30.05
N SER K 329 -31.32 72.17 29.20
CA SER K 329 -31.28 73.36 28.34
C SER K 329 -31.94 74.46 29.17
N SER K 330 -31.75 74.38 30.48
CA SER K 330 -32.24 75.41 31.34
C SER K 330 -31.18 76.45 31.60
N ASP K 331 -29.92 76.26 31.17
CA ASP K 331 -28.87 77.30 31.39
C ASP K 331 -28.77 78.36 30.29
N SER K 332 -28.09 79.43 30.62
CA SER K 332 -28.11 80.55 29.63
C SER K 332 -26.68 80.98 29.24
N THR K 333 -25.73 80.22 29.81
CA THR K 333 -24.25 80.35 29.60
C THR K 333 -23.63 78.98 29.27
N TYR K 334 -22.78 79.00 28.25
CA TYR K 334 -22.22 77.74 27.83
C TYR K 334 -21.43 77.09 28.93
N LYS K 335 -21.72 75.82 29.30
CA LYS K 335 -20.83 75.05 30.16
C LYS K 335 -20.65 73.71 29.59
N ASN K 336 -19.40 73.29 29.52
CA ASN K 336 -19.11 71.97 28.97
C ASN K 336 -19.73 70.78 29.74
N ASP K 337 -19.82 70.90 31.06
CA ASP K 337 -20.41 69.81 31.80
C ASP K 337 -21.82 69.64 31.33
N ASN K 338 -22.43 70.73 30.73
CA ASN K 338 -23.86 70.70 30.24
C ASN K 338 -24.08 70.07 28.90
N PHE K 339 -23.01 69.61 28.25
CA PHE K 339 -23.20 68.88 27.01
C PHE K 339 -22.37 67.58 26.93
N LYS K 340 -22.91 66.60 26.15
CA LYS K 340 -22.32 65.28 25.93
C LYS K 340 -22.21 65.03 24.48
N GLU K 341 -20.91 64.94 24.12
CA GLU K 341 -20.52 64.67 22.74
C GLU K 341 -20.52 63.14 22.45
N TYR K 342 -21.01 62.74 21.28
CA TYR K 342 -21.05 61.31 20.79
C TYR K 342 -20.60 61.34 19.32
N LEU K 343 -20.05 60.17 18.91
CA LEU K 343 -19.61 59.95 17.48
C LEU K 343 -20.50 59.01 16.75
N ARG K 344 -20.93 59.27 15.53
CA ARG K 344 -21.86 58.33 14.95
C ARG K 344 -21.73 58.25 13.50
N HIS K 345 -21.49 57.02 13.00
CA HIS K 345 -21.21 56.81 11.55
C HIS K 345 -22.27 55.97 10.84
N GLY K 346 -22.77 56.46 9.68
CA GLY K 346 -23.95 55.82 8.98
C GLY K 346 -23.42 55.33 7.57
N GLU K 347 -23.46 54.01 7.22
CA GLU K 347 -23.09 53.43 5.88
C GLU K 347 -24.40 53.24 5.10
N GLU K 348 -24.33 53.54 3.78
CA GLU K 348 -25.47 53.16 3.00
C GLU K 348 -25.05 52.47 1.70
N TYR K 349 -25.59 51.27 1.59
CA TYR K 349 -25.38 50.33 0.40
C TYR K 349 -26.69 50.00 -0.37
N ASP K 350 -26.52 49.58 -1.62
CA ASP K 350 -27.64 49.02 -2.36
C ASP K 350 -26.92 48.06 -3.34
N LEU K 351 -27.41 46.82 -3.43
CA LEU K 351 -26.73 45.73 -4.20
C LEU K 351 -27.62 45.29 -5.33
N GLN K 352 -27.22 45.50 -6.55
CA GLN K 352 -28.08 45.09 -7.62
C GLN K 352 -27.38 44.12 -8.53
N PHE K 353 -28.16 43.21 -9.11
CA PHE K 353 -27.55 42.03 -9.85
C PHE K 353 -28.30 41.73 -11.03
N ILE K 354 -27.86 40.73 -11.79
CA ILE K 354 -28.52 40.36 -13.05
C ILE K 354 -27.86 39.02 -13.31
N PHE K 355 -28.69 38.03 -13.13
CA PHE K 355 -28.26 36.69 -13.32
C PHE K 355 -28.79 35.97 -14.59
N GLN K 356 -28.02 34.97 -15.07
CA GLN K 356 -28.51 34.21 -16.18
C GLN K 356 -28.73 32.69 -15.62
N LEU K 357 -29.92 32.15 -16.01
CA LEU K 357 -30.24 30.84 -15.80
C LEU K 357 -29.26 29.88 -16.60
N CYS K 358 -28.68 28.93 -15.86
CA CYS K 358 -27.74 27.87 -16.46
C CYS K 358 -28.03 26.46 -16.06
N LYS K 359 -27.90 25.61 -17.07
CA LYS K 359 -28.23 24.22 -16.94
C LYS K 359 -26.97 23.28 -17.06
N ILE K 360 -26.97 22.36 -16.11
CA ILE K 360 -25.95 21.35 -16.11
C ILE K 360 -26.56 19.96 -16.22
N THR K 361 -26.12 19.18 -17.21
CA THR K 361 -26.68 17.84 -17.42
C THR K 361 -25.72 16.90 -16.77
N LEU K 362 -26.14 16.37 -15.59
CA LEU K 362 -25.42 15.40 -14.74
C LEU K 362 -25.10 14.13 -15.48
N THR K 363 -23.88 14.05 -15.93
CA THR K 363 -23.39 12.88 -16.65
C THR K 363 -22.31 12.18 -15.81
N ALA K 364 -21.95 10.94 -16.24
CA ALA K 364 -20.84 10.27 -15.58
C ALA K 364 -19.57 11.17 -15.33
N ASP K 365 -19.06 11.82 -16.44
CA ASP K 365 -17.86 12.72 -16.46
C ASP K 365 -18.06 13.90 -15.60
N VAL K 366 -19.13 14.64 -15.96
CA VAL K 366 -19.44 15.89 -15.22
C VAL K 366 -19.55 15.70 -13.65
N MET K 367 -20.26 14.64 -13.19
CA MET K 367 -20.56 14.59 -11.74
C MET K 367 -19.24 14.28 -10.93
N THR K 368 -18.42 13.35 -11.46
CA THR K 368 -17.15 13.09 -10.80
C THR K 368 -16.34 14.46 -10.74
N TYR K 369 -16.29 15.21 -11.90
CA TYR K 369 -15.55 16.45 -11.94
C TYR K 369 -16.06 17.36 -10.86
N ILE K 370 -17.39 17.47 -10.77
CA ILE K 370 -18.03 18.49 -9.89
C ILE K 370 -17.70 18.11 -8.46
N HIS K 371 -18.06 16.76 -8.17
CA HIS K 371 -17.77 16.08 -6.94
C HIS K 371 -16.37 16.52 -6.34
N SER K 372 -15.26 16.22 -7.11
CA SER K 372 -13.88 16.48 -6.63
C SER K 372 -13.67 17.94 -6.38
N MET K 373 -14.44 18.76 -7.11
CA MET K 373 -14.37 20.18 -6.97
C MET K 373 -15.08 20.37 -5.60
N ASN K 374 -16.44 20.41 -5.65
CA ASN K 374 -17.22 20.53 -4.37
C ASN K 374 -18.45 19.56 -4.28
N PRO K 375 -18.33 18.48 -3.39
CA PRO K 375 -19.39 17.47 -3.18
C PRO K 375 -20.82 18.07 -2.91
N SER K 376 -20.89 18.94 -1.90
CA SER K 376 -22.13 19.86 -1.70
C SER K 376 -23.00 20.20 -2.87
N ILE K 377 -22.39 20.76 -3.91
CA ILE K 377 -23.12 21.14 -5.18
C ILE K 377 -24.02 19.89 -5.56
N LEU K 378 -23.44 18.65 -5.61
CA LEU K 378 -24.21 17.51 -6.04
C LEU K 378 -25.12 16.97 -4.94
N GLU K 379 -24.58 16.88 -3.72
CA GLU K 379 -25.39 16.43 -2.57
C GLU K 379 -26.60 17.27 -2.29
N ASP K 380 -26.43 18.65 -2.41
CA ASP K 380 -27.52 19.73 -2.29
C ASP K 380 -28.58 19.67 -3.40
N TRP K 381 -28.19 19.11 -4.52
CA TRP K 381 -29.14 18.86 -5.56
C TRP K 381 -30.13 17.73 -5.44
N ASN K 382 -30.67 17.48 -4.25
CA ASN K 382 -31.52 16.21 -3.94
C ASN K 382 -31.91 16.02 -2.46
N PRO K 389 -22.39 25.76 7.61
CA PRO K 389 -21.16 25.34 6.80
C PRO K 389 -20.09 26.39 7.02
N LEU K 390 -20.68 27.52 7.28
CA LEU K 390 -19.92 28.80 7.47
C LEU K 390 -20.45 29.37 8.84
N LYS K 391 -20.96 28.45 9.63
CA LYS K 391 -21.50 28.79 10.93
C LYS K 391 -20.60 29.66 11.78
N ASN K 392 -19.29 29.80 11.39
CA ASN K 392 -18.36 30.44 12.31
C ASN K 392 -18.02 31.78 11.79
N TYR K 393 -18.47 32.02 10.59
CA TYR K 393 -18.18 33.33 9.96
C TYR K 393 -19.34 34.31 9.94
N THR K 394 -19.04 35.51 10.38
CA THR K 394 -20.14 36.53 10.37
C THR K 394 -20.17 37.41 9.16
N PHE K 395 -21.27 37.38 8.42
CA PHE K 395 -21.39 38.08 7.16
C PHE K 395 -22.67 38.95 7.23
N TRP K 396 -22.70 40.12 6.52
CA TRP K 396 -23.93 40.90 6.33
C TRP K 396 -24.90 40.08 5.46
N GLU K 397 -26.00 39.54 6.04
CA GLU K 397 -26.80 38.56 5.27
C GLU K 397 -27.69 39.32 4.31
N VAL K 398 -27.64 39.05 2.98
CA VAL K 398 -28.60 39.77 2.07
C VAL K 398 -29.49 38.77 1.35
N ASP K 399 -30.77 38.68 1.68
CA ASP K 399 -31.57 37.54 1.11
C ASP K 399 -32.36 38.05 -0.11
N LEU K 400 -32.05 37.53 -1.32
CA LEU K 400 -32.94 38.09 -2.52
C LEU K 400 -33.89 37.11 -3.10
N LYS K 401 -34.19 36.15 -2.22
CA LYS K 401 -34.97 35.01 -2.64
C LYS K 401 -36.27 35.57 -3.13
N GLU K 402 -36.81 36.55 -2.45
CA GLU K 402 -37.98 37.23 -3.02
C GLU K 402 -37.82 38.59 -3.86
N LYS K 403 -36.57 38.98 -4.17
CA LYS K 403 -36.17 40.22 -4.89
C LYS K 403 -35.74 39.90 -6.37
N PHE K 404 -36.50 38.98 -7.03
CA PHE K 404 -35.96 38.45 -8.37
C PHE K 404 -37.03 38.80 -9.31
N SER K 405 -36.59 39.32 -10.46
CA SER K 405 -37.53 39.90 -11.46
C SER K 405 -37.20 39.64 -12.91
N ALA K 406 -38.13 39.09 -13.61
CA ALA K 406 -37.75 38.84 -14.98
C ALA K 406 -37.87 40.08 -15.87
N ASP K 407 -38.32 41.18 -15.24
CA ASP K 407 -38.73 42.41 -15.96
C ASP K 407 -37.54 43.33 -15.76
N LEU K 408 -36.55 43.06 -16.59
CA LEU K 408 -35.39 43.88 -16.53
C LEU K 408 -35.69 45.41 -16.69
N ASP K 409 -36.70 45.68 -17.55
CA ASP K 409 -36.96 47.01 -18.00
C ASP K 409 -37.20 47.91 -16.80
N GLN K 410 -37.97 47.41 -15.80
CA GLN K 410 -38.30 48.21 -14.60
C GLN K 410 -37.20 48.75 -13.66
N PHE K 411 -35.90 48.64 -14.01
CA PHE K 411 -34.79 48.97 -13.11
C PHE K 411 -33.70 49.58 -13.93
N PRO K 412 -33.06 50.51 -13.27
CA PRO K 412 -31.83 51.04 -13.86
C PRO K 412 -30.89 49.99 -14.44
N LEU K 413 -30.41 49.11 -13.57
CA LEU K 413 -29.50 48.06 -14.03
C LEU K 413 -30.10 47.25 -15.23
N GLY K 414 -31.31 46.77 -15.01
CA GLY K 414 -31.96 46.02 -16.07
C GLY K 414 -32.05 46.80 -17.35
N ARG K 415 -32.44 48.09 -17.18
CA ARG K 415 -32.44 48.98 -18.37
C ARG K 415 -31.03 48.93 -19.14
N LYS K 416 -29.93 49.01 -18.33
CA LYS K 416 -28.56 49.21 -18.88
C LYS K 416 -28.24 47.95 -19.58
N PHE K 417 -28.77 46.82 -18.97
CA PHE K 417 -28.18 45.48 -19.28
C PHE K 417 -28.66 45.08 -20.72
N LEU K 418 -29.97 45.25 -20.88
CA LEU K 418 -30.64 45.17 -22.18
C LEU K 418 -29.88 46.00 -23.20
N LEU K 419 -29.53 47.24 -22.79
CA LEU K 419 -28.90 48.11 -23.74
C LEU K 419 -27.49 47.60 -24.07
N GLN K 420 -26.61 47.66 -23.08
CA GLN K 420 -25.21 47.30 -23.28
C GLN K 420 -25.07 45.88 -23.83
N ALA K 421 -25.82 44.86 -23.37
CA ALA K 421 -25.86 43.50 -24.02
C ALA K 421 -26.16 43.58 -25.53
N GLY K 422 -26.98 44.59 -25.90
CA GLY K 422 -27.31 44.82 -27.32
C GLY K 422 -28.77 44.52 -27.51
N LEU K 423 -29.02 43.37 -28.13
CA LEU K 423 -30.38 42.89 -28.34
C LEU K 423 -30.86 42.00 -27.12
N ALA L 1 -47.78 47.49 -14.78
CA ALA L 1 -46.32 47.82 -15.14
C ALA L 1 -46.09 49.24 -15.77
N VAL L 2 -44.95 49.84 -15.37
CA VAL L 2 -44.56 51.17 -15.83
C VAL L 2 -43.93 51.03 -17.22
N VAL L 3 -44.18 52.01 -18.07
CA VAL L 3 -43.64 51.97 -19.45
C VAL L 3 -43.02 53.28 -19.87
N SER L 4 -42.00 53.18 -20.74
CA SER L 4 -41.46 54.44 -21.34
C SER L 4 -42.49 55.30 -22.03
N THR L 5 -42.43 56.58 -21.74
CA THR L 5 -43.16 57.67 -22.39
C THR L 5 -43.06 57.39 -23.91
N ASP L 6 -41.99 56.80 -24.43
CA ASP L 6 -41.96 56.59 -25.89
C ASP L 6 -43.12 55.76 -26.31
N GLU L 7 -43.79 55.13 -25.39
CA GLU L 7 -44.85 54.26 -25.86
C GLU L 7 -46.16 54.96 -25.91
N TYR L 8 -46.19 56.09 -25.26
CA TYR L 8 -47.40 56.79 -25.36
C TYR L 8 -47.35 58.29 -25.66
N VAL L 9 -46.18 58.75 -26.07
CA VAL L 9 -46.06 60.13 -26.37
C VAL L 9 -45.49 60.13 -27.72
N THR L 10 -46.12 60.97 -28.61
CA THR L 10 -45.59 61.11 -30.00
C THR L 10 -44.66 62.31 -30.17
N ARG L 11 -43.58 62.21 -30.94
CA ARG L 11 -42.74 63.45 -31.05
C ARG L 11 -43.07 64.20 -32.35
N THR L 12 -42.80 65.49 -32.40
CA THR L 12 -43.11 66.32 -33.62
C THR L 12 -41.78 66.90 -34.02
N ASN L 13 -41.63 67.41 -35.23
CA ASN L 13 -40.40 68.07 -35.53
C ASN L 13 -40.31 69.60 -35.18
N ILE L 14 -40.93 70.05 -34.06
CA ILE L 14 -41.10 71.46 -33.65
C ILE L 14 -40.16 71.73 -32.42
N TYR L 15 -39.18 72.57 -32.55
CA TYR L 15 -38.44 72.92 -31.33
C TYR L 15 -38.53 74.44 -30.94
N TYR L 16 -38.40 74.72 -29.65
CA TYR L 16 -38.54 76.01 -29.10
C TYR L 16 -37.45 76.23 -28.09
N HIS L 17 -37.09 77.48 -28.05
CA HIS L 17 -35.95 77.91 -27.21
C HIS L 17 -36.58 78.64 -26.08
N ALA L 18 -35.93 78.64 -24.93
CA ALA L 18 -36.53 79.27 -23.77
C ALA L 18 -35.34 79.70 -23.01
N GLY L 19 -35.40 80.90 -22.41
CA GLY L 19 -34.23 81.45 -21.64
C GLY L 19 -34.82 82.31 -20.57
N SER L 20 -34.25 82.18 -19.39
CA SER L 20 -34.70 82.99 -18.28
C SER L 20 -33.73 84.08 -18.38
N SER L 21 -34.17 85.23 -17.90
CA SER L 21 -33.25 86.39 -17.90
C SER L 21 -32.17 86.11 -16.83
N ARG L 22 -31.21 87.05 -16.66
CA ARG L 22 -30.12 86.88 -15.74
C ARG L 22 -30.84 86.82 -14.38
N LEU L 23 -30.38 85.85 -13.61
CA LEU L 23 -30.99 85.56 -12.35
C LEU L 23 -29.90 86.04 -11.38
N LEU L 24 -30.21 87.15 -10.66
CA LEU L 24 -29.24 87.49 -9.61
C LEU L 24 -29.74 87.26 -8.15
N ALA L 25 -28.82 87.23 -7.15
CA ALA L 25 -29.24 87.16 -5.78
C ALA L 25 -28.12 87.66 -4.94
N VAL L 26 -28.48 88.42 -3.92
CA VAL L 26 -27.41 88.96 -3.07
C VAL L 26 -27.84 89.00 -1.60
N GLY L 27 -26.98 88.49 -0.69
CA GLY L 27 -27.28 88.58 0.72
C GLY L 27 -26.03 88.39 1.54
N HIS L 28 -26.29 87.87 2.73
CA HIS L 28 -25.27 87.52 3.72
C HIS L 28 -25.13 86.03 3.58
N PRO L 29 -23.92 85.55 3.63
CA PRO L 29 -23.62 84.15 3.36
C PRO L 29 -23.72 83.22 4.60
N TYR L 30 -23.93 83.82 5.75
CA TYR L 30 -23.98 82.99 6.88
C TYR L 30 -25.36 83.01 7.44
N TYR L 31 -25.95 84.19 7.68
CA TYR L 31 -27.34 84.28 8.20
C TYR L 31 -28.11 85.44 7.63
N ALA L 32 -29.46 85.44 7.82
CA ALA L 32 -30.34 86.47 7.21
C ALA L 32 -30.48 87.68 8.08
N ILE L 33 -30.58 88.83 7.43
CA ILE L 33 -30.47 90.07 8.15
C ILE L 33 -31.81 90.70 8.00
N LYS L 34 -32.66 90.57 9.00
CA LYS L 34 -34.05 91.07 8.97
C LYS L 34 -33.99 92.42 9.59
N LYS L 35 -35.08 93.16 9.47
CA LYS L 35 -35.25 94.46 10.12
C LYS L 35 -34.78 94.31 11.61
N GLN L 36 -34.36 95.43 12.24
CA GLN L 36 -33.85 95.44 13.67
C GLN L 36 -34.96 95.07 14.71
N ASP L 37 -36.22 95.35 14.34
CA ASP L 37 -37.42 95.07 15.16
C ASP L 37 -38.40 94.03 14.52
N SER L 38 -38.95 94.40 13.34
CA SER L 38 -39.75 93.47 12.52
C SER L 38 -39.00 92.14 12.30
N ASN L 39 -39.72 91.08 11.98
CA ASN L 39 -39.02 89.83 11.64
C ASN L 39 -38.96 89.53 10.13
N LYS L 40 -39.18 90.57 9.34
CA LYS L 40 -39.25 90.43 7.91
C LYS L 40 -37.85 90.58 7.38
N ILE L 41 -37.54 89.84 6.34
CA ILE L 41 -36.15 89.72 5.86
C ILE L 41 -35.76 90.98 5.01
N ALA L 42 -34.79 91.79 5.47
CA ALA L 42 -34.36 92.95 4.67
C ALA L 42 -33.42 92.41 3.67
N VAL L 43 -32.33 91.77 4.10
CA VAL L 43 -31.29 91.12 3.24
C VAL L 43 -31.29 89.57 3.37
N PRO L 44 -31.65 88.86 2.25
CA PRO L 44 -31.70 87.44 2.25
C PRO L 44 -30.40 86.67 2.69
N LYS L 45 -30.53 85.31 2.77
CA LYS L 45 -29.30 84.51 2.89
C LYS L 45 -28.81 84.02 1.48
N VAL L 46 -27.77 84.58 0.91
CA VAL L 46 -27.35 84.01 -0.32
C VAL L 46 -25.89 83.47 -0.15
N SER L 47 -25.81 82.11 -0.14
CA SER L 47 -24.50 81.36 0.00
C SER L 47 -24.17 80.36 -1.12
N GLY L 48 -22.87 80.24 -1.40
CA GLY L 48 -22.53 79.22 -2.43
C GLY L 48 -22.81 77.71 -2.05
N LEU L 49 -22.99 77.46 -0.73
CA LEU L 49 -23.31 76.16 -0.08
C LEU L 49 -24.81 75.95 0.12
N GLN L 50 -25.62 76.52 -0.82
CA GLN L 50 -27.13 76.41 -0.88
C GLN L 50 -27.65 75.75 -2.17
N TYR L 51 -28.72 75.01 -2.05
CA TYR L 51 -29.20 74.40 -3.27
C TYR L 51 -29.88 75.51 -4.13
N ARG L 52 -30.06 75.29 -5.39
CA ARG L 52 -30.86 76.21 -6.16
C ARG L 52 -31.94 75.34 -6.82
N VAL L 53 -33.13 75.33 -6.25
CA VAL L 53 -34.22 74.55 -6.87
C VAL L 53 -35.06 75.53 -7.71
N PHE L 54 -34.89 75.48 -9.05
CA PHE L 54 -35.66 76.41 -9.97
C PHE L 54 -36.97 75.79 -10.44
N ARG L 55 -38.07 76.43 -10.26
CA ARG L 55 -39.30 75.76 -10.76
C ARG L 55 -39.55 76.60 -11.99
N VAL L 56 -39.33 75.86 -13.07
CA VAL L 56 -39.49 76.45 -14.38
C VAL L 56 -40.87 76.40 -14.91
N LYS L 57 -41.58 77.53 -14.97
CA LYS L 57 -42.94 77.51 -15.50
C LYS L 57 -42.99 77.53 -17.02
N LEU L 58 -43.74 76.62 -17.59
CA LEU L 58 -43.80 76.58 -19.04
C LEU L 58 -45.20 76.93 -19.52
N PRO L 59 -45.28 77.66 -20.70
CA PRO L 59 -46.54 78.04 -21.28
C PRO L 59 -47.31 76.72 -21.64
N ASP L 60 -48.59 76.64 -21.33
CA ASP L 60 -49.31 75.43 -21.68
C ASP L 60 -49.49 75.31 -23.20
N PRO L 61 -48.81 74.37 -23.93
CA PRO L 61 -49.00 74.23 -25.42
C PRO L 61 -50.41 73.90 -25.87
N ASN L 62 -51.33 73.84 -24.97
CA ASN L 62 -52.70 73.58 -25.38
C ASN L 62 -53.45 74.92 -25.68
N LYS L 63 -53.07 76.01 -25.00
CA LYS L 63 -53.63 77.37 -25.17
C LYS L 63 -52.92 77.81 -26.39
N PHE L 64 -51.58 78.00 -26.26
CA PHE L 64 -50.85 78.08 -27.55
C PHE L 64 -51.66 77.55 -28.85
N GLY L 65 -51.35 78.15 -29.96
CA GLY L 65 -51.86 77.66 -31.22
C GLY L 65 -50.70 77.41 -32.22
N PHE L 66 -50.72 76.21 -32.84
CA PHE L 66 -49.58 75.82 -33.72
C PHE L 66 -49.97 75.52 -35.14
N PRO L 67 -49.10 76.01 -36.13
CA PRO L 67 -49.36 75.79 -37.60
C PRO L 67 -49.28 74.30 -38.02
N ASP L 68 -48.31 73.56 -37.38
CA ASP L 68 -47.90 72.27 -37.84
C ASP L 68 -48.76 71.27 -37.11
N THR L 69 -49.54 71.87 -36.18
CA THR L 69 -50.64 71.13 -35.54
C THR L 69 -51.99 71.13 -36.38
N SER L 70 -51.91 70.64 -37.61
CA SER L 70 -53.04 70.59 -38.47
C SER L 70 -53.46 69.11 -38.77
N PHE L 71 -52.58 68.09 -38.56
CA PHE L 71 -52.93 66.65 -38.60
C PHE L 71 -52.93 66.20 -37.13
N TYR L 72 -53.58 67.00 -36.25
CA TYR L 72 -53.60 66.84 -34.81
C TYR L 72 -54.97 67.22 -34.43
N ASP L 73 -55.58 66.39 -33.57
CA ASP L 73 -56.98 66.52 -33.16
C ASP L 73 -57.19 67.04 -31.69
N PRO L 74 -57.41 68.36 -31.46
CA PRO L 74 -57.36 68.82 -30.05
C PRO L 74 -58.54 68.20 -29.28
N ALA L 75 -59.37 67.47 -29.99
CA ALA L 75 -60.44 66.88 -29.33
C ALA L 75 -60.07 65.60 -28.45
N SER L 76 -59.43 64.63 -29.08
CA SER L 76 -59.02 63.43 -28.51
C SER L 76 -57.54 63.51 -28.08
N GLN L 77 -56.77 64.49 -28.59
CA GLN L 77 -55.34 64.69 -28.33
C GLN L 77 -54.84 65.82 -27.42
N ARG L 78 -53.57 65.93 -27.10
CA ARG L 78 -53.14 66.96 -26.17
C ARG L 78 -51.62 67.18 -26.35
N LEU L 79 -51.05 68.23 -25.78
CA LEU L 79 -49.57 68.47 -25.89
C LEU L 79 -48.76 68.72 -24.57
N VAL L 80 -47.54 68.23 -24.58
CA VAL L 80 -46.65 68.30 -23.46
C VAL L 80 -45.34 68.90 -24.06
N TRP L 81 -44.56 69.53 -23.17
CA TRP L 81 -43.31 69.95 -23.60
C TRP L 81 -42.43 68.83 -23.08
N ALA L 82 -41.60 68.36 -23.97
CA ALA L 82 -40.56 67.36 -23.86
C ALA L 82 -39.16 68.03 -23.86
N CYS L 83 -38.57 68.18 -22.70
CA CYS L 83 -37.22 68.76 -22.76
C CYS L 83 -36.09 68.12 -23.59
N THR L 84 -35.27 68.90 -24.27
CA THR L 84 -34.19 68.37 -25.15
C THR L 84 -32.76 68.82 -24.96
N GLY L 85 -32.47 70.05 -24.51
CA GLY L 85 -31.09 70.39 -24.12
C GLY L 85 -31.23 71.36 -22.94
N VAL L 86 -30.34 71.19 -21.95
CA VAL L 86 -30.41 72.16 -20.83
C VAL L 86 -29.10 72.86 -20.68
N GLU L 87 -29.08 74.16 -20.31
CA GLU L 87 -27.77 74.89 -20.26
C GLU L 87 -27.74 75.78 -19.06
N VAL L 88 -26.98 75.41 -18.05
CA VAL L 88 -27.10 76.19 -16.81
C VAL L 88 -25.96 77.12 -16.81
N GLY L 89 -26.17 78.35 -17.36
CA GLY L 89 -25.03 79.29 -17.46
C GLY L 89 -24.69 79.99 -16.08
N ARG L 90 -23.41 80.04 -15.69
CA ARG L 90 -23.16 80.54 -14.34
C ARG L 90 -22.31 81.73 -14.49
N GLY L 91 -22.48 82.72 -13.58
CA GLY L 91 -21.79 84.01 -13.75
C GLY L 91 -20.91 84.22 -12.59
N GLN L 92 -20.17 85.27 -12.56
CA GLN L 92 -19.23 85.66 -11.52
C GLN L 92 -17.96 84.93 -11.64
N PRO L 93 -16.91 85.37 -10.91
CA PRO L 93 -15.64 84.70 -10.92
C PRO L 93 -15.61 83.44 -9.90
N LEU L 94 -14.78 82.48 -10.33
CA LEU L 94 -14.56 81.30 -9.52
C LEU L 94 -13.98 81.90 -8.26
N GLY L 95 -13.92 81.04 -7.19
CA GLY L 95 -13.32 81.50 -5.91
C GLY L 95 -14.03 80.78 -4.82
N VAL L 96 -13.57 80.94 -3.59
CA VAL L 96 -14.19 80.06 -2.62
C VAL L 96 -14.63 80.69 -1.32
N GLY L 97 -15.70 80.16 -0.72
CA GLY L 97 -16.21 80.67 0.55
C GLY L 97 -15.28 80.42 1.81
N ILE L 98 -15.70 80.75 3.03
CA ILE L 98 -14.92 80.45 4.21
C ILE L 98 -16.01 80.75 5.32
N SER L 99 -16.49 79.66 6.07
CA SER L 99 -17.49 79.78 7.15
C SER L 99 -16.73 79.49 8.43
N GLY L 100 -17.28 80.08 9.47
CA GLY L 100 -16.62 80.19 10.74
C GLY L 100 -17.70 80.29 11.89
N HIS L 101 -17.21 80.32 13.13
CA HIS L 101 -18.06 80.29 14.32
C HIS L 101 -17.26 80.97 15.45
N PRO L 102 -17.76 82.17 15.94
CA PRO L 102 -17.01 82.91 16.99
C PRO L 102 -16.75 81.92 18.12
N LEU L 103 -17.64 80.92 18.35
CA LEU L 103 -17.49 80.19 19.59
C LEU L 103 -17.50 78.78 19.19
N LEU L 104 -16.80 78.47 18.07
CA LEU L 104 -16.67 77.07 17.65
C LEU L 104 -16.21 76.19 18.76
N ASN L 105 -16.78 75.00 18.88
CA ASN L 105 -16.26 74.07 19.89
C ASN L 105 -15.05 73.27 19.50
N LYS L 106 -13.94 73.81 19.96
CA LYS L 106 -12.68 73.18 19.66
C LYS L 106 -11.77 73.21 20.86
N LEU L 107 -11.61 71.99 21.44
CA LEU L 107 -10.62 71.77 22.52
C LEU L 107 -9.19 71.96 22.07
N ASP L 108 -8.62 70.90 21.50
CA ASP L 108 -7.26 71.14 21.07
C ASP L 108 -6.92 70.43 19.82
N ASP L 109 -5.67 70.68 19.35
CA ASP L 109 -5.36 70.38 17.94
C ASP L 109 -4.58 69.13 18.09
N THR L 110 -5.14 67.94 17.83
CA THR L 110 -4.58 66.61 18.18
C THR L 110 -3.88 66.01 17.03
N GLU L 111 -3.45 66.85 16.08
CA GLU L 111 -2.70 66.36 14.91
C GLU L 111 -1.27 66.03 15.28
N ASN L 112 -0.70 66.94 16.04
CA ASN L 112 0.60 66.80 16.53
C ASN L 112 0.76 67.55 17.91
N SER L 113 -0.16 67.28 18.87
CA SER L 113 -0.30 67.95 20.25
C SER L 113 1.03 68.30 20.78
N ASN L 114 1.08 69.30 21.64
CA ASN L 114 2.43 69.70 22.17
C ASN L 114 2.78 68.79 23.35
N LYS L 115 1.80 68.60 24.28
CA LYS L 115 1.89 67.60 25.42
C LYS L 115 0.54 67.13 25.89
N TYR L 116 0.35 67.35 27.20
CA TYR L 116 -0.87 66.96 27.89
C TYR L 116 -1.08 67.86 29.11
N VAL L 117 -1.91 68.90 28.94
CA VAL L 117 -2.25 69.85 30.03
C VAL L 117 -3.41 69.27 30.79
N GLY L 118 -3.36 69.40 32.09
CA GLY L 118 -4.47 68.87 32.87
C GLY L 118 -5.86 69.32 32.39
N ASN L 119 -6.90 68.61 32.97
CA ASN L 119 -8.37 68.92 32.84
C ASN L 119 -8.69 70.44 32.69
N SER L 120 -9.06 70.84 31.47
CA SER L 120 -9.43 72.25 31.24
C SER L 120 -10.48 72.77 32.26
N GLY L 121 -11.01 73.97 31.98
CA GLY L 121 -12.25 74.47 32.66
C GLY L 121 -13.58 74.44 31.89
N THR L 122 -14.19 75.59 31.85
CA THR L 122 -15.50 75.77 31.22
C THR L 122 -15.42 76.69 30.09
N ASP L 123 -16.22 76.51 29.03
CA ASP L 123 -16.00 77.35 27.80
C ASP L 123 -14.56 77.55 27.23
N ASN L 124 -14.08 76.56 26.49
CA ASN L 124 -12.76 76.69 25.88
C ASN L 124 -12.99 76.85 24.40
N ARG L 125 -14.19 77.38 24.02
CA ARG L 125 -14.55 77.65 22.59
C ARG L 125 -13.76 78.84 22.06
N GLU L 126 -13.39 78.71 20.79
CA GLU L 126 -12.67 79.77 20.14
C GLU L 126 -13.19 80.04 18.71
N CYS L 127 -12.83 81.22 18.17
CA CYS L 127 -13.35 81.58 16.89
C CYS L 127 -12.51 80.82 15.90
N ILE L 128 -13.15 80.08 14.99
CA ILE L 128 -12.39 79.42 13.89
C ILE L 128 -13.21 79.49 12.61
N SER L 129 -12.62 79.76 11.44
CA SER L 129 -13.34 79.71 10.18
C SER L 129 -12.73 78.51 9.31
N MET L 130 -13.27 78.30 8.09
CA MET L 130 -12.80 77.10 7.31
C MET L 130 -13.42 77.14 5.94
N ASP L 131 -12.87 76.34 4.97
CA ASP L 131 -13.45 76.28 3.62
C ASP L 131 -14.08 74.91 3.42
N TYR L 132 -15.39 74.91 3.20
CA TYR L 132 -16.10 73.71 3.03
C TYR L 132 -15.80 72.81 1.79
N LYS L 133 -16.37 71.61 1.81
CA LYS L 133 -16.04 70.58 0.88
C LYS L 133 -16.74 71.09 -0.38
N GLN L 134 -15.96 71.12 -1.44
CA GLN L 134 -16.39 71.51 -2.81
C GLN L 134 -17.43 70.58 -3.49
N THR L 135 -18.53 71.13 -3.97
CA THR L 135 -19.59 70.26 -4.60
C THR L 135 -20.26 71.05 -5.76
N GLN L 136 -20.55 70.27 -6.81
CA GLN L 136 -21.05 70.72 -8.05
C GLN L 136 -22.14 69.75 -8.57
N LEU L 137 -23.43 70.02 -8.26
CA LEU L 137 -24.44 69.11 -8.81
C LEU L 137 -25.44 69.78 -9.68
N CYS L 138 -26.26 68.96 -10.39
CA CYS L 138 -27.37 69.56 -11.19
C CYS L 138 -28.27 68.47 -11.61
N LEU L 139 -29.53 68.67 -11.34
CA LEU L 139 -30.39 67.46 -11.51
C LEU L 139 -31.64 68.00 -12.23
N ILE L 140 -32.10 67.28 -13.26
CA ILE L 140 -33.09 67.95 -14.00
C ILE L 140 -34.21 67.00 -13.92
N GLY L 141 -35.34 67.39 -13.36
CA GLY L 141 -36.48 66.56 -13.39
C GLY L 141 -37.76 67.31 -13.41
N CYS L 142 -38.88 66.60 -13.68
CA CYS L 142 -40.19 67.27 -13.89
C CYS L 142 -40.93 67.30 -12.63
N ARG L 143 -40.29 66.83 -11.55
CA ARG L 143 -40.77 67.08 -10.17
C ARG L 143 -39.60 67.48 -9.30
N PRO L 144 -39.88 68.06 -8.15
CA PRO L 144 -38.78 68.46 -7.35
C PRO L 144 -38.05 67.16 -6.81
N PRO L 145 -36.67 67.17 -6.87
CA PRO L 145 -35.82 66.03 -6.35
C PRO L 145 -35.98 65.73 -4.84
N ILE L 146 -35.57 64.56 -4.32
CA ILE L 146 -35.59 64.47 -2.89
C ILE L 146 -34.20 64.49 -2.26
N GLY L 147 -34.14 64.81 -0.98
CA GLY L 147 -32.88 64.58 -0.28
C GLY L 147 -32.88 63.64 0.97
N GLU L 148 -31.69 63.32 1.44
CA GLU L 148 -31.56 62.49 2.62
C GLU L 148 -30.62 63.08 3.66
N HIS L 149 -30.98 62.84 4.94
CA HIS L 149 -30.28 63.58 6.03
C HIS L 149 -30.55 62.92 7.38
N TRP L 150 -29.53 62.90 8.23
CA TRP L 150 -29.60 62.12 9.46
C TRP L 150 -30.39 62.90 10.49
N GLY L 151 -31.59 62.41 10.94
CA GLY L 151 -32.39 63.17 11.87
C GLY L 151 -32.44 62.48 13.15
N LYS L 152 -33.15 63.17 14.06
CA LYS L 152 -33.54 62.60 15.42
C LYS L 152 -34.73 61.66 15.37
N GLY L 153 -34.46 60.42 15.74
CA GLY L 153 -35.46 59.37 15.74
C GLY L 153 -36.20 59.24 17.06
N THR L 154 -37.38 58.61 16.94
CA THR L 154 -38.26 58.24 18.05
C THR L 154 -37.91 56.82 18.73
N PRO L 155 -37.53 56.80 20.08
CA PRO L 155 -37.09 55.51 20.71
C PRO L 155 -38.25 54.53 20.81
N SER L 156 -37.89 53.24 20.85
CA SER L 156 -38.87 52.16 20.96
C SER L 156 -39.56 51.98 22.33
N ASN L 157 -40.45 50.96 22.38
CA ASN L 157 -41.23 50.69 23.56
C ASN L 157 -40.36 50.16 24.64
N ALA L 158 -39.92 51.10 25.51
CA ALA L 158 -38.92 50.83 26.53
C ALA L 158 -38.68 52.03 27.49
N ASN L 159 -37.37 52.26 27.78
CA ASN L 159 -36.89 53.38 28.65
C ASN L 159 -37.09 54.78 28.00
N GLN L 160 -37.42 55.80 28.85
CA GLN L 160 -37.45 57.21 28.35
C GLN L 160 -35.94 57.72 28.25
N VAL L 161 -35.53 58.15 27.01
CA VAL L 161 -34.16 58.67 26.66
C VAL L 161 -34.01 60.10 27.31
N LYS L 162 -33.78 60.14 28.65
CA LYS L 162 -33.66 61.36 29.48
C LYS L 162 -32.50 62.22 28.94
N ALA L 163 -32.53 63.55 29.23
CA ALA L 163 -31.51 64.52 28.78
C ALA L 163 -30.03 64.05 29.01
N GLY L 164 -29.20 64.19 27.99
CA GLY L 164 -27.83 63.77 28.15
C GLY L 164 -27.58 62.73 27.11
N GLU L 165 -28.48 61.76 27.06
CA GLU L 165 -28.34 60.60 26.21
C GLU L 165 -28.24 61.01 24.78
N CYS L 166 -27.68 60.17 23.93
CA CYS L 166 -27.58 60.37 22.47
C CYS L 166 -28.77 59.67 21.81
N PRO L 167 -29.61 60.50 21.17
CA PRO L 167 -30.83 60.11 20.52
C PRO L 167 -30.54 59.09 19.38
N PRO L 168 -31.43 58.09 19.10
CA PRO L 168 -31.13 57.22 17.90
C PRO L 168 -31.41 58.09 16.67
N LEU L 169 -30.63 57.84 15.63
CA LEU L 169 -30.74 58.68 14.43
C LEU L 169 -31.70 57.95 13.44
N GLU L 170 -32.24 58.72 12.52
CA GLU L 170 -33.16 58.14 11.54
C GLU L 170 -32.90 58.83 10.17
N LEU L 171 -32.72 58.00 9.12
CA LEU L 171 -32.49 58.54 7.80
C LEU L 171 -33.83 59.08 7.32
N LEU L 172 -33.87 60.39 7.13
CA LEU L 172 -35.12 60.97 6.66
C LEU L 172 -35.14 61.55 5.22
N ASN L 173 -36.24 61.37 4.48
CA ASN L 173 -36.18 61.87 3.16
C ASN L 173 -36.82 63.16 3.36
N THR L 174 -36.62 64.06 2.42
CA THR L 174 -37.32 65.36 2.41
C THR L 174 -37.22 65.97 1.00
N VAL L 175 -38.11 66.85 0.65
CA VAL L 175 -37.98 67.61 -0.64
C VAL L 175 -36.86 68.67 -0.57
N LEU L 176 -36.21 68.90 -1.73
CA LEU L 176 -35.18 69.87 -1.77
C LEU L 176 -35.75 71.23 -2.23
N GLN L 177 -35.45 72.23 -1.49
CA GLN L 177 -36.17 73.39 -1.77
C GLN L 177 -35.08 74.48 -1.86
N ASP L 178 -35.32 75.66 -2.49
CA ASP L 178 -34.28 76.63 -2.66
C ASP L 178 -33.85 77.04 -1.28
N GLY L 179 -32.56 77.19 -1.10
CA GLY L 179 -32.09 77.70 0.18
C GLY L 179 -31.59 76.62 1.18
N ASP L 180 -31.72 75.37 0.78
CA ASP L 180 -31.20 74.33 1.55
C ASP L 180 -29.70 74.24 1.49
N MET L 181 -29.16 73.76 2.61
CA MET L 181 -27.69 73.53 2.73
C MET L 181 -27.20 72.13 2.25
N VAL L 182 -26.11 72.07 1.53
CA VAL L 182 -25.56 70.85 1.11
C VAL L 182 -24.59 70.53 2.19
N ASP L 183 -24.41 69.15 2.42
CA ASP L 183 -23.43 68.65 3.41
C ASP L 183 -22.09 69.47 3.24
N THR L 184 -21.39 69.90 4.32
CA THR L 184 -20.13 70.67 4.15
C THR L 184 -18.84 69.99 4.60
N GLY L 185 -19.00 68.71 4.81
CA GLY L 185 -17.89 67.85 5.34
C GLY L 185 -18.13 67.43 6.76
N PHE L 186 -19.31 67.72 7.22
CA PHE L 186 -19.73 67.39 8.52
C PHE L 186 -20.94 66.60 8.24
N GLY L 187 -21.06 66.21 6.96
CA GLY L 187 -22.10 65.24 6.64
C GLY L 187 -23.52 65.75 6.51
N ALA L 188 -24.46 64.87 6.17
CA ALA L 188 -25.79 65.33 5.93
C ALA L 188 -26.64 65.09 7.17
N MET L 189 -26.86 66.09 8.02
CA MET L 189 -27.78 65.78 9.19
C MET L 189 -28.64 67.05 9.53
N ASP L 190 -29.18 67.18 10.75
CA ASP L 190 -29.95 68.31 11.09
C ASP L 190 -29.40 68.83 12.39
N PHE L 191 -28.56 69.84 12.20
CA PHE L 191 -27.75 70.41 13.28
C PHE L 191 -28.39 71.01 14.54
N THR L 192 -29.63 71.46 14.32
CA THR L 192 -30.31 72.17 15.36
C THR L 192 -30.70 71.04 16.32
N THR L 193 -31.15 69.93 15.78
CA THR L 193 -31.68 68.96 16.70
C THR L 193 -30.73 67.83 17.24
N LEU L 194 -29.62 67.66 16.49
CA LEU L 194 -28.62 66.68 16.85
C LEU L 194 -27.50 67.40 17.66
N GLN L 195 -27.24 68.71 17.35
CA GLN L 195 -26.24 69.54 18.10
C GLN L 195 -26.75 70.64 19.00
N ALA L 196 -26.95 70.24 20.26
CA ALA L 196 -27.53 71.09 21.28
C ALA L 196 -26.64 72.33 21.50
N ASN L 197 -25.35 72.11 21.77
CA ASN L 197 -24.54 73.29 22.14
C ASN L 197 -24.60 74.47 21.11
N LYS L 198 -25.14 74.16 19.94
CA LYS L 198 -25.12 74.97 18.68
C LYS L 198 -23.80 75.76 18.59
N SER L 199 -22.64 75.07 18.77
CA SER L 199 -21.36 75.71 18.59
C SER L 199 -20.28 74.97 17.84
N ASP L 200 -20.65 73.85 17.22
CA ASP L 200 -19.48 73.07 16.71
C ASP L 200 -19.49 72.90 15.23
N VAL L 201 -19.95 73.98 14.62
CA VAL L 201 -20.10 74.10 13.18
C VAL L 201 -20.33 75.51 12.85
N PRO L 202 -19.73 76.01 11.76
CA PRO L 202 -19.92 77.44 11.46
C PRO L 202 -21.41 77.85 11.37
N LEU L 203 -21.64 79.18 11.50
CA LEU L 203 -23.00 79.63 11.67
C LEU L 203 -23.94 79.30 10.54
N ASP L 204 -23.47 79.34 9.31
CA ASP L 204 -24.39 79.03 8.17
C ASP L 204 -24.95 77.57 8.20
N ILE L 205 -24.33 76.62 8.95
CA ILE L 205 -25.04 75.32 9.02
C ILE L 205 -25.49 74.82 10.38
N CYS L 206 -24.86 75.42 11.36
CA CYS L 206 -25.10 75.05 12.69
C CYS L 206 -26.55 75.14 13.26
N SER L 207 -27.47 75.86 12.58
CA SER L 207 -28.85 75.75 12.97
C SER L 207 -29.79 75.35 11.77
N SER L 208 -29.24 74.58 10.87
CA SER L 208 -30.05 74.19 9.75
C SER L 208 -29.82 72.72 9.47
N ILE L 209 -29.94 72.29 8.19
CA ILE L 209 -29.90 70.92 7.88
C ILE L 209 -29.08 70.82 6.63
N CYS L 210 -27.95 70.17 6.66
CA CYS L 210 -27.32 69.98 5.39
C CYS L 210 -27.89 68.71 4.69
N LYS L 211 -28.54 68.85 3.54
CA LYS L 211 -29.17 67.68 2.82
C LYS L 211 -28.27 67.11 1.72
N TYR L 212 -28.50 65.90 1.24
CA TYR L 212 -27.61 65.24 0.25
C TYR L 212 -28.60 64.61 -0.67
N PRO L 213 -28.51 64.88 -1.92
CA PRO L 213 -29.55 64.32 -2.81
C PRO L 213 -29.71 62.78 -2.63
N ASP L 214 -30.97 62.32 -2.57
CA ASP L 214 -31.18 60.82 -2.50
C ASP L 214 -31.18 60.14 -3.85
N TYR L 215 -30.00 60.32 -4.44
CA TYR L 215 -29.67 59.73 -5.70
C TYR L 215 -30.24 58.30 -5.78
N LEU L 216 -29.79 57.38 -4.81
CA LEU L 216 -30.24 56.01 -4.73
C LEU L 216 -31.76 55.88 -4.87
N LYS L 217 -32.48 56.69 -4.10
CA LYS L 217 -33.95 56.55 -4.09
C LYS L 217 -34.56 56.90 -5.42
N MET L 218 -34.21 58.17 -5.86
CA MET L 218 -34.65 58.87 -7.06
C MET L 218 -34.43 58.09 -8.27
N VAL L 219 -33.27 57.45 -8.34
CA VAL L 219 -32.96 56.73 -9.57
C VAL L 219 -33.88 55.52 -9.73
N SER L 220 -34.26 54.95 -8.57
CA SER L 220 -35.03 53.77 -8.42
C SER L 220 -36.54 53.96 -8.35
N GLU L 221 -37.07 55.14 -8.58
CA GLU L 221 -38.54 55.34 -8.56
C GLU L 221 -39.06 54.78 -9.89
N PRO L 222 -40.21 54.19 -9.88
CA PRO L 222 -40.69 53.47 -11.03
C PRO L 222 -40.86 54.37 -12.21
N TYR L 223 -41.55 55.51 -12.06
CA TYR L 223 -41.88 56.46 -13.17
C TYR L 223 -40.65 57.21 -13.52
N GLY L 224 -39.96 57.69 -12.47
CA GLY L 224 -38.73 58.52 -12.66
C GLY L 224 -39.00 59.91 -13.33
N ASP L 225 -39.69 60.76 -12.58
CA ASP L 225 -39.94 62.11 -12.93
C ASP L 225 -38.95 62.89 -12.09
N MET L 226 -38.54 62.27 -11.00
CA MET L 226 -37.75 62.93 -10.02
C MET L 226 -36.61 63.56 -10.77
N LEU L 227 -35.88 62.76 -11.49
CA LEU L 227 -34.79 63.27 -12.22
C LEU L 227 -34.53 62.24 -13.33
N PHE L 228 -34.33 62.74 -14.58
CA PHE L 228 -33.92 61.97 -15.73
C PHE L 228 -32.49 62.44 -16.29
N PHE L 229 -31.62 63.05 -15.49
CA PHE L 229 -30.29 63.55 -15.94
C PHE L 229 -29.72 64.13 -14.60
N TYR L 230 -28.41 63.97 -14.40
CA TYR L 230 -27.82 64.59 -13.23
C TYR L 230 -26.31 64.46 -13.31
N LEU L 231 -25.56 65.28 -12.57
CA LEU L 231 -24.08 65.25 -12.66
C LEU L 231 -23.64 65.80 -11.29
N ARG L 232 -22.94 64.93 -10.54
CA ARG L 232 -22.49 65.37 -9.29
C ARG L 232 -20.99 65.50 -9.41
N ARG L 233 -20.32 66.32 -8.64
CA ARG L 233 -18.84 66.48 -8.69
C ARG L 233 -18.32 67.05 -7.35
N GLU L 234 -18.26 66.15 -6.38
CA GLU L 234 -17.85 66.54 -5.05
C GLU L 234 -16.42 66.08 -4.72
N GLN L 235 -15.73 66.72 -3.73
CA GLN L 235 -14.32 66.49 -3.52
C GLN L 235 -13.99 67.30 -2.27
N MET L 236 -13.06 66.75 -1.52
CA MET L 236 -12.65 67.43 -0.29
C MET L 236 -11.64 66.53 0.52
N PHE L 237 -10.83 67.22 1.35
CA PHE L 237 -9.86 66.54 2.26
C PHE L 237 -9.80 67.11 3.71
N VAL L 238 -9.08 66.38 4.51
CA VAL L 238 -8.87 66.88 5.83
C VAL L 238 -7.88 68.03 6.04
N ARG L 239 -8.35 69.25 6.03
CA ARG L 239 -7.49 70.41 6.34
C ARG L 239 -6.95 70.31 7.72
N HIS L 240 -7.77 70.19 8.77
CA HIS L 240 -7.17 69.80 10.16
C HIS L 240 -7.66 68.55 11.06
N LEU L 241 -6.88 68.19 12.07
CA LEU L 241 -7.51 67.33 13.10
C LEU L 241 -7.82 67.96 14.49
N PHE L 242 -9.10 68.05 14.97
CA PHE L 242 -9.42 68.60 16.30
C PHE L 242 -10.06 67.60 17.28
N ASN L 243 -10.13 68.14 18.48
CA ASN L 243 -10.66 67.46 19.67
C ASN L 243 -11.76 68.33 20.18
N ARG L 244 -12.98 67.78 20.30
CA ARG L 244 -14.15 68.51 20.89
C ARG L 244 -13.98 68.64 22.43
N ALA L 245 -14.80 69.50 23.04
CA ALA L 245 -14.83 69.76 24.49
C ALA L 245 -16.19 69.36 24.95
N GLY L 246 -16.38 69.34 26.26
CA GLY L 246 -17.54 68.61 26.88
C GLY L 246 -17.20 67.15 27.37
N THR L 247 -18.11 66.60 28.18
CA THR L 247 -17.94 65.22 28.65
C THR L 247 -18.28 64.26 27.48
N VAL L 248 -17.58 63.11 27.51
CA VAL L 248 -17.83 62.08 26.52
C VAL L 248 -18.91 61.16 26.95
N GLY L 249 -20.02 61.25 26.23
CA GLY L 249 -21.13 60.38 26.53
C GLY L 249 -20.73 58.88 26.69
N GLU L 250 -20.28 58.29 25.59
CA GLU L 250 -19.94 56.88 25.52
C GLU L 250 -18.45 56.79 25.87
N THR L 251 -18.13 56.53 27.14
CA THR L 251 -16.77 56.56 27.69
C THR L 251 -16.06 55.39 27.09
N VAL L 252 -14.75 55.59 26.83
CA VAL L 252 -13.85 54.51 26.31
C VAL L 252 -13.74 53.17 27.15
N PRO L 253 -13.85 52.02 26.48
CA PRO L 253 -13.69 50.75 27.16
C PRO L 253 -12.28 50.61 27.77
N ALA L 254 -12.22 50.30 29.07
CA ALA L 254 -10.96 50.28 29.88
C ALA L 254 -9.95 49.22 29.49
N ASP L 255 -10.49 48.29 28.70
CA ASP L 255 -9.76 47.14 28.19
C ASP L 255 -9.25 47.48 26.73
N LEU L 256 -9.44 48.72 26.27
CA LEU L 256 -8.86 49.20 24.97
C LEU L 256 -7.58 49.98 25.14
N TYR L 257 -7.23 50.23 26.39
CA TYR L 257 -5.96 50.98 26.76
C TYR L 257 -5.48 50.54 28.21
N ILE L 258 -4.23 50.90 28.49
CA ILE L 258 -3.51 50.75 29.75
C ILE L 258 -3.53 52.07 30.62
N LYS L 259 -4.21 51.95 31.79
CA LYS L 259 -4.38 52.99 32.80
C LYS L 259 -3.17 53.86 32.93
N GLY L 260 -3.30 55.06 32.43
CA GLY L 260 -2.17 55.94 32.43
C GLY L 260 -2.37 56.64 33.73
N THR L 261 -1.38 56.51 34.60
CA THR L 261 -1.47 57.29 35.88
C THR L 261 -1.78 58.75 35.53
N THR L 262 -2.36 59.58 36.42
CA THR L 262 -2.49 61.04 36.05
C THR L 262 -3.44 61.25 34.80
N GLY L 263 -4.76 61.38 35.06
CA GLY L 263 -5.64 61.82 34.00
C GLY L 263 -6.99 61.26 34.06
N THR L 264 -7.90 62.10 33.63
CA THR L 264 -9.26 61.66 33.57
C THR L 264 -9.55 61.20 32.15
N LEU L 265 -8.47 60.88 31.45
CA LEU L 265 -8.51 60.48 30.01
C LEU L 265 -8.99 61.63 29.04
N PRO L 266 -8.06 62.20 28.19
CA PRO L 266 -8.42 63.34 27.26
C PRO L 266 -9.64 62.97 26.36
N SER L 267 -10.18 63.99 25.67
CA SER L 267 -11.37 63.80 24.90
C SER L 267 -10.98 62.81 23.81
N THR L 268 -11.97 61.97 23.48
CA THR L 268 -11.78 61.04 22.34
C THR L 268 -12.74 61.48 21.22
N SER L 269 -13.35 62.68 21.33
CA SER L 269 -14.38 63.11 20.33
C SER L 269 -13.64 63.90 19.35
N TYR L 270 -13.16 63.24 18.31
CA TYR L 270 -12.40 63.95 17.28
C TYR L 270 -13.28 64.34 16.14
N PHE L 271 -12.97 65.51 15.57
CA PHE L 271 -13.66 65.97 14.33
C PHE L 271 -12.66 66.67 13.47
N PRO L 272 -12.76 66.45 12.15
CA PRO L 272 -11.89 67.08 11.16
C PRO L 272 -12.40 68.36 10.39
N THR L 273 -11.44 69.17 10.02
CA THR L 273 -11.81 70.37 9.25
C THR L 273 -11.77 69.91 7.81
N PRO L 274 -12.80 70.25 6.98
CA PRO L 274 -12.59 69.92 5.49
C PRO L 274 -11.84 71.04 4.75
N SER L 275 -11.66 70.69 3.51
CA SER L 275 -11.03 71.58 2.61
C SER L 275 -11.31 71.06 1.20
N GLY L 276 -12.06 71.91 0.43
CA GLY L 276 -12.62 71.57 -0.82
C GLY L 276 -11.44 71.60 -1.73
N SER L 277 -10.25 71.96 -1.24
CA SER L 277 -9.04 72.01 -2.10
C SER L 277 -9.11 73.20 -3.15
N MET L 278 -9.05 72.90 -4.43
CA MET L 278 -8.91 73.92 -5.39
C MET L 278 -10.05 73.86 -6.39
N VAL L 279 -10.35 75.08 -7.07
CA VAL L 279 -11.62 75.30 -8.00
C VAL L 279 -10.88 75.56 -9.24
N THR L 280 -11.26 74.91 -10.35
CA THR L 280 -10.62 75.19 -11.64
C THR L 280 -11.48 75.22 -12.88
N SER L 281 -11.21 76.10 -13.82
CA SER L 281 -12.03 76.22 -15.00
C SER L 281 -12.27 74.90 -15.65
N ASP L 282 -11.26 74.03 -15.52
CA ASP L 282 -11.35 72.63 -16.01
C ASP L 282 -12.32 71.77 -15.22
N ALA L 283 -12.33 71.88 -13.91
CA ALA L 283 -13.30 71.14 -13.14
C ALA L 283 -14.77 71.31 -13.56
N GLN L 284 -15.15 72.52 -13.95
CA GLN L 284 -16.53 72.95 -14.22
C GLN L 284 -17.44 71.98 -14.86
N ILE L 285 -18.52 71.69 -14.18
CA ILE L 285 -19.61 70.90 -14.79
C ILE L 285 -20.62 71.89 -15.50
N PHE L 286 -20.59 73.19 -15.20
CA PHE L 286 -21.59 74.10 -15.72
C PHE L 286 -21.24 74.71 -17.03
N ASN L 287 -21.99 75.73 -17.47
CA ASN L 287 -21.72 76.45 -18.71
C ASN L 287 -21.50 75.63 -19.98
N LYS L 288 -22.24 74.58 -20.11
CA LYS L 288 -22.10 73.78 -21.23
C LYS L 288 -23.51 73.19 -21.58
N PRO L 289 -23.64 72.82 -22.86
CA PRO L 289 -25.04 72.36 -23.23
C PRO L 289 -25.18 70.91 -22.89
N TYR L 290 -26.22 70.50 -22.20
CA TYR L 290 -26.46 69.08 -21.84
C TYR L 290 -27.62 68.66 -22.75
N TRP L 291 -27.54 67.50 -23.41
CA TRP L 291 -28.57 67.11 -24.30
C TRP L 291 -29.17 65.86 -23.83
N LEU L 292 -30.32 65.91 -23.16
CA LEU L 292 -30.89 64.61 -22.56
C LEU L 292 -31.64 63.81 -23.63
N GLN L 293 -30.81 62.97 -24.32
CA GLN L 293 -31.28 62.40 -25.58
C GLN L 293 -32.08 61.26 -25.14
N ARG L 294 -31.56 60.55 -24.13
CA ARG L 294 -32.27 59.37 -23.61
C ARG L 294 -32.20 59.57 -22.13
N ALA L 295 -33.32 59.42 -21.47
CA ALA L 295 -33.30 59.65 -20.06
C ALA L 295 -32.91 58.38 -19.36
N GLN L 296 -32.63 58.54 -18.09
CA GLN L 296 -32.23 57.36 -17.27
C GLN L 296 -33.42 56.54 -17.02
N GLY L 297 -34.36 57.15 -16.31
CA GLY L 297 -35.67 56.54 -16.12
C GLY L 297 -36.70 56.24 -17.24
N HIS L 298 -37.95 55.87 -16.90
CA HIS L 298 -38.90 55.63 -17.89
C HIS L 298 -39.32 56.98 -18.54
N ASN L 299 -39.15 58.11 -17.79
CA ASN L 299 -39.74 59.30 -18.35
C ASN L 299 -38.67 60.01 -19.28
N ASN L 300 -38.93 60.04 -20.59
CA ASN L 300 -37.96 60.62 -21.35
C ASN L 300 -37.95 62.17 -21.44
N GLY L 301 -37.70 62.83 -20.28
CA GLY L 301 -37.76 64.39 -20.13
C GLY L 301 -39.09 64.98 -20.73
N ILE L 302 -40.24 64.47 -20.29
CA ILE L 302 -41.50 64.91 -20.55
C ILE L 302 -41.87 65.71 -19.31
N CYS L 303 -42.26 66.94 -19.54
CA CYS L 303 -42.40 67.90 -18.49
C CYS L 303 -43.89 67.97 -18.22
N TRP L 304 -44.40 67.07 -17.39
CA TRP L 304 -45.84 67.03 -17.22
C TRP L 304 -46.25 68.23 -16.41
N SER L 305 -47.35 68.85 -16.86
CA SER L 305 -48.08 69.96 -16.18
C SER L 305 -47.14 71.08 -16.51
N ASN L 306 -46.71 71.15 -17.76
CA ASN L 306 -45.91 72.32 -18.22
C ASN L 306 -44.79 72.80 -17.14
N GLN L 307 -44.06 71.84 -16.48
CA GLN L 307 -43.20 72.21 -15.38
C GLN L 307 -41.82 71.59 -15.54
N LEU L 308 -40.92 71.96 -14.62
CA LEU L 308 -39.52 71.60 -14.70
C LEU L 308 -38.81 72.05 -13.46
N PHE L 309 -37.91 71.20 -13.02
CA PHE L 309 -37.17 71.62 -11.92
C PHE L 309 -35.69 71.56 -12.16
N VAL L 310 -34.94 72.62 -11.98
CA VAL L 310 -33.54 72.44 -12.14
C VAL L 310 -32.88 72.67 -10.80
N THR L 311 -32.14 71.65 -10.31
CA THR L 311 -31.58 71.74 -8.96
C THR L 311 -30.08 72.01 -9.15
N VAL L 312 -29.51 72.93 -8.38
CA VAL L 312 -28.11 73.18 -8.51
C VAL L 312 -27.45 73.57 -7.23
N VAL L 313 -26.23 73.17 -7.14
CA VAL L 313 -25.39 73.59 -6.05
C VAL L 313 -24.09 73.92 -6.78
N ASP L 314 -23.33 74.90 -6.29
CA ASP L 314 -22.05 75.13 -6.96
C ASP L 314 -21.20 75.85 -5.94
N THR L 315 -20.19 75.23 -5.39
CA THR L 315 -19.41 75.92 -4.39
C THR L 315 -18.14 76.49 -5.06
N THR L 316 -18.01 76.45 -6.41
CA THR L 316 -16.80 77.02 -7.19
C THR L 316 -16.70 78.60 -7.28
N ARG L 317 -17.91 79.19 -7.11
CA ARG L 317 -18.00 80.58 -7.10
C ARG L 317 -18.44 81.13 -5.79
N SER L 318 -18.05 80.50 -4.78
CA SER L 318 -18.58 80.89 -3.51
C SER L 318 -17.91 82.11 -2.76
N THR L 319 -17.22 83.03 -3.48
CA THR L 319 -16.43 84.06 -2.79
C THR L 319 -17.31 85.05 -2.14
N ASN L 320 -17.06 85.30 -0.85
CA ASN L 320 -17.92 86.32 -0.16
C ASN L 320 -17.23 87.68 -0.05
N MET L 321 -17.58 88.67 -0.89
CA MET L 321 -16.88 90.03 -0.87
C MET L 321 -17.30 90.80 0.40
N SER L 322 -16.29 91.41 1.03
CA SER L 322 -16.50 92.16 2.28
C SER L 322 -16.64 93.74 1.94
N VAL L 323 -17.61 94.46 2.52
CA VAL L 323 -17.77 95.84 2.17
C VAL L 323 -17.52 96.61 3.42
N CYS L 324 -16.57 97.53 3.35
CA CYS L 324 -16.17 98.36 4.55
C CYS L 324 -16.83 99.74 4.46
N SER L 325 -17.55 100.15 5.51
CA SER L 325 -18.21 101.47 5.49
C SER L 325 -17.79 102.37 6.66
N ALA L 326 -17.13 103.51 6.42
CA ALA L 326 -16.70 104.32 7.54
C ALA L 326 -17.81 105.11 8.24
N VAL L 327 -17.67 105.33 9.59
CA VAL L 327 -18.62 106.16 10.41
C VAL L 327 -18.61 107.68 10.19
N SER L 328 -17.48 108.11 9.63
CA SER L 328 -17.26 109.52 9.34
C SER L 328 -15.87 109.69 8.68
N SER L 329 -15.83 110.08 7.41
CA SER L 329 -14.54 110.19 6.75
C SER L 329 -13.92 111.54 7.08
N SER L 330 -14.05 112.05 8.32
CA SER L 330 -13.41 113.32 8.78
C SER L 330 -12.09 113.04 9.56
N ASP L 331 -11.78 111.75 9.83
CA ASP L 331 -10.58 111.32 10.59
C ASP L 331 -9.44 111.22 9.71
N SER L 332 -8.26 111.44 10.23
CA SER L 332 -7.05 111.35 9.44
C SER L 332 -6.23 110.09 9.89
N THR L 333 -6.71 109.46 11.00
CA THR L 333 -6.05 108.33 11.70
C THR L 333 -7.01 107.15 11.78
N TYR L 334 -6.41 106.01 11.36
CA TYR L 334 -7.02 104.66 11.33
C TYR L 334 -7.47 104.27 12.68
N LYS L 335 -8.80 104.16 12.80
CA LYS L 335 -9.43 103.68 14.06
C LYS L 335 -10.56 102.64 13.79
N ASN L 336 -10.37 101.42 14.29
CA ASN L 336 -11.38 100.36 14.13
C ASN L 336 -12.88 100.69 14.39
N ASP L 337 -13.15 101.38 15.49
CA ASP L 337 -14.50 102.06 15.66
C ASP L 337 -15.04 102.86 14.42
N ASN L 338 -14.13 103.53 13.72
CA ASN L 338 -14.56 104.24 12.61
C ASN L 338 -14.92 103.44 11.37
N PHE L 339 -15.01 102.12 11.46
CA PHE L 339 -15.42 101.38 10.25
C PHE L 339 -16.39 100.21 10.51
N LYS L 340 -17.14 99.77 9.49
CA LYS L 340 -18.09 98.72 9.73
C LYS L 340 -18.03 97.78 8.60
N GLU L 341 -17.41 96.61 8.87
CA GLU L 341 -17.27 95.52 7.84
C GLU L 341 -18.56 94.71 7.78
N TYR L 342 -18.96 94.38 6.52
CA TYR L 342 -20.10 93.57 6.12
C TYR L 342 -19.67 92.52 5.08
N LEU L 343 -20.40 91.43 5.04
CA LEU L 343 -20.11 90.36 4.14
C LEU L 343 -21.24 90.15 3.19
N ARG L 344 -20.85 90.23 1.90
CA ARG L 344 -21.77 89.94 0.73
C ARG L 344 -21.32 88.85 -0.32
N HIS L 345 -22.35 88.17 -0.79
CA HIS L 345 -22.20 87.21 -1.85
C HIS L 345 -23.40 87.38 -2.76
N GLY L 346 -23.12 87.28 -4.05
CA GLY L 346 -24.21 87.50 -4.99
C GLY L 346 -24.04 86.45 -6.09
N GLU L 347 -25.20 85.86 -6.36
CA GLU L 347 -25.19 84.61 -7.14
C GLU L 347 -25.53 85.08 -8.52
N GLU L 348 -25.20 84.33 -9.56
CA GLU L 348 -25.59 84.73 -10.92
C GLU L 348 -25.87 83.54 -11.81
N TYR L 349 -27.20 83.20 -11.94
CA TYR L 349 -27.63 82.26 -12.98
C TYR L 349 -28.24 82.73 -14.27
N ASP L 350 -28.24 81.85 -15.24
CA ASP L 350 -28.90 82.01 -16.57
C ASP L 350 -29.47 80.56 -17.02
N LEU L 351 -30.81 80.45 -17.14
CA LEU L 351 -31.36 79.15 -17.53
C LEU L 351 -31.79 79.05 -18.99
N GLN L 352 -31.11 78.27 -19.83
CA GLN L 352 -31.60 78.18 -21.18
C GLN L 352 -32.15 76.80 -21.48
N PHE L 353 -33.01 76.69 -22.50
CA PHE L 353 -33.71 75.41 -22.62
C PHE L 353 -34.00 75.24 -24.06
N ILE L 354 -34.56 74.08 -24.41
CA ILE L 354 -34.93 73.76 -25.79
C ILE L 354 -35.91 72.57 -25.56
N PHE L 355 -37.17 72.85 -25.88
CA PHE L 355 -38.10 71.80 -25.72
C PHE L 355 -38.75 71.43 -27.06
N GLN L 356 -39.37 70.23 -27.05
CA GLN L 356 -39.89 69.66 -28.33
C GLN L 356 -41.33 69.40 -28.07
N LEU L 357 -42.12 69.62 -29.12
CA LEU L 357 -43.58 69.59 -28.89
C LEU L 357 -44.00 68.16 -28.97
N CYS L 358 -44.77 67.66 -27.96
CA CYS L 358 -45.29 66.34 -28.17
C CYS L 358 -46.75 66.26 -28.02
N LYS L 359 -47.36 65.23 -28.64
CA LYS L 359 -48.77 64.95 -28.64
C LYS L 359 -49.09 63.62 -28.05
N ILE L 360 -50.23 63.59 -27.38
CA ILE L 360 -50.73 62.40 -26.72
C ILE L 360 -52.21 62.16 -26.95
N THR L 361 -52.50 61.24 -27.86
CA THR L 361 -53.92 60.86 -28.05
C THR L 361 -54.58 60.10 -26.81
N LEU L 362 -55.56 60.78 -26.19
CA LEU L 362 -56.08 60.22 -24.93
C LEU L 362 -56.98 59.08 -25.34
N THR L 363 -56.54 57.83 -25.24
CA THR L 363 -57.30 56.65 -25.60
C THR L 363 -57.57 55.92 -24.26
N ALA L 364 -58.50 54.95 -24.36
CA ALA L 364 -58.90 54.04 -23.31
C ALA L 364 -57.63 53.61 -22.52
N ASP L 365 -56.73 52.88 -23.17
CA ASP L 365 -55.55 52.43 -22.43
C ASP L 365 -54.72 53.54 -21.77
N VAL L 366 -54.49 54.61 -22.60
CA VAL L 366 -53.55 55.68 -22.27
C VAL L 366 -54.06 56.56 -21.15
N MET L 367 -55.36 56.69 -21.10
CA MET L 367 -55.89 57.48 -20.03
C MET L 367 -55.76 56.84 -18.65
N THR L 368 -56.06 55.49 -18.59
CA THR L 368 -55.99 54.73 -17.35
C THR L 368 -54.58 54.71 -16.80
N TYR L 369 -53.62 54.44 -17.68
CA TYR L 369 -52.20 54.53 -17.37
C TYR L 369 -51.84 55.88 -16.80
N ILE L 370 -52.21 56.95 -17.51
CA ILE L 370 -51.90 58.33 -17.03
C ILE L 370 -52.49 58.66 -15.67
N HIS L 371 -53.77 58.26 -15.52
CA HIS L 371 -54.48 58.50 -14.31
C HIS L 371 -53.71 57.85 -13.11
N SER L 372 -53.24 56.58 -13.26
CA SER L 372 -52.66 55.84 -12.11
C SER L 372 -51.31 56.48 -11.77
N MET L 373 -50.62 56.82 -12.85
CA MET L 373 -49.40 57.75 -12.77
C MET L 373 -49.64 59.09 -12.01
N ASN L 374 -50.39 59.94 -12.64
CA ASN L 374 -50.66 61.16 -12.01
C ASN L 374 -52.00 61.67 -12.54
N PRO L 375 -53.00 61.69 -11.61
CA PRO L 375 -54.32 62.12 -11.96
C PRO L 375 -54.37 63.56 -12.49
N SER L 376 -53.68 64.56 -11.88
CA SER L 376 -53.65 65.97 -12.30
C SER L 376 -53.42 66.08 -13.70
N ILE L 377 -52.25 65.52 -14.13
CA ILE L 377 -52.00 65.46 -15.58
C ILE L 377 -53.31 65.45 -16.53
N LEU L 378 -54.29 64.58 -16.25
CA LEU L 378 -55.57 64.50 -17.00
C LEU L 378 -56.63 65.48 -16.54
N GLU L 379 -56.73 65.71 -15.24
CA GLU L 379 -57.78 66.64 -14.80
C GLU L 379 -57.37 68.08 -15.24
N ASP L 380 -56.07 68.41 -15.20
CA ASP L 380 -55.58 69.68 -15.68
C ASP L 380 -55.80 69.87 -17.17
N TRP L 381 -56.06 68.82 -17.95
CA TRP L 381 -56.29 69.01 -19.34
C TRP L 381 -57.78 69.14 -19.65
N ASN L 382 -58.43 70.07 -18.89
CA ASN L 382 -59.88 70.47 -19.04
C ASN L 382 -60.59 71.30 -17.87
N PRO L 389 -50.41 72.96 -4.57
CA PRO L 389 -50.11 71.53 -4.54
C PRO L 389 -48.75 71.43 -3.96
N LEU L 390 -47.92 72.44 -4.25
CA LEU L 390 -46.53 72.57 -3.72
C LEU L 390 -46.50 73.85 -2.89
N LYS L 391 -47.66 74.13 -2.31
CA LYS L 391 -47.83 75.37 -1.57
C LYS L 391 -46.92 75.45 -0.34
N ASN L 392 -46.44 74.33 0.15
CA ASN L 392 -45.55 74.43 1.34
C ASN L 392 -44.09 74.35 0.94
N TYR L 393 -43.81 74.43 -0.37
CA TYR L 393 -42.42 74.26 -0.75
C TYR L 393 -41.90 75.55 -1.43
N THR L 394 -40.61 75.92 -1.15
CA THR L 394 -40.15 77.25 -1.53
C THR L 394 -39.05 77.17 -2.56
N PHE L 395 -39.46 77.47 -3.82
CA PHE L 395 -38.58 77.36 -5.02
C PHE L 395 -38.21 78.63 -5.66
N TRP L 396 -37.16 78.67 -6.42
CA TRP L 396 -36.92 79.94 -6.98
C TRP L 396 -37.79 79.99 -8.23
N GLU L 397 -38.73 80.92 -8.28
CA GLU L 397 -39.68 80.79 -9.33
C GLU L 397 -39.12 81.48 -10.63
N VAL L 398 -39.27 80.74 -11.74
CA VAL L 398 -38.80 81.11 -13.09
C VAL L 398 -39.93 80.94 -14.07
N ASP L 399 -40.59 82.07 -14.39
CA ASP L 399 -41.57 82.10 -15.53
C ASP L 399 -40.92 82.23 -16.95
N LEU L 400 -41.16 81.23 -17.78
CA LEU L 400 -40.74 81.18 -19.20
C LEU L 400 -41.97 81.15 -20.14
N LYS L 401 -43.17 81.53 -19.65
CA LYS L 401 -44.35 81.38 -20.47
C LYS L 401 -44.23 82.39 -21.57
N GLU L 402 -43.60 83.52 -21.26
CA GLU L 402 -43.31 84.51 -22.35
C GLU L 402 -41.88 84.41 -22.94
N LYS L 403 -41.02 83.48 -22.42
CA LYS L 403 -39.63 83.30 -22.99
C LYS L 403 -39.39 82.20 -24.11
N PHE L 404 -40.48 81.73 -24.70
CA PHE L 404 -40.39 80.75 -25.74
C PHE L 404 -40.28 81.27 -27.11
N SER L 405 -39.22 80.86 -27.83
CA SER L 405 -39.15 81.31 -29.22
C SER L 405 -38.97 80.14 -30.16
N ALA L 406 -39.28 80.18 -31.45
CA ALA L 406 -39.00 79.02 -32.27
C ALA L 406 -37.77 79.27 -33.18
N ASP L 407 -37.25 80.47 -33.09
CA ASP L 407 -36.17 80.82 -34.00
C ASP L 407 -34.93 80.45 -33.30
N LEU L 408 -34.68 79.13 -33.22
CA LEU L 408 -33.43 78.63 -32.53
C LEU L 408 -32.07 79.37 -32.83
N ASP L 409 -31.89 79.65 -34.14
CA ASP L 409 -30.86 80.50 -34.68
C ASP L 409 -30.56 81.75 -33.81
N GLN L 410 -31.56 82.53 -33.39
CA GLN L 410 -31.22 83.69 -32.54
C GLN L 410 -30.50 83.58 -31.19
N PHE L 411 -30.14 82.32 -30.84
CA PHE L 411 -29.57 81.95 -29.48
C PHE L 411 -28.40 81.00 -29.53
N PRO L 412 -27.46 81.24 -28.58
CA PRO L 412 -26.27 80.41 -28.55
C PRO L 412 -26.67 78.91 -28.51
N LEU L 413 -27.53 78.45 -27.51
CA LEU L 413 -27.99 77.10 -27.36
C LEU L 413 -28.69 76.70 -28.61
N GLY L 414 -29.71 77.40 -29.00
CA GLY L 414 -30.45 76.83 -30.18
C GLY L 414 -29.50 76.77 -31.42
N ARG L 415 -28.66 77.83 -31.65
CA ARG L 415 -27.68 77.56 -32.67
C ARG L 415 -26.96 76.14 -32.55
N LYS L 416 -26.35 75.79 -31.37
CA LYS L 416 -25.67 74.45 -31.00
C LYS L 416 -26.63 73.35 -31.28
N PHE L 417 -27.79 73.39 -30.66
CA PHE L 417 -28.73 72.38 -30.93
C PHE L 417 -28.75 71.97 -32.43
N LEU L 418 -29.13 72.89 -33.29
CA LEU L 418 -29.24 72.70 -34.74
C LEU L 418 -28.07 71.90 -35.28
N LEU L 419 -26.93 72.47 -34.98
CA LEU L 419 -25.66 71.91 -35.31
C LEU L 419 -25.58 70.48 -34.84
N GLN L 420 -25.66 70.29 -33.51
CA GLN L 420 -25.33 69.02 -32.83
C GLN L 420 -26.37 68.00 -33.28
N ALA L 421 -27.66 68.34 -33.22
CA ALA L 421 -28.69 67.41 -33.72
C ALA L 421 -28.50 67.26 -35.26
N GLY L 422 -27.70 68.10 -35.94
CA GLY L 422 -27.36 67.81 -37.35
C GLY L 422 -28.28 68.64 -38.21
N LEU L 423 -29.25 67.97 -38.85
CA LEU L 423 -30.28 68.63 -39.69
C LEU L 423 -31.43 69.32 -38.85
N ALA M 1 -35.06 90.67 -37.42
CA ALA M 1 -34.37 89.35 -37.08
C ALA M 1 -32.88 89.30 -37.46
N VAL M 2 -32.01 89.39 -36.47
CA VAL M 2 -30.62 89.22 -36.90
C VAL M 2 -30.12 88.04 -37.83
N VAL M 3 -29.03 88.08 -38.55
CA VAL M 3 -28.70 86.99 -39.42
C VAL M 3 -27.17 86.86 -39.61
N SER M 4 -26.73 85.64 -40.03
CA SER M 4 -25.36 85.31 -40.19
C SER M 4 -24.64 86.19 -41.25
N THR M 5 -23.44 86.68 -40.94
CA THR M 5 -22.66 87.43 -41.97
C THR M 5 -22.56 86.58 -43.25
N ASP M 6 -22.61 85.29 -43.11
CA ASP M 6 -22.54 84.44 -44.30
C ASP M 6 -23.68 84.70 -45.20
N GLU M 7 -24.78 85.27 -44.69
CA GLU M 7 -25.90 85.55 -45.58
C GLU M 7 -25.73 86.83 -46.44
N TYR M 8 -24.74 87.65 -46.10
CA TYR M 8 -24.54 88.83 -46.88
C TYR M 8 -23.05 89.27 -46.93
N VAL M 9 -22.11 88.32 -46.92
CA VAL M 9 -20.77 88.74 -47.06
C VAL M 9 -20.06 87.67 -47.89
N THR M 10 -19.56 87.99 -49.07
CA THR M 10 -18.84 86.96 -49.82
C THR M 10 -17.45 86.88 -49.35
N ARG M 11 -16.91 85.73 -49.67
CA ARG M 11 -15.56 85.33 -49.19
C ARG M 11 -14.65 85.09 -50.37
N THR M 12 -13.38 85.35 -50.19
CA THR M 12 -12.46 85.32 -51.33
C THR M 12 -11.27 84.42 -51.02
N ASN M 13 -10.65 83.92 -52.09
CA ASN M 13 -9.47 83.26 -51.93
C ASN M 13 -8.21 84.09 -51.58
N ILE M 14 -8.35 85.16 -50.80
CA ILE M 14 -7.28 86.17 -50.64
C ILE M 14 -7.03 86.23 -49.16
N TYR M 15 -5.76 86.07 -48.81
CA TYR M 15 -5.34 85.88 -47.38
C TYR M 15 -4.04 86.67 -47.12
N TYR M 16 -4.17 87.46 -46.07
CA TYR M 16 -3.10 88.33 -45.68
C TYR M 16 -2.65 87.90 -44.28
N HIS M 17 -1.33 87.92 -44.04
CA HIS M 17 -0.71 87.92 -42.73
C HIS M 17 -0.55 89.34 -42.15
N ALA M 18 -0.68 89.52 -40.87
CA ALA M 18 -0.60 90.83 -40.22
C ALA M 18 0.15 90.43 -38.90
N GLY M 19 1.18 91.19 -38.48
CA GLY M 19 1.63 90.92 -37.11
C GLY M 19 2.25 92.12 -36.47
N SER M 20 1.67 92.58 -35.33
CA SER M 20 2.31 93.62 -34.49
C SER M 20 3.81 93.34 -34.15
N SER M 21 4.58 94.36 -33.89
CA SER M 21 5.97 94.11 -33.50
C SER M 21 5.99 93.58 -32.01
N ARG M 22 7.21 93.11 -31.57
CA ARG M 22 7.39 92.91 -30.11
C ARG M 22 6.68 94.06 -29.38
N LEU M 23 5.76 93.73 -28.44
CA LEU M 23 4.99 94.69 -27.57
C LEU M 23 5.44 94.39 -26.12
N LEU M 24 6.31 95.26 -25.59
CA LEU M 24 6.76 95.26 -24.24
C LEU M 24 6.03 96.30 -23.30
N ALA M 25 6.09 96.20 -21.98
CA ALA M 25 5.36 97.07 -21.05
C ALA M 25 6.11 96.82 -19.81
N VAL M 26 6.76 97.84 -19.28
CA VAL M 26 7.45 97.70 -18.00
C VAL M 26 7.04 98.70 -16.96
N GLY M 27 6.67 98.36 -15.73
CA GLY M 27 6.18 99.38 -14.82
C GLY M 27 6.37 98.87 -13.39
N HIS M 28 5.86 99.63 -12.42
CA HIS M 28 5.65 99.07 -11.06
C HIS M 28 4.39 98.16 -11.06
N PRO M 29 4.40 97.12 -10.21
CA PRO M 29 3.21 96.25 -10.23
C PRO M 29 2.05 96.62 -9.26
N TYR M 30 2.27 97.52 -8.27
CA TYR M 30 1.13 97.93 -7.45
C TYR M 30 0.49 99.31 -7.79
N TYR M 31 1.30 100.33 -7.94
CA TYR M 31 0.73 101.60 -8.31
C TYR M 31 1.65 102.36 -9.30
N ALA M 32 1.18 103.46 -9.94
CA ALA M 32 2.11 104.23 -10.82
C ALA M 32 2.98 105.11 -10.01
N ILE M 33 4.15 105.30 -10.52
CA ILE M 33 5.07 106.24 -9.90
C ILE M 33 5.07 107.42 -10.86
N LYS M 34 4.48 108.53 -10.40
CA LYS M 34 4.48 109.72 -11.21
C LYS M 34 5.62 110.64 -10.72
N LYS M 35 5.85 111.74 -11.45
CA LYS M 35 6.85 112.73 -11.03
C LYS M 35 6.64 113.11 -9.52
N GLN M 36 7.74 113.38 -8.81
CA GLN M 36 7.65 113.78 -7.40
C GLN M 36 6.66 114.94 -7.19
N ASP M 37 6.60 115.88 -8.16
CA ASP M 37 5.80 117.16 -8.02
C ASP M 37 4.63 117.10 -8.99
N SER M 38 4.99 117.12 -10.28
CA SER M 38 4.00 116.93 -11.28
C SER M 38 3.18 115.64 -11.11
N ASN M 39 1.99 115.62 -11.69
CA ASN M 39 1.11 114.46 -11.59
C ASN M 39 1.20 113.57 -12.86
N LYS M 40 2.28 113.74 -13.63
CA LYS M 40 2.45 113.03 -14.93
C LYS M 40 3.07 111.70 -14.64
N ILE M 41 2.60 110.61 -15.30
CA ILE M 41 3.10 109.26 -15.10
C ILE M 41 4.53 109.14 -15.59
N ALA M 42 5.39 108.87 -14.68
CA ALA M 42 6.77 108.62 -15.06
C ALA M 42 7.04 107.09 -15.30
N VAL M 43 6.63 106.27 -14.34
CA VAL M 43 6.74 104.86 -14.60
C VAL M 43 5.30 104.42 -14.58
N PRO M 44 4.91 103.64 -15.60
CA PRO M 44 3.52 103.15 -15.48
C PRO M 44 3.37 101.96 -14.42
N LYS M 45 2.12 101.55 -14.31
CA LYS M 45 1.67 100.39 -13.60
C LYS M 45 1.44 99.23 -14.61
N VAL M 46 2.39 98.28 -14.54
CA VAL M 46 2.41 97.04 -15.33
C VAL M 46 2.46 95.84 -14.39
N SER M 47 1.27 95.24 -14.21
CA SER M 47 1.05 94.13 -13.36
C SER M 47 0.52 92.92 -14.15
N GLY M 48 0.80 91.70 -13.65
CA GLY M 48 0.33 90.42 -14.28
C GLY M 48 -1.21 90.31 -14.13
N LEU M 49 -1.75 91.06 -13.15
CA LEU M 49 -3.22 91.02 -12.87
C LEU M 49 -4.13 92.05 -13.55
N GLN M 50 -3.81 92.45 -14.78
CA GLN M 50 -4.47 93.52 -15.39
C GLN M 50 -4.96 93.01 -16.71
N TYR M 51 -5.98 93.62 -17.29
CA TYR M 51 -6.44 93.23 -18.62
C TYR M 51 -5.55 93.72 -19.76
N ARG M 52 -5.66 93.08 -20.92
CA ARG M 52 -4.96 93.66 -22.06
C ARG M 52 -5.99 93.91 -23.19
N VAL M 53 -6.51 95.18 -23.32
CA VAL M 53 -7.58 95.34 -24.37
C VAL M 53 -6.80 95.90 -25.50
N PHE M 54 -6.37 95.16 -26.55
CA PHE M 54 -5.57 95.74 -27.64
C PHE M 54 -6.60 96.15 -28.71
N ARG M 55 -6.42 97.36 -29.32
CA ARG M 55 -7.27 97.84 -30.41
C ARG M 55 -6.37 97.75 -31.65
N VAL M 56 -6.62 96.72 -32.45
CA VAL M 56 -5.90 96.46 -33.65
C VAL M 56 -6.56 97.21 -34.80
N LYS M 57 -5.78 98.18 -35.29
CA LYS M 57 -6.06 98.92 -36.46
C LYS M 57 -5.62 98.21 -37.69
N LEU M 58 -6.64 97.99 -38.46
CA LEU M 58 -6.50 97.44 -39.83
C LEU M 58 -6.54 98.42 -41.07
N PRO M 59 -5.68 98.18 -42.03
CA PRO M 59 -5.74 98.94 -43.19
C PRO M 59 -7.15 98.81 -43.76
N ASP M 60 -7.70 99.94 -44.30
CA ASP M 60 -9.04 99.89 -45.00
C ASP M 60 -8.81 99.18 -46.40
N PRO M 61 -9.35 97.94 -46.56
CA PRO M 61 -9.10 97.28 -47.87
C PRO M 61 -9.74 98.06 -49.13
N ASN M 62 -10.55 99.16 -48.99
CA ASN M 62 -11.07 99.89 -50.09
C ASN M 62 -9.99 100.88 -50.51
N LYS M 63 -9.12 101.38 -49.63
CA LYS M 63 -8.05 102.30 -50.13
C LYS M 63 -6.98 101.47 -50.81
N PHE M 64 -6.67 100.30 -50.24
CA PHE M 64 -5.76 99.28 -50.81
C PHE M 64 -6.18 98.88 -52.30
N GLY M 65 -5.24 98.47 -53.16
CA GLY M 65 -5.69 98.08 -54.49
C GLY M 65 -5.45 96.62 -54.63
N PHE M 66 -6.38 95.93 -55.25
CA PHE M 66 -6.13 94.44 -55.46
C PHE M 66 -6.18 93.86 -56.87
N PRO M 67 -5.43 92.74 -57.09
CA PRO M 67 -5.37 92.14 -58.44
C PRO M 67 -6.65 91.29 -58.62
N ASP M 68 -6.88 90.42 -57.63
CA ASP M 68 -8.03 89.49 -57.73
C ASP M 68 -9.48 90.15 -57.72
N THR M 69 -9.48 91.47 -57.45
CA THR M 69 -10.70 92.26 -57.44
C THR M 69 -11.00 92.91 -58.84
N SER M 70 -10.98 92.03 -59.87
CA SER M 70 -11.33 92.34 -61.31
C SER M 70 -12.85 92.06 -61.62
N PHE M 71 -13.41 91.12 -60.80
CA PHE M 71 -14.81 90.65 -60.85
C PHE M 71 -15.53 91.22 -59.65
N TYR M 72 -15.03 92.39 -59.24
CA TYR M 72 -15.60 93.21 -58.20
C TYR M 72 -15.91 94.70 -58.65
N ASP M 73 -17.15 95.12 -58.41
CA ASP M 73 -17.50 96.49 -58.65
C ASP M 73 -17.35 97.33 -57.35
N PRO M 74 -16.49 98.40 -57.40
CA PRO M 74 -16.29 99.37 -56.28
C PRO M 74 -17.38 100.31 -56.24
N ALA M 75 -18.15 100.29 -57.30
CA ALA M 75 -19.29 101.15 -57.19
C ALA M 75 -20.48 100.73 -56.34
N SER M 76 -20.82 99.50 -56.47
CA SER M 76 -21.84 98.95 -55.58
C SER M 76 -21.37 98.00 -54.45
N GLN M 77 -20.17 97.42 -54.63
CA GLN M 77 -19.60 96.62 -53.57
C GLN M 77 -18.54 97.21 -52.61
N ARG M 78 -18.35 96.65 -51.43
CA ARG M 78 -17.26 97.15 -50.63
C ARG M 78 -16.46 96.02 -50.03
N LEU M 79 -15.64 96.38 -49.06
CA LEU M 79 -14.71 95.43 -48.47
C LEU M 79 -14.43 95.44 -46.93
N VAL M 80 -14.30 94.22 -46.37
CA VAL M 80 -14.09 94.01 -44.98
C VAL M 80 -13.08 92.88 -44.85
N TRP M 81 -12.24 93.01 -43.80
CA TRP M 81 -11.33 91.91 -43.35
C TRP M 81 -11.99 91.06 -42.32
N ALA M 82 -12.08 89.80 -42.69
CA ALA M 82 -12.68 88.71 -41.82
C ALA M 82 -11.52 88.03 -41.29
N CYS M 83 -11.47 87.98 -39.95
CA CYS M 83 -10.31 87.44 -39.30
C CYS M 83 -10.29 85.90 -39.47
N THR M 84 -9.19 85.34 -39.82
CA THR M 84 -9.19 83.89 -39.93
C THR M 84 -8.46 83.00 -38.80
N GLY M 85 -7.30 83.47 -38.33
CA GLY M 85 -6.76 82.96 -37.17
C GLY M 85 -5.86 83.90 -36.40
N VAL M 86 -5.96 83.84 -35.09
CA VAL M 86 -5.06 84.67 -34.27
C VAL M 86 -3.97 83.85 -33.54
N GLU M 87 -2.83 84.46 -33.24
CA GLU M 87 -1.82 83.83 -32.47
C GLU M 87 -1.31 84.86 -31.44
N VAL M 88 -1.40 84.62 -30.12
CA VAL M 88 -0.96 85.62 -29.11
C VAL M 88 0.39 85.19 -28.42
N GLY M 89 1.49 85.42 -29.08
CA GLY M 89 2.76 85.07 -28.54
C GLY M 89 2.94 85.76 -27.24
N ARG M 90 3.50 85.05 -26.33
CA ARG M 90 3.74 85.65 -24.94
C ARG M 90 5.21 85.32 -24.60
N GLY M 91 5.93 86.38 -24.14
CA GLY M 91 7.31 86.16 -23.74
C GLY M 91 7.50 86.43 -22.33
N GLN M 92 8.78 86.28 -21.95
CA GLN M 92 9.17 86.17 -20.54
C GLN M 92 8.83 84.78 -19.92
N PRO M 93 9.62 84.38 -18.87
CA PRO M 93 9.41 83.11 -18.18
C PRO M 93 8.14 83.14 -17.35
N LEU M 94 7.62 81.93 -17.09
CA LEU M 94 6.40 81.70 -16.31
C LEU M 94 6.94 82.05 -14.98
N GLY M 95 6.07 82.52 -14.08
CA GLY M 95 6.61 82.99 -12.76
C GLY M 95 5.38 83.39 -11.99
N VAL M 96 5.47 83.82 -10.72
CA VAL M 96 4.12 84.21 -10.09
C VAL M 96 4.45 85.39 -9.25
N GLY M 97 3.41 86.25 -9.14
CA GLY M 97 3.64 87.58 -8.51
C GLY M 97 3.25 87.53 -7.08
N ILE M 98 3.09 88.65 -6.42
CA ILE M 98 2.80 88.61 -5.00
C ILE M 98 2.36 90.04 -4.47
N SER M 99 1.07 90.25 -4.19
CA SER M 99 0.65 91.49 -3.67
C SER M 99 0.44 91.43 -2.19
N GLY M 100 0.71 92.54 -1.58
CA GLY M 100 0.46 92.71 -0.21
C GLY M 100 0.04 94.13 0.14
N HIS M 101 -0.07 94.35 1.48
CA HIS M 101 -0.33 95.76 1.90
C HIS M 101 0.18 95.89 3.36
N PRO M 102 0.91 97.05 3.55
CA PRO M 102 1.62 97.30 4.79
C PRO M 102 0.63 97.30 5.89
N LEU M 103 -0.50 97.95 5.73
CA LEU M 103 -1.46 97.94 6.84
C LEU M 103 -2.79 97.27 6.48
N LEU M 104 -2.65 95.97 6.11
CA LEU M 104 -3.79 95.11 5.73
C LEU M 104 -4.63 94.96 6.94
N ASN M 105 -5.93 94.83 6.80
CA ASN M 105 -6.78 94.68 7.95
C ASN M 105 -6.95 93.13 8.22
N LYS M 106 -6.05 92.58 9.01
CA LYS M 106 -6.19 91.23 9.32
C LYS M 106 -6.12 91.33 10.80
N LEU M 107 -7.19 90.83 11.43
CA LEU M 107 -7.23 90.77 12.90
C LEU M 107 -6.42 89.59 13.40
N ASP M 108 -6.92 88.39 13.20
CA ASP M 108 -6.19 87.20 13.64
C ASP M 108 -6.45 85.98 12.78
N ASP M 109 -5.60 84.96 12.93
CA ASP M 109 -5.70 83.72 12.10
C ASP M 109 -6.69 82.74 12.73
N THR M 110 -7.80 82.61 12.06
CA THR M 110 -8.86 81.77 12.53
C THR M 110 -8.85 80.24 12.08
N GLU M 111 -7.71 79.87 11.48
CA GLU M 111 -7.63 78.58 10.84
C GLU M 111 -7.47 77.58 11.92
N ASN M 112 -6.66 77.96 12.90
CA ASN M 112 -6.40 77.11 14.06
C ASN M 112 -5.86 78.00 15.20
N SER M 113 -6.74 78.94 15.62
CA SER M 113 -6.48 80.01 16.69
C SER M 113 -5.84 79.33 17.91
N ASN M 114 -5.01 80.08 18.59
CA ASN M 114 -4.34 79.58 19.79
C ASN M 114 -5.34 79.47 20.98
N LYS M 115 -5.93 80.68 21.28
CA LYS M 115 -6.92 80.87 22.35
C LYS M 115 -7.89 81.97 21.97
N TYR M 116 -8.38 82.64 23.00
CA TYR M 116 -9.26 83.82 22.89
C TYR M 116 -8.73 84.95 23.75
N VAL M 117 -8.17 85.95 23.07
CA VAL M 117 -7.66 87.11 23.78
C VAL M 117 -8.75 88.18 23.80
N GLY M 118 -8.76 88.96 24.89
CA GLY M 118 -9.74 89.99 25.09
C GLY M 118 -9.93 90.91 23.88
N ASN M 119 -10.92 91.79 23.98
CA ASN M 119 -11.20 92.84 23.02
C ASN M 119 -9.88 93.55 22.74
N SER M 120 -9.46 93.51 21.47
CA SER M 120 -8.23 94.18 20.97
C SER M 120 -8.38 95.66 21.08
N GLY M 121 -7.30 96.33 20.63
CA GLY M 121 -7.33 97.82 20.61
C GLY M 121 -7.86 98.52 19.36
N THR M 122 -7.08 99.52 18.98
CA THR M 122 -7.32 100.30 17.77
C THR M 122 -6.12 100.03 16.76
N ASP M 123 -6.39 99.91 15.43
CA ASP M 123 -5.38 99.64 14.43
C ASP M 123 -4.63 98.39 14.79
N ASN M 124 -5.16 97.20 14.44
CA ASN M 124 -4.37 95.93 14.61
C ASN M 124 -3.95 95.42 13.23
N ARG M 125 -3.84 96.35 12.31
CA ARG M 125 -3.45 96.06 10.90
C ARG M 125 -1.96 95.57 10.83
N GLU M 126 -1.63 94.73 9.84
CA GLU M 126 -0.27 94.39 9.69
C GLU M 126 0.09 94.03 8.35
N CYS M 127 1.38 94.29 8.02
CA CYS M 127 1.94 93.99 6.70
C CYS M 127 1.70 92.44 6.26
N ILE M 128 0.99 92.12 5.18
CA ILE M 128 0.75 90.76 4.70
C ILE M 128 0.73 90.57 3.19
N SER M 129 1.61 89.77 2.64
CA SER M 129 1.52 89.69 1.20
C SER M 129 0.73 88.48 0.74
N MET M 130 0.75 88.13 -0.57
CA MET M 130 0.01 86.94 -1.03
C MET M 130 0.02 86.72 -2.52
N ASP M 131 -0.55 85.63 -3.03
CA ASP M 131 -0.41 85.35 -4.48
C ASP M 131 -1.79 85.16 -5.00
N TYR M 132 -2.16 86.02 -5.90
CA TYR M 132 -3.59 86.00 -6.33
C TYR M 132 -4.08 84.77 -7.14
N LYS M 133 -5.39 84.68 -7.27
CA LYS M 133 -6.11 83.63 -8.06
C LYS M 133 -5.46 83.49 -9.40
N GLN M 134 -5.33 82.33 -10.06
CA GLN M 134 -4.54 82.40 -11.36
C GLN M 134 -5.58 82.40 -12.47
N THR M 135 -5.56 83.35 -13.38
CA THR M 135 -6.44 83.33 -14.52
C THR M 135 -5.63 83.43 -15.88
N GLN M 136 -6.22 82.99 -16.99
CA GLN M 136 -5.67 83.19 -18.34
C GLN M 136 -6.87 83.31 -19.28
N LEU M 137 -7.26 84.56 -19.63
CA LEU M 137 -8.24 84.65 -20.77
C LEU M 137 -7.80 85.29 -22.05
N CYS M 138 -8.72 85.20 -22.99
CA CYS M 138 -8.43 85.76 -24.30
C CYS M 138 -9.74 85.83 -25.05
N LEU M 139 -10.18 87.05 -25.26
CA LEU M 139 -11.41 87.27 -25.99
C LEU M 139 -11.02 87.96 -27.29
N ILE M 140 -11.71 87.60 -28.38
CA ILE M 140 -11.57 88.21 -29.65
C ILE M 140 -12.90 88.64 -30.14
N GLY M 141 -12.95 89.96 -30.31
CA GLY M 141 -14.14 90.56 -30.94
C GLY M 141 -13.83 91.71 -31.78
N CYS M 142 -14.82 92.15 -32.54
CA CYS M 142 -14.68 93.45 -33.29
C CYS M 142 -15.21 94.71 -32.59
N ARG M 143 -15.61 94.57 -31.37
CA ARG M 143 -16.04 95.68 -30.49
C ARG M 143 -15.37 95.37 -29.18
N PRO M 144 -15.19 96.36 -28.28
CA PRO M 144 -14.50 96.00 -27.05
C PRO M 144 -15.51 95.15 -26.17
N PRO M 145 -15.01 94.10 -25.44
CA PRO M 145 -15.96 93.40 -24.69
C PRO M 145 -16.40 94.17 -23.46
N ILE M 146 -17.52 93.68 -22.90
CA ILE M 146 -17.93 94.15 -21.52
C ILE M 146 -17.54 93.29 -20.30
N GLY M 147 -17.66 93.91 -19.12
CA GLY M 147 -17.20 93.38 -17.81
C GLY M 147 -18.28 93.64 -16.70
N GLU M 148 -18.46 92.66 -15.80
CA GLU M 148 -19.41 92.91 -14.70
C GLU M 148 -18.65 93.04 -13.40
N HIS M 149 -19.14 93.86 -12.47
CA HIS M 149 -18.47 94.07 -11.18
C HIS M 149 -19.51 94.61 -10.24
N TRP M 150 -19.31 94.24 -8.98
CA TRP M 150 -20.30 94.72 -8.02
C TRP M 150 -20.05 96.21 -7.58
N GLY M 151 -21.10 97.03 -7.69
CA GLY M 151 -20.91 98.31 -7.21
C GLY M 151 -21.95 98.86 -6.28
N LYS M 152 -21.70 100.07 -5.76
CA LYS M 152 -22.65 100.81 -4.92
C LYS M 152 -23.86 101.29 -5.68
N GLY M 153 -24.96 100.61 -5.46
CA GLY M 153 -26.20 101.06 -6.03
C GLY M 153 -26.89 102.10 -5.20
N THR M 154 -27.74 102.91 -5.89
CA THR M 154 -28.65 104.02 -5.32
C THR M 154 -29.93 103.46 -4.44
N PRO M 155 -30.11 103.80 -3.05
CA PRO M 155 -31.35 103.38 -2.26
C PRO M 155 -32.68 103.81 -2.84
N SER M 156 -33.76 103.18 -2.40
CA SER M 156 -35.00 103.56 -3.08
C SER M 156 -35.59 104.65 -2.22
N ASN M 157 -36.79 105.07 -2.62
CA ASN M 157 -37.61 106.11 -1.96
C ASN M 157 -38.03 105.66 -0.52
N ALA M 158 -37.16 105.89 0.46
CA ALA M 158 -37.42 105.56 1.89
C ALA M 158 -36.45 106.34 2.80
N ASN M 159 -35.76 105.54 3.66
CA ASN M 159 -34.77 106.02 4.66
C ASN M 159 -33.46 106.51 4.02
N GLN M 160 -32.82 107.51 4.67
CA GLN M 160 -31.49 107.98 4.22
C GLN M 160 -30.34 107.03 4.78
N VAL M 161 -29.65 106.27 3.87
CA VAL M 161 -28.55 105.35 4.25
C VAL M 161 -27.36 106.09 4.91
N LYS M 162 -27.52 106.60 6.15
CA LYS M 162 -26.47 107.38 6.82
C LYS M 162 -25.18 106.57 6.91
N ALA M 163 -24.13 107.24 7.35
CA ALA M 163 -22.81 106.68 7.37
C ALA M 163 -22.77 105.50 8.28
N GLY M 164 -21.96 104.53 7.88
CA GLY M 164 -21.84 103.26 8.68
C GLY M 164 -22.54 102.08 8.03
N GLU M 165 -23.75 102.40 7.54
CA GLU M 165 -24.67 101.52 6.89
C GLU M 165 -24.06 100.69 5.80
N CYS M 166 -24.69 99.58 5.44
CA CYS M 166 -24.17 98.78 4.32
C CYS M 166 -24.96 99.21 3.06
N PRO M 167 -24.26 99.80 2.07
CA PRO M 167 -25.00 100.33 0.84
C PRO M 167 -25.52 99.22 0.04
N PRO M 168 -26.63 99.45 -0.66
CA PRO M 168 -27.11 98.32 -1.48
C PRO M 168 -26.07 98.06 -2.70
N LEU M 169 -25.80 96.83 -3.07
CA LEU M 169 -24.86 96.62 -4.13
C LEU M 169 -25.63 96.52 -5.44
N GLU M 170 -24.96 96.97 -6.52
CA GLU M 170 -25.46 96.86 -7.93
C GLU M 170 -24.46 96.34 -9.01
N LEU M 171 -24.95 95.38 -9.76
CA LEU M 171 -24.09 94.69 -10.66
C LEU M 171 -23.95 95.58 -11.83
N LEU M 172 -22.75 96.00 -12.10
CA LEU M 172 -22.71 97.05 -13.23
C LEU M 172 -21.98 96.52 -14.49
N ASN M 173 -22.26 97.13 -15.64
CA ASN M 173 -21.57 96.73 -16.85
C ASN M 173 -20.60 97.82 -17.27
N THR M 174 -19.60 97.47 -18.03
CA THR M 174 -18.55 98.43 -18.20
C THR M 174 -17.74 97.80 -19.31
N VAL M 175 -17.04 98.69 -19.93
CA VAL M 175 -16.22 98.37 -21.02
C VAL M 175 -14.79 98.00 -20.54
N LEU M 176 -14.35 96.76 -20.83
CA LEU M 176 -12.98 96.43 -20.52
C LEU M 176 -11.85 97.18 -21.26
N GLN M 177 -11.08 97.90 -20.47
CA GLN M 177 -10.09 98.81 -21.06
C GLN M 177 -8.73 98.57 -20.56
N ASP M 178 -7.70 98.52 -21.38
CA ASP M 178 -6.38 98.11 -20.94
C ASP M 178 -6.03 98.74 -19.58
N GLY M 179 -5.31 97.96 -18.74
CA GLY M 179 -4.88 98.44 -17.41
C GLY M 179 -5.92 98.11 -16.31
N ASP M 180 -7.02 97.44 -16.68
CA ASP M 180 -7.98 97.07 -15.67
C ASP M 180 -7.60 95.85 -14.79
N MET M 181 -8.31 95.72 -13.65
CA MET M 181 -8.01 94.57 -12.78
C MET M 181 -8.91 93.45 -12.89
N VAL M 182 -8.31 92.31 -13.06
CA VAL M 182 -9.04 91.01 -13.02
C VAL M 182 -9.47 90.70 -11.58
N ASP M 183 -10.45 89.82 -11.42
CA ASP M 183 -10.69 89.56 -10.05
C ASP M 183 -9.41 88.78 -9.50
N THR M 184 -9.11 88.90 -8.18
CA THR M 184 -7.96 88.22 -7.63
C THR M 184 -8.26 87.21 -6.53
N GLY M 185 -9.53 86.93 -6.34
CA GLY M 185 -9.85 86.03 -5.27
C GLY M 185 -10.71 86.79 -4.23
N PHE M 186 -10.86 88.12 -4.44
CA PHE M 186 -11.70 88.92 -3.53
C PHE M 186 -12.94 89.34 -4.24
N GLY M 187 -13.33 88.70 -5.33
CA GLY M 187 -14.52 89.11 -6.08
C GLY M 187 -14.27 90.17 -7.15
N ALA M 188 -15.32 90.36 -7.97
CA ALA M 188 -15.31 91.42 -9.02
C ALA M 188 -16.10 92.61 -8.47
N MET M 189 -15.38 93.59 -7.88
CA MET M 189 -16.11 94.68 -7.31
C MET M 189 -15.34 95.99 -7.45
N ASP M 190 -15.87 96.99 -6.72
CA ASP M 190 -15.31 98.33 -6.66
C ASP M 190 -14.84 98.47 -5.23
N PHE M 191 -13.49 98.44 -5.13
CA PHE M 191 -12.82 98.53 -3.83
C PHE M 191 -12.76 99.89 -3.09
N THR M 192 -12.83 101.00 -3.89
CA THR M 192 -12.63 102.35 -3.46
C THR M 192 -13.93 102.81 -2.93
N THR M 193 -15.06 102.51 -3.62
CA THR M 193 -16.42 102.85 -3.12
C THR M 193 -17.13 101.95 -2.06
N LEU M 194 -16.88 100.62 -2.10
CA LEU M 194 -17.46 99.59 -1.21
C LEU M 194 -16.58 99.35 -0.01
N GLN M 195 -15.29 99.63 -0.03
CA GLN M 195 -14.49 99.60 1.21
C GLN M 195 -13.89 101.01 1.53
N ALA M 196 -14.41 101.62 2.56
CA ALA M 196 -13.82 102.84 3.04
C ALA M 196 -12.38 102.78 3.61
N ASN M 197 -12.17 101.98 4.67
CA ASN M 197 -10.86 101.72 5.41
C ASN M 197 -9.65 101.47 4.49
N LYS M 198 -9.93 101.14 3.22
CA LYS M 198 -8.87 101.03 2.14
C LYS M 198 -7.62 100.30 2.66
N SER M 199 -7.93 99.33 3.54
CA SER M 199 -6.87 98.56 4.13
C SER M 199 -7.06 97.03 4.07
N ASP M 200 -8.21 96.51 3.52
CA ASP M 200 -8.36 95.04 3.52
C ASP M 200 -8.18 94.25 2.22
N VAL M 201 -7.21 94.75 1.46
CA VAL M 201 -6.78 94.18 0.11
C VAL M 201 -5.48 94.76 -0.34
N PRO M 202 -4.55 93.92 -0.83
CA PRO M 202 -3.23 94.61 -1.23
C PRO M 202 -3.50 95.90 -2.08
N LEU M 203 -2.49 96.80 -2.12
CA LEU M 203 -2.49 98.09 -2.89
C LEU M 203 -3.00 97.90 -4.29
N ASP M 204 -2.24 97.18 -5.20
CA ASP M 204 -2.79 96.82 -6.58
C ASP M 204 -4.25 96.65 -6.88
N ILE M 205 -5.12 96.47 -5.91
CA ILE M 205 -6.51 96.42 -6.22
C ILE M 205 -7.32 97.31 -5.32
N CYS M 206 -6.73 97.70 -4.22
CA CYS M 206 -7.51 98.19 -3.11
C CYS M 206 -8.20 99.49 -3.34
N SER M 207 -7.79 100.28 -4.36
CA SER M 207 -8.44 101.56 -4.76
C SER M 207 -8.90 101.55 -6.21
N SER M 208 -9.02 100.37 -6.74
CA SER M 208 -9.43 100.19 -8.07
C SER M 208 -10.66 99.21 -8.23
N ILE M 209 -10.89 98.83 -9.50
CA ILE M 209 -11.98 97.90 -9.80
C ILE M 209 -11.43 96.63 -10.29
N CYS M 210 -11.97 95.57 -9.79
CA CYS M 210 -11.57 94.32 -10.42
C CYS M 210 -12.79 93.90 -11.25
N LYS M 211 -12.65 93.62 -12.55
CA LYS M 211 -13.84 93.28 -13.33
C LYS M 211 -13.71 91.87 -13.79
N TYR M 212 -14.78 91.33 -14.34
CA TYR M 212 -14.83 89.91 -14.73
C TYR M 212 -15.74 89.92 -16.04
N PRO M 213 -15.19 89.39 -17.18
CA PRO M 213 -15.96 89.35 -18.44
C PRO M 213 -17.27 88.90 -18.22
N ASP M 214 -18.26 89.69 -18.61
CA ASP M 214 -19.65 89.32 -18.47
C ASP M 214 -19.96 88.35 -19.66
N TYR M 215 -19.51 87.07 -19.50
CA TYR M 215 -19.64 86.06 -20.59
C TYR M 215 -21.13 85.84 -20.94
N LEU M 216 -21.96 85.97 -19.91
CA LEU M 216 -23.35 85.73 -20.07
C LEU M 216 -24.07 86.77 -20.93
N LYS M 217 -23.84 88.04 -20.63
CA LYS M 217 -24.38 89.05 -21.46
C LYS M 217 -23.69 88.96 -22.84
N MET M 218 -22.35 89.04 -22.97
CA MET M 218 -21.68 89.10 -24.29
C MET M 218 -22.20 88.06 -25.27
N VAL M 219 -22.34 86.85 -24.74
CA VAL M 219 -22.73 85.66 -25.56
C VAL M 219 -24.17 85.79 -26.09
N SER M 220 -25.04 86.49 -25.36
CA SER M 220 -26.35 86.56 -25.86
C SER M 220 -26.66 87.80 -26.69
N GLU M 221 -25.69 88.71 -26.86
CA GLU M 221 -25.97 89.89 -27.64
C GLU M 221 -26.38 89.35 -29.05
N PRO M 222 -27.48 89.87 -29.64
CA PRO M 222 -27.96 89.38 -30.97
C PRO M 222 -26.90 89.24 -32.11
N TYR M 223 -26.16 90.31 -32.31
CA TYR M 223 -25.26 90.35 -33.48
C TYR M 223 -23.93 89.61 -33.23
N GLY M 224 -23.48 89.62 -31.94
CA GLY M 224 -22.23 88.97 -31.44
C GLY M 224 -21.06 89.64 -32.05
N ASP M 225 -20.76 90.85 -31.68
CA ASP M 225 -19.58 91.51 -32.34
C ASP M 225 -18.57 91.38 -31.20
N MET M 226 -19.16 91.67 -30.05
CA MET M 226 -18.50 91.88 -28.88
C MET M 226 -17.42 90.79 -28.75
N LEU M 227 -17.85 89.47 -28.78
CA LEU M 227 -16.74 88.48 -28.95
C LEU M 227 -17.21 87.36 -29.84
N PHE M 228 -16.26 86.81 -30.61
CA PHE M 228 -16.57 85.67 -31.49
C PHE M 228 -15.62 84.46 -31.24
N PHE M 229 -14.96 84.61 -30.11
CA PHE M 229 -13.96 83.77 -29.73
C PHE M 229 -13.46 84.13 -28.34
N TYR M 230 -13.39 83.13 -27.46
CA TYR M 230 -12.82 83.27 -26.10
C TYR M 230 -12.26 81.97 -25.49
N LEU M 231 -11.40 82.05 -24.46
CA LEU M 231 -11.00 80.86 -23.79
C LEU M 231 -10.62 81.43 -22.44
N ARG M 232 -11.26 80.94 -21.35
CA ARG M 232 -10.84 81.35 -20.04
C ARG M 232 -10.17 80.15 -19.38
N ARG M 233 -9.34 80.38 -18.37
CA ARG M 233 -8.80 79.32 -17.58
C ARG M 233 -8.50 79.85 -16.17
N GLU M 234 -9.37 79.61 -15.20
CA GLU M 234 -9.05 80.28 -13.96
C GLU M 234 -9.11 79.24 -12.88
N GLN M 235 -8.24 79.33 -11.83
CA GLN M 235 -8.26 78.41 -10.74
C GLN M 235 -7.68 79.00 -9.51
N MET M 236 -8.23 78.68 -8.33
CA MET M 236 -7.70 79.19 -7.02
C MET M 236 -8.04 78.21 -5.85
N PHE M 237 -7.32 78.39 -4.72
CA PHE M 237 -7.69 77.74 -3.50
C PHE M 237 -7.32 78.56 -2.30
N VAL M 238 -7.91 78.11 -1.20
CA VAL M 238 -7.79 78.84 0.05
C VAL M 238 -6.45 78.71 0.81
N ARG M 239 -5.49 79.63 0.60
CA ARG M 239 -4.18 79.64 1.28
C ARG M 239 -4.45 79.80 2.75
N HIS M 240 -5.15 80.88 3.15
CA HIS M 240 -5.38 81.02 4.61
C HIS M 240 -6.76 81.42 4.91
N LEU M 241 -7.01 81.55 6.21
CA LEU M 241 -8.35 81.89 6.75
C LEU M 241 -8.27 83.00 7.90
N PHE M 242 -8.66 84.31 7.61
CA PHE M 242 -8.43 85.34 8.57
C PHE M 242 -9.69 85.95 9.03
N ASN M 243 -9.59 86.77 10.07
CA ASN M 243 -10.67 87.51 10.73
C ASN M 243 -10.53 89.01 10.37
N ARG M 244 -11.60 89.76 10.18
CA ARG M 244 -11.31 91.19 10.03
C ARG M 244 -11.48 91.94 11.35
N ALA M 245 -10.75 93.06 11.50
CA ALA M 245 -10.91 93.94 12.66
C ALA M 245 -11.99 94.96 12.28
N GLY M 246 -12.56 95.58 13.31
CA GLY M 246 -13.63 96.55 13.06
C GLY M 246 -14.96 96.08 13.59
N THR M 247 -15.77 97.02 14.12
CA THR M 247 -17.13 96.65 14.53
C THR M 247 -17.96 95.94 13.42
N VAL M 248 -18.66 94.87 13.79
CA VAL M 248 -19.37 94.16 12.74
C VAL M 248 -20.65 94.87 12.48
N GLY M 249 -20.97 95.18 11.23
CA GLY M 249 -22.27 95.84 10.92
C GLY M 249 -23.50 94.99 11.24
N GLU M 250 -23.69 93.87 10.51
CA GLU M 250 -24.81 92.99 10.84
C GLU M 250 -24.50 92.09 12.07
N THR M 251 -24.81 92.52 13.29
CA THR M 251 -24.55 91.69 14.43
C THR M 251 -25.23 90.31 14.32
N VAL M 252 -24.63 89.34 15.07
CA VAL M 252 -25.10 88.01 14.97
C VAL M 252 -26.36 87.72 15.76
N PRO M 253 -27.31 86.95 15.20
CA PRO M 253 -28.52 86.59 15.90
C PRO M 253 -28.15 85.58 17.03
N ALA M 254 -28.51 86.09 18.22
CA ALA M 254 -28.28 85.48 19.51
C ALA M 254 -28.90 84.15 19.57
N ASP M 255 -29.89 83.87 18.73
CA ASP M 255 -30.58 82.60 18.91
C ASP M 255 -29.82 81.65 18.02
N LEU M 256 -28.60 82.05 17.61
CA LEU M 256 -27.75 81.17 16.80
C LEU M 256 -26.65 80.62 17.57
N TYR M 257 -26.39 81.10 18.81
CA TYR M 257 -25.31 80.56 19.67
C TYR M 257 -25.63 80.50 21.14
N ILE M 258 -24.86 79.78 21.93
CA ILE M 258 -25.18 79.91 23.32
C ILE M 258 -24.33 80.97 23.96
N LYS M 259 -24.97 82.14 24.42
CA LYS M 259 -24.31 83.21 25.31
C LYS M 259 -23.11 82.73 26.14
N GLY M 260 -21.92 82.85 25.60
CA GLY M 260 -20.73 82.43 26.32
C GLY M 260 -20.31 83.55 27.27
N THR M 261 -20.17 83.25 28.54
CA THR M 261 -19.66 84.25 29.49
C THR M 261 -18.33 84.84 29.07
N THR M 262 -18.18 86.16 29.37
CA THR M 262 -16.89 86.87 29.18
C THR M 262 -16.82 87.05 27.70
N GLY M 263 -17.16 88.22 27.29
CA GLY M 263 -17.07 88.38 25.85
C GLY M 263 -18.04 89.27 25.10
N THR M 264 -17.54 89.90 24.04
CA THR M 264 -18.34 90.78 23.22
C THR M 264 -18.39 90.17 21.87
N LEU M 265 -18.24 88.86 21.85
CA LEU M 265 -18.34 88.11 20.64
C LEU M 265 -17.28 88.39 19.57
N PRO M 266 -16.41 87.39 19.37
CA PRO M 266 -15.39 87.57 18.33
C PRO M 266 -15.86 87.97 16.96
N SER M 267 -14.90 88.51 16.25
CA SER M 267 -15.16 89.02 14.88
C SER M 267 -15.59 87.85 14.04
N THR M 268 -16.53 88.09 13.10
CA THR M 268 -17.18 86.95 12.40
C THR M 268 -17.13 87.35 10.97
N SER M 269 -16.50 88.49 10.73
CA SER M 269 -16.25 88.97 9.33
C SER M 269 -14.90 88.36 8.85
N TYR M 270 -15.11 87.19 8.20
CA TYR M 270 -13.99 86.35 7.80
C TYR M 270 -13.63 86.49 6.39
N PHE M 271 -12.42 86.32 6.07
CA PHE M 271 -12.14 86.39 4.67
C PHE M 271 -10.91 85.50 4.41
N PRO M 272 -10.80 84.91 3.23
CA PRO M 272 -9.63 84.04 2.96
C PRO M 272 -8.51 84.67 2.14
N THR M 273 -7.34 83.96 2.06
CA THR M 273 -6.17 84.35 1.20
C THR M 273 -6.20 83.39 0.07
N PRO M 274 -6.34 83.89 -1.10
CA PRO M 274 -6.40 82.86 -2.17
C PRO M 274 -4.98 82.38 -2.52
N SER M 275 -4.92 81.58 -3.61
CA SER M 275 -3.66 81.16 -4.15
C SER M 275 -3.94 80.43 -5.42
N GLY M 276 -3.21 80.84 -6.46
CA GLY M 276 -3.42 80.38 -7.78
C GLY M 276 -2.48 79.22 -7.89
N SER M 277 -1.89 78.80 -6.78
CA SER M 277 -1.22 77.52 -6.78
C SER M 277 -0.09 77.39 -7.74
N MET M 278 -0.27 76.67 -8.86
CA MET M 278 0.91 76.43 -9.73
C MET M 278 0.74 76.75 -11.26
N VAL M 279 1.81 77.28 -11.83
CA VAL M 279 1.77 77.69 -13.28
C VAL M 279 2.63 76.59 -13.83
N THR M 280 2.29 76.09 -15.05
CA THR M 280 3.00 75.00 -15.78
C THR M 280 2.77 75.20 -17.33
N SER M 281 3.83 74.92 -18.09
CA SER M 281 3.78 74.94 -19.50
C SER M 281 2.57 74.19 -20.02
N ASP M 282 1.94 73.26 -19.31
CA ASP M 282 0.93 72.40 -19.96
C ASP M 282 -0.33 73.10 -19.74
N ALA M 283 -0.40 74.03 -18.80
CA ALA M 283 -1.71 74.66 -18.61
C ALA M 283 -1.87 75.75 -19.71
N GLN M 284 -0.74 76.32 -20.17
CA GLN M 284 -0.67 77.35 -21.13
C GLN M 284 -1.73 77.26 -22.14
N ILE M 285 -2.23 78.53 -22.37
CA ILE M 285 -3.38 78.75 -23.14
C ILE M 285 -2.93 79.40 -24.34
N PHE M 286 -1.87 80.20 -24.19
CA PHE M 286 -1.38 81.12 -25.39
C PHE M 286 -0.32 80.50 -26.36
N ASN M 287 0.40 81.37 -27.05
CA ASN M 287 1.35 80.83 -27.97
C ASN M 287 0.94 79.71 -29.01
N LYS M 288 -0.34 79.47 -29.15
CA LYS M 288 -0.75 78.52 -30.15
C LYS M 288 -1.68 79.27 -31.08
N PRO M 289 -1.93 78.72 -32.25
CA PRO M 289 -2.82 79.30 -33.13
C PRO M 289 -4.29 79.05 -32.91
N TYR M 290 -5.14 80.07 -32.96
CA TYR M 290 -6.58 79.85 -32.81
C TYR M 290 -7.11 80.04 -34.16
N TRP M 291 -7.97 79.17 -34.68
CA TRP M 291 -8.51 79.32 -35.96
C TRP M 291 -9.98 79.59 -35.85
N LEU M 292 -10.47 80.83 -36.04
CA LEU M 292 -11.95 81.00 -35.84
C LEU M 292 -12.69 80.68 -37.06
N GLN M 293 -12.69 79.42 -37.41
CA GLN M 293 -13.40 78.91 -38.54
C GLN M 293 -14.90 79.11 -38.47
N ARG M 294 -15.54 78.91 -37.33
CA ARG M 294 -16.98 79.31 -37.30
C ARG M 294 -17.29 80.00 -36.03
N ALA M 295 -17.91 81.16 -36.11
CA ALA M 295 -18.07 81.99 -34.94
C ALA M 295 -18.99 81.44 -33.90
N GLN M 296 -18.95 82.06 -32.77
CA GLN M 296 -19.94 81.65 -31.82
C GLN M 296 -21.31 82.13 -32.12
N GLY M 297 -21.28 83.41 -32.43
CA GLY M 297 -22.47 84.33 -32.83
C GLY M 297 -22.75 84.42 -34.31
N HIS M 298 -23.64 85.32 -34.60
CA HIS M 298 -23.89 85.67 -36.00
C HIS M 298 -22.71 86.39 -36.74
N ASN M 299 -21.85 87.14 -36.04
CA ASN M 299 -20.71 87.62 -36.73
C ASN M 299 -19.65 86.69 -36.91
N ASN M 300 -19.45 86.27 -38.12
CA ASN M 300 -18.39 85.34 -38.33
C ASN M 300 -16.97 85.82 -38.34
N GLY M 301 -16.47 86.52 -37.28
CA GLY M 301 -15.14 87.17 -37.33
C GLY M 301 -14.99 88.19 -38.49
N ILE M 302 -15.99 89.09 -38.47
CA ILE M 302 -16.04 90.20 -39.41
C ILE M 302 -15.60 91.52 -38.70
N CYS M 303 -14.45 91.93 -39.18
CA CYS M 303 -13.94 93.13 -38.61
C CYS M 303 -14.40 94.52 -39.14
N TRP M 304 -15.71 94.82 -39.04
CA TRP M 304 -16.35 96.05 -39.33
C TRP M 304 -15.48 97.17 -38.71
N SER M 305 -15.39 98.28 -39.57
CA SER M 305 -14.63 99.49 -39.34
C SER M 305 -13.13 99.23 -39.19
N ASN M 306 -12.66 98.46 -40.19
CA ASN M 306 -11.35 97.77 -40.10
C ASN M 306 -10.76 97.58 -38.70
N GLN M 307 -11.57 97.06 -37.72
CA GLN M 307 -11.10 96.91 -36.35
C GLN M 307 -11.10 95.51 -35.71
N LEU M 308 -10.43 95.44 -34.60
CA LEU M 308 -10.29 94.18 -33.84
C LEU M 308 -9.88 94.46 -32.40
N PHE M 309 -10.44 93.60 -31.49
CA PHE M 309 -10.12 93.68 -30.03
C PHE M 309 -9.75 92.42 -29.46
N VAL M 310 -8.49 92.31 -29.17
CA VAL M 310 -7.96 91.20 -28.54
C VAL M 310 -7.75 91.44 -27.04
N THR M 311 -8.67 90.98 -26.30
CA THR M 311 -8.54 91.14 -24.88
C THR M 311 -7.86 89.90 -24.24
N VAL M 312 -7.10 90.16 -23.16
CA VAL M 312 -6.13 89.19 -22.66
C VAL M 312 -5.77 89.41 -21.15
N VAL M 313 -5.83 88.33 -20.36
CA VAL M 313 -5.42 88.34 -18.91
C VAL M 313 -4.43 87.18 -18.74
N ASP M 314 -3.25 87.43 -18.20
CA ASP M 314 -2.41 86.26 -18.07
C ASP M 314 -1.60 86.40 -16.80
N THR M 315 -1.86 85.56 -15.76
CA THR M 315 -1.09 85.61 -14.49
C THR M 315 0.01 84.59 -14.37
N THR M 316 0.32 83.92 -15.47
CA THR M 316 1.29 82.83 -15.46
C THR M 316 2.74 83.28 -15.41
N ARG M 317 2.91 84.55 -15.87
CA ARG M 317 4.28 85.13 -16.04
C ARG M 317 4.37 86.15 -14.99
N SER M 318 3.45 86.21 -14.04
CA SER M 318 3.45 87.28 -13.12
C SER M 318 4.61 87.62 -12.22
N THR M 319 5.77 87.45 -12.72
CA THR M 319 6.83 87.84 -11.89
C THR M 319 7.20 89.31 -11.83
N ASN M 320 7.41 89.80 -10.60
CA ASN M 320 7.94 91.18 -10.39
C ASN M 320 9.38 91.10 -10.01
N MET M 321 10.35 91.29 -10.88
CA MET M 321 11.69 91.28 -10.31
C MET M 321 11.96 92.51 -9.34
N SER M 322 12.91 92.35 -8.42
CA SER M 322 13.28 93.53 -7.59
C SER M 322 14.74 93.89 -7.90
N VAL M 323 14.89 95.20 -8.21
CA VAL M 323 16.17 95.83 -8.47
C VAL M 323 16.69 96.54 -7.21
N CYS M 324 17.95 96.26 -6.84
CA CYS M 324 18.59 96.97 -5.66
C CYS M 324 19.72 97.86 -6.18
N SER M 325 19.67 99.13 -5.73
CA SER M 325 20.63 100.11 -6.10
C SER M 325 21.23 100.71 -4.81
N ALA M 326 22.54 100.85 -4.80
CA ALA M 326 23.13 101.52 -3.62
C ALA M 326 23.06 103.03 -3.71
N VAL M 327 23.25 103.69 -2.56
CA VAL M 327 23.46 105.08 -2.39
C VAL M 327 24.95 105.44 -2.57
N SER M 328 25.84 104.53 -2.18
CA SER M 328 27.30 104.71 -2.39
C SER M 328 28.03 103.35 -2.17
N SER M 329 28.70 102.85 -3.22
CA SER M 329 29.40 101.52 -3.12
C SER M 329 30.82 101.72 -2.56
N SER M 330 30.96 102.76 -1.70
CA SER M 330 32.23 103.12 -0.97
C SER M 330 32.38 102.29 0.39
N ASP M 331 31.20 101.86 0.94
CA ASP M 331 31.16 101.06 2.18
C ASP M 331 31.65 99.66 2.01
N SER M 332 32.10 99.07 3.13
CA SER M 332 32.64 97.69 3.14
C SER M 332 31.82 96.83 4.06
N THR M 333 30.86 97.43 4.72
CA THR M 333 29.95 96.70 5.56
C THR M 333 28.56 97.01 5.03
N TYR M 334 27.69 95.98 5.07
CA TYR M 334 26.26 96.07 4.68
C TYR M 334 25.42 96.93 5.62
N LYS M 335 24.89 98.02 5.07
CA LYS M 335 23.92 98.79 5.80
C LYS M 335 22.76 99.12 4.93
N ASN M 336 21.53 98.91 5.47
CA ASN M 336 20.28 98.91 4.74
C ASN M 336 20.05 100.34 4.25
N ASP M 337 20.50 101.35 5.04
CA ASP M 337 20.41 102.79 4.61
C ASP M 337 21.09 102.95 3.29
N ASN M 338 22.09 102.13 2.98
CA ASN M 338 22.84 102.34 1.77
C ASN M 338 22.24 101.66 0.50
N PHE M 339 21.01 101.13 0.61
CA PHE M 339 20.48 100.34 -0.56
C PHE M 339 19.04 100.66 -0.70
N LYS M 340 18.59 100.91 -1.98
CA LYS M 340 17.13 101.14 -2.31
C LYS M 340 16.39 100.03 -3.13
N GLU M 341 15.34 99.41 -2.61
CA GLU M 341 14.78 98.21 -3.28
C GLU M 341 13.70 98.82 -4.08
N TYR M 342 13.56 98.38 -5.30
CA TYR M 342 12.37 98.77 -6.06
C TYR M 342 11.81 97.49 -6.68
N LEU M 343 10.52 97.52 -7.05
CA LEU M 343 9.90 96.38 -7.83
C LEU M 343 9.71 96.75 -9.29
N ARG M 344 9.99 95.81 -10.20
CA ARG M 344 9.67 96.13 -11.53
C ARG M 344 9.14 95.01 -12.33
N HIS M 345 7.91 95.10 -12.92
CA HIS M 345 7.30 93.97 -13.67
C HIS M 345 7.31 94.34 -15.19
N GLY M 346 7.52 93.40 -16.09
CA GLY M 346 7.59 93.76 -17.49
C GLY M 346 6.90 92.70 -18.37
N GLU M 347 5.77 93.16 -18.98
CA GLU M 347 4.99 92.35 -19.91
C GLU M 347 5.67 92.26 -21.27
N GLU M 348 5.18 91.36 -22.17
CA GLU M 348 5.81 91.12 -23.47
C GLU M 348 4.85 90.38 -24.36
N TYR M 349 4.24 91.10 -25.30
CA TYR M 349 3.38 90.44 -26.24
C TYR M 349 3.82 90.38 -27.67
N ASP M 350 2.99 89.69 -28.42
CA ASP M 350 3.21 89.52 -29.82
C ASP M 350 1.83 89.15 -30.50
N LEU M 351 1.26 90.04 -31.36
CA LEU M 351 -0.09 89.73 -31.81
C LEU M 351 -0.11 89.35 -33.25
N GLN M 352 -0.45 88.10 -33.60
CA GLN M 352 -0.34 87.62 -35.00
C GLN M 352 -1.76 87.30 -35.47
N PHE M 353 -1.97 87.70 -36.74
CA PHE M 353 -3.27 87.44 -37.33
C PHE M 353 -3.11 86.98 -38.74
N ILE M 354 -4.28 86.58 -39.27
CA ILE M 354 -4.44 86.18 -40.68
C ILE M 354 -5.94 86.56 -41.04
N PHE M 355 -6.05 87.49 -42.07
CA PHE M 355 -7.34 88.02 -42.47
C PHE M 355 -7.61 87.57 -43.86
N GLN M 356 -8.92 87.49 -44.08
CA GLN M 356 -9.44 87.10 -45.39
C GLN M 356 -10.27 88.26 -46.03
N LEU M 357 -9.95 88.58 -47.29
CA LEU M 357 -10.74 89.60 -47.97
C LEU M 357 -12.25 89.32 -48.14
N CYS M 358 -13.05 90.45 -48.12
CA CYS M 358 -14.50 90.05 -48.12
C CYS M 358 -15.29 91.14 -48.73
N LYS M 359 -16.04 90.79 -49.74
CA LYS M 359 -16.74 91.78 -50.37
C LYS M 359 -18.18 91.76 -49.99
N ILE M 360 -18.79 92.95 -50.04
CA ILE M 360 -20.24 93.10 -49.75
C ILE M 360 -20.89 93.97 -50.77
N THR M 361 -22.07 93.51 -51.22
CA THR M 361 -22.73 94.21 -52.28
C THR M 361 -23.85 95.00 -51.66
N LEU M 362 -23.68 96.29 -51.64
CA LEU M 362 -24.74 97.16 -51.06
C LEU M 362 -25.97 97.20 -51.98
N THR M 363 -26.91 96.31 -51.64
CA THR M 363 -28.22 96.31 -52.25
C THR M 363 -29.20 97.08 -51.32
N ALA M 364 -30.42 97.35 -51.81
CA ALA M 364 -31.50 97.82 -50.92
C ALA M 364 -31.64 97.07 -49.51
N ASP M 365 -31.88 95.74 -49.48
CA ASP M 365 -32.07 94.93 -48.31
C ASP M 365 -30.84 95.10 -47.45
N VAL M 366 -29.71 94.60 -47.98
CA VAL M 366 -28.45 94.58 -47.18
C VAL M 366 -28.17 95.92 -46.36
N MET M 367 -28.53 97.08 -46.99
CA MET M 367 -27.99 98.34 -46.48
C MET M 367 -28.84 98.78 -45.28
N THR M 368 -30.16 98.59 -45.45
CA THR M 368 -31.04 98.76 -44.31
C THR M 368 -30.64 97.92 -43.10
N TYR M 369 -30.49 96.63 -43.44
CA TYR M 369 -29.97 95.69 -42.45
C TYR M 369 -28.67 96.16 -41.79
N ILE M 370 -27.63 96.47 -42.63
CA ILE M 370 -26.34 96.99 -42.10
C ILE M 370 -26.52 98.26 -41.27
N HIS M 371 -27.59 99.05 -41.63
CA HIS M 371 -27.85 100.36 -41.09
C HIS M 371 -28.40 100.20 -39.71
N SER M 372 -29.29 99.16 -39.56
CA SER M 372 -29.99 98.95 -38.29
C SER M 372 -29.02 98.40 -37.32
N MET M 373 -28.07 97.63 -37.86
CA MET M 373 -26.99 97.04 -37.03
C MET M 373 -26.00 98.18 -36.70
N ASN M 374 -25.15 98.57 -37.64
CA ASN M 374 -24.34 99.76 -37.34
C ASN M 374 -24.18 100.76 -38.48
N PRO M 375 -24.87 101.98 -38.26
CA PRO M 375 -24.85 103.03 -39.25
C PRO M 375 -23.40 103.36 -39.73
N SER M 376 -22.42 103.45 -38.80
CA SER M 376 -21.02 103.82 -39.14
C SER M 376 -20.43 102.97 -40.24
N ILE M 377 -21.01 101.77 -40.40
CA ILE M 377 -20.35 100.79 -41.31
C ILE M 377 -20.59 101.32 -42.72
N LEU M 378 -21.79 101.94 -42.96
CA LEU M 378 -22.25 102.51 -44.24
C LEU M 378 -21.73 103.88 -44.45
N GLU M 379 -22.04 104.78 -43.47
CA GLU M 379 -21.44 106.11 -43.34
C GLU M 379 -19.99 106.13 -43.60
N ASP M 380 -19.21 105.38 -42.82
CA ASP M 380 -17.71 105.28 -43.08
C ASP M 380 -17.21 104.91 -44.50
N TRP M 381 -18.11 104.35 -45.35
CA TRP M 381 -17.73 103.81 -46.63
C TRP M 381 -17.86 104.83 -47.75
N ASN M 382 -17.51 106.09 -47.45
CA ASN M 382 -17.83 107.22 -48.37
C ASN M 382 -17.56 108.59 -47.71
N PRO M 389 -15.08 108.00 -31.09
CA PRO M 389 -16.37 107.29 -30.86
C PRO M 389 -16.22 106.56 -29.54
N LEU M 390 -14.94 106.28 -29.21
CA LEU M 390 -14.42 105.46 -28.02
C LEU M 390 -13.24 106.42 -27.53
N LYS M 391 -13.54 107.71 -27.65
CA LYS M 391 -12.56 108.71 -27.34
C LYS M 391 -12.37 108.72 -25.82
N ASN M 392 -13.29 107.99 -25.13
CA ASN M 392 -13.29 107.85 -23.63
C ASN M 392 -12.57 106.57 -23.07
N TYR M 393 -12.34 105.59 -23.90
CA TYR M 393 -11.79 104.42 -23.45
C TYR M 393 -10.37 104.31 -23.80
N THR M 394 -9.54 103.93 -22.81
CA THR M 394 -8.06 103.68 -23.02
C THR M 394 -7.61 102.20 -23.37
N PHE M 395 -7.17 101.97 -24.63
CA PHE M 395 -6.62 100.70 -25.15
C PHE M 395 -5.13 100.77 -25.51
N TRP M 396 -4.56 99.63 -25.77
CA TRP M 396 -3.19 99.46 -26.14
C TRP M 396 -3.33 99.51 -27.60
N GLU M 397 -2.80 100.62 -28.11
CA GLU M 397 -3.11 101.01 -29.53
C GLU M 397 -2.20 100.14 -30.34
N VAL M 398 -2.75 99.23 -31.18
CA VAL M 398 -1.93 98.41 -32.10
C VAL M 398 -2.22 98.75 -33.59
N ASP M 399 -1.27 99.42 -34.30
CA ASP M 399 -1.48 99.77 -35.71
C ASP M 399 -0.85 98.69 -36.64
N LEU M 400 -1.69 98.04 -37.44
CA LEU M 400 -1.22 97.05 -38.35
C LEU M 400 -1.37 97.44 -39.81
N LYS M 401 -1.37 98.75 -40.10
CA LYS M 401 -1.71 99.14 -41.50
C LYS M 401 -0.54 98.85 -42.42
N GLU M 402 0.61 99.12 -41.90
CA GLU M 402 1.74 98.78 -42.68
C GLU M 402 2.31 97.41 -42.32
N LYS M 403 1.63 96.56 -41.53
CA LYS M 403 2.11 95.21 -41.24
C LYS M 403 1.29 94.13 -41.95
N PHE M 404 0.69 94.33 -43.07
CA PHE M 404 -0.02 93.20 -43.73
C PHE M 404 0.89 92.66 -44.79
N SER M 405 0.82 91.34 -45.07
CA SER M 405 1.72 90.71 -46.08
C SER M 405 0.86 89.72 -46.81
N ALA M 406 1.09 89.34 -48.03
CA ALA M 406 0.12 88.38 -48.59
C ALA M 406 1.05 87.25 -48.78
N ASP M 407 2.28 87.38 -48.32
CA ASP M 407 3.25 86.25 -48.43
C ASP M 407 3.24 85.39 -47.15
N LEU M 408 2.12 84.69 -46.95
CA LEU M 408 1.89 83.84 -45.80
C LEU M 408 3.15 82.96 -45.44
N ASP M 409 3.67 82.28 -46.45
CA ASP M 409 4.79 81.48 -46.27
C ASP M 409 5.84 82.16 -45.34
N GLN M 410 6.19 83.40 -45.59
CA GLN M 410 7.18 84.01 -44.72
C GLN M 410 6.89 84.08 -43.18
N PHE M 411 5.79 83.53 -42.73
CA PHE M 411 5.53 83.57 -41.26
C PHE M 411 5.12 82.22 -40.60
N PRO M 412 5.64 82.03 -39.36
CA PRO M 412 5.14 80.82 -38.67
C PRO M 412 3.59 80.66 -38.84
N LEU M 413 2.83 81.55 -38.27
CA LEU M 413 1.39 81.39 -38.36
C LEU M 413 1.03 81.22 -39.82
N GLY M 414 1.60 82.07 -40.66
CA GLY M 414 1.17 81.96 -42.07
C GLY M 414 1.38 80.54 -42.66
N ARG M 415 2.56 80.01 -42.28
CA ARG M 415 3.03 78.64 -42.69
C ARG M 415 2.08 77.48 -42.18
N LYS M 416 1.67 77.62 -40.87
CA LYS M 416 0.60 76.82 -40.22
C LYS M 416 -0.78 77.05 -40.88
N PHE M 417 -1.07 78.27 -41.23
CA PHE M 417 -2.31 78.46 -41.96
C PHE M 417 -2.46 77.57 -43.18
N LEU M 418 -1.52 77.72 -44.04
CA LEU M 418 -1.62 77.21 -45.34
C LEU M 418 -1.69 75.74 -45.20
N LEU M 419 -0.72 75.12 -44.43
CA LEU M 419 -0.83 73.68 -44.02
C LEU M 419 -2.21 73.17 -43.53
N GLN M 420 -2.57 73.51 -42.28
CA GLN M 420 -3.91 73.35 -41.67
C GLN M 420 -5.10 73.48 -42.62
N ALA M 421 -5.17 74.59 -43.33
CA ALA M 421 -6.34 74.82 -44.14
C ALA M 421 -6.25 73.78 -45.26
N GLY M 422 -5.15 73.00 -45.23
CA GLY M 422 -4.93 72.00 -46.31
C GLY M 422 -4.37 72.72 -47.57
N LEU M 423 -5.22 72.91 -48.59
CA LEU M 423 -4.80 73.63 -49.80
C LEU M 423 -4.79 75.23 -49.75
N ALA N 1 12.78 87.35 -51.04
CA ALA N 1 12.06 86.18 -50.31
C ALA N 1 12.88 84.89 -49.99
N VAL N 2 12.62 84.53 -48.70
CA VAL N 2 13.04 83.29 -48.05
C VAL N 2 12.27 82.03 -48.54
N VAL N 3 13.04 80.96 -48.79
CA VAL N 3 12.42 79.71 -49.21
C VAL N 3 12.89 78.47 -48.46
N SER N 4 11.93 77.59 -48.24
CA SER N 4 12.29 76.29 -47.62
C SER N 4 13.48 75.57 -48.29
N THR N 5 14.29 74.82 -47.49
CA THR N 5 15.52 74.16 -48.03
C THR N 5 15.11 73.04 -48.97
N ASP N 6 13.82 72.71 -48.91
CA ASP N 6 13.38 71.60 -49.65
C ASP N 6 13.48 72.03 -51.11
N GLU N 7 13.54 73.38 -51.36
CA GLU N 7 13.64 74.01 -52.72
C GLU N 7 14.93 73.92 -53.37
N TYR N 8 15.91 73.52 -52.60
CA TYR N 8 17.21 73.57 -53.13
C TYR N 8 18.20 72.61 -52.59
N VAL N 9 17.67 71.54 -52.02
CA VAL N 9 18.56 70.58 -51.28
C VAL N 9 17.97 69.21 -51.47
N THR N 10 18.62 68.51 -52.37
CA THR N 10 18.25 67.23 -52.52
C THR N 10 18.72 66.20 -51.44
N ARG N 11 17.85 65.22 -51.28
CA ARG N 11 18.03 64.22 -50.32
C ARG N 11 18.56 62.99 -50.97
N THR N 12 19.14 62.15 -50.18
CA THR N 12 19.62 60.89 -50.69
C THR N 12 19.18 59.88 -49.71
N ASN N 13 19.50 58.60 -49.98
CA ASN N 13 19.01 57.54 -49.19
C ASN N 13 20.12 57.15 -48.30
N ILE N 14 20.89 58.12 -47.81
CA ILE N 14 22.08 57.71 -47.05
C ILE N 14 22.04 58.19 -45.62
N TYR N 15 22.02 57.26 -44.65
CA TYR N 15 21.88 57.73 -43.28
C TYR N 15 23.03 57.18 -42.42
N TYR N 16 23.46 57.93 -41.36
CA TYR N 16 24.63 57.62 -40.46
C TYR N 16 24.22 57.93 -39.06
N HIS N 17 24.84 57.18 -38.22
CA HIS N 17 24.43 57.27 -36.81
C HIS N 17 25.56 58.15 -36.34
N ALA N 18 25.40 58.81 -35.20
CA ALA N 18 26.53 59.58 -34.66
C ALA N 18 26.38 59.77 -33.19
N GLY N 19 27.36 59.32 -32.39
CA GLY N 19 27.06 59.42 -30.92
C GLY N 19 28.20 59.91 -30.09
N SER N 20 27.89 60.71 -29.05
CA SER N 20 28.99 61.28 -28.25
C SER N 20 29.23 60.30 -27.17
N SER N 21 30.44 60.25 -26.71
CA SER N 21 30.63 59.29 -25.62
C SER N 21 29.93 59.83 -24.34
N ARG N 22 29.90 59.05 -23.26
CA ARG N 22 29.33 59.58 -22.02
C ARG N 22 29.98 60.95 -21.76
N LEU N 23 29.15 61.98 -21.58
CA LEU N 23 29.62 63.26 -21.23
C LEU N 23 29.38 63.45 -19.72
N LEU N 24 30.41 63.77 -18.98
CA LEU N 24 30.20 63.97 -17.56
C LEU N 24 30.58 65.33 -17.19
N ALA N 25 30.15 65.76 -16.00
CA ALA N 25 30.67 66.99 -15.43
C ALA N 25 30.52 67.01 -13.93
N VAL N 26 31.61 67.39 -13.22
CA VAL N 26 31.54 67.43 -11.75
C VAL N 26 32.05 68.76 -11.25
N GLY N 27 31.40 69.28 -10.21
CA GLY N 27 31.90 70.42 -9.50
C GLY N 27 31.00 70.97 -8.40
N HIS N 28 31.27 72.25 -8.03
CA HIS N 28 30.53 72.91 -7.04
C HIS N 28 29.26 73.59 -7.67
N PRO N 29 28.08 73.36 -7.04
CA PRO N 29 26.82 73.84 -7.62
C PRO N 29 26.55 75.39 -7.47
N TYR N 30 27.44 76.07 -6.72
CA TYR N 30 27.05 77.49 -6.43
C TYR N 30 28.08 78.39 -7.02
N TYR N 31 29.34 77.97 -6.78
CA TYR N 31 30.40 78.81 -7.20
C TYR N 31 31.57 78.04 -7.58
N ALA N 32 32.52 78.65 -8.33
CA ALA N 32 33.64 77.91 -8.88
C ALA N 32 34.75 78.02 -7.82
N ILE N 33 35.37 76.86 -7.54
CA ILE N 33 36.48 76.84 -6.58
C ILE N 33 37.83 76.89 -7.42
N LYS N 34 38.46 78.08 -7.45
CA LYS N 34 39.73 78.24 -8.19
C LYS N 34 40.92 78.01 -7.24
N LYS N 35 42.15 77.92 -7.78
CA LYS N 35 43.31 77.78 -6.90
C LYS N 35 43.36 78.83 -5.75
N GLN N 36 43.83 78.43 -4.55
CA GLN N 36 43.78 79.38 -3.41
C GLN N 36 44.45 80.76 -3.73
N ASP N 37 45.53 80.70 -4.51
CA ASP N 37 46.15 81.94 -4.95
C ASP N 37 45.78 82.19 -6.41
N SER N 38 45.95 81.15 -7.21
CA SER N 38 45.80 81.35 -8.64
C SER N 38 44.36 81.71 -8.93
N ASN N 39 44.12 82.29 -10.08
CA ASN N 39 42.74 82.58 -10.50
C ASN N 39 42.29 81.55 -11.58
N LYS N 40 42.99 80.41 -11.60
CA LYS N 40 42.64 79.38 -12.52
C LYS N 40 41.65 78.42 -11.82
N ILE N 41 40.56 78.05 -12.55
CA ILE N 41 39.42 77.18 -12.06
C ILE N 41 40.00 75.84 -11.77
N ALA N 42 39.94 75.38 -10.48
CA ALA N 42 40.35 73.97 -9.94
C ALA N 42 39.19 73.05 -10.16
N VAL N 43 38.07 73.43 -9.57
CA VAL N 43 36.82 72.69 -9.64
C VAL N 43 35.85 73.62 -10.28
N PRO N 44 35.24 73.15 -11.39
CA PRO N 44 34.22 74.06 -12.09
C PRO N 44 32.91 74.32 -11.30
N LYS N 45 31.92 74.89 -11.99
CA LYS N 45 30.63 75.07 -11.35
C LYS N 45 29.66 74.29 -12.24
N VAL N 46 29.25 73.12 -11.68
CA VAL N 46 28.30 72.22 -12.37
C VAL N 46 27.02 72.16 -11.60
N SER N 47 26.08 73.00 -12.10
CA SER N 47 24.74 73.13 -11.51
C SER N 47 23.66 72.63 -12.42
N GLY N 48 22.53 72.48 -11.81
CA GLY N 48 21.52 71.73 -12.50
C GLY N 48 20.62 72.78 -13.14
N LEU N 49 20.82 74.08 -12.75
CA LEU N 49 20.14 75.32 -13.26
C LEU N 49 21.05 76.04 -14.21
N GLN N 50 21.77 75.27 -15.03
CA GLN N 50 22.70 75.64 -16.05
C GLN N 50 22.34 75.27 -17.54
N TYR N 51 22.38 76.25 -18.48
CA TYR N 51 22.29 75.92 -19.93
C TYR N 51 23.44 74.85 -20.35
N ARG N 52 23.05 73.86 -21.16
CA ARG N 52 24.01 73.03 -21.77
C ARG N 52 24.07 73.45 -23.24
N VAL N 53 24.96 74.33 -23.66
CA VAL N 53 24.87 74.50 -25.10
C VAL N 53 25.93 73.58 -25.64
N PHE N 54 25.50 72.60 -26.42
CA PHE N 54 26.50 71.74 -27.07
C PHE N 54 26.90 72.16 -28.52
N ARG N 55 28.21 72.17 -28.81
CA ARG N 55 28.63 72.40 -30.18
C ARG N 55 29.05 71.14 -30.74
N VAL N 56 28.11 70.53 -31.41
CA VAL N 56 28.41 69.28 -32.15
C VAL N 56 29.22 69.43 -33.49
N LYS N 57 30.54 69.20 -33.49
CA LYS N 57 31.28 69.24 -34.74
C LYS N 57 30.87 68.02 -35.62
N LEU N 58 30.70 68.16 -36.90
CA LEU N 58 30.47 67.01 -37.68
C LEU N 58 31.50 66.98 -38.76
N PRO N 59 31.76 65.79 -39.27
CA PRO N 59 32.72 65.73 -40.38
C PRO N 59 32.16 66.45 -41.60
N ASP N 60 33.06 66.80 -42.55
CA ASP N 60 32.64 67.49 -43.77
C ASP N 60 32.35 66.48 -44.86
N PRO N 61 31.08 66.28 -45.22
CA PRO N 61 30.82 65.28 -46.27
C PRO N 61 31.64 65.39 -47.54
N ASN N 62 32.51 66.38 -47.65
CA ASN N 62 33.16 66.62 -48.91
C ASN N 62 34.46 65.91 -48.86
N LYS N 63 35.17 66.06 -47.77
CA LYS N 63 36.43 65.26 -47.62
C LYS N 63 36.13 63.67 -47.45
N PHE N 64 35.13 63.29 -46.64
CA PHE N 64 34.65 61.95 -46.69
C PHE N 64 34.29 61.64 -48.18
N GLY N 65 34.73 60.44 -48.69
CA GLY N 65 34.09 60.03 -50.03
C GLY N 65 32.90 59.04 -49.84
N PHE N 66 32.05 58.89 -50.89
CA PHE N 66 30.88 57.98 -50.77
C PHE N 66 30.65 57.11 -51.98
N PRO N 67 30.07 55.89 -51.74
CA PRO N 67 29.85 54.92 -52.88
C PRO N 67 28.61 55.34 -53.81
N ASP N 68 27.52 55.68 -53.08
CA ASP N 68 26.21 56.10 -53.63
C ASP N 68 26.30 57.48 -54.30
N THR N 69 27.46 58.11 -54.09
CA THR N 69 27.66 59.40 -54.74
C THR N 69 28.41 59.13 -56.05
N SER N 70 27.80 58.36 -56.96
CA SER N 70 28.36 58.05 -58.29
C SER N 70 27.66 58.95 -59.41
N PHE N 71 26.34 59.20 -59.16
CA PHE N 71 25.43 60.21 -59.98
C PHE N 71 25.41 61.63 -59.36
N TYR N 72 26.59 62.00 -58.83
CA TYR N 72 26.90 63.26 -58.17
C TYR N 72 28.23 63.80 -58.71
N ASP N 73 28.20 65.12 -58.99
CA ASP N 73 29.32 65.88 -59.58
C ASP N 73 29.84 66.84 -58.50
N PRO N 74 31.05 66.57 -58.04
CA PRO N 74 31.62 67.34 -56.95
C PRO N 74 32.16 68.66 -57.55
N ALA N 75 31.94 68.85 -58.87
CA ALA N 75 32.52 70.06 -59.54
C ALA N 75 31.51 71.25 -59.40
N SER N 76 30.27 70.94 -59.75
CA SER N 76 29.14 71.71 -59.48
C SER N 76 28.25 71.55 -58.21
N GLN N 77 28.32 70.37 -57.51
CA GLN N 77 27.43 70.08 -56.36
C GLN N 77 28.25 70.03 -55.10
N ARG N 78 27.54 70.12 -54.00
CA ARG N 78 28.11 70.02 -52.66
C ARG N 78 27.24 69.20 -51.65
N LEU N 79 27.79 68.95 -50.47
CA LEU N 79 27.10 68.17 -49.50
C LEU N 79 27.01 68.82 -48.09
N VAL N 80 25.84 68.64 -47.45
CA VAL N 80 25.51 69.15 -46.06
C VAL N 80 24.92 67.97 -45.30
N TRP N 81 25.01 68.05 -43.96
CA TRP N 81 24.36 66.92 -43.22
C TRP N 81 22.97 67.37 -42.78
N ALA N 82 21.94 66.65 -43.16
CA ALA N 82 20.55 66.95 -42.57
C ALA N 82 20.26 65.95 -41.35
N CYS N 83 19.83 66.61 -40.29
CA CYS N 83 19.75 65.91 -39.10
C CYS N 83 18.39 65.28 -39.19
N THR N 84 18.32 64.01 -38.70
CA THR N 84 17.04 63.27 -38.80
C THR N 84 16.41 62.88 -37.53
N GLY N 85 17.24 62.81 -36.50
CA GLY N 85 16.71 62.47 -35.22
C GLY N 85 17.70 62.67 -34.10
N VAL N 86 17.24 63.34 -33.06
CA VAL N 86 18.13 63.58 -31.99
C VAL N 86 17.66 62.69 -30.81
N GLU N 87 18.56 62.22 -29.91
CA GLU N 87 18.13 61.54 -28.70
C GLU N 87 19.03 62.14 -27.59
N VAL N 88 18.49 62.64 -26.48
CA VAL N 88 19.36 63.32 -25.51
C VAL N 88 19.25 62.49 -24.16
N GLY N 89 20.08 61.40 -24.08
CA GLY N 89 20.26 60.54 -23.01
C GLY N 89 20.74 61.31 -21.80
N ARG N 90 19.91 61.32 -20.75
CA ARG N 90 20.39 61.82 -19.43
C ARG N 90 20.63 60.68 -18.41
N GLY N 91 21.70 60.79 -17.53
CA GLY N 91 22.09 59.74 -16.59
C GLY N 91 22.00 60.53 -15.32
N GLN N 92 22.23 59.74 -14.32
CA GLN N 92 21.94 59.99 -12.87
C GLN N 92 20.53 59.86 -12.42
N PRO N 93 20.33 59.82 -11.10
CA PRO N 93 18.91 59.84 -10.67
C PRO N 93 18.22 61.28 -10.54
N LEU N 94 16.90 61.30 -10.71
CA LEU N 94 16.05 62.40 -10.70
C LEU N 94 16.16 62.74 -9.25
N GLY N 95 16.17 63.98 -8.98
CA GLY N 95 16.29 64.47 -7.57
C GLY N 95 16.30 66.05 -7.72
N VAL N 96 16.62 66.75 -6.64
CA VAL N 96 16.46 68.10 -6.63
C VAL N 96 17.47 68.89 -5.78
N GLY N 97 17.93 69.96 -6.50
CA GLY N 97 18.76 71.03 -5.84
C GLY N 97 18.19 71.88 -4.70
N ILE N 98 18.98 72.72 -4.08
CA ILE N 98 18.43 73.55 -3.08
C ILE N 98 19.58 74.63 -3.05
N SER N 99 19.24 75.90 -3.27
CA SER N 99 20.25 76.91 -3.25
C SER N 99 19.86 77.86 -2.07
N GLY N 100 20.90 78.56 -1.56
CA GLY N 100 20.73 79.46 -0.40
C GLY N 100 21.73 80.63 -0.40
N HIS N 101 21.68 81.48 0.64
CA HIS N 101 22.52 82.63 0.79
C HIS N 101 22.71 82.82 2.27
N PRO N 102 23.93 82.77 2.67
CA PRO N 102 24.22 82.97 4.14
C PRO N 102 23.55 84.19 4.70
N LEU N 103 23.67 85.32 3.94
CA LEU N 103 23.19 86.76 4.20
C LEU N 103 22.14 87.23 3.18
N LEU N 104 21.12 86.39 2.87
CA LEU N 104 19.90 86.65 2.12
C LEU N 104 19.09 87.76 2.79
N ASN N 105 18.45 88.54 1.92
CA ASN N 105 17.84 89.74 2.32
C ASN N 105 16.40 89.32 2.54
N LYS N 106 16.09 89.12 3.80
CA LYS N 106 14.76 88.65 4.18
C LYS N 106 14.40 89.38 5.45
N LEU N 107 13.65 90.47 5.29
CA LEU N 107 13.13 91.05 6.49
C LEU N 107 12.29 90.02 7.44
N ASP N 108 11.00 89.87 7.13
CA ASP N 108 10.03 89.04 7.92
C ASP N 108 9.04 88.32 6.97
N ASP N 109 8.44 87.25 7.49
CA ASP N 109 7.58 86.39 6.66
C ASP N 109 6.19 86.91 6.74
N THR N 110 5.81 87.59 5.69
CA THR N 110 4.55 88.33 5.63
C THR N 110 3.37 87.48 5.16
N GLU N 111 3.52 86.16 5.19
CA GLU N 111 2.36 85.25 4.88
C GLU N 111 1.29 85.27 6.00
N ASN N 112 1.84 85.17 7.20
CA ASN N 112 1.07 85.15 8.42
C ASN N 112 1.96 85.72 9.59
N SER N 113 2.17 87.06 9.48
CA SER N 113 2.96 87.78 10.45
C SER N 113 2.31 87.52 11.77
N ASN N 114 3.13 87.60 12.81
CA ASN N 114 2.67 87.50 14.23
C ASN N 114 2.05 88.84 14.72
N LYS N 115 2.89 89.90 14.69
CA LYS N 115 2.45 91.26 14.99
C LYS N 115 3.15 92.21 14.01
N TYR N 116 3.47 93.37 14.59
CA TYR N 116 4.12 94.49 13.96
C TYR N 116 5.10 94.95 15.03
N VAL N 117 6.39 94.73 14.81
CA VAL N 117 7.39 95.20 15.75
C VAL N 117 7.80 96.57 15.15
N GLY N 118 8.30 97.52 15.95
CA GLY N 118 8.79 98.85 15.46
C GLY N 118 9.84 98.77 14.36
N ASN N 119 10.45 99.91 14.05
CA ASN N 119 11.51 99.94 13.02
C ASN N 119 12.76 99.10 13.36
N SER N 120 12.99 98.02 12.59
CA SER N 120 14.18 97.22 12.74
C SER N 120 15.50 98.04 12.66
N GLY N 121 16.63 97.33 12.73
CA GLY N 121 17.92 98.01 12.82
C GLY N 121 18.60 97.95 11.48
N THR N 122 19.94 97.74 11.48
CA THR N 122 20.77 97.46 10.27
C THR N 122 21.11 96.01 10.08
N ASP N 123 21.42 95.59 8.80
CA ASP N 123 21.68 94.08 8.59
C ASP N 123 20.68 93.15 9.33
N ASN N 124 19.51 92.86 8.74
CA ASN N 124 18.57 91.82 9.30
C ASN N 124 18.54 90.65 8.32
N ARG N 125 19.64 90.45 7.63
CA ARG N 125 19.73 89.36 6.72
C ARG N 125 19.95 88.01 7.51
N GLU N 126 19.53 86.85 6.93
CA GLU N 126 19.65 85.58 7.53
C GLU N 126 19.72 84.56 6.39
N CYS N 127 20.36 83.48 6.78
CA CYS N 127 20.71 82.31 5.97
C CYS N 127 19.39 81.64 5.52
N ILE N 128 19.09 81.61 4.21
CA ILE N 128 17.89 80.93 3.71
C ILE N 128 18.15 80.12 2.47
N SER N 129 17.81 78.85 2.43
CA SER N 129 17.94 78.14 1.22
C SER N 129 16.56 77.99 0.53
N MET N 130 16.51 77.33 -0.59
CA MET N 130 15.20 77.09 -1.27
C MET N 130 15.37 76.38 -2.65
N ASP N 131 14.26 75.88 -3.20
CA ASP N 131 14.32 74.96 -4.39
C ASP N 131 13.72 75.74 -5.54
N TYR N 132 14.50 75.86 -6.58
CA TYR N 132 14.14 76.70 -7.69
C TYR N 132 13.06 76.04 -8.51
N LYS N 133 12.46 76.91 -9.35
CA LYS N 133 11.47 76.58 -10.36
C LYS N 133 11.93 75.48 -11.29
N GLN N 134 10.99 74.67 -11.74
CA GLN N 134 11.44 73.44 -12.40
C GLN N 134 11.32 73.60 -13.86
N THR N 135 12.47 73.54 -14.54
CA THR N 135 12.64 73.71 -15.96
C THR N 135 13.21 72.45 -16.67
N GLN N 136 12.84 72.36 -17.96
CA GLN N 136 13.23 71.24 -18.81
C GLN N 136 13.06 71.74 -20.26
N LEU N 137 14.15 72.13 -20.98
CA LEU N 137 14.03 72.51 -22.35
C LEU N 137 15.01 71.80 -23.20
N CYS N 138 14.76 71.76 -24.48
CA CYS N 138 15.75 71.21 -25.37
C CYS N 138 15.55 71.92 -26.76
N LEU N 139 16.62 72.56 -27.26
CA LEU N 139 16.52 73.32 -28.51
C LEU N 139 17.56 72.90 -29.54
N ILE N 140 17.13 72.52 -30.76
CA ILE N 140 18.05 71.90 -31.73
C ILE N 140 18.12 72.96 -32.86
N GLY N 141 19.26 73.52 -33.13
CA GLY N 141 19.37 74.49 -34.16
C GLY N 141 20.77 74.37 -34.77
N CYS N 142 20.98 74.87 -36.01
CA CYS N 142 22.27 74.86 -36.63
C CYS N 142 23.08 76.14 -36.32
N ARG N 143 22.57 76.95 -35.42
CA ARG N 143 23.28 78.07 -34.85
C ARG N 143 22.88 78.13 -33.40
N PRO N 144 23.65 78.81 -32.62
CA PRO N 144 23.29 78.85 -31.20
C PRO N 144 22.06 79.69 -30.97
N PRO N 145 21.12 79.23 -30.18
CA PRO N 145 19.88 79.97 -29.95
C PRO N 145 20.13 81.24 -29.18
N ILE N 146 19.20 82.16 -29.14
CA ILE N 146 19.46 83.45 -28.39
C ILE N 146 18.74 83.51 -27.14
N GLY N 147 19.07 84.42 -26.28
CA GLY N 147 18.25 84.38 -25.04
C GLY N 147 17.76 85.85 -24.69
N GLU N 148 16.80 86.17 -23.76
CA GLU N 148 16.29 87.44 -23.30
C GLU N 148 16.29 87.54 -21.80
N HIS N 149 16.86 88.62 -21.34
CA HIS N 149 16.89 88.94 -19.90
C HIS N 149 16.77 90.48 -19.77
N TRP N 150 16.59 91.01 -18.56
CA TRP N 150 16.33 92.35 -18.25
C TRP N 150 17.53 92.89 -17.61
N GLY N 151 18.09 93.85 -18.30
CA GLY N 151 19.33 94.48 -17.91
C GLY N 151 19.18 95.98 -17.68
N LYS N 152 20.26 96.57 -17.13
CA LYS N 152 20.34 98.03 -16.80
C LYS N 152 20.31 98.90 -18.11
N GLY N 153 19.29 99.74 -18.29
CA GLY N 153 19.25 100.59 -19.54
C GLY N 153 20.06 101.90 -19.48
N THR N 154 20.25 102.55 -20.64
CA THR N 154 20.91 103.89 -20.60
C THR N 154 19.83 104.98 -20.53
N PRO N 155 19.94 106.00 -19.63
CA PRO N 155 18.77 106.94 -19.50
C PRO N 155 18.81 107.93 -20.68
N SER N 156 17.82 108.82 -20.81
CA SER N 156 17.77 109.55 -22.05
C SER N 156 18.49 110.85 -21.81
N ASN N 157 18.34 111.77 -22.79
CA ASN N 157 18.76 113.20 -22.72
C ASN N 157 17.99 114.08 -21.69
N ALA N 158 18.30 113.96 -20.37
CA ALA N 158 17.65 114.76 -19.31
C ALA N 158 18.52 114.76 -18.08
N ASN N 159 17.92 114.41 -16.96
CA ASN N 159 18.65 114.38 -15.69
C ASN N 159 19.61 113.19 -15.50
N GLN N 160 20.65 113.45 -14.69
CA GLN N 160 21.56 112.36 -14.30
C GLN N 160 20.93 111.38 -13.26
N VAL N 161 20.92 110.08 -13.58
CA VAL N 161 20.38 109.11 -12.63
C VAL N 161 21.33 108.87 -11.47
N LYS N 162 21.49 109.86 -10.56
CA LYS N 162 22.35 109.69 -9.38
C LYS N 162 22.03 108.41 -8.59
N ALA N 163 22.99 108.04 -7.74
CA ALA N 163 22.94 106.83 -6.91
C ALA N 163 21.64 106.65 -6.17
N GLY N 164 21.15 105.42 -6.20
CA GLY N 164 20.03 105.09 -5.35
C GLY N 164 18.76 104.96 -6.15
N GLU N 165 18.67 105.83 -7.16
CA GLU N 165 17.54 105.76 -8.10
C GLU N 165 17.40 104.34 -8.74
N CYS N 166 16.25 104.15 -9.44
CA CYS N 166 15.96 102.88 -10.16
C CYS N 166 16.24 103.03 -11.64
N PRO N 167 17.36 102.41 -12.01
CA PRO N 167 17.76 102.41 -13.39
C PRO N 167 16.60 101.99 -14.35
N PRO N 168 16.45 102.61 -15.51
CA PRO N 168 15.44 102.06 -16.43
C PRO N 168 15.85 100.69 -16.96
N LEU N 169 14.89 99.77 -17.06
CA LEU N 169 15.40 98.40 -17.44
C LEU N 169 15.42 98.27 -18.97
N GLU N 170 16.08 97.24 -19.45
CA GLU N 170 16.09 97.02 -20.90
C GLU N 170 16.14 95.55 -21.22
N LEU N 171 15.23 95.13 -22.11
CA LEU N 171 15.17 93.76 -22.54
C LEU N 171 16.38 93.65 -23.44
N LEU N 172 17.36 92.81 -23.09
CA LEU N 172 18.56 92.60 -23.92
C LEU N 172 18.60 91.23 -24.59
N ASN N 173 19.23 91.06 -25.75
CA ASN N 173 19.35 89.82 -26.35
C ASN N 173 20.84 89.44 -26.28
N THR N 174 21.11 88.16 -26.21
CA THR N 174 22.43 87.56 -25.80
C THR N 174 22.34 86.02 -26.22
N VAL N 175 23.51 85.52 -26.60
CA VAL N 175 23.54 84.27 -27.25
C VAL N 175 23.75 83.42 -26.02
N LEU N 176 23.14 82.20 -26.01
CA LEU N 176 23.12 81.18 -24.86
C LEU N 176 24.42 80.40 -24.93
N GLN N 177 25.13 80.33 -23.84
CA GLN N 177 26.37 79.64 -23.89
C GLN N 177 26.49 78.68 -22.76
N ASP N 178 27.22 77.58 -23.02
CA ASP N 178 27.30 76.54 -22.00
C ASP N 178 27.77 77.23 -20.71
N GLY N 179 26.94 77.14 -19.66
CA GLY N 179 27.29 77.85 -18.35
C GLY N 179 26.25 78.81 -17.76
N ASP N 180 25.29 79.17 -18.60
CA ASP N 180 24.34 80.16 -18.23
C ASP N 180 23.28 79.61 -17.26
N MET N 181 22.91 80.45 -16.27
CA MET N 181 21.73 80.20 -15.43
C MET N 181 20.38 80.45 -16.09
N VAL N 182 19.46 79.56 -15.80
CA VAL N 182 18.09 79.71 -16.35
C VAL N 182 17.43 80.64 -15.32
N ASP N 183 16.19 81.11 -15.53
CA ASP N 183 15.50 81.90 -14.50
C ASP N 183 15.16 80.88 -13.42
N THR N 184 15.18 81.31 -12.16
CA THR N 184 14.95 80.28 -11.14
C THR N 184 13.71 80.58 -10.38
N GLY N 185 13.22 81.78 -10.70
CA GLY N 185 11.81 82.12 -10.34
C GLY N 185 11.91 83.48 -9.66
N PHE N 186 12.99 84.16 -10.00
CA PHE N 186 13.14 85.60 -9.63
C PHE N 186 13.33 86.44 -10.90
N GLY N 187 12.84 85.88 -12.01
CA GLY N 187 12.95 86.57 -13.26
C GLY N 187 14.23 86.21 -13.98
N ALA N 188 14.19 86.53 -15.27
CA ALA N 188 15.40 86.46 -16.07
C ALA N 188 15.93 87.85 -16.20
N MET N 189 16.92 88.15 -15.39
CA MET N 189 17.51 89.42 -15.33
C MET N 189 19.00 89.36 -15.07
N ASP N 190 19.58 90.52 -14.80
CA ASP N 190 21.01 90.65 -14.51
C ASP N 190 21.09 91.09 -13.01
N PHE N 191 21.40 90.10 -12.14
CA PHE N 191 21.53 90.25 -10.70
C PHE N 191 22.69 91.13 -10.28
N THR N 192 23.82 91.00 -10.98
CA THR N 192 25.03 91.82 -10.66
C THR N 192 24.76 93.33 -10.87
N THR N 193 24.23 93.74 -12.02
CA THR N 193 24.05 95.18 -12.20
C THR N 193 22.72 95.56 -11.65
N LEU N 194 21.68 94.76 -11.59
CA LEU N 194 20.43 95.33 -11.14
C LEU N 194 20.16 95.44 -9.61
N GLN N 195 20.99 94.67 -8.82
CA GLN N 195 20.79 94.30 -7.27
C GLN N 195 22.11 94.63 -6.58
N ALA N 196 22.21 95.85 -6.03
CA ALA N 196 23.55 96.31 -5.61
C ALA N 196 23.89 95.44 -4.36
N ASN N 197 22.97 95.35 -3.39
CA ASN N 197 23.23 94.54 -2.18
C ASN N 197 23.84 93.13 -2.36
N LYS N 198 23.64 92.52 -3.54
CA LYS N 198 24.10 91.13 -3.82
C LYS N 198 23.87 90.13 -2.68
N SER N 199 22.69 90.24 -2.10
CA SER N 199 22.37 89.46 -0.93
C SER N 199 20.95 89.00 -1.01
N ASP N 200 20.09 89.40 -2.00
CA ASP N 200 18.60 88.89 -2.06
C ASP N 200 18.20 87.84 -3.16
N VAL N 201 19.08 86.83 -3.33
CA VAL N 201 18.98 85.70 -4.30
C VAL N 201 20.15 84.81 -4.00
N PRO N 202 19.90 83.48 -3.90
CA PRO N 202 21.04 82.57 -3.52
C PRO N 202 22.34 82.85 -4.37
N LEU N 203 23.53 82.63 -3.79
CA LEU N 203 24.81 82.89 -4.44
C LEU N 203 24.90 82.39 -5.88
N ASP N 204 24.24 81.27 -6.20
CA ASP N 204 24.41 80.70 -7.52
C ASP N 204 23.75 81.59 -8.73
N ILE N 205 22.99 82.63 -8.42
CA ILE N 205 22.51 83.45 -9.48
C ILE N 205 22.77 84.89 -9.15
N CYS N 206 23.08 85.19 -7.87
CA CYS N 206 23.08 86.53 -7.37
C CYS N 206 24.18 87.37 -8.08
N SER N 207 25.20 86.68 -8.62
CA SER N 207 26.22 87.51 -9.29
C SER N 207 26.29 87.16 -10.74
N SER N 208 25.10 86.79 -11.21
CA SER N 208 24.97 86.20 -12.51
C SER N 208 23.86 86.79 -13.44
N ILE N 209 23.67 86.11 -14.61
CA ILE N 209 22.57 86.44 -15.47
C ILE N 209 21.66 85.26 -15.71
N CYS N 210 20.42 85.47 -15.22
CA CYS N 210 19.44 84.45 -15.46
C CYS N 210 18.71 84.70 -16.73
N LYS N 211 19.17 84.01 -17.80
CA LYS N 211 18.54 84.10 -19.20
C LYS N 211 17.23 83.26 -19.43
N TYR N 212 16.42 83.70 -20.42
CA TYR N 212 15.24 82.97 -20.81
C TYR N 212 15.35 82.81 -22.30
N PRO N 213 15.15 81.61 -22.88
CA PRO N 213 15.21 81.50 -24.41
C PRO N 213 14.27 82.50 -25.07
N ASP N 214 14.66 83.40 -25.97
CA ASP N 214 13.65 84.37 -26.56
C ASP N 214 12.91 83.58 -27.64
N TYR N 215 11.90 82.85 -27.19
CA TYR N 215 11.37 81.90 -28.04
C TYR N 215 10.69 82.53 -29.27
N LEU N 216 10.01 83.73 -29.02
CA LEU N 216 9.32 84.84 -29.94
C LEU N 216 10.18 85.17 -31.01
N LYS N 217 11.37 85.68 -30.67
CA LYS N 217 12.32 85.99 -31.76
C LYS N 217 12.87 84.85 -32.68
N MET N 218 13.50 83.83 -32.03
CA MET N 218 13.99 82.60 -32.71
C MET N 218 12.95 81.93 -33.56
N VAL N 219 11.69 81.90 -33.09
CA VAL N 219 10.65 81.34 -33.88
C VAL N 219 10.47 82.25 -35.14
N SER N 220 10.32 83.60 -35.01
CA SER N 220 10.13 84.43 -36.18
C SER N 220 11.36 84.76 -37.00
N GLU N 221 12.49 84.14 -36.78
CA GLU N 221 13.61 84.49 -37.66
C GLU N 221 13.33 84.02 -39.11
N PRO N 222 13.65 84.83 -40.18
CA PRO N 222 13.27 84.43 -41.56
C PRO N 222 13.80 83.06 -41.98
N TYR N 223 15.05 82.78 -41.69
CA TYR N 223 15.62 81.58 -42.21
C TYR N 223 15.38 80.42 -41.29
N GLY N 224 14.86 80.68 -40.06
CA GLY N 224 14.92 79.64 -38.98
C GLY N 224 16.11 78.66 -38.86
N ASP N 225 17.32 79.19 -38.65
CA ASP N 225 18.45 78.28 -38.45
C ASP N 225 18.61 78.15 -36.92
N MET N 226 18.10 79.14 -36.20
CA MET N 226 18.44 79.27 -34.84
C MET N 226 17.85 77.98 -34.20
N LEU N 227 16.63 77.64 -34.53
CA LEU N 227 16.12 76.51 -33.80
C LEU N 227 15.10 75.98 -34.79
N PHE N 228 15.02 74.67 -34.89
CA PHE N 228 14.07 74.09 -35.83
C PHE N 228 13.38 72.91 -35.13
N PHE N 229 13.33 72.99 -33.80
CA PHE N 229 12.77 71.91 -32.92
C PHE N 229 12.95 72.53 -31.57
N TYR N 230 12.04 72.14 -30.68
CA TYR N 230 12.19 72.61 -29.30
C TYR N 230 11.17 72.09 -28.36
N LEU N 231 11.48 71.95 -27.07
CA LEU N 231 10.41 71.44 -26.04
C LEU N 231 10.67 72.05 -24.72
N ARG N 232 9.70 72.71 -24.15
CA ARG N 232 10.01 73.46 -22.92
C ARG N 232 9.03 72.85 -21.98
N ARG N 233 9.40 72.84 -20.71
CA ARG N 233 8.57 72.25 -19.67
C ARG N 233 8.89 72.95 -18.34
N GLU N 234 8.18 74.02 -17.95
CA GLU N 234 8.54 74.77 -16.77
C GLU N 234 7.29 74.88 -15.91
N GLN N 235 7.47 74.83 -14.56
CA GLN N 235 6.38 74.77 -13.53
C GLN N 235 6.98 75.25 -12.21
N MET N 236 6.27 75.95 -11.37
CA MET N 236 6.77 76.39 -10.08
C MET N 236 5.69 77.03 -9.25
N PHE N 237 5.93 77.27 -7.96
CA PHE N 237 4.79 77.90 -7.25
C PHE N 237 5.26 78.68 -6.06
N VAL N 238 4.34 79.31 -5.28
CA VAL N 238 4.88 80.12 -4.18
C VAL N 238 5.09 79.29 -2.82
N ARG N 239 6.34 78.83 -2.58
CA ARG N 239 6.74 78.15 -1.34
C ARG N 239 6.56 79.20 -0.23
N HIS N 240 7.29 80.34 -0.30
CA HIS N 240 6.96 81.40 0.70
C HIS N 240 6.84 82.84 0.14
N LEU N 241 6.44 83.72 1.04
CA LEU N 241 6.10 85.07 0.78
C LEU N 241 6.87 85.99 1.73
N PHE N 242 7.96 86.59 1.26
CA PHE N 242 8.70 87.50 2.15
C PHE N 242 8.66 88.98 1.88
N ASN N 243 9.10 89.69 2.88
CA ASN N 243 9.31 91.09 2.94
C ASN N 243 10.83 91.32 2.83
N ARG N 244 11.22 92.46 2.15
CA ARG N 244 12.67 92.79 1.82
C ARG N 244 13.15 93.85 2.84
N ALA N 245 14.46 93.91 3.20
CA ALA N 245 14.91 95.01 4.07
C ALA N 245 15.45 96.20 3.20
N GLY N 246 15.64 97.33 3.84
CA GLY N 246 16.16 98.55 3.24
C GLY N 246 14.95 99.39 2.96
N THR N 247 15.28 100.69 2.90
CA THR N 247 14.39 101.79 2.42
C THR N 247 13.77 101.48 1.09
N VAL N 248 12.58 102.00 0.97
CA VAL N 248 11.79 101.79 -0.19
C VAL N 248 11.91 103.00 -1.06
N GLY N 249 12.46 102.78 -2.23
CA GLY N 249 12.63 103.85 -3.21
C GLY N 249 11.33 104.55 -3.60
N GLU N 250 10.50 103.90 -4.42
CA GLU N 250 9.15 104.34 -4.71
C GLU N 250 8.21 104.20 -3.44
N THR N 251 8.16 105.23 -2.59
CA THR N 251 7.18 105.29 -1.50
C THR N 251 5.71 105.25 -1.97
N VAL N 252 4.90 104.67 -1.09
CA VAL N 252 3.53 104.27 -1.34
C VAL N 252 2.72 105.49 -1.23
N PRO N 253 1.84 105.70 -2.15
CA PRO N 253 1.10 106.97 -2.33
C PRO N 253 0.03 107.18 -1.25
N ALA N 254 0.30 108.05 -0.28
CA ALA N 254 -0.53 108.06 0.92
C ALA N 254 -2.07 108.04 0.81
N ASP N 255 -2.58 108.18 -0.40
CA ASP N 255 -4.06 108.16 -0.65
C ASP N 255 -4.60 106.73 -0.89
N LEU N 256 -3.66 105.76 -0.77
CA LEU N 256 -3.95 104.27 -0.88
C LEU N 256 -4.09 103.56 0.47
N TYR N 257 -3.92 104.26 1.57
CA TYR N 257 -4.20 103.67 2.86
C TYR N 257 -4.51 104.71 3.90
N ILE N 258 -5.08 104.37 5.02
CA ILE N 258 -5.33 105.40 5.96
C ILE N 258 -4.23 105.49 6.94
N LYS N 259 -3.75 106.70 7.16
CA LYS N 259 -2.65 106.97 8.09
C LYS N 259 -2.75 106.23 9.41
N GLY N 260 -1.97 105.23 9.58
CA GLY N 260 -2.09 104.48 10.83
C GLY N 260 -1.06 105.12 11.80
N THR N 261 -1.52 105.17 13.07
CA THR N 261 -0.72 105.77 14.12
C THR N 261 0.36 104.76 14.53
N THR N 262 1.53 105.30 14.87
CA THR N 262 2.67 104.50 15.30
C THR N 262 3.16 103.77 14.05
N GLY N 263 4.16 104.35 13.39
CA GLY N 263 4.69 103.62 12.24
C GLY N 263 5.29 104.42 11.13
N THR N 264 6.33 103.89 10.52
CA THR N 264 7.07 104.52 9.41
C THR N 264 6.76 103.64 8.21
N LEU N 265 5.55 103.03 8.22
CA LEU N 265 5.02 102.20 7.10
C LEU N 265 5.95 100.98 6.68
N PRO N 266 5.58 99.72 7.21
CA PRO N 266 6.39 98.49 7.16
C PRO N 266 6.69 98.18 5.69
N SER N 267 7.72 97.35 5.49
CA SER N 267 8.21 97.16 4.10
C SER N 267 7.09 96.71 3.08
N THR N 268 7.06 97.26 1.84
CA THR N 268 6.09 96.78 0.84
C THR N 268 6.81 96.17 -0.34
N SER N 269 8.16 96.29 -0.29
CA SER N 269 8.97 95.36 -1.13
C SER N 269 8.90 93.79 -0.71
N TYR N 270 8.00 93.04 -1.35
CA TYR N 270 7.71 91.71 -1.16
C TYR N 270 8.25 90.96 -2.39
N PHE N 271 8.56 89.71 -2.07
CA PHE N 271 9.23 88.78 -2.96
C PHE N 271 8.83 87.42 -2.55
N PRO N 272 8.64 86.55 -3.49
CA PRO N 272 8.18 85.26 -3.15
C PRO N 272 9.33 84.15 -3.25
N THR N 273 9.15 82.97 -2.68
CA THR N 273 10.11 81.88 -2.75
C THR N 273 9.51 80.93 -3.73
N PRO N 274 10.23 80.59 -4.76
CA PRO N 274 9.53 79.65 -5.63
C PRO N 274 9.57 78.14 -5.09
N SER N 275 9.09 77.21 -5.91
CA SER N 275 9.35 75.82 -5.54
C SER N 275 8.91 74.99 -6.74
N GLY N 276 9.83 74.14 -7.25
CA GLY N 276 9.63 73.38 -8.49
C GLY N 276 8.58 72.34 -8.24
N SER N 277 8.19 72.23 -6.95
CA SER N 277 7.35 71.14 -6.54
C SER N 277 8.00 69.75 -6.67
N MET N 278 7.59 68.98 -7.69
CA MET N 278 8.01 67.64 -7.77
C MET N 278 8.51 67.16 -9.15
N VAL N 279 9.64 66.44 -9.17
CA VAL N 279 10.04 65.81 -10.41
C VAL N 279 9.56 64.35 -10.51
N THR N 280 9.25 63.93 -11.72
CA THR N 280 8.84 62.64 -11.96
C THR N 280 9.15 62.02 -13.33
N SER N 281 9.54 60.73 -13.36
CA SER N 281 9.72 59.97 -14.58
C SER N 281 8.77 60.45 -15.61
N ASP N 282 7.48 60.55 -15.23
CA ASP N 282 6.43 60.74 -16.26
C ASP N 282 6.52 62.00 -16.94
N ALA N 283 6.86 63.04 -16.19
CA ALA N 283 7.23 64.40 -16.69
C ALA N 283 8.21 64.43 -17.81
N GLN N 284 9.28 63.63 -17.58
CA GLN N 284 10.47 63.52 -18.49
C GLN N 284 10.43 63.92 -19.99
N ILE N 285 11.22 64.92 -20.32
CA ILE N 285 11.22 65.34 -21.71
C ILE N 285 12.39 64.68 -22.46
N PHE N 286 13.28 64.02 -21.69
CA PHE N 286 14.55 63.45 -22.32
C PHE N 286 14.63 61.96 -22.49
N ASN N 287 15.73 61.43 -22.99
CA ASN N 287 15.82 59.88 -23.07
C ASN N 287 14.79 59.22 -24.04
N LYS N 288 14.30 60.01 -24.99
CA LYS N 288 13.35 59.60 -26.01
C LYS N 288 13.92 60.12 -27.33
N PRO N 289 13.64 59.39 -28.41
CA PRO N 289 14.16 59.86 -29.71
C PRO N 289 13.25 60.97 -30.26
N TYR N 290 13.76 61.96 -30.90
CA TYR N 290 12.86 63.01 -31.53
C TYR N 290 13.10 62.93 -33.05
N TRP N 291 12.02 62.82 -33.85
CA TRP N 291 12.25 62.84 -35.30
C TRP N 291 11.89 64.17 -36.00
N LEU N 292 12.89 65.04 -36.15
CA LEU N 292 12.59 66.31 -36.72
C LEU N 292 12.23 66.13 -38.23
N GLN N 293 10.96 65.73 -38.47
CA GLN N 293 10.65 65.24 -39.79
C GLN N 293 10.38 66.45 -40.55
N ARG N 294 9.48 67.35 -40.11
CA ARG N 294 9.42 68.68 -40.80
C ARG N 294 9.76 69.70 -39.85
N ALA N 295 10.59 70.63 -40.24
CA ALA N 295 11.05 71.61 -39.24
C ALA N 295 10.07 72.72 -39.04
N GLN N 296 10.19 73.50 -37.97
CA GLN N 296 9.17 74.58 -37.79
C GLN N 296 9.38 75.72 -38.83
N GLY N 297 10.62 76.17 -39.05
CA GLY N 297 10.74 77.22 -40.08
C GLY N 297 11.24 76.65 -41.42
N HIS N 298 12.03 77.44 -42.15
CA HIS N 298 12.39 77.10 -43.52
C HIS N 298 13.54 76.14 -43.59
N ASN N 299 14.41 76.18 -42.58
CA ASN N 299 15.54 75.22 -42.59
C ASN N 299 15.11 73.87 -42.11
N ASN N 300 14.99 72.89 -42.99
CA ASN N 300 14.67 71.61 -42.40
C ASN N 300 15.84 70.72 -41.82
N GLY N 301 16.36 71.13 -40.66
CA GLY N 301 17.53 70.53 -40.01
C GLY N 301 18.70 70.39 -40.96
N ILE N 302 18.99 71.45 -41.68
CA ILE N 302 20.14 71.44 -42.48
C ILE N 302 21.29 72.13 -41.67
N CYS N 303 22.10 71.26 -41.07
CA CYS N 303 23.38 71.61 -40.36
C CYS N 303 24.48 72.24 -41.22
N TRP N 304 24.26 73.49 -41.53
CA TRP N 304 25.23 74.33 -42.26
C TRP N 304 26.52 74.46 -41.50
N SER N 305 27.55 74.34 -42.32
CA SER N 305 28.92 74.39 -41.85
C SER N 305 29.14 73.14 -41.01
N ASN N 306 28.45 71.99 -41.28
CA ASN N 306 28.70 70.73 -40.55
C ASN N 306 28.54 70.98 -39.06
N GLN N 307 27.42 71.63 -38.69
CA GLN N 307 27.38 72.17 -37.31
C GLN N 307 26.00 72.06 -36.61
N LEU N 308 25.97 71.82 -35.28
CA LEU N 308 24.67 71.51 -34.66
C LEU N 308 24.75 72.06 -33.34
N PHE N 309 23.62 72.44 -32.73
CA PHE N 309 23.62 73.09 -31.39
C PHE N 309 22.49 72.54 -30.56
N VAL N 310 22.93 71.79 -29.56
CA VAL N 310 21.97 71.05 -28.71
C VAL N 310 21.92 71.80 -27.33
N THR N 311 20.83 72.55 -27.07
CA THR N 311 20.72 73.56 -25.97
C THR N 311 19.97 72.77 -24.98
N VAL N 312 20.46 72.52 -23.76
CA VAL N 312 19.64 71.68 -22.77
C VAL N 312 19.53 72.21 -21.33
N VAL N 313 18.29 72.57 -20.87
CA VAL N 313 18.25 72.68 -19.43
C VAL N 313 17.43 71.56 -18.67
N ASP N 314 17.96 70.99 -17.55
CA ASP N 314 17.13 70.00 -16.89
C ASP N 314 17.28 70.17 -15.38
N THR N 315 16.26 70.63 -14.68
CA THR N 315 16.35 70.67 -13.23
C THR N 315 15.80 69.36 -12.44
N THR N 316 15.55 68.34 -13.24
CA THR N 316 14.90 67.18 -12.66
C THR N 316 15.92 66.19 -11.86
N ARG N 317 17.20 66.25 -12.25
CA ARG N 317 18.18 65.46 -11.68
C ARG N 317 19.10 66.43 -11.05
N SER N 318 18.58 67.49 -10.46
CA SER N 318 19.48 68.52 -9.86
C SER N 318 20.01 68.28 -8.44
N THR N 319 20.10 67.02 -7.98
CA THR N 319 20.70 66.73 -6.62
C THR N 319 22.17 67.07 -6.46
N ASN N 320 22.50 67.90 -5.44
CA ASN N 320 23.95 68.04 -5.03
C ASN N 320 24.21 67.14 -3.77
N MET N 321 25.05 66.07 -3.97
CA MET N 321 25.58 65.14 -2.94
C MET N 321 26.63 65.83 -2.02
N SER N 322 26.45 65.76 -0.70
CA SER N 322 27.51 66.41 0.11
C SER N 322 28.54 65.35 0.60
N VAL N 323 29.84 65.70 0.50
CA VAL N 323 30.88 64.88 0.96
C VAL N 323 31.55 65.39 2.21
N CYS N 324 31.55 64.50 3.20
CA CYS N 324 32.08 64.88 4.48
C CYS N 324 33.46 64.21 4.68
N SER N 325 34.59 64.95 4.88
CA SER N 325 35.89 64.34 5.13
C SER N 325 36.41 64.79 6.48
N ALA N 326 37.25 64.01 7.13
CA ALA N 326 37.60 64.21 8.54
C ALA N 326 39.02 64.69 8.61
N VAL N 327 39.33 65.59 9.59
CA VAL N 327 40.74 66.16 9.79
C VAL N 327 41.69 65.06 10.38
N SER N 328 41.06 64.12 11.03
CA SER N 328 41.78 63.06 11.71
C SER N 328 40.70 62.06 12.37
N SER N 329 40.76 60.81 11.91
CA SER N 329 39.92 59.72 12.33
C SER N 329 40.59 59.10 13.60
N SER N 330 41.25 59.96 14.41
CA SER N 330 42.01 59.52 15.61
C SER N 330 41.26 59.83 16.88
N ASP N 331 40.07 60.44 16.66
CA ASP N 331 39.07 60.85 17.70
C ASP N 331 37.83 59.93 17.86
N SER N 332 37.47 59.76 19.13
CA SER N 332 36.40 58.84 19.40
C SER N 332 35.10 59.55 19.80
N THR N 333 35.14 60.91 19.71
CA THR N 333 33.97 61.80 19.97
C THR N 333 33.67 62.81 18.88
N TYR N 334 32.40 62.81 18.49
CA TYR N 334 31.95 63.74 17.42
C TYR N 334 32.31 65.20 17.65
N LYS N 335 33.04 65.75 16.72
CA LYS N 335 33.50 67.12 16.94
C LYS N 335 33.46 67.90 15.64
N ASN N 336 32.69 69.01 15.62
CA ASN N 336 32.44 69.66 14.33
C ASN N 336 33.70 70.12 13.67
N ASP N 337 34.60 70.65 14.47
CA ASP N 337 35.94 70.98 13.87
C ASP N 337 36.68 69.88 13.01
N ASN N 338 36.47 68.64 13.49
CA ASN N 338 37.13 67.51 12.92
C ASN N 338 36.50 66.96 11.59
N PHE N 339 35.52 67.75 11.03
CA PHE N 339 34.89 67.47 9.65
C PHE N 339 34.84 68.66 8.81
N LYS N 340 34.79 68.37 7.52
CA LYS N 340 34.79 69.35 6.43
C LYS N 340 33.77 68.94 5.30
N GLU N 341 32.57 69.62 5.32
CA GLU N 341 31.45 69.43 4.42
C GLU N 341 31.68 70.16 3.05
N TYR N 342 31.62 69.36 1.99
CA TYR N 342 31.74 69.87 0.68
C TYR N 342 30.51 69.67 -0.17
N LEU N 343 30.42 70.36 -1.30
CA LEU N 343 29.18 70.16 -2.04
C LEU N 343 29.55 69.73 -3.44
N ARG N 344 28.85 68.72 -4.00
CA ARG N 344 29.24 68.28 -5.42
C ARG N 344 28.08 67.84 -6.32
N HIS N 345 28.00 68.38 -7.51
CA HIS N 345 26.94 67.98 -8.38
C HIS N 345 27.61 67.46 -9.64
N GLY N 346 26.96 66.50 -10.29
CA GLY N 346 27.63 65.92 -11.43
C GLY N 346 26.65 65.58 -12.52
N GLU N 347 26.98 66.01 -13.72
CA GLU N 347 25.92 66.02 -14.72
C GLU N 347 26.24 64.80 -15.62
N GLU N 348 25.22 64.05 -16.11
CA GLU N 348 25.50 63.03 -17.23
C GLU N 348 24.75 63.07 -18.55
N TYR N 349 25.48 63.24 -19.60
CA TYR N 349 24.78 63.32 -20.91
C TYR N 349 25.32 62.30 -21.86
N ASP N 350 24.45 61.97 -22.80
CA ASP N 350 24.81 61.12 -23.93
C ASP N 350 24.12 61.72 -25.19
N LEU N 351 24.79 62.28 -26.25
CA LEU N 351 24.00 62.81 -27.34
C LEU N 351 24.06 61.88 -28.47
N GLN N 352 22.92 61.63 -29.05
CA GLN N 352 23.03 60.68 -30.13
C GLN N 352 22.34 61.24 -31.29
N PHE N 353 22.63 60.85 -32.54
CA PHE N 353 22.01 61.56 -33.72
C PHE N 353 21.85 60.65 -34.92
N ILE N 354 21.14 61.16 -35.89
CA ILE N 354 21.10 60.41 -37.10
C ILE N 354 21.00 61.43 -38.27
N PHE N 355 22.01 61.39 -39.16
CA PHE N 355 21.99 62.36 -40.20
C PHE N 355 21.87 61.79 -41.59
N GLN N 356 21.28 62.66 -42.49
CA GLN N 356 21.03 62.29 -43.88
C GLN N 356 21.96 63.03 -44.75
N LEU N 357 22.49 62.38 -45.76
CA LEU N 357 23.42 63.12 -46.62
C LEU N 357 22.58 63.86 -47.64
N CYS N 358 22.82 65.19 -47.78
CA CYS N 358 22.07 65.89 -48.83
C CYS N 358 23.10 66.44 -49.75
N LYS N 359 22.67 66.70 -50.99
CA LYS N 359 23.46 67.43 -52.02
C LYS N 359 22.83 68.76 -52.41
N ILE N 360 23.67 69.73 -52.71
CA ILE N 360 23.15 71.04 -53.36
C ILE N 360 23.87 71.36 -54.65
N THR N 361 23.09 71.41 -55.73
CA THR N 361 23.76 71.85 -57.04
C THR N 361 23.92 73.37 -57.10
N LEU N 362 25.19 73.77 -57.00
CA LEU N 362 25.52 75.21 -57.00
C LEU N 362 25.18 75.91 -58.41
N THR N 363 23.97 76.51 -58.55
CA THR N 363 23.64 77.07 -59.79
C THR N 363 23.77 78.51 -59.50
N ALA N 364 23.77 79.30 -60.61
CA ALA N 364 23.53 80.74 -60.55
C ALA N 364 22.55 81.31 -59.53
N ASP N 365 21.30 80.83 -59.55
CA ASP N 365 20.28 81.25 -58.58
C ASP N 365 20.52 80.80 -57.09
N VAL N 366 20.80 79.47 -56.90
CA VAL N 366 21.01 78.92 -55.55
C VAL N 366 22.15 79.74 -54.87
N MET N 367 23.27 79.93 -55.58
CA MET N 367 24.42 80.60 -55.00
C MET N 367 24.20 81.97 -54.39
N THR N 368 23.65 82.92 -55.18
CA THR N 368 23.18 84.26 -54.69
C THR N 368 22.30 84.07 -53.36
N TYR N 369 21.34 83.16 -53.47
CA TYR N 369 20.50 82.95 -52.40
C TYR N 369 21.28 82.40 -51.18
N ILE N 370 22.15 81.40 -51.38
CA ILE N 370 22.83 80.87 -50.22
C ILE N 370 23.78 81.95 -49.65
N HIS N 371 24.23 82.91 -50.56
CA HIS N 371 25.20 84.05 -50.27
C HIS N 371 24.55 85.18 -49.50
N SER N 372 23.31 85.49 -49.87
CA SER N 372 22.53 86.39 -49.06
C SER N 372 22.11 85.83 -47.66
N MET N 373 21.60 84.55 -47.61
CA MET N 373 21.59 83.81 -46.29
C MET N 373 22.89 83.71 -45.42
N ASN N 374 24.02 83.22 -45.92
CA ASN N 374 25.23 83.18 -45.17
C ASN N 374 26.34 82.81 -46.16
N PRO N 375 27.20 83.84 -46.35
CA PRO N 375 28.30 83.72 -47.31
C PRO N 375 29.33 82.58 -46.94
N SER N 376 29.58 82.35 -45.63
CA SER N 376 30.45 81.18 -45.16
C SER N 376 30.18 79.78 -45.78
N ILE N 377 28.97 79.32 -45.56
CA ILE N 377 28.56 78.19 -46.25
C ILE N 377 29.20 78.14 -47.67
N LEU N 378 29.23 79.23 -48.48
CA LEU N 378 29.82 79.16 -49.84
C LEU N 378 31.32 79.19 -49.81
N GLU N 379 31.84 80.06 -48.96
CA GLU N 379 33.25 80.31 -48.91
C GLU N 379 33.98 79.16 -48.41
N ASP N 380 33.49 78.59 -47.32
CA ASP N 380 34.02 77.33 -46.76
C ASP N 380 34.05 76.17 -47.69
N TRP N 381 33.21 76.10 -48.73
CA TRP N 381 33.21 75.04 -49.70
C TRP N 381 34.37 75.06 -50.72
N ASN N 382 35.53 75.64 -50.37
CA ASN N 382 36.64 75.59 -51.29
C ASN N 382 37.90 76.13 -50.65
N PRO N 389 35.25 82.57 -35.52
CA PRO N 389 33.87 83.01 -35.97
C PRO N 389 32.97 83.10 -34.75
N LEU N 390 33.18 82.11 -33.87
CA LEU N 390 32.47 82.07 -32.59
C LEU N 390 33.50 82.12 -31.42
N LYS N 391 34.66 82.71 -31.68
CA LYS N 391 35.75 82.75 -30.70
C LYS N 391 35.47 83.31 -29.33
N ASN N 392 34.54 84.22 -29.21
CA ASN N 392 34.11 84.76 -27.89
C ASN N 392 33.12 83.89 -27.12
N TYR N 393 32.41 82.99 -27.77
CA TYR N 393 31.45 82.23 -27.02
C TYR N 393 32.03 80.92 -26.51
N THR N 394 31.51 80.45 -25.37
CA THR N 394 31.97 79.14 -24.76
C THR N 394 30.96 78.04 -24.73
N PHE N 395 31.10 77.19 -25.72
CA PHE N 395 30.24 76.03 -25.74
C PHE N 395 30.86 74.67 -25.22
N TRP N 396 29.97 73.74 -24.79
CA TRP N 396 30.48 72.43 -24.43
C TRP N 396 30.88 71.87 -25.81
N GLU N 397 32.20 71.82 -26.16
CA GLU N 397 32.66 71.22 -27.48
C GLU N 397 32.32 69.73 -27.67
N VAL N 398 31.75 69.28 -28.77
CA VAL N 398 31.41 67.89 -28.84
C VAL N 398 31.85 67.46 -30.21
N ASP N 399 32.87 66.63 -30.35
CA ASP N 399 33.29 66.33 -31.71
C ASP N 399 32.86 64.95 -32.21
N LEU N 400 31.92 64.96 -33.17
CA LEU N 400 31.64 63.62 -33.70
C LEU N 400 32.21 63.33 -35.05
N LYS N 401 33.33 63.96 -35.39
CA LYS N 401 33.85 63.67 -36.72
C LYS N 401 34.19 62.15 -36.88
N GLU N 402 34.81 61.54 -35.84
CA GLU N 402 35.12 60.07 -35.80
C GLU N 402 34.04 59.17 -35.16
N LYS N 403 32.88 59.73 -34.95
CA LYS N 403 31.76 59.02 -34.40
C LYS N 403 30.61 58.77 -35.45
N PHE N 404 30.95 58.76 -36.72
CA PHE N 404 29.96 58.58 -37.74
C PHE N 404 29.93 57.13 -38.15
N SER N 405 28.75 56.51 -38.32
CA SER N 405 28.73 55.08 -38.70
C SER N 405 27.55 54.73 -39.55
N ALA N 406 27.77 54.06 -40.69
CA ALA N 406 26.61 53.76 -41.54
C ALA N 406 25.69 52.60 -40.97
N ASP N 407 26.22 51.83 -39.99
CA ASP N 407 25.48 50.61 -39.42
C ASP N 407 24.47 51.03 -38.38
N LEU N 408 23.27 51.43 -38.86
CA LEU N 408 22.30 52.06 -38.03
C LEU N 408 21.86 51.07 -37.03
N ASP N 409 21.79 49.80 -37.48
CA ASP N 409 21.58 48.58 -36.64
C ASP N 409 22.20 48.43 -35.24
N GLN N 410 23.53 48.49 -35.20
CA GLN N 410 24.31 48.55 -33.98
C GLN N 410 24.00 49.54 -32.85
N PHE N 411 22.91 50.30 -32.96
CA PHE N 411 22.58 51.40 -32.00
C PHE N 411 21.05 51.49 -31.77
N PRO N 412 20.70 51.71 -30.45
CA PRO N 412 19.30 51.70 -30.12
C PRO N 412 18.55 52.79 -30.96
N LEU N 413 19.13 54.10 -31.02
CA LEU N 413 18.54 55.22 -31.82
C LEU N 413 18.43 54.76 -33.28
N GLY N 414 19.59 54.32 -33.79
CA GLY N 414 19.69 53.83 -35.17
C GLY N 414 18.63 52.73 -35.41
N ARG N 415 18.56 51.66 -34.57
CA ARG N 415 17.57 50.59 -34.74
C ARG N 415 16.15 51.14 -34.81
N LYS N 416 15.87 52.05 -33.88
CA LYS N 416 14.58 52.80 -33.85
C LYS N 416 14.34 53.47 -35.20
N PHE N 417 15.19 54.47 -35.61
CA PHE N 417 14.99 55.07 -36.90
C PHE N 417 14.53 54.23 -38.08
N LEU N 418 15.22 53.12 -38.28
CA LEU N 418 14.86 52.10 -39.28
C LEU N 418 13.48 51.52 -39.06
N LEU N 419 13.21 51.11 -37.82
CA LEU N 419 11.85 50.77 -37.48
C LEU N 419 10.75 51.87 -37.83
N GLN N 420 10.83 53.02 -37.14
CA GLN N 420 9.98 54.19 -37.26
C GLN N 420 10.02 54.70 -38.69
N ALA N 421 11.17 54.70 -39.37
CA ALA N 421 11.15 55.24 -40.77
C ALA N 421 10.39 54.28 -41.57
N GLY N 422 10.45 53.04 -41.09
CA GLY N 422 9.70 51.93 -41.73
C GLY N 422 10.67 51.06 -42.53
N LEU N 423 10.70 51.30 -43.86
CA LEU N 423 11.64 50.60 -44.75
C LEU N 423 13.06 51.28 -44.76
N ALA O 1 30.55 41.91 -36.84
CA ALA O 1 29.42 42.77 -36.35
C ALA O 1 28.34 41.93 -35.59
N VAL O 2 27.88 42.45 -34.43
CA VAL O 2 26.78 41.92 -33.67
C VAL O 2 25.47 41.80 -34.37
N VAL O 3 24.80 40.69 -34.29
CA VAL O 3 23.52 40.56 -35.01
C VAL O 3 22.24 40.09 -34.18
N SER O 4 21.01 40.14 -34.76
CA SER O 4 19.83 39.91 -33.93
C SER O 4 19.64 38.38 -33.78
N THR O 5 19.39 37.95 -32.55
CA THR O 5 19.27 36.55 -32.22
C THR O 5 18.27 35.94 -33.24
N ASP O 6 17.36 36.69 -33.85
CA ASP O 6 16.44 36.14 -34.84
C ASP O 6 17.19 35.58 -36.02
N GLU O 7 18.43 36.06 -36.19
CA GLU O 7 19.26 35.71 -37.28
C GLU O 7 19.93 34.39 -37.14
N TYR O 8 20.14 33.86 -35.90
CA TYR O 8 20.55 32.47 -35.67
C TYR O 8 19.83 31.66 -34.60
N VAL O 9 18.57 32.05 -34.29
CA VAL O 9 17.84 31.23 -33.32
C VAL O 9 16.49 30.85 -33.86
N THR O 10 16.16 29.66 -34.27
CA THR O 10 14.82 29.43 -34.79
C THR O 10 13.75 29.37 -33.60
N ARG O 11 12.44 29.66 -33.78
CA ARG O 11 11.47 29.59 -32.62
C ARG O 11 10.61 28.40 -32.94
N THR O 12 9.73 27.96 -32.02
CA THR O 12 8.87 26.69 -32.11
C THR O 12 7.58 27.10 -31.43
N ASN O 13 6.55 26.31 -31.69
CA ASN O 13 5.24 26.58 -31.13
C ASN O 13 5.13 25.98 -29.72
N ILE O 14 6.24 26.08 -28.95
CA ILE O 14 6.25 25.42 -27.70
C ILE O 14 6.33 26.41 -26.59
N TYR O 15 5.22 26.58 -25.92
CA TYR O 15 5.32 27.43 -24.71
C TYR O 15 4.99 26.79 -23.33
N TYR O 16 5.73 27.27 -22.31
CA TYR O 16 5.70 26.74 -20.98
C TYR O 16 5.57 27.84 -20.01
N HIS O 17 4.67 27.64 -19.04
CA HIS O 17 4.56 28.57 -17.92
C HIS O 17 5.61 28.16 -16.86
N ALA O 18 5.88 29.04 -15.88
CA ALA O 18 6.89 28.86 -14.91
C ALA O 18 6.65 29.84 -13.81
N GLY O 19 6.47 29.29 -12.61
CA GLY O 19 5.98 30.19 -11.44
C GLY O 19 6.84 30.01 -10.21
N SER O 20 7.51 31.01 -9.66
CA SER O 20 8.10 30.88 -8.38
C SER O 20 7.02 30.75 -7.42
N SER O 21 7.24 30.09 -6.28
CA SER O 21 6.20 30.07 -5.21
C SER O 21 6.31 31.46 -4.61
N ARG O 22 5.69 31.60 -3.43
CA ARG O 22 5.52 32.99 -2.91
C ARG O 22 6.83 33.30 -2.27
N LEU O 23 7.47 34.36 -2.67
CA LEU O 23 8.72 34.65 -2.02
C LEU O 23 8.48 35.62 -0.87
N LEU O 24 8.69 35.32 0.43
CA LEU O 24 8.65 36.44 1.41
C LEU O 24 9.97 36.80 1.98
N ALA O 25 9.99 37.70 2.95
CA ALA O 25 11.36 38.15 3.37
C ALA O 25 11.18 39.04 4.51
N VAL O 26 11.53 38.65 5.76
CA VAL O 26 11.17 39.56 6.82
C VAL O 26 12.35 40.01 7.53
N GLY O 27 12.35 41.24 8.07
CA GLY O 27 13.64 41.72 8.71
C GLY O 27 13.74 43.06 9.33
N HIS O 28 14.92 43.55 9.79
CA HIS O 28 14.98 44.97 10.21
C HIS O 28 15.18 45.94 8.98
N PRO O 29 14.47 47.05 8.92
CA PRO O 29 14.57 47.90 7.76
C PRO O 29 15.75 48.96 7.71
N TYR O 30 16.57 49.00 8.74
CA TYR O 30 17.67 49.89 8.71
C TYR O 30 18.97 49.14 8.68
N TYR O 31 19.12 48.16 9.55
CA TYR O 31 20.35 47.31 9.73
C TYR O 31 19.98 45.92 10.23
N ALA O 32 20.95 45.03 9.93
CA ALA O 32 20.73 43.59 10.20
C ALA O 32 21.07 43.32 11.65
N ILE O 33 20.17 42.59 12.28
CA ILE O 33 20.40 42.17 13.69
C ILE O 33 21.17 40.81 13.70
N LYS O 34 22.42 40.86 14.20
CA LYS O 34 23.23 39.68 14.23
C LYS O 34 23.24 39.10 15.69
N LYS O 35 23.49 37.76 15.89
CA LYS O 35 23.58 37.23 17.27
C LYS O 35 24.30 38.26 18.16
N GLN O 36 23.97 38.27 19.46
CA GLN O 36 24.63 39.24 20.42
C GLN O 36 26.25 39.21 20.41
N ASP O 37 26.81 37.95 20.41
CA ASP O 37 28.29 37.70 20.32
C ASP O 37 28.70 37.34 18.91
N SER O 38 28.29 36.10 18.48
CA SER O 38 28.50 35.75 17.05
C SER O 38 28.29 36.94 16.06
N ASN O 39 28.85 36.78 14.84
CA ASN O 39 28.70 37.78 13.76
C ASN O 39 27.90 37.13 12.57
N LYS O 40 27.00 36.21 12.88
CA LYS O 40 26.18 35.51 11.88
C LYS O 40 24.77 36.09 11.95
N ILE O 41 24.26 36.44 10.78
CA ILE O 41 23.00 37.23 10.67
C ILE O 41 21.83 36.47 11.29
N ALA O 42 21.12 37.04 12.31
CA ALA O 42 19.95 36.44 12.99
C ALA O 42 18.67 36.77 12.27
N VAL O 43 18.47 38.07 12.10
CA VAL O 43 17.40 38.69 11.37
C VAL O 43 18.03 39.55 10.31
N PRO O 44 17.60 39.32 9.01
CA PRO O 44 18.31 40.00 7.90
C PRO O 44 17.89 41.48 7.89
N LYS O 45 18.46 42.18 6.91
CA LYS O 45 18.07 43.57 6.57
C LYS O 45 17.00 43.54 5.37
N VAL O 46 15.66 43.49 5.66
CA VAL O 46 14.57 43.61 4.66
C VAL O 46 13.87 45.06 4.60
N SER O 47 14.47 45.90 3.70
CA SER O 47 13.98 47.32 3.44
C SER O 47 13.28 47.38 2.12
N GLY O 48 12.38 48.35 1.89
CA GLY O 48 11.66 48.47 0.59
C GLY O 48 12.49 49.36 -0.41
N LEU O 49 13.60 49.87 0.12
CA LEU O 49 14.48 50.77 -0.56
C LEU O 49 15.66 49.95 -1.00
N GLN O 50 15.33 48.71 -1.48
CA GLN O 50 16.40 47.55 -1.70
C GLN O 50 16.21 46.88 -3.01
N TYR O 51 17.35 46.42 -3.58
CA TYR O 51 17.28 45.98 -4.94
C TYR O 51 16.84 44.55 -4.85
N ARG O 52 15.98 44.12 -5.75
CA ARG O 52 15.62 42.65 -5.81
C ARG O 52 16.21 41.97 -7.07
N VAL O 53 17.52 41.61 -7.05
CA VAL O 53 18.02 40.86 -8.20
C VAL O 53 17.66 39.39 -7.97
N PHE O 54 16.69 38.84 -8.71
CA PHE O 54 16.41 37.43 -8.68
C PHE O 54 17.20 36.75 -9.78
N ARG O 55 17.87 35.64 -9.43
CA ARG O 55 18.60 34.84 -10.43
C ARG O 55 17.64 33.71 -10.72
N VAL O 56 17.10 33.61 -11.90
CA VAL O 56 16.16 32.57 -12.08
C VAL O 56 16.93 31.51 -12.81
N LYS O 57 16.86 30.31 -12.21
CA LYS O 57 17.43 29.04 -12.77
C LYS O 57 16.40 28.29 -13.56
N LEU O 58 16.78 27.91 -14.76
CA LEU O 58 15.84 27.35 -15.70
C LEU O 58 16.24 25.91 -16.01
N PRO O 59 15.27 24.99 -16.21
CA PRO O 59 15.72 23.61 -16.49
C PRO O 59 16.40 23.71 -17.85
N ASP O 60 17.49 22.92 -18.13
CA ASP O 60 18.19 22.88 -19.43
C ASP O 60 17.36 22.13 -20.48
N PRO O 61 16.79 22.83 -21.46
CA PRO O 61 15.92 22.10 -22.43
C PRO O 61 16.56 20.93 -23.16
N ASN O 62 17.86 20.83 -23.02
CA ASN O 62 18.64 19.77 -23.61
C ASN O 62 18.51 18.48 -22.76
N LYS O 63 18.60 18.54 -21.42
CA LYS O 63 18.29 17.38 -20.56
C LYS O 63 16.81 16.92 -20.66
N PHE O 64 15.88 17.87 -20.75
CA PHE O 64 14.40 17.62 -20.87
C PHE O 64 14.21 16.86 -22.23
N GLY O 65 12.99 16.31 -22.43
CA GLY O 65 12.74 15.44 -23.62
C GLY O 65 11.46 15.94 -24.19
N PHE O 66 11.53 16.39 -25.48
CA PHE O 66 10.32 16.89 -26.17
C PHE O 66 9.71 16.00 -27.30
N PRO O 67 8.36 16.09 -27.48
CA PRO O 67 7.72 15.24 -28.52
C PRO O 67 7.61 15.98 -29.85
N ASP O 68 7.48 17.35 -29.79
CA ASP O 68 7.52 18.22 -30.98
C ASP O 68 8.92 18.55 -31.49
N THR O 69 9.93 17.90 -30.90
CA THR O 69 11.33 17.99 -31.33
C THR O 69 11.79 16.69 -32.11
N SER O 70 10.92 16.19 -33.05
CA SER O 70 11.18 14.98 -33.90
C SER O 70 11.95 15.31 -35.18
N PHE O 71 11.75 16.58 -35.65
CA PHE O 71 12.36 17.25 -36.87
C PHE O 71 13.48 18.19 -36.32
N TYR O 72 14.06 17.71 -35.21
CA TYR O 72 15.11 18.36 -34.50
C TYR O 72 16.32 17.34 -34.44
N ASP O 73 17.55 17.71 -34.72
CA ASP O 73 18.65 16.81 -34.56
C ASP O 73 19.55 17.25 -33.43
N PRO O 74 19.59 16.37 -32.31
CA PRO O 74 20.48 16.62 -31.10
C PRO O 74 21.95 16.60 -31.50
N ALA O 75 22.27 16.09 -32.69
CA ALA O 75 23.66 15.91 -33.08
C ALA O 75 24.23 17.21 -33.30
N SER O 76 23.50 18.01 -34.08
CA SER O 76 23.94 19.42 -34.59
C SER O 76 23.13 20.65 -34.03
N GLN O 77 21.95 20.37 -33.51
CA GLN O 77 21.20 21.43 -32.96
C GLN O 77 21.11 21.60 -31.44
N ARG O 78 20.92 22.79 -30.90
CA ARG O 78 20.74 22.87 -29.39
C ARG O 78 19.44 23.58 -28.88
N LEU O 79 19.26 23.84 -27.58
CA LEU O 79 18.01 24.48 -27.09
C LEU O 79 18.31 25.60 -26.06
N VAL O 80 17.50 26.70 -26.21
CA VAL O 80 17.55 27.81 -25.30
C VAL O 80 16.14 28.16 -25.01
N TRP O 81 15.95 28.73 -23.83
CA TRP O 81 14.61 29.18 -23.52
C TRP O 81 14.50 30.70 -23.86
N ALA O 82 13.48 31.01 -24.61
CA ALA O 82 13.31 32.37 -25.00
C ALA O 82 12.12 32.89 -24.19
N CYS O 83 12.42 33.82 -23.32
CA CYS O 83 11.34 34.43 -22.56
C CYS O 83 10.32 35.38 -23.33
N THR O 84 9.05 35.17 -23.07
CA THR O 84 7.97 35.65 -23.74
C THR O 84 7.05 36.50 -22.91
N GLY O 85 6.69 35.93 -21.72
CA GLY O 85 6.08 36.91 -20.77
C GLY O 85 6.41 36.81 -19.29
N VAL O 86 6.54 37.97 -18.63
CA VAL O 86 6.93 37.99 -17.31
C VAL O 86 5.98 38.73 -16.52
N GLU O 87 5.73 38.33 -15.29
CA GLU O 87 4.66 38.97 -14.46
C GLU O 87 5.22 39.13 -13.09
N VAL O 88 5.36 40.28 -12.51
CA VAL O 88 5.95 40.32 -11.18
C VAL O 88 4.97 40.60 -10.04
N GLY O 89 3.99 39.69 -9.78
CA GLY O 89 3.08 39.90 -8.64
C GLY O 89 3.78 40.28 -7.32
N ARG O 90 3.32 41.44 -6.76
CA ARG O 90 3.74 42.00 -5.43
C ARG O 90 2.67 41.80 -4.31
N GLY O 91 3.05 41.46 -3.08
CA GLY O 91 1.94 41.25 -2.16
C GLY O 91 2.22 42.23 -1.04
N GLN O 92 1.41 42.17 0.08
CA GLN O 92 1.38 43.25 1.14
C GLN O 92 0.75 44.57 0.64
N PRO O 93 0.10 45.36 1.59
CA PRO O 93 -0.62 46.62 1.21
C PRO O 93 0.39 47.77 0.91
N LEU O 94 0.00 48.64 -0.03
CA LEU O 94 0.84 49.85 -0.41
C LEU O 94 1.02 50.68 0.86
N GLY O 95 2.03 51.56 0.97
CA GLY O 95 2.17 52.24 2.26
C GLY O 95 3.58 52.78 2.06
N VAL O 96 4.04 53.58 3.04
CA VAL O 96 5.43 54.17 2.90
C VAL O 96 6.32 53.99 4.13
N GLY O 97 7.63 54.18 3.95
CA GLY O 97 8.53 53.90 5.13
C GLY O 97 9.05 55.19 5.64
N ILE O 98 10.07 55.20 6.45
CA ILE O 98 10.52 56.44 7.00
C ILE O 98 11.81 56.16 7.61
N SER O 99 12.91 56.82 7.35
CA SER O 99 14.18 56.35 7.88
C SER O 99 14.77 57.56 8.53
N GLY O 100 15.57 57.36 9.58
CA GLY O 100 16.15 58.50 10.32
C GLY O 100 17.51 58.16 10.87
N HIS O 101 17.90 59.00 11.82
CA HIS O 101 19.31 58.94 12.34
C HIS O 101 19.35 59.68 13.68
N PRO O 102 19.42 58.90 14.81
CA PRO O 102 19.40 59.51 16.10
C PRO O 102 20.36 60.71 16.13
N LEU O 103 21.47 60.71 15.35
CA LEU O 103 22.41 61.84 15.44
C LEU O 103 22.71 62.31 14.07
N LEU O 104 21.63 62.73 13.44
CA LEU O 104 21.67 63.31 12.11
C LEU O 104 22.23 64.64 12.21
N ASN O 105 23.02 64.90 11.21
CA ASN O 105 23.74 66.16 11.08
C ASN O 105 22.81 67.21 10.51
N LYS O 106 22.27 68.01 11.38
CA LYS O 106 21.34 68.96 10.91
C LYS O 106 21.65 70.09 11.81
N LEU O 107 22.25 71.12 11.20
CA LEU O 107 22.47 72.40 11.87
C LEU O 107 21.09 73.13 12.11
N ASP O 108 20.66 73.98 11.20
CA ASP O 108 19.34 74.54 11.49
C ASP O 108 18.58 74.52 10.23
N ASP O 109 17.30 74.94 10.36
CA ASP O 109 16.27 74.88 9.27
C ASP O 109 16.16 76.20 8.51
N THR O 110 16.98 76.22 7.47
CA THR O 110 17.17 77.39 6.66
C THR O 110 16.08 77.75 5.60
N GLU O 111 14.78 77.41 5.91
CA GLU O 111 13.61 77.55 5.00
C GLU O 111 12.96 78.88 5.34
N ASN O 112 13.08 79.28 6.58
CA ASN O 112 12.44 80.45 7.01
C ASN O 112 12.94 80.61 8.43
N SER O 113 14.27 80.72 8.53
CA SER O 113 14.98 80.78 9.87
C SER O 113 14.29 81.86 10.61
N ASN O 114 14.53 81.81 11.91
CA ASN O 114 13.93 82.76 12.81
C ASN O 114 14.85 83.96 12.73
N LYS O 115 16.13 83.74 13.16
CA LYS O 115 17.12 84.81 13.24
C LYS O 115 18.47 84.27 12.85
N TYR O 116 19.48 84.80 13.55
CA TYR O 116 20.89 84.48 13.39
C TYR O 116 21.47 84.47 14.79
N VAL O 117 21.71 83.23 15.22
CA VAL O 117 22.35 82.90 16.50
C VAL O 117 23.89 82.73 16.32
N GLY O 118 24.70 83.09 17.34
CA GLY O 118 26.16 83.14 17.14
C GLY O 118 26.71 81.79 16.73
N ASN O 119 28.04 81.74 16.73
CA ASN O 119 28.78 80.49 16.37
C ASN O 119 28.39 79.29 17.29
N SER O 120 27.74 78.27 16.73
CA SER O 120 27.26 77.14 17.54
C SER O 120 28.42 76.43 18.32
N GLY O 121 28.01 75.45 19.21
CA GLY O 121 28.96 74.64 19.94
C GLY O 121 29.47 73.47 19.13
N THR O 122 29.53 72.33 19.84
CA THR O 122 30.04 71.07 19.32
C THR O 122 28.87 70.14 19.42
N ASP O 123 28.75 69.30 18.39
CA ASP O 123 27.75 68.21 18.34
C ASP O 123 26.33 68.81 18.51
N ASN O 124 25.77 69.36 17.39
CA ASN O 124 24.42 69.93 17.28
C ASN O 124 23.59 68.98 16.46
N ARG O 125 23.93 67.69 16.46
CA ARG O 125 23.21 66.61 15.76
C ARG O 125 21.86 66.41 16.36
N GLU O 126 20.90 65.93 15.59
CA GLU O 126 19.66 65.56 16.23
C GLU O 126 18.97 64.44 15.53
N CYS O 127 18.15 63.74 16.32
CA CYS O 127 17.22 62.62 15.88
C CYS O 127 16.26 63.13 14.75
N ILE O 128 16.42 62.64 13.50
CA ILE O 128 15.44 63.01 12.47
C ILE O 128 15.20 61.85 11.61
N SER O 129 13.91 61.56 11.39
CA SER O 129 13.54 60.69 10.28
C SER O 129 13.09 61.49 8.85
N MET O 130 12.56 60.70 7.89
CA MET O 130 12.20 61.16 6.64
C MET O 130 11.81 60.04 5.69
N ASP O 131 10.58 60.13 5.11
CA ASP O 131 10.22 59.32 3.84
C ASP O 131 11.04 59.79 2.59
N TYR O 132 11.53 58.79 1.91
CA TYR O 132 12.51 58.95 0.80
C TYR O 132 11.79 59.08 -0.56
N LYS O 133 12.59 59.26 -1.59
CA LYS O 133 12.13 59.35 -2.92
C LYS O 133 11.42 58.13 -3.38
N GLN O 134 10.46 58.17 -4.23
CA GLN O 134 9.76 56.94 -4.60
C GLN O 134 10.17 56.36 -5.87
N THR O 135 10.52 55.07 -5.84
CA THR O 135 10.92 54.36 -7.13
C THR O 135 10.25 53.04 -7.45
N GLN O 136 10.19 52.70 -8.69
CA GLN O 136 9.60 51.53 -9.05
C GLN O 136 10.29 51.05 -10.27
N LEU O 137 11.43 50.41 -10.19
CA LEU O 137 11.88 49.83 -11.46
C LEU O 137 11.72 48.25 -11.64
N CYS O 138 12.16 47.73 -12.79
CA CYS O 138 12.06 46.38 -13.00
C CYS O 138 12.78 46.01 -14.28
N LEU O 139 14.09 45.71 -14.23
CA LEU O 139 14.79 45.25 -15.47
C LEU O 139 14.82 43.65 -15.60
N ILE O 140 14.76 43.19 -16.84
CA ILE O 140 14.79 41.86 -17.16
C ILE O 140 15.96 41.70 -18.10
N GLY O 141 17.01 40.95 -17.74
CA GLY O 141 18.15 40.53 -18.68
C GLY O 141 18.44 39.03 -18.33
N CYS O 142 19.29 38.43 -19.18
CA CYS O 142 19.71 37.08 -19.05
C CYS O 142 21.23 37.33 -18.55
N ARG O 143 21.50 38.54 -18.05
CA ARG O 143 22.76 38.89 -17.31
C ARG O 143 22.48 39.84 -16.17
N PRO O 144 23.22 39.80 -15.08
CA PRO O 144 22.76 40.81 -14.10
C PRO O 144 23.10 42.20 -14.66
N PRO O 145 22.18 43.12 -14.46
CA PRO O 145 22.37 44.47 -14.92
C PRO O 145 23.48 45.18 -14.14
N ILE O 146 23.85 46.36 -14.59
CA ILE O 146 24.88 47.14 -13.78
C ILE O 146 24.46 48.51 -13.24
N GLY O 147 24.86 48.83 -11.96
CA GLY O 147 24.60 50.04 -11.29
C GLY O 147 25.70 51.10 -11.72
N GLU O 148 25.46 52.40 -11.51
CA GLU O 148 26.51 53.46 -11.43
C GLU O 148 26.35 54.27 -10.10
N HIS O 149 27.46 54.72 -9.59
CA HIS O 149 27.35 55.42 -8.30
C HIS O 149 28.64 56.20 -8.08
N TRP O 150 28.54 57.24 -7.34
CA TRP O 150 29.64 58.08 -7.24
C TRP O 150 30.62 57.68 -6.13
N GLY O 151 31.91 57.43 -6.42
CA GLY O 151 32.81 57.01 -5.41
C GLY O 151 34.09 57.77 -5.31
N LYS O 152 34.94 57.37 -4.35
CA LYS O 152 36.17 58.06 -4.10
C LYS O 152 37.14 57.67 -5.10
N GLY O 153 37.53 58.62 -5.95
CA GLY O 153 38.67 58.50 -6.94
C GLY O 153 40.14 58.78 -6.49
N THR O 154 41.11 58.12 -7.17
CA THR O 154 42.60 58.24 -6.84
C THR O 154 43.09 59.59 -7.50
N PRO O 155 43.79 60.45 -6.70
CA PRO O 155 44.37 61.68 -7.29
C PRO O 155 45.49 61.31 -8.27
N SER O 156 45.87 62.37 -9.00
CA SER O 156 46.87 62.28 -10.11
C SER O 156 48.25 62.47 -9.50
N ASN O 157 49.30 62.10 -10.33
CA ASN O 157 50.73 62.58 -10.07
C ASN O 157 50.91 64.15 -9.64
N ALA O 158 50.74 64.45 -8.34
CA ALA O 158 50.93 65.81 -7.82
C ALA O 158 51.01 65.81 -6.29
N ASN O 159 50.05 66.50 -5.66
CA ASN O 159 50.05 66.68 -4.21
C ASN O 159 49.25 65.55 -3.52
N GLN O 160 49.62 65.33 -2.24
CA GLN O 160 49.04 64.28 -1.37
C GLN O 160 47.74 64.77 -0.70
N VAL O 161 46.57 64.34 -1.26
CA VAL O 161 45.27 64.81 -0.70
C VAL O 161 45.16 64.60 0.84
N LYS O 162 45.86 65.37 1.70
CA LYS O 162 45.87 65.09 3.18
C LYS O 162 44.49 65.00 3.87
N ALA O 163 44.40 64.65 5.14
CA ALA O 163 43.07 64.53 5.73
C ALA O 163 42.44 65.93 5.70
N GLY O 164 41.12 66.00 5.61
CA GLY O 164 40.40 67.30 5.60
C GLY O 164 39.86 67.53 4.20
N GLU O 165 40.83 67.64 3.26
CA GLU O 165 40.49 67.80 1.80
C GLU O 165 39.19 67.07 1.25
N CYS O 166 38.75 67.48 0.08
CA CYS O 166 37.70 66.83 -0.71
C CYS O 166 38.30 65.88 -1.76
N PRO O 167 38.15 64.59 -1.54
CA PRO O 167 38.61 63.58 -2.43
C PRO O 167 37.96 63.71 -3.86
N PRO O 168 38.72 63.60 -5.00
CA PRO O 168 38.03 63.49 -6.34
C PRO O 168 36.98 62.36 -6.48
N LEU O 169 35.75 62.70 -6.85
CA LEU O 169 34.78 61.65 -7.02
C LEU O 169 35.02 61.01 -8.35
N GLU O 170 34.60 59.75 -8.43
CA GLU O 170 34.74 58.91 -9.67
C GLU O 170 33.50 58.06 -10.01
N LEU O 171 32.93 58.15 -11.21
CA LEU O 171 31.66 57.49 -11.54
C LEU O 171 31.98 56.01 -11.70
N LEU O 172 31.48 55.13 -10.81
CA LEU O 172 31.89 53.67 -10.81
C LEU O 172 30.70 52.71 -11.27
N ASN O 173 31.12 51.73 -12.07
CA ASN O 173 30.22 50.70 -12.47
C ASN O 173 30.44 49.54 -11.54
N THR O 174 29.33 48.81 -11.31
CA THR O 174 29.15 47.76 -10.32
C THR O 174 27.95 46.92 -10.74
N VAL O 175 27.96 45.75 -10.17
CA VAL O 175 26.90 44.77 -10.38
C VAL O 175 25.77 45.03 -9.36
N LEU O 176 24.51 44.88 -9.75
CA LEU O 176 23.47 45.17 -8.81
C LEU O 176 23.06 43.76 -8.26
N GLN O 177 23.28 43.56 -6.94
CA GLN O 177 23.07 42.32 -6.27
C GLN O 177 22.05 42.64 -5.32
N ASP O 178 21.20 41.68 -5.08
CA ASP O 178 20.09 41.79 -4.13
C ASP O 178 20.62 42.31 -2.83
N GLY O 179 19.86 43.18 -2.19
CA GLY O 179 20.34 43.76 -0.97
C GLY O 179 20.97 45.08 -1.06
N ASP O 180 21.21 45.58 -2.29
CA ASP O 180 21.69 46.99 -2.54
C ASP O 180 20.75 48.11 -2.30
N MET O 181 21.31 49.27 -2.06
CA MET O 181 20.47 50.45 -1.86
C MET O 181 19.98 51.26 -3.12
N VAL O 182 18.68 51.55 -3.28
CA VAL O 182 18.42 52.46 -4.47
C VAL O 182 18.79 53.81 -3.98
N ASP O 183 18.90 54.87 -4.86
CA ASP O 183 19.29 56.16 -4.36
C ASP O 183 18.12 56.66 -3.65
N THR O 184 18.33 57.49 -2.63
CA THR O 184 17.09 57.85 -1.88
C THR O 184 16.63 59.38 -1.90
N GLY O 185 17.26 60.16 -2.84
CA GLY O 185 17.16 61.58 -2.86
C GLY O 185 18.44 62.17 -2.32
N PHE O 186 19.43 61.38 -1.99
CA PHE O 186 20.67 61.92 -1.53
C PHE O 186 21.75 61.43 -2.48
N GLY O 187 21.38 61.31 -3.75
CA GLY O 187 22.39 60.90 -4.80
C GLY O 187 22.80 59.38 -4.73
N ALA O 188 23.49 58.92 -5.79
CA ALA O 188 23.90 57.52 -5.84
C ALA O 188 25.35 57.54 -5.58
N MET O 189 25.70 57.76 -4.30
CA MET O 189 27.11 57.62 -3.98
C MET O 189 27.53 56.39 -2.96
N ASP O 190 28.76 56.60 -2.45
CA ASP O 190 29.26 55.77 -1.45
C ASP O 190 29.38 56.58 -0.16
N PHE O 191 28.34 56.48 0.65
CA PHE O 191 28.33 57.18 1.92
C PHE O 191 29.42 56.86 2.97
N THR O 192 29.89 55.57 3.03
CA THR O 192 30.88 55.11 4.02
C THR O 192 32.13 55.78 3.64
N THR O 193 32.49 55.69 2.38
CA THR O 193 33.73 56.36 1.98
C THR O 193 33.72 57.91 1.72
N LEU O 194 32.56 58.49 1.40
CA LEU O 194 32.54 59.95 1.03
C LEU O 194 32.08 60.82 2.19
N GLN O 195 31.45 60.22 3.18
CA GLN O 195 30.95 61.03 4.33
C GLN O 195 31.62 60.45 5.62
N ALA O 196 32.69 61.11 6.07
CA ALA O 196 33.44 60.68 7.18
C ALA O 196 32.51 60.64 8.45
N ASN O 197 31.84 61.75 8.80
CA ASN O 197 31.11 61.83 10.12
C ASN O 197 29.96 60.73 10.25
N LYS O 198 29.70 59.98 9.18
CA LYS O 198 28.63 58.93 9.23
C LYS O 198 27.35 59.32 9.99
N SER O 199 26.94 60.56 9.77
CA SER O 199 25.82 61.03 10.61
C SER O 199 24.81 61.85 9.85
N ASP O 200 25.24 62.26 8.62
CA ASP O 200 24.26 63.02 7.78
C ASP O 200 23.33 62.26 6.72
N VAL O 201 22.76 61.11 7.10
CA VAL O 201 21.81 60.45 6.24
C VAL O 201 21.39 59.32 7.02
N PRO O 202 20.12 58.99 6.91
CA PRO O 202 19.62 57.88 7.86
C PRO O 202 20.38 56.58 7.86
N LEU O 203 20.33 55.92 8.98
CA LEU O 203 21.12 54.62 9.15
C LEU O 203 21.00 53.49 8.03
N ASP O 204 19.76 53.15 7.53
CA ASP O 204 19.74 52.34 6.35
C ASP O 204 20.66 52.71 5.13
N ILE O 205 21.26 53.90 5.04
CA ILE O 205 22.04 54.20 3.87
C ILE O 205 23.36 54.82 4.29
N CYS O 206 23.42 55.35 5.53
CA CYS O 206 24.68 56.06 6.01
C CYS O 206 26.03 55.29 5.86
N SER O 207 25.93 53.94 5.97
CA SER O 207 27.13 53.04 5.69
C SER O 207 26.94 52.07 4.54
N SER O 208 26.20 52.49 3.52
CA SER O 208 26.19 51.64 2.39
C SER O 208 26.37 52.44 1.15
N ILE O 209 26.06 51.78 0.04
CA ILE O 209 26.19 52.34 -1.24
C ILE O 209 24.83 52.43 -2.00
N CYS O 210 24.36 53.63 -2.47
CA CYS O 210 23.03 53.69 -3.15
C CYS O 210 23.48 53.60 -4.47
N LYS O 211 22.77 52.80 -5.23
CA LYS O 211 23.23 52.61 -6.64
C LYS O 211 22.05 53.04 -7.63
N TYR O 212 22.42 53.76 -8.77
CA TYR O 212 21.42 54.04 -9.77
C TYR O 212 21.72 53.15 -10.96
N PRO O 213 20.69 52.38 -11.45
CA PRO O 213 20.90 51.54 -12.70
C PRO O 213 21.62 52.24 -13.91
N ASP O 214 22.77 51.80 -14.39
CA ASP O 214 23.41 52.51 -15.46
C ASP O 214 22.71 52.24 -16.84
N TYR O 215 21.47 52.88 -17.00
CA TYR O 215 20.52 52.65 -18.12
C TYR O 215 21.30 53.12 -19.38
N LEU O 216 22.05 54.28 -19.30
CA LEU O 216 22.80 54.71 -20.47
C LEU O 216 23.75 53.67 -21.08
N LYS O 217 24.43 52.92 -20.16
CA LYS O 217 25.46 51.90 -20.51
C LYS O 217 24.83 50.60 -20.95
N MET O 218 23.93 50.03 -20.12
CA MET O 218 23.28 48.74 -20.34
C MET O 218 22.51 48.69 -21.65
N VAL O 219 22.11 49.89 -22.15
CA VAL O 219 21.29 50.08 -23.37
C VAL O 219 22.18 50.10 -24.55
N SER O 220 23.30 50.82 -24.42
CA SER O 220 24.33 50.72 -25.45
C SER O 220 25.28 49.55 -25.57
N GLU O 221 25.01 48.46 -24.84
CA GLU O 221 25.82 47.22 -24.77
C GLU O 221 25.50 46.47 -26.09
N PRO O 222 26.55 46.12 -26.87
CA PRO O 222 26.33 45.61 -28.25
C PRO O 222 25.34 44.49 -28.32
N TYR O 223 25.65 43.41 -27.64
CA TYR O 223 24.74 42.21 -27.66
C TYR O 223 23.34 42.49 -26.97
N GLY O 224 23.35 43.21 -25.85
CA GLY O 224 22.24 43.69 -25.15
C GLY O 224 21.53 42.67 -24.42
N ASP O 225 22.31 41.98 -23.56
CA ASP O 225 21.83 40.85 -22.66
C ASP O 225 21.47 41.37 -21.25
N MET O 226 22.25 42.36 -20.84
CA MET O 226 22.14 42.94 -19.58
C MET O 226 20.62 43.26 -19.34
N LEU O 227 19.91 43.88 -20.28
CA LEU O 227 18.45 44.00 -20.06
C LEU O 227 17.95 43.91 -21.46
N PHE O 228 16.63 43.72 -21.61
CA PHE O 228 16.04 43.70 -22.94
C PHE O 228 14.58 44.01 -22.71
N PHE O 229 14.32 44.50 -21.49
CA PHE O 229 13.09 45.06 -21.06
C PHE O 229 13.33 45.82 -19.74
N TYR O 230 12.80 47.04 -19.55
CA TYR O 230 12.93 47.77 -18.26
C TYR O 230 11.74 48.70 -18.02
N LEU O 231 11.58 49.21 -16.82
CA LEU O 231 10.46 50.10 -16.45
C LEU O 231 10.90 50.95 -15.27
N ARG O 232 10.98 52.29 -15.46
CA ARG O 232 11.39 53.04 -14.28
C ARG O 232 10.29 53.96 -13.91
N ARG O 233 10.10 54.21 -12.61
CA ARG O 233 9.09 55.16 -12.20
C ARG O 233 9.58 55.81 -10.87
N GLU O 234 10.35 56.89 -11.01
CA GLU O 234 10.86 57.63 -9.81
C GLU O 234 10.15 58.99 -9.77
N GLN O 235 10.27 59.59 -8.61
CA GLN O 235 9.54 60.72 -8.37
C GLN O 235 9.92 61.16 -6.95
N MET O 236 9.99 62.43 -6.59
CA MET O 236 10.36 62.84 -5.20
C MET O 236 10.24 64.43 -5.19
N PHE O 237 10.23 65.06 -3.99
CA PHE O 237 10.15 66.48 -3.88
C PHE O 237 10.77 67.09 -2.62
N VAL O 238 11.03 68.39 -2.54
CA VAL O 238 11.74 68.87 -1.30
C VAL O 238 10.87 69.10 -0.06
N ARG O 239 10.86 68.01 0.75
CA ARG O 239 10.18 68.04 2.05
C ARG O 239 10.76 69.17 2.90
N HIS O 240 12.08 69.14 3.17
CA HIS O 240 12.70 70.30 3.89
C HIS O 240 14.06 70.81 3.35
N LEU O 241 14.46 71.93 3.97
CA LEU O 241 15.68 72.62 3.56
C LEU O 241 16.66 72.93 4.73
N PHE O 242 17.74 72.10 4.81
CA PHE O 242 18.60 72.15 6.02
C PHE O 242 20.01 72.53 5.80
N ASN O 243 20.59 72.82 6.98
CA ASN O 243 21.91 73.26 7.14
C ASN O 243 22.79 72.14 7.77
N ARG O 244 23.97 71.95 7.20
CA ARG O 244 24.85 71.00 7.75
C ARG O 244 25.73 71.76 8.74
N ALA O 245 26.32 71.01 9.73
CA ALA O 245 27.18 71.60 10.76
C ALA O 245 28.62 71.21 10.53
N GLY O 246 29.53 71.84 11.32
CA GLY O 246 30.94 71.69 11.14
C GLY O 246 31.44 72.63 10.03
N THR O 247 32.77 72.84 10.05
CA THR O 247 33.52 73.66 9.15
C THR O 247 33.39 73.34 7.66
N VAL O 248 33.36 74.48 6.88
CA VAL O 248 33.12 74.45 5.43
C VAL O 248 34.37 74.33 4.66
N GLY O 249 34.49 73.34 3.81
CA GLY O 249 35.80 73.12 3.27
C GLY O 249 36.13 74.22 2.26
N GLU O 250 35.26 74.35 1.28
CA GLU O 250 35.42 75.34 0.28
C GLU O 250 34.72 76.62 0.75
N THR O 251 35.50 77.53 1.24
CA THR O 251 34.92 78.71 1.79
C THR O 251 34.41 79.55 0.65
N VAL O 252 33.51 80.45 1.04
CA VAL O 252 32.83 81.32 0.08
C VAL O 252 33.66 82.46 -0.36
N PRO O 253 33.60 82.68 -1.68
CA PRO O 253 34.31 83.78 -2.36
C PRO O 253 33.80 85.11 -1.91
N ALA O 254 34.71 85.80 -1.19
CA ALA O 254 34.41 87.05 -0.47
C ALA O 254 33.79 88.13 -1.40
N ASP O 255 33.93 87.92 -2.72
CA ASP O 255 33.48 88.91 -3.71
C ASP O 255 32.13 88.53 -4.19
N LEU O 256 31.56 87.55 -3.49
CA LEU O 256 30.20 87.11 -3.69
C LEU O 256 29.19 87.72 -2.72
N TYR O 257 29.63 88.30 -1.59
CA TYR O 257 28.70 88.91 -0.60
C TYR O 257 29.34 90.10 0.07
N ILE O 258 28.54 90.90 0.77
CA ILE O 258 29.11 92.05 1.36
C ILE O 258 29.31 91.79 2.87
N LYS O 259 30.58 91.94 3.33
CA LYS O 259 31.07 91.77 4.76
C LYS O 259 30.01 92.25 5.69
N GLY O 260 29.27 91.33 6.24
CA GLY O 260 28.31 91.74 7.22
C GLY O 260 29.04 91.69 8.56
N THR O 261 29.04 92.84 9.23
CA THR O 261 29.57 92.94 10.59
C THR O 261 29.05 91.76 11.51
N THR O 262 29.89 91.22 12.41
CA THR O 262 29.38 90.25 13.41
C THR O 262 29.12 88.91 12.77
N GLY O 263 30.12 88.03 12.70
CA GLY O 263 29.91 86.75 12.01
C GLY O 263 31.16 86.13 11.38
N THR O 264 31.17 84.81 11.42
CA THR O 264 32.22 83.99 10.79
C THR O 264 31.47 83.30 9.67
N LEU O 265 30.48 84.04 9.14
CA LEU O 265 29.56 83.61 8.06
C LEU O 265 28.91 82.22 8.27
N PRO O 266 27.57 82.17 8.36
CA PRO O 266 26.84 80.94 8.57
C PRO O 266 27.17 79.78 7.57
N SER O 267 26.91 78.54 7.99
CA SER O 267 27.06 77.38 7.12
C SER O 267 26.41 77.63 5.77
N THR O 268 26.99 77.09 4.71
CA THR O 268 26.28 77.29 3.43
C THR O 268 26.16 75.94 2.78
N SER O 269 26.46 74.94 3.61
CA SER O 269 26.39 73.52 3.25
C SER O 269 24.88 73.12 3.39
N TYR O 270 24.13 73.39 2.34
CA TYR O 270 22.70 73.07 2.37
C TYR O 270 22.40 71.65 1.92
N PHE O 271 21.29 71.10 2.35
CA PHE O 271 20.85 69.80 1.91
C PHE O 271 19.39 69.78 2.20
N PRO O 272 18.61 69.16 1.27
CA PRO O 272 17.16 68.94 1.37
C PRO O 272 16.73 67.49 1.86
N THR O 273 15.50 67.42 2.38
CA THR O 273 14.88 66.16 2.79
C THR O 273 13.92 65.85 1.61
N PRO O 274 14.05 64.68 1.07
CA PRO O 274 13.12 64.35 -0.04
C PRO O 274 11.80 63.89 0.51
N SER O 275 10.87 63.65 -0.37
CA SER O 275 9.60 63.10 0.09
C SER O 275 9.02 62.55 -1.16
N GLY O 276 8.34 61.38 -1.07
CA GLY O 276 8.14 60.55 -2.26
C GLY O 276 6.67 60.68 -2.43
N SER O 277 6.16 61.65 -1.70
CA SER O 277 4.77 62.03 -1.94
C SER O 277 3.78 60.88 -1.71
N MET O 278 3.10 60.56 -2.76
CA MET O 278 2.04 59.65 -2.64
C MET O 278 2.15 58.27 -3.36
N VAL O 279 1.84 57.21 -2.73
CA VAL O 279 1.81 55.90 -3.45
C VAL O 279 0.34 55.66 -3.93
N THR O 280 0.05 55.05 -5.12
CA THR O 280 -1.37 54.90 -5.49
C THR O 280 -1.49 53.71 -6.27
N SER O 281 -2.67 53.13 -6.25
CA SER O 281 -2.78 51.89 -7.01
C SER O 281 -2.52 52.17 -8.46
N ASP O 282 -2.73 53.43 -8.90
CA ASP O 282 -2.81 53.78 -10.33
C ASP O 282 -1.43 53.89 -10.82
N ALA O 283 -0.55 54.31 -9.96
CA ALA O 283 0.80 54.57 -10.40
C ALA O 283 1.53 53.21 -10.73
N GLN O 284 1.26 52.20 -9.83
CA GLN O 284 1.65 50.75 -9.91
C GLN O 284 2.16 50.20 -11.20
N ILE O 285 3.38 49.77 -11.09
CA ILE O 285 4.09 49.24 -12.24
C ILE O 285 4.04 47.74 -12.33
N PHE O 286 3.90 47.11 -11.17
CA PHE O 286 3.83 45.67 -11.07
C PHE O 286 2.45 45.04 -11.11
N ASN O 287 2.39 43.74 -10.92
CA ASN O 287 1.07 43.03 -11.01
C ASN O 287 0.42 43.07 -12.36
N LYS O 288 1.21 43.16 -13.44
CA LYS O 288 0.62 43.27 -14.74
C LYS O 288 1.43 42.37 -15.59
N PRO O 289 0.84 41.78 -16.59
CA PRO O 289 1.73 41.01 -17.49
C PRO O 289 2.59 41.87 -18.41
N TYR O 290 3.87 41.51 -18.61
CA TYR O 290 4.76 42.18 -19.53
C TYR O 290 5.07 41.27 -20.69
N TRP O 291 4.77 41.72 -21.90
CA TRP O 291 5.15 40.79 -23.03
C TRP O 291 6.36 41.29 -23.85
N LEU O 292 7.55 40.65 -23.73
CA LEU O 292 8.79 41.28 -24.39
C LEU O 292 8.83 40.66 -25.75
N GLN O 293 7.90 41.17 -26.60
CA GLN O 293 7.61 40.71 -27.99
C GLN O 293 8.81 41.03 -28.86
N ARG O 294 9.26 42.27 -28.72
CA ARG O 294 10.48 42.74 -29.36
C ARG O 294 11.35 43.31 -28.27
N ALA O 295 12.59 42.80 -28.25
CA ALA O 295 13.71 43.24 -27.40
C ALA O 295 14.25 44.62 -27.83
N GLN O 296 14.69 45.36 -26.79
CA GLN O 296 15.26 46.70 -27.02
C GLN O 296 16.60 46.50 -27.75
N GLY O 297 17.37 45.50 -27.34
CA GLY O 297 18.66 45.23 -27.95
C GLY O 297 18.54 44.07 -28.94
N HIS O 298 19.68 43.70 -29.53
CA HIS O 298 19.73 42.54 -30.38
C HIS O 298 19.30 41.25 -29.73
N ASN O 299 19.43 41.08 -28.40
CA ASN O 299 19.14 39.78 -27.93
C ASN O 299 17.70 39.69 -27.61
N ASN O 300 16.96 38.78 -28.28
CA ASN O 300 15.50 38.85 -28.06
C ASN O 300 14.98 38.00 -26.94
N GLY O 301 15.24 38.50 -25.72
CA GLY O 301 15.00 37.58 -24.49
C GLY O 301 15.30 36.14 -24.74
N ILE O 302 16.55 35.93 -25.14
CA ILE O 302 17.12 34.67 -25.26
C ILE O 302 17.88 34.35 -23.87
N CYS O 303 17.33 33.42 -23.14
CA CYS O 303 17.94 33.20 -21.88
C CYS O 303 19.13 32.21 -22.03
N TRP O 304 20.24 32.73 -22.53
CA TRP O 304 21.57 32.04 -22.52
C TRP O 304 21.89 31.53 -21.13
N SER O 305 22.31 30.24 -21.13
CA SER O 305 22.81 29.55 -20.01
C SER O 305 21.60 29.29 -19.23
N ASN O 306 20.49 28.86 -19.85
CA ASN O 306 19.22 28.65 -19.04
C ASN O 306 18.93 29.58 -17.77
N GLN O 307 19.15 30.92 -17.96
CA GLN O 307 19.28 31.85 -16.80
C GLN O 307 18.58 33.15 -17.06
N LEU O 308 18.08 33.77 -15.98
CA LEU O 308 17.29 34.94 -15.99
C LEU O 308 17.44 35.81 -14.80
N PHE O 309 17.43 37.15 -15.06
CA PHE O 309 17.66 38.09 -13.97
C PHE O 309 16.58 39.10 -13.93
N VAL O 310 15.73 39.04 -12.89
CA VAL O 310 14.63 39.98 -12.74
C VAL O 310 14.96 40.97 -11.66
N THR O 311 15.48 42.17 -12.06
CA THR O 311 15.82 43.23 -11.07
C THR O 311 14.62 44.05 -10.74
N VAL O 312 14.42 44.45 -9.48
CA VAL O 312 13.22 45.13 -9.15
C VAL O 312 13.29 46.03 -7.87
N VAL O 313 12.70 47.26 -7.94
CA VAL O 313 12.68 48.20 -6.76
C VAL O 313 11.32 48.65 -6.59
N ASP O 314 10.96 48.88 -5.40
CA ASP O 314 9.56 49.17 -5.16
C ASP O 314 9.43 49.74 -3.74
N THR O 315 9.28 51.05 -3.70
CA THR O 315 9.04 51.68 -2.50
C THR O 315 7.55 51.98 -2.18
N THR O 316 6.65 51.41 -2.99
CA THR O 316 5.21 51.78 -2.78
C THR O 316 4.53 51.00 -1.56
N ARG O 317 5.27 49.96 -1.19
CA ARG O 317 4.83 48.96 -0.12
C ARG O 317 5.84 48.96 1.00
N SER O 318 6.88 49.83 0.95
CA SER O 318 7.83 50.08 2.02
C SER O 318 7.40 50.28 3.50
N THR O 319 6.09 50.13 3.91
CA THR O 319 5.69 50.07 5.37
C THR O 319 6.44 49.14 6.52
N ASN O 320 7.08 49.82 7.50
CA ASN O 320 7.76 49.04 8.49
C ASN O 320 6.87 49.02 9.74
N MET O 321 6.21 47.85 9.92
CA MET O 321 5.40 47.55 11.14
C MET O 321 6.28 47.38 12.37
N SER O 322 5.85 48.16 13.39
CA SER O 322 6.50 48.21 14.74
C SER O 322 5.80 47.22 15.65
N VAL O 323 6.54 46.27 16.29
CA VAL O 323 5.90 45.36 17.20
C VAL O 323 6.33 45.81 18.59
N CYS O 324 5.41 45.64 19.57
CA CYS O 324 5.69 46.17 20.93
C CYS O 324 5.67 44.97 21.83
N SER O 325 6.75 44.61 22.51
CA SER O 325 6.61 43.43 23.45
C SER O 325 6.91 43.78 24.93
N ALA O 326 6.13 43.21 25.84
CA ALA O 326 6.25 43.55 27.30
C ALA O 326 7.28 42.74 28.08
N VAL O 327 8.00 43.38 29.02
CA VAL O 327 8.86 42.67 29.95
C VAL O 327 8.04 41.87 30.89
N SER O 328 6.91 42.43 31.27
CA SER O 328 6.02 41.72 32.16
C SER O 328 4.58 42.27 32.16
N SER O 329 3.57 41.46 31.77
CA SER O 329 2.13 41.95 31.86
C SER O 329 1.44 41.99 33.24
N SER O 330 2.29 41.91 34.28
CA SER O 330 1.90 41.90 35.70
C SER O 330 1.49 43.26 36.24
N ASP O 331 1.86 44.35 35.49
CA ASP O 331 1.66 45.74 35.98
C ASP O 331 0.37 46.23 35.51
N SER O 332 -0.10 47.28 36.16
CA SER O 332 -1.44 47.90 35.78
C SER O 332 -1.36 49.45 35.39
N THR O 333 -0.10 49.91 35.38
CA THR O 333 0.24 51.23 35.12
C THR O 333 1.23 51.14 33.98
N TYR O 334 1.12 52.20 33.11
CA TYR O 334 1.91 52.25 31.90
C TYR O 334 3.29 52.72 32.26
N LYS O 335 4.28 51.85 31.92
CA LYS O 335 5.70 52.20 32.08
C LYS O 335 6.64 51.81 30.97
N ASN O 336 7.25 52.84 30.38
CA ASN O 336 8.26 52.69 29.27
C ASN O 336 9.23 51.58 29.43
N ASP O 337 9.79 51.54 30.62
CA ASP O 337 10.69 50.41 30.87
C ASP O 337 10.10 48.99 30.69
N ASN O 338 8.80 48.83 30.91
CA ASN O 338 8.21 47.57 30.79
C ASN O 338 7.92 47.06 29.34
N PHE O 339 8.24 47.92 28.32
CA PHE O 339 7.93 47.55 26.89
C PHE O 339 9.15 47.69 26.01
N LYS O 340 9.14 46.88 24.96
CA LYS O 340 10.21 46.92 23.98
C LYS O 340 9.58 47.02 22.58
N GLU O 341 10.20 47.97 21.78
CA GLU O 341 9.65 48.26 20.44
C GLU O 341 10.78 47.80 19.49
N TYR O 342 10.34 47.10 18.47
CA TYR O 342 11.18 46.59 17.42
C TYR O 342 10.52 47.01 16.07
N LEU O 343 11.37 47.13 15.06
CA LEU O 343 10.83 47.36 13.71
C LEU O 343 10.92 46.16 12.65
N ARG O 344 9.84 45.89 11.96
CA ARG O 344 9.93 44.80 11.03
C ARG O 344 9.26 45.07 9.69
N HIS O 345 9.96 44.75 8.60
CA HIS O 345 9.40 44.83 7.28
C HIS O 345 9.42 43.55 6.48
N GLY O 346 8.30 43.17 5.92
CA GLY O 346 8.33 41.92 5.18
C GLY O 346 7.98 42.05 3.71
N GLU O 347 8.97 41.77 2.84
CA GLU O 347 8.70 41.80 1.36
C GLU O 347 7.96 40.57 0.86
N GLU O 348 7.19 40.62 -0.23
CA GLU O 348 6.38 39.41 -0.72
C GLU O 348 6.41 39.46 -2.23
N TYR O 349 7.01 38.47 -2.85
CA TYR O 349 7.08 38.50 -4.30
C TYR O 349 6.39 37.34 -4.91
N ASP O 350 6.25 37.35 -6.22
CA ASP O 350 5.70 36.26 -6.97
C ASP O 350 6.13 36.46 -8.44
N LEU O 351 6.79 35.48 -9.07
CA LEU O 351 7.42 35.77 -10.34
C LEU O 351 6.81 34.79 -11.31
N GLN O 352 5.95 35.22 -12.24
CA GLN O 352 5.54 34.24 -13.25
C GLN O 352 6.25 34.40 -14.58
N PHE O 353 6.37 33.43 -15.47
CA PHE O 353 6.99 33.67 -16.72
C PHE O 353 6.38 32.78 -17.68
N ILE O 354 6.79 32.87 -18.93
CA ILE O 354 6.29 31.99 -19.98
C ILE O 354 7.33 31.97 -21.06
N PHE O 355 7.94 30.88 -21.38
CA PHE O 355 9.05 30.97 -22.28
C PHE O 355 8.63 30.17 -23.51
N GLN O 356 9.62 30.12 -24.42
CA GLN O 356 9.41 29.55 -25.72
C GLN O 356 10.54 28.72 -26.03
N LEU O 357 10.28 27.60 -26.74
CA LEU O 357 11.46 26.65 -26.92
C LEU O 357 12.16 27.07 -28.13
N CYS O 358 13.43 27.29 -28.04
CA CYS O 358 14.03 27.63 -29.40
C CYS O 358 15.28 26.77 -29.75
N LYS O 359 15.55 26.59 -31.07
CA LYS O 359 16.45 25.63 -31.42
C LYS O 359 17.54 26.43 -32.07
N ILE O 360 18.81 26.02 -31.90
CA ILE O 360 19.81 26.70 -32.70
C ILE O 360 20.64 25.63 -33.43
N THR O 361 20.91 25.74 -34.76
CA THR O 361 21.72 24.73 -35.39
C THR O 361 23.14 25.13 -35.43
N LEU O 362 23.99 24.26 -34.88
CA LEU O 362 25.40 24.66 -34.75
C LEU O 362 26.14 24.49 -36.05
N THR O 363 26.44 25.62 -36.65
CA THR O 363 27.18 25.56 -37.91
C THR O 363 28.57 26.19 -37.72
N ALA O 364 29.31 26.20 -38.80
CA ALA O 364 30.53 26.71 -38.71
C ALA O 364 30.48 28.22 -38.27
N ASP O 365 29.78 29.10 -39.08
CA ASP O 365 29.43 30.51 -38.89
C ASP O 365 28.86 30.76 -37.50
N VAL O 366 27.62 30.23 -37.28
CA VAL O 366 26.97 30.39 -36.01
C VAL O 366 27.87 30.15 -34.79
N MET O 367 28.56 28.97 -34.74
CA MET O 367 29.48 28.71 -33.60
C MET O 367 30.49 29.76 -33.30
N THR O 368 31.09 30.29 -34.35
CA THR O 368 32.13 31.27 -34.16
C THR O 368 31.57 32.55 -33.67
N TYR O 369 30.30 32.78 -34.03
CA TYR O 369 29.72 34.02 -33.65
C TYR O 369 29.37 33.93 -32.19
N ILE O 370 28.90 32.71 -31.81
CA ILE O 370 28.52 32.44 -30.42
C ILE O 370 29.74 32.27 -29.56
N HIS O 371 30.76 31.84 -30.18
CA HIS O 371 32.01 31.83 -29.47
C HIS O 371 32.44 33.18 -28.91
N SER O 372 32.60 34.19 -29.83
CA SER O 372 33.15 35.62 -29.52
C SER O 372 32.17 36.35 -28.58
N MET O 373 30.87 36.11 -28.74
CA MET O 373 29.87 36.64 -27.86
C MET O 373 30.10 36.18 -26.44
N ASN O 374 30.13 34.82 -26.27
CA ASN O 374 30.23 34.15 -24.97
C ASN O 374 30.50 32.71 -25.18
N PRO O 375 31.76 32.30 -24.92
CA PRO O 375 32.17 30.85 -25.11
C PRO O 375 31.40 29.84 -24.24
N SER O 376 31.12 30.19 -23.01
CA SER O 376 30.27 29.41 -22.14
C SER O 376 29.12 28.75 -22.80
N ILE O 377 28.17 29.53 -23.32
CA ILE O 377 27.04 28.96 -24.12
C ILE O 377 27.47 27.63 -24.90
N LEU O 378 28.67 27.57 -25.47
CA LEU O 378 29.05 26.45 -26.39
C LEU O 378 29.67 25.37 -25.58
N GLU O 379 30.63 25.79 -24.76
CA GLU O 379 31.23 24.91 -23.77
C GLU O 379 30.29 24.13 -22.86
N ASP O 380 29.44 24.85 -22.16
CA ASP O 380 28.28 24.22 -21.50
C ASP O 380 27.39 23.34 -22.38
N TRP O 381 27.62 23.29 -23.71
CA TRP O 381 26.65 22.51 -24.45
C TRP O 381 27.15 21.10 -24.65
N ASN O 382 27.96 20.62 -23.67
CA ASN O 382 28.69 19.33 -23.73
C ASN O 382 29.71 19.12 -22.52
N PRO O 389 31.14 31.00 -11.39
CA PRO O 389 31.16 32.06 -12.45
C PRO O 389 30.75 33.49 -11.84
N LEU O 390 29.64 33.52 -11.07
CA LEU O 390 29.13 34.68 -10.35
C LEU O 390 29.24 34.44 -8.85
N LYS O 391 30.15 33.56 -8.48
CA LYS O 391 30.38 33.14 -7.09
C LYS O 391 30.46 34.32 -6.13
N ASN O 392 30.90 35.47 -6.64
CA ASN O 392 31.20 36.57 -5.77
C ASN O 392 30.04 37.47 -5.58
N TYR O 393 29.01 37.24 -6.39
CA TYR O 393 27.76 38.01 -6.34
C TYR O 393 26.62 37.38 -5.62
N THR O 394 26.09 38.16 -4.70
CA THR O 394 24.92 37.62 -3.98
C THR O 394 23.55 37.99 -4.62
N PHE O 395 22.76 36.97 -5.05
CA PHE O 395 21.40 37.22 -5.64
C PHE O 395 20.27 36.37 -4.97
N TRP O 396 18.98 36.70 -5.08
CA TRP O 396 17.93 35.87 -4.51
C TRP O 396 17.67 34.84 -5.55
N GLU O 397 18.24 33.68 -5.24
CA GLU O 397 18.14 32.45 -5.99
C GLU O 397 16.73 31.97 -6.21
N VAL O 398 16.35 31.80 -7.46
CA VAL O 398 15.06 31.29 -7.77
C VAL O 398 15.10 30.07 -8.71
N ASP O 399 14.71 28.92 -8.18
CA ASP O 399 14.94 27.69 -8.97
C ASP O 399 13.65 27.29 -9.57
N LEU O 400 13.52 27.46 -10.88
CA LEU O 400 12.24 27.12 -11.48
C LEU O 400 12.27 25.81 -12.23
N LYS O 401 13.27 24.97 -11.93
CA LYS O 401 13.51 23.72 -12.66
C LYS O 401 12.28 22.79 -12.63
N GLU O 402 11.74 22.68 -11.46
CA GLU O 402 10.59 21.86 -11.30
C GLU O 402 9.29 22.59 -11.25
N LYS O 403 9.31 23.84 -11.63
CA LYS O 403 8.00 24.58 -11.76
C LYS O 403 7.59 24.90 -13.26
N PHE O 404 8.05 24.13 -14.22
CA PHE O 404 7.65 24.41 -15.57
C PHE O 404 6.50 23.60 -15.90
N SER O 405 5.58 24.10 -16.68
CA SER O 405 4.44 23.31 -17.03
C SER O 405 4.18 23.68 -18.41
N ALA O 406 3.38 22.88 -19.10
CA ALA O 406 3.01 23.08 -20.44
C ALA O 406 1.47 23.29 -20.45
N ASP O 407 0.81 23.36 -19.27
CA ASP O 407 -0.64 23.50 -19.46
C ASP O 407 -0.91 24.86 -19.14
N LEU O 408 -0.88 25.74 -20.17
CA LEU O 408 -0.92 27.25 -20.03
C LEU O 408 -2.17 27.63 -19.36
N ASP O 409 -3.26 27.08 -19.87
CA ASP O 409 -4.55 27.19 -19.23
C ASP O 409 -4.56 27.23 -17.66
N GLN O 410 -3.69 26.49 -16.97
CA GLN O 410 -3.80 26.42 -15.48
C GLN O 410 -3.25 27.70 -14.74
N PHE O 411 -2.97 28.77 -15.42
CA PHE O 411 -2.42 29.85 -14.68
C PHE O 411 -2.96 31.10 -15.25
N PRO O 412 -3.16 32.10 -14.36
CA PRO O 412 -3.73 33.45 -14.85
C PRO O 412 -2.87 33.93 -15.95
N LEU O 413 -1.58 34.12 -15.67
CA LEU O 413 -0.61 34.49 -16.78
C LEU O 413 -0.68 33.67 -18.10
N GLY O 414 -0.87 32.36 -17.91
CA GLY O 414 -0.89 31.47 -19.14
C GLY O 414 -2.17 31.61 -19.91
N ARG O 415 -3.23 31.82 -19.12
CA ARG O 415 -4.49 31.91 -19.63
C ARG O 415 -4.47 33.31 -20.43
N LYS O 416 -3.79 34.38 -19.89
CA LYS O 416 -3.77 35.71 -20.53
C LYS O 416 -2.87 35.49 -21.76
N PHE O 417 -1.89 34.62 -21.61
CA PHE O 417 -1.03 34.57 -22.75
C PHE O 417 -1.84 34.10 -24.03
N LEU O 418 -2.60 33.04 -23.83
CA LEU O 418 -3.23 32.36 -24.96
C LEU O 418 -4.04 33.35 -25.60
N LEU O 419 -4.74 34.12 -24.75
CA LEU O 419 -5.71 35.20 -25.13
C LEU O 419 -5.12 36.28 -25.98
N GLN O 420 -4.32 37.14 -25.34
CA GLN O 420 -3.48 38.12 -25.98
C GLN O 420 -2.76 37.60 -27.23
N ALA O 421 -2.11 36.45 -27.19
CA ALA O 421 -1.30 36.04 -28.38
C ALA O 421 -2.21 35.75 -29.50
N GLY O 422 -3.48 35.65 -29.14
CA GLY O 422 -4.46 35.25 -30.09
C GLY O 422 -4.75 33.77 -30.06
N LEU O 423 -4.23 33.05 -31.07
CA LEU O 423 -4.41 31.60 -31.20
C LEU O 423 -3.46 30.69 -30.34
#